data_4QFU
#
_entry.id   4QFU
#
_cell.length_a   115.950
_cell.length_b   117.589
_cell.length_c   125.249
_cell.angle_alpha   91.600
_cell.angle_beta   92.820
_cell.angle_gamma   98.920
#
_symmetry.space_group_name_H-M   'P 1'
#
loop_
_entity.id
_entity.type
_entity.pdbx_description
1 polymer 'glycoside hydrolase family 5'
2 non-polymer (4R)-2-METHYLPENTANE-2,4-DIOL
3 non-polymer 'CHLORIDE ION'
4 non-polymer 'NITRATE ION'
5 non-polymer SARCOSINE
6 water water
#
_entity_poly.entity_id   1
_entity_poly.type   'polypeptide(L)'
_entity_poly.pdbx_seq_one_letter_code
;(MSE)GSDKIHHHHHHENLYFQGAKTYIPWKNGKLVVSEEGRYLKHENGVPFFWLGETGWL(MSE)PQRLNRDEVSYYLN
KCKDAGYN(MSE)VQVQVLNGVPS(MSE)NIYGQYS(MSE)TDGFNFKDINRKGIYGYWDH(MSE)DYIIKSAASRGIYI
G(MSE)VCIWGTPVEQGL(MSE)NEKEAVAYGKFLAERYKDEPNIIW(MSE)IGGDIRGDNKTEVWDALANSIRSIDKGH
L(MSE)TFHPRGRTTSATWFNDREWLDFN(MSE)FQSGHRRYGQRNGDGDYPIEENTEEDNWRFVEASQAKTPLKPVIDD
EPIYEDIPQGLHDPNETRWNQHDVRRYAYWSVFAGSFGHSYGHNDI(MSE)QFIRPGYGASFGADGRKKAWWDALEDPGF
NQ(MSE)KYLKNL(MSE)LTFPFFERVPDQSVIAGTNGERYDRAIATRGNDYLLVYNYSGRP(MSE)QIDLSKISGAKKN
AWWYSAKDGKLEYIGEFDSKVTSFQHDSGYLSGNDQVLIVVDSAKDYVQKAWTALPDAIQKWNK
;
_entity_poly.pdbx_strand_id   A,B,C,D,E,F,G,H,I,J,K,L
#
loop_
_chem_comp.id
_chem_comp.type
_chem_comp.name
_chem_comp.formula
CL non-polymer 'CHLORIDE ION' 'Cl -1'
MRD non-polymer (4R)-2-METHYLPENTANE-2,4-DIOL 'C6 H14 O2'
NO3 non-polymer 'NITRATE ION' 'N O3 -1'
#
# COMPACT_ATOMS: atom_id res chain seq x y z
N ALA A 20 -18.29 28.59 -19.67
CA ALA A 20 -18.24 27.15 -19.98
C ALA A 20 -17.69 26.33 -18.81
N LYS A 21 -18.10 25.04 -18.75
CA LYS A 21 -17.71 24.07 -17.71
C LYS A 21 -16.19 23.93 -17.66
N THR A 22 -15.67 23.58 -16.46
CA THR A 22 -14.24 23.42 -16.25
C THR A 22 -13.74 22.29 -17.13
N TYR A 23 -12.68 22.55 -17.89
CA TYR A 23 -12.05 21.52 -18.70
C TYR A 23 -11.19 20.64 -17.79
N ILE A 24 -11.44 19.34 -17.80
CA ILE A 24 -10.72 18.36 -16.99
C ILE A 24 -9.91 17.51 -17.97
N PRO A 25 -8.57 17.80 -18.12
CA PRO A 25 -7.78 17.11 -19.15
C PRO A 25 -7.85 15.58 -19.09
N TRP A 26 -7.78 14.99 -17.89
CA TRP A 26 -7.74 13.53 -17.70
C TRP A 26 -9.08 12.84 -17.96
N LYS A 27 -10.13 13.58 -18.37
CA LYS A 27 -11.36 12.92 -18.85
C LYS A 27 -11.03 12.21 -20.17
N ASN A 28 -9.93 12.66 -20.83
CA ASN A 28 -9.42 12.10 -22.09
C ASN A 28 -8.49 10.91 -21.84
N GLY A 29 -8.23 10.59 -20.57
CA GLY A 29 -7.36 9.49 -20.20
C GLY A 29 -6.03 9.97 -19.64
N LYS A 30 -5.12 9.03 -19.36
CA LYS A 30 -3.78 9.31 -18.82
CA LYS A 30 -3.84 9.41 -18.78
C LYS A 30 -2.91 10.05 -19.83
N LEU A 31 -1.85 10.76 -19.35
CA LEU A 31 -0.87 11.39 -20.24
C LEU A 31 0.04 10.32 -20.81
N VAL A 32 0.33 10.42 -22.10
CA VAL A 32 1.19 9.46 -22.80
C VAL A 32 2.10 10.24 -23.74
N VAL A 33 3.31 9.74 -24.00
CA VAL A 33 4.19 10.33 -25.00
C VAL A 33 3.64 9.88 -26.38
N SER A 34 3.41 10.86 -27.28
CA SER A 34 2.88 10.59 -28.64
C SER A 34 3.93 9.78 -29.47
N GLU A 35 3.47 9.06 -30.51
CA GLU A 35 4.28 8.12 -31.33
C GLU A 35 5.55 8.74 -31.95
N GLU A 36 5.50 10.01 -32.38
CA GLU A 36 6.67 10.66 -33.00
C GLU A 36 7.76 11.03 -31.95
N GLY A 37 7.46 10.87 -30.66
CA GLY A 37 8.39 11.14 -29.56
C GLY A 37 8.66 12.59 -29.25
N ARG A 38 7.76 13.51 -29.67
CA ARG A 38 7.97 14.96 -29.44
C ARG A 38 6.94 15.58 -28.51
N TYR A 39 5.70 15.04 -28.50
CA TYR A 39 4.61 15.70 -27.75
C TYR A 39 3.91 14.79 -26.77
N LEU A 40 3.15 15.42 -25.89
CA LEU A 40 2.31 14.70 -24.94
C LEU A 40 0.88 14.69 -25.45
N LYS A 41 0.20 13.58 -25.27
CA LYS A 41 -1.21 13.40 -25.61
C LYS A 41 -1.88 12.66 -24.47
N HIS A 42 -3.21 12.60 -24.50
CA HIS A 42 -4.00 11.78 -23.61
C HIS A 42 -4.17 10.41 -24.29
N GLU A 43 -4.59 9.37 -23.56
CA GLU A 43 -4.80 8.02 -24.12
C GLU A 43 -5.71 8.00 -25.36
N ASN A 44 -6.77 8.84 -25.39
CA ASN A 44 -7.72 8.87 -26.52
C ASN A 44 -7.20 9.71 -27.73
N GLY A 45 -5.94 10.19 -27.64
CA GLY A 45 -5.28 10.96 -28.68
C GLY A 45 -5.36 12.47 -28.61
N VAL A 46 -6.14 13.03 -27.66
CA VAL A 46 -6.30 14.47 -27.52
C VAL A 46 -4.93 15.11 -27.09
N PRO A 47 -4.48 16.19 -27.78
CA PRO A 47 -3.23 16.84 -27.37
C PRO A 47 -3.21 17.35 -25.94
N PHE A 48 -2.02 17.37 -25.32
CA PHE A 48 -1.85 18.02 -24.03
C PHE A 48 -0.75 19.05 -24.17
N PHE A 49 -1.15 20.32 -24.37
CA PHE A 49 -0.15 21.38 -24.43
C PHE A 49 0.09 21.80 -23.00
N TRP A 50 1.21 21.34 -22.46
CA TRP A 50 1.62 21.67 -21.08
C TRP A 50 1.87 23.18 -20.94
N LEU A 51 1.09 23.83 -20.06
CA LEU A 51 1.35 25.24 -19.73
C LEU A 51 1.51 25.28 -18.23
N GLY A 52 2.78 25.37 -17.81
CA GLY A 52 3.16 25.27 -16.40
C GLY A 52 3.36 26.57 -15.65
N GLU A 53 2.98 26.54 -14.37
CA GLU A 53 3.23 27.62 -13.41
C GLU A 53 4.15 27.05 -12.33
N THR A 54 4.94 27.91 -11.68
CA THR A 54 5.88 27.45 -10.68
C THR A 54 5.47 27.92 -9.28
N GLY A 55 4.90 27.02 -8.51
CA GLY A 55 4.48 27.34 -7.15
C GLY A 55 5.29 26.52 -6.16
N TRP A 56 6.64 26.57 -6.26
CA TRP A 56 7.57 25.76 -5.45
C TRP A 56 7.20 25.62 -3.97
N LEU A 57 6.99 26.76 -3.24
CA LEU A 57 6.78 26.71 -1.80
C LEU A 57 5.33 26.69 -1.39
N MSE A 58 4.42 26.29 -2.30
CA MSE A 58 3.00 26.21 -1.95
C MSE A 58 2.72 25.19 -0.79
O MSE A 58 2.05 25.58 0.18
CB MSE A 58 2.11 25.89 -3.16
CG MSE A 58 0.73 25.35 -2.75
SE MSE A 58 -0.61 25.42 -4.12
CE MSE A 58 0.28 24.48 -5.52
N PRO A 59 3.29 23.95 -0.78
CA PRO A 59 3.01 23.03 0.35
C PRO A 59 3.51 23.53 1.71
N GLN A 60 4.55 24.33 1.73
CA GLN A 60 5.12 24.82 3.00
C GLN A 60 4.55 26.17 3.46
N ARG A 61 4.11 27.03 2.54
CA ARG A 61 3.71 28.39 2.91
C ARG A 61 2.25 28.72 2.77
N LEU A 62 1.48 28.04 1.91
CA LEU A 62 0.07 28.44 1.74
C LEU A 62 -0.88 27.65 2.58
N ASN A 63 -1.87 28.35 3.15
CA ASN A 63 -2.93 27.70 3.92
C ASN A 63 -4.04 27.25 2.94
N ARG A 64 -5.12 26.61 3.46
CA ARG A 64 -6.17 26.04 2.59
C ARG A 64 -6.86 27.05 1.67
N ASP A 65 -7.21 28.22 2.19
CA ASP A 65 -7.89 29.25 1.40
C ASP A 65 -6.94 29.87 0.37
N GLU A 66 -5.66 30.04 0.71
CA GLU A 66 -4.67 30.61 -0.22
C GLU A 66 -4.41 29.67 -1.38
N VAL A 67 -4.34 28.35 -1.09
CA VAL A 67 -4.19 27.30 -2.11
C VAL A 67 -5.33 27.47 -3.16
N SER A 68 -6.59 27.61 -2.71
CA SER A 68 -7.76 27.72 -3.58
C SER A 68 -7.64 28.94 -4.47
N TYR A 69 -7.31 30.09 -3.88
CA TYR A 69 -7.17 31.35 -4.59
C TYR A 69 -6.07 31.30 -5.65
N TYR A 70 -4.86 30.84 -5.26
CA TYR A 70 -3.74 30.72 -6.18
C TYR A 70 -4.10 29.81 -7.37
N LEU A 71 -4.68 28.62 -7.07
CA LEU A 71 -5.04 27.65 -8.13
C LEU A 71 -6.17 28.17 -9.00
N ASN A 72 -7.13 28.96 -8.45
CA ASN A 72 -8.18 29.63 -9.24
C ASN A 72 -7.55 30.58 -10.26
N LYS A 73 -6.58 31.39 -9.81
CA LYS A 73 -5.85 32.35 -10.66
C LYS A 73 -5.07 31.63 -11.77
N CYS A 74 -4.42 30.50 -11.43
CA CYS A 74 -3.69 29.66 -12.40
C CYS A 74 -4.66 29.13 -13.45
N LYS A 75 -5.80 28.58 -13.00
CA LYS A 75 -6.81 28.04 -13.92
C LYS A 75 -7.29 29.14 -14.90
N ASP A 76 -7.64 30.30 -14.36
CA ASP A 76 -8.16 31.42 -15.15
C ASP A 76 -7.13 31.99 -16.15
N ALA A 77 -5.83 31.83 -15.87
CA ALA A 77 -4.74 32.30 -16.72
C ALA A 77 -4.29 31.20 -17.73
N GLY A 78 -5.01 30.07 -17.76
CA GLY A 78 -4.76 28.97 -18.71
C GLY A 78 -3.76 27.90 -18.34
N TYR A 79 -3.18 27.97 -17.12
CA TYR A 79 -2.21 26.94 -16.68
C TYR A 79 -2.91 25.61 -16.38
N ASN A 80 -2.29 24.50 -16.80
CA ASN A 80 -2.85 23.16 -16.57
C ASN A 80 -1.81 22.29 -15.81
N MSE A 81 -0.74 22.93 -15.35
CA MSE A 81 0.33 22.22 -14.61
C MSE A 81 0.92 23.22 -13.62
O MSE A 81 1.37 24.28 -14.00
CB MSE A 81 1.41 21.67 -15.60
CG MSE A 81 2.32 20.55 -15.01
SE MSE A 81 3.58 21.07 -13.56
CE MSE A 81 4.56 22.55 -14.35
N VAL A 82 0.89 22.87 -12.35
CA VAL A 82 1.50 23.71 -11.29
C VAL A 82 2.48 22.83 -10.59
N GLN A 83 3.77 23.24 -10.57
CA GLN A 83 4.79 22.43 -9.94
C GLN A 83 5.19 22.94 -8.54
N VAL A 84 5.47 22.00 -7.64
CA VAL A 84 5.77 22.26 -6.24
C VAL A 84 6.96 21.47 -5.79
N GLN A 85 7.55 21.94 -4.69
CA GLN A 85 8.56 21.20 -3.96
C GLN A 85 7.77 20.45 -2.90
N VAL A 86 7.61 19.12 -3.08
CA VAL A 86 6.86 18.31 -2.10
C VAL A 86 7.55 18.40 -0.75
N LEU A 87 8.88 18.31 -0.78
CA LEU A 87 9.78 18.50 0.36
C LEU A 87 10.86 19.48 -0.04
N ASN A 88 11.09 20.53 0.81
CA ASN A 88 12.17 21.48 0.54
C ASN A 88 13.28 21.26 1.58
N GLY A 89 13.05 20.33 2.50
CA GLY A 89 13.99 20.00 3.54
C GLY A 89 13.66 18.68 4.20
N VAL A 90 14.58 18.23 5.09
CA VAL A 90 14.41 16.98 5.82
C VAL A 90 14.53 17.31 7.31
N PRO A 91 13.39 17.38 8.05
CA PRO A 91 12.00 17.32 7.54
C PRO A 91 11.59 18.69 6.99
N SER A 92 10.44 18.74 6.33
CA SER A 92 9.83 19.98 5.89
C SER A 92 8.75 20.32 6.93
N MSE A 93 8.35 21.59 6.92
CA MSE A 93 7.35 22.17 7.81
CA MSE A 93 7.33 22.13 7.81
C MSE A 93 6.35 22.95 6.99
O MSE A 93 6.76 23.63 6.06
CB MSE A 93 8.04 23.12 8.81
CB MSE A 93 8.00 22.96 8.91
CG MSE A 93 7.11 23.69 9.87
CG MSE A 93 7.04 23.88 9.67
SE MSE A 93 6.94 22.52 11.37
SE MSE A 93 7.23 23.95 11.59
CE MSE A 93 8.72 22.83 12.12
CE MSE A 93 9.01 22.97 11.79
N ASN A 94 5.04 22.84 7.31
CA ASN A 94 4.08 23.63 6.55
C ASN A 94 3.64 24.84 7.42
N ILE A 95 2.72 25.69 6.88
CA ILE A 95 2.26 26.92 7.52
C ILE A 95 1.52 26.64 8.83
N TYR A 96 0.94 25.43 8.98
CA TYR A 96 0.20 25.00 10.17
C TYR A 96 1.12 24.49 11.28
N GLY A 97 2.43 24.44 11.02
CA GLY A 97 3.38 23.96 12.02
C GLY A 97 3.44 22.45 12.08
N GLN A 98 3.12 21.78 10.95
CA GLN A 98 3.15 20.31 10.86
C GLN A 98 4.42 19.83 10.20
N TYR A 99 5.07 18.82 10.77
CA TYR A 99 6.26 18.18 10.22
C TYR A 99 5.88 17.20 9.13
N SER A 100 6.70 17.10 8.07
CA SER A 100 6.48 16.12 6.99
C SER A 100 6.88 14.71 7.40
N MSE A 101 7.79 14.61 8.39
CA MSE A 101 8.28 13.34 8.90
C MSE A 101 8.56 13.47 10.38
O MSE A 101 9.14 14.47 10.81
CB MSE A 101 9.57 12.90 8.17
CG MSE A 101 9.31 12.25 6.82
SE MSE A 101 9.50 13.47 5.33
CE MSE A 101 11.45 13.69 5.39
N THR A 102 8.16 12.43 11.12
CA THR A 102 8.31 12.34 12.57
CA THR A 102 8.28 12.29 12.57
C THR A 102 9.48 11.38 12.93
N ASP A 103 9.68 10.33 12.12
CA ASP A 103 10.73 9.34 12.36
C ASP A 103 11.49 9.08 11.07
N GLY A 104 12.14 10.13 10.56
CA GLY A 104 12.90 10.05 9.31
C GLY A 104 12.01 9.60 8.16
N PHE A 105 12.53 8.70 7.31
CA PHE A 105 11.75 8.25 6.16
C PHE A 105 10.96 6.94 6.48
N ASN A 106 10.45 6.81 7.74
CA ASN A 106 9.54 5.73 8.17
C ASN A 106 8.13 6.32 8.13
N PHE A 107 7.31 5.89 7.17
CA PHE A 107 5.99 6.50 7.01
C PHE A 107 4.81 5.65 7.55
N LYS A 108 5.09 4.55 8.27
CA LYS A 108 4.08 3.63 8.81
C LYS A 108 2.97 4.36 9.62
N ASP A 109 3.37 5.27 10.52
CA ASP A 109 2.45 5.98 11.40
C ASP A 109 2.31 7.47 11.04
N ILE A 110 2.52 7.83 9.75
CA ILE A 110 2.43 9.23 9.34
C ILE A 110 0.98 9.78 9.49
N ASN A 111 -0.06 8.96 9.20
CA ASN A 111 -1.45 9.42 9.34
C ASN A 111 -1.91 9.28 10.78
N ARG A 112 -2.35 10.39 11.37
CA ARG A 112 -2.84 10.40 12.75
C ARG A 112 -4.30 10.82 12.72
N LYS A 113 -5.15 9.99 13.31
CA LYS A 113 -6.60 10.21 13.38
C LYS A 113 -6.89 11.57 14.05
N GLY A 114 -7.74 12.34 13.39
CA GLY A 114 -8.17 13.66 13.86
C GLY A 114 -7.13 14.76 13.82
N ILE A 115 -5.99 14.52 13.15
CA ILE A 115 -4.94 15.52 12.95
C ILE A 115 -4.85 15.83 11.47
N TYR A 116 -4.86 17.13 11.13
CA TYR A 116 -4.67 17.58 9.76
C TYR A 116 -3.16 17.73 9.54
N GLY A 117 -2.55 16.67 9.02
CA GLY A 117 -1.09 16.60 8.90
C GLY A 117 -0.53 17.24 7.65
N TYR A 118 0.81 17.30 7.58
CA TYR A 118 1.53 17.83 6.43
C TYR A 118 1.04 17.14 5.11
N TRP A 119 0.89 15.79 5.14
CA TRP A 119 0.47 15.02 3.96
C TRP A 119 -1.03 15.15 3.70
N ASP A 120 -1.83 15.50 4.72
CA ASP A 120 -3.26 15.76 4.51
C ASP A 120 -3.41 17.09 3.78
N HIS A 121 -2.51 18.05 4.06
CA HIS A 121 -2.51 19.34 3.34
C HIS A 121 -1.96 19.13 1.92
N MSE A 122 -0.95 18.25 1.76
CA MSE A 122 -0.47 17.87 0.41
C MSE A 122 -1.64 17.24 -0.42
O MSE A 122 -1.86 17.61 -1.59
CB MSE A 122 0.69 16.87 0.50
CG MSE A 122 1.42 16.65 -0.84
SE MSE A 122 2.34 18.24 -1.54
CE MSE A 122 1.18 18.75 -3.02
N ASP A 123 -2.42 16.32 0.21
CA ASP A 123 -3.61 15.69 -0.42
C ASP A 123 -4.62 16.74 -0.87
N TYR A 124 -4.87 17.74 -0.01
CA TYR A 124 -5.82 18.82 -0.29
C TYR A 124 -5.35 19.68 -1.48
N ILE A 125 -4.06 19.98 -1.56
CA ILE A 125 -3.53 20.75 -2.70
C ILE A 125 -3.79 19.97 -4.02
N ILE A 126 -3.54 18.65 -4.03
CA ILE A 126 -3.74 17.84 -5.24
C ILE A 126 -5.24 17.78 -5.61
N LYS A 127 -6.12 17.60 -4.63
CA LYS A 127 -7.59 17.60 -4.86
C LYS A 127 -8.07 18.97 -5.34
N SER A 128 -7.49 20.04 -4.79
CA SER A 128 -7.82 21.42 -5.18
C SER A 128 -7.44 21.67 -6.64
N ALA A 129 -6.24 21.19 -7.05
CA ALA A 129 -5.83 21.31 -8.44
C ALA A 129 -6.73 20.45 -9.35
N ALA A 130 -7.09 19.25 -8.88
CA ALA A 130 -7.92 18.31 -9.66
C ALA A 130 -9.29 18.93 -10.03
N SER A 131 -9.93 19.66 -9.09
CA SER A 131 -11.24 20.26 -9.41
C SER A 131 -11.13 21.42 -10.40
N ARG A 132 -9.89 21.93 -10.64
CA ARG A 132 -9.62 23.02 -11.55
C ARG A 132 -8.93 22.54 -12.84
N GLY A 133 -8.81 21.21 -13.02
CA GLY A 133 -8.21 20.60 -14.21
C GLY A 133 -6.70 20.84 -14.31
N ILE A 134 -6.02 20.91 -13.15
CA ILE A 134 -4.60 21.17 -13.11
C ILE A 134 -3.84 19.94 -12.61
N TYR A 135 -2.77 19.57 -13.32
CA TYR A 135 -1.81 18.55 -12.88
C TYR A 135 -0.85 19.14 -11.88
N ILE A 136 -0.51 18.43 -10.82
CA ILE A 136 0.55 18.87 -9.91
C ILE A 136 1.87 18.21 -10.35
N GLY A 137 2.89 19.03 -10.60
CA GLY A 137 4.26 18.61 -10.91
C GLY A 137 4.89 18.38 -9.55
N MSE A 138 5.03 17.11 -9.14
CA MSE A 138 5.52 16.70 -7.84
C MSE A 138 7.06 16.57 -7.81
O MSE A 138 7.58 15.50 -8.14
CB MSE A 138 4.88 15.34 -7.41
CG MSE A 138 3.32 15.41 -7.34
SE MSE A 138 2.70 16.27 -5.67
CE MSE A 138 2.92 14.74 -4.38
N VAL A 139 7.77 17.66 -7.38
CA VAL A 139 9.22 17.54 -7.18
C VAL A 139 9.35 16.85 -5.82
N CYS A 140 9.53 15.52 -5.83
CA CYS A 140 9.55 14.66 -4.64
C CYS A 140 10.33 15.26 -3.50
N ILE A 141 11.56 15.70 -3.78
CA ILE A 141 12.43 16.32 -2.79
C ILE A 141 13.43 17.20 -3.55
N TRP A 142 13.51 18.47 -3.17
CA TRP A 142 14.41 19.41 -3.82
C TRP A 142 15.86 18.91 -3.68
N GLY A 143 16.70 19.27 -4.64
CA GLY A 143 18.09 18.81 -4.68
C GLY A 143 18.94 19.14 -3.48
N THR A 144 18.74 20.34 -2.86
CA THR A 144 19.57 20.78 -1.74
C THR A 144 19.64 19.76 -0.57
N PRO A 145 18.54 19.30 0.10
CA PRO A 145 18.72 18.33 1.21
C PRO A 145 19.37 17.02 0.72
N VAL A 146 19.12 16.61 -0.55
CA VAL A 146 19.75 15.37 -1.08
C VAL A 146 21.27 15.56 -1.25
N GLU A 147 21.68 16.70 -1.82
CA GLU A 147 23.10 17.05 -1.97
C GLU A 147 23.76 17.09 -0.58
N GLN A 148 23.00 17.49 0.47
CA GLN A 148 23.48 17.57 1.84
C GLN A 148 23.45 16.21 2.56
N GLY A 149 23.15 15.13 1.84
CA GLY A 149 23.13 13.75 2.36
C GLY A 149 21.97 13.41 3.28
N LEU A 150 20.89 14.23 3.28
CA LEU A 150 19.77 14.04 4.19
C LEU A 150 18.78 12.92 3.77
N MSE A 151 18.96 12.37 2.58
CA MSE A 151 18.19 11.23 2.11
C MSE A 151 19.10 10.31 1.33
O MSE A 151 19.59 10.69 0.28
CB MSE A 151 16.96 11.66 1.27
CG MSE A 151 16.04 10.46 0.92
SE MSE A 151 14.62 10.90 -0.32
CE MSE A 151 15.56 10.96 -1.89
N ASN A 152 19.35 9.11 1.88
CA ASN A 152 20.21 8.10 1.26
C ASN A 152 19.40 7.15 0.36
N GLU A 153 20.04 6.13 -0.24
CA GLU A 153 19.35 5.21 -1.16
C GLU A 153 18.22 4.43 -0.52
N LYS A 154 18.43 3.88 0.71
CA LYS A 154 17.44 3.10 1.42
CA LYS A 154 17.43 3.09 1.41
C LYS A 154 16.20 3.95 1.67
N GLU A 155 16.42 5.16 2.15
CA GLU A 155 15.33 6.09 2.44
C GLU A 155 14.60 6.49 1.18
N ALA A 156 15.33 6.67 0.04
CA ALA A 156 14.74 7.05 -1.26
C ALA A 156 13.75 5.96 -1.74
N VAL A 157 14.10 4.69 -1.55
CA VAL A 157 13.23 3.56 -1.88
C VAL A 157 11.93 3.65 -1.04
N ALA A 158 12.07 3.83 0.30
CA ALA A 158 10.93 3.95 1.24
C ALA A 158 10.08 5.18 0.91
N TYR A 159 10.72 6.32 0.59
CA TYR A 159 9.99 7.56 0.25
C TYR A 159 9.19 7.35 -1.06
N GLY A 160 9.81 6.73 -2.07
CA GLY A 160 9.14 6.47 -3.34
C GLY A 160 7.94 5.55 -3.18
N LYS A 161 8.08 4.53 -2.32
CA LYS A 161 6.98 3.58 -2.03
C LYS A 161 5.80 4.32 -1.38
N PHE A 162 6.08 5.14 -0.36
CA PHE A 162 5.10 5.98 0.32
C PHE A 162 4.35 6.89 -0.68
N LEU A 163 5.09 7.66 -1.52
CA LEU A 163 4.52 8.60 -2.48
C LEU A 163 3.67 7.90 -3.52
N ALA A 164 4.21 6.84 -4.15
CA ALA A 164 3.47 6.12 -5.18
C ALA A 164 2.21 5.46 -4.60
N GLU A 165 2.28 4.83 -3.40
CA GLU A 165 1.07 4.19 -2.85
C GLU A 165 0.02 5.24 -2.41
N ARG A 166 0.48 6.41 -1.98
CA ARG A 166 -0.48 7.45 -1.58
C ARG A 166 -1.13 8.12 -2.79
N TYR A 167 -0.38 8.34 -3.87
CA TYR A 167 -0.90 9.15 -4.97
C TYR A 167 -1.11 8.48 -6.33
N LYS A 168 -0.89 7.16 -6.44
CA LYS A 168 -1.06 6.45 -7.73
C LYS A 168 -2.50 6.58 -8.29
N ASP A 169 -3.52 6.65 -7.42
CA ASP A 169 -4.90 6.70 -7.88
C ASP A 169 -5.41 8.15 -8.02
N GLU A 170 -4.55 9.15 -7.76
CA GLU A 170 -4.89 10.57 -8.01
C GLU A 170 -4.55 10.80 -9.48
N PRO A 171 -5.50 11.21 -10.35
CA PRO A 171 -5.15 11.32 -11.78
C PRO A 171 -4.17 12.44 -12.16
N ASN A 172 -4.20 13.56 -11.47
CA ASN A 172 -3.49 14.79 -11.83
C ASN A 172 -2.10 14.95 -11.20
N ILE A 173 -1.22 13.98 -11.47
CA ILE A 173 0.15 13.95 -10.98
C ILE A 173 1.15 13.75 -12.13
N ILE A 174 2.28 14.44 -12.05
CA ILE A 174 3.48 14.27 -12.89
C ILE A 174 4.64 14.17 -11.92
N TRP A 175 5.39 13.05 -11.92
CA TRP A 175 6.52 12.89 -11.00
C TRP A 175 7.75 13.63 -11.49
N MSE A 176 8.38 14.37 -10.59
CA MSE A 176 9.59 15.09 -10.92
C MSE A 176 10.73 14.69 -9.99
O MSE A 176 10.73 15.05 -8.81
CB MSE A 176 9.37 16.62 -10.91
CG MSE A 176 8.45 17.08 -12.03
SE MSE A 176 8.16 18.99 -11.87
CE MSE A 176 7.09 19.14 -13.51
N ILE A 177 11.67 13.91 -10.51
CA ILE A 177 12.87 13.49 -9.78
C ILE A 177 13.85 14.68 -9.85
N GLY A 178 14.77 14.78 -8.90
CA GLY A 178 15.75 15.86 -8.90
C GLY A 178 15.18 17.15 -8.30
N GLY A 179 15.62 18.28 -8.85
CA GLY A 179 15.20 19.59 -8.37
C GLY A 179 16.41 20.49 -8.25
N ASP A 180 16.74 21.19 -9.34
CA ASP A 180 17.86 22.11 -9.50
C ASP A 180 19.19 21.43 -9.12
N ILE A 181 19.41 20.22 -9.66
CA ILE A 181 20.62 19.47 -9.36
C ILE A 181 21.08 18.72 -10.61
N ARG A 182 22.39 18.55 -10.76
CA ARG A 182 22.93 17.76 -11.88
C ARG A 182 22.58 16.29 -11.68
N GLY A 183 22.34 15.59 -12.76
CA GLY A 183 22.05 14.16 -12.71
C GLY A 183 23.21 13.29 -12.27
N ASP A 184 24.47 13.83 -12.29
CA ASP A 184 25.64 13.07 -11.85
C ASP A 184 25.95 13.36 -10.36
N ASN A 185 25.03 14.07 -9.68
CA ASN A 185 25.12 14.40 -8.27
C ASN A 185 24.09 13.56 -7.50
N LYS A 186 24.57 12.57 -6.71
CA LYS A 186 23.76 11.62 -5.92
C LYS A 186 22.88 10.77 -6.84
N THR A 187 23.43 10.37 -8.00
CA THR A 187 22.74 9.59 -9.04
C THR A 187 22.03 8.36 -8.48
N GLU A 188 22.71 7.63 -7.59
CA GLU A 188 22.19 6.38 -7.00
C GLU A 188 20.94 6.63 -6.21
N VAL A 189 20.90 7.78 -5.50
CA VAL A 189 19.72 8.19 -4.70
C VAL A 189 18.54 8.50 -5.65
N TRP A 190 18.79 9.33 -6.69
CA TRP A 190 17.74 9.67 -7.65
C TRP A 190 17.21 8.45 -8.39
N ASP A 191 18.09 7.53 -8.84
CA ASP A 191 17.66 6.30 -9.51
C ASP A 191 16.83 5.41 -8.55
N ALA A 192 17.25 5.30 -7.27
CA ALA A 192 16.52 4.51 -6.25
C ALA A 192 15.11 5.08 -6.05
N LEU A 193 15.00 6.41 -5.91
CA LEU A 193 13.71 7.08 -5.74
C LEU A 193 12.82 6.87 -6.97
N ALA A 194 13.35 7.14 -8.18
CA ALA A 194 12.63 7.01 -9.45
C ALA A 194 12.13 5.57 -9.69
N ASN A 195 13.02 4.57 -9.54
CA ASN A 195 12.65 3.17 -9.75
C ASN A 195 11.66 2.67 -8.70
N SER A 196 11.72 3.19 -7.48
CA SER A 196 10.77 2.77 -6.45
C SER A 196 9.37 3.24 -6.82
N ILE A 197 9.21 4.57 -7.13
CA ILE A 197 7.89 5.12 -7.55
C ILE A 197 7.42 4.39 -8.80
N ARG A 198 8.33 4.24 -9.79
CA ARG A 198 8.04 3.63 -11.08
C ARG A 198 7.58 2.17 -10.96
N SER A 199 8.04 1.42 -9.94
CA SER A 199 7.65 0.01 -9.73
CA SER A 199 7.64 0.02 -9.73
C SER A 199 6.15 -0.09 -9.42
N ILE A 200 5.59 0.95 -8.79
CA ILE A 200 4.18 0.98 -8.37
C ILE A 200 3.30 1.81 -9.29
N ASP A 201 3.77 2.94 -9.72
CA ASP A 201 2.94 3.87 -10.47
C ASP A 201 3.32 3.93 -11.94
N LYS A 202 2.49 3.31 -12.77
CA LYS A 202 2.63 3.23 -14.22
CA LYS A 202 2.63 3.25 -14.23
C LYS A 202 1.53 4.05 -14.92
N GLY A 203 0.84 4.88 -14.15
CA GLY A 203 -0.26 5.70 -14.66
C GLY A 203 0.08 7.17 -14.76
N HIS A 204 1.28 7.57 -14.31
CA HIS A 204 1.73 8.96 -14.35
C HIS A 204 3.08 9.02 -15.05
N LEU A 205 3.34 10.12 -15.74
CA LEU A 205 4.62 10.31 -16.40
C LEU A 205 5.65 10.80 -15.38
N MSE A 206 6.94 10.59 -15.70
CA MSE A 206 8.06 10.93 -14.83
C MSE A 206 9.15 11.62 -15.62
O MSE A 206 9.39 11.32 -16.80
CB MSE A 206 8.60 9.66 -14.17
CG MSE A 206 9.75 9.90 -13.13
SE MSE A 206 10.19 8.20 -12.18
CE MSE A 206 8.50 7.88 -11.31
N THR A 207 9.86 12.51 -14.94
CA THR A 207 10.96 13.28 -15.52
C THR A 207 11.96 13.65 -14.43
N PHE A 208 12.93 14.49 -14.77
CA PHE A 208 14.00 14.95 -13.87
C PHE A 208 14.21 16.45 -14.05
N HIS A 209 14.20 17.23 -12.95
CA HIS A 209 14.39 18.67 -12.96
C HIS A 209 15.89 18.94 -12.70
N PRO A 210 16.62 19.48 -13.70
CA PRO A 210 18.07 19.61 -13.55
C PRO A 210 18.54 21.01 -13.12
N ARG A 211 19.85 21.11 -12.92
CA ARG A 211 20.58 22.33 -12.56
C ARG A 211 20.47 23.36 -13.69
N GLY A 212 20.63 24.64 -13.35
CA GLY A 212 20.64 25.72 -14.33
C GLY A 212 21.65 25.46 -15.43
N ARG A 213 21.27 25.76 -16.68
CA ARG A 213 22.10 25.60 -17.89
C ARG A 213 22.40 24.13 -18.21
N THR A 214 21.56 23.19 -17.72
CA THR A 214 21.71 21.77 -18.03
C THR A 214 20.37 21.20 -18.44
N THR A 215 20.40 20.04 -19.11
CA THR A 215 19.21 19.31 -19.51
C THR A 215 19.28 17.91 -18.86
N SER A 216 18.10 17.38 -18.45
CA SER A 216 18.05 16.02 -17.90
C SER A 216 18.55 15.00 -18.94
N ALA A 217 18.44 15.35 -20.25
CA ALA A 217 18.86 14.51 -21.39
C ALA A 217 20.36 14.11 -21.32
N THR A 218 21.20 14.94 -20.68
CA THR A 218 22.66 14.70 -20.55
C THR A 218 22.93 13.42 -19.75
N TRP A 219 22.07 13.10 -18.76
CA TRP A 219 22.29 11.91 -17.94
C TRP A 219 21.23 10.84 -18.05
N PHE A 220 19.96 11.23 -18.25
CA PHE A 220 18.88 10.27 -18.15
C PHE A 220 18.04 10.05 -19.40
N ASN A 221 18.51 10.49 -20.59
CA ASN A 221 17.72 10.26 -21.82
C ASN A 221 17.38 8.78 -22.04
N ASP A 222 18.29 7.89 -21.68
CA ASP A 222 18.10 6.45 -21.90
C ASP A 222 17.50 5.73 -20.70
N ARG A 223 17.14 6.47 -19.63
CA ARG A 223 16.49 5.82 -18.47
C ARG A 223 15.06 5.42 -18.84
N GLU A 224 14.66 4.17 -18.52
CA GLU A 224 13.32 3.65 -18.80
C GLU A 224 12.28 4.34 -17.91
N TRP A 225 12.71 4.88 -16.74
CA TRP A 225 11.77 5.62 -15.87
C TRP A 225 11.50 7.05 -16.41
N LEU A 226 12.36 7.57 -17.31
CA LEU A 226 12.17 8.95 -17.79
C LEU A 226 11.31 8.96 -19.06
N ASP A 227 10.13 9.63 -19.00
CA ASP A 227 9.24 9.69 -20.15
C ASP A 227 9.59 10.84 -21.09
N PHE A 228 10.05 11.95 -20.51
CA PHE A 228 10.42 13.15 -21.26
C PHE A 228 11.48 13.90 -20.50
N ASN A 229 12.20 14.76 -21.23
CA ASN A 229 13.27 15.55 -20.64
C ASN A 229 12.83 16.94 -20.30
N MSE A 230 13.54 17.55 -19.35
CA MSE A 230 13.35 18.95 -18.95
C MSE A 230 14.69 19.62 -18.86
O MSE A 230 15.68 18.98 -18.47
CB MSE A 230 12.60 19.10 -17.60
CG MSE A 230 11.25 18.39 -17.58
SE MSE A 230 10.01 19.01 -16.22
CE MSE A 230 11.10 18.80 -14.67
N PHE A 231 14.71 20.93 -19.08
CA PHE A 231 15.93 21.68 -18.89
C PHE A 231 15.60 22.96 -18.14
N GLN A 232 16.63 23.58 -17.59
CA GLN A 232 16.51 24.85 -16.89
C GLN A 232 17.40 25.86 -17.62
N SER A 233 16.78 26.79 -18.37
CA SER A 233 17.57 27.80 -19.10
C SER A 233 17.83 29.04 -18.25
N GLY A 234 17.01 29.26 -17.21
CA GLY A 234 17.16 30.39 -16.32
C GLY A 234 18.47 30.30 -15.55
N HIS A 235 19.04 31.43 -15.06
CA HIS A 235 18.49 32.80 -15.08
C HIS A 235 19.61 33.82 -15.46
N ARG A 236 20.69 33.33 -16.10
CA ARG A 236 21.80 34.19 -16.50
C ARG A 236 21.55 34.84 -17.86
N ARG A 237 22.11 36.06 -18.03
CA ARG A 237 22.05 36.81 -19.28
C ARG A 237 23.26 36.47 -20.15
N TYR A 238 23.25 36.94 -21.41
CA TYR A 238 24.40 36.79 -22.31
C TYR A 238 25.70 37.32 -21.66
N GLY A 239 26.76 36.54 -21.73
CA GLY A 239 28.08 36.92 -21.20
C GLY A 239 28.24 36.97 -19.70
N GLN A 240 27.39 36.23 -18.96
CA GLN A 240 27.43 36.22 -17.49
C GLN A 240 28.06 34.90 -16.91
N ARG A 241 29.20 34.45 -17.47
CA ARG A 241 29.89 33.26 -16.96
C ARG A 241 30.53 33.59 -15.59
N ASN A 242 31.05 34.83 -15.46
CA ASN A 242 31.67 35.44 -14.28
C ASN A 242 32.70 34.50 -13.62
N TYR A 247 31.63 25.79 -16.68
CA TYR A 247 30.43 26.24 -17.41
C TYR A 247 29.90 25.12 -18.34
N PRO A 248 28.61 24.71 -18.22
CA PRO A 248 28.12 23.60 -19.07
C PRO A 248 27.67 24.04 -20.47
N ILE A 249 27.78 25.35 -20.80
CA ILE A 249 27.35 25.89 -22.10
C ILE A 249 28.42 26.80 -22.72
N GLU A 250 28.33 27.01 -24.06
CA GLU A 250 29.22 27.89 -24.84
C GLU A 250 29.05 29.33 -24.36
N GLU A 251 30.17 30.10 -24.35
CA GLU A 251 30.20 31.52 -23.93
CA GLU A 251 30.20 31.52 -23.93
C GLU A 251 29.27 32.36 -24.82
N ASN A 252 28.58 33.34 -24.22
CA ASN A 252 27.67 34.31 -24.86
C ASN A 252 26.46 33.66 -25.58
N THR A 253 25.95 32.51 -25.07
CA THR A 253 24.77 31.83 -25.64
C THR A 253 23.70 31.61 -24.56
N GLU A 254 23.87 32.22 -23.36
CA GLU A 254 23.00 32.03 -22.20
C GLU A 254 21.51 32.15 -22.47
N GLU A 255 21.13 33.17 -23.25
CA GLU A 255 19.71 33.46 -23.48
C GLU A 255 19.11 32.69 -24.67
N ASP A 256 19.95 31.91 -25.38
CA ASP A 256 19.45 31.09 -26.49
C ASP A 256 18.93 29.76 -25.93
N ASN A 257 17.77 29.76 -25.23
CA ASN A 257 17.22 28.53 -24.64
C ASN A 257 16.82 27.52 -25.74
N TRP A 258 16.64 27.98 -27.00
CA TRP A 258 16.37 27.07 -28.13
C TRP A 258 17.55 26.08 -28.32
N ARG A 259 18.77 26.43 -27.86
CA ARG A 259 19.94 25.56 -27.97
C ARG A 259 19.77 24.30 -27.12
N PHE A 260 19.09 24.40 -25.94
CA PHE A 260 18.87 23.24 -25.08
C PHE A 260 17.87 22.27 -25.68
N VAL A 261 16.90 22.79 -26.44
CA VAL A 261 15.89 21.98 -27.15
C VAL A 261 16.62 21.13 -28.20
N GLU A 262 17.47 21.77 -29.02
CA GLU A 262 18.28 21.10 -30.06
C GLU A 262 19.18 20.02 -29.47
N ALA A 263 19.92 20.38 -28.41
CA ALA A 263 20.88 19.48 -27.75
C ALA A 263 20.19 18.21 -27.19
N SER A 264 18.99 18.37 -26.57
CA SER A 264 18.24 17.25 -25.98
C SER A 264 17.68 16.33 -27.05
N GLN A 265 17.15 16.93 -28.14
CA GLN A 265 16.52 16.18 -29.25
C GLN A 265 17.53 15.58 -30.23
N ALA A 266 18.81 15.91 -30.09
CA ALA A 266 19.88 15.31 -30.93
C ALA A 266 20.21 13.90 -30.42
N LYS A 267 19.79 13.60 -29.18
CA LYS A 267 20.02 12.32 -28.50
C LYS A 267 18.96 11.28 -28.86
N THR A 268 19.39 10.03 -29.09
CA THR A 268 18.51 8.90 -29.45
C THR A 268 18.43 7.95 -28.23
N PRO A 269 17.24 7.45 -27.81
CA PRO A 269 15.91 7.63 -28.43
C PRO A 269 15.38 9.05 -28.27
N LEU A 270 14.63 9.52 -29.28
CA LEU A 270 14.03 10.86 -29.23
C LEU A 270 12.88 10.86 -28.22
N LYS A 271 12.94 11.80 -27.25
CA LYS A 271 11.93 11.99 -26.23
C LYS A 271 11.52 13.46 -26.21
N PRO A 272 10.28 13.75 -25.73
CA PRO A 272 9.85 15.15 -25.67
C PRO A 272 10.73 15.95 -24.72
N VAL A 273 10.78 17.27 -24.90
CA VAL A 273 11.58 18.13 -24.03
C VAL A 273 10.78 19.42 -23.73
N ILE A 274 11.07 20.03 -22.60
CA ILE A 274 10.44 21.30 -22.20
C ILE A 274 11.42 22.14 -21.39
N ASP A 275 11.30 23.47 -21.48
CA ASP A 275 12.03 24.39 -20.61
C ASP A 275 11.15 24.48 -19.37
N ASP A 276 11.51 23.77 -18.30
CA ASP A 276 10.67 23.75 -17.10
C ASP A 276 11.05 24.86 -16.12
N GLU A 277 12.14 25.56 -16.41
CA GLU A 277 12.59 26.66 -15.59
C GLU A 277 13.36 27.67 -16.46
N PRO A 278 12.64 28.49 -17.22
CA PRO A 278 13.28 29.60 -17.92
C PRO A 278 13.57 30.70 -16.90
N ILE A 279 13.98 31.89 -17.38
CA ILE A 279 14.06 33.06 -16.51
C ILE A 279 12.70 33.31 -15.79
N TYR A 280 12.76 33.84 -14.59
CA TYR A 280 11.53 34.15 -13.86
C TYR A 280 11.20 35.62 -14.01
N GLU A 281 9.91 35.96 -14.15
CA GLU A 281 9.50 37.36 -14.24
C GLU A 281 9.94 38.08 -12.93
N ASP A 282 10.63 39.22 -13.10
CA ASP A 282 11.15 40.13 -12.06
C ASP A 282 12.38 39.56 -11.29
N ILE A 283 12.93 38.40 -11.70
CA ILE A 283 14.14 37.89 -11.02
C ILE A 283 15.38 38.65 -11.59
N PRO A 284 16.41 38.95 -10.78
CA PRO A 284 17.58 39.63 -11.35
C PRO A 284 18.34 38.74 -12.32
N GLN A 285 18.94 39.37 -13.34
CA GLN A 285 19.78 38.66 -14.31
C GLN A 285 20.98 38.12 -13.54
N GLY A 286 21.05 36.78 -13.47
CA GLY A 286 22.11 36.09 -12.72
C GLY A 286 21.79 35.84 -11.26
N LEU A 287 20.53 36.15 -10.84
CA LEU A 287 19.92 35.88 -9.52
C LEU A 287 20.44 36.64 -8.29
N HIS A 288 21.77 36.62 -8.07
CA HIS A 288 22.38 37.02 -6.80
C HIS A 288 22.57 38.52 -6.55
N ASP A 289 22.54 39.38 -7.57
CA ASP A 289 22.66 40.81 -7.30
C ASP A 289 21.25 41.45 -7.34
N PRO A 290 20.65 41.87 -6.18
CA PRO A 290 19.29 42.46 -6.22
C PRO A 290 19.19 43.79 -6.97
N ASN A 291 20.32 44.49 -7.20
CA ASN A 291 20.35 45.74 -7.92
C ASN A 291 20.59 45.53 -9.44
N GLU A 292 20.72 44.27 -9.88
CA GLU A 292 20.90 44.00 -11.31
C GLU A 292 19.59 44.22 -12.08
N THR A 293 19.70 44.37 -13.41
CA THR A 293 18.57 44.44 -14.33
C THR A 293 17.69 43.20 -14.08
N ARG A 294 16.38 43.41 -13.98
CA ARG A 294 15.45 42.29 -13.77
C ARG A 294 14.90 41.81 -15.10
N TRP A 295 14.64 40.50 -15.20
CA TRP A 295 13.99 39.94 -16.38
C TRP A 295 12.56 40.48 -16.39
N ASN A 296 12.02 40.80 -17.58
CA ASN A 296 10.68 41.39 -17.65
C ASN A 296 9.74 40.52 -18.50
N GLN A 297 8.47 40.98 -18.65
CA GLN A 297 7.46 40.29 -19.47
C GLN A 297 7.93 39.99 -20.92
N HIS A 298 8.71 40.90 -21.56
CA HIS A 298 9.15 40.73 -22.94
C HIS A 298 10.13 39.57 -23.02
N ASP A 299 11.06 39.49 -22.05
CA ASP A 299 12.03 38.40 -21.94
C ASP A 299 11.31 37.08 -21.67
N VAL A 300 10.30 37.11 -20.78
CA VAL A 300 9.49 35.92 -20.42
C VAL A 300 8.83 35.32 -21.69
N ARG A 301 8.22 36.18 -22.52
CA ARG A 301 7.61 35.73 -23.79
C ARG A 301 8.67 35.19 -24.73
N ARG A 302 9.81 35.89 -24.87
CA ARG A 302 10.89 35.45 -25.76
C ARG A 302 11.33 34.02 -25.42
N TYR A 303 11.59 33.71 -24.13
CA TYR A 303 12.00 32.34 -23.73
C TYR A 303 10.90 31.30 -24.04
N ALA A 304 9.63 31.66 -23.80
CA ALA A 304 8.49 30.78 -24.02
C ALA A 304 8.37 30.38 -25.49
N TYR A 305 8.34 31.37 -26.38
CA TYR A 305 8.16 31.10 -27.82
C TYR A 305 9.42 30.47 -28.42
N TRP A 306 10.60 30.89 -27.98
CA TRP A 306 11.85 30.31 -28.46
C TRP A 306 11.94 28.82 -28.12
N SER A 307 11.58 28.45 -26.88
CA SER A 307 11.63 27.03 -26.47
C SER A 307 10.60 26.20 -27.27
N VAL A 308 9.34 26.65 -27.33
CA VAL A 308 8.28 25.91 -28.04
C VAL A 308 8.56 25.81 -29.57
N PHE A 309 8.96 26.92 -30.21
CA PHE A 309 9.20 26.92 -31.67
C PHE A 309 10.46 26.15 -32.02
N ALA A 310 11.34 25.87 -31.03
CA ALA A 310 12.53 25.05 -31.25
C ALA A 310 12.17 23.56 -31.21
N GLY A 311 10.98 23.24 -30.68
CA GLY A 311 10.48 21.88 -30.59
C GLY A 311 9.93 21.43 -29.26
N SER A 312 10.00 22.26 -28.20
CA SER A 312 9.45 21.86 -26.89
C SER A 312 7.93 21.58 -26.98
N PHE A 313 7.45 20.62 -26.17
CA PHE A 313 6.04 20.17 -26.23
C PHE A 313 5.08 21.10 -25.49
N GLY A 314 5.64 22.04 -24.73
CA GLY A 314 4.90 23.00 -23.95
C GLY A 314 5.89 23.94 -23.32
N HIS A 315 5.46 24.67 -22.24
CA HIS A 315 6.36 25.58 -21.55
C HIS A 315 5.93 25.78 -20.10
N SER A 316 6.90 25.96 -19.20
CA SER A 316 6.61 26.34 -17.81
C SER A 316 7.11 27.78 -17.59
N TYR A 317 6.30 28.55 -16.94
CA TYR A 317 6.58 29.93 -16.53
C TYR A 317 6.88 29.96 -15.02
N GLY A 318 7.64 30.96 -14.61
CA GLY A 318 7.86 31.28 -13.20
C GLY A 318 7.89 32.79 -12.98
N HIS A 319 7.55 33.22 -11.76
CA HIS A 319 7.62 34.61 -11.28
C HIS A 319 8.42 34.59 -10.01
N ASN A 320 9.36 35.50 -9.86
CA ASN A 320 10.20 35.54 -8.65
C ASN A 320 9.36 35.62 -7.34
N ASP A 321 8.27 36.40 -7.34
CA ASP A 321 7.47 36.61 -6.13
C ASP A 321 6.51 35.45 -5.85
N ILE A 322 6.05 34.77 -6.90
CA ILE A 322 5.05 33.69 -6.75
C ILE A 322 5.73 32.39 -6.30
N MSE A 323 6.87 32.00 -6.95
CA MSE A 323 7.50 30.69 -6.68
C MSE A 323 7.89 30.54 -5.23
O MSE A 323 7.88 29.41 -4.73
CB MSE A 323 8.67 30.39 -7.62
CG MSE A 323 9.84 31.45 -7.58
SE MSE A 323 11.19 30.83 -6.33
CE MSE A 323 12.64 32.14 -6.64
N GLN A 324 8.20 31.65 -4.53
CA GLN A 324 8.55 31.60 -3.11
C GLN A 324 7.39 32.11 -2.24
N PHE A 325 6.22 32.49 -2.85
CA PHE A 325 5.04 33.00 -2.11
C PHE A 325 5.45 34.07 -1.10
N ILE A 326 6.19 35.06 -1.60
CA ILE A 326 6.66 36.14 -0.77
C ILE A 326 5.49 37.00 -0.25
N ARG A 327 5.65 37.56 0.94
CA ARG A 327 4.70 38.47 1.56
C ARG A 327 5.48 39.27 2.59
N PRO A 328 4.96 40.40 3.08
CA PRO A 328 5.73 41.19 4.06
C PRO A 328 6.10 40.38 5.31
N GLY A 329 7.32 40.59 5.81
CA GLY A 329 7.79 39.91 7.01
C GLY A 329 8.56 38.63 6.76
N TYR A 330 8.71 38.21 5.48
CA TYR A 330 9.49 37.04 5.05
C TYR A 330 10.78 37.47 4.35
N GLY A 331 11.89 36.80 4.66
CA GLY A 331 13.17 37.03 4.00
C GLY A 331 13.03 36.59 2.56
N ALA A 332 13.55 37.40 1.63
CA ALA A 332 13.39 37.09 0.22
C ALA A 332 14.58 36.45 -0.42
N SER A 333 14.31 35.57 -1.38
CA SER A 333 15.37 35.02 -2.22
C SER A 333 15.39 35.87 -3.49
N PHE A 334 16.60 36.13 -4.00
CA PHE A 334 16.85 36.76 -5.29
C PHE A 334 16.14 38.13 -5.49
N GLY A 335 16.32 39.00 -4.50
CA GLY A 335 15.84 40.38 -4.55
C GLY A 335 14.34 40.60 -4.60
N ALA A 336 13.54 39.61 -4.15
CA ALA A 336 12.09 39.87 -4.01
C ALA A 336 11.92 40.77 -2.77
N ASP A 337 10.76 41.38 -2.57
CA ASP A 337 10.55 42.28 -1.43
C ASP A 337 9.08 42.27 -1.13
N GLY A 338 8.71 41.55 -0.06
CA GLY A 338 7.33 41.34 0.36
C GLY A 338 6.54 42.61 0.57
N ARG A 339 7.21 43.66 1.06
CA ARG A 339 6.58 44.97 1.29
C ARG A 339 6.31 45.73 0.00
N LYS A 340 7.07 45.44 -1.06
CA LYS A 340 6.92 46.09 -2.37
C LYS A 340 5.86 45.33 -3.21
N LYS A 341 5.94 44.01 -3.26
CA LYS A 341 5.01 43.18 -4.02
C LYS A 341 4.92 41.79 -3.40
N ALA A 342 3.70 41.36 -3.05
CA ALA A 342 3.44 40.05 -2.49
C ALA A 342 3.02 39.12 -3.63
N TRP A 343 3.06 37.80 -3.39
CA TRP A 343 2.66 36.82 -4.44
C TRP A 343 1.24 37.12 -4.96
N TRP A 344 0.30 37.58 -4.10
CA TRP A 344 -1.06 37.84 -4.57
C TRP A 344 -1.10 39.01 -5.58
N ASP A 345 -0.13 39.95 -5.50
CA ASP A 345 -0.02 41.07 -6.44
C ASP A 345 0.65 40.61 -7.73
N ALA A 346 1.66 39.73 -7.63
CA ALA A 346 2.41 39.22 -8.80
C ALA A 346 1.51 38.41 -9.74
N LEU A 347 0.38 37.87 -9.24
CA LEU A 347 -0.58 37.12 -10.08
C LEU A 347 -1.24 38.06 -11.10
N GLU A 348 -1.11 39.39 -10.91
CA GLU A 348 -1.71 40.38 -11.82
C GLU A 348 -0.64 40.91 -12.82
N ASP A 349 0.62 40.42 -12.72
CA ASP A 349 1.71 40.90 -13.57
C ASP A 349 1.53 40.41 -15.03
N PRO A 350 2.07 41.20 -16.01
CA PRO A 350 1.83 40.88 -17.44
C PRO A 350 2.28 39.51 -17.90
N GLY A 351 3.54 39.12 -17.61
CA GLY A 351 4.07 37.83 -18.10
C GLY A 351 3.19 36.64 -17.69
N PHE A 352 2.77 36.60 -16.43
CA PHE A 352 1.90 35.53 -15.90
C PHE A 352 0.63 35.39 -16.75
N ASN A 353 0.09 36.55 -17.17
CA ASN A 353 -1.18 36.64 -17.89
C ASN A 353 -1.04 36.60 -19.41
N GLN A 354 0.18 36.35 -19.92
CA GLN A 354 0.41 36.29 -21.38
C GLN A 354 0.70 34.88 -21.85
N MSE A 355 1.05 33.98 -20.93
CA MSE A 355 1.35 32.58 -21.29
C MSE A 355 0.16 31.88 -22.00
O MSE A 355 0.40 31.03 -22.87
CB MSE A 355 1.81 31.76 -20.06
CG MSE A 355 3.13 32.32 -19.46
SE MSE A 355 4.66 32.19 -20.72
CE MSE A 355 4.66 33.95 -21.60
N LYS A 356 -1.09 32.27 -21.69
CA LYS A 356 -2.28 31.69 -22.32
C LYS A 356 -2.30 31.90 -23.84
N TYR A 357 -1.68 33.00 -24.34
CA TYR A 357 -1.68 33.28 -25.77
C TYR A 357 -0.78 32.30 -26.53
N LEU A 358 0.26 31.78 -25.87
CA LEU A 358 1.15 30.75 -26.45
C LEU A 358 0.39 29.43 -26.53
N LYS A 359 -0.19 28.98 -25.39
CA LYS A 359 -0.97 27.73 -25.36
C LYS A 359 -2.13 27.75 -26.40
N ASN A 360 -2.92 28.84 -26.42
CA ASN A 360 -4.08 28.95 -27.31
C ASN A 360 -3.66 28.89 -28.79
N LEU A 361 -2.50 29.51 -29.12
CA LEU A 361 -1.96 29.49 -30.49
C LEU A 361 -1.63 28.06 -30.93
N MSE A 362 -0.86 27.32 -30.08
CA MSE A 362 -0.39 25.98 -30.45
C MSE A 362 -1.56 24.97 -30.61
O MSE A 362 -1.52 24.15 -31.53
CB MSE A 362 0.63 25.45 -29.43
CG MSE A 362 1.83 26.44 -29.24
SE MSE A 362 2.59 27.23 -30.87
CE MSE A 362 3.35 25.69 -31.62
N LEU A 363 -2.61 25.13 -29.82
CA LEU A 363 -3.78 24.23 -29.88
C LEU A 363 -4.70 24.56 -31.07
N THR A 364 -4.46 25.66 -31.80
CA THR A 364 -5.29 26.05 -32.96
C THR A 364 -4.95 25.22 -34.21
N PHE A 365 -3.75 24.59 -34.24
CA PHE A 365 -3.23 23.92 -35.43
C PHE A 365 -2.99 22.44 -35.26
N PRO A 366 -2.97 21.64 -36.37
CA PRO A 366 -2.61 20.21 -36.27
C PRO A 366 -1.38 20.07 -35.37
N PHE A 367 -1.54 19.31 -34.31
CA PHE A 367 -0.60 19.29 -33.20
C PHE A 367 0.60 18.36 -33.34
N PHE A 368 0.39 17.09 -33.69
CA PHE A 368 1.44 16.08 -33.65
C PHE A 368 2.41 16.07 -34.82
N GLU A 369 2.02 16.65 -35.97
CA GLU A 369 2.93 16.68 -37.12
C GLU A 369 3.86 17.90 -37.06
N ARG A 370 3.72 18.74 -36.02
CA ARG A 370 4.55 19.93 -35.91
C ARG A 370 6.02 19.58 -35.69
N VAL A 371 6.89 20.27 -36.43
CA VAL A 371 8.33 20.11 -36.30
C VAL A 371 8.98 21.51 -36.23
N PRO A 372 10.16 21.65 -35.59
CA PRO A 372 10.89 22.91 -35.74
C PRO A 372 11.51 22.91 -37.14
N ASP A 373 11.58 24.07 -37.82
CA ASP A 373 12.17 24.08 -39.17
C ASP A 373 12.71 25.46 -39.50
N GLN A 374 14.01 25.69 -39.21
CA GLN A 374 14.67 26.97 -39.51
C GLN A 374 14.79 27.23 -41.03
N SER A 375 14.64 26.19 -41.89
CA SER A 375 14.72 26.37 -43.36
C SER A 375 13.50 27.16 -43.90
N VAL A 376 12.43 27.32 -43.08
CA VAL A 376 11.28 28.18 -43.39
C VAL A 376 11.78 29.65 -43.49
N ILE A 377 12.87 29.98 -42.75
CA ILE A 377 13.46 31.33 -42.79
C ILE A 377 14.51 31.36 -43.91
N ALA A 378 14.23 32.12 -44.98
CA ALA A 378 15.13 32.28 -46.13
C ALA A 378 16.06 33.49 -45.90
N GLY A 379 17.04 33.66 -46.79
CA GLY A 379 18.01 34.75 -46.70
C GLY A 379 18.90 34.59 -45.49
N THR A 380 19.30 35.72 -44.88
CA THR A 380 20.16 35.71 -43.70
C THR A 380 19.31 36.03 -42.46
N ASN A 381 19.27 35.08 -41.52
CA ASN A 381 18.50 35.28 -40.30
C ASN A 381 19.31 36.17 -39.36
N GLY A 382 18.64 36.85 -38.43
CA GLY A 382 19.34 37.71 -37.49
C GLY A 382 19.97 36.89 -36.38
N GLU A 383 20.81 37.55 -35.57
CA GLU A 383 21.51 36.95 -34.44
C GLU A 383 20.86 37.41 -33.14
N ARG A 384 21.05 36.64 -32.04
CA ARG A 384 20.56 36.95 -30.71
C ARG A 384 19.06 37.25 -30.76
N TYR A 385 18.61 38.44 -30.32
CA TYR A 385 17.17 38.76 -30.29
C TYR A 385 16.56 38.90 -31.70
N ASP A 386 17.41 39.06 -32.74
CA ASP A 386 16.95 39.16 -34.14
C ASP A 386 16.81 37.78 -34.82
N ARG A 387 17.10 36.70 -34.07
CA ARG A 387 16.97 35.34 -34.65
C ARG A 387 15.50 34.95 -34.69
N ALA A 388 14.88 35.05 -35.86
CA ALA A 388 13.51 34.60 -36.05
C ALA A 388 13.50 33.06 -35.89
N ILE A 389 12.41 32.51 -35.37
CA ILE A 389 12.37 31.08 -35.11
C ILE A 389 11.10 30.50 -35.73
N ALA A 390 11.24 29.41 -36.46
CA ALA A 390 10.11 28.85 -37.20
C ALA A 390 9.81 27.41 -36.84
N THR A 391 8.51 27.10 -36.91
CA THR A 391 7.98 25.76 -36.67
C THR A 391 6.84 25.57 -37.67
N ARG A 392 6.58 24.32 -38.09
CA ARG A 392 5.55 24.09 -39.09
C ARG A 392 4.95 22.68 -39.02
N GLY A 393 3.78 22.56 -39.60
CA GLY A 393 3.12 21.29 -39.84
C GLY A 393 3.26 21.04 -41.33
N ASN A 394 2.28 20.34 -41.93
CA ASN A 394 2.29 20.09 -43.36
C ASN A 394 1.63 21.20 -44.15
N ASP A 395 0.65 21.91 -43.53
CA ASP A 395 -0.18 22.92 -44.18
C ASP A 395 -0.21 24.26 -43.43
N TYR A 396 0.71 24.45 -42.46
CA TYR A 396 0.80 25.70 -41.70
C TYR A 396 2.22 25.91 -41.21
N LEU A 397 2.60 27.16 -41.03
CA LEU A 397 3.88 27.50 -40.46
C LEU A 397 3.70 28.69 -39.50
N LEU A 398 4.51 28.71 -38.46
CA LEU A 398 4.48 29.77 -37.45
C LEU A 398 5.89 30.31 -37.28
N VAL A 399 6.05 31.63 -37.40
CA VAL A 399 7.38 32.26 -37.27
C VAL A 399 7.32 33.33 -36.17
N TYR A 400 8.02 33.10 -35.05
CA TYR A 400 8.07 34.08 -33.96
C TYR A 400 9.26 35.00 -34.19
N ASN A 401 8.98 36.29 -34.25
CA ASN A 401 10.00 37.31 -34.51
C ASN A 401 9.99 38.29 -33.33
N TYR A 402 10.89 38.07 -32.38
CA TYR A 402 10.94 38.92 -31.18
C TYR A 402 11.20 40.39 -31.47
N SER A 403 12.17 40.68 -32.34
CA SER A 403 12.61 42.05 -32.59
C SER A 403 11.77 42.83 -33.61
N GLY A 404 11.18 42.16 -34.60
CA GLY A 404 10.47 42.87 -35.66
C GLY A 404 11.35 43.09 -36.90
N ARG A 405 12.61 42.61 -36.87
CA ARG A 405 13.51 42.71 -38.02
C ARG A 405 12.83 42.08 -39.27
N PRO A 406 12.85 42.77 -40.45
CA PRO A 406 12.23 42.19 -41.67
C PRO A 406 12.73 40.78 -41.96
N MSE A 407 11.81 39.93 -42.44
CA MSE A 407 12.07 38.51 -42.72
C MSE A 407 11.74 38.13 -44.13
O MSE A 407 10.81 38.67 -44.69
CB MSE A 407 11.18 37.60 -41.83
CG MSE A 407 11.26 37.84 -40.35
SE MSE A 407 10.00 36.67 -39.44
CE MSE A 407 8.34 37.34 -39.94
N GLN A 408 12.39 37.07 -44.62
CA GLN A 408 12.11 36.42 -45.91
C GLN A 408 11.69 34.99 -45.57
N ILE A 409 10.45 34.64 -45.89
CA ILE A 409 9.87 33.36 -45.49
C ILE A 409 9.60 32.51 -46.71
N ASP A 410 10.06 31.26 -46.65
CA ASP A 410 9.89 30.31 -47.75
C ASP A 410 8.53 29.63 -47.58
N LEU A 411 7.51 30.19 -48.25
CA LEU A 411 6.15 29.67 -48.18
C LEU A 411 5.99 28.27 -48.83
N SER A 412 6.94 27.85 -49.68
CA SER A 412 6.89 26.54 -50.36
CA SER A 412 6.88 26.54 -50.35
C SER A 412 7.21 25.38 -49.38
N LYS A 413 7.58 25.69 -48.12
CA LYS A 413 7.89 24.66 -47.13
C LYS A 413 6.59 23.97 -46.60
N ILE A 414 5.39 24.53 -46.93
CA ILE A 414 4.09 23.94 -46.57
C ILE A 414 3.23 23.83 -47.83
N SER A 415 2.15 23.04 -47.77
CA SER A 415 1.24 22.82 -48.91
C SER A 415 0.43 24.07 -49.32
N GLY A 416 -0.09 24.01 -50.56
CA GLY A 416 -0.98 24.99 -51.14
C GLY A 416 -0.36 25.92 -52.15
N ALA A 417 -1.04 26.10 -53.30
CA ALA A 417 -0.62 27.03 -54.36
C ALA A 417 -0.71 28.44 -53.81
N LYS A 418 -1.73 28.67 -52.92
CA LYS A 418 -1.96 29.94 -52.26
C LYS A 418 -1.99 29.73 -50.76
N LYS A 419 -1.58 30.77 -50.02
CA LYS A 419 -1.46 30.79 -48.57
C LYS A 419 -2.09 32.04 -48.02
N ASN A 420 -2.70 31.94 -46.85
CA ASN A 420 -3.20 33.11 -46.11
C ASN A 420 -2.24 33.42 -45.00
N ALA A 421 -2.03 34.70 -44.70
CA ALA A 421 -1.10 35.10 -43.64
C ALA A 421 -1.74 36.10 -42.67
N TRP A 422 -1.39 35.97 -41.38
CA TRP A 422 -1.83 36.81 -40.26
C TRP A 422 -0.67 37.16 -39.34
N TRP A 423 -0.80 38.29 -38.66
CA TRP A 423 0.10 38.67 -37.56
C TRP A 423 -0.60 38.30 -36.26
N TYR A 424 0.13 37.71 -35.32
CA TYR A 424 -0.42 37.34 -34.00
C TYR A 424 0.44 37.98 -32.94
N SER A 425 -0.15 38.89 -32.14
CA SER A 425 0.59 39.63 -31.11
CA SER A 425 0.57 39.63 -31.12
C SER A 425 0.74 38.78 -29.86
N ALA A 426 2.02 38.50 -29.49
CA ALA A 426 2.27 37.65 -28.32
C ALA A 426 1.84 38.33 -26.98
N LYS A 427 1.89 39.67 -26.91
CA LYS A 427 1.57 40.35 -25.64
C LYS A 427 0.06 40.32 -25.32
N ASP A 428 -0.82 40.19 -26.32
CA ASP A 428 -2.26 40.31 -26.02
C ASP A 428 -3.17 39.45 -26.91
N GLY A 429 -2.57 38.57 -27.73
CA GLY A 429 -3.32 37.68 -28.62
C GLY A 429 -4.03 38.34 -29.80
N LYS A 430 -3.73 39.61 -30.07
CA LYS A 430 -4.34 40.36 -31.17
C LYS A 430 -3.98 39.72 -32.53
N LEU A 431 -5.00 39.47 -33.33
CA LEU A 431 -4.83 38.85 -34.65
C LEU A 431 -5.16 39.85 -35.73
N GLU A 432 -4.31 39.93 -36.77
CA GLU A 432 -4.49 40.85 -37.90
C GLU A 432 -4.17 40.13 -39.22
N TYR A 433 -5.20 39.98 -40.07
CA TYR A 433 -5.03 39.36 -41.39
C TYR A 433 -4.16 40.25 -42.29
N ILE A 434 -3.22 39.64 -43.01
CA ILE A 434 -2.30 40.35 -43.92
C ILE A 434 -2.83 40.27 -45.35
N GLY A 435 -3.07 39.05 -45.82
CA GLY A 435 -3.55 38.82 -47.18
C GLY A 435 -3.27 37.42 -47.67
N GLU A 436 -3.52 37.21 -48.95
CA GLU A 436 -3.29 35.94 -49.66
C GLU A 436 -2.02 36.04 -50.51
N PHE A 437 -1.19 35.00 -50.46
CA PHE A 437 0.11 34.99 -51.13
C PHE A 437 0.33 33.74 -51.98
N ASP A 438 1.08 33.89 -53.07
CA ASP A 438 1.49 32.77 -53.90
C ASP A 438 2.63 32.07 -53.19
N SER A 439 2.74 30.75 -53.36
CA SER A 439 3.76 29.95 -52.71
C SER A 439 5.16 30.21 -53.29
N LYS A 440 5.95 31.06 -52.59
CA LYS A 440 7.32 31.44 -52.94
C LYS A 440 7.97 32.16 -51.76
N VAL A 441 9.29 32.42 -51.84
CA VAL A 441 10.00 33.19 -50.81
C VAL A 441 9.40 34.61 -50.82
N THR A 442 8.82 35.03 -49.68
CA THR A 442 8.10 36.29 -49.53
C THR A 442 8.63 37.10 -48.34
N SER A 443 8.73 38.43 -48.52
CA SER A 443 9.17 39.34 -47.50
C SER A 443 8.00 39.73 -46.57
N PHE A 444 8.26 39.71 -45.27
CA PHE A 444 7.29 40.11 -44.25
C PHE A 444 7.95 41.05 -43.26
N GLN A 445 7.22 42.11 -42.89
CA GLN A 445 7.64 43.04 -41.83
C GLN A 445 6.40 43.65 -41.19
N HIS A 446 6.37 43.65 -39.86
CA HIS A 446 5.27 44.17 -39.07
C HIS A 446 5.44 45.68 -38.78
N ASP A 447 4.33 46.42 -38.90
CA ASP A 447 4.31 47.86 -38.64
C ASP A 447 4.20 48.11 -37.11
N SER A 448 5.35 48.12 -36.44
CA SER A 448 5.51 48.37 -35.00
C SER A 448 6.96 48.70 -34.70
N GLY A 449 7.20 49.30 -33.54
CA GLY A 449 8.55 49.66 -33.12
C GLY A 449 9.47 48.47 -33.07
N TYR A 450 10.69 48.65 -33.57
CA TYR A 450 11.75 47.63 -33.53
C TYR A 450 12.15 47.44 -32.07
N LEU A 451 12.21 46.19 -31.61
CA LEU A 451 12.56 45.87 -30.20
C LEU A 451 11.74 46.71 -29.19
N SER A 452 10.42 46.79 -29.44
CA SER A 452 9.51 47.62 -28.64
C SER A 452 8.57 46.79 -27.76
N GLY A 453 8.79 45.48 -27.69
CA GLY A 453 7.89 44.59 -26.97
C GLY A 453 6.60 44.34 -27.74
N ASN A 454 6.66 44.44 -29.06
CA ASN A 454 5.53 44.17 -29.95
C ASN A 454 5.87 42.96 -30.83
N ASP A 455 6.46 41.94 -30.19
CA ASP A 455 6.86 40.67 -30.81
C ASP A 455 5.63 39.98 -31.38
N GLN A 456 5.77 39.52 -32.61
CA GLN A 456 4.69 38.86 -33.33
C GLN A 456 5.02 37.45 -33.71
N VAL A 457 3.96 36.67 -33.93
CA VAL A 457 4.04 35.39 -34.59
C VAL A 457 3.43 35.63 -35.97
N LEU A 458 4.17 35.30 -37.03
CA LEU A 458 3.63 35.28 -38.38
C LEU A 458 2.95 33.90 -38.57
N ILE A 459 1.62 33.92 -38.83
CA ILE A 459 0.83 32.71 -39.09
CA ILE A 459 0.79 32.74 -39.09
C ILE A 459 0.61 32.59 -40.59
N VAL A 460 1.00 31.45 -41.17
CA VAL A 460 0.79 31.21 -42.60
C VAL A 460 0.10 29.85 -42.73
N VAL A 461 -1.04 29.81 -43.42
CA VAL A 461 -1.82 28.59 -43.58
C VAL A 461 -2.19 28.42 -45.05
N ASP A 462 -2.12 27.16 -45.55
CA ASP A 462 -2.60 26.73 -46.87
C ASP A 462 -4.03 27.29 -47.01
N SER A 463 -4.33 28.03 -48.12
CA SER A 463 -5.64 28.68 -48.36
CA SER A 463 -5.63 28.69 -48.34
C SER A 463 -6.81 27.69 -48.35
N ALA A 464 -6.55 26.39 -48.55
CA ALA A 464 -7.61 25.37 -48.54
C ALA A 464 -8.02 24.94 -47.10
N LYS A 465 -7.27 25.38 -46.07
CA LYS A 465 -7.53 25.03 -44.67
C LYS A 465 -8.14 26.21 -43.91
N ASP A 466 -8.95 25.94 -42.89
CA ASP A 466 -9.60 27.02 -42.17
C ASP A 466 -9.33 27.02 -40.65
N TYR A 467 -8.07 26.70 -40.24
CA TYR A 467 -7.65 26.77 -38.84
C TYR A 467 -7.82 28.19 -38.31
N VAL A 468 -7.56 29.19 -39.17
CA VAL A 468 -7.72 30.61 -38.83
C VAL A 468 -8.63 31.26 -39.87
N GLN A 469 -9.61 32.10 -39.40
CA GLN A 469 -10.51 32.83 -40.31
CA GLN A 469 -10.52 32.83 -40.30
C GLN A 469 -9.95 34.23 -40.54
N LYS A 470 -10.14 34.75 -41.77
CA LYS A 470 -9.64 36.05 -42.21
C LYS A 470 -10.15 37.24 -41.36
N ALA A 471 -11.43 37.24 -40.96
CA ALA A 471 -12.04 38.34 -40.22
C ALA A 471 -11.70 38.36 -38.72
N TRP A 472 -11.17 37.24 -38.16
CA TRP A 472 -10.87 37.19 -36.72
C TRP A 472 -9.88 38.26 -36.29
N THR A 473 -10.11 38.85 -35.09
CA THR A 473 -9.19 39.82 -34.46
C THR A 473 -8.60 39.18 -33.20
N ALA A 474 -8.99 37.92 -32.92
CA ALA A 474 -8.53 37.10 -31.81
C ALA A 474 -8.70 35.63 -32.16
N LEU A 475 -7.98 34.76 -31.47
CA LEU A 475 -8.19 33.33 -31.66
C LEU A 475 -9.24 32.88 -30.64
N PRO A 476 -10.25 32.07 -31.05
CA PRO A 476 -11.19 31.53 -30.06
C PRO A 476 -10.48 30.53 -29.13
N ASP A 477 -11.15 30.17 -28.03
CA ASP A 477 -10.60 29.24 -27.05
C ASP A 477 -10.49 27.85 -27.68
N ALA A 478 -9.29 27.49 -28.16
CA ALA A 478 -9.00 26.23 -28.87
C ALA A 478 -9.32 24.96 -28.06
N ILE A 479 -9.27 25.05 -26.72
CA ILE A 479 -9.55 23.93 -25.81
C ILE A 479 -11.00 23.45 -25.93
N GLN A 480 -11.97 24.37 -26.21
CA GLN A 480 -13.41 24.09 -26.26
C GLN A 480 -13.79 23.02 -27.28
N LYS A 481 -12.92 22.76 -28.30
CA LYS A 481 -13.08 21.67 -29.29
C LYS A 481 -13.18 20.32 -28.58
N TRP A 482 -12.45 20.17 -27.45
CA TRP A 482 -12.39 18.93 -26.68
C TRP A 482 -13.18 19.04 -25.35
N ASN A 483 -13.98 20.10 -25.17
CA ASN A 483 -14.75 20.33 -23.95
C ASN A 483 -16.27 20.26 -24.22
N LYS A 484 -16.72 19.19 -24.93
CA LYS A 484 -18.10 18.85 -25.31
C LYS A 484 -18.35 19.26 -26.78
N HIS B 11 -24.96 -15.85 -22.22
CA HIS B 11 -24.32 -17.14 -21.95
C HIS B 11 -25.27 -18.32 -22.28
N HIS B 12 -24.71 -19.40 -22.88
CA HIS B 12 -25.47 -20.59 -23.27
C HIS B 12 -24.56 -21.82 -23.37
N GLU B 13 -25.09 -22.98 -22.95
CA GLU B 13 -24.43 -24.31 -22.97
C GLU B 13 -25.37 -25.34 -23.64
N ASN B 14 -24.82 -26.43 -24.21
CA ASN B 14 -25.58 -27.49 -24.89
C ASN B 14 -26.38 -28.41 -23.93
N LEU B 15 -26.24 -28.25 -22.59
CA LEU B 15 -26.98 -29.07 -21.62
C LEU B 15 -28.06 -28.24 -20.91
N LYS B 21 -31.68 -22.03 -5.10
CA LYS B 21 -31.17 -23.28 -5.70
C LYS B 21 -29.63 -23.33 -5.58
N THR B 22 -28.89 -23.06 -6.68
CA THR B 22 -27.42 -23.04 -6.66
C THR B 22 -26.99 -21.87 -5.78
N TYR B 23 -26.04 -22.11 -4.86
CA TYR B 23 -25.51 -21.05 -4.01
C TYR B 23 -24.55 -20.18 -4.82
N ILE B 24 -24.81 -18.88 -4.83
CA ILE B 24 -23.98 -17.91 -5.55
C ILE B 24 -23.29 -17.06 -4.48
N PRO B 25 -21.99 -17.32 -4.17
CA PRO B 25 -21.32 -16.59 -3.08
C PRO B 25 -21.39 -15.07 -3.19
N TRP B 26 -21.11 -14.48 -4.38
CA TRP B 26 -21.06 -13.03 -4.58
C TRP B 26 -22.45 -12.35 -4.47
N LYS B 27 -23.54 -13.10 -4.20
CA LYS B 27 -24.84 -12.46 -3.90
C LYS B 27 -24.68 -11.71 -2.55
N ASN B 28 -23.70 -12.14 -1.74
CA ASN B 28 -23.35 -11.55 -0.44
C ASN B 28 -22.41 -10.34 -0.60
N GLY B 29 -22.01 -10.04 -1.83
CA GLY B 29 -21.09 -8.95 -2.18
C GLY B 29 -19.69 -9.42 -2.51
N LYS B 30 -18.80 -8.45 -2.76
CA LYS B 30 -17.38 -8.70 -3.09
C LYS B 30 -16.66 -9.45 -1.97
N LEU B 31 -15.58 -10.15 -2.30
CA LEU B 31 -14.68 -10.73 -1.31
C LEU B 31 -13.86 -9.61 -0.68
N VAL B 32 -13.69 -9.70 0.64
CA VAL B 32 -12.92 -8.72 1.41
C VAL B 32 -12.17 -9.50 2.50
N VAL B 33 -10.99 -9.01 2.87
CA VAL B 33 -10.21 -9.57 3.96
C VAL B 33 -10.91 -9.15 5.27
N SER B 34 -11.24 -10.13 6.11
CA SER B 34 -11.92 -9.91 7.40
C SER B 34 -11.03 -9.06 8.35
N GLU B 35 -11.66 -8.37 9.33
CA GLU B 35 -10.98 -7.42 10.23
C GLU B 35 -9.78 -8.03 11.01
N GLU B 36 -9.85 -9.31 11.43
CA GLU B 36 -8.75 -9.94 12.19
C GLU B 36 -7.55 -10.30 11.26
N GLY B 37 -7.71 -10.12 9.95
CA GLY B 37 -6.63 -10.33 8.97
C GLY B 37 -6.27 -11.78 8.69
N ARG B 38 -7.20 -12.72 8.99
CA ARG B 38 -6.91 -14.15 8.78
C ARG B 38 -7.80 -14.79 7.75
N TYR B 39 -9.04 -14.30 7.61
CA TYR B 39 -10.02 -14.94 6.74
C TYR B 39 -10.60 -14.03 5.70
N LEU B 40 -11.28 -14.67 4.71
CA LEU B 40 -12.01 -13.97 3.67
C LEU B 40 -13.47 -14.01 4.02
N LYS B 41 -14.13 -12.91 3.74
CA LYS B 41 -15.58 -12.77 3.94
C LYS B 41 -16.18 -12.05 2.73
N HIS B 42 -17.50 -12.03 2.66
CA HIS B 42 -18.18 -11.23 1.67
C HIS B 42 -18.44 -9.87 2.34
N GLU B 43 -18.74 -8.81 1.58
CA GLU B 43 -19.00 -7.46 2.12
C GLU B 43 -20.07 -7.48 3.24
N ASN B 44 -21.08 -8.35 3.14
CA ASN B 44 -22.16 -8.38 4.14
C ASN B 44 -21.78 -9.21 5.40
N GLY B 45 -20.54 -9.70 5.47
CA GLY B 45 -20.01 -10.43 6.61
C GLY B 45 -20.06 -11.94 6.55
N VAL B 46 -20.70 -12.50 5.51
CA VAL B 46 -20.82 -13.96 5.35
C VAL B 46 -19.43 -14.54 5.07
N PRO B 47 -19.03 -15.63 5.79
CA PRO B 47 -17.72 -16.23 5.53
C PRO B 47 -17.55 -16.75 4.11
N PHE B 48 -16.30 -16.76 3.62
CA PHE B 48 -15.99 -17.42 2.36
C PHE B 48 -14.91 -18.43 2.61
N PHE B 49 -15.29 -19.70 2.77
CA PHE B 49 -14.30 -20.75 2.93
C PHE B 49 -13.89 -21.17 1.55
N TRP B 50 -12.69 -20.76 1.14
CA TRP B 50 -12.15 -21.05 -0.19
C TRP B 50 -11.85 -22.53 -0.30
N LEU B 51 -12.50 -23.23 -1.24
CA LEU B 51 -12.17 -24.62 -1.52
C LEU B 51 -11.83 -24.68 -3.00
N GLY B 52 -10.55 -24.76 -3.28
CA GLY B 52 -10.03 -24.63 -4.62
C GLY B 52 -9.70 -25.90 -5.35
N GLU B 53 -9.95 -25.88 -6.67
CA GLU B 53 -9.62 -26.97 -7.60
C GLU B 53 -8.64 -26.37 -8.61
N THR B 54 -7.72 -27.19 -9.12
CA THR B 54 -6.66 -26.72 -10.01
C THR B 54 -6.92 -27.20 -11.44
N GLY B 55 -7.42 -26.28 -12.29
CA GLY B 55 -7.69 -26.61 -13.68
C GLY B 55 -6.76 -25.83 -14.59
N TRP B 56 -5.44 -25.90 -14.34
CA TRP B 56 -4.46 -25.06 -15.07
C TRP B 56 -4.67 -24.94 -16.58
N LEU B 57 -4.77 -26.05 -17.33
CA LEU B 57 -4.82 -25.96 -18.79
C LEU B 57 -6.21 -25.98 -19.38
N MSE B 58 -7.26 -25.69 -18.55
CA MSE B 58 -8.62 -25.65 -19.07
C MSE B 58 -8.76 -24.59 -20.23
O MSE B 58 -9.38 -24.94 -21.26
CB MSE B 58 -9.65 -25.38 -17.95
CG MSE B 58 -10.98 -24.82 -18.46
SE MSE B 58 -12.46 -24.93 -17.25
CE MSE B 58 -11.77 -23.93 -15.79
N PRO B 59 -8.24 -23.34 -20.16
CA PRO B 59 -8.45 -22.41 -21.30
C PRO B 59 -7.82 -22.88 -22.60
N GLN B 60 -6.73 -23.67 -22.53
CA GLN B 60 -6.03 -24.14 -23.74
C GLN B 60 -6.53 -25.50 -24.23
N ARG B 61 -7.04 -26.36 -23.34
CA ARG B 61 -7.37 -27.75 -23.74
C ARG B 61 -8.83 -28.13 -23.76
N LEU B 62 -9.69 -27.48 -22.95
CA LEU B 62 -11.08 -27.93 -22.94
C LEU B 62 -11.97 -27.15 -23.90
N ASN B 63 -12.90 -27.87 -24.58
CA ASN B 63 -13.85 -27.19 -25.47
C ASN B 63 -15.07 -26.78 -24.61
N ARG B 64 -16.09 -26.16 -25.22
CA ARG B 64 -17.25 -25.67 -24.45
C ARG B 64 -17.98 -26.77 -23.71
N ASP B 65 -18.13 -27.94 -24.34
CA ASP B 65 -18.86 -29.08 -23.75
C ASP B 65 -18.12 -29.68 -22.55
N GLU B 66 -16.78 -29.68 -22.61
CA GLU B 66 -15.90 -30.23 -21.56
C GLU B 66 -15.83 -29.27 -20.37
N VAL B 67 -15.82 -27.97 -20.64
CA VAL B 67 -15.81 -26.92 -19.60
C VAL B 67 -17.05 -27.12 -18.73
N SER B 68 -18.21 -27.33 -19.35
CA SER B 68 -19.48 -27.52 -18.63
C SER B 68 -19.40 -28.73 -17.69
N TYR B 69 -18.92 -29.87 -18.20
CA TYR B 69 -18.77 -31.12 -17.46
C TYR B 69 -17.81 -30.95 -16.28
N TYR B 70 -16.61 -30.43 -16.53
CA TYR B 70 -15.62 -30.25 -15.47
C TYR B 70 -16.15 -29.33 -14.34
N LEU B 71 -16.74 -28.19 -14.71
CA LEU B 71 -17.27 -27.24 -13.74
C LEU B 71 -18.48 -27.82 -13.02
N ASN B 72 -19.29 -28.70 -13.70
CA ASN B 72 -20.39 -29.41 -12.99
C ASN B 72 -19.82 -30.30 -11.88
N LYS B 73 -18.75 -31.06 -12.20
CA LYS B 73 -18.13 -31.97 -11.25
C LYS B 73 -17.48 -31.21 -10.11
N CYS B 74 -16.83 -30.07 -10.39
CA CYS B 74 -16.25 -29.21 -9.36
C CYS B 74 -17.34 -28.71 -8.41
N LYS B 75 -18.44 -28.18 -8.97
CA LYS B 75 -19.54 -27.67 -8.14
C LYS B 75 -20.10 -28.79 -7.23
N ASP B 76 -20.35 -29.98 -7.81
CA ASP B 76 -20.93 -31.11 -7.08
C ASP B 76 -20.01 -31.63 -5.99
N ALA B 77 -18.68 -31.44 -6.14
CA ALA B 77 -17.71 -31.86 -5.14
C ALA B 77 -17.41 -30.71 -4.10
N GLY B 78 -18.18 -29.62 -4.14
CA GLY B 78 -18.09 -28.52 -3.18
C GLY B 78 -17.06 -27.42 -3.45
N TYR B 79 -16.32 -27.47 -4.58
CA TYR B 79 -15.33 -26.44 -4.91
C TYR B 79 -16.03 -25.13 -5.29
N ASN B 80 -15.46 -23.99 -4.86
CA ASN B 80 -16.04 -22.67 -5.15
C ASN B 80 -14.99 -21.78 -5.79
N MSE B 81 -13.82 -22.35 -6.09
CA MSE B 81 -12.72 -21.64 -6.73
C MSE B 81 -12.01 -22.62 -7.66
O MSE B 81 -11.58 -23.65 -7.22
CB MSE B 81 -11.77 -21.05 -5.64
CG MSE B 81 -10.80 -19.91 -6.15
SE MSE B 81 -9.40 -20.38 -7.48
CE MSE B 81 -8.47 -21.84 -6.52
N VAL B 82 -11.92 -22.28 -8.96
CA VAL B 82 -11.19 -23.11 -9.94
C VAL B 82 -10.12 -22.20 -10.54
N GLN B 83 -8.86 -22.55 -10.38
CA GLN B 83 -7.78 -21.71 -10.90
C GLN B 83 -7.24 -22.24 -12.25
N VAL B 84 -6.90 -21.32 -13.14
CA VAL B 84 -6.45 -21.59 -14.51
C VAL B 84 -5.20 -20.80 -14.84
N GLN B 85 -4.47 -21.26 -15.85
CA GLN B 85 -3.38 -20.49 -16.45
C GLN B 85 -4.05 -19.77 -17.61
N VAL B 86 -4.27 -18.47 -17.50
CA VAL B 86 -4.94 -17.68 -18.55
C VAL B 86 -4.09 -17.75 -19.83
N LEU B 87 -2.76 -17.63 -19.65
CA LEU B 87 -1.74 -17.81 -20.68
C LEU B 87 -0.69 -18.77 -20.14
N ASN B 88 -0.31 -19.78 -20.95
CA ASN B 88 0.77 -20.71 -20.59
C ASN B 88 1.97 -20.46 -21.54
N GLY B 89 1.81 -19.50 -22.45
CA GLY B 89 2.84 -19.15 -23.42
C GLY B 89 2.54 -17.83 -24.11
N VAL B 90 3.52 -17.32 -24.87
CA VAL B 90 3.37 -16.10 -25.65
C VAL B 90 3.62 -16.42 -27.12
N PRO B 91 2.56 -16.55 -27.97
CA PRO B 91 1.13 -16.57 -27.60
C PRO B 91 0.72 -17.95 -27.07
N SER B 92 -0.50 -18.05 -26.58
CA SER B 92 -1.12 -19.31 -26.20
C SER B 92 -2.08 -19.68 -27.32
N MSE B 93 -2.47 -20.96 -27.37
CA MSE B 93 -3.42 -21.51 -28.35
C MSE B 93 -4.47 -22.33 -27.61
O MSE B 93 -4.15 -23.01 -26.64
CB MSE B 93 -2.67 -22.39 -29.37
CG MSE B 93 -3.57 -22.98 -30.46
SE MSE B 93 -3.77 -21.73 -31.90
CE MSE B 93 -1.91 -21.97 -32.60
N ASN B 94 -5.75 -22.24 -28.05
CA ASN B 94 -6.79 -23.03 -27.40
C ASN B 94 -7.17 -24.22 -28.33
N ILE B 95 -8.07 -25.09 -27.87
CA ILE B 95 -8.50 -26.31 -28.55
C ILE B 95 -9.20 -26.01 -29.89
N TYR B 96 -9.75 -24.79 -30.07
CA TYR B 96 -10.41 -24.44 -31.32
C TYR B 96 -9.41 -23.93 -32.39
N GLY B 97 -8.13 -23.87 -32.05
CA GLY B 97 -7.10 -23.37 -32.97
C GLY B 97 -7.11 -21.86 -33.05
N GLN B 98 -7.43 -21.19 -31.91
CA GLN B 98 -7.44 -19.73 -31.82
C GLN B 98 -6.23 -19.24 -31.03
N TYR B 99 -5.50 -18.24 -31.56
CA TYR B 99 -4.36 -17.61 -30.86
C TYR B 99 -4.85 -16.65 -29.78
N SER B 100 -4.13 -16.55 -28.65
CA SER B 100 -4.46 -15.56 -27.60
C SER B 100 -4.07 -14.15 -28.03
N MSE B 101 -3.07 -14.02 -28.91
CA MSE B 101 -2.56 -12.75 -29.40
C MSE B 101 -2.12 -12.89 -30.84
O MSE B 101 -1.47 -13.88 -31.20
CB MSE B 101 -1.37 -12.26 -28.55
CG MSE B 101 -1.80 -11.58 -27.24
SE MSE B 101 -1.67 -12.73 -25.68
CE MSE B 101 0.28 -12.79 -25.63
N THR B 102 -2.47 -11.87 -31.63
CA THR B 102 -2.14 -11.77 -33.05
CA THR B 102 -2.17 -11.74 -33.06
C THR B 102 -1.03 -10.73 -33.28
N ASP B 103 -0.99 -9.67 -32.45
CA ASP B 103 0.02 -8.61 -32.56
C ASP B 103 0.69 -8.34 -31.20
N GLY B 104 1.35 -9.38 -30.67
CA GLY B 104 2.02 -9.33 -29.37
C GLY B 104 1.10 -8.86 -28.28
N PHE B 105 1.56 -7.93 -27.41
CA PHE B 105 0.70 -7.42 -26.33
C PHE B 105 -0.08 -6.12 -26.74
N ASN B 106 -0.44 -6.00 -28.04
CA ASN B 106 -1.32 -4.95 -28.54
C ASN B 106 -2.70 -5.61 -28.69
N PHE B 107 -3.65 -5.19 -27.83
CA PHE B 107 -4.98 -5.81 -27.77
C PHE B 107 -6.09 -4.98 -28.41
N LYS B 108 -5.75 -3.88 -29.11
CA LYS B 108 -6.71 -2.99 -29.78
C LYS B 108 -7.68 -3.74 -30.70
N ASP B 109 -7.18 -4.68 -31.54
CA ASP B 109 -8.05 -5.38 -32.49
C ASP B 109 -8.23 -6.86 -32.13
N ILE B 110 -8.21 -7.19 -30.80
CA ILE B 110 -8.33 -8.57 -30.35
C ILE B 110 -9.74 -9.11 -30.65
N ASN B 111 -10.79 -8.30 -30.50
CA ASN B 111 -12.15 -8.74 -30.74
C ASN B 111 -12.48 -8.62 -32.22
N ARG B 112 -12.87 -9.74 -32.84
CA ARG B 112 -13.27 -9.78 -34.24
C ARG B 112 -14.72 -10.24 -34.30
N LYS B 113 -15.63 -9.41 -34.88
CA LYS B 113 -17.06 -9.73 -34.92
C LYS B 113 -17.28 -11.03 -35.72
N GLY B 114 -18.15 -11.87 -35.18
CA GLY B 114 -18.44 -13.18 -35.76
C GLY B 114 -17.38 -14.25 -35.59
N ILE B 115 -16.31 -13.97 -34.82
CA ILE B 115 -15.25 -14.96 -34.55
C ILE B 115 -15.25 -15.29 -33.07
N TYR B 116 -15.33 -16.59 -32.74
CA TYR B 116 -15.23 -17.06 -31.38
C TYR B 116 -13.75 -17.19 -31.07
N GLY B 117 -13.15 -16.09 -30.57
CA GLY B 117 -11.73 -15.99 -30.28
C GLY B 117 -11.31 -16.70 -29.00
N TYR B 118 -9.99 -16.70 -28.74
CA TYR B 118 -9.40 -17.27 -27.51
C TYR B 118 -10.03 -16.61 -26.26
N TRP B 119 -10.19 -15.28 -26.28
CA TRP B 119 -10.70 -14.53 -25.14
C TRP B 119 -12.24 -14.67 -25.03
N ASP B 120 -12.93 -14.97 -26.14
CA ASP B 120 -14.37 -15.26 -26.06
C ASP B 120 -14.57 -16.61 -25.37
N HIS B 121 -13.62 -17.56 -25.55
CA HIS B 121 -13.68 -18.86 -24.87
C HIS B 121 -13.33 -18.66 -23.38
N MSE B 122 -12.35 -17.76 -23.09
CA MSE B 122 -12.00 -17.38 -21.73
C MSE B 122 -13.25 -16.78 -21.04
O MSE B 122 -13.57 -17.17 -19.91
CB MSE B 122 -10.80 -16.39 -21.71
CG MSE B 122 -10.24 -16.12 -20.29
SE MSE B 122 -9.42 -17.72 -19.48
CE MSE B 122 -10.77 -18.16 -18.14
N ASP B 123 -14.01 -15.90 -21.75
CA ASP B 123 -15.25 -15.31 -21.24
C ASP B 123 -16.26 -16.41 -20.87
N TYR B 124 -16.44 -17.39 -21.78
CA TYR B 124 -17.38 -18.50 -21.61
C TYR B 124 -17.03 -19.34 -20.36
N ILE B 125 -15.75 -19.60 -20.13
CA ILE B 125 -15.30 -20.34 -18.94
C ILE B 125 -15.75 -19.58 -17.66
N ILE B 126 -15.50 -18.24 -17.60
CA ILE B 126 -15.85 -17.41 -16.45
C ILE B 126 -17.39 -17.38 -16.26
N LYS B 127 -18.18 -17.21 -17.33
CA LYS B 127 -19.66 -17.23 -17.27
C LYS B 127 -20.18 -18.60 -16.84
N SER B 128 -19.53 -19.69 -17.32
CA SER B 128 -19.89 -21.06 -16.95
C SER B 128 -19.62 -21.27 -15.45
N ALA B 129 -18.48 -20.81 -14.94
CA ALA B 129 -18.19 -20.90 -13.51
C ALA B 129 -19.20 -20.04 -12.71
N ALA B 130 -19.56 -18.85 -13.24
CA ALA B 130 -20.49 -17.92 -12.56
C ALA B 130 -21.87 -18.56 -12.32
N SER B 131 -22.39 -19.29 -13.30
CA SER B 131 -23.70 -19.92 -13.13
C SER B 131 -23.66 -21.09 -12.11
N ARG B 132 -22.45 -21.53 -11.74
CA ARG B 132 -22.25 -22.63 -10.80
C ARG B 132 -21.72 -22.13 -9.42
N GLY B 133 -21.67 -20.81 -9.22
CA GLY B 133 -21.20 -20.22 -7.98
C GLY B 133 -19.72 -20.45 -7.72
N ILE B 134 -18.92 -20.50 -8.78
CA ILE B 134 -17.47 -20.71 -8.72
C ILE B 134 -16.68 -19.47 -9.18
N TYR B 135 -15.68 -19.07 -8.38
CA TYR B 135 -14.72 -18.02 -8.72
C TYR B 135 -13.65 -18.60 -9.63
N ILE B 136 -13.19 -17.84 -10.61
CA ILE B 136 -12.05 -18.28 -11.40
C ILE B 136 -10.81 -17.56 -10.85
N GLY B 137 -9.81 -18.36 -10.48
CA GLY B 137 -8.50 -17.91 -10.05
C GLY B 137 -7.73 -17.68 -11.33
N MSE B 138 -7.51 -16.42 -11.68
CA MSE B 138 -6.92 -16.04 -12.95
C MSE B 138 -5.41 -15.89 -12.84
O MSE B 138 -4.93 -14.82 -12.45
CB MSE B 138 -7.53 -14.71 -13.46
CG MSE B 138 -9.04 -14.77 -13.73
SE MSE B 138 -9.49 -15.67 -15.42
CE MSE B 138 -9.16 -14.15 -16.67
N VAL B 139 -4.64 -16.96 -13.22
CA VAL B 139 -3.17 -16.82 -13.25
C VAL B 139 -2.91 -16.16 -14.60
N CYS B 140 -2.79 -14.82 -14.61
CA CYS B 140 -2.65 -13.97 -15.79
C CYS B 140 -1.69 -14.60 -16.83
N ILE B 141 -0.51 -15.01 -16.37
CA ILE B 141 0.49 -15.61 -17.25
C ILE B 141 1.44 -16.43 -16.40
N TRP B 142 1.65 -17.69 -16.78
CA TRP B 142 2.52 -18.60 -16.05
C TRP B 142 3.94 -18.05 -16.05
N GLY B 143 4.71 -18.36 -15.01
CA GLY B 143 6.06 -17.84 -14.85
C GLY B 143 7.03 -18.14 -15.99
N THR B 144 6.97 -19.35 -16.57
CA THR B 144 7.91 -19.78 -17.63
C THR B 144 8.07 -18.74 -18.78
N PRO B 145 7.04 -18.30 -19.56
CA PRO B 145 7.29 -17.32 -20.64
C PRO B 145 7.85 -16.00 -20.11
N VAL B 146 7.46 -15.59 -18.87
CA VAL B 146 7.94 -14.33 -18.26
C VAL B 146 9.42 -14.47 -17.95
N GLU B 147 9.84 -15.62 -17.37
CA GLU B 147 11.24 -15.92 -17.06
C GLU B 147 12.11 -15.95 -18.37
N GLN B 148 11.48 -16.36 -19.50
CA GLN B 148 12.13 -16.42 -20.81
C GLN B 148 12.17 -15.04 -21.52
N GLY B 149 11.67 -14.00 -20.85
CA GLY B 149 11.69 -12.63 -21.33
C GLY B 149 10.62 -12.28 -22.36
N LEU B 150 9.55 -13.08 -22.44
CA LEU B 150 8.50 -12.89 -23.45
C LEU B 150 7.44 -11.86 -23.03
N MSE B 151 7.54 -11.30 -21.82
CA MSE B 151 6.64 -10.22 -21.41
C MSE B 151 7.43 -9.22 -20.56
O MSE B 151 7.70 -9.50 -19.39
CB MSE B 151 5.40 -10.75 -20.66
CG MSE B 151 4.36 -9.63 -20.46
SE MSE B 151 2.80 -10.13 -19.46
CE MSE B 151 3.54 -10.26 -17.70
N ASN B 152 7.80 -8.08 -21.14
CA ASN B 152 8.55 -7.06 -20.43
C ASN B 152 7.58 -6.17 -19.63
N GLU B 153 8.09 -5.14 -18.95
CA GLU B 153 7.27 -4.21 -18.15
C GLU B 153 6.20 -3.46 -18.96
N LYS B 154 6.54 -2.96 -20.18
CA LYS B 154 5.54 -2.23 -21.00
CA LYS B 154 5.54 -2.22 -20.98
C LYS B 154 4.46 -3.17 -21.47
N GLU B 155 4.85 -4.39 -21.86
CA GLU B 155 3.87 -5.41 -22.29
C GLU B 155 2.97 -5.81 -21.12
N ALA B 156 3.57 -5.88 -19.89
CA ALA B 156 2.85 -6.25 -18.66
C ALA B 156 1.77 -5.22 -18.32
N VAL B 157 2.06 -3.92 -18.50
CA VAL B 157 1.13 -2.80 -18.25
C VAL B 157 -0.04 -2.94 -19.24
N ALA B 158 0.26 -3.21 -20.53
CA ALA B 158 -0.74 -3.36 -21.59
C ALA B 158 -1.61 -4.56 -21.33
N TYR B 159 -1.00 -5.70 -20.90
CA TYR B 159 -1.74 -6.91 -20.61
C TYR B 159 -2.69 -6.68 -19.42
N GLY B 160 -2.18 -6.03 -18.37
CA GLY B 160 -2.95 -5.70 -17.18
C GLY B 160 -4.15 -4.83 -17.50
N LYS B 161 -3.97 -3.81 -18.38
CA LYS B 161 -5.08 -2.93 -18.79
C LYS B 161 -6.15 -3.75 -19.57
N PHE B 162 -5.70 -4.62 -20.47
CA PHE B 162 -6.59 -5.46 -21.25
C PHE B 162 -7.42 -6.35 -20.31
N LEU B 163 -6.77 -7.06 -19.39
CA LEU B 163 -7.46 -7.99 -18.47
C LEU B 163 -8.43 -7.27 -17.56
N ALA B 164 -7.99 -6.17 -16.92
CA ALA B 164 -8.83 -5.40 -16.00
C ALA B 164 -10.07 -4.82 -16.70
N GLU B 165 -9.94 -4.26 -17.91
CA GLU B 165 -11.07 -3.67 -18.62
CA GLU B 165 -11.07 -3.67 -18.62
C GLU B 165 -12.03 -4.77 -19.09
N ARG B 166 -11.51 -5.92 -19.49
CA ARG B 166 -12.39 -6.99 -19.94
C ARG B 166 -13.14 -7.65 -18.77
N TYR B 167 -12.47 -7.81 -17.60
CA TYR B 167 -13.06 -8.62 -16.53
C TYR B 167 -13.43 -7.92 -15.23
N LYS B 168 -13.21 -6.60 -15.11
CA LYS B 168 -13.57 -5.89 -13.86
C LYS B 168 -15.07 -6.09 -13.49
N ASP B 169 -15.99 -6.16 -14.48
CA ASP B 169 -17.41 -6.28 -14.19
C ASP B 169 -17.90 -7.75 -14.09
N GLU B 170 -16.99 -8.72 -14.25
CA GLU B 170 -17.31 -10.14 -14.00
C GLU B 170 -17.14 -10.37 -12.49
N PRO B 171 -18.18 -10.73 -11.71
CA PRO B 171 -18.00 -10.80 -10.24
C PRO B 171 -17.07 -11.92 -9.74
N ASN B 172 -17.03 -13.07 -10.44
CA ASN B 172 -16.36 -14.27 -9.95
C ASN B 172 -14.87 -14.40 -10.39
N ILE B 173 -14.05 -13.40 -10.05
CA ILE B 173 -12.63 -13.32 -10.40
C ILE B 173 -11.77 -13.10 -9.18
N ILE B 174 -10.62 -13.80 -9.14
CA ILE B 174 -9.54 -13.61 -8.18
C ILE B 174 -8.26 -13.49 -9.02
N TRP B 175 -7.57 -12.35 -8.94
CA TRP B 175 -6.35 -12.15 -9.74
C TRP B 175 -5.14 -12.85 -9.13
N MSE B 176 -4.43 -13.64 -9.94
CA MSE B 176 -3.24 -14.32 -9.45
C MSE B 176 -2.02 -13.91 -10.28
O MSE B 176 -1.88 -14.29 -11.45
CB MSE B 176 -3.42 -15.85 -9.46
CG MSE B 176 -4.50 -16.32 -8.51
SE MSE B 176 -4.72 -18.20 -8.63
CE MSE B 176 -5.88 -18.38 -7.14
N ILE B 177 -1.17 -13.10 -9.66
CA ILE B 177 0.08 -12.65 -10.27
C ILE B 177 1.09 -13.83 -10.10
N GLY B 178 2.12 -13.89 -10.92
CA GLY B 178 3.11 -14.95 -10.82
C GLY B 178 2.66 -16.25 -11.48
N GLY B 179 3.03 -17.37 -10.88
CA GLY B 179 2.72 -18.69 -11.42
C GLY B 179 3.94 -19.57 -11.41
N ASP B 180 4.16 -20.24 -10.26
CA ASP B 180 5.27 -21.15 -9.97
C ASP B 180 6.62 -20.46 -10.20
N ILE B 181 6.75 -19.26 -9.67
CA ILE B 181 7.96 -18.46 -9.84
C ILE B 181 8.25 -17.71 -8.53
N ARG B 182 9.53 -17.56 -8.21
CA ARG B 182 9.95 -16.77 -7.05
C ARG B 182 9.60 -15.31 -7.28
N GLY B 183 9.24 -14.61 -6.21
CA GLY B 183 8.87 -13.19 -6.28
C GLY B 183 10.05 -12.29 -6.61
N ASP B 184 11.29 -12.80 -6.42
CA ASP B 184 12.50 -12.04 -6.73
C ASP B 184 12.99 -12.34 -8.18
N ASN B 185 12.18 -13.06 -8.96
CA ASN B 185 12.50 -13.41 -10.35
C ASN B 185 11.55 -12.61 -11.25
N LYS B 186 12.11 -11.62 -11.99
CA LYS B 186 11.35 -10.69 -12.89
C LYS B 186 10.31 -9.87 -12.08
N THR B 187 10.70 -9.46 -10.85
CA THR B 187 9.87 -8.68 -9.91
C THR B 187 9.22 -7.45 -10.59
N GLU B 188 10.01 -6.72 -11.40
CA GLU B 188 9.60 -5.51 -12.09
C GLU B 188 8.42 -5.81 -13.01
N VAL B 189 8.46 -6.95 -13.71
CA VAL B 189 7.36 -7.35 -14.61
C VAL B 189 6.09 -7.65 -13.77
N TRP B 190 6.24 -8.43 -12.68
CA TRP B 190 5.09 -8.78 -11.81
C TRP B 190 4.49 -7.53 -11.15
N ASP B 191 5.35 -6.58 -10.71
CA ASP B 191 4.85 -5.31 -10.14
C ASP B 191 4.08 -4.50 -11.21
N ALA B 192 4.56 -4.51 -12.47
CA ALA B 192 3.90 -3.75 -13.55
C ALA B 192 2.54 -4.33 -13.85
N LEU B 193 2.46 -5.65 -13.96
CA LEU B 193 1.20 -6.34 -14.22
C LEU B 193 0.20 -6.09 -13.10
N ALA B 194 0.63 -6.35 -11.82
CA ALA B 194 -0.23 -6.22 -10.64
C ALA B 194 -0.79 -4.78 -10.51
N ASN B 195 0.10 -3.77 -10.55
CA ASN B 195 -0.32 -2.38 -10.43
C ASN B 195 -1.15 -1.89 -11.62
N SER B 196 -0.91 -2.44 -12.84
CA SER B 196 -1.75 -2.04 -13.99
C SER B 196 -3.19 -2.53 -13.79
N ILE B 197 -3.38 -3.80 -13.40
CA ILE B 197 -4.73 -4.35 -13.13
C ILE B 197 -5.40 -3.60 -11.99
N ARG B 198 -4.66 -3.43 -10.87
CA ARG B 198 -5.10 -2.82 -9.62
C ARG B 198 -5.53 -1.37 -9.80
N SER B 199 -4.93 -0.63 -10.78
CA SER B 199 -5.30 0.75 -11.04
C SER B 199 -6.71 0.85 -11.60
N ILE B 200 -7.20 -0.22 -12.26
CA ILE B 200 -8.51 -0.22 -12.93
C ILE B 200 -9.52 -1.05 -12.14
N ASP B 201 -9.13 -2.24 -11.72
CA ASP B 201 -10.01 -3.18 -11.03
C ASP B 201 -9.83 -3.12 -9.51
N LYS B 202 -10.75 -2.43 -8.83
CA LYS B 202 -10.72 -2.34 -7.39
C LYS B 202 -11.89 -3.15 -6.78
N GLY B 203 -12.46 -4.07 -7.57
CA GLY B 203 -13.57 -4.91 -7.14
C GLY B 203 -13.26 -6.39 -6.93
N HIS B 204 -11.97 -6.79 -7.12
CA HIS B 204 -11.52 -8.19 -6.97
C HIS B 204 -10.25 -8.25 -6.12
N LEU B 205 -10.08 -9.35 -5.40
CA LEU B 205 -8.86 -9.54 -4.61
C LEU B 205 -7.73 -10.02 -5.53
N MSE B 206 -6.50 -9.79 -5.08
CA MSE B 206 -5.29 -10.10 -5.84
C MSE B 206 -4.25 -10.77 -4.95
O MSE B 206 -4.06 -10.39 -3.78
CB MSE B 206 -4.72 -8.79 -6.41
CG MSE B 206 -3.49 -9.03 -7.35
SE MSE B 206 -2.98 -7.40 -8.23
CE MSE B 206 -4.50 -7.28 -9.33
N THR B 207 -3.54 -11.73 -5.53
CA THR B 207 -2.48 -12.43 -4.80
C THR B 207 -1.34 -12.81 -5.75
N PHE B 208 -0.41 -13.63 -5.27
CA PHE B 208 0.75 -14.08 -6.05
C PHE B 208 0.96 -15.56 -5.85
N HIS B 209 1.11 -16.33 -6.95
CA HIS B 209 1.35 -17.79 -6.93
C HIS B 209 2.87 -18.02 -7.00
N PRO B 210 3.49 -18.55 -5.94
CA PRO B 210 4.96 -18.63 -5.92
C PRO B 210 5.50 -20.03 -6.30
N ARG B 211 6.82 -20.14 -6.33
CA ARG B 211 7.57 -21.37 -6.62
C ARG B 211 7.37 -22.39 -5.49
N GLY B 212 7.60 -23.67 -5.79
CA GLY B 212 7.54 -24.73 -4.79
C GLY B 212 8.44 -24.46 -3.60
N ARG B 213 7.94 -24.75 -2.39
CA ARG B 213 8.63 -24.55 -1.10
C ARG B 213 8.82 -23.05 -0.77
N THR B 214 8.01 -22.18 -1.37
CA THR B 214 8.11 -20.73 -1.06
C THR B 214 6.71 -20.19 -0.82
N THR B 215 6.65 -19.04 -0.15
CA THR B 215 5.43 -18.32 0.14
C THR B 215 5.55 -16.90 -0.45
N SER B 216 4.43 -16.39 -0.95
CA SER B 216 4.38 -15.02 -1.48
C SER B 216 4.75 -13.98 -0.40
N ALA B 217 4.52 -14.31 0.90
CA ALA B 217 4.81 -13.45 2.07
C ALA B 217 6.30 -13.09 2.19
N THR B 218 7.18 -13.92 1.62
CA THR B 218 8.61 -13.65 1.63
C THR B 218 8.94 -12.36 0.89
N TRP B 219 8.20 -12.05 -0.20
CA TRP B 219 8.54 -10.89 -1.01
C TRP B 219 7.48 -9.80 -1.02
N PHE B 220 6.19 -10.18 -0.94
CA PHE B 220 5.13 -9.22 -1.19
C PHE B 220 4.16 -8.95 -0.05
N ASN B 221 4.52 -9.29 1.22
CA ASN B 221 3.59 -9.03 2.34
C ASN B 221 3.24 -7.53 2.49
N ASP B 222 4.16 -6.62 2.12
CA ASP B 222 3.91 -5.18 2.23
C ASP B 222 3.47 -4.53 0.89
N ARG B 223 3.17 -5.32 -0.13
CA ARG B 223 2.66 -4.74 -1.39
C ARG B 223 1.21 -4.35 -1.18
N GLU B 224 0.83 -3.11 -1.57
CA GLU B 224 -0.58 -2.68 -1.44
C GLU B 224 -1.46 -3.57 -2.32
N TRP B 225 -0.92 -4.03 -3.48
CA TRP B 225 -1.73 -4.83 -4.42
C TRP B 225 -2.05 -6.26 -3.94
N LEU B 226 -1.31 -6.76 -2.93
CA LEU B 226 -1.51 -8.16 -2.47
C LEU B 226 -2.46 -8.18 -1.27
N ASP B 227 -3.64 -8.80 -1.47
CA ASP B 227 -4.65 -8.84 -0.42
C ASP B 227 -4.41 -9.98 0.57
N PHE B 228 -3.87 -11.09 0.08
CA PHE B 228 -3.61 -12.28 0.89
C PHE B 228 -2.45 -13.05 0.27
N ASN B 229 -1.77 -13.86 1.08
CA ASN B 229 -0.62 -14.63 0.64
C ASN B 229 -1.00 -16.05 0.22
N MSE B 230 -0.19 -16.65 -0.65
CA MSE B 230 -0.34 -18.05 -1.05
C MSE B 230 1.00 -18.70 -1.03
O MSE B 230 2.02 -18.05 -1.33
CB MSE B 230 -0.96 -18.20 -2.46
CG MSE B 230 -2.32 -17.49 -2.64
SE MSE B 230 -3.36 -18.15 -4.14
CE MSE B 230 -2.05 -17.97 -5.54
N PHE B 231 1.04 -19.98 -0.71
CA PHE B 231 2.29 -20.72 -0.79
C PHE B 231 2.05 -21.98 -1.59
N GLN B 232 3.15 -22.59 -1.98
CA GLN B 232 3.12 -23.86 -2.71
C GLN B 232 3.94 -24.87 -1.89
N SER B 233 3.26 -25.80 -1.21
CA SER B 233 3.99 -26.79 -0.42
C SER B 233 4.39 -28.02 -1.26
N GLY B 234 3.71 -28.24 -2.40
CA GLY B 234 4.02 -29.36 -3.30
C GLY B 234 5.43 -29.23 -3.86
N HIS B 235 6.07 -30.34 -4.31
CA HIS B 235 5.56 -31.73 -4.38
C HIS B 235 6.63 -32.70 -3.90
N ARG B 236 7.65 -32.17 -3.21
CA ARG B 236 8.73 -33.01 -2.68
C ARG B 236 8.36 -33.65 -1.35
N ARG B 237 8.90 -34.87 -1.10
CA ARG B 237 8.71 -35.58 0.15
C ARG B 237 9.80 -35.21 1.13
N TYR B 238 9.69 -35.70 2.39
CA TYR B 238 10.73 -35.48 3.41
C TYR B 238 12.07 -35.96 2.87
N GLY B 239 13.11 -35.13 3.05
CA GLY B 239 14.49 -35.43 2.69
C GLY B 239 14.78 -35.53 1.21
N GLN B 240 14.00 -34.85 0.36
CA GLN B 240 14.23 -34.87 -1.09
C GLN B 240 14.90 -33.55 -1.59
N ARG B 241 15.96 -33.09 -0.89
CA ARG B 241 16.69 -31.88 -1.31
C ARG B 241 17.45 -32.14 -2.61
N ASN B 242 17.96 -33.40 -2.78
CA ASN B 242 18.67 -33.94 -3.94
C ASN B 242 19.85 -33.04 -4.41
N GLY B 243 20.63 -32.57 -3.43
CA GLY B 243 21.82 -31.74 -3.64
C GLY B 243 21.59 -30.32 -4.12
N ASP B 244 20.42 -29.72 -3.80
CA ASP B 244 20.10 -28.33 -4.20
C ASP B 244 20.90 -27.33 -3.34
N GLY B 245 21.47 -26.33 -4.02
CA GLY B 245 22.32 -25.29 -3.45
C GLY B 245 21.75 -24.39 -2.37
N ASP B 246 20.66 -23.65 -2.66
CA ASP B 246 20.08 -22.73 -1.68
C ASP B 246 18.59 -23.06 -1.41
N TYR B 247 18.36 -24.11 -0.59
CA TYR B 247 17.04 -24.62 -0.23
C TYR B 247 16.27 -23.55 0.58
N PRO B 248 15.02 -23.18 0.17
CA PRO B 248 14.31 -22.11 0.89
C PRO B 248 13.67 -22.55 2.21
N ILE B 249 13.83 -23.84 2.58
CA ILE B 249 13.28 -24.43 3.81
C ILE B 249 14.36 -25.28 4.52
N GLU B 250 14.14 -25.54 5.83
CA GLU B 250 14.95 -26.39 6.70
C GLU B 250 14.91 -27.84 6.16
N GLU B 251 16.05 -28.56 6.19
CA GLU B 251 16.10 -29.94 5.71
C GLU B 251 15.14 -30.86 6.47
N ASN B 252 14.53 -31.84 5.76
CA ASN B 252 13.64 -32.86 6.32
C ASN B 252 12.32 -32.27 6.88
N THR B 253 11.83 -31.14 6.31
CA THR B 253 10.56 -30.53 6.74
C THR B 253 9.59 -30.32 5.57
N GLU B 254 9.89 -30.92 4.39
CA GLU B 254 9.12 -30.74 3.14
C GLU B 254 7.64 -30.97 3.30
N GLU B 255 7.24 -32.01 4.03
CA GLU B 255 5.81 -32.36 4.14
C GLU B 255 5.10 -31.60 5.27
N ASP B 256 5.83 -30.78 6.05
CA ASP B 256 5.23 -30.00 7.13
C ASP B 256 4.70 -28.69 6.56
N ASN B 257 3.58 -28.74 5.79
CA ASN B 257 3.07 -27.52 5.12
C ASN B 257 2.51 -26.51 6.13
N TRP B 258 2.25 -26.96 7.37
CA TRP B 258 1.83 -26.07 8.47
C TRP B 258 2.96 -25.04 8.76
N ARG B 259 4.23 -25.39 8.48
CA ARG B 259 5.37 -24.47 8.68
C ARG B 259 5.28 -23.22 7.75
N PHE B 260 4.71 -23.36 6.52
CA PHE B 260 4.54 -22.21 5.61
C PHE B 260 3.48 -21.25 6.12
N VAL B 261 2.46 -21.77 6.81
CA VAL B 261 1.39 -20.96 7.40
C VAL B 261 2.01 -20.07 8.50
N GLU B 262 2.80 -20.68 9.39
CA GLU B 262 3.50 -19.98 10.47
C GLU B 262 4.43 -18.91 9.92
N ALA B 263 5.26 -19.28 8.93
CA ALA B 263 6.24 -18.38 8.29
C ALA B 263 5.54 -17.18 7.63
N SER B 264 4.38 -17.42 6.99
CA SER B 264 3.64 -16.35 6.31
C SER B 264 2.98 -15.40 7.30
N GLN B 265 2.52 -15.92 8.43
CA GLN B 265 1.78 -15.07 9.39
C GLN B 265 2.69 -14.48 10.48
N ALA B 266 3.99 -14.78 10.40
CA ALA B 266 4.97 -14.19 11.31
C ALA B 266 5.21 -12.75 10.85
N LYS B 267 4.94 -12.51 9.54
CA LYS B 267 5.04 -11.24 8.83
C LYS B 267 3.89 -10.30 9.25
N THR B 268 4.25 -9.11 9.73
CA THR B 268 3.35 -8.01 10.14
C THR B 268 3.40 -6.98 8.98
N PRO B 269 2.28 -6.48 8.44
CA PRO B 269 0.87 -6.67 8.86
C PRO B 269 0.37 -8.08 8.58
N LEU B 270 -0.52 -8.56 9.44
CA LEU B 270 -1.09 -9.89 9.27
C LEU B 270 -2.06 -9.90 8.10
N LYS B 271 -1.84 -10.84 7.20
CA LYS B 271 -2.68 -11.08 6.04
C LYS B 271 -3.10 -12.55 5.98
N PRO B 272 -4.26 -12.85 5.35
CA PRO B 272 -4.66 -14.27 5.24
C PRO B 272 -3.66 -15.06 4.41
N VAL B 273 -3.60 -16.37 4.63
CA VAL B 273 -2.71 -17.23 3.84
C VAL B 273 -3.45 -18.53 3.45
N ILE B 274 -3.03 -19.14 2.34
CA ILE B 274 -3.58 -20.42 1.89
C ILE B 274 -2.49 -21.25 1.19
N ASP B 275 -2.62 -22.59 1.25
CA ASP B 275 -1.80 -23.51 0.45
C ASP B 275 -2.53 -23.60 -0.89
N ASP B 276 -2.05 -22.85 -1.87
CA ASP B 276 -2.71 -22.87 -3.18
C ASP B 276 -2.17 -24.00 -4.08
N GLU B 277 -1.10 -24.68 -3.66
CA GLU B 277 -0.54 -25.76 -4.46
C GLU B 277 0.15 -26.77 -3.55
N PRO B 278 -0.64 -27.60 -2.85
CA PRO B 278 -0.03 -28.69 -2.07
C PRO B 278 0.37 -29.79 -3.04
N ILE B 279 0.76 -30.95 -2.52
CA ILE B 279 0.98 -32.12 -3.39
C ILE B 279 -0.28 -32.40 -4.23
N TYR B 280 -0.08 -32.89 -5.45
CA TYR B 280 -1.24 -33.26 -6.27
C TYR B 280 -1.52 -34.75 -6.14
N GLU B 281 -2.80 -35.14 -6.12
CA GLU B 281 -3.17 -36.55 -6.08
C GLU B 281 -2.58 -37.27 -7.32
N ASP B 282 -1.88 -38.38 -7.07
CA ASP B 282 -1.20 -39.28 -8.05
C ASP B 282 0.04 -38.69 -8.72
N ILE B 283 0.53 -37.52 -8.29
CA ILE B 283 1.75 -36.99 -8.87
C ILE B 283 2.94 -37.70 -8.17
N PRO B 284 4.06 -37.96 -8.87
CA PRO B 284 5.20 -38.61 -8.18
C PRO B 284 5.82 -37.68 -7.13
N GLN B 285 6.31 -38.28 -6.05
CA GLN B 285 7.02 -37.52 -5.01
C GLN B 285 8.29 -36.95 -5.67
N GLY B 286 8.38 -35.64 -5.73
CA GLY B 286 9.50 -34.95 -6.38
C GLY B 286 9.32 -34.72 -7.87
N LEU B 287 8.12 -35.04 -8.41
CA LEU B 287 7.64 -34.79 -9.77
C LEU B 287 8.26 -35.54 -10.94
N HIS B 288 9.59 -35.49 -11.07
CA HIS B 288 10.32 -35.86 -12.27
C HIS B 288 10.60 -37.35 -12.50
N ASP B 289 10.42 -38.22 -11.52
CA ASP B 289 10.64 -39.65 -11.75
C ASP B 289 9.27 -40.35 -11.82
N PRO B 290 8.84 -40.82 -13.03
CA PRO B 290 7.49 -41.43 -13.13
C PRO B 290 7.35 -42.75 -12.38
N ASN B 291 8.48 -43.35 -11.98
CA ASN B 291 8.46 -44.63 -11.24
C ASN B 291 8.53 -44.44 -9.73
N GLU B 292 8.63 -43.21 -9.28
CA GLU B 292 8.66 -42.93 -7.84
C GLU B 292 7.30 -43.18 -7.21
N THR B 293 7.27 -43.30 -5.87
CA THR B 293 6.04 -43.38 -5.08
C THR B 293 5.19 -42.16 -5.43
N ARG B 294 3.89 -42.37 -5.59
CA ARG B 294 2.93 -41.31 -5.92
C ARG B 294 2.22 -40.84 -4.68
N TRP B 295 1.94 -39.54 -4.58
CA TRP B 295 1.12 -38.99 -3.50
C TRP B 295 -0.30 -39.57 -3.65
N ASN B 296 -0.94 -39.91 -2.55
CA ASN B 296 -2.26 -40.57 -2.63
C ASN B 296 -3.30 -39.75 -1.84
N GLN B 297 -4.56 -40.23 -1.81
CA GLN B 297 -5.67 -39.58 -1.12
C GLN B 297 -5.37 -39.23 0.36
N HIS B 298 -4.66 -40.11 1.07
CA HIS B 298 -4.35 -39.93 2.52
C HIS B 298 -3.42 -38.76 2.69
N ASP B 299 -2.39 -38.66 1.81
CA ASP B 299 -1.44 -37.53 1.79
C ASP B 299 -2.18 -36.22 1.46
N VAL B 300 -3.10 -36.27 0.50
CA VAL B 300 -3.89 -35.11 0.05
C VAL B 300 -4.73 -34.54 1.24
N ARG B 301 -5.42 -35.44 1.98
CA ARG B 301 -6.17 -35.00 3.17
C ARG B 301 -5.22 -34.42 4.23
N ARG B 302 -4.09 -35.12 4.50
CA ARG B 302 -3.15 -34.62 5.52
C ARG B 302 -2.70 -33.17 5.22
N TYR B 303 -2.30 -32.88 3.93
CA TYR B 303 -1.89 -31.49 3.58
C TYR B 303 -3.04 -30.50 3.78
N ALA B 304 -4.26 -30.87 3.36
CA ALA B 304 -5.46 -30.02 3.49
C ALA B 304 -5.75 -29.63 4.96
N TYR B 305 -5.84 -30.61 5.86
CA TYR B 305 -6.15 -30.34 7.25
C TYR B 305 -4.97 -29.69 7.97
N TRP B 306 -3.71 -30.09 7.66
CA TRP B 306 -2.54 -29.45 8.28
C TRP B 306 -2.46 -27.96 7.93
N SER B 307 -2.74 -27.60 6.66
CA SER B 307 -2.68 -26.18 6.28
C SER B 307 -3.82 -25.39 6.96
N VAL B 308 -5.07 -25.85 6.86
CA VAL B 308 -6.22 -25.12 7.44
C VAL B 308 -6.12 -25.02 8.97
N PHE B 309 -5.77 -26.15 9.67
CA PHE B 309 -5.70 -26.16 11.15
C PHE B 309 -4.51 -25.38 11.64
N ALA B 310 -3.53 -25.08 10.75
CA ALA B 310 -2.39 -24.19 11.12
C ALA B 310 -2.78 -22.73 11.00
N GLY B 311 -3.92 -22.46 10.36
CA GLY B 311 -4.42 -21.09 10.22
C GLY B 311 -4.77 -20.61 8.82
N SER B 312 -4.59 -21.45 7.77
CA SER B 312 -4.99 -21.00 6.41
C SER B 312 -6.51 -20.77 6.35
N PHE B 313 -6.95 -19.81 5.49
CA PHE B 313 -8.36 -19.41 5.39
C PHE B 313 -9.21 -20.37 4.54
N GLY B 314 -8.53 -21.28 3.85
CA GLY B 314 -9.18 -22.28 3.00
C GLY B 314 -8.12 -23.22 2.49
N HIS B 315 -8.40 -23.93 1.38
CA HIS B 315 -7.42 -24.84 0.78
C HIS B 315 -7.68 -25.07 -0.69
N SER B 316 -6.59 -25.22 -1.47
CA SER B 316 -6.70 -25.62 -2.89
C SER B 316 -6.15 -27.02 -3.06
N TYR B 317 -6.89 -27.83 -3.80
CA TYR B 317 -6.54 -29.21 -4.14
C TYR B 317 -6.07 -29.22 -5.60
N GLY B 318 -5.30 -30.24 -5.94
CA GLY B 318 -4.90 -30.52 -7.30
C GLY B 318 -4.74 -32.01 -7.51
N HIS B 319 -4.99 -32.46 -8.75
CA HIS B 319 -4.80 -33.84 -9.22
C HIS B 319 -3.87 -33.79 -10.42
N ASN B 320 -2.86 -34.66 -10.47
CA ASN B 320 -1.91 -34.72 -11.59
C ASN B 320 -2.60 -34.78 -12.96
N ASP B 321 -3.65 -35.62 -13.07
CA ASP B 321 -4.32 -35.87 -14.33
C ASP B 321 -5.30 -34.75 -14.71
N ILE B 322 -5.94 -34.11 -13.73
CA ILE B 322 -6.91 -33.05 -14.00
C ILE B 322 -6.22 -31.73 -14.39
N MSE B 323 -5.20 -31.31 -13.60
CA MSE B 323 -4.58 -29.99 -13.79
C MSE B 323 -4.01 -29.83 -15.21
O MSE B 323 -4.02 -28.71 -15.72
CB MSE B 323 -3.53 -29.69 -12.69
CG MSE B 323 -2.29 -30.63 -12.67
SE MSE B 323 -0.87 -29.98 -13.83
CE MSE B 323 0.57 -31.16 -13.26
N GLN B 324 -3.63 -30.93 -15.88
CA GLN B 324 -3.12 -30.88 -17.24
C GLN B 324 -4.15 -31.41 -18.26
N PHE B 325 -5.35 -31.80 -17.80
CA PHE B 325 -6.44 -32.36 -18.63
C PHE B 325 -5.91 -33.44 -19.58
N ILE B 326 -5.24 -34.44 -19.00
CA ILE B 326 -4.65 -35.52 -19.76
C ILE B 326 -5.77 -36.40 -20.34
N ARG B 327 -5.50 -36.96 -21.51
CA ARG B 327 -6.39 -37.87 -22.23
CA ARG B 327 -6.39 -37.89 -22.23
C ARG B 327 -5.54 -38.68 -23.19
N PRO B 328 -6.05 -39.82 -23.74
CA PRO B 328 -5.22 -40.60 -24.68
C PRO B 328 -4.75 -39.79 -25.88
N GLY B 329 -3.50 -39.96 -26.28
CA GLY B 329 -2.93 -39.23 -27.42
C GLY B 329 -2.31 -37.87 -27.13
N TYR B 330 -2.26 -37.47 -25.85
CA TYR B 330 -1.63 -36.24 -25.35
C TYR B 330 -0.38 -36.59 -24.56
N GLY B 331 0.69 -35.86 -24.80
CA GLY B 331 1.95 -36.02 -24.06
C GLY B 331 1.72 -35.60 -22.62
N ALA B 332 2.25 -36.38 -21.69
CA ALA B 332 2.02 -36.13 -20.27
C ALA B 332 3.17 -35.45 -19.54
N SER B 333 2.83 -34.72 -18.48
CA SER B 333 3.84 -34.18 -17.59
C SER B 333 3.78 -35.01 -16.32
N PHE B 334 4.94 -35.19 -15.65
CA PHE B 334 5.06 -35.81 -14.33
C PHE B 334 4.37 -37.20 -14.21
N GLY B 335 4.62 -38.05 -15.18
CA GLY B 335 4.17 -39.43 -15.13
C GLY B 335 2.69 -39.70 -15.27
N ALA B 336 1.91 -38.73 -15.79
CA ALA B 336 0.49 -39.00 -16.07
C ALA B 336 0.49 -39.91 -17.32
N ASP B 337 -0.64 -40.54 -17.66
CA ASP B 337 -0.76 -41.43 -18.83
C ASP B 337 -2.21 -41.47 -19.23
N GLY B 338 -2.56 -40.78 -20.31
CA GLY B 338 -3.92 -40.61 -20.81
C GLY B 338 -4.65 -41.92 -21.09
N ARG B 339 -3.89 -42.93 -21.50
CA ARG B 339 -4.42 -44.26 -21.77
C ARG B 339 -4.74 -45.03 -20.48
N LYS B 340 -4.05 -44.71 -19.39
CA LYS B 340 -4.24 -45.35 -18.08
C LYS B 340 -5.37 -44.67 -17.30
N LYS B 341 -5.34 -43.32 -17.25
CA LYS B 341 -6.36 -42.54 -16.55
C LYS B 341 -6.45 -41.17 -17.20
N ALA B 342 -7.63 -40.82 -17.70
CA ALA B 342 -7.88 -39.53 -18.31
C ALA B 342 -8.42 -38.57 -17.24
N TRP B 343 -8.42 -37.25 -17.49
CA TRP B 343 -8.95 -36.27 -16.52
C TRP B 343 -10.39 -36.59 -16.10
N TRP B 344 -11.22 -37.08 -17.03
CA TRP B 344 -12.60 -37.41 -16.70
C TRP B 344 -12.73 -38.59 -15.71
N ASP B 345 -11.75 -39.54 -15.71
CA ASP B 345 -11.69 -40.64 -14.76
C ASP B 345 -11.18 -40.15 -13.39
N ALA B 346 -10.19 -39.23 -13.41
CA ALA B 346 -9.59 -38.67 -12.18
C ALA B 346 -10.59 -37.91 -11.33
N LEU B 347 -11.68 -37.39 -11.95
CA LEU B 347 -12.73 -36.67 -11.22
C LEU B 347 -13.44 -37.62 -10.23
N GLU B 348 -13.26 -38.94 -10.41
CA GLU B 348 -13.85 -39.96 -9.54
C GLU B 348 -12.87 -40.39 -8.44
N ASP B 349 -11.63 -39.87 -8.45
CA ASP B 349 -10.63 -40.28 -7.45
C ASP B 349 -10.97 -39.80 -6.03
N PRO B 350 -10.56 -40.58 -5.00
CA PRO B 350 -11.01 -40.28 -3.63
C PRO B 350 -10.64 -38.90 -3.09
N GLY B 351 -9.40 -38.48 -3.23
CA GLY B 351 -8.96 -37.16 -2.74
C GLY B 351 -9.82 -36.01 -3.25
N PHE B 352 -10.08 -35.98 -4.58
CA PHE B 352 -10.93 -34.93 -5.19
C PHE B 352 -12.31 -34.82 -4.49
N ASN B 353 -12.84 -36.01 -4.13
CA ASN B 353 -14.16 -36.15 -3.55
C ASN B 353 -14.18 -36.09 -2.01
N GLN B 354 -13.04 -35.79 -1.38
CA GLN B 354 -12.96 -35.72 0.09
C GLN B 354 -12.79 -34.30 0.60
N MSE B 355 -12.38 -33.39 -0.29
CA MSE B 355 -12.19 -31.97 0.08
C MSE B 355 -13.47 -31.32 0.62
O MSE B 355 -13.39 -30.48 1.53
CB MSE B 355 -11.63 -31.19 -1.11
CG MSE B 355 -10.21 -31.69 -1.54
SE MSE B 355 -8.85 -31.49 -0.15
CE MSE B 355 -8.91 -33.25 0.78
N LYS B 356 -14.64 -31.76 0.16
CA LYS B 356 -15.91 -31.22 0.65
C LYS B 356 -16.10 -31.42 2.17
N TYR B 357 -15.50 -32.49 2.75
CA TYR B 357 -15.68 -32.74 4.19
C TYR B 357 -14.91 -31.73 5.03
N LEU B 358 -13.83 -31.18 4.47
CA LEU B 358 -13.04 -30.14 5.14
C LEU B 358 -13.83 -28.84 5.13
N LYS B 359 -14.30 -28.42 3.96
CA LYS B 359 -15.09 -27.18 3.85
C LYS B 359 -16.32 -27.22 4.74
N ASN B 360 -17.07 -28.34 4.71
CA ASN B 360 -18.33 -28.45 5.48
C ASN B 360 -18.08 -28.40 6.97
N LEU B 361 -16.98 -29.02 7.44
CA LEU B 361 -16.57 -28.97 8.85
C LEU B 361 -16.31 -27.51 9.30
N MSE B 362 -15.46 -26.77 8.59
CA MSE B 362 -15.10 -25.39 8.98
C MSE B 362 -16.30 -24.43 8.97
O MSE B 362 -16.37 -23.56 9.83
CB MSE B 362 -13.95 -24.84 8.10
CG MSE B 362 -12.73 -25.81 7.98
SE MSE B 362 -12.13 -26.61 9.65
CE MSE B 362 -11.52 -25.10 10.51
N LEU B 363 -17.27 -24.64 8.08
CA LEU B 363 -18.44 -23.77 8.00
C LEU B 363 -19.50 -24.11 9.09
N THR B 364 -19.31 -25.23 9.83
CA THR B 364 -20.23 -25.64 10.89
C THR B 364 -20.01 -24.80 12.17
N PHE B 365 -18.83 -24.19 12.33
CA PHE B 365 -18.48 -23.50 13.56
C PHE B 365 -18.25 -21.98 13.41
N PRO B 366 -18.33 -21.20 14.54
CA PRO B 366 -18.04 -19.73 14.46
C PRO B 366 -16.73 -19.50 13.73
N PHE B 367 -16.81 -18.79 12.63
CA PHE B 367 -15.75 -18.74 11.62
C PHE B 367 -14.57 -17.79 11.89
N PHE B 368 -14.86 -16.52 12.17
CA PHE B 368 -13.83 -15.48 12.25
C PHE B 368 -13.02 -15.48 13.55
N GLU B 369 -13.53 -16.04 14.65
CA GLU B 369 -12.74 -16.08 15.91
C GLU B 369 -11.80 -17.29 15.96
N ARG B 370 -11.79 -18.11 14.88
CA ARG B 370 -10.92 -19.28 14.87
C ARG B 370 -9.44 -18.88 14.86
N VAL B 371 -8.66 -19.57 15.68
CA VAL B 371 -7.21 -19.39 15.73
C VAL B 371 -6.53 -20.75 15.70
N PRO B 372 -5.32 -20.87 15.14
CA PRO B 372 -4.56 -22.12 15.35
C PRO B 372 -4.12 -22.14 16.82
N ASP B 373 -4.05 -23.29 17.47
CA ASP B 373 -3.60 -23.28 18.87
C ASP B 373 -3.10 -24.66 19.27
N GLN B 374 -1.78 -24.87 19.17
CA GLN B 374 -1.13 -26.14 19.56
C GLN B 374 -1.18 -26.38 21.09
N SER B 375 -1.46 -25.35 21.91
CA SER B 375 -1.54 -25.53 23.39
C SER B 375 -2.80 -26.34 23.76
N VAL B 376 -3.74 -26.53 22.81
CA VAL B 376 -4.91 -27.43 22.99
C VAL B 376 -4.38 -28.89 23.18
N ILE B 377 -3.21 -29.19 22.60
CA ILE B 377 -2.61 -30.52 22.67
C ILE B 377 -1.69 -30.54 23.87
N ALA B 378 -2.03 -31.37 24.86
CA ALA B 378 -1.24 -31.50 26.08
C ALA B 378 -0.25 -32.65 25.96
N GLY B 379 0.69 -32.71 26.89
CA GLY B 379 1.72 -33.74 26.92
C GLY B 379 2.69 -33.62 25.76
N THR B 380 3.29 -34.72 25.34
CA THR B 380 4.24 -34.69 24.22
C THR B 380 3.50 -35.03 22.91
N ASN B 381 3.49 -34.08 21.97
CA ASN B 381 2.84 -34.32 20.69
C ASN B 381 3.79 -35.18 19.83
N GLY B 382 3.23 -35.90 18.86
CA GLY B 382 4.05 -36.72 17.97
C GLY B 382 4.83 -35.89 16.96
N GLU B 383 5.75 -36.55 16.28
CA GLU B 383 6.56 -35.93 15.23
C GLU B 383 6.07 -36.39 13.87
N ARG B 384 6.35 -35.57 12.81
CA ARG B 384 6.02 -35.86 11.40
C ARG B 384 4.53 -36.20 11.27
N TYR B 385 4.15 -37.41 10.80
CA TYR B 385 2.72 -37.75 10.61
C TYR B 385 1.95 -37.91 11.93
N ASP B 386 2.66 -38.06 13.05
CA ASP B 386 2.05 -38.19 14.38
C ASP B 386 1.82 -36.83 15.04
N ARG B 387 2.19 -35.74 14.35
CA ARG B 387 1.96 -34.42 14.93
C ARG B 387 0.45 -34.06 14.82
N ALA B 388 -0.31 -34.23 15.91
CA ALA B 388 -1.69 -33.79 15.95
C ALA B 388 -1.71 -32.25 15.79
N ILE B 389 -2.73 -31.72 15.14
CA ILE B 389 -2.81 -30.28 14.90
C ILE B 389 -4.14 -29.75 15.39
N ALA B 390 -4.12 -28.61 16.07
CA ALA B 390 -5.34 -28.10 16.70
C ALA B 390 -5.65 -26.67 16.35
N THR B 391 -6.96 -26.39 16.27
CA THR B 391 -7.50 -25.07 16.00
C THR B 391 -8.77 -24.92 16.87
N ARG B 392 -9.11 -23.67 17.22
CA ARG B 392 -10.25 -23.47 18.11
C ARG B 392 -10.85 -22.09 17.96
N GLY B 393 -12.08 -21.96 18.42
CA GLY B 393 -12.74 -20.68 18.62
C GLY B 393 -12.77 -20.48 20.13
N ASN B 394 -13.81 -19.79 20.65
CA ASN B 394 -13.92 -19.58 22.09
C ASN B 394 -14.67 -20.74 22.76
N ASP B 395 -15.55 -21.43 22.04
CA ASP B 395 -16.43 -22.45 22.59
C ASP B 395 -16.37 -23.78 21.83
N TYR B 396 -15.36 -23.97 20.98
CA TYR B 396 -15.18 -25.21 20.21
C TYR B 396 -13.71 -25.37 19.91
N LEU B 397 -13.28 -26.61 19.74
CA LEU B 397 -11.91 -26.91 19.32
C LEU B 397 -11.98 -28.10 18.38
N LEU B 398 -11.04 -28.14 17.42
CA LEU B 398 -10.91 -29.19 16.43
C LEU B 398 -9.47 -29.67 16.43
N VAL B 399 -9.28 -30.99 16.51
CA VAL B 399 -7.95 -31.59 16.50
C VAL B 399 -7.89 -32.66 15.43
N TYR B 400 -7.09 -32.42 14.42
CA TYR B 400 -6.88 -33.39 13.34
C TYR B 400 -5.69 -34.29 13.69
N ASN B 401 -5.96 -35.58 13.73
CA ASN B 401 -4.97 -36.60 14.06
C ASN B 401 -4.82 -37.55 12.87
N TYR B 402 -3.81 -37.31 12.04
CA TYR B 402 -3.60 -38.13 10.84
C TYR B 402 -3.34 -39.61 11.17
N SER B 403 -2.43 -39.86 12.13
CA SER B 403 -1.96 -41.22 12.39
C SER B 403 -2.86 -42.03 13.28
N GLY B 404 -3.53 -41.40 14.24
CA GLY B 404 -4.34 -42.17 15.17
C GLY B 404 -3.61 -42.38 16.49
N ARG B 405 -2.37 -41.83 16.61
CA ARG B 405 -1.60 -41.89 17.86
C ARG B 405 -2.47 -41.33 19.00
N PRO B 406 -2.60 -42.03 20.15
CA PRO B 406 -3.40 -41.47 21.27
C PRO B 406 -2.99 -40.01 21.59
N MSE B 407 -3.98 -39.21 21.96
CA MSE B 407 -3.80 -37.78 22.28
C MSE B 407 -4.28 -37.45 23.68
O MSE B 407 -5.20 -38.08 24.19
CB MSE B 407 -4.64 -36.89 21.35
CG MSE B 407 -4.42 -37.13 19.91
SE MSE B 407 -5.57 -35.94 18.91
CE MSE B 407 -7.24 -36.72 19.19
N GLN B 408 -3.72 -36.36 24.24
CA GLN B 408 -4.10 -35.76 25.52
C GLN B 408 -4.49 -34.35 25.14
N ILE B 409 -5.77 -33.98 25.37
CA ILE B 409 -6.33 -32.70 24.93
C ILE B 409 -6.73 -31.85 26.14
N ASP B 410 -6.26 -30.58 26.14
CA ASP B 410 -6.58 -29.66 27.23
C ASP B 410 -7.96 -29.05 27.00
N LEU B 411 -8.98 -29.59 27.67
CA LEU B 411 -10.36 -29.12 27.52
C LEU B 411 -10.64 -27.79 28.22
N SER B 412 -9.66 -27.22 28.94
CA SER B 412 -9.87 -25.91 29.58
C SER B 412 -9.57 -24.76 28.60
N LYS B 413 -9.14 -25.10 27.36
CA LYS B 413 -8.81 -24.09 26.34
C LYS B 413 -10.05 -23.43 25.71
N ILE B 414 -11.24 -24.00 25.96
CA ILE B 414 -12.52 -23.45 25.47
C ILE B 414 -13.51 -23.36 26.65
N SER B 415 -14.58 -22.55 26.50
CA SER B 415 -15.60 -22.31 27.52
C SER B 415 -16.44 -23.56 27.83
N GLY B 416 -17.17 -23.49 28.95
CA GLY B 416 -18.09 -24.53 29.39
C GLY B 416 -17.59 -25.45 30.48
N ALA B 417 -18.39 -25.60 31.56
CA ALA B 417 -18.13 -26.50 32.69
C ALA B 417 -18.10 -27.94 32.18
N LYS B 418 -18.93 -28.23 31.16
CA LYS B 418 -19.02 -29.52 30.48
C LYS B 418 -18.83 -29.31 28.98
N LYS B 419 -18.25 -30.33 28.34
CA LYS B 419 -17.91 -30.38 26.93
C LYS B 419 -18.42 -31.64 26.27
N ASN B 420 -18.99 -31.54 25.05
CA ASN B 420 -19.39 -32.70 24.26
C ASN B 420 -18.32 -32.97 23.22
N ALA B 421 -18.02 -34.24 22.95
CA ALA B 421 -16.99 -34.64 21.98
C ALA B 421 -17.53 -35.65 20.98
N TRP B 422 -17.06 -35.50 19.71
CA TRP B 422 -17.35 -36.36 18.54
C TRP B 422 -16.09 -36.67 17.76
N TRP B 423 -16.08 -37.85 17.09
CA TRP B 423 -15.08 -38.18 16.09
C TRP B 423 -15.69 -37.82 14.72
N TYR B 424 -14.91 -37.17 13.87
CA TYR B 424 -15.30 -36.83 12.50
C TYR B 424 -14.28 -37.46 11.53
N SER B 425 -14.74 -38.42 10.69
CA SER B 425 -13.84 -39.11 9.74
CA SER B 425 -13.85 -39.11 9.76
C SER B 425 -13.56 -38.24 8.52
N ALA B 426 -12.27 -37.94 8.28
CA ALA B 426 -11.89 -37.09 7.15
C ALA B 426 -12.14 -37.76 5.80
N LYS B 427 -12.06 -39.10 5.72
CA LYS B 427 -12.25 -39.79 4.44
C LYS B 427 -13.73 -39.78 3.95
N ASP B 428 -14.72 -39.69 4.87
CA ASP B 428 -16.10 -39.84 4.41
C ASP B 428 -17.12 -38.97 5.18
N GLY B 429 -16.66 -38.07 6.06
CA GLY B 429 -17.56 -37.21 6.82
C GLY B 429 -18.40 -37.88 7.90
N LYS B 430 -18.10 -39.16 8.23
CA LYS B 430 -18.81 -39.91 9.27
C LYS B 430 -18.60 -39.26 10.64
N LEU B 431 -19.70 -39.03 11.36
CA LEU B 431 -19.67 -38.43 12.69
C LEU B 431 -20.12 -39.42 13.77
N GLU B 432 -19.35 -39.50 14.87
CA GLU B 432 -19.66 -40.43 15.96
C GLU B 432 -19.47 -39.74 17.31
N TYR B 433 -20.57 -39.61 18.04
CA TYR B 433 -20.57 -39.00 19.37
C TYR B 433 -19.78 -39.85 20.36
N ILE B 434 -18.92 -39.22 21.14
CA ILE B 434 -18.08 -39.93 22.13
C ILE B 434 -18.75 -39.87 23.49
N GLY B 435 -19.04 -38.65 23.95
CA GLY B 435 -19.67 -38.43 25.25
C GLY B 435 -19.45 -37.03 25.78
N GLU B 436 -19.79 -36.87 27.06
CA GLU B 436 -19.69 -35.60 27.78
C GLU B 436 -18.50 -35.65 28.73
N PHE B 437 -17.71 -34.58 28.76
CA PHE B 437 -16.50 -34.48 29.54
C PHE B 437 -16.45 -33.19 30.35
N ASP B 438 -15.60 -33.15 31.40
CA ASP B 438 -15.36 -31.96 32.20
C ASP B 438 -14.22 -31.14 31.51
N SER B 439 -13.52 -30.25 32.21
CA SER B 439 -12.48 -29.46 31.53
C SER B 439 -11.05 -29.89 31.79
N LYS B 440 -10.83 -31.09 32.29
CA LYS B 440 -9.44 -31.47 32.54
C LYS B 440 -8.74 -31.94 31.24
N VAL B 441 -7.41 -32.16 31.34
CA VAL B 441 -6.66 -32.75 30.26
C VAL B 441 -7.25 -34.14 30.11
N THR B 442 -7.75 -34.44 28.91
CA THR B 442 -8.46 -35.70 28.66
C THR B 442 -7.78 -36.50 27.54
N SER B 443 -7.63 -37.81 27.76
CA SER B 443 -7.07 -38.74 26.80
C SER B 443 -8.14 -39.19 25.80
N PHE B 444 -7.77 -39.17 24.51
CA PHE B 444 -8.63 -39.60 23.40
C PHE B 444 -7.86 -40.49 22.46
N GLN B 445 -8.48 -41.59 22.05
CA GLN B 445 -7.92 -42.47 21.02
C GLN B 445 -9.06 -43.11 20.28
N HIS B 446 -8.93 -43.14 18.97
CA HIS B 446 -9.94 -43.67 18.07
C HIS B 446 -9.69 -45.14 17.81
N ASP B 447 -10.75 -45.93 17.86
CA ASP B 447 -10.67 -47.39 17.62
C ASP B 447 -10.58 -47.69 16.10
N SER B 448 -9.37 -47.64 15.55
CA SER B 448 -9.07 -47.91 14.15
C SER B 448 -7.58 -48.18 14.01
N GLY B 449 -7.18 -48.82 12.90
CA GLY B 449 -5.78 -49.09 12.60
C GLY B 449 -4.94 -47.83 12.64
N TYR B 450 -3.75 -47.96 13.25
CA TYR B 450 -2.75 -46.90 13.31
C TYR B 450 -2.21 -46.69 11.89
N LEU B 451 -2.16 -45.41 11.41
CA LEU B 451 -1.65 -45.08 10.07
C LEU B 451 -2.35 -45.95 9.00
N SER B 452 -3.69 -46.03 9.10
CA SER B 452 -4.48 -46.90 8.22
C SER B 452 -5.36 -46.09 7.25
N GLY B 453 -5.17 -44.77 7.20
CA GLY B 453 -6.02 -43.89 6.39
C GLY B 453 -7.38 -43.68 7.04
N ASN B 454 -7.43 -43.81 8.38
CA ASN B 454 -8.65 -43.58 9.15
C ASN B 454 -8.46 -42.35 10.04
N ASP B 455 -7.84 -41.30 9.45
CA ASP B 455 -7.58 -39.99 10.08
C ASP B 455 -8.89 -39.35 10.50
N GLN B 456 -8.92 -38.88 11.74
CA GLN B 456 -10.09 -38.25 12.37
C GLN B 456 -9.83 -36.84 12.79
N VAL B 457 -10.92 -36.09 12.88
CA VAL B 457 -10.95 -34.80 13.54
C VAL B 457 -11.68 -35.05 14.84
N LEU B 458 -11.05 -34.72 15.96
CA LEU B 458 -11.74 -34.72 17.23
C LEU B 458 -12.45 -33.35 17.33
N ILE B 459 -13.77 -33.37 17.48
CA ILE B 459 -14.61 -32.16 17.65
C ILE B 459 -15.01 -32.07 19.11
N VAL B 460 -14.71 -30.94 19.77
CA VAL B 460 -15.11 -30.74 21.16
C VAL B 460 -15.84 -29.39 21.24
N VAL B 461 -17.05 -29.37 21.82
CA VAL B 461 -17.87 -28.15 21.91
C VAL B 461 -18.39 -27.97 23.32
N ASP B 462 -18.45 -26.70 23.78
CA ASP B 462 -19.09 -26.29 25.02
C ASP B 462 -20.51 -26.92 25.00
N SER B 463 -20.89 -27.69 26.07
CA SER B 463 -22.19 -28.38 26.16
CA SER B 463 -22.19 -28.39 26.14
C SER B 463 -23.40 -27.45 26.00
N ALA B 464 -23.23 -26.12 26.23
CA ALA B 464 -24.32 -25.16 26.09
C ALA B 464 -24.55 -24.74 24.61
N LYS B 465 -23.62 -25.08 23.69
CA LYS B 465 -23.74 -24.70 22.27
C LYS B 465 -24.30 -25.88 21.44
N ASP B 466 -24.98 -25.55 20.33
CA ASP B 466 -25.66 -26.55 19.51
CA ASP B 466 -25.68 -26.51 19.50
C ASP B 466 -25.11 -26.66 18.06
N TYR B 467 -23.82 -26.30 17.84
CA TYR B 467 -23.20 -26.42 16.49
C TYR B 467 -23.28 -27.84 15.95
N VAL B 468 -23.11 -28.83 16.86
CA VAL B 468 -23.16 -30.25 16.54
C VAL B 468 -24.15 -30.92 17.50
N GLN B 469 -25.03 -31.79 16.98
CA GLN B 469 -26.00 -32.53 17.79
C GLN B 469 -25.45 -33.92 18.10
N LYS B 470 -25.79 -34.45 19.29
CA LYS B 470 -25.32 -35.75 19.77
C LYS B 470 -25.77 -36.92 18.91
N ALA B 471 -27.00 -36.89 18.37
CA ALA B 471 -27.56 -37.99 17.57
C ALA B 471 -27.07 -38.01 16.11
N TRP B 472 -26.42 -36.93 15.62
CA TRP B 472 -25.96 -36.86 14.23
C TRP B 472 -24.88 -37.89 13.89
N THR B 473 -24.97 -38.48 12.67
CA THR B 473 -23.99 -39.43 12.14
C THR B 473 -23.27 -38.79 10.92
N ALA B 474 -23.65 -37.55 10.62
CA ALA B 474 -23.10 -36.70 9.56
C ALA B 474 -23.38 -35.24 9.88
N LEU B 475 -22.59 -34.34 9.29
CA LEU B 475 -22.83 -32.91 9.44
C LEU B 475 -23.78 -32.47 8.33
N PRO B 476 -24.84 -31.69 8.64
CA PRO B 476 -25.70 -31.17 7.56
C PRO B 476 -24.92 -30.17 6.69
N ASP B 477 -25.48 -29.86 5.52
CA ASP B 477 -24.86 -28.94 4.57
C ASP B 477 -24.83 -27.52 5.20
N ALA B 478 -23.65 -27.13 5.73
CA ALA B 478 -23.47 -25.85 6.45
C ALA B 478 -23.71 -24.59 5.59
N ILE B 479 -23.56 -24.69 4.25
CA ILE B 479 -23.73 -23.57 3.32
C ILE B 479 -25.21 -23.08 3.28
N GLN B 480 -26.17 -24.01 3.50
CA GLN B 480 -27.61 -23.74 3.44
C GLN B 480 -28.07 -22.65 4.42
N LYS B 481 -27.31 -22.38 5.50
CA LYS B 481 -27.60 -21.29 6.45
C LYS B 481 -27.63 -19.93 5.73
N TRP B 482 -26.78 -19.76 4.70
CA TRP B 482 -26.64 -18.52 3.93
C TRP B 482 -27.29 -18.62 2.53
N ASN B 483 -28.00 -19.73 2.24
CA ASN B 483 -28.65 -19.98 0.95
C ASN B 483 -30.17 -20.03 1.12
N LYS C 21 32.06 35.75 7.56
CA LYS C 21 31.88 37.20 7.76
C LYS C 21 31.05 37.52 9.00
N THR C 22 30.02 36.69 9.35
CA THR C 22 29.19 36.97 10.52
C THR C 22 30.03 36.96 11.79
N TYR C 23 29.96 38.04 12.59
CA TYR C 23 30.70 38.12 13.85
C TYR C 23 29.93 37.33 14.91
N ILE C 24 30.61 36.35 15.53
CA ILE C 24 30.01 35.51 16.58
C ILE C 24 30.68 35.92 17.91
N PRO C 25 29.99 36.74 18.75
CA PRO C 25 30.66 37.26 19.96
C PRO C 25 31.21 36.18 20.91
N TRP C 26 30.48 35.07 21.14
CA TRP C 26 30.90 34.01 22.07
C TRP C 26 32.07 33.16 21.55
N LYS C 27 32.62 33.46 20.36
CA LYS C 27 33.84 32.79 19.93
C LYS C 27 34.99 33.25 20.85
N ASN C 28 34.78 34.43 21.53
CA ASN C 28 35.72 35.04 22.47
C ASN C 28 35.54 34.48 23.90
N GLY C 29 34.53 33.63 24.07
CA GLY C 29 34.20 32.99 25.35
C GLY C 29 32.95 33.58 25.97
N LYS C 30 32.65 33.14 27.20
CA LYS C 30 31.48 33.57 27.98
C LYS C 30 31.53 35.05 28.29
N LEU C 31 30.36 35.66 28.51
CA LEU C 31 30.27 37.03 28.99
C LEU C 31 30.65 37.05 30.46
N VAL C 32 31.42 38.07 30.85
CA VAL C 32 31.87 38.22 32.23
CA VAL C 32 31.97 38.24 32.21
C VAL C 32 31.90 39.72 32.55
N VAL C 33 31.71 40.08 33.84
CA VAL C 33 31.75 41.46 34.28
C VAL C 33 33.23 41.83 34.38
N SER C 34 33.66 42.90 33.67
CA SER C 34 35.06 43.35 33.68
C SER C 34 35.51 43.75 35.12
N GLU C 35 36.82 43.73 35.39
CA GLU C 35 37.35 43.94 36.75
C GLU C 35 36.97 45.28 37.39
N GLU C 36 36.83 46.36 36.59
CA GLU C 36 36.48 47.68 37.13
C GLU C 36 34.97 47.76 37.54
N GLY C 37 34.20 46.70 37.24
CA GLY C 37 32.78 46.59 37.57
C GLY C 37 31.84 47.49 36.79
N ARG C 38 32.26 47.99 35.63
CA ARG C 38 31.42 48.89 34.82
C ARG C 38 30.98 48.28 33.51
N TYR C 39 31.78 47.39 32.92
CA TYR C 39 31.52 46.89 31.57
C TYR C 39 31.47 45.38 31.47
N LEU C 40 30.93 44.91 30.33
CA LEU C 40 30.92 43.49 30.00
C LEU C 40 32.04 43.22 29.02
N LYS C 41 32.67 42.06 29.20
CA LYS C 41 33.72 41.55 28.34
C LYS C 41 33.50 40.06 28.13
N HIS C 42 34.27 39.46 27.23
CA HIS C 42 34.31 38.04 27.04
C HIS C 42 35.44 37.52 27.90
N GLU C 43 35.54 36.19 28.08
CA GLU C 43 36.62 35.58 28.88
C GLU C 43 38.03 35.91 28.36
N ASN C 44 38.19 36.11 27.04
CA ASN C 44 39.50 36.43 26.47
C ASN C 44 39.84 37.95 26.55
N GLY C 45 38.96 38.75 27.18
CA GLY C 45 39.15 40.18 27.39
C GLY C 45 38.56 41.12 26.35
N VAL C 46 38.03 40.59 25.24
CA VAL C 46 37.45 41.40 24.16
C VAL C 46 36.18 42.11 24.72
N PRO C 47 36.00 43.42 24.46
CA PRO C 47 34.77 44.10 24.92
C PRO C 47 33.49 43.54 24.33
N PHE C 48 32.39 43.66 25.08
CA PHE C 48 31.07 43.34 24.60
C PHE C 48 30.22 44.58 24.76
N PHE C 49 30.08 45.36 23.68
CA PHE C 49 29.19 46.52 23.73
C PHE C 49 27.80 46.00 23.41
N TRP C 50 26.99 45.85 24.44
CA TRP C 50 25.61 45.38 24.32
C TRP C 50 24.78 46.41 23.55
N LEU C 51 24.24 45.99 22.39
CA LEU C 51 23.31 46.82 21.63
C LEU C 51 22.09 45.97 21.47
N GLY C 52 21.08 46.30 22.27
CA GLY C 52 19.86 45.53 22.39
C GLY C 52 18.68 45.99 21.58
N GLU C 53 17.87 45.01 21.11
CA GLU C 53 16.60 45.22 20.40
C GLU C 53 15.51 44.55 21.25
N THR C 54 14.30 45.08 21.21
CA THR C 54 13.23 44.55 22.05
C THR C 54 12.19 43.79 21.20
N GLY C 55 12.24 42.44 21.23
CA GLY C 55 11.28 41.63 20.50
C GLY C 55 10.40 40.87 21.47
N TRP C 56 9.75 41.60 22.44
CA TRP C 56 8.98 40.95 23.51
C TRP C 56 8.08 39.78 23.06
N LEU C 57 7.21 39.99 22.07
CA LEU C 57 6.23 39.00 21.65
C LEU C 57 6.65 38.11 20.49
N MSE C 58 7.97 38.03 20.22
CA MSE C 58 8.43 37.14 19.15
C MSE C 58 8.05 35.66 19.42
O MSE C 58 7.58 35.00 18.48
CB MSE C 58 9.95 37.28 18.92
CG MSE C 58 10.54 36.09 18.11
SE MSE C 58 12.30 36.44 17.35
CE MSE C 58 13.28 37.06 18.90
N PRO C 59 8.26 35.09 20.63
CA PRO C 59 7.89 33.67 20.84
C PRO C 59 6.38 33.40 20.64
N GLN C 60 5.53 34.42 20.86
CA GLN C 60 4.08 34.21 20.77
C GLN C 60 3.49 34.61 19.40
N ARG C 61 4.11 35.57 18.67
CA ARG C 61 3.49 36.09 17.44
C ARG C 61 4.23 35.79 16.14
N LEU C 62 5.52 35.44 16.15
CA LEU C 62 6.22 35.21 14.88
C LEU C 62 6.33 33.74 14.52
N ASN C 63 6.20 33.44 13.21
CA ASN C 63 6.40 32.06 12.73
C ASN C 63 7.89 31.90 12.40
N ARG C 64 8.32 30.72 11.95
CA ARG C 64 9.74 30.44 11.67
C ARG C 64 10.38 31.37 10.66
N ASP C 65 9.70 31.65 9.53
CA ASP C 65 10.31 32.50 8.50
C ASP C 65 10.34 33.97 8.94
N GLU C 66 9.35 34.41 9.74
CA GLU C 66 9.34 35.78 10.29
C GLU C 66 10.47 35.97 11.29
N VAL C 67 10.74 34.95 12.12
CA VAL C 67 11.83 34.95 13.10
C VAL C 67 13.15 35.21 12.33
N SER C 68 13.39 34.46 11.23
CA SER C 68 14.60 34.59 10.41
C SER C 68 14.74 36.01 9.83
N TYR C 69 13.65 36.57 9.29
CA TYR C 69 13.65 37.91 8.70
C TYR C 69 13.94 38.96 9.75
N TYR C 70 13.21 38.92 10.88
CA TYR C 70 13.39 39.89 11.97
C TYR C 70 14.85 39.85 12.50
N LEU C 71 15.37 38.64 12.79
CA LEU C 71 16.74 38.51 13.32
C LEU C 71 17.80 38.90 12.28
N ASN C 72 17.53 38.72 10.96
CA ASN C 72 18.43 39.17 9.88
C ASN C 72 18.54 40.69 9.90
N LYS C 73 17.39 41.37 10.00
CA LYS C 73 17.31 42.82 10.10
C LYS C 73 18.02 43.35 11.35
N CYS C 74 17.86 42.66 12.49
CA CYS C 74 18.53 43.03 13.74
C CYS C 74 20.05 42.93 13.56
N LYS C 75 20.51 41.79 13.00
CA LYS C 75 21.94 41.58 12.74
C LYS C 75 22.51 42.70 11.87
N ASP C 76 21.84 42.99 10.75
CA ASP C 76 22.30 44.00 9.77
C ASP C 76 22.32 45.41 10.33
N ALA C 77 21.47 45.71 11.34
CA ALA C 77 21.41 47.00 12.00
C ALA C 77 22.35 47.10 13.23
N GLY C 78 23.19 46.07 13.42
CA GLY C 78 24.22 46.05 14.45
C GLY C 78 23.84 45.52 15.82
N TYR C 79 22.58 45.05 16.00
CA TYR C 79 22.15 44.54 17.31
C TYR C 79 22.80 43.20 17.61
N ASN C 80 23.22 42.98 18.86
CA ASN C 80 23.83 41.69 19.26
C ASN C 80 23.05 41.07 20.44
N MSE C 81 21.91 41.68 20.80
CA MSE C 81 21.08 41.21 21.90
C MSE C 81 19.62 41.48 21.54
O MSE C 81 19.27 42.62 21.24
CB MSE C 81 21.46 41.91 23.25
CG MSE C 81 20.99 41.16 24.53
SE MSE C 81 19.05 41.11 24.95
CE MSE C 81 18.59 43.04 24.82
N VAL C 82 18.80 40.44 21.49
CA VAL C 82 17.35 40.60 21.25
C VAL C 82 16.66 40.00 22.47
N GLN C 83 15.81 40.81 23.16
CA GLN C 83 15.14 40.31 24.34
C GLN C 83 13.68 39.91 24.03
N VAL C 84 13.22 38.86 24.70
CA VAL C 84 11.86 38.32 24.50
C VAL C 84 11.19 38.06 25.84
N GLN C 85 9.85 37.93 25.80
CA GLN C 85 9.07 37.42 26.92
C GLN C 85 8.94 35.94 26.65
N VAL C 86 9.68 35.10 27.38
CA VAL C 86 9.65 33.63 27.20
C VAL C 86 8.20 33.13 27.42
N LEU C 87 7.60 33.64 28.49
CA LEU C 87 6.20 33.48 28.88
C LEU C 87 5.61 34.87 29.17
N ASN C 88 4.43 35.18 28.60
CA ASN C 88 3.73 36.43 28.88
C ASN C 88 2.43 36.12 29.66
N GLY C 89 2.21 34.85 29.93
CA GLY C 89 1.02 34.35 30.62
C GLY C 89 1.21 32.91 31.04
N VAL C 90 0.28 32.41 31.88
CA VAL C 90 0.30 31.04 32.35
C VAL C 90 -1.04 30.39 31.94
N PRO C 91 -1.08 29.57 30.87
CA PRO C 91 0.02 29.29 29.93
C PRO C 91 0.17 30.39 28.88
N SER C 92 1.23 30.31 28.08
CA SER C 92 1.39 31.19 26.93
C SER C 92 1.02 30.36 25.69
N MSE C 93 0.82 31.03 24.55
CA MSE C 93 0.45 30.41 23.27
C MSE C 93 1.30 31.02 22.17
O MSE C 93 1.54 32.23 22.16
CB MSE C 93 -1.03 30.70 22.96
CG MSE C 93 -1.55 29.99 21.70
SE MSE C 93 -2.14 28.23 22.16
CE MSE C 93 -3.66 28.79 23.23
N ASN C 94 1.68 30.22 21.19
CA ASN C 94 2.41 30.79 20.07
C ASN C 94 1.48 30.85 18.83
N ILE C 95 2.01 31.34 17.72
CA ILE C 95 1.28 31.58 16.46
C ILE C 95 0.80 30.29 15.82
N TYR C 96 1.46 29.15 16.14
CA TYR C 96 1.06 27.84 15.65
C TYR C 96 -0.09 27.22 16.47
N GLY C 97 -0.54 27.89 17.53
CA GLY C 97 -1.60 27.38 18.40
C GLY C 97 -1.10 26.31 19.35
N GLN C 98 0.16 26.45 19.80
CA GLN C 98 0.78 25.52 20.75
C GLN C 98 0.83 26.15 22.13
N TYR C 99 0.43 25.40 23.15
CA TYR C 99 0.51 25.85 24.56
C TYR C 99 1.95 25.73 25.09
N SER C 100 2.37 26.68 25.94
CA SER C 100 3.68 26.61 26.61
C SER C 100 3.69 25.51 27.70
N MSE C 101 2.52 25.24 28.29
CA MSE C 101 2.38 24.26 29.36
C MSE C 101 1.05 23.60 29.27
O MSE C 101 0.03 24.26 29.03
CB MSE C 101 2.53 24.90 30.75
CG MSE C 101 3.97 25.12 31.16
SE MSE C 101 4.51 26.96 30.93
CE MSE C 101 3.42 27.72 32.34
N THR C 102 1.08 22.28 29.50
CA THR C 102 -0.10 21.40 29.47
CA THR C 102 -0.08 21.38 29.46
C THR C 102 -0.47 20.96 30.89
N ASP C 103 0.53 20.78 31.76
CA ASP C 103 0.31 20.35 33.14
C ASP C 103 0.97 21.32 34.13
N GLY C 104 0.58 22.59 34.06
CA GLY C 104 1.13 23.64 34.90
C GLY C 104 2.64 23.74 34.78
N PHE C 105 3.34 23.89 35.92
CA PHE C 105 4.80 23.95 35.90
C PHE C 105 5.45 22.55 36.08
N ASN C 106 4.80 21.49 35.54
CA ASN C 106 5.36 20.14 35.50
C ASN C 106 5.82 19.91 34.06
N PHE C 107 7.14 19.87 33.84
CA PHE C 107 7.71 19.81 32.48
C PHE C 107 8.22 18.44 32.06
N LYS C 108 7.89 17.38 32.82
CA LYS C 108 8.32 16.01 32.55
C LYS C 108 7.97 15.52 31.13
N ASP C 109 6.75 15.77 30.66
CA ASP C 109 6.32 15.31 29.34
C ASP C 109 6.07 16.47 28.35
N ILE C 110 6.85 17.57 28.48
CA ILE C 110 6.67 18.74 27.64
C ILE C 110 7.02 18.43 26.17
N ASN C 111 8.05 17.59 25.93
CA ASN C 111 8.46 17.21 24.58
C ASN C 111 7.63 16.07 24.05
N ARG C 112 6.98 16.28 22.90
CA ARG C 112 6.17 15.24 22.27
C ARG C 112 6.77 14.94 20.90
N LYS C 113 7.06 13.65 20.64
CA LYS C 113 7.64 13.18 19.37
C LYS C 113 6.74 13.55 18.18
N GLY C 114 7.34 14.12 17.15
CA GLY C 114 6.64 14.53 15.94
C GLY C 114 5.74 15.74 16.05
N ILE C 115 5.80 16.46 17.19
CA ILE C 115 5.02 17.69 17.42
C ILE C 115 6.00 18.84 17.54
N TYR C 116 5.77 19.93 16.80
CA TYR C 116 6.59 21.11 16.91
C TYR C 116 5.93 21.98 17.98
N GLY C 117 6.38 21.79 19.21
CA GLY C 117 5.80 22.45 20.37
C GLY C 117 6.25 23.87 20.58
N TYR C 118 5.65 24.54 21.58
CA TYR C 118 6.00 25.89 21.97
C TYR C 118 7.49 26.02 22.26
N TRP C 119 8.06 25.04 23.00
CA TRP C 119 9.47 25.09 23.40
C TRP C 119 10.39 24.70 22.26
N ASP C 120 9.89 23.92 21.25
CA ASP C 120 10.68 23.63 20.03
C ASP C 120 10.81 24.89 19.21
N HIS C 121 9.75 25.76 19.20
CA HIS C 121 9.82 27.07 18.53
C HIS C 121 10.76 28.00 19.32
N MSE C 122 10.73 27.93 20.67
CA MSE C 122 11.65 28.71 21.51
C MSE C 122 13.10 28.32 21.18
O MSE C 122 13.95 29.20 21.03
CB MSE C 122 11.34 28.50 23.03
CG MSE C 122 12.08 29.52 23.94
SE MSE C 122 11.53 31.40 23.71
CE MSE C 122 13.18 32.10 22.87
N ASP C 123 13.37 26.99 21.04
CA ASP C 123 14.70 26.44 20.68
C ASP C 123 15.15 27.00 19.33
N TYR C 124 14.21 27.03 18.37
CA TYR C 124 14.47 27.52 17.03
C TYR C 124 14.87 29.01 17.03
N ILE C 125 14.17 29.82 17.83
CA ILE C 125 14.47 31.27 17.94
C ILE C 125 15.91 31.44 18.42
N ILE C 126 16.31 30.68 19.47
CA ILE C 126 17.66 30.77 20.05
C ILE C 126 18.72 30.35 19.03
N LYS C 127 18.48 29.26 18.29
CA LYS C 127 19.41 28.76 17.27
C LYS C 127 19.52 29.75 16.10
N SER C 128 18.38 30.36 15.70
CA SER C 128 18.32 31.38 14.65
C SER C 128 19.14 32.61 15.06
N ALA C 129 19.02 33.04 16.33
CA ALA C 129 19.81 34.17 16.83
C ALA C 129 21.30 33.81 16.85
N ALA C 130 21.64 32.55 17.25
CA ALA C 130 23.03 32.08 17.35
C ALA C 130 23.76 32.15 16.02
N SER C 131 23.09 31.76 14.91
CA SER C 131 23.73 31.78 13.61
C SER C 131 23.96 33.24 13.13
N ARG C 132 23.34 34.23 13.82
CA ARG C 132 23.46 35.65 13.47
C ARG C 132 24.28 36.44 14.48
N GLY C 133 24.89 35.75 15.46
CA GLY C 133 25.75 36.37 16.47
C GLY C 133 24.96 37.17 17.48
N ILE C 134 23.72 36.75 17.72
CA ILE C 134 22.86 37.50 18.65
C ILE C 134 22.55 36.67 19.90
N TYR C 135 22.67 37.33 21.08
CA TYR C 135 22.25 36.77 22.36
C TYR C 135 20.76 36.95 22.53
N ILE C 136 20.08 35.96 23.11
CA ILE C 136 18.68 36.15 23.43
C ILE C 136 18.59 36.54 24.91
N GLY C 137 17.98 37.70 25.18
CA GLY C 137 17.67 38.17 26.53
C GLY C 137 16.39 37.45 26.91
N MSE C 138 16.49 36.45 27.80
CA MSE C 138 15.39 35.58 28.17
C MSE C 138 14.63 36.09 29.38
O MSE C 138 15.02 35.78 30.52
CB MSE C 138 15.91 34.14 28.46
CG MSE C 138 16.62 33.48 27.27
SE MSE C 138 15.34 32.71 25.98
CE MSE C 138 14.80 31.04 26.97
N VAL C 139 13.53 36.83 29.16
CA VAL C 139 12.67 37.23 30.30
C VAL C 139 11.82 35.98 30.59
N CYS C 140 12.28 35.15 31.54
CA CYS C 140 11.72 33.86 31.93
C CYS C 140 10.19 33.91 31.95
N ILE C 141 9.64 34.90 32.64
CA ILE C 141 8.19 35.10 32.75
C ILE C 141 7.93 36.57 33.12
N TRP C 142 7.10 37.24 32.35
CA TRP C 142 6.71 38.64 32.58
C TRP C 142 6.05 38.78 33.96
N GLY C 143 6.22 39.95 34.58
CA GLY C 143 5.71 40.20 35.93
C GLY C 143 4.22 39.98 36.15
N THR C 144 3.38 40.38 35.17
CA THR C 144 1.91 40.30 35.33
C THR C 144 1.41 38.91 35.84
N PRO C 145 1.64 37.74 35.17
CA PRO C 145 1.14 36.47 35.74
C PRO C 145 1.69 36.16 37.13
N VAL C 146 2.94 36.55 37.42
CA VAL C 146 3.58 36.31 38.74
C VAL C 146 2.85 37.15 39.81
N GLU C 147 2.58 38.45 39.50
CA GLU C 147 1.85 39.36 40.39
C GLU C 147 0.43 38.81 40.66
N GLN C 148 -0.17 38.12 39.66
CA GLN C 148 -1.51 37.53 39.78
C GLN C 148 -1.48 36.17 40.54
N GLY C 149 -0.30 35.73 41.00
CA GLY C 149 -0.13 34.50 41.76
C GLY C 149 -0.12 33.22 40.95
N LEU C 150 0.15 33.32 39.64
CA LEU C 150 0.15 32.16 38.74
C LEU C 150 1.46 31.37 38.75
N MSE C 151 2.46 31.82 39.51
CA MSE C 151 3.71 31.09 39.69
C MSE C 151 4.20 31.30 41.12
O MSE C 151 4.69 32.37 41.44
CB MSE C 151 4.81 31.51 38.67
CG MSE C 151 6.00 30.52 38.69
SE MSE C 151 7.45 30.99 37.51
CE MSE C 151 8.15 32.45 38.48
N ASN C 152 4.02 30.29 41.96
CA ASN C 152 4.44 30.37 43.37
C ASN C 152 5.94 29.93 43.47
N GLU C 153 6.48 29.87 44.71
CA GLU C 153 7.89 29.51 44.93
C GLU C 153 8.26 28.12 44.43
N LYS C 154 7.41 27.09 44.68
CA LYS C 154 7.67 25.72 44.23
C LYS C 154 7.71 25.63 42.71
N GLU C 155 6.75 26.30 42.05
CA GLU C 155 6.62 26.33 40.59
C GLU C 155 7.83 27.08 39.97
N ALA C 156 8.31 28.15 40.63
CA ALA C 156 9.46 28.95 40.20
C ALA C 156 10.73 28.10 40.21
N VAL C 157 10.90 27.23 41.25
CA VAL C 157 12.06 26.32 41.34
C VAL C 157 12.01 25.34 40.14
N ALA C 158 10.83 24.68 39.93
CA ALA C 158 10.60 23.74 38.83
C ALA C 158 10.83 24.43 37.46
N TYR C 159 10.31 25.66 37.28
CA TYR C 159 10.49 26.38 36.01
C TYR C 159 11.98 26.68 35.77
N GLY C 160 12.67 27.15 36.80
CA GLY C 160 14.10 27.43 36.74
C GLY C 160 14.93 26.21 36.37
N LYS C 161 14.57 25.03 36.90
CA LYS C 161 15.27 23.76 36.60
C LYS C 161 15.06 23.37 35.13
N PHE C 162 13.82 23.53 34.64
CA PHE C 162 13.47 23.25 33.25
C PHE C 162 14.27 24.13 32.30
N LEU C 163 14.29 25.45 32.54
CA LEU C 163 14.98 26.41 31.68
C LEU C 163 16.48 26.19 31.68
N ALA C 164 17.09 26.01 32.85
CA ALA C 164 18.53 25.81 32.95
C ALA C 164 18.98 24.50 32.25
N GLU C 165 18.23 23.39 32.45
CA GLU C 165 18.60 22.12 31.83
C GLU C 165 18.42 22.19 30.31
N ARG C 166 17.37 22.89 29.85
CA ARG C 166 17.12 22.98 28.41
C ARG C 166 18.14 23.89 27.70
N TYR C 167 18.56 24.99 28.33
CA TYR C 167 19.35 25.99 27.63
C TYR C 167 20.78 26.24 28.10
N LYS C 168 21.27 25.51 29.12
CA LYS C 168 22.64 25.74 29.63
C LYS C 168 23.73 25.54 28.56
N ASP C 169 23.52 24.62 27.58
CA ASP C 169 24.53 24.36 26.55
C ASP C 169 24.34 25.24 25.29
N GLU C 170 23.36 26.15 25.30
CA GLU C 170 23.17 27.15 24.25
C GLU C 170 24.06 28.33 24.61
N PRO C 171 25.02 28.74 23.78
CA PRO C 171 25.94 29.82 24.24
C PRO C 171 25.31 31.24 24.33
N ASN C 172 24.35 31.55 23.47
CA ASN C 172 23.81 32.90 23.30
C ASN C 172 22.56 33.22 24.18
N ILE C 173 22.72 33.09 25.50
CA ILE C 173 21.65 33.34 26.47
C ILE C 173 22.10 34.33 27.54
N ILE C 174 21.19 35.25 27.90
CA ILE C 174 21.29 36.16 29.02
C ILE C 174 19.96 35.99 29.82
N TRP C 175 20.04 35.55 31.07
CA TRP C 175 18.84 35.35 31.89
C TRP C 175 18.30 36.67 32.47
N MSE C 176 17.00 36.89 32.33
CA MSE C 176 16.38 38.10 32.85
C MSE C 176 15.25 37.70 33.78
O MSE C 176 14.21 37.20 33.36
CB MSE C 176 15.86 39.01 31.73
CG MSE C 176 16.94 39.46 30.76
SE MSE C 176 16.26 40.63 29.38
CE MSE C 176 17.97 41.31 28.79
N ILE C 177 15.46 37.95 35.06
CA ILE C 177 14.47 37.73 36.09
C ILE C 177 13.55 38.97 36.07
N GLY C 178 12.33 38.85 36.58
CA GLY C 178 11.40 39.97 36.61
C GLY C 178 10.72 40.19 35.27
N GLY C 179 10.43 41.45 34.97
CA GLY C 179 9.75 41.84 33.73
C GLY C 179 8.69 42.87 34.06
N ASP C 180 9.11 44.15 34.03
CA ASP C 180 8.28 45.33 34.33
C ASP C 180 7.60 45.22 35.70
N ILE C 181 8.37 44.80 36.70
CA ILE C 181 7.86 44.62 38.05
C ILE C 181 8.88 45.11 39.10
N ARG C 182 8.39 45.64 40.22
CA ARG C 182 9.27 46.08 41.30
C ARG C 182 9.90 44.84 41.95
N GLY C 183 11.16 44.97 42.36
CA GLY C 183 11.85 43.88 43.03
C GLY C 183 11.29 43.49 44.39
N ASP C 184 10.50 44.39 45.01
CA ASP C 184 9.85 44.13 46.30
C ASP C 184 8.44 43.52 46.10
N ASN C 185 8.09 43.18 44.85
CA ASN C 185 6.82 42.56 44.51
C ASN C 185 7.07 41.08 44.14
N LYS C 186 6.61 40.15 45.00
CA LYS C 186 6.81 38.69 44.84
C LYS C 186 8.32 38.31 44.84
N THR C 187 9.11 39.01 45.68
CA THR C 187 10.57 38.82 45.82
C THR C 187 10.96 37.36 45.99
N GLU C 188 10.25 36.62 46.88
CA GLU C 188 10.54 35.22 47.18
C GLU C 188 10.42 34.33 45.94
N VAL C 189 9.46 34.65 45.06
CA VAL C 189 9.24 33.93 43.80
C VAL C 189 10.42 34.22 42.84
N TRP C 190 10.80 35.51 42.68
CA TRP C 190 11.92 35.89 41.80
C TRP C 190 13.24 35.28 42.29
N ASP C 191 13.49 35.32 43.63
CA ASP C 191 14.71 34.71 44.21
C ASP C 191 14.72 33.19 43.99
N ALA C 192 13.56 32.53 44.15
CA ALA C 192 13.44 31.07 43.96
C ALA C 192 13.75 30.71 42.51
N LEU C 193 13.23 31.50 41.54
CA LEU C 193 13.50 31.29 40.11
C LEU C 193 15.00 31.49 39.79
N ALA C 194 15.58 32.63 40.20
CA ALA C 194 16.95 33.02 39.99
C ALA C 194 17.95 32.00 40.55
N ASN C 195 17.78 31.62 41.82
CA ASN C 195 18.66 30.65 42.48
C ASN C 195 18.54 29.26 41.86
N SER C 196 17.33 28.87 41.38
CA SER C 196 17.14 27.56 40.75
C SER C 196 17.93 27.49 39.43
N ILE C 197 17.81 28.52 38.57
CA ILE C 197 18.55 28.56 37.30
C ILE C 197 20.05 28.54 37.57
N ARG C 198 20.49 29.44 38.48
CA ARG C 198 21.87 29.67 38.90
C ARG C 198 22.54 28.42 39.50
N SER C 199 21.76 27.53 40.14
CA SER C 199 22.28 26.28 40.71
C SER C 199 22.73 25.28 39.61
N ILE C 200 22.18 25.39 38.38
CA ILE C 200 22.48 24.51 37.25
C ILE C 200 23.32 25.22 36.18
N ASP C 201 22.91 26.43 35.78
CA ASP C 201 23.58 27.16 34.72
C ASP C 201 24.58 28.20 35.30
N LYS C 202 25.87 27.90 35.21
CA LYS C 202 26.96 28.78 35.67
C LYS C 202 27.68 29.43 34.48
N GLY C 203 27.11 29.28 33.27
CA GLY C 203 27.73 29.77 32.05
C GLY C 203 27.08 30.97 31.39
N HIS C 204 26.03 31.52 32.01
CA HIS C 204 25.34 32.68 31.46
C HIS C 204 25.18 33.76 32.51
N LEU C 205 25.17 35.02 32.10
CA LEU C 205 24.97 36.11 33.05
C LEU C 205 23.47 36.23 33.36
N MSE C 206 23.17 36.82 34.52
CA MSE C 206 21.79 37.01 34.97
C MSE C 206 21.57 38.44 35.49
O MSE C 206 22.48 39.06 36.05
CB MSE C 206 21.47 35.98 36.05
CG MSE C 206 19.99 35.97 36.51
SE MSE C 206 19.71 34.50 37.75
CE MSE C 206 19.91 33.06 36.53
N THR C 207 20.33 38.92 35.32
CA THR C 207 19.93 40.27 35.75
C THR C 207 18.43 40.28 36.06
N PHE C 208 17.89 41.48 36.33
CA PHE C 208 16.48 41.68 36.68
C PHE C 208 15.90 42.86 35.89
N HIS C 209 14.71 42.68 35.27
CA HIS C 209 14.04 43.72 34.48
C HIS C 209 13.00 44.39 35.38
N PRO C 210 13.21 45.67 35.76
CA PRO C 210 12.30 46.29 36.74
C PRO C 210 11.19 47.13 36.12
N ARG C 211 10.31 47.62 36.99
CA ARG C 211 9.19 48.51 36.70
C ARG C 211 9.70 49.86 36.15
N GLY C 212 8.84 50.55 35.39
CA GLY C 212 9.16 51.87 34.86
C GLY C 212 9.57 52.83 35.96
N ARG C 213 10.61 53.63 35.70
CA ARG C 213 11.18 54.64 36.61
C ARG C 213 11.86 54.00 37.83
N THR C 214 12.31 52.73 37.69
CA THR C 214 13.02 52.04 38.78
C THR C 214 14.26 51.33 38.19
N THR C 215 15.19 50.99 39.07
CA THR C 215 16.40 50.26 38.74
C THR C 215 16.45 49.00 39.60
N SER C 216 16.95 47.89 39.03
CA SER C 216 17.10 46.64 39.79
C SER C 216 18.09 46.84 40.97
N ALA C 217 19.00 47.85 40.87
CA ALA C 217 19.99 48.17 41.91
C ALA C 217 19.34 48.51 43.25
N THR C 218 18.09 49.04 43.23
CA THR C 218 17.34 49.40 44.44
C THR C 218 17.13 48.16 45.34
N TRP C 219 16.89 46.97 44.75
CA TRP C 219 16.61 45.79 45.54
C TRP C 219 17.65 44.70 45.48
N PHE C 220 18.35 44.55 44.34
CA PHE C 220 19.17 43.38 44.12
C PHE C 220 20.66 43.63 43.85
N ASN C 221 21.18 44.82 44.17
CA ASN C 221 22.61 45.07 43.93
C ASN C 221 23.52 44.04 44.65
N ASP C 222 23.10 43.56 45.85
CA ASP C 222 23.90 42.63 46.64
C ASP C 222 23.54 41.16 46.38
N ARG C 223 22.64 40.87 45.40
CA ARG C 223 22.30 39.48 45.12
C ARG C 223 23.47 38.80 44.40
N GLU C 224 23.84 37.58 44.86
CA GLU C 224 24.91 36.80 44.22
C GLU C 224 24.51 36.38 42.80
N TRP C 225 23.20 36.13 42.57
CA TRP C 225 22.70 35.73 41.26
C TRP C 225 22.67 36.89 40.24
N LEU C 226 22.72 38.17 40.69
CA LEU C 226 22.67 39.33 39.79
C LEU C 226 24.10 39.76 39.39
N ASP C 227 24.42 39.61 38.09
CA ASP C 227 25.73 40.00 37.58
C ASP C 227 25.80 41.50 37.25
N PHE C 228 24.70 42.07 36.75
CA PHE C 228 24.65 43.50 36.41
C PHE C 228 23.24 43.99 36.58
N ASN C 229 23.09 45.30 36.72
CA ASN C 229 21.78 45.95 36.89
C ASN C 229 21.18 46.43 35.58
N MSE C 230 19.85 46.57 35.57
CA MSE C 230 19.11 47.18 34.47
C MSE C 230 18.06 48.12 35.06
O MSE C 230 17.52 47.84 36.13
CB MSE C 230 18.43 46.13 33.58
CG MSE C 230 19.37 45.02 33.05
SE MSE C 230 18.68 44.10 31.48
CE MSE C 230 16.98 43.52 32.15
N PHE C 231 17.75 49.19 34.35
CA PHE C 231 16.67 50.08 34.72
C PHE C 231 15.73 50.28 33.52
N GLN C 232 14.55 50.78 33.81
CA GLN C 232 13.56 51.10 32.78
C GLN C 232 13.27 52.60 32.89
N SER C 233 13.79 53.41 31.95
CA SER C 233 13.53 54.86 32.01
C SER C 233 12.24 55.25 31.25
N GLY C 234 11.78 54.39 30.34
CA GLY C 234 10.54 54.64 29.59
C GLY C 234 9.33 54.70 30.51
N HIS C 235 8.23 55.38 30.11
CA HIS C 235 7.96 56.04 28.83
C HIS C 235 7.27 57.38 29.05
N ARG C 236 7.37 57.92 30.26
CA ARG C 236 6.76 59.19 30.60
C ARG C 236 7.66 60.36 30.21
N ARG C 237 7.03 61.49 29.83
CA ARG C 237 7.72 62.74 29.51
C ARG C 237 7.88 63.56 30.81
N TYR C 238 8.67 64.65 30.75
CA TYR C 238 8.80 65.58 31.85
C TYR C 238 7.41 66.03 32.38
N GLY C 239 7.24 66.02 33.69
CA GLY C 239 6.03 66.49 34.36
C GLY C 239 4.79 65.65 34.19
N GLN C 240 4.95 64.34 33.88
CA GLN C 240 3.81 63.45 33.68
C GLN C 240 3.57 62.51 34.90
N ARG C 241 3.57 63.05 36.13
CA ARG C 241 3.31 62.27 37.36
C ARG C 241 1.84 61.81 37.39
N ASN C 242 0.92 62.69 36.89
CA ASN C 242 -0.52 62.49 36.73
C ASN C 242 -1.17 61.75 37.92
N TYR C 247 5.76 58.24 43.77
CA TYR C 247 6.61 58.40 42.59
C TYR C 247 8.06 58.06 42.95
N PRO C 248 8.69 57.09 42.25
CA PRO C 248 10.05 56.66 42.65
C PRO C 248 11.17 57.63 42.22
N ILE C 249 10.83 58.73 41.55
CA ILE C 249 11.78 59.74 41.07
C ILE C 249 11.29 61.16 41.41
N GLU C 250 12.22 62.15 41.42
CA GLU C 250 11.80 63.51 41.74
CA GLU C 250 11.91 63.55 41.68
C GLU C 250 11.06 64.11 40.53
N GLU C 251 10.12 65.03 40.82
CA GLU C 251 9.26 65.71 39.85
C GLU C 251 10.07 66.40 38.73
N ASN C 252 9.54 66.34 37.48
CA ASN C 252 10.09 67.00 36.30
C ASN C 252 11.52 66.51 35.93
N THR C 253 11.84 65.22 36.19
CA THR C 253 13.13 64.63 35.81
C THR C 253 12.97 63.33 34.99
N GLU C 254 11.71 63.00 34.56
CA GLU C 254 11.40 61.78 33.83
C GLU C 254 12.32 61.47 32.66
N GLU C 255 12.68 62.48 31.86
CA GLU C 255 13.47 62.23 30.66
C GLU C 255 14.98 62.22 30.92
N ASP C 256 15.42 62.48 32.17
CA ASP C 256 16.86 62.48 32.51
C ASP C 256 17.28 61.06 32.87
N ASN C 257 17.37 60.16 31.86
CA ASN C 257 17.67 58.75 32.15
C ASN C 257 19.09 58.57 32.69
N TRP C 258 19.98 59.59 32.52
CA TRP C 258 21.34 59.59 33.09
C TRP C 258 21.25 59.56 34.64
N ARG C 259 20.10 60.03 35.22
CA ARG C 259 19.93 60.02 36.68
C ARG C 259 19.84 58.56 37.21
N PHE C 260 19.26 57.62 36.43
CA PHE C 260 19.17 56.21 36.87
C PHE C 260 20.53 55.55 36.88
N VAL C 261 21.43 55.94 35.96
CA VAL C 261 22.79 55.40 35.91
C VAL C 261 23.51 55.78 37.22
N GLU C 262 23.43 57.08 37.58
CA GLU C 262 24.01 57.64 38.81
C GLU C 262 23.51 56.90 40.06
N ALA C 263 22.18 56.75 40.18
CA ALA C 263 21.50 56.09 41.30
C ALA C 263 21.92 54.63 41.42
N SER C 264 22.07 53.92 40.27
CA SER C 264 22.47 52.52 40.27
C SER C 264 23.94 52.35 40.66
N GLN C 265 24.83 53.21 40.15
CA GLN C 265 26.28 53.15 40.37
C GLN C 265 26.67 53.71 41.74
N ALA C 266 25.75 54.37 42.46
CA ALA C 266 26.00 54.88 43.80
C ALA C 266 25.98 53.72 44.81
N LYS C 267 25.40 52.58 44.41
CA LYS C 267 25.28 51.33 45.17
C LYS C 267 26.60 50.54 45.11
N THR C 268 27.20 50.26 46.27
CA THR C 268 28.46 49.52 46.45
C THR C 268 28.12 48.09 46.92
N PRO C 269 28.70 46.99 46.36
CA PRO C 269 29.72 46.91 45.30
C PRO C 269 29.22 47.40 43.95
N LEU C 270 30.12 48.03 43.19
CA LEU C 270 29.82 48.55 41.87
C LEU C 270 29.61 47.40 40.88
N LYS C 271 28.49 47.46 40.17
CA LYS C 271 28.11 46.51 39.13
C LYS C 271 27.74 47.29 37.87
N PRO C 272 27.87 46.68 36.67
CA PRO C 272 27.49 47.41 35.46
C PRO C 272 25.99 47.70 35.42
N VAL C 273 25.58 48.72 34.66
CA VAL C 273 24.18 49.08 34.55
C VAL C 273 23.86 49.42 33.09
N ILE C 274 22.60 49.24 32.67
CA ILE C 274 22.14 49.54 31.35
C ILE C 274 20.69 49.98 31.42
N ASP C 275 20.29 50.86 30.47
CA ASP C 275 18.90 51.23 30.27
C ASP C 275 18.36 50.14 29.35
N ASP C 276 17.63 49.16 29.93
CA ASP C 276 17.11 48.04 29.14
C ASP C 276 15.74 48.36 28.57
N GLU C 277 15.18 49.50 28.97
CA GLU C 277 13.88 49.89 28.45
C GLU C 277 13.71 51.41 28.51
N PRO C 278 14.34 52.09 27.55
CA PRO C 278 14.10 53.54 27.46
C PRO C 278 12.75 53.75 26.77
N ILE C 279 12.42 54.99 26.41
CA ILE C 279 11.24 55.25 25.57
C ILE C 279 11.30 54.39 24.29
N TYR C 280 10.13 53.99 23.78
CA TYR C 280 10.10 53.25 22.53
C TYR C 280 9.79 54.20 21.38
N GLU C 281 10.43 54.02 20.23
CA GLU C 281 10.14 54.80 19.02
C GLU C 281 8.66 54.62 18.67
N ASP C 282 7.97 55.78 18.43
CA ASP C 282 6.55 55.95 18.10
CA ASP C 282 6.55 55.84 18.04
C ASP C 282 5.56 55.50 19.21
N ILE C 283 6.04 55.24 20.44
CA ILE C 283 5.09 54.95 21.53
C ILE C 283 4.57 56.31 22.06
N PRO C 284 3.28 56.45 22.47
CA PRO C 284 2.84 57.72 23.04
C PRO C 284 3.57 58.05 24.34
N GLN C 285 3.81 59.35 24.56
CA GLN C 285 4.39 59.84 25.81
C GLN C 285 3.40 59.51 26.93
N GLY C 286 3.82 58.68 27.89
CA GLY C 286 2.94 58.23 28.97
C GLY C 286 2.14 56.98 28.66
N LEU C 287 2.34 56.38 27.47
CA LEU C 287 1.80 55.11 26.96
C LEU C 287 0.31 55.04 26.62
N HIS C 288 -0.56 55.40 27.57
CA HIS C 288 -1.99 55.09 27.55
C HIS C 288 -2.91 56.02 26.74
N ASP C 289 -2.41 57.17 26.27
CA ASP C 289 -3.28 58.01 25.43
C ASP C 289 -2.78 57.90 23.98
N PRO C 290 -3.53 57.21 23.08
CA PRO C 290 -3.05 57.05 21.69
C PRO C 290 -3.02 58.34 20.85
N ASN C 291 -3.61 59.40 21.35
CA ASN C 291 -3.63 60.69 20.67
C ASN C 291 -2.54 61.62 21.21
N GLU C 292 -1.77 61.16 22.21
CA GLU C 292 -0.66 61.97 22.73
C GLU C 292 0.49 62.06 21.72
N THR C 293 1.39 63.05 21.93
CA THR C 293 2.64 63.18 21.18
C THR C 293 3.40 61.85 21.27
N ARG C 294 3.97 61.38 20.17
CA ARG C 294 4.73 60.12 20.16
C ARG C 294 6.23 60.41 20.31
N TRP C 295 6.95 59.54 21.02
CA TRP C 295 8.42 59.62 21.07
C TRP C 295 8.96 59.39 19.66
N ASN C 296 9.99 60.14 19.23
CA ASN C 296 10.48 59.98 17.85
C ASN C 296 11.98 59.59 17.84
N GLN C 297 12.58 59.46 16.64
CA GLN C 297 14.00 59.09 16.46
C GLN C 297 14.97 59.98 17.26
N HIS C 298 14.67 61.30 17.37
CA HIS C 298 15.57 62.26 18.05
C HIS C 298 15.56 61.96 19.54
N ASP C 299 14.37 61.66 20.09
CA ASP C 299 14.22 61.29 21.50
C ASP C 299 14.95 59.96 21.79
N VAL C 300 14.81 58.99 20.89
CA VAL C 300 15.43 57.67 21.01
C VAL C 300 16.97 57.81 21.06
N ARG C 301 17.55 58.67 20.19
CA ARG C 301 19.01 58.87 20.22
C ARG C 301 19.41 59.55 21.52
N ARG C 302 18.62 60.58 21.96
CA ARG C 302 18.93 61.29 23.20
C ARG C 302 19.04 60.32 24.40
N TYR C 303 18.04 59.44 24.61
CA TYR C 303 18.09 58.46 25.71
C TYR C 303 19.31 57.51 25.58
N ALA C 304 19.63 57.08 24.35
CA ALA C 304 20.73 56.14 24.10
C ALA C 304 22.06 56.76 24.51
N TYR C 305 22.36 57.96 23.99
CA TYR C 305 23.65 58.59 24.28
C TYR C 305 23.69 59.09 25.73
N TRP C 306 22.54 59.58 26.26
CA TRP C 306 22.54 60.00 27.68
C TRP C 306 22.84 58.83 28.63
N SER C 307 22.23 57.65 28.40
CA SER C 307 22.49 56.53 29.28
C SER C 307 23.96 56.04 29.18
N VAL C 308 24.47 55.84 27.94
CA VAL C 308 25.83 55.34 27.74
C VAL C 308 26.89 56.36 28.26
N PHE C 309 26.76 57.65 27.93
CA PHE C 309 27.73 58.66 28.36
C PHE C 309 27.67 58.90 29.88
N ALA C 310 26.54 58.51 30.56
CA ALA C 310 26.44 58.60 32.02
C ALA C 310 27.18 57.42 32.68
N GLY C 311 27.52 56.40 31.90
CA GLY C 311 28.26 55.24 32.39
C GLY C 311 27.69 53.87 32.10
N SER C 312 26.55 53.77 31.37
CA SER C 312 25.98 52.43 31.05
C SER C 312 26.92 51.68 30.11
N PHE C 313 26.97 50.35 30.23
CA PHE C 313 27.89 49.49 29.46
C PHE C 313 27.43 49.23 28.01
N GLY C 314 26.18 49.57 27.75
CA GLY C 314 25.58 49.41 26.43
C GLY C 314 24.22 50.08 26.43
N HIS C 315 23.34 49.70 25.50
CA HIS C 315 21.99 50.25 25.46
C HIS C 315 21.04 49.30 24.77
N SER C 316 19.77 49.27 25.22
CA SER C 316 18.72 48.53 24.54
C SER C 316 17.76 49.53 23.92
N TYR C 317 17.38 49.29 22.67
CA TYR C 317 16.40 50.09 21.94
C TYR C 317 15.05 49.31 21.92
N GLY C 318 13.97 50.04 21.71
CA GLY C 318 12.66 49.46 21.47
C GLY C 318 11.84 50.35 20.54
N HIS C 319 10.93 49.72 19.80
CA HIS C 319 9.97 50.37 18.89
C HIS C 319 8.62 49.86 19.25
N ASN C 320 7.62 50.76 19.40
CA ASN C 320 6.26 50.36 19.77
C ASN C 320 5.68 49.22 18.85
N ASP C 321 5.91 49.33 17.54
CA ASP C 321 5.37 48.37 16.57
C ASP C 321 6.14 47.05 16.51
N ILE C 322 7.44 47.10 16.79
CA ILE C 322 8.23 45.86 16.72
C ILE C 322 8.06 45.01 17.98
N MSE C 323 8.15 45.64 19.18
CA MSE C 323 8.14 44.92 20.47
C MSE C 323 6.85 44.06 20.63
O MSE C 323 6.88 42.99 21.27
CB MSE C 323 8.34 45.92 21.65
CG MSE C 323 7.17 46.91 21.87
SE MSE C 323 5.85 46.19 23.08
CE MSE C 323 4.90 47.83 23.36
N GLN C 324 5.75 44.47 19.98
CA GLN C 324 4.51 43.70 20.03
C GLN C 324 4.20 43.02 18.65
N PHE C 325 5.13 43.14 17.65
CA PHE C 325 4.98 42.55 16.30
C PHE C 325 3.58 42.79 15.71
N ILE C 326 3.20 44.06 15.67
CA ILE C 326 1.90 44.47 15.18
C ILE C 326 1.84 44.30 13.66
N ARG C 327 0.62 44.07 13.14
CA ARG C 327 0.37 43.89 11.72
C ARG C 327 -1.10 44.16 11.50
N PRO C 328 -1.59 44.38 10.26
CA PRO C 328 -3.03 44.68 10.10
C PRO C 328 -3.91 43.58 10.69
N GLY C 329 -4.92 44.02 11.44
CA GLY C 329 -5.89 43.13 12.07
C GLY C 329 -5.47 42.49 13.39
N TYR C 330 -4.31 42.90 13.95
CA TYR C 330 -3.86 42.37 15.24
C TYR C 330 -4.13 43.31 16.39
N GLY C 331 -4.55 42.74 17.53
CA GLY C 331 -4.83 43.49 18.77
C GLY C 331 -3.60 44.26 19.18
N ALA C 332 -3.75 45.58 19.40
CA ALA C 332 -2.63 46.46 19.70
C ALA C 332 -2.64 46.96 21.12
N SER C 333 -1.46 47.40 21.57
CA SER C 333 -1.23 48.08 22.82
C SER C 333 -0.61 49.42 22.51
N PHE C 334 -0.87 50.43 23.37
CA PHE C 334 -0.26 51.76 23.35
C PHE C 334 -0.32 52.48 21.98
N GLY C 335 -1.50 52.48 21.37
CA GLY C 335 -1.76 53.21 20.12
C GLY C 335 -1.05 52.71 18.87
N ALA C 336 -0.64 51.45 18.84
CA ALA C 336 -0.07 50.86 17.61
C ALA C 336 -1.26 50.56 16.66
N ASP C 337 -1.00 50.56 15.36
CA ASP C 337 -2.06 50.34 14.35
C ASP C 337 -1.41 49.70 13.18
N GLY C 338 -1.51 48.38 13.12
CA GLY C 338 -0.90 47.56 12.07
C GLY C 338 -1.19 47.95 10.63
N ARG C 339 -2.37 48.59 10.36
CA ARG C 339 -2.75 49.09 9.02
C ARG C 339 -1.90 50.30 8.66
N LYS C 340 -1.54 51.12 9.67
CA LYS C 340 -0.75 52.34 9.47
C LYS C 340 0.74 51.99 9.38
N LYS C 341 1.22 51.12 10.28
CA LYS C 341 2.62 50.68 10.31
C LYS C 341 2.70 49.34 10.99
N ALA C 342 3.23 48.35 10.27
CA ALA C 342 3.41 47.00 10.75
C ALA C 342 4.85 46.84 11.24
N TRP C 343 5.14 45.77 12.02
CA TRP C 343 6.50 45.57 12.53
C TRP C 343 7.53 45.51 11.39
N TRP C 344 7.15 44.95 10.21
CA TRP C 344 8.11 44.87 9.08
C TRP C 344 8.42 46.27 8.52
N ASP C 345 7.48 47.24 8.64
CA ASP C 345 7.73 48.62 8.23
C ASP C 345 8.60 49.33 9.23
N ALA C 346 8.36 49.09 10.55
CA ALA C 346 9.08 49.75 11.64
C ALA C 346 10.58 49.40 11.62
N LEU C 347 10.97 48.24 11.02
CA LEU C 347 12.39 47.86 10.91
C LEU C 347 13.16 48.84 9.98
N GLU C 348 12.40 49.61 9.20
CA GLU C 348 12.95 50.61 8.28
C GLU C 348 12.96 52.01 8.92
N ASP C 349 12.49 52.14 10.19
CA ASP C 349 12.38 53.47 10.82
C ASP C 349 13.76 54.03 11.21
N PRO C 350 13.92 55.37 11.29
CA PRO C 350 15.26 55.94 11.55
C PRO C 350 15.90 55.52 12.88
N GLY C 351 15.17 55.59 14.02
CA GLY C 351 15.75 55.24 15.32
C GLY C 351 16.36 53.84 15.37
N PHE C 352 15.60 52.86 14.86
CA PHE C 352 16.07 51.45 14.80
C PHE C 352 17.42 51.38 14.05
N ASN C 353 17.55 52.16 12.97
CA ASN C 353 18.73 52.13 12.09
C ASN C 353 19.84 53.13 12.49
N GLN C 354 19.71 53.79 13.63
CA GLN C 354 20.71 54.75 14.10
C GLN C 354 21.50 54.24 15.31
N MSE C 355 21.00 53.20 16.00
CA MSE C 355 21.67 52.63 17.18
C MSE C 355 23.07 52.11 16.85
O MSE C 355 23.97 52.21 17.70
CB MSE C 355 20.80 51.52 17.78
CG MSE C 355 19.45 52.05 18.35
SE MSE C 355 19.67 53.35 19.81
CE MSE C 355 19.53 55.06 18.79
N LYS C 356 23.29 51.57 15.63
CA LYS C 356 24.64 51.08 15.20
C LYS C 356 25.72 52.18 15.30
N TYR C 357 25.36 53.46 15.10
CA TYR C 357 26.33 54.56 15.19
C TYR C 357 26.82 54.75 16.62
N LEU C 358 25.95 54.44 17.60
CA LEU C 358 26.37 54.52 19.01
C LEU C 358 27.36 53.37 19.35
N LYS C 359 27.00 52.15 18.97
CA LYS C 359 27.85 50.99 19.20
C LYS C 359 29.23 51.17 18.52
N ASN C 360 29.23 51.57 17.23
CA ASN C 360 30.48 51.71 16.48
C ASN C 360 31.40 52.78 17.07
N LEU C 361 30.83 53.90 17.55
CA LEU C 361 31.61 54.96 18.20
C LEU C 361 32.31 54.43 19.47
N MSE C 362 31.55 53.75 20.35
CA MSE C 362 32.10 53.27 21.62
C MSE C 362 33.23 52.24 21.42
O MSE C 362 34.20 52.25 22.16
CB MSE C 362 31.00 52.73 22.55
CG MSE C 362 29.85 53.72 22.81
SE MSE C 362 30.37 55.58 23.10
CE MSE C 362 31.20 55.36 24.80
N LEU C 363 33.11 51.38 20.40
CA LEU C 363 34.11 50.35 20.13
C LEU C 363 35.38 50.91 19.44
N THR C 364 35.36 52.21 19.04
CA THR C 364 36.51 52.86 18.35
C THR C 364 37.59 53.25 19.37
N PHE C 365 37.25 53.36 20.65
CA PHE C 365 38.18 53.85 21.67
C PHE C 365 38.50 52.85 22.79
N PRO C 366 39.64 53.04 23.54
CA PRO C 366 39.95 52.15 24.70
C PRO C 366 38.71 52.02 25.58
N PHE C 367 38.25 50.79 25.71
CA PHE C 367 36.93 50.49 26.24
C PHE C 367 36.79 50.48 27.76
N PHE C 368 37.64 49.74 28.47
CA PHE C 368 37.46 49.49 29.90
C PHE C 368 37.85 50.66 30.82
N GLU C 369 38.75 51.57 30.40
CA GLU C 369 39.13 52.72 31.24
C GLU C 369 38.14 53.90 31.12
N ARG C 370 37.08 53.72 30.30
CA ARG C 370 36.09 54.79 30.13
C ARG C 370 35.33 55.06 31.42
N VAL C 371 35.18 56.34 31.76
CA VAL C 371 34.40 56.79 32.91
C VAL C 371 33.46 57.92 32.49
N PRO C 372 32.30 58.10 33.14
CA PRO C 372 31.52 59.33 32.89
C PRO C 372 32.29 60.48 33.56
N ASP C 373 32.25 61.71 32.99
CA ASP C 373 32.96 62.83 33.64
C ASP C 373 32.40 64.17 33.21
N GLN C 374 31.44 64.68 34.00
CA GLN C 374 30.83 65.97 33.71
C GLN C 374 31.81 67.16 33.90
N SER C 375 32.94 66.97 34.62
CA SER C 375 33.95 68.05 34.80
C SER C 375 34.67 68.36 33.47
N VAL C 376 34.51 67.51 32.44
CA VAL C 376 34.99 67.75 31.06
C VAL C 376 34.24 69.02 30.51
N ILE C 377 32.99 69.22 30.96
CA ILE C 377 32.17 70.37 30.58
C ILE C 377 32.50 71.52 31.51
N ALA C 378 33.13 72.58 30.99
CA ALA C 378 33.48 73.78 31.77
C ALA C 378 32.33 74.80 31.69
N GLY C 379 32.41 75.89 32.44
CA GLY C 379 31.40 76.93 32.43
C GLY C 379 30.08 76.46 33.01
N THR C 380 28.98 76.99 32.46
CA THR C 380 27.66 76.59 32.90
C THR C 380 27.03 75.69 31.83
N ASN C 381 26.70 74.49 32.24
CA ASN C 381 26.07 73.52 31.35
C ASN C 381 24.58 73.87 31.22
N GLY C 382 23.97 73.45 30.13
CA GLY C 382 22.55 73.69 29.90
C GLY C 382 21.70 72.76 30.76
N GLU C 383 20.39 73.06 30.82
CA GLU C 383 19.37 72.30 31.55
C GLU C 383 18.56 71.47 30.56
N ARG C 384 17.94 70.37 31.04
CA ARG C 384 17.07 69.47 30.27
C ARG C 384 17.75 69.04 28.96
N TYR C 385 17.18 69.35 27.76
CA TYR C 385 17.81 68.92 26.50
C TYR C 385 19.15 69.62 26.18
N ASP C 386 19.43 70.73 26.86
CA ASP C 386 20.68 71.48 26.69
C ASP C 386 21.81 70.96 27.61
N ARG C 387 21.55 69.91 28.40
CA ARG C 387 22.61 69.35 29.25
C ARG C 387 23.56 68.47 28.41
N ALA C 388 24.75 69.02 28.11
CA ALA C 388 25.78 68.26 27.40
C ALA C 388 26.24 67.16 28.34
N ILE C 389 26.60 66.00 27.80
CA ILE C 389 27.00 64.87 28.62
C ILE C 389 28.35 64.36 28.13
N ALA C 390 29.28 64.15 29.07
CA ALA C 390 30.64 63.78 28.70
C ALA C 390 31.12 62.49 29.35
N THR C 391 31.95 61.79 28.60
CA THR C 391 32.60 60.54 29.02
C THR C 391 34.03 60.56 28.46
N ARG C 392 34.96 59.91 29.16
CA ARG C 392 36.35 59.93 28.71
C ARG C 392 37.12 58.69 29.13
N GLY C 393 38.25 58.50 28.47
CA GLY C 393 39.28 57.55 28.86
C GLY C 393 40.42 58.40 29.39
N ASN C 394 41.65 57.92 29.25
CA ASN C 394 42.83 58.68 29.65
C ASN C 394 43.34 59.61 28.55
N ASP C 395 43.06 59.25 27.27
CA ASP C 395 43.60 59.97 26.12
C ASP C 395 42.53 60.35 25.10
N TYR C 396 41.26 60.23 25.47
CA TYR C 396 40.16 60.63 24.59
C TYR C 396 38.96 61.07 25.43
N LEU C 397 38.13 61.93 24.86
CA LEU C 397 36.89 62.32 25.51
C LEU C 397 35.81 62.42 24.44
N LEU C 398 34.56 62.16 24.85
CA LEU C 398 33.40 62.22 23.97
C LEU C 398 32.35 63.07 24.67
N VAL C 399 31.77 64.05 23.94
CA VAL C 399 30.74 64.92 24.51
C VAL C 399 29.53 64.91 23.58
N TYR C 400 28.40 64.38 24.07
CA TYR C 400 27.17 64.34 23.29
C TYR C 400 26.35 65.59 23.61
N ASN C 401 26.06 66.35 22.56
CA ASN C 401 25.34 67.59 22.68
C ASN C 401 24.04 67.47 21.85
N TYR C 402 22.94 67.12 22.52
CA TYR C 402 21.65 66.93 21.84
C TYR C 402 21.18 68.21 21.13
N SER C 403 21.22 69.35 21.82
CA SER C 403 20.61 70.57 21.31
C SER C 403 21.48 71.35 20.33
N GLY C 404 22.80 71.33 20.51
CA GLY C 404 23.70 72.15 19.71
C GLY C 404 24.07 73.44 20.43
N ARG C 405 23.57 73.64 21.69
CA ARG C 405 23.96 74.80 22.50
C ARG C 405 25.52 74.88 22.57
N PRO C 406 26.15 76.07 22.32
CA PRO C 406 27.61 76.18 22.42
C PRO C 406 28.15 75.65 23.76
N MSE C 407 29.36 75.08 23.71
CA MSE C 407 30.00 74.44 24.87
C MSE C 407 31.39 74.93 25.13
O MSE C 407 32.09 75.33 24.21
CB MSE C 407 30.14 72.92 24.66
CG MSE C 407 28.84 72.16 24.39
SE MSE C 407 29.29 70.31 23.99
CE MSE C 407 30.15 70.40 22.30
N GLN C 408 31.81 74.83 26.39
CA GLN C 408 33.18 75.11 26.83
C GLN C 408 33.69 73.78 27.36
N ILE C 409 34.73 73.23 26.70
CA ILE C 409 35.24 71.89 27.00
C ILE C 409 36.65 71.99 27.55
N ASP C 410 36.88 71.35 28.72
CA ASP C 410 38.18 71.33 29.39
C ASP C 410 39.02 70.21 28.81
N LEU C 411 39.83 70.54 27.79
CA LEU C 411 40.69 69.55 27.11
C LEU C 411 41.82 69.02 28.02
N SER C 412 42.11 69.68 29.16
CA SER C 412 43.18 69.24 30.06
C SER C 412 42.77 67.99 30.89
N LYS C 413 41.51 67.52 30.76
CA LYS C 413 41.00 66.35 31.48
C LYS C 413 41.54 65.03 30.89
N ILE C 414 42.19 65.10 29.72
CA ILE C 414 42.82 63.94 29.06
C ILE C 414 44.27 64.33 28.72
N SER C 415 45.12 63.32 28.44
CA SER C 415 46.53 63.48 28.11
C SER C 415 46.73 64.22 26.78
N GLY C 416 47.93 64.75 26.59
CA GLY C 416 48.35 65.39 25.35
C GLY C 416 48.50 66.88 25.41
N ALA C 417 49.68 67.38 24.98
CA ALA C 417 49.96 68.82 24.90
C ALA C 417 48.98 69.45 23.88
N LYS C 418 48.67 68.72 22.80
CA LYS C 418 47.69 69.14 21.79
C LYS C 418 46.66 68.05 21.62
N LYS C 419 45.46 68.41 21.13
CA LYS C 419 44.34 67.52 20.91
C LYS C 419 43.74 67.69 19.52
N ASN C 420 43.33 66.57 18.88
CA ASN C 420 42.59 66.62 17.62
C ASN C 420 41.11 66.49 17.95
N ALA C 421 40.27 67.25 17.23
CA ALA C 421 38.83 67.20 17.46
C ALA C 421 38.05 66.97 16.17
N TRP C 422 36.94 66.22 16.28
CA TRP C 422 36.00 65.90 15.21
C TRP C 422 34.57 66.07 15.67
N TRP C 423 33.66 66.33 14.73
CA TRP C 423 32.22 66.27 14.98
C TRP C 423 31.74 64.89 14.46
N TYR C 424 30.90 64.19 15.22
CA TYR C 424 30.34 62.91 14.82
C TYR C 424 28.83 63.03 14.90
N SER C 425 28.15 62.96 13.74
CA SER C 425 26.69 63.10 13.68
CA SER C 425 26.70 63.12 13.67
C SER C 425 25.99 61.84 14.14
N ALA C 426 25.18 61.94 15.20
CA ALA C 426 24.49 60.77 15.75
C ALA C 426 23.42 60.20 14.78
N LYS C 427 22.82 61.04 13.92
CA LYS C 427 21.76 60.56 13.02
C LYS C 427 22.29 59.70 11.85
N ASP C 428 23.54 59.89 11.41
CA ASP C 428 24.00 59.16 10.21
C ASP C 428 25.48 58.73 10.25
N GLY C 429 26.16 58.93 11.38
CA GLY C 429 27.57 58.55 11.53
C GLY C 429 28.59 59.39 10.75
N LYS C 430 28.15 60.53 10.18
CA LYS C 430 29.04 61.43 9.46
C LYS C 430 30.09 61.99 10.41
N LEU C 431 31.36 61.94 9.98
CA LEU C 431 32.50 62.44 10.72
C LEU C 431 33.11 63.62 10.02
N GLU C 432 33.41 64.69 10.78
CA GLU C 432 33.99 65.90 10.23
C GLU C 432 35.12 66.42 11.12
N TYR C 433 36.36 66.40 10.60
CA TYR C 433 37.52 66.92 11.32
C TYR C 433 37.40 68.41 11.56
N ILE C 434 37.67 68.85 12.79
CA ILE C 434 37.60 70.26 13.18
C ILE C 434 38.98 70.89 13.08
N GLY C 435 39.94 70.28 13.74
CA GLY C 435 41.31 70.81 13.78
C GLY C 435 42.07 70.36 15.01
N GLU C 436 43.24 70.97 15.21
CA GLU C 436 44.11 70.62 16.32
C GLU C 436 44.15 71.77 17.33
N PHE C 437 44.03 71.44 18.61
CA PHE C 437 43.90 72.45 19.66
C PHE C 437 44.91 72.30 20.80
N ASP C 438 45.32 73.44 21.37
CA ASP C 438 46.16 73.48 22.56
C ASP C 438 45.31 72.93 23.74
N SER C 439 45.95 72.26 24.71
CA SER C 439 45.21 71.67 25.82
C SER C 439 44.87 72.74 26.84
N LYS C 440 43.62 73.21 26.78
CA LYS C 440 43.05 74.24 27.66
C LYS C 440 41.53 74.21 27.49
N VAL C 441 40.80 75.01 28.30
CA VAL C 441 39.34 75.16 28.15
C VAL C 441 39.11 75.85 26.78
N THR C 442 38.32 75.20 25.93
CA THR C 442 38.06 75.60 24.54
C THR C 442 36.57 75.64 24.22
N SER C 443 36.14 76.67 23.47
CA SER C 443 34.75 76.76 23.03
C SER C 443 34.53 75.97 21.76
N PHE C 444 33.41 75.23 21.70
CA PHE C 444 33.00 74.46 20.54
C PHE C 444 31.53 74.69 20.25
N GLN C 445 31.20 74.89 18.96
CA GLN C 445 29.82 74.97 18.49
C GLN C 445 29.73 74.45 17.08
N HIS C 446 28.71 73.64 16.82
CA HIS C 446 28.47 73.00 15.54
C HIS C 446 27.57 73.87 14.68
N ASP C 447 27.90 73.98 13.40
CA ASP C 447 27.14 74.79 12.46
C ASP C 447 25.95 73.98 11.93
N SER C 448 24.82 74.07 12.65
CA SER C 448 23.58 73.35 12.31
C SER C 448 22.44 73.96 13.12
N GLY C 449 21.22 73.73 12.69
CA GLY C 449 20.07 74.25 13.41
C GLY C 449 20.02 73.80 14.87
N TYR C 450 19.70 74.74 15.74
CA TYR C 450 19.53 74.48 17.17
C TYR C 450 18.27 73.60 17.35
N LEU C 451 18.38 72.54 18.14
CA LEU C 451 17.28 71.59 18.40
C LEU C 451 16.63 71.14 17.06
N SER C 452 17.48 70.77 16.09
CA SER C 452 17.00 70.43 14.75
C SER C 452 17.19 68.95 14.43
N GLY C 453 17.52 68.14 15.42
CA GLY C 453 17.79 66.72 15.16
C GLY C 453 19.16 66.52 14.51
N ASN C 454 20.08 67.48 14.73
CA ASN C 454 21.44 67.37 14.21
C ASN C 454 22.43 67.24 15.39
N ASP C 455 22.03 66.43 16.38
CA ASP C 455 22.81 66.14 17.60
C ASP C 455 24.15 65.54 17.22
N GLN C 456 25.21 66.08 17.82
CA GLN C 456 26.58 65.66 17.56
C GLN C 456 27.27 65.12 18.77
N VAL C 457 28.26 64.29 18.51
CA VAL C 457 29.23 63.92 19.52
C VAL C 457 30.48 64.68 19.16
N LEU C 458 31.04 65.44 20.12
CA LEU C 458 32.34 66.02 19.92
C LEU C 458 33.37 64.96 20.35
N ILE C 459 34.24 64.56 19.41
CA ILE C 459 35.30 63.58 19.66
C ILE C 459 36.61 64.33 19.83
N VAL C 460 37.31 64.12 20.96
CA VAL C 460 38.59 64.79 21.18
C VAL C 460 39.59 63.71 21.55
N VAL C 461 40.75 63.70 20.88
CA VAL C 461 41.78 62.69 21.13
C VAL C 461 43.14 63.35 21.26
N ASP C 462 43.98 62.83 22.19
CA ASP C 462 45.40 63.20 22.34
C ASP C 462 46.01 63.10 20.93
N SER C 463 46.70 64.17 20.45
CA SER C 463 47.28 64.23 19.10
CA SER C 463 47.26 64.22 19.09
C SER C 463 48.26 63.09 18.81
N ALA C 464 48.82 62.45 19.86
CA ALA C 464 49.75 61.32 19.67
C ALA C 464 49.03 59.98 19.38
N LYS C 465 47.69 59.92 19.59
CA LYS C 465 46.90 58.68 19.40
C LYS C 465 46.22 58.67 18.02
N ASP C 466 46.02 57.43 17.47
CA ASP C 466 45.49 57.22 16.13
CA ASP C 466 45.50 57.19 16.12
C ASP C 466 44.09 56.55 16.09
N TYR C 467 43.29 56.65 17.17
CA TYR C 467 41.94 56.02 17.16
C TYR C 467 41.06 56.55 16.03
N VAL C 468 41.22 57.84 15.70
CA VAL C 468 40.48 58.49 14.62
C VAL C 468 41.51 59.21 13.73
N GLN C 469 41.35 59.08 12.40
CA GLN C 469 42.22 59.76 11.44
C GLN C 469 41.57 61.07 10.99
N LYS C 470 42.41 62.06 10.66
CA LYS C 470 41.96 63.40 10.26
C LYS C 470 41.13 63.42 8.95
N ALA C 471 41.50 62.59 7.96
CA ALA C 471 40.83 62.57 6.65
C ALA C 471 39.58 61.71 6.61
N TRP C 472 39.26 60.97 7.68
CA TRP C 472 38.03 60.13 7.72
C TRP C 472 36.76 60.96 7.68
N THR C 473 35.74 60.49 6.93
CA THR C 473 34.41 61.15 6.86
C THR C 473 33.35 60.21 7.47
N ALA C 474 33.82 59.05 7.95
CA ALA C 474 33.03 58.02 8.63
C ALA C 474 33.95 57.21 9.51
N LEU C 475 33.40 56.54 10.52
CA LEU C 475 34.23 55.64 11.33
C LEU C 475 34.21 54.28 10.69
N PRO C 476 35.35 53.58 10.53
CA PRO C 476 35.30 52.20 9.99
C PRO C 476 34.58 51.27 10.97
N ASP C 477 34.20 50.08 10.49
CA ASP C 477 33.53 49.07 11.30
C ASP C 477 34.50 48.56 12.36
N ALA C 478 34.35 49.08 13.61
CA ALA C 478 35.22 48.80 14.75
C ALA C 478 35.20 47.31 15.20
N ILE C 479 34.13 46.56 14.90
CA ILE C 479 33.98 45.15 15.27
C ILE C 479 34.99 44.26 14.51
N GLN C 480 35.35 44.67 13.28
CA GLN C 480 36.26 43.92 12.40
C GLN C 480 37.65 43.69 13.01
N LYS C 481 38.05 44.49 14.02
CA LYS C 481 39.32 44.31 14.75
C LYS C 481 39.38 42.93 15.43
N TRP C 482 38.21 42.43 15.89
CA TRP C 482 38.07 41.15 16.60
C TRP C 482 37.38 40.10 15.71
N ASN C 483 37.22 40.38 14.41
CA ASN C 483 36.57 39.47 13.46
C ASN C 483 37.54 39.05 12.36
N ALA D 20 63.16 -2.96 32.12
CA ALA D 20 63.25 -3.75 30.89
C ALA D 20 61.86 -4.23 30.44
N LYS D 21 61.01 -4.68 31.38
CA LYS D 21 59.65 -5.13 31.08
C LYS D 21 58.83 -3.98 30.51
N THR D 22 57.88 -4.29 29.61
CA THR D 22 57.04 -3.27 28.97
C THR D 22 56.23 -2.54 30.03
N TYR D 23 56.25 -1.19 29.99
CA TYR D 23 55.48 -0.36 30.90
C TYR D 23 54.05 -0.32 30.40
N ILE D 24 53.12 -0.71 31.26
CA ILE D 24 51.67 -0.70 30.95
C ILE D 24 51.06 0.42 31.81
N PRO D 25 50.75 1.61 31.20
CA PRO D 25 50.28 2.74 32.01
C PRO D 25 49.04 2.45 32.85
N TRP D 26 48.04 1.71 32.31
CA TRP D 26 46.78 1.44 33.00
C TRP D 26 46.90 0.42 34.15
N LYS D 27 48.12 -0.08 34.44
CA LYS D 27 48.35 -0.90 35.63
C LYS D 27 48.16 0.02 36.86
N ASN D 28 48.31 1.34 36.63
CA ASN D 28 48.14 2.41 37.62
C ASN D 28 46.67 2.86 37.76
N GLY D 29 45.80 2.32 36.90
CA GLY D 29 44.37 2.62 36.88
C GLY D 29 43.97 3.48 35.70
N LYS D 30 42.68 3.85 35.63
CA LYS D 30 42.10 4.70 34.59
C LYS D 30 42.75 6.08 34.54
N LEU D 31 42.63 6.75 33.38
CA LEU D 31 43.09 8.12 33.26
C LEU D 31 42.05 9.03 33.91
N VAL D 32 42.52 10.04 34.62
CA VAL D 32 41.64 10.98 35.29
C VAL D 32 42.30 12.36 35.19
N VAL D 33 41.47 13.40 35.12
CA VAL D 33 41.96 14.78 35.12
C VAL D 33 42.42 15.09 36.56
N SER D 34 43.67 15.58 36.71
CA SER D 34 44.26 15.93 37.99
C SER D 34 43.51 17.14 38.62
N GLU D 35 43.59 17.27 39.96
CA GLU D 35 42.88 18.27 40.81
C GLU D 35 43.01 19.71 40.30
N GLU D 36 44.22 20.12 39.85
CA GLU D 36 44.48 21.50 39.42
C GLU D 36 43.91 21.79 38.01
N GLY D 37 43.33 20.78 37.36
CA GLY D 37 42.72 20.94 36.03
C GLY D 37 43.67 21.18 34.87
N ARG D 38 44.94 20.81 35.01
CA ARG D 38 45.94 21.02 33.93
C ARG D 38 46.49 19.73 33.36
N TYR D 39 46.59 18.67 34.18
CA TYR D 39 47.25 17.43 33.74
C TYR D 39 46.41 16.20 33.88
N LEU D 40 46.85 15.15 33.18
CA LEU D 40 46.29 13.82 33.27
C LEU D 40 47.13 12.98 34.23
N LYS D 41 46.45 12.14 34.98
CA LYS D 41 47.07 11.21 35.93
C LYS D 41 46.33 9.90 35.84
N HIS D 42 46.88 8.86 36.48
CA HIS D 42 46.18 7.60 36.65
C HIS D 42 45.42 7.68 37.97
N GLU D 43 44.44 6.78 38.23
CA GLU D 43 43.66 6.75 39.49
C GLU D 43 44.57 6.73 40.74
N ASN D 44 45.75 6.09 40.67
CA ASN D 44 46.64 5.98 41.83
C ASN D 44 47.56 7.23 42.01
N GLY D 45 47.38 8.25 41.17
CA GLY D 45 48.15 9.49 41.23
C GLY D 45 49.39 9.58 40.33
N VAL D 46 49.79 8.47 39.69
CA VAL D 46 50.96 8.44 38.80
C VAL D 46 50.69 9.36 37.57
N PRO D 47 51.62 10.28 37.22
CA PRO D 47 51.41 11.15 36.04
C PRO D 47 51.25 10.38 34.73
N PHE D 48 50.54 11.00 33.77
CA PHE D 48 50.44 10.46 32.41
C PHE D 48 50.86 11.56 31.47
N PHE D 49 52.12 11.50 31.00
CA PHE D 49 52.55 12.49 30.03
C PHE D 49 52.22 11.90 28.67
N TRP D 50 51.14 12.42 28.08
CA TRP D 50 50.66 11.99 26.77
C TRP D 50 51.71 12.33 25.70
N LEU D 51 52.20 11.30 25.02
CA LEU D 51 53.08 11.50 23.87
C LEU D 51 52.44 10.76 22.72
N GLY D 52 51.76 11.52 21.87
CA GLY D 52 50.96 10.99 20.80
C GLY D 52 51.59 10.90 19.44
N GLU D 53 51.22 9.84 18.71
CA GLU D 53 51.59 9.61 17.32
C GLU D 53 50.30 9.62 16.51
N THR D 54 50.38 10.02 15.23
CA THR D 54 49.17 10.13 14.41
C THR D 54 49.16 9.02 13.35
N GLY D 55 48.34 8.01 13.56
CA GLY D 55 48.20 6.88 12.63
C GLY D 55 46.81 6.84 12.04
N TRP D 56 46.31 8.01 11.53
CA TRP D 56 44.93 8.19 11.02
C TRP D 56 44.38 7.02 10.19
N LEU D 57 45.09 6.59 9.13
CA LEU D 57 44.54 5.55 8.24
C LEU D 57 44.97 4.13 8.57
N MSE D 58 45.48 3.89 9.79
CA MSE D 58 45.90 2.54 10.17
C MSE D 58 44.75 1.51 10.04
O MSE D 58 45.00 0.45 9.45
CB MSE D 58 46.47 2.49 11.60
CG MSE D 58 46.55 1.05 12.16
SE MSE D 58 47.77 0.84 13.65
CE MSE D 58 47.16 2.22 14.81
N PRO D 59 43.50 1.76 10.58
CA PRO D 59 42.45 0.73 10.47
C PRO D 59 42.05 0.38 9.04
N GLN D 60 42.22 1.33 8.11
CA GLN D 60 41.82 1.09 6.71
C GLN D 60 42.96 0.57 5.86
N ARG D 61 44.22 0.90 6.19
CA ARG D 61 45.33 0.55 5.28
C ARG D 61 46.31 -0.50 5.75
N LEU D 62 46.48 -0.69 7.06
CA LEU D 62 47.48 -1.65 7.53
C LEU D 62 46.92 -3.04 7.77
N ASN D 63 47.71 -4.08 7.38
CA ASN D 63 47.33 -5.46 7.66
C ASN D 63 47.85 -5.79 9.08
N ARG D 64 47.60 -7.01 9.59
CA ARG D 64 47.97 -7.40 10.95
C ARG D 64 49.48 -7.29 11.26
N ASP D 65 50.34 -7.75 10.36
CA ASP D 65 51.79 -7.68 10.60
C ASP D 65 52.30 -6.23 10.57
N GLU D 66 51.70 -5.36 9.73
CA GLU D 66 52.07 -3.94 9.63
C GLU D 66 51.67 -3.19 10.88
N VAL D 67 50.48 -3.53 11.45
CA VAL D 67 49.99 -2.93 12.69
C VAL D 67 51.04 -3.20 13.78
N SER D 68 51.47 -4.48 13.91
CA SER D 68 52.46 -4.89 14.92
C SER D 68 53.76 -4.10 14.79
N TYR D 69 54.28 -3.98 13.57
CA TYR D 69 55.52 -3.29 13.27
C TYR D 69 55.44 -1.82 13.60
N TYR D 70 54.37 -1.15 13.13
CA TYR D 70 54.18 0.28 13.36
C TYR D 70 54.06 0.56 14.87
N LEU D 71 53.24 -0.22 15.59
CA LEU D 71 53.07 -0.03 17.04
C LEU D 71 54.35 -0.36 17.82
N ASN D 72 55.17 -1.35 17.37
CA ASN D 72 56.48 -1.63 17.97
C ASN D 72 57.42 -0.40 17.83
N LYS D 73 57.42 0.23 16.65
CA LYS D 73 58.22 1.43 16.38
C LYS D 73 57.74 2.61 17.23
N CYS D 74 56.41 2.74 17.39
CA CYS D 74 55.81 3.80 18.23
C CYS D 74 56.22 3.60 19.69
N LYS D 75 56.13 2.37 20.20
CA LYS D 75 56.53 2.02 21.56
C LYS D 75 58.02 2.34 21.79
N ASP D 76 58.90 1.90 20.89
CA ASP D 76 60.34 2.10 21.02
C ASP D 76 60.73 3.59 20.95
N ALA D 77 59.93 4.42 20.27
CA ALA D 77 60.18 5.85 20.17
C ALA D 77 59.51 6.65 21.34
N GLY D 78 58.93 5.95 22.32
CA GLY D 78 58.33 6.56 23.51
C GLY D 78 56.87 6.98 23.44
N TYR D 79 56.18 6.70 22.31
CA TYR D 79 54.76 7.10 22.21
C TYR D 79 53.87 6.20 23.07
N ASN D 80 52.87 6.79 23.73
CA ASN D 80 51.96 6.03 24.57
C ASN D 80 50.50 6.27 24.15
N MSE D 81 50.33 6.97 23.03
CA MSE D 81 49.02 7.27 22.47
C MSE D 81 49.16 7.28 20.94
O MSE D 81 50.00 8.01 20.42
CB MSE D 81 48.50 8.65 23.00
CG MSE D 81 46.98 8.86 22.85
SE MSE D 81 46.21 9.06 21.05
CE MSE D 81 47.32 10.53 20.38
N VAL D 82 48.40 6.44 20.25
CA VAL D 82 48.36 6.43 18.77
C VAL D 82 46.93 6.72 18.39
N GLN D 83 46.69 7.81 17.65
CA GLN D 83 45.33 8.15 17.27
C GLN D 83 45.00 7.69 15.84
N VAL D 84 43.76 7.27 15.65
CA VAL D 84 43.27 6.72 14.36
C VAL D 84 41.94 7.32 13.99
N GLN D 85 41.60 7.19 12.71
CA GLN D 85 40.28 7.44 12.22
C GLN D 85 39.59 6.08 12.24
N VAL D 86 38.64 5.89 13.18
CA VAL D 86 37.90 4.62 13.32
C VAL D 86 37.14 4.38 12.02
N LEU D 87 36.47 5.46 11.55
CA LEU D 87 35.81 5.53 10.26
C LEU D 87 36.31 6.75 9.52
N ASN D 88 36.63 6.59 8.24
CA ASN D 88 37.06 7.73 7.40
C ASN D 88 35.96 7.98 6.35
N GLY D 89 34.93 7.14 6.37
CA GLY D 89 33.81 7.22 5.44
C GLY D 89 32.63 6.38 5.86
N VAL D 90 31.54 6.52 5.12
CA VAL D 90 30.32 5.74 5.38
C VAL D 90 29.92 4.99 4.10
N PRO D 91 30.21 3.68 4.02
CA PRO D 91 30.98 2.88 4.99
C PRO D 91 32.48 3.06 4.79
N SER D 92 33.29 2.50 5.69
CA SER D 92 34.75 2.47 5.54
C SER D 92 35.11 1.09 5.05
N MSE D 93 36.31 0.96 4.51
CA MSE D 93 36.81 -0.32 3.98
C MSE D 93 38.21 -0.53 4.51
O MSE D 93 38.96 0.45 4.62
CB MSE D 93 36.80 -0.26 2.43
CG MSE D 93 37.34 -1.53 1.74
SE MSE D 93 35.87 -2.75 1.42
CE MSE D 93 34.92 -1.60 0.04
N ASN D 94 38.58 -1.77 4.85
CA ASN D 94 39.93 -2.00 5.29
C ASN D 94 40.73 -2.73 4.19
N ILE D 95 42.02 -3.00 4.45
CA ILE D 95 42.94 -3.58 3.50
C ILE D 95 42.53 -5.02 3.08
N TYR D 96 41.75 -5.72 3.93
CA TYR D 96 41.27 -7.07 3.67
C TYR D 96 39.98 -7.07 2.82
N GLY D 97 39.51 -5.88 2.44
CA GLY D 97 38.29 -5.74 1.65
C GLY D 97 37.03 -5.98 2.44
N GLN D 98 37.07 -5.66 3.73
CA GLN D 98 35.93 -5.77 4.63
C GLN D 98 35.28 -4.41 4.83
N TYR D 99 33.95 -4.36 4.71
CA TYR D 99 33.16 -3.15 4.99
C TYR D 99 33.00 -2.94 6.50
N SER D 100 33.03 -1.67 6.99
CA SER D 100 32.76 -1.33 8.39
C SER D 100 31.25 -1.49 8.74
N MSE D 101 30.38 -1.35 7.74
CA MSE D 101 28.94 -1.44 7.89
C MSE D 101 28.32 -2.12 6.68
O MSE D 101 28.70 -1.80 5.56
CB MSE D 101 28.30 -0.07 8.11
CG MSE D 101 28.41 0.47 9.54
SE MSE D 101 29.92 1.63 9.85
CE MSE D 101 29.18 3.18 8.89
N THR D 102 27.35 -3.01 6.95
CA THR D 102 26.57 -3.81 5.99
C THR D 102 25.18 -3.18 5.79
N ASP D 103 24.53 -2.79 6.92
CA ASP D 103 23.18 -2.23 6.92
C ASP D 103 23.15 -0.86 7.62
N GLY D 104 23.90 0.09 7.08
CA GLY D 104 23.99 1.43 7.65
C GLY D 104 24.51 1.38 9.06
N PHE D 105 23.93 2.17 9.96
CA PHE D 105 24.35 2.18 11.35
C PHE D 105 23.55 1.18 12.22
N ASN D 106 23.17 0.01 11.65
CA ASN D 106 22.52 -1.09 12.36
C ASN D 106 23.61 -2.13 12.59
N PHE D 107 24.06 -2.28 13.84
CA PHE D 107 25.19 -3.15 14.19
C PHE D 107 24.77 -4.51 14.82
N LYS D 108 23.48 -4.86 14.79
CA LYS D 108 22.95 -6.12 15.34
C LYS D 108 23.67 -7.37 14.78
N ASP D 109 23.85 -7.44 13.45
CA ASP D 109 24.48 -8.60 12.81
C ASP D 109 25.90 -8.27 12.26
N ILE D 110 26.61 -7.33 12.89
CA ILE D 110 27.93 -6.93 12.43
C ILE D 110 28.94 -8.10 12.56
N ASN D 111 28.88 -8.86 13.65
CA ASN D 111 29.78 -9.97 13.88
C ASN D 111 29.26 -11.21 13.15
N ARG D 112 30.09 -11.80 12.28
CA ARG D 112 29.76 -13.01 11.55
C ARG D 112 30.77 -14.08 11.94
N LYS D 113 30.29 -15.23 12.42
CA LYS D 113 31.16 -16.31 12.88
C LYS D 113 32.06 -16.81 11.75
N GLY D 114 33.33 -16.98 12.08
CA GLY D 114 34.36 -17.43 11.15
C GLY D 114 34.83 -16.40 10.16
N ILE D 115 34.37 -15.13 10.29
CA ILE D 115 34.78 -14.02 9.40
C ILE D 115 35.58 -13.02 10.22
N TYR D 116 36.77 -12.66 9.71
CA TYR D 116 37.60 -11.63 10.32
C TYR D 116 37.13 -10.31 9.72
N GLY D 117 36.17 -9.68 10.39
CA GLY D 117 35.55 -8.44 9.92
C GLY D 117 36.38 -7.19 10.17
N TYR D 118 35.85 -6.07 9.68
CA TYR D 118 36.43 -4.75 9.86
C TYR D 118 36.66 -4.45 11.36
N TRP D 119 35.65 -4.75 12.21
CA TRP D 119 35.69 -4.48 13.65
C TRP D 119 36.55 -5.51 14.39
N ASP D 120 36.75 -6.70 13.83
CA ASP D 120 37.66 -7.70 14.42
C ASP D 120 39.09 -7.21 14.20
N HIS D 121 39.35 -6.51 13.06
CA HIS D 121 40.67 -5.94 12.78
C HIS D 121 40.86 -4.70 13.69
N MSE D 122 39.78 -3.92 13.92
CA MSE D 122 39.82 -2.78 14.87
C MSE D 122 40.17 -3.33 16.28
O MSE D 122 41.04 -2.78 16.97
CB MSE D 122 38.44 -2.03 14.89
CG MSE D 122 38.49 -0.67 15.64
SE MSE D 122 39.69 0.67 14.80
CE MSE D 122 41.15 0.64 16.05
N ASP D 123 39.51 -4.46 16.70
CA ASP D 123 39.76 -5.13 17.99
C ASP D 123 41.23 -5.50 18.11
N TYR D 124 41.81 -6.08 17.03
CA TYR D 124 43.21 -6.51 16.97
C TYR D 124 44.17 -5.32 17.13
N ILE D 125 43.87 -4.18 16.49
CA ILE D 125 44.70 -2.97 16.62
C ILE D 125 44.74 -2.53 18.10
N ILE D 126 43.57 -2.52 18.78
CA ILE D 126 43.51 -2.09 20.18
C ILE D 126 44.29 -3.07 21.08
N LYS D 127 44.14 -4.39 20.87
CA LYS D 127 44.88 -5.43 21.63
C LYS D 127 46.38 -5.35 21.36
N SER D 128 46.77 -5.05 20.12
CA SER D 128 48.16 -4.90 19.74
C SER D 128 48.78 -3.67 20.45
N ALA D 129 48.02 -2.56 20.52
CA ALA D 129 48.49 -1.36 21.23
C ALA D 129 48.60 -1.68 22.73
N ALA D 130 47.61 -2.40 23.28
CA ALA D 130 47.55 -2.75 24.71
C ALA D 130 48.79 -3.53 25.17
N SER D 131 49.26 -4.49 24.38
CA SER D 131 50.42 -5.27 24.79
C SER D 131 51.73 -4.43 24.77
N ARG D 132 51.67 -3.24 24.16
CA ARG D 132 52.80 -2.33 24.01
C ARG D 132 52.66 -1.09 24.92
N GLY D 133 51.62 -1.05 25.76
CA GLY D 133 51.35 0.05 26.68
C GLY D 133 50.92 1.34 25.99
N ILE D 134 50.19 1.21 24.88
CA ILE D 134 49.73 2.36 24.09
C ILE D 134 48.21 2.49 24.12
N TYR D 135 47.72 3.72 24.35
CA TYR D 135 46.30 4.07 24.25
C TYR D 135 45.94 4.33 22.80
N ILE D 136 44.78 3.89 22.35
CA ILE D 136 44.33 4.23 21.01
C ILE D 136 43.39 5.43 21.15
N GLY D 137 43.71 6.54 20.46
CA GLY D 137 42.87 7.72 20.38
C GLY D 137 41.85 7.38 19.31
N MSE D 138 40.60 7.12 19.72
CA MSE D 138 39.56 6.66 18.82
C MSE D 138 38.78 7.84 18.20
O MSE D 138 37.82 8.33 18.82
CB MSE D 138 38.59 5.71 19.57
CG MSE D 138 39.28 4.40 20.09
SE MSE D 138 39.59 3.07 18.70
CE MSE D 138 37.73 2.30 18.62
N VAL D 139 39.16 8.29 16.99
CA VAL D 139 38.36 9.33 16.32
C VAL D 139 37.20 8.54 15.71
N CYS D 140 36.06 8.47 16.46
CA CYS D 140 34.86 7.68 16.13
C CYS D 140 34.54 7.72 14.62
N ILE D 141 34.49 8.92 14.07
CA ILE D 141 34.20 9.13 12.64
C ILE D 141 34.73 10.50 12.25
N TRP D 142 35.56 10.52 11.22
CA TRP D 142 36.17 11.78 10.73
C TRP D 142 35.06 12.78 10.34
N GLY D 143 35.34 14.07 10.50
CA GLY D 143 34.34 15.10 10.22
C GLY D 143 33.77 15.13 8.81
N THR D 144 34.59 14.80 7.79
CA THR D 144 34.13 14.86 6.38
C THR D 144 32.80 14.08 6.14
N PRO D 145 32.67 12.75 6.39
CA PRO D 145 31.37 12.10 6.13
C PRO D 145 30.21 12.71 6.96
N VAL D 146 30.50 13.19 8.19
CA VAL D 146 29.46 13.82 9.05
C VAL D 146 28.99 15.14 8.41
N GLU D 147 29.96 15.95 7.93
CA GLU D 147 29.67 17.22 7.25
C GLU D 147 28.83 16.98 5.98
N GLN D 148 29.04 15.83 5.32
CA GLN D 148 28.34 15.40 4.10
C GLN D 148 26.98 14.74 4.41
N GLY D 149 26.56 14.77 5.67
CA GLY D 149 25.28 14.24 6.13
C GLY D 149 25.15 12.73 6.15
N LEU D 150 26.29 11.99 6.14
CA LEU D 150 26.29 10.54 6.06
C LEU D 150 26.04 9.87 7.43
N MSE D 151 25.99 10.64 8.52
CA MSE D 151 25.60 10.14 9.85
C MSE D 151 24.77 11.20 10.52
O MSE D 151 25.27 12.28 10.84
CB MSE D 151 26.79 9.72 10.72
CG MSE D 151 26.33 9.07 12.05
SE MSE D 151 27.86 8.71 13.20
CE MSE D 151 28.31 10.41 13.90
N ASN D 152 23.48 10.89 10.70
CA ASN D 152 22.54 11.83 11.34
C ASN D 152 22.51 11.57 12.87
N GLU D 153 21.65 12.29 13.62
CA GLU D 153 21.54 12.16 15.08
C GLU D 153 21.15 10.78 15.59
N LYS D 154 20.15 10.14 14.94
CA LYS D 154 19.66 8.82 15.32
C LYS D 154 20.78 7.79 15.11
N GLU D 155 21.50 7.93 14.02
CA GLU D 155 22.61 7.04 13.68
C GLU D 155 23.77 7.24 14.64
N ALA D 156 24.04 8.49 15.06
CA ALA D 156 25.11 8.83 16.02
C ALA D 156 24.83 8.16 17.38
N VAL D 157 23.55 8.14 17.83
CA VAL D 157 23.16 7.48 19.07
C VAL D 157 23.48 5.96 18.91
N ALA D 158 23.02 5.34 17.79
CA ALA D 158 23.25 3.88 17.55
C ALA D 158 24.74 3.56 17.44
N TYR D 159 25.50 4.42 16.75
CA TYR D 159 26.95 4.22 16.61
C TYR D 159 27.67 4.32 17.98
N GLY D 160 27.25 5.30 18.79
CA GLY D 160 27.79 5.52 20.13
C GLY D 160 27.58 4.32 21.04
N LYS D 161 26.37 3.71 20.96
CA LYS D 161 26.01 2.52 21.74
CA LYS D 161 26.01 2.53 21.75
C LYS D 161 26.85 1.33 21.31
N PHE D 162 27.03 1.15 20.01
CA PHE D 162 27.85 0.07 19.46
C PHE D 162 29.31 0.20 19.95
N LEU D 163 29.91 1.41 19.82
CA LEU D 163 31.30 1.62 20.21
C LEU D 163 31.52 1.42 21.69
N ALA D 164 30.65 2.02 22.51
CA ALA D 164 30.77 1.94 23.96
C ALA D 164 30.62 0.50 24.47
N GLU D 165 29.65 -0.27 23.94
CA GLU D 165 29.45 -1.66 24.38
CA GLU D 165 29.43 -1.67 24.37
C GLU D 165 30.59 -2.56 23.90
N ARG D 166 31.16 -2.26 22.73
CA ARG D 166 32.25 -3.10 22.22
C ARG D 166 33.57 -2.83 22.93
N TYR D 167 33.83 -1.56 23.31
CA TYR D 167 35.14 -1.17 23.81
C TYR D 167 35.21 -0.65 25.25
N LYS D 168 34.10 -0.64 26.01
CA LYS D 168 34.15 -0.17 27.41
C LYS D 168 35.13 -0.97 28.29
N ASP D 169 35.32 -2.26 28.00
CA ASP D 169 36.20 -3.11 28.81
C ASP D 169 37.65 -3.18 28.26
N GLU D 170 37.93 -2.48 27.17
CA GLU D 170 39.31 -2.35 26.64
C GLU D 170 39.92 -1.18 27.39
N PRO D 171 40.99 -1.36 28.21
CA PRO D 171 41.45 -0.23 29.03
C PRO D 171 42.12 0.91 28.27
N ASN D 172 42.78 0.62 27.14
CA ASN D 172 43.62 1.57 26.41
C ASN D 172 42.87 2.34 25.30
N ILE D 173 41.82 3.08 25.70
CA ILE D 173 40.98 3.86 24.79
C ILE D 173 40.83 5.29 25.29
N ILE D 174 40.89 6.25 24.36
CA ILE D 174 40.57 7.66 24.57
C ILE D 174 39.57 8.01 23.45
N TRP D 175 38.35 8.46 23.82
CA TRP D 175 37.32 8.81 22.82
C TRP D 175 37.54 10.18 22.23
N MSE D 176 37.55 10.26 20.91
CA MSE D 176 37.74 11.52 20.20
C MSE D 176 36.53 11.80 19.31
O MSE D 176 36.32 11.15 18.29
CB MSE D 176 39.04 11.53 19.42
CG MSE D 176 40.26 11.49 20.31
SE MSE D 176 41.85 11.46 19.24
CE MSE D 176 43.10 11.69 20.72
N ILE D 177 35.73 12.77 19.75
CA ILE D 177 34.56 13.24 19.01
C ILE D 177 35.11 14.22 17.95
N GLY D 178 34.36 14.45 16.89
CA GLY D 178 34.81 15.36 15.83
C GLY D 178 35.83 14.71 14.91
N GLY D 179 36.79 15.52 14.47
CA GLY D 179 37.82 15.08 13.53
C GLY D 179 37.98 16.10 12.41
N ASP D 180 38.85 17.10 12.64
CA ASP D 180 39.15 18.21 11.71
C ASP D 180 37.87 18.95 11.29
N ILE D 181 37.04 19.28 12.28
CA ILE D 181 35.78 19.95 12.01
C ILE D 181 35.50 20.95 13.13
N ARG D 182 34.83 22.06 12.79
CA ARG D 182 34.43 23.04 13.79
C ARG D 182 33.32 22.45 14.64
N GLY D 183 33.31 22.78 15.94
CA GLY D 183 32.29 22.33 16.89
C GLY D 183 30.90 22.88 16.62
N ASP D 184 30.80 23.98 15.81
CA ASP D 184 29.50 24.54 15.44
C ASP D 184 29.00 23.95 14.10
N ASN D 185 29.68 22.93 13.59
CA ASN D 185 29.31 22.24 12.36
C ASN D 185 28.75 20.86 12.73
N LYS D 186 27.41 20.67 12.57
CA LYS D 186 26.70 19.41 12.91
C LYS D 186 26.80 19.11 14.42
N THR D 187 26.70 20.17 15.24
CA THR D 187 26.82 20.10 16.71
C THR D 187 25.91 19.03 17.34
N GLU D 188 24.64 18.99 16.89
CA GLU D 188 23.63 18.04 17.39
C GLU D 188 24.06 16.59 17.17
N VAL D 189 24.73 16.31 16.05
CA VAL D 189 25.22 14.97 15.72
C VAL D 189 26.39 14.61 16.69
N TRP D 190 27.35 15.54 16.87
CA TRP D 190 28.48 15.33 17.77
C TRP D 190 28.02 15.16 19.21
N ASP D 191 27.06 16.00 19.68
CA ASP D 191 26.53 15.85 21.04
C ASP D 191 25.80 14.52 21.22
N ALA D 192 25.04 14.09 20.19
CA ALA D 192 24.30 12.81 20.23
C ALA D 192 25.27 11.63 20.34
N LEU D 193 26.37 11.66 19.57
CA LEU D 193 27.39 10.62 19.60
C LEU D 193 28.07 10.58 20.97
N ALA D 194 28.53 11.75 21.44
CA ALA D 194 29.26 11.92 22.70
C ALA D 194 28.43 11.48 23.90
N ASN D 195 27.16 11.94 23.99
CA ASN D 195 26.29 11.55 25.11
C ASN D 195 25.90 10.07 25.04
N SER D 196 25.83 9.47 23.83
CA SER D 196 25.49 8.05 23.71
C SER D 196 26.62 7.19 24.27
N ILE D 197 27.89 7.49 23.89
CA ILE D 197 29.05 6.75 24.41
C ILE D 197 29.13 6.94 25.92
N ARG D 198 29.03 8.21 26.38
CA ARG D 198 29.13 8.64 27.77
C ARG D 198 28.11 7.98 28.68
N SER D 199 26.90 7.68 28.18
CA SER D 199 25.86 7.01 28.95
C SER D 199 26.25 5.57 29.34
N ILE D 200 27.11 4.93 28.54
CA ILE D 200 27.52 3.54 28.73
C ILE D 200 28.95 3.46 29.24
N ASP D 201 29.84 4.26 28.65
CA ASP D 201 31.25 4.25 28.99
C ASP D 201 31.68 5.52 29.69
N LYS D 202 31.97 5.40 31.01
CA LYS D 202 32.50 6.47 31.85
C LYS D 202 33.87 6.03 32.43
N GLY D 203 34.48 5.04 31.79
CA GLY D 203 35.78 4.51 32.17
C GLY D 203 36.92 5.02 31.31
N HIS D 204 36.59 5.80 30.27
CA HIS D 204 37.57 6.39 29.37
C HIS D 204 37.35 7.89 29.26
N LEU D 205 38.44 8.64 29.04
CA LEU D 205 38.30 10.07 28.87
C LEU D 205 37.80 10.37 27.45
N MSE D 206 37.19 11.55 27.29
CA MSE D 206 36.62 11.98 26.02
C MSE D 206 36.99 13.41 25.70
O MSE D 206 37.09 14.26 26.60
CB MSE D 206 35.09 11.82 26.05
CG MSE D 206 34.41 12.11 24.69
SE MSE D 206 32.50 11.77 24.83
CE MSE D 206 32.60 9.87 25.00
N THR D 207 37.20 13.68 24.41
CA THR D 207 37.57 15.01 23.93
C THR D 207 36.99 15.24 22.52
N PHE D 208 37.36 16.37 21.90
CA PHE D 208 36.91 16.74 20.57
C PHE D 208 38.11 17.19 19.73
N HIS D 209 38.23 16.68 18.49
CA HIS D 209 39.34 17.02 17.57
C HIS D 209 38.82 18.09 16.62
N PRO D 210 39.32 19.34 16.74
CA PRO D 210 38.72 20.42 15.95
C PRO D 210 39.46 20.71 14.65
N ARG D 211 38.90 21.65 13.89
CA ARG D 211 39.42 22.16 12.62
C ARG D 211 40.75 22.92 12.85
N GLY D 212 41.55 23.03 11.79
CA GLY D 212 42.80 23.78 11.84
C GLY D 212 42.59 25.19 12.33
N ARG D 213 43.50 25.66 13.22
CA ARG D 213 43.52 27.00 13.83
C ARG D 213 42.34 27.21 14.78
N THR D 214 41.78 26.12 15.33
CA THR D 214 40.70 26.22 16.31
C THR D 214 41.00 25.31 17.52
N THR D 215 40.37 25.60 18.64
CA THR D 215 40.43 24.79 19.85
C THR D 215 39.02 24.30 20.16
N SER D 216 38.91 23.05 20.68
CA SER D 216 37.63 22.48 21.10
C SER D 216 37.00 23.32 22.22
N ALA D 217 37.84 24.06 22.97
CA ALA D 217 37.46 24.93 24.09
C ALA D 217 36.49 26.05 23.66
N THR D 218 36.56 26.44 22.37
CA THR D 218 35.69 27.50 21.80
C THR D 218 34.23 27.10 21.91
N TRP D 219 33.90 25.79 21.73
CA TRP D 219 32.52 25.33 21.73
C TRP D 219 32.15 24.42 22.88
N PHE D 220 33.11 23.60 23.36
CA PHE D 220 32.77 22.53 24.28
C PHE D 220 33.47 22.55 25.63
N ASN D 221 34.11 23.66 26.02
CA ASN D 221 34.77 23.74 27.32
C ASN D 221 33.81 23.38 28.50
N ASP D 222 32.52 23.77 28.41
CA ASP D 222 31.49 23.53 29.44
C ASP D 222 30.76 22.18 29.27
N ARG D 223 31.04 21.41 28.21
CA ARG D 223 30.35 20.13 28.05
C ARG D 223 30.77 19.13 29.13
N GLU D 224 29.77 18.44 29.71
CA GLU D 224 30.01 17.43 30.75
C GLU D 224 30.74 16.22 30.15
N TRP D 225 30.51 15.93 28.84
CA TRP D 225 31.16 14.81 28.18
C TRP D 225 32.66 15.10 27.85
N LEU D 226 33.08 16.38 27.84
CA LEU D 226 34.46 16.74 27.48
C LEU D 226 35.34 16.81 28.73
N ASP D 227 36.35 15.93 28.82
CA ASP D 227 37.25 15.89 29.97
C ASP D 227 38.41 16.87 29.81
N PHE D 228 38.88 17.03 28.58
CA PHE D 228 40.00 17.91 28.26
C PHE D 228 39.86 18.43 26.84
N ASN D 229 40.53 19.53 26.57
CA ASN D 229 40.48 20.17 25.26
C ASN D 229 41.66 19.78 24.39
N MSE D 230 41.44 19.88 23.08
CA MSE D 230 42.48 19.70 22.08
C MSE D 230 42.38 20.79 21.06
O MSE D 230 41.27 21.23 20.75
CB MSE D 230 42.39 18.33 21.38
CG MSE D 230 42.43 17.14 22.35
SE MSE D 230 42.86 15.45 21.51
CE MSE D 230 41.58 15.43 20.03
N PHE D 231 43.50 21.18 20.49
CA PHE D 231 43.48 22.15 19.41
C PHE D 231 44.32 21.59 18.28
N GLN D 232 44.20 22.24 17.13
CA GLN D 232 44.97 21.89 15.95
C GLN D 232 45.70 23.17 15.51
N SER D 233 47.03 23.23 15.72
CA SER D 233 47.78 24.42 15.29
C SER D 233 48.31 24.28 13.84
N GLY D 234 48.43 23.04 13.33
CA GLY D 234 48.88 22.82 11.96
C GLY D 234 47.92 23.45 10.95
N HIS D 235 48.36 23.74 9.69
CA HIS D 235 49.70 23.50 9.13
C HIS D 235 50.19 24.75 8.34
N ARG D 236 49.55 25.92 8.58
CA ARG D 236 49.93 27.17 7.93
C ARG D 236 51.11 27.83 8.64
N ARG D 237 51.92 28.52 7.85
CA ARG D 237 53.07 29.31 8.31
C ARG D 237 52.60 30.74 8.60
N TYR D 238 53.50 31.56 9.22
CA TYR D 238 53.23 32.98 9.45
C TYR D 238 52.82 33.68 8.13
N GLY D 239 51.76 34.46 8.19
CA GLY D 239 51.26 35.26 7.07
C GLY D 239 50.63 34.50 5.91
N GLN D 240 50.17 33.26 6.14
CA GLN D 240 49.53 32.45 5.11
C GLN D 240 48.01 32.44 5.23
N PRO D 248 40.05 32.37 12.07
CA PRO D 248 39.76 32.28 13.51
C PRO D 248 40.89 32.80 14.39
N ILE D 249 42.04 33.24 13.80
CA ILE D 249 43.20 33.73 14.56
C ILE D 249 43.72 35.07 14.03
N GLU D 250 44.50 35.79 14.87
CA GLU D 250 45.15 37.07 14.57
C GLU D 250 46.16 36.88 13.44
N GLU D 251 46.23 37.85 12.51
CA GLU D 251 47.15 37.84 11.38
C GLU D 251 48.62 37.73 11.85
N ASN D 252 49.43 36.93 11.12
CA ASN D 252 50.87 36.73 11.34
C ASN D 252 51.20 36.09 12.73
N THR D 253 50.30 35.23 13.25
CA THR D 253 50.53 34.51 14.52
C THR D 253 50.35 32.99 14.36
N GLU D 254 50.25 32.50 13.10
CA GLU D 254 50.01 31.09 12.76
C GLU D 254 50.91 30.11 13.47
N GLU D 255 52.21 30.41 13.59
CA GLU D 255 53.17 29.48 14.17
C GLU D 255 53.29 29.61 15.68
N ASP D 256 52.56 30.55 16.30
CA ASP D 256 52.59 30.71 17.76
C ASP D 256 51.54 29.80 18.39
N ASN D 257 51.78 28.45 18.38
CA ASN D 257 50.78 27.50 18.90
C ASN D 257 50.58 27.66 20.41
N TRP D 258 51.56 28.30 21.12
CA TRP D 258 51.43 28.62 22.54
C TRP D 258 50.18 29.53 22.78
N ARG D 259 49.75 30.32 21.77
CA ARG D 259 48.58 31.20 21.88
C ARG D 259 47.29 30.40 22.09
N PHE D 260 47.17 29.20 21.47
CA PHE D 260 45.97 28.34 21.64
C PHE D 260 45.88 27.78 23.07
N VAL D 261 47.04 27.53 23.70
CA VAL D 261 47.13 27.01 25.07
C VAL D 261 46.58 28.08 25.99
N GLU D 262 47.11 29.31 25.88
CA GLU D 262 46.65 30.48 26.65
C GLU D 262 45.16 30.72 26.46
N ALA D 263 44.71 30.73 25.19
CA ALA D 263 43.30 30.98 24.88
C ALA D 263 42.40 29.94 25.55
N SER D 264 42.75 28.64 25.42
CA SER D 264 41.97 27.53 26.00
C SER D 264 41.94 27.57 27.53
N GLN D 265 43.08 27.91 28.15
CA GLN D 265 43.24 27.94 29.62
C GLN D 265 42.70 29.21 30.26
N ALA D 266 42.31 30.22 29.46
CA ALA D 266 41.71 31.45 29.99
C ALA D 266 40.23 31.22 30.28
N LYS D 267 39.68 30.12 29.74
CA LYS D 267 38.27 29.75 29.89
C LYS D 267 38.02 29.02 31.20
N THR D 268 36.92 29.38 31.87
CA THR D 268 36.52 28.77 33.14
C THR D 268 35.30 27.87 32.87
N PRO D 269 35.24 26.61 33.37
CA PRO D 269 36.20 25.91 34.24
C PRO D 269 37.50 25.55 33.50
N LEU D 270 38.62 25.57 34.24
CA LEU D 270 39.92 25.19 33.69
C LEU D 270 39.96 23.68 33.43
N LYS D 271 40.30 23.31 32.21
CA LYS D 271 40.47 21.91 31.79
C LYS D 271 41.81 21.75 31.10
N PRO D 272 42.41 20.53 31.16
CA PRO D 272 43.68 20.32 30.47
C PRO D 272 43.56 20.56 28.96
N VAL D 273 44.67 20.92 28.31
CA VAL D 273 44.68 21.18 26.87
C VAL D 273 45.94 20.59 26.24
N ILE D 274 45.84 20.23 24.95
CA ILE D 274 46.96 19.64 24.20
C ILE D 274 46.86 20.04 22.74
N ASP D 275 48.01 20.20 22.09
CA ASP D 275 48.09 20.36 20.64
C ASP D 275 48.04 18.95 20.08
N ASP D 276 46.87 18.53 19.59
CA ASP D 276 46.71 17.16 19.07
C ASP D 276 47.02 17.08 17.57
N GLU D 277 47.24 18.23 16.95
CA GLU D 277 47.58 18.26 15.54
C GLU D 277 48.41 19.50 15.22
N PRO D 278 49.69 19.49 15.62
CA PRO D 278 50.58 20.57 15.17
C PRO D 278 50.95 20.30 13.71
N ILE D 279 51.89 21.08 13.17
CA ILE D 279 52.45 20.82 11.83
C ILE D 279 52.96 19.36 11.75
N TYR D 280 52.80 18.76 10.57
CA TYR D 280 53.32 17.41 10.38
C TYR D 280 54.70 17.47 9.74
N GLU D 281 55.61 16.57 10.16
CA GLU D 281 56.94 16.48 9.57
C GLU D 281 56.79 16.16 8.08
N ASP D 282 57.49 16.94 7.25
CA ASP D 282 57.54 16.91 5.79
C ASP D 282 56.22 17.32 5.07
N ILE D 283 55.20 17.84 5.79
CA ILE D 283 53.98 18.29 5.11
C ILE D 283 54.28 19.72 4.56
N PRO D 284 53.75 20.10 3.39
CA PRO D 284 54.01 21.47 2.90
C PRO D 284 53.37 22.53 3.79
N GLN D 285 54.03 23.67 3.89
CA GLN D 285 53.49 24.83 4.64
C GLN D 285 52.22 25.27 3.92
N GLY D 286 51.07 25.14 4.62
CA GLY D 286 49.76 25.46 4.05
C GLY D 286 49.11 24.31 3.33
N LEU D 287 49.71 23.09 3.39
CA LEU D 287 49.22 21.79 2.88
C LEU D 287 49.12 21.58 1.38
N HIS D 288 48.41 22.46 0.67
CA HIS D 288 47.95 22.21 -0.70
C HIS D 288 48.95 22.45 -1.85
N ASP D 289 50.07 23.13 -1.65
CA ASP D 289 51.05 23.28 -2.73
C ASP D 289 52.21 22.29 -2.47
N PRO D 290 52.34 21.21 -3.29
CA PRO D 290 53.43 20.23 -3.05
C PRO D 290 54.84 20.79 -3.27
N ASN D 291 54.96 21.96 -3.94
CA ASN D 291 56.26 22.59 -4.20
C ASN D 291 56.62 23.63 -3.14
N GLU D 292 55.73 23.84 -2.16
CA GLU D 292 56.01 24.77 -1.07
C GLU D 292 57.07 24.21 -0.12
N THR D 293 57.68 25.10 0.68
CA THR D 293 58.63 24.72 1.72
C THR D 293 57.94 23.71 2.62
N ARG D 294 58.65 22.66 3.04
CA ARG D 294 58.07 21.63 3.91
C ARG D 294 58.46 21.86 5.35
N TRP D 295 57.55 21.54 6.29
CA TRP D 295 57.86 21.60 7.73
C TRP D 295 58.94 20.54 8.01
N ASN D 296 59.96 20.86 8.82
CA ASN D 296 61.05 19.93 9.08
C ASN D 296 61.13 19.57 10.58
N GLN D 297 62.14 18.74 10.95
CA GLN D 297 62.37 18.29 12.34
C GLN D 297 62.49 19.47 13.34
N HIS D 298 63.17 20.58 12.94
CA HIS D 298 63.39 21.73 13.82
C HIS D 298 62.07 22.40 14.12
N ASP D 299 61.22 22.54 13.11
CA ASP D 299 59.85 23.09 13.29
C ASP D 299 59.02 22.19 14.21
N VAL D 300 59.11 20.86 14.00
CA VAL D 300 58.34 19.85 14.77
C VAL D 300 58.70 19.99 16.26
N ARG D 301 60.00 20.11 16.59
CA ARG D 301 60.42 20.30 17.98
C ARG D 301 59.91 21.63 18.54
N ARG D 302 60.01 22.73 17.75
CA ARG D 302 59.55 24.04 18.21
C ARG D 302 58.06 23.99 18.62
N TYR D 303 57.19 23.42 17.76
CA TYR D 303 55.75 23.30 18.11
C TYR D 303 55.54 22.46 19.40
N ALA D 304 56.29 21.34 19.53
CA ALA D 304 56.19 20.43 20.68
C ALA D 304 56.51 21.15 22.00
N TYR D 305 57.71 21.79 22.07
CA TYR D 305 58.13 22.47 23.31
C TYR D 305 57.32 23.75 23.54
N TRP D 306 56.95 24.49 22.49
CA TRP D 306 56.12 25.68 22.69
C TRP D 306 54.76 25.34 23.30
N SER D 307 54.11 24.26 22.80
CA SER D 307 52.80 23.91 23.34
C SER D 307 52.93 23.42 24.81
N VAL D 308 53.88 22.50 25.09
CA VAL D 308 54.03 21.95 26.44
C VAL D 308 54.44 23.05 27.45
N PHE D 309 55.43 23.90 27.10
CA PHE D 309 55.93 24.93 28.04
C PHE D 309 54.91 26.06 28.24
N ALA D 310 53.90 26.17 27.34
CA ALA D 310 52.81 27.14 27.49
C ALA D 310 51.75 26.59 28.46
N GLY D 311 51.82 25.28 28.76
CA GLY D 311 50.89 24.65 29.69
C GLY D 311 50.18 23.38 29.23
N SER D 312 50.43 22.90 28.00
CA SER D 312 49.80 21.65 27.53
C SER D 312 50.27 20.46 28.37
N PHE D 313 49.37 19.49 28.63
CA PHE D 313 49.66 18.33 29.50
C PHE D 313 50.51 17.24 28.82
N GLY D 314 50.72 17.38 27.51
CA GLY D 314 51.49 16.47 26.69
C GLY D 314 51.55 17.01 25.27
N HIS D 315 51.89 16.15 24.29
CA HIS D 315 51.92 16.60 22.89
C HIS D 315 51.67 15.44 21.93
N SER D 316 51.03 15.74 20.79
CA SER D 316 50.86 14.75 19.72
C SER D 316 51.70 15.18 18.54
N TYR D 317 52.39 14.24 17.96
CA TYR D 317 53.22 14.42 16.77
C TYR D 317 52.52 13.81 15.54
N GLY D 318 52.85 14.29 14.36
CA GLY D 318 52.42 13.70 13.10
C GLY D 318 53.48 13.86 12.02
N HIS D 319 53.49 12.93 11.08
CA HIS D 319 54.35 12.89 9.89
C HIS D 319 53.44 12.74 8.69
N ASN D 320 53.66 13.54 7.65
CA ASN D 320 52.83 13.50 6.44
C ASN D 320 52.74 12.06 5.83
N ASP D 321 53.85 11.33 5.81
CA ASP D 321 53.90 9.99 5.21
C ASP D 321 53.31 8.89 6.09
N ILE D 322 53.40 9.05 7.41
CA ILE D 322 52.90 8.04 8.34
C ILE D 322 51.38 8.11 8.50
N MSE D 323 50.83 9.34 8.68
CA MSE D 323 49.40 9.49 9.00
C MSE D 323 48.50 8.93 7.92
O MSE D 323 47.41 8.45 8.24
CB MSE D 323 49.04 10.96 9.35
CG MSE D 323 49.33 11.96 8.23
SE MSE D 323 47.77 12.21 7.13
CE MSE D 323 48.41 13.70 6.02
N GLN D 324 48.99 8.91 6.66
CA GLN D 324 48.22 8.37 5.53
C GLN D 324 48.81 7.01 5.08
N PHE D 325 49.83 6.48 5.81
CA PHE D 325 50.48 5.17 5.48
C PHE D 325 50.74 5.06 3.97
N ILE D 326 51.42 6.08 3.44
CA ILE D 326 51.73 6.14 2.02
C ILE D 326 52.75 5.03 1.67
N ARG D 327 52.61 4.49 0.47
CA ARG D 327 53.53 3.51 -0.08
C ARG D 327 53.42 3.59 -1.61
N PRO D 328 54.37 3.02 -2.38
CA PRO D 328 54.26 3.11 -3.85
C PRO D 328 52.93 2.56 -4.38
N GLY D 329 52.37 3.24 -5.37
CA GLY D 329 51.11 2.84 -5.98
C GLY D 329 49.87 3.46 -5.36
N TYR D 330 50.02 4.29 -4.31
CA TYR D 330 48.90 4.98 -3.66
C TYR D 330 48.93 6.47 -3.95
N GLY D 331 47.77 7.03 -4.26
CA GLY D 331 47.62 8.48 -4.44
C GLY D 331 47.91 9.17 -3.12
N ALA D 332 48.65 10.27 -3.18
CA ALA D 332 49.07 10.95 -1.98
C ALA D 332 48.26 12.19 -1.67
N SER D 333 48.11 12.46 -0.38
CA SER D 333 47.56 13.72 0.07
C SER D 333 48.72 14.62 0.44
N PHE D 334 48.61 15.91 0.12
CA PHE D 334 49.53 16.96 0.56
C PHE D 334 51.02 16.71 0.22
N GLY D 335 51.26 16.37 -1.03
CA GLY D 335 52.61 16.22 -1.59
C GLY D 335 53.46 15.08 -1.07
N ALA D 336 52.85 14.04 -0.47
CA ALA D 336 53.61 12.84 -0.10
C ALA D 336 53.93 12.12 -1.42
N ASP D 337 54.80 11.11 -1.43
CA ASP D 337 55.13 10.38 -2.67
C ASP D 337 55.67 9.03 -2.27
N GLY D 338 54.80 8.01 -2.37
CA GLY D 338 55.11 6.64 -1.99
C GLY D 338 56.40 6.09 -2.58
N ARG D 339 56.74 6.49 -3.82
CA ARG D 339 57.96 6.05 -4.52
C ARG D 339 59.22 6.70 -3.93
N LYS D 340 59.08 7.91 -3.36
CA LYS D 340 60.20 8.64 -2.76
C LYS D 340 60.43 8.22 -1.30
N LYS D 341 59.33 8.12 -0.51
CA LYS D 341 59.39 7.73 0.89
C LYS D 341 58.06 7.08 1.29
N ALA D 342 58.14 5.86 1.79
CA ALA D 342 56.99 5.12 2.29
C ALA D 342 56.85 5.38 3.79
N TRP D 343 55.69 5.04 4.40
CA TRP D 343 55.52 5.21 5.86
C TRP D 343 56.61 4.45 6.65
N TRP D 344 57.05 3.27 6.16
CA TRP D 344 58.06 2.50 6.89
C TRP D 344 59.40 3.23 6.93
N ASP D 345 59.69 4.07 5.92
CA ASP D 345 60.92 4.88 5.87
C ASP D 345 60.81 6.10 6.80
N ALA D 346 59.60 6.71 6.82
CA ALA D 346 59.33 7.92 7.64
C ALA D 346 59.47 7.63 9.14
N LEU D 347 59.31 6.36 9.57
CA LEU D 347 59.49 5.96 10.98
C LEU D 347 60.95 6.18 11.43
N GLU D 348 61.89 6.36 10.47
CA GLU D 348 63.32 6.59 10.72
C GLU D 348 63.67 8.09 10.66
N ASP D 349 62.66 8.96 10.38
CA ASP D 349 62.90 10.40 10.27
C ASP D 349 63.21 11.04 11.65
N PRO D 350 64.01 12.14 11.66
CA PRO D 350 64.47 12.72 12.95
C PRO D 350 63.38 13.18 13.91
N GLY D 351 62.40 13.94 13.44
CA GLY D 351 61.31 14.45 14.28
C GLY D 351 60.58 13.36 15.04
N PHE D 352 60.19 12.28 14.31
CA PHE D 352 59.50 11.12 14.90
C PHE D 352 60.28 10.58 16.11
N ASN D 353 61.62 10.51 15.98
CA ASN D 353 62.54 9.95 16.95
C ASN D 353 63.07 10.96 18.00
N GLN D 354 62.55 12.19 18.01
CA GLN D 354 63.00 13.23 18.95
C GLN D 354 61.93 13.54 19.99
N MSE D 355 60.70 13.09 19.73
CA MSE D 355 59.58 13.36 20.68
C MSE D 355 59.81 12.75 22.07
O MSE D 355 59.41 13.34 23.07
CB MSE D 355 58.24 12.93 20.07
CG MSE D 355 57.84 13.78 18.83
SE MSE D 355 57.58 15.68 19.15
CE MSE D 355 59.38 16.40 18.72
N LYS D 356 60.54 11.62 22.14
CA LYS D 356 60.88 10.97 23.41
C LYS D 356 61.68 11.88 24.36
N TYR D 357 62.49 12.81 23.82
CA TYR D 357 63.29 13.71 24.66
C TYR D 357 62.42 14.72 25.38
N LEU D 358 61.30 15.09 24.78
CA LEU D 358 60.37 16.02 25.42
C LEU D 358 59.66 15.28 26.58
N LYS D 359 59.09 14.09 26.30
CA LYS D 359 58.42 13.28 27.31
C LYS D 359 59.34 12.95 28.49
N ASN D 360 60.56 12.49 28.20
CA ASN D 360 61.49 12.10 29.26
C ASN D 360 61.90 13.28 30.14
N LEU D 361 62.01 14.49 29.56
CA LEU D 361 62.34 15.70 30.31
C LEU D 361 61.22 16.04 31.30
N MSE D 362 59.96 16.08 30.84
CA MSE D 362 58.82 16.47 31.69
C MSE D 362 58.60 15.49 32.86
O MSE D 362 58.27 15.92 33.95
CB MSE D 362 57.55 16.62 30.86
CG MSE D 362 57.73 17.57 29.65
SE MSE D 362 58.68 19.22 30.00
CE MSE D 362 57.40 20.06 31.17
N LEU D 363 58.82 14.19 32.62
CA LEU D 363 58.64 13.18 33.65
C LEU D 363 59.79 13.15 34.68
N THR D 364 60.88 13.93 34.47
CA THR D 364 62.03 13.98 35.39
C THR D 364 61.73 14.90 36.61
N PHE D 365 60.75 15.81 36.46
CA PHE D 365 60.48 16.81 37.50
C PHE D 365 59.09 16.69 38.16
N PRO D 366 58.90 17.25 39.40
CA PRO D 366 57.57 17.25 40.04
C PRO D 366 56.52 17.72 39.01
N PHE D 367 55.56 16.85 38.76
CA PHE D 367 54.66 16.96 37.61
C PHE D 367 53.45 17.87 37.75
N PHE D 368 52.66 17.69 38.82
CA PHE D 368 51.36 18.38 38.96
C PHE D 368 51.44 19.83 39.38
N GLU D 369 52.56 20.27 39.99
CA GLU D 369 52.69 21.67 40.42
C GLU D 369 53.26 22.55 39.31
N ARG D 370 53.58 21.96 38.14
CA ARG D 370 54.12 22.73 37.04
C ARG D 370 53.09 23.75 36.50
N VAL D 371 53.57 24.96 36.21
CA VAL D 371 52.77 26.02 35.62
C VAL D 371 53.57 26.70 34.50
N PRO D 372 52.92 27.28 33.47
CA PRO D 372 53.67 28.14 32.55
C PRO D 372 54.00 29.45 33.28
N ASP D 373 55.17 30.05 33.04
CA ASP D 373 55.48 31.31 33.73
C ASP D 373 56.48 32.13 32.93
N GLN D 374 55.97 33.05 32.10
CA GLN D 374 56.83 33.90 31.28
C GLN D 374 57.62 34.92 32.14
N SER D 375 57.20 35.17 33.42
CA SER D 375 57.93 36.10 34.31
C SER D 375 59.33 35.54 34.72
N VAL D 376 59.58 34.24 34.47
CA VAL D 376 60.90 33.61 34.66
C VAL D 376 61.90 34.30 33.68
N ILE D 377 61.39 34.79 32.52
CA ILE D 377 62.19 35.47 31.50
C ILE D 377 62.25 36.95 31.85
N ALA D 378 63.43 37.44 32.22
CA ALA D 378 63.65 38.86 32.57
C ALA D 378 64.08 39.65 31.33
N GLY D 379 64.19 40.98 31.47
CA GLY D 379 64.58 41.86 30.38
C GLY D 379 63.58 41.88 29.25
N THR D 380 64.07 41.95 28.00
CA THR D 380 63.22 41.93 26.81
C THR D 380 63.32 40.59 26.12
N ASN D 381 62.21 39.86 26.04
CA ASN D 381 62.16 38.57 25.35
C ASN D 381 62.07 38.81 23.85
N GLY D 382 62.52 37.85 23.04
CA GLY D 382 62.48 37.96 21.59
C GLY D 382 61.08 37.72 21.03
N GLU D 383 60.90 37.99 19.72
CA GLU D 383 59.66 37.78 18.99
C GLU D 383 59.79 36.57 18.08
N ARG D 384 58.65 35.97 17.71
CA ARG D 384 58.52 34.82 16.80
C ARG D 384 59.42 33.68 17.29
N TYR D 385 60.43 33.23 16.51
CA TYR D 385 61.29 32.11 16.90
C TYR D 385 62.26 32.47 18.04
N ASP D 386 62.46 33.78 18.32
CA ASP D 386 63.31 34.27 19.40
C ASP D 386 62.53 34.38 20.73
N ARG D 387 61.25 33.98 20.75
CA ARG D 387 60.48 34.03 21.98
C ARG D 387 60.81 32.82 22.84
N ALA D 388 61.66 33.03 23.88
CA ALA D 388 61.97 31.98 24.84
C ALA D 388 60.70 31.67 25.63
N ILE D 389 60.48 30.40 25.97
CA ILE D 389 59.27 30.04 26.68
C ILE D 389 59.65 29.30 27.97
N ALA D 390 59.03 29.70 29.08
CA ALA D 390 59.39 29.15 30.38
C ALA D 390 58.22 28.50 31.11
N THR D 391 58.56 27.45 31.84
CA THR D 391 57.62 26.70 32.70
C THR D 391 58.37 26.35 33.98
N ARG D 392 57.67 26.24 35.11
CA ARG D 392 58.33 25.96 36.39
C ARG D 392 57.42 25.25 37.38
N GLY D 393 58.07 24.63 38.36
CA GLY D 393 57.44 24.08 39.54
C GLY D 393 57.80 25.04 40.66
N ASN D 394 57.91 24.54 41.89
CA ASN D 394 58.33 25.34 43.04
C ASN D 394 59.86 25.38 43.21
N ASP D 395 60.56 24.32 42.75
CA ASP D 395 62.00 24.18 42.96
C ASP D 395 62.78 23.89 41.66
N TYR D 396 62.12 24.09 40.51
CA TYR D 396 62.76 23.88 39.20
C TYR D 396 62.10 24.76 38.15
N LEU D 397 62.86 25.15 37.14
CA LEU D 397 62.33 25.90 36.02
C LEU D 397 62.99 25.35 34.75
N LEU D 398 62.23 25.38 33.64
CA LEU D 398 62.67 24.92 32.34
C LEU D 398 62.43 26.02 31.33
N VAL D 399 63.46 26.38 30.55
CA VAL D 399 63.32 27.44 29.54
C VAL D 399 63.74 26.91 28.17
N TYR D 400 62.79 26.82 27.24
CA TYR D 400 63.08 26.36 25.88
C TYR D 400 63.41 27.57 25.02
N ASN D 401 64.61 27.57 24.44
CA ASN D 401 65.11 28.65 23.59
C ASN D 401 65.37 28.08 22.19
N TYR D 402 64.40 28.23 21.28
CA TYR D 402 64.56 27.69 19.92
C TYR D 402 65.75 28.28 19.17
N SER D 403 65.90 29.61 19.17
CA SER D 403 66.87 30.31 18.36
C SER D 403 68.29 30.34 18.93
N GLY D 404 68.45 30.37 20.25
CA GLY D 404 69.77 30.52 20.86
C GLY D 404 70.05 31.98 21.23
N ARG D 405 69.10 32.91 20.95
CA ARG D 405 69.22 34.33 21.35
C ARG D 405 69.55 34.41 22.86
N PRO D 406 70.55 35.23 23.28
CA PRO D 406 70.88 35.32 24.72
C PRO D 406 69.65 35.65 25.58
N MSE D 407 69.61 35.09 26.80
CA MSE D 407 68.49 35.25 27.74
C MSE D 407 68.92 35.77 29.10
O MSE D 407 70.03 35.50 29.55
CB MSE D 407 67.79 33.91 28.00
CG MSE D 407 67.47 33.07 26.81
SE MSE D 407 66.59 31.47 27.43
CE MSE D 407 68.11 30.39 27.90
N GLN D 408 67.99 36.45 29.79
CA GLN D 408 68.14 36.88 31.17
C GLN D 408 67.06 36.11 31.94
N ILE D 409 67.47 35.30 32.90
CA ILE D 409 66.54 34.43 33.62
C ILE D 409 66.50 34.81 35.08
N ASP D 410 65.28 34.99 35.60
CA ASP D 410 65.06 35.35 36.99
C ASP D 410 65.03 34.07 37.83
N LEU D 411 66.19 33.71 38.40
CA LEU D 411 66.35 32.48 39.21
C LEU D 411 65.59 32.56 40.55
N SER D 412 65.18 33.77 40.98
CA SER D 412 64.47 33.95 42.24
C SER D 412 63.00 33.49 42.15
N LYS D 413 62.54 33.08 40.97
CA LYS D 413 61.17 32.59 40.74
C LYS D 413 60.95 31.16 41.29
N ILE D 414 62.02 30.49 41.71
CA ILE D 414 61.99 29.13 42.31
C ILE D 414 62.84 29.15 43.60
N SER D 415 62.64 28.15 44.47
CA SER D 415 63.32 28.05 45.76
C SER D 415 64.84 27.77 45.63
N GLY D 416 65.57 28.06 46.70
CA GLY D 416 67.01 27.80 46.82
C GLY D 416 67.91 29.00 46.76
N ALA D 417 68.79 29.15 47.78
CA ALA D 417 69.79 30.23 47.84
C ALA D 417 70.75 30.08 46.64
N LYS D 418 71.03 28.81 46.25
CA LYS D 418 71.85 28.44 45.12
C LYS D 418 71.06 27.50 44.19
N LYS D 419 71.36 27.59 42.87
CA LYS D 419 70.73 26.82 41.81
C LYS D 419 71.74 26.14 40.94
N ASN D 420 71.42 24.94 40.50
CA ASN D 420 72.26 24.24 39.54
C ASN D 420 71.63 24.42 38.18
N ALA D 421 72.45 24.58 37.14
CA ALA D 421 71.94 24.74 35.77
C ALA D 421 72.62 23.79 34.80
N TRP D 422 71.83 23.31 33.82
CA TRP D 422 72.23 22.44 32.73
C TRP D 422 71.64 22.91 31.42
N TRP D 423 72.32 22.59 30.31
CA TRP D 423 71.77 22.71 28.95
C TRP D 423 71.27 21.32 28.55
N TYR D 424 70.06 21.25 27.96
CA TYR D 424 69.46 20.00 27.47
C TYR D 424 69.13 20.19 26.01
N SER D 425 69.82 19.43 25.15
CA SER D 425 69.63 19.51 23.70
CA SER D 425 69.65 19.50 23.69
C SER D 425 68.37 18.78 23.27
N ALA D 426 67.42 19.51 22.66
CA ALA D 426 66.17 18.92 22.21
C ALA D 426 66.34 17.91 21.06
N LYS D 427 67.37 18.08 20.21
CA LYS D 427 67.55 17.16 19.06
C LYS D 427 68.06 15.76 19.47
N ASP D 428 68.77 15.64 20.60
CA ASP D 428 69.36 14.33 20.92
C ASP D 428 69.39 14.00 22.44
N GLY D 429 68.78 14.82 23.28
CA GLY D 429 68.75 14.59 24.73
C GLY D 429 70.07 14.77 25.47
N LYS D 430 71.09 15.34 24.80
CA LYS D 430 72.40 15.59 25.40
C LYS D 430 72.27 16.60 26.54
N LEU D 431 72.85 16.25 27.69
CA LEU D 431 72.83 17.05 28.89
C LEU D 431 74.23 17.57 29.19
N GLU D 432 74.32 18.87 29.47
CA GLU D 432 75.59 19.51 29.80
C GLU D 432 75.45 20.42 31.02
N TYR D 433 76.14 20.06 32.10
CA TYR D 433 76.14 20.85 33.32
C TYR D 433 76.88 22.19 33.09
N ILE D 434 76.26 23.28 33.52
CA ILE D 434 76.83 24.63 33.39
C ILE D 434 77.58 25.00 34.66
N GLY D 435 76.89 24.91 35.80
CA GLY D 435 77.46 25.26 37.09
C GLY D 435 76.40 25.65 38.11
N GLU D 436 76.87 26.19 39.23
CA GLU D 436 76.04 26.63 40.34
C GLU D 436 75.96 28.14 40.33
N PHE D 437 74.76 28.67 40.57
CA PHE D 437 74.50 30.10 40.53
C PHE D 437 73.77 30.61 41.75
N ASP D 438 74.04 31.87 42.13
CA ASP D 438 73.31 32.55 43.19
C ASP D 438 71.93 32.91 42.65
N SER D 439 70.92 32.93 43.53
CA SER D 439 69.55 33.24 43.14
C SER D 439 69.37 34.73 42.85
N LYS D 440 69.42 35.10 41.56
CA LYS D 440 69.25 36.45 41.03
C LYS D 440 69.01 36.39 39.51
N VAL D 441 68.72 37.54 38.87
CA VAL D 441 68.57 37.62 37.40
C VAL D 441 69.96 37.32 36.79
N THR D 442 70.04 36.23 36.01
CA THR D 442 71.29 35.71 35.45
C THR D 442 71.22 35.59 33.92
N SER D 443 72.30 36.00 33.24
CA SER D 443 72.42 35.88 31.78
C SER D 443 72.87 34.48 31.38
N PHE D 444 72.19 33.90 30.36
CA PHE D 444 72.53 32.59 29.82
C PHE D 444 72.55 32.64 28.30
N GLN D 445 73.58 32.04 27.68
CA GLN D 445 73.67 31.86 26.23
C GLN D 445 74.44 30.58 25.92
N HIS D 446 73.89 29.78 25.00
CA HIS D 446 74.46 28.52 24.62
C HIS D 446 75.45 28.71 23.46
N ASP D 447 76.61 28.04 23.55
CA ASP D 447 77.65 28.11 22.53
C ASP D 447 77.32 27.18 21.35
N SER D 448 76.52 27.68 20.43
CA SER D 448 76.10 26.99 19.21
C SER D 448 75.63 28.03 18.22
N GLY D 449 75.50 27.64 16.96
CA GLY D 449 75.01 28.51 15.92
C GLY D 449 73.62 29.00 16.23
N TYR D 450 73.39 30.29 15.98
CA TYR D 450 72.10 30.94 16.12
C TYR D 450 71.18 30.39 15.04
N LEU D 451 69.94 29.98 15.41
CA LEU D 451 68.96 29.41 14.47
C LEU D 451 69.62 28.28 13.62
N SER D 452 70.36 27.38 14.30
CA SER D 452 71.09 26.32 13.61
C SER D 452 70.50 24.93 13.88
N GLY D 453 69.32 24.87 14.50
CA GLY D 453 68.73 23.59 14.85
C GLY D 453 69.37 23.01 16.11
N ASN D 454 69.97 23.87 16.94
CA ASN D 454 70.61 23.46 18.19
C ASN D 454 69.85 24.05 19.40
N ASP D 455 68.51 24.03 19.29
CA ASP D 455 67.56 24.49 20.32
C ASP D 455 67.79 23.71 21.62
N GLN D 456 67.89 24.47 22.70
CA GLN D 456 68.15 23.93 24.04
C GLN D 456 67.04 24.24 25.00
N VAL D 457 66.94 23.39 26.02
CA VAL D 457 66.17 23.66 27.21
C VAL D 457 67.20 24.01 28.29
N LEU D 458 67.03 25.16 28.93
CA LEU D 458 67.83 25.52 30.10
C LEU D 458 67.11 24.92 31.31
N ILE D 459 67.75 23.97 31.99
CA ILE D 459 67.24 23.32 33.19
C ILE D 459 67.87 23.98 34.40
N VAL D 460 67.06 24.53 35.30
CA VAL D 460 67.57 25.15 36.53
C VAL D 460 66.85 24.50 37.70
N VAL D 461 67.60 23.97 38.68
CA VAL D 461 67.02 23.29 39.84
C VAL D 461 67.63 23.83 41.12
N ASP D 462 66.81 23.96 42.18
CA ASP D 462 67.25 24.28 43.55
C ASP D 462 68.39 23.30 43.89
N SER D 463 69.56 23.81 44.33
CA SER D 463 70.76 22.98 44.59
C SER D 463 70.53 21.87 45.65
N ALA D 464 69.49 22.00 46.49
CA ALA D 464 69.15 21.00 47.51
C ALA D 464 68.37 19.80 46.91
N LYS D 465 67.90 19.91 45.65
CA LYS D 465 67.10 18.84 45.02
C LYS D 465 67.95 18.03 44.06
N ASP D 466 67.62 16.74 43.89
CA ASP D 466 68.44 15.84 43.06
C ASP D 466 67.72 15.25 41.82
N TYR D 467 66.76 16.01 41.22
CA TYR D 467 66.05 15.57 40.02
C TYR D 467 67.02 15.33 38.88
N VAL D 468 68.08 16.16 38.80
CA VAL D 468 69.13 16.05 37.80
C VAL D 468 70.48 16.03 38.54
N GLN D 469 71.38 15.11 38.15
CA GLN D 469 72.73 15.01 38.74
C GLN D 469 73.72 15.78 37.87
N LYS D 470 74.73 16.39 38.50
CA LYS D 470 75.77 17.20 37.84
C LYS D 470 76.59 16.43 36.80
N ALA D 471 76.91 15.15 37.07
CA ALA D 471 77.74 14.30 36.21
C ALA D 471 76.98 13.67 35.04
N TRP D 472 75.64 13.76 35.02
CA TRP D 472 74.88 13.16 33.92
C TRP D 472 75.14 13.87 32.58
N THR D 473 75.24 13.09 31.50
CA THR D 473 75.40 13.61 30.13
C THR D 473 74.13 13.29 29.34
N ALA D 474 73.19 12.60 30.02
CA ALA D 474 71.86 12.23 29.52
C ALA D 474 70.93 12.05 30.70
N LEU D 475 69.62 12.14 30.45
CA LEU D 475 68.63 11.88 31.47
C LEU D 475 68.30 10.39 31.44
N PRO D 476 68.27 9.68 32.59
CA PRO D 476 67.84 8.28 32.57
C PRO D 476 66.34 8.18 32.23
N ASP D 477 65.88 6.96 31.90
CA ASP D 477 64.48 6.71 31.54
C ASP D 477 63.59 6.98 32.77
N ALA D 478 62.95 8.17 32.82
CA ALA D 478 62.11 8.66 33.93
C ALA D 478 60.89 7.76 34.23
N ILE D 479 60.38 7.01 33.23
CA ILE D 479 59.23 6.11 33.38
C ILE D 479 59.54 4.92 34.34
N GLN D 480 60.81 4.46 34.41
CA GLN D 480 61.24 3.32 35.24
C GLN D 480 60.96 3.49 36.74
N LYS D 481 60.79 4.76 37.22
CA LYS D 481 60.41 5.07 38.61
C LYS D 481 59.07 4.42 38.96
N TRP D 482 58.17 4.30 37.94
CA TRP D 482 56.83 3.74 38.10
C TRP D 482 56.69 2.35 37.46
N ASN D 483 57.83 1.72 37.09
CA ASN D 483 57.85 0.40 36.44
C ASN D 483 58.62 -0.64 37.27
N LYS D 484 58.52 -0.56 38.61
CA LYS D 484 59.20 -1.49 39.53
C LYS D 484 58.32 -2.70 39.89
N HIS E 11 -8.51 32.63 30.92
CA HIS E 11 -8.46 33.46 29.73
C HIS E 11 -7.26 34.41 29.77
N HIS E 12 -6.60 34.63 28.60
CA HIS E 12 -5.44 35.52 28.47
C HIS E 12 -5.26 35.96 27.00
N GLU E 13 -4.93 37.24 26.79
CA GLU E 13 -4.62 37.79 25.47
C GLU E 13 -3.22 38.44 25.47
N ASN E 14 -2.61 38.62 24.28
CA ASN E 14 -1.29 39.24 24.17
C ASN E 14 -1.31 40.79 24.35
N LEU E 15 -2.49 41.38 24.57
CA LEU E 15 -2.74 42.82 24.72
C LEU E 15 -2.67 43.31 26.15
N TYR E 16 -2.55 44.64 26.32
CA TYR E 16 -2.62 45.33 27.62
C TYR E 16 -4.09 45.42 27.99
N PHE E 17 -4.50 44.77 29.12
CA PHE E 17 -5.88 44.79 29.58
C PHE E 17 -6.27 46.16 30.14
N ALA E 20 -11.87 47.43 32.90
CA ALA E 20 -12.03 48.14 34.17
C ALA E 20 -13.34 48.94 34.20
N LYS E 21 -13.46 49.99 33.36
CA LYS E 21 -14.64 50.85 33.24
C LYS E 21 -15.57 50.34 32.12
N THR E 22 -15.22 49.16 31.54
CA THR E 22 -16.00 48.49 30.50
C THR E 22 -17.37 48.10 31.06
N TYR E 23 -18.43 48.46 30.33
CA TYR E 23 -19.79 48.08 30.67
C TYR E 23 -19.99 46.57 30.39
N ILE E 24 -20.41 45.82 31.41
CA ILE E 24 -20.66 44.37 31.30
C ILE E 24 -22.19 44.21 31.45
N PRO E 25 -22.93 44.02 30.32
CA PRO E 25 -24.40 43.98 30.41
C PRO E 25 -24.96 42.98 31.40
N TRP E 26 -24.41 41.74 31.44
CA TRP E 26 -24.93 40.67 32.31
C TRP E 26 -24.63 40.89 33.81
N LYS E 27 -23.98 42.01 34.19
CA LYS E 27 -23.85 42.35 35.63
C LYS E 27 -25.26 42.66 36.19
N ASN E 28 -26.19 42.96 35.26
CA ASN E 28 -27.60 43.27 35.53
C ASN E 28 -28.46 42.00 35.57
N GLY E 29 -27.85 40.86 35.28
CA GLY E 29 -28.53 39.56 35.26
C GLY E 29 -28.74 39.06 33.84
N LYS E 30 -29.39 37.89 33.71
CA LYS E 30 -29.69 37.24 32.43
C LYS E 30 -30.57 38.09 31.53
N LEU E 31 -30.58 37.79 30.22
CA LEU E 31 -31.52 38.42 29.29
C LEU E 31 -32.86 37.75 29.42
N VAL E 32 -33.92 38.57 29.42
CA VAL E 32 -35.31 38.12 29.57
CA VAL E 32 -35.30 38.09 29.55
C VAL E 32 -36.17 38.96 28.64
N VAL E 33 -37.25 38.36 28.10
CA VAL E 33 -38.21 39.06 27.28
C VAL E 33 -39.06 39.95 28.22
N SER E 34 -39.15 41.25 27.95
CA SER E 34 -39.94 42.18 28.76
C SER E 34 -41.46 41.80 28.72
N GLU E 35 -42.23 42.17 29.75
CA GLU E 35 -43.65 41.80 29.91
C GLU E 35 -44.56 42.10 28.69
N GLU E 36 -44.38 43.22 27.97
CA GLU E 36 -45.24 43.59 26.84
C GLU E 36 -44.94 42.73 25.58
N GLY E 37 -43.88 41.92 25.66
CA GLY E 37 -43.48 41.02 24.58
C GLY E 37 -42.85 41.70 23.37
N ARG E 38 -42.25 42.88 23.54
CA ARG E 38 -41.60 43.61 22.43
C ARG E 38 -40.09 43.75 22.58
N TYR E 39 -39.60 43.87 23.83
CA TYR E 39 -38.20 44.19 24.07
C TYR E 39 -37.48 43.19 24.95
N LEU E 40 -36.13 43.29 24.93
CA LEU E 40 -35.27 42.51 25.80
C LEU E 40 -34.79 43.40 26.93
N LYS E 41 -34.70 42.81 28.12
CA LYS E 41 -34.22 43.46 29.33
C LYS E 41 -33.33 42.47 30.09
N HIS E 42 -32.59 42.98 31.09
CA HIS E 42 -31.87 42.18 32.06
C HIS E 42 -32.85 41.92 33.19
N GLU E 43 -32.62 40.84 33.99
CA GLU E 43 -33.47 40.45 35.14
C GLU E 43 -33.79 41.61 36.09
N ASN E 44 -32.84 42.52 36.33
CA ASN E 44 -33.05 43.66 37.24
C ASN E 44 -33.84 44.83 36.58
N GLY E 45 -34.30 44.66 35.34
CA GLY E 45 -35.09 45.67 34.64
C GLY E 45 -34.37 46.59 33.68
N VAL E 46 -33.02 46.55 33.67
CA VAL E 46 -32.22 47.39 32.79
C VAL E 46 -32.45 46.98 31.30
N PRO E 47 -32.77 47.94 30.39
CA PRO E 47 -32.96 47.60 28.98
C PRO E 47 -31.73 47.00 28.30
N PHE E 48 -31.97 46.16 27.29
CA PHE E 48 -30.89 45.64 26.45
C PHE E 48 -31.21 45.97 25.02
N PHE E 49 -30.60 47.05 24.52
CA PHE E 49 -30.78 47.41 23.12
C PHE E 49 -29.70 46.64 22.37
N TRP E 50 -30.12 45.59 21.68
CA TRP E 50 -29.27 44.73 20.90
C TRP E 50 -28.72 45.49 19.69
N LEU E 51 -27.41 45.62 19.63
CA LEU E 51 -26.73 46.22 18.47
C LEU E 51 -25.74 45.19 18.00
N GLY E 52 -26.13 44.46 16.98
CA GLY E 52 -25.35 43.35 16.46
C GLY E 52 -24.44 43.59 15.29
N GLU E 53 -23.32 42.87 15.30
CA GLU E 53 -22.30 42.83 14.24
C GLU E 53 -22.26 41.38 13.73
N THR E 54 -21.99 41.20 12.44
CA THR E 54 -21.98 39.88 11.80
C THR E 54 -20.53 39.44 11.47
N GLY E 55 -19.98 38.55 12.29
CA GLY E 55 -18.63 38.00 12.06
C GLY E 55 -18.74 36.52 11.80
N TRP E 56 -19.54 36.16 10.79
CA TRP E 56 -19.87 34.76 10.44
C TRP E 56 -18.69 33.80 10.48
N LEU E 57 -17.58 34.14 9.78
CA LEU E 57 -16.45 33.22 9.66
C LEU E 57 -15.34 33.43 10.70
N MSE E 58 -15.63 34.15 11.79
CA MSE E 58 -14.62 34.39 12.82
C MSE E 58 -14.07 33.05 13.41
O MSE E 58 -12.84 32.89 13.50
CB MSE E 58 -15.15 35.29 13.95
CG MSE E 58 -14.26 35.20 15.23
SE MSE E 58 -14.40 36.68 16.45
CE MSE E 58 -16.33 36.70 16.74
N PRO E 59 -14.90 32.07 13.81
CA PRO E 59 -14.32 30.83 14.40
C PRO E 59 -13.45 30.02 13.44
N GLN E 60 -13.67 30.16 12.13
CA GLN E 60 -12.88 29.40 11.14
C GLN E 60 -11.67 30.18 10.62
N ARG E 61 -11.72 31.52 10.59
CA ARG E 61 -10.67 32.31 9.92
C ARG E 61 -9.81 33.18 10.80
N LEU E 62 -10.28 33.61 11.99
CA LEU E 62 -9.45 34.51 12.80
C LEU E 62 -8.61 33.78 13.83
N ASN E 63 -7.37 34.22 14.01
CA ASN E 63 -6.49 33.64 15.02
C ASN E 63 -6.74 34.41 16.32
N ARG E 64 -6.09 34.01 17.42
CA ARG E 64 -6.30 34.66 18.73
C ARG E 64 -6.03 36.18 18.72
N ASP E 65 -4.97 36.63 18.03
CA ASP E 65 -4.62 38.08 17.97
C ASP E 65 -5.64 38.88 17.15
N GLU E 66 -6.24 38.27 16.13
CA GLU E 66 -7.23 38.91 15.26
C GLU E 66 -8.57 38.99 15.94
N VAL E 67 -8.93 37.96 16.74
CA VAL E 67 -10.19 37.94 17.53
C VAL E 67 -10.16 39.15 18.47
N SER E 68 -9.01 39.36 19.17
CA SER E 68 -8.80 40.49 20.09
C SER E 68 -9.06 41.84 19.39
N TYR E 69 -8.47 42.03 18.19
CA TYR E 69 -8.61 43.26 17.45
C TYR E 69 -10.05 43.51 16.96
N TYR E 70 -10.65 42.49 16.32
CA TYR E 70 -12.01 42.61 15.80
C TYR E 70 -13.02 42.93 16.93
N LEU E 71 -12.94 42.20 18.08
CA LEU E 71 -13.89 42.45 19.16
C LEU E 71 -13.65 43.82 19.84
N ASN E 72 -12.39 44.32 19.85
CA ASN E 72 -12.08 45.68 20.35
C ASN E 72 -12.74 46.71 19.50
N LYS E 73 -12.68 46.53 18.14
CA LYS E 73 -13.31 47.45 17.19
C LYS E 73 -14.83 47.40 17.35
N CYS E 74 -15.41 46.21 17.49
CA CYS E 74 -16.86 46.04 17.73
C CYS E 74 -17.29 46.78 19.02
N LYS E 75 -16.55 46.55 20.15
CA LYS E 75 -16.84 47.22 21.42
C LYS E 75 -16.81 48.75 21.25
N ASP E 76 -15.75 49.27 20.59
CA ASP E 76 -15.56 50.72 20.42
C ASP E 76 -16.62 51.36 19.52
N ALA E 77 -17.23 50.57 18.61
CA ALA E 77 -18.30 51.04 17.73
C ALA E 77 -19.72 50.82 18.34
N GLY E 78 -19.78 50.40 19.61
CA GLY E 78 -21.00 50.24 20.38
C GLY E 78 -21.75 48.92 20.23
N TYR E 79 -21.18 47.93 19.52
CA TYR E 79 -21.85 46.64 19.35
C TYR E 79 -21.80 45.83 20.66
N ASN E 80 -22.90 45.15 21.01
CA ASN E 80 -22.95 44.32 22.22
C ASN E 80 -23.32 42.88 21.88
N MSE E 81 -23.42 42.57 20.58
CA MSE E 81 -23.76 41.23 20.09
C MSE E 81 -22.97 40.98 18.81
O MSE E 81 -23.04 41.78 17.88
CB MSE E 81 -25.29 41.11 19.87
CG MSE E 81 -25.82 39.65 19.80
SE MSE E 81 -25.28 38.56 18.25
CE MSE E 81 -25.80 39.72 16.72
N VAL E 82 -22.13 39.92 18.79
CA VAL E 82 -21.36 39.53 17.59
C VAL E 82 -21.79 38.11 17.27
N GLN E 83 -22.35 37.92 16.06
CA GLN E 83 -22.83 36.57 15.72
C GLN E 83 -21.83 35.85 14.82
N VAL E 84 -21.74 34.54 15.00
CA VAL E 84 -20.82 33.64 14.29
C VAL E 84 -21.52 32.37 13.82
N GLN E 85 -20.88 31.69 12.88
CA GLN E 85 -21.22 30.35 12.43
C GLN E 85 -20.32 29.48 13.26
N VAL E 86 -20.89 28.81 14.27
CA VAL E 86 -20.13 27.91 15.14
C VAL E 86 -19.53 26.78 14.27
N LEU E 87 -20.36 26.23 13.35
CA LEU E 87 -19.98 25.26 12.32
C LEU E 87 -20.50 25.75 10.98
N ASN E 88 -19.65 25.71 9.93
CA ASN E 88 -20.07 26.09 8.58
C ASN E 88 -20.02 24.84 7.66
N GLY E 89 -19.64 23.71 8.23
CA GLY E 89 -19.55 22.43 7.55
C GLY E 89 -19.35 21.29 8.52
N VAL E 90 -19.45 20.05 8.02
CA VAL E 90 -19.28 18.83 8.80
C VAL E 90 -18.13 17.99 8.17
N PRO E 91 -16.90 18.06 8.74
CA PRO E 91 -16.49 18.89 9.88
C PRO E 91 -16.13 20.30 9.42
N SER E 92 -15.89 21.21 10.39
CA SER E 92 -15.38 22.55 10.11
C SER E 92 -13.88 22.53 10.45
N MSE E 93 -13.13 23.52 9.95
CA MSE E 93 -11.71 23.67 10.19
C MSE E 93 -11.43 25.11 10.59
O MSE E 93 -12.04 26.01 10.04
CB MSE E 93 -10.96 23.33 8.89
CG MSE E 93 -9.48 23.67 8.91
SE MSE E 93 -8.41 22.11 9.09
CE MSE E 93 -9.32 21.04 7.60
N ASN E 94 -10.49 25.34 11.52
CA ASN E 94 -10.14 26.71 11.89
C ASN E 94 -8.75 27.08 11.31
N ILE E 95 -8.30 28.32 11.55
CA ILE E 95 -7.06 28.85 10.99
C ILE E 95 -5.82 28.11 11.52
N TYR E 96 -5.93 27.43 12.67
CA TYR E 96 -4.85 26.66 13.29
C TYR E 96 -4.74 25.25 12.71
N GLY E 97 -5.61 24.90 11.77
CA GLY E 97 -5.57 23.58 11.15
C GLY E 97 -6.18 22.52 12.06
N GLN E 98 -7.19 22.92 12.87
CA GLN E 98 -7.88 22.03 13.83
C GLN E 98 -9.26 21.69 13.31
N TYR E 99 -9.63 20.38 13.38
CA TYR E 99 -10.96 19.89 13.00
C TYR E 99 -11.93 20.12 14.13
N SER E 100 -13.20 20.45 13.80
CA SER E 100 -14.25 20.64 14.79
C SER E 100 -14.71 19.30 15.35
N MSE E 101 -14.60 18.24 14.52
CA MSE E 101 -15.00 16.89 14.90
CA MSE E 101 -15.03 16.87 14.85
C MSE E 101 -14.06 15.86 14.29
O MSE E 101 -13.65 16.00 13.14
CB MSE E 101 -16.45 16.59 14.46
CB MSE E 101 -16.40 16.57 14.23
CG MSE E 101 -17.51 17.21 15.40
CG MSE E 101 -17.57 17.33 14.80
SE MSE E 101 -18.27 18.89 14.78
SE MSE E 101 -19.04 17.04 13.56
CE MSE E 101 -19.50 18.21 13.48
CE MSE E 101 -19.00 18.78 12.69
N THR E 102 -13.77 14.83 15.07
CA THR E 102 -12.91 13.71 14.68
CA THR E 102 -12.90 13.73 14.65
C THR E 102 -13.76 12.46 14.45
N ASP E 103 -14.86 12.31 15.24
CA ASP E 103 -15.75 11.15 15.14
C ASP E 103 -17.21 11.59 15.00
N GLY E 104 -17.49 12.32 13.91
CA GLY E 104 -18.84 12.84 13.62
C GLY E 104 -19.41 13.61 14.81
N PHE E 105 -20.68 13.38 15.15
CA PHE E 105 -21.30 14.07 16.28
C PHE E 105 -21.17 13.29 17.63
N ASN E 106 -20.04 12.59 17.82
CA ASN E 106 -19.70 11.93 19.09
C ASN E 106 -18.61 12.81 19.71
N PHE E 107 -18.95 13.50 20.80
CA PHE E 107 -18.07 14.49 21.43
C PHE E 107 -17.42 14.01 22.74
N LYS E 108 -17.54 12.72 23.06
CA LYS E 108 -16.98 12.10 24.26
C LYS E 108 -15.48 12.43 24.47
N ASP E 109 -14.65 12.35 23.41
CA ASP E 109 -13.21 12.60 23.52
C ASP E 109 -12.78 13.82 22.70
N ILE E 110 -13.63 14.85 22.60
CA ILE E 110 -13.33 16.06 21.83
C ILE E 110 -12.18 16.87 22.49
N ASN E 111 -12.10 16.91 23.82
CA ASN E 111 -11.02 17.61 24.52
C ASN E 111 -9.81 16.70 24.63
N ARG E 112 -8.69 17.15 24.09
CA ARG E 112 -7.41 16.41 24.12
C ARG E 112 -6.41 17.24 24.88
N LYS E 113 -5.81 16.65 25.95
CA LYS E 113 -4.84 17.33 26.81
C LYS E 113 -3.63 17.79 25.99
N GLY E 114 -3.23 19.03 26.23
CA GLY E 114 -2.10 19.63 25.53
C GLY E 114 -2.38 20.10 24.12
N ILE E 115 -3.65 20.01 23.66
CA ILE E 115 -4.00 20.45 22.31
C ILE E 115 -4.96 21.62 22.40
N TYR E 116 -4.67 22.72 21.69
CA TYR E 116 -5.57 23.84 21.59
C TYR E 116 -6.48 23.53 20.41
N GLY E 117 -7.61 22.89 20.69
CA GLY E 117 -8.54 22.44 19.66
C GLY E 117 -9.46 23.50 19.10
N TYR E 118 -10.27 23.10 18.12
CA TYR E 118 -11.28 23.96 17.50
C TYR E 118 -12.21 24.57 18.58
N TRP E 119 -12.65 23.74 19.55
CA TRP E 119 -13.60 24.19 20.57
C TRP E 119 -12.93 25.02 21.65
N ASP E 120 -11.60 24.83 21.85
CA ASP E 120 -10.85 25.68 22.79
C ASP E 120 -10.72 27.10 22.18
N HIS E 121 -10.66 27.18 20.85
CA HIS E 121 -10.58 28.48 20.16
C HIS E 121 -11.97 29.12 20.22
N MSE E 122 -13.03 28.29 20.11
CA MSE E 122 -14.41 28.78 20.27
C MSE E 122 -14.56 29.38 21.70
O MSE E 122 -15.11 30.46 21.84
CB MSE E 122 -15.44 27.65 20.02
CG MSE E 122 -16.89 28.14 19.90
SE MSE E 122 -17.25 29.27 18.35
CE MSE E 122 -17.51 30.99 19.31
N ASP E 123 -14.06 28.66 22.73
CA ASP E 123 -14.08 29.09 24.14
C ASP E 123 -13.40 30.44 24.31
N TYR E 124 -12.21 30.61 23.67
CA TYR E 124 -11.43 31.84 23.70
C TYR E 124 -12.22 33.02 23.10
N ILE E 125 -12.95 32.79 21.98
CA ILE E 125 -13.75 33.82 21.32
C ILE E 125 -14.83 34.33 22.30
N ILE E 126 -15.50 33.39 23.00
CA ILE E 126 -16.56 33.73 23.96
C ILE E 126 -15.97 34.49 25.16
N LYS E 127 -14.81 34.06 25.69
CA LYS E 127 -14.17 34.74 26.83
C LYS E 127 -13.66 36.13 26.43
N SER E 128 -13.16 36.26 25.19
CA SER E 128 -12.67 37.55 24.67
C SER E 128 -13.83 38.52 24.52
N ALA E 129 -14.99 38.01 24.01
CA ALA E 129 -16.19 38.85 23.91
C ALA E 129 -16.68 39.24 25.31
N ALA E 130 -16.63 38.30 26.28
CA ALA E 130 -17.09 38.54 27.67
C ALA E 130 -16.33 39.69 28.34
N SER E 131 -15.00 39.78 28.14
CA SER E 131 -14.20 40.85 28.76
CA SER E 131 -14.15 40.85 28.71
C SER E 131 -14.54 42.21 28.15
N ARG E 132 -15.20 42.22 26.96
CA ARG E 132 -15.59 43.45 26.27
C ARG E 132 -17.11 43.77 26.36
N GLY E 133 -17.84 42.98 27.14
CA GLY E 133 -19.28 43.14 27.35
C GLY E 133 -20.12 42.79 26.13
N ILE E 134 -19.63 41.82 25.33
CA ILE E 134 -20.32 41.42 24.10
C ILE E 134 -20.86 40.00 24.24
N TYR E 135 -22.12 39.81 23.78
CA TYR E 135 -22.77 38.51 23.66
C TYR E 135 -22.35 37.87 22.36
N ILE E 136 -22.12 36.56 22.36
CA ILE E 136 -21.85 35.89 21.10
C ILE E 136 -23.18 35.24 20.68
N GLY E 137 -23.62 35.56 19.46
CA GLY E 137 -24.79 34.96 18.83
C GLY E 137 -24.28 33.68 18.20
N MSE E 138 -24.63 32.53 18.82
CA MSE E 138 -24.10 31.22 18.40
C MSE E 138 -24.98 30.55 17.35
O MSE E 138 -25.98 29.91 17.72
CB MSE E 138 -23.98 30.29 19.66
CG MSE E 138 -23.03 30.81 20.74
SE MSE E 138 -21.14 30.55 20.29
CE MSE E 138 -20.95 28.60 20.82
N VAL E 139 -24.64 30.67 16.05
CA VAL E 139 -25.39 29.91 15.01
C VAL E 139 -24.78 28.50 15.07
N CYS E 140 -25.42 27.61 15.84
CA CYS E 140 -24.97 26.24 16.11
C CYS E 140 -24.35 25.58 14.85
N ILE E 141 -25.10 25.57 13.76
CA ILE E 141 -24.63 25.00 12.51
C ILE E 141 -25.39 25.68 11.37
N TRP E 142 -24.65 26.20 10.36
CA TRP E 142 -25.25 26.84 9.18
C TRP E 142 -26.16 25.85 8.45
N GLY E 143 -27.20 26.35 7.80
CA GLY E 143 -28.20 25.48 7.14
C GLY E 143 -27.67 24.56 6.06
N THR E 144 -26.65 24.98 5.27
CA THR E 144 -26.12 24.20 4.13
C THR E 144 -25.78 22.73 4.52
N PRO E 145 -24.89 22.42 5.50
CA PRO E 145 -24.63 21.00 5.81
C PRO E 145 -25.87 20.23 6.27
N VAL E 146 -26.79 20.90 7.01
CA VAL E 146 -28.03 20.27 7.50
C VAL E 146 -28.96 19.93 6.32
N GLU E 147 -29.09 20.86 5.35
CA GLU E 147 -29.90 20.65 4.13
C GLU E 147 -29.35 19.45 3.32
N GLN E 148 -28.01 19.27 3.33
CA GLN E 148 -27.28 18.20 2.64
C GLN E 148 -27.32 16.88 3.42
N GLY E 149 -28.01 16.87 4.57
CA GLY E 149 -28.19 15.67 5.39
C GLY E 149 -27.04 15.24 6.25
N LEU E 150 -26.07 16.16 6.51
CA LEU E 150 -24.87 15.90 7.30
C LEU E 150 -25.11 15.99 8.82
N MSE E 151 -26.33 16.34 9.26
CA MSE E 151 -26.71 16.32 10.68
C MSE E 151 -28.14 15.82 10.79
O MSE E 151 -29.06 16.57 10.50
CB MSE E 151 -26.51 17.67 11.40
CG MSE E 151 -26.63 17.50 12.92
SE MSE E 151 -26.51 19.15 13.94
CE MSE E 151 -28.13 19.94 13.52
N ASN E 152 -28.30 14.55 11.20
CA ASN E 152 -29.65 13.98 11.37
C ASN E 152 -30.18 14.31 12.78
N GLU E 153 -31.40 13.82 13.13
CA GLU E 153 -32.06 14.10 14.43
C GLU E 153 -31.26 13.63 15.64
N LYS E 154 -30.72 12.39 15.59
CA LYS E 154 -29.92 11.80 16.66
CA LYS E 154 -29.92 11.80 16.66
C LYS E 154 -28.66 12.63 16.87
N GLU E 155 -27.99 13.01 15.77
CA GLU E 155 -26.77 13.82 15.79
C GLU E 155 -27.06 15.20 16.38
N ALA E 156 -28.22 15.80 16.05
CA ALA E 156 -28.67 17.14 16.54
C ALA E 156 -28.87 17.12 18.06
N VAL E 157 -29.45 16.02 18.60
CA VAL E 157 -29.64 15.86 20.05
C VAL E 157 -28.22 15.82 20.73
N ALA E 158 -27.30 15.02 20.20
CA ALA E 158 -25.95 14.88 20.72
C ALA E 158 -25.20 16.22 20.62
N TYR E 159 -25.32 16.94 19.49
CA TYR E 159 -24.69 18.26 19.30
C TYR E 159 -25.24 19.25 20.32
N GLY E 160 -26.56 19.25 20.51
CA GLY E 160 -27.24 20.14 21.45
C GLY E 160 -26.77 19.94 22.89
N LYS E 161 -26.62 18.66 23.29
CA LYS E 161 -26.14 18.30 24.63
C LYS E 161 -24.68 18.76 24.81
N PHE E 162 -23.84 18.55 23.80
CA PHE E 162 -22.45 19.00 23.83
C PHE E 162 -22.37 20.54 24.02
N LEU E 163 -23.10 21.31 23.18
CA LEU E 163 -23.07 22.78 23.23
C LEU E 163 -23.58 23.32 24.56
N ALA E 164 -24.73 22.77 25.05
CA ALA E 164 -25.34 23.24 26.29
C ALA E 164 -24.46 22.94 27.50
N GLU E 165 -23.84 21.74 27.57
CA GLU E 165 -22.98 21.40 28.70
C GLU E 165 -21.70 22.23 28.70
N ARG E 166 -21.16 22.48 27.52
CA ARG E 166 -19.93 23.27 27.41
C ARG E 166 -20.16 24.75 27.67
N TYR E 167 -21.32 25.34 27.25
CA TYR E 167 -21.49 26.80 27.34
C TYR E 167 -22.61 27.32 28.24
N LYS E 168 -23.33 26.45 29.00
CA LYS E 168 -24.42 26.95 29.87
C LYS E 168 -23.92 27.93 30.94
N ASP E 169 -22.68 27.75 31.45
CA ASP E 169 -22.15 28.61 32.51
C ASP E 169 -21.37 29.82 31.97
N GLU E 170 -21.31 29.99 30.63
CA GLU E 170 -20.75 31.21 30.01
C GLU E 170 -21.91 32.20 29.93
N PRO E 171 -21.84 33.39 30.56
CA PRO E 171 -23.04 34.27 30.58
C PRO E 171 -23.41 34.91 29.23
N ASN E 172 -22.43 35.20 28.38
CA ASN E 172 -22.59 35.99 27.15
C ASN E 172 -22.86 35.15 25.88
N ILE E 173 -23.96 34.38 25.93
CA ILE E 173 -24.39 33.52 24.84
C ILE E 173 -25.85 33.78 24.48
N ILE E 174 -26.13 33.76 23.16
CA ILE E 174 -27.48 33.79 22.58
C ILE E 174 -27.50 32.62 21.60
N TRP E 175 -28.44 31.66 21.77
CA TRP E 175 -28.50 30.49 20.91
C TRP E 175 -29.25 30.80 19.63
N MSE E 176 -28.65 30.45 18.48
CA MSE E 176 -29.28 30.68 17.19
C MSE E 176 -29.42 29.36 16.41
O MSE E 176 -28.45 28.82 15.90
CB MSE E 176 -28.53 31.74 16.36
CG MSE E 176 -28.59 33.12 16.96
SE MSE E 176 -27.56 34.38 15.90
CE MSE E 176 -28.03 35.99 16.91
N ILE E 177 -30.65 28.89 16.32
CA ILE E 177 -31.01 27.68 15.56
C ILE E 177 -31.14 28.11 14.08
N GLY E 178 -30.98 27.18 13.15
CA GLY E 178 -31.06 27.50 11.73
C GLY E 178 -29.79 28.09 11.19
N GLY E 179 -29.93 29.02 10.25
CA GLY E 179 -28.83 29.69 9.57
C GLY E 179 -29.09 29.73 8.07
N ASP E 180 -29.77 30.82 7.62
CA ASP E 180 -30.14 31.08 6.21
C ASP E 180 -30.92 29.91 5.63
N ILE E 181 -31.89 29.40 6.39
CA ILE E 181 -32.68 28.25 5.95
C ILE E 181 -34.15 28.46 6.37
N ARG E 182 -35.09 27.97 5.55
CA ARG E 182 -36.50 28.03 5.90
C ARG E 182 -36.78 27.10 7.08
N GLY E 183 -37.67 27.50 7.97
CA GLY E 183 -38.06 26.69 9.11
C GLY E 183 -38.79 25.40 8.75
N ASP E 184 -39.32 25.29 7.51
CA ASP E 184 -39.99 24.06 7.05
C ASP E 184 -38.99 23.15 6.31
N ASN E 185 -37.68 23.48 6.38
CA ASN E 185 -36.63 22.67 5.77
C ASN E 185 -35.86 22.00 6.90
N LYS E 186 -35.99 20.65 7.03
CA LYS E 186 -35.35 19.83 8.07
C LYS E 186 -35.83 20.27 9.49
N THR E 187 -37.12 20.58 9.62
CA THR E 187 -37.76 21.06 10.85
C THR E 187 -37.44 20.14 12.04
N GLU E 188 -37.57 18.81 11.85
CA GLU E 188 -37.35 17.78 12.87
C GLU E 188 -35.92 17.87 13.42
N VAL E 189 -34.94 18.16 12.55
CA VAL E 189 -33.53 18.31 12.95
C VAL E 189 -33.41 19.58 13.82
N TRP E 190 -33.98 20.71 13.37
CA TRP E 190 -33.90 22.00 14.09
C TRP E 190 -34.59 21.92 15.45
N ASP E 191 -35.80 21.31 15.51
CA ASP E 191 -36.52 21.09 16.77
C ASP E 191 -35.73 20.17 17.73
N ALA E 192 -35.08 19.09 17.20
CA ALA E 192 -34.26 18.19 18.01
C ALA E 192 -33.09 18.95 18.63
N LEU E 193 -32.40 19.79 17.83
CA LEU E 193 -31.25 20.58 18.31
C LEU E 193 -31.68 21.56 19.39
N ALA E 194 -32.73 22.35 19.09
CA ALA E 194 -33.30 23.37 19.97
C ALA E 194 -33.76 22.79 21.31
N ASN E 195 -34.56 21.71 21.29
CA ASN E 195 -35.07 21.08 22.52
C ASN E 195 -33.95 20.43 23.34
N SER E 196 -32.92 19.88 22.67
CA SER E 196 -31.77 19.29 23.37
C SER E 196 -30.99 20.36 24.16
N ILE E 197 -30.69 21.54 23.54
CA ILE E 197 -29.99 22.63 24.23
C ILE E 197 -30.85 23.13 25.39
N ARG E 198 -32.13 23.40 25.09
CA ARG E 198 -33.13 23.94 26.01
C ARG E 198 -33.36 23.05 27.24
N SER E 199 -33.23 21.72 27.11
CA SER E 199 -33.40 20.78 28.24
C SER E 199 -32.30 20.95 29.30
N ILE E 200 -31.12 21.50 28.91
CA ILE E 200 -29.96 21.69 29.79
C ILE E 200 -29.74 23.18 30.11
N ASP E 201 -29.75 24.04 29.08
CA ASP E 201 -29.47 25.47 29.26
C ASP E 201 -30.75 26.29 29.41
N LYS E 202 -31.01 26.74 30.66
CA LYS E 202 -32.17 27.51 31.06
C LYS E 202 -31.80 28.98 31.33
N GLY E 203 -30.54 29.35 31.06
CA GLY E 203 -30.01 30.68 31.35
C GLY E 203 -29.66 31.57 30.19
N HIS E 204 -29.98 31.13 28.96
CA HIS E 204 -29.73 31.90 27.73
C HIS E 204 -30.97 31.92 26.85
N LEU E 205 -31.14 33.01 26.08
CA LEU E 205 -32.27 33.11 25.16
C LEU E 205 -31.96 32.35 23.87
N MSE E 206 -33.02 31.95 23.15
CA MSE E 206 -32.86 31.17 21.91
C MSE E 206 -33.77 31.73 20.81
O MSE E 206 -34.87 32.21 21.09
CB MSE E 206 -33.18 29.69 22.19
CG MSE E 206 -32.95 28.74 21.01
SE MSE E 206 -33.26 26.90 21.53
CE MSE E 206 -31.77 26.71 22.67
N THR E 207 -33.30 31.58 19.55
CA THR E 207 -34.04 32.08 18.38
C THR E 207 -33.68 31.23 17.15
N PHE E 208 -34.14 31.63 15.96
CA PHE E 208 -33.91 30.94 14.70
C PHE E 208 -33.53 31.94 13.61
N HIS E 209 -32.45 31.67 12.87
CA HIS E 209 -31.97 32.52 11.77
C HIS E 209 -32.55 31.94 10.46
N PRO E 210 -33.47 32.68 9.81
CA PRO E 210 -34.14 32.13 8.62
C PRO E 210 -33.52 32.57 7.29
N ARG E 211 -34.08 32.01 6.21
CA ARG E 211 -33.74 32.28 4.82
C ARG E 211 -34.06 33.75 4.46
N GLY E 212 -33.39 34.31 3.47
CA GLY E 212 -33.63 35.67 2.97
C GLY E 212 -35.10 35.85 2.62
N ARG E 213 -35.66 36.99 2.99
CA ARG E 213 -37.04 37.41 2.74
C ARG E 213 -38.05 36.57 3.53
N THR E 214 -37.61 35.96 4.65
CA THR E 214 -38.51 35.18 5.52
C THR E 214 -38.27 35.60 6.97
N THR E 215 -39.25 35.33 7.84
CA THR E 215 -39.13 35.56 9.28
C THR E 215 -39.29 34.22 10.00
N SER E 216 -38.56 34.02 11.12
CA SER E 216 -38.71 32.80 11.94
C SER E 216 -40.15 32.67 12.49
N ALA E 217 -40.89 33.80 12.62
CA ALA E 217 -42.29 33.82 13.12
C ALA E 217 -43.21 32.98 12.26
N THR E 218 -42.93 32.86 10.94
CA THR E 218 -43.74 32.06 10.02
C THR E 218 -43.86 30.60 10.47
N TRP E 219 -42.81 30.05 11.08
CA TRP E 219 -42.84 28.64 11.49
C TRP E 219 -42.76 28.39 12.99
N PHE E 220 -42.07 29.27 13.74
CA PHE E 220 -41.75 28.99 15.13
C PHE E 220 -42.24 29.99 16.16
N ASN E 221 -43.21 30.86 15.83
CA ASN E 221 -43.73 31.81 16.82
C ASN E 221 -44.28 31.10 18.09
N ASP E 222 -44.86 29.90 17.94
CA ASP E 222 -45.46 29.17 19.07
C ASP E 222 -44.49 28.19 19.74
N ARG E 223 -43.24 28.12 19.27
CA ARG E 223 -42.31 27.19 19.90
C ARG E 223 -41.92 27.68 21.30
N GLU E 224 -41.95 26.77 22.30
CA GLU E 224 -41.55 27.05 23.68
C GLU E 224 -40.06 27.44 23.71
N TRP E 225 -39.24 26.81 22.84
CA TRP E 225 -37.80 27.06 22.80
C TRP E 225 -37.44 28.43 22.18
N LEU E 226 -38.37 29.08 21.43
CA LEU E 226 -38.11 30.36 20.77
C LEU E 226 -38.56 31.54 21.68
N ASP E 227 -37.60 32.34 22.13
CA ASP E 227 -37.87 33.50 22.99
C ASP E 227 -38.23 34.73 22.18
N PHE E 228 -37.61 34.89 21.00
CA PHE E 228 -37.87 36.02 20.13
C PHE E 228 -37.62 35.61 18.67
N ASN E 229 -38.15 36.38 17.74
CA ASN E 229 -38.05 36.10 16.31
C ASN E 229 -36.98 36.92 15.67
N MSE E 230 -36.46 36.40 14.53
CA MSE E 230 -35.52 37.11 13.69
C MSE E 230 -35.92 36.95 12.24
O MSE E 230 -36.46 35.92 11.85
CB MSE E 230 -34.06 36.59 13.87
CG MSE E 230 -33.57 36.66 15.31
SE MSE E 230 -31.65 36.61 15.48
CE MSE E 230 -31.29 35.00 14.45
N PHE E 231 -35.63 37.96 11.41
CA PHE E 231 -35.88 37.85 9.99
C PHE E 231 -34.63 38.28 9.25
N GLN E 232 -34.58 37.95 7.96
CA GLN E 232 -33.49 38.32 7.08
C GLN E 232 -34.06 39.14 5.93
N SER E 233 -33.87 40.46 5.94
CA SER E 233 -34.41 41.31 4.88
C SER E 233 -33.43 41.44 3.69
N GLY E 234 -32.14 41.19 3.91
CA GLY E 234 -31.11 41.22 2.88
C GLY E 234 -31.36 40.17 1.80
N HIS E 235 -30.87 40.37 0.55
CA HIS E 235 -30.02 41.47 0.08
C HIS E 235 -30.51 41.98 -1.31
N ARG E 236 -31.75 41.66 -1.64
CA ARG E 236 -32.33 42.09 -2.93
C ARG E 236 -32.91 43.50 -2.87
N ARG E 237 -32.83 44.21 -4.00
CA ARG E 237 -33.40 45.56 -4.16
C ARG E 237 -34.81 45.43 -4.66
N TYR E 238 -35.58 46.57 -4.69
CA TYR E 238 -36.91 46.63 -5.25
C TYR E 238 -36.94 46.03 -6.67
N GLY E 239 -37.90 45.13 -6.91
CA GLY E 239 -38.13 44.51 -8.22
C GLY E 239 -37.08 43.52 -8.69
N GLN E 240 -36.38 42.87 -7.76
CA GLN E 240 -35.34 41.91 -8.12
C GLN E 240 -35.79 40.43 -7.92
N ARG E 241 -37.00 40.09 -8.35
CA ARG E 241 -37.47 38.68 -8.25
C ARG E 241 -36.65 37.79 -9.19
N ASN E 242 -36.30 38.35 -10.38
CA ASN E 242 -35.46 37.79 -11.45
C ASN E 242 -35.93 36.38 -11.92
N GLY E 243 -37.25 36.27 -12.12
CA GLY E 243 -37.90 35.06 -12.59
C GLY E 243 -37.83 33.85 -11.69
N ASP E 244 -37.68 34.05 -10.35
CA ASP E 244 -37.65 32.96 -9.38
C ASP E 244 -39.02 32.27 -9.33
N GLY E 245 -39.01 30.92 -9.37
CA GLY E 245 -40.20 30.07 -9.33
C GLY E 245 -41.16 30.42 -8.20
N ASP E 246 -40.60 30.56 -7.00
CA ASP E 246 -41.32 30.95 -5.78
C ASP E 246 -40.77 32.30 -5.24
N TYR E 247 -41.59 33.03 -4.48
CA TYR E 247 -41.25 34.31 -3.84
C TYR E 247 -42.05 34.46 -2.53
N PRO E 248 -41.39 34.56 -1.36
CA PRO E 248 -42.16 34.63 -0.09
C PRO E 248 -42.72 36.02 0.23
N ILE E 249 -42.45 37.03 -0.62
CA ILE E 249 -42.92 38.40 -0.39
C ILE E 249 -43.62 39.00 -1.61
N GLU E 250 -44.38 40.08 -1.39
CA GLU E 250 -45.09 40.87 -2.40
C GLU E 250 -44.07 41.51 -3.33
N GLU E 251 -44.35 41.51 -4.66
CA GLU E 251 -43.42 42.10 -5.64
C GLU E 251 -43.24 43.61 -5.38
N ASN E 252 -42.01 44.11 -5.60
CA ASN E 252 -41.60 45.51 -5.48
C ASN E 252 -41.69 46.04 -4.03
N THR E 253 -41.48 45.18 -3.02
CA THR E 253 -41.47 45.60 -1.60
C THR E 253 -40.20 45.13 -0.89
N GLU E 254 -39.20 44.61 -1.64
CA GLU E 254 -37.96 44.03 -1.10
C GLU E 254 -37.30 44.90 -0.06
N GLU E 255 -37.23 46.23 -0.30
CA GLU E 255 -36.50 47.12 0.58
C GLU E 255 -37.33 47.65 1.76
N ASP E 256 -38.60 47.26 1.84
CA ASP E 256 -39.46 47.69 2.96
C ASP E 256 -39.31 46.68 4.08
N ASN E 257 -38.15 46.67 4.76
CA ASN E 257 -37.90 45.67 5.82
C ASN E 257 -38.84 45.87 7.03
N TRP E 258 -39.47 47.07 7.17
CA TRP E 258 -40.50 47.34 8.19
C TRP E 258 -41.68 46.36 8.00
N ARG E 259 -41.92 45.87 6.77
CA ARG E 259 -43.01 44.92 6.48
C ARG E 259 -42.81 43.59 7.22
N PHE E 260 -41.53 43.14 7.42
CA PHE E 260 -41.26 41.90 8.13
C PHE E 260 -41.54 42.03 9.63
N VAL E 261 -41.31 43.23 10.17
CA VAL E 261 -41.58 43.54 11.58
C VAL E 261 -43.08 43.41 11.85
N GLU E 262 -43.89 44.05 10.97
CA GLU E 262 -45.34 44.03 11.02
C GLU E 262 -45.90 42.63 10.90
N ALA E 263 -45.40 41.86 9.91
CA ALA E 263 -45.85 40.47 9.66
C ALA E 263 -45.55 39.59 10.88
N SER E 264 -44.37 39.79 11.52
CA SER E 264 -43.96 39.01 12.69
C SER E 264 -44.76 39.38 13.95
N GLN E 265 -45.05 40.67 14.13
CA GLN E 265 -45.75 41.17 15.31
C GLN E 265 -47.26 41.03 15.19
N ALA E 266 -47.75 40.56 14.03
CA ALA E 266 -49.18 40.28 13.84
C ALA E 266 -49.52 38.89 14.40
N LYS E 267 -48.49 38.06 14.60
CA LYS E 267 -48.58 36.69 15.14
C LYS E 267 -48.65 36.71 16.66
N THR E 268 -49.68 36.06 17.21
CA THR E 268 -50.01 35.94 18.63
C THR E 268 -49.64 34.53 19.14
N PRO E 269 -48.99 34.35 20.31
CA PRO E 269 -48.54 35.37 21.29
C PRO E 269 -47.44 36.28 20.73
N LEU E 270 -47.49 37.55 21.17
CA LEU E 270 -46.54 38.55 20.71
C LEU E 270 -45.16 38.27 21.29
N LYS E 271 -44.16 38.21 20.42
CA LYS E 271 -42.77 38.02 20.80
C LYS E 271 -41.92 39.10 20.16
N PRO E 272 -40.78 39.48 20.78
CA PRO E 272 -39.92 40.49 20.16
C PRO E 272 -39.38 40.02 18.79
N VAL E 273 -39.02 40.98 17.93
CA VAL E 273 -38.49 40.67 16.59
C VAL E 273 -37.32 41.60 16.28
N ILE E 274 -36.42 41.16 15.39
CA ILE E 274 -35.26 41.92 14.97
C ILE E 274 -34.86 41.53 13.55
N ASP E 275 -34.33 42.50 12.80
CA ASP E 275 -33.72 42.23 11.51
C ASP E 275 -32.30 41.75 11.81
N ASP E 276 -32.06 40.44 11.77
CA ASP E 276 -30.73 39.90 12.11
C ASP E 276 -29.81 39.86 10.89
N GLU E 277 -30.36 40.14 9.70
CA GLU E 277 -29.58 40.13 8.49
C GLU E 277 -30.20 41.06 7.45
N PRO E 278 -30.02 42.37 7.63
CA PRO E 278 -30.45 43.30 6.58
C PRO E 278 -29.41 43.24 5.46
N ILE E 279 -29.50 44.15 4.49
CA ILE E 279 -28.46 44.31 3.47
C ILE E 279 -27.10 44.51 4.16
N TYR E 280 -26.04 44.00 3.54
CA TYR E 280 -24.68 44.20 4.05
C TYR E 280 -24.02 45.37 3.35
N GLU E 281 -23.27 46.19 4.10
CA GLU E 281 -22.53 47.30 3.51
C GLU E 281 -21.53 46.76 2.46
N ASP E 282 -21.58 47.37 1.27
CA ASP E 282 -20.77 47.07 0.08
C ASP E 282 -21.10 45.73 -0.61
N ILE E 283 -22.15 45.00 -0.20
CA ILE E 283 -22.51 43.76 -0.90
C ILE E 283 -23.32 44.15 -2.14
N PRO E 284 -23.18 43.46 -3.30
CA PRO E 284 -23.99 43.83 -4.46
C PRO E 284 -25.48 43.59 -4.21
N GLN E 285 -26.31 44.45 -4.84
CA GLN E 285 -27.76 44.30 -4.78
C GLN E 285 -28.10 42.99 -5.47
N GLY E 286 -28.63 42.04 -4.71
CA GLY E 286 -28.96 40.73 -5.24
C GLY E 286 -27.80 39.73 -5.14
N LEU E 287 -26.69 40.13 -4.51
CA LEU E 287 -25.50 39.32 -4.14
C LEU E 287 -24.57 38.84 -5.25
N HIS E 288 -25.11 38.13 -6.24
CA HIS E 288 -24.34 37.31 -7.19
C HIS E 288 -23.65 38.02 -8.37
N ASP E 289 -24.04 39.25 -8.71
CA ASP E 289 -23.38 39.95 -9.81
C ASP E 289 -22.39 40.96 -9.19
N PRO E 290 -21.06 40.73 -9.29
CA PRO E 290 -20.09 41.67 -8.65
C PRO E 290 -20.04 43.06 -9.31
N ASN E 291 -20.64 43.22 -10.48
CA ASN E 291 -20.66 44.51 -11.18
C ASN E 291 -21.95 45.28 -10.89
N GLU E 292 -22.86 44.69 -10.10
CA GLU E 292 -24.11 45.38 -9.75
C GLU E 292 -23.84 46.53 -8.78
N THR E 293 -24.82 47.45 -8.67
CA THR E 293 -24.82 48.53 -7.69
C THR E 293 -24.63 47.88 -6.30
N ARG E 294 -23.76 48.49 -5.46
CA ARG E 294 -23.51 47.97 -4.11
C ARG E 294 -24.35 48.72 -3.11
N TRP E 295 -24.81 48.03 -2.05
CA TRP E 295 -25.51 48.68 -0.94
C TRP E 295 -24.50 49.59 -0.23
N ASN E 296 -24.92 50.80 0.20
CA ASN E 296 -23.97 51.74 0.80
C ASN E 296 -24.41 52.12 2.24
N GLN E 297 -23.66 53.01 2.88
CA GLN E 297 -23.93 53.49 4.24
C GLN E 297 -25.35 54.04 4.40
N HIS E 298 -25.87 54.76 3.39
CA HIS E 298 -27.19 55.38 3.46
C HIS E 298 -28.26 54.30 3.49
N ASP E 299 -28.10 53.26 2.65
CA ASP E 299 -29.03 52.13 2.65
C ASP E 299 -28.97 51.39 4.00
N VAL E 300 -27.75 51.19 4.53
CA VAL E 300 -27.53 50.49 5.80
C VAL E 300 -28.27 51.23 6.95
N ARG E 301 -28.17 52.58 7.01
CA ARG E 301 -28.92 53.31 8.04
C ARG E 301 -30.41 53.18 7.81
N ARG E 302 -30.87 53.29 6.53
CA ARG E 302 -32.32 53.23 6.25
C ARG E 302 -32.92 51.91 6.79
N TYR E 303 -32.28 50.77 6.50
CA TYR E 303 -32.77 49.47 7.00
C TYR E 303 -32.78 49.43 8.52
N ALA E 304 -31.73 50.00 9.17
CA ALA E 304 -31.59 50.00 10.63
C ALA E 304 -32.74 50.74 11.32
N TYR E 305 -32.98 52.00 10.91
CA TYR E 305 -34.02 52.82 11.52
C TYR E 305 -35.41 52.33 11.11
N TRP E 306 -35.60 51.87 9.85
CA TRP E 306 -36.91 51.35 9.44
C TRP E 306 -37.29 50.14 10.26
N SER E 307 -36.35 49.21 10.50
CA SER E 307 -36.68 48.01 11.29
C SER E 307 -37.00 48.39 12.76
N VAL E 308 -36.13 49.19 13.43
CA VAL E 308 -36.31 49.56 14.84
C VAL E 308 -37.60 50.40 15.04
N PHE E 309 -37.84 51.41 14.18
CA PHE E 309 -39.01 52.30 14.31
C PHE E 309 -40.31 51.58 13.95
N ALA E 310 -40.22 50.43 13.23
CA ALA E 310 -41.41 49.61 12.94
C ALA E 310 -41.73 48.73 14.16
N GLY E 311 -40.80 48.65 15.12
CA GLY E 311 -41.02 47.87 16.33
C GLY E 311 -39.95 46.86 16.74
N SER E 312 -38.87 46.70 15.95
CA SER E 312 -37.80 45.77 16.34
C SER E 312 -37.12 46.23 17.66
N PHE E 313 -36.69 45.25 18.48
CA PHE E 313 -36.10 45.52 19.80
C PHE E 313 -34.62 45.98 19.71
N GLY E 314 -34.02 45.86 18.54
CA GLY E 314 -32.66 46.24 18.25
C GLY E 314 -32.37 46.07 16.78
N HIS E 315 -31.09 45.97 16.41
CA HIS E 315 -30.71 45.76 15.00
C HIS E 315 -29.36 45.10 14.88
N SER E 316 -29.21 44.25 13.86
CA SER E 316 -27.92 43.66 13.51
C SER E 316 -27.46 44.26 12.19
N TYR E 317 -26.20 44.61 12.14
CA TYR E 317 -25.51 45.14 10.98
C TYR E 317 -24.61 44.05 10.40
N GLY E 318 -24.28 44.19 9.12
CA GLY E 318 -23.28 43.37 8.45
C GLY E 318 -22.57 44.14 7.36
N HIS E 319 -21.31 43.75 7.08
CA HIS E 319 -20.47 44.29 6.02
C HIS E 319 -19.98 43.12 5.20
N ASN E 320 -20.04 43.22 3.86
CA ASN E 320 -19.60 42.13 2.96
C ASN E 320 -18.17 41.65 3.27
N ASP E 321 -17.24 42.61 3.50
CA ASP E 321 -15.83 42.29 3.73
C ASP E 321 -15.57 41.72 5.12
N ILE E 322 -16.35 42.19 6.11
CA ILE E 322 -16.16 41.74 7.49
C ILE E 322 -16.72 40.33 7.73
N MSE E 323 -17.98 40.07 7.36
CA MSE E 323 -18.67 38.81 7.65
C MSE E 323 -17.90 37.57 7.10
O MSE E 323 -17.96 36.53 7.73
CB MSE E 323 -20.15 38.82 7.18
CG MSE E 323 -20.33 38.98 5.65
SE MSE E 323 -20.41 37.25 4.82
CE MSE E 323 -20.76 37.78 2.96
N GLN E 324 -17.13 37.71 6.01
CA GLN E 324 -16.33 36.62 5.46
C GLN E 324 -14.81 36.77 5.81
N PHE E 325 -14.44 37.85 6.54
CA PHE E 325 -13.05 38.18 6.94
C PHE E 325 -12.10 38.08 5.72
N ILE E 326 -12.45 38.81 4.66
CA ILE E 326 -11.65 38.80 3.43
C ILE E 326 -10.32 39.49 3.69
N ARG E 327 -9.28 39.02 2.97
CA ARG E 327 -7.93 39.59 3.06
C ARG E 327 -7.19 39.23 1.76
N PRO E 328 -6.06 39.88 1.43
CA PRO E 328 -5.36 39.53 0.18
C PRO E 328 -4.98 38.05 0.14
N GLY E 329 -5.16 37.43 -1.01
CA GLY E 329 -4.82 36.02 -1.19
C GLY E 329 -5.94 35.05 -0.87
N TYR E 330 -7.16 35.55 -0.53
CA TYR E 330 -8.35 34.73 -0.27
C TYR E 330 -9.36 34.95 -1.38
N GLY E 331 -10.02 33.87 -1.80
CA GLY E 331 -11.12 33.91 -2.74
C GLY E 331 -12.29 34.60 -2.08
N ALA E 332 -12.97 35.48 -2.81
CA ALA E 332 -14.06 36.25 -2.23
C ALA E 332 -15.43 35.73 -2.57
N SER E 333 -16.38 35.97 -1.67
CA SER E 333 -17.80 35.75 -1.96
C SER E 333 -18.42 37.10 -2.25
N PHE E 334 -19.39 37.12 -3.17
CA PHE E 334 -20.23 38.28 -3.49
C PHE E 334 -19.45 39.57 -3.83
N GLY E 335 -18.47 39.44 -4.69
CA GLY E 335 -17.70 40.58 -5.19
C GLY E 335 -16.82 41.33 -4.23
N ALA E 336 -16.44 40.72 -3.09
CA ALA E 336 -15.43 41.34 -2.21
C ALA E 336 -14.07 41.21 -2.96
N ASP E 337 -12.99 41.86 -2.48
CA ASP E 337 -11.67 41.79 -3.13
C ASP E 337 -10.64 42.15 -2.07
N GLY E 338 -9.98 41.14 -1.52
CA GLY E 338 -8.99 41.25 -0.45
C GLY E 338 -7.90 42.28 -0.70
N ARG E 339 -7.47 42.40 -1.96
CA ARG E 339 -6.42 43.38 -2.37
C ARG E 339 -6.97 44.81 -2.39
N LYS E 340 -8.27 44.97 -2.58
CA LYS E 340 -8.89 46.31 -2.63
C LYS E 340 -9.26 46.76 -1.21
N LYS E 341 -9.90 45.88 -0.42
CA LYS E 341 -10.29 46.18 0.94
C LYS E 341 -10.32 44.90 1.77
N ALA E 342 -9.52 44.85 2.84
CA ALA E 342 -9.51 43.68 3.73
C ALA E 342 -10.47 43.94 4.88
N TRP E 343 -10.87 42.91 5.64
CA TRP E 343 -11.82 43.11 6.75
C TRP E 343 -11.34 44.20 7.73
N TRP E 344 -10.01 44.29 7.98
CA TRP E 344 -9.50 45.29 8.90
C TRP E 344 -9.71 46.73 8.36
N ASP E 345 -9.77 46.90 7.02
CA ASP E 345 -10.05 48.24 6.42
C ASP E 345 -11.55 48.56 6.50
N ALA E 346 -12.40 47.55 6.28
CA ALA E 346 -13.87 47.67 6.32
C ALA E 346 -14.38 48.09 7.69
N LEU E 347 -13.60 47.84 8.78
CA LEU E 347 -13.98 48.28 10.13
C LEU E 347 -14.01 49.81 10.21
N GLU E 348 -13.40 50.50 9.23
CA GLU E 348 -13.35 51.97 9.16
C GLU E 348 -14.47 52.52 8.27
N ASP E 349 -15.29 51.65 7.63
CA ASP E 349 -16.33 52.11 6.73
C ASP E 349 -17.46 52.86 7.49
N PRO E 350 -18.12 53.83 6.83
CA PRO E 350 -19.12 54.66 7.55
C PRO E 350 -20.27 53.90 8.20
N GLY E 351 -20.92 52.99 7.47
CA GLY E 351 -22.08 52.27 8.05
C GLY E 351 -21.76 51.56 9.35
N PHE E 352 -20.65 50.82 9.39
CA PHE E 352 -20.20 50.12 10.61
C PHE E 352 -20.12 51.09 11.82
N ASN E 353 -19.65 52.31 11.58
CA ASN E 353 -19.42 53.32 12.59
C ASN E 353 -20.63 54.25 12.82
N GLN E 354 -21.78 53.97 12.20
CA GLN E 354 -22.99 54.81 12.38
C GLN E 354 -24.06 54.12 13.20
N MSE E 355 -23.93 52.80 13.38
CA MSE E 355 -24.90 52.00 14.13
C MSE E 355 -25.03 52.46 15.59
O MSE E 355 -26.13 52.42 16.14
CB MSE E 355 -24.59 50.51 14.01
CG MSE E 355 -24.75 49.97 12.57
SE MSE E 355 -26.57 50.11 11.84
CE MSE E 355 -26.44 51.76 10.90
N LYS E 356 -23.93 52.95 16.18
CA LYS E 356 -23.91 53.45 17.56
C LYS E 356 -24.89 54.61 17.77
N TYR E 357 -25.16 55.42 16.73
CA TYR E 357 -26.08 56.56 16.88
C TYR E 357 -27.52 56.09 17.03
N LEU E 358 -27.85 54.92 16.47
CA LEU E 358 -29.19 54.34 16.61
C LEU E 358 -29.36 53.80 18.04
N LYS E 359 -28.38 53.01 18.52
CA LYS E 359 -28.40 52.47 19.89
C LYS E 359 -28.49 53.60 20.92
N ASN E 360 -27.61 54.63 20.80
CA ASN E 360 -27.58 55.70 21.79
C ASN E 360 -28.91 56.47 21.84
N LEU E 361 -29.52 56.69 20.67
CA LEU E 361 -30.80 57.38 20.56
C LEU E 361 -31.91 56.60 21.31
N MSE E 362 -32.02 55.30 21.05
CA MSE E 362 -33.12 54.53 21.66
C MSE E 362 -32.97 54.41 23.19
O MSE E 362 -33.99 54.43 23.89
CB MSE E 362 -33.21 53.12 21.01
CG MSE E 362 -33.35 53.15 19.47
SE MSE E 362 -34.58 54.46 18.77
CE MSE E 362 -36.17 53.72 19.41
N LEU E 363 -31.73 54.35 23.70
CA LEU E 363 -31.48 54.23 25.14
C LEU E 363 -31.66 55.56 25.91
N THR E 364 -31.85 56.69 25.17
CA THR E 364 -32.05 58.03 25.76
C THR E 364 -33.49 58.18 26.28
N PHE E 365 -34.44 57.38 25.76
CA PHE E 365 -35.85 57.55 26.11
C PHE E 365 -36.50 56.38 26.85
N PRO E 366 -37.64 56.60 27.59
CA PRO E 366 -38.36 55.47 28.25
C PRO E 366 -38.48 54.32 27.25
N PHE E 367 -37.88 53.19 27.60
CA PHE E 367 -37.64 52.07 26.70
C PHE E 367 -38.79 51.09 26.46
N PHE E 368 -39.42 50.59 27.52
CA PHE E 368 -40.41 49.50 27.40
C PHE E 368 -41.80 49.93 26.93
N GLU E 369 -42.18 51.20 27.13
CA GLU E 369 -43.48 51.69 26.69
C GLU E 369 -43.48 52.07 25.20
N ARG E 370 -42.30 52.03 24.54
CA ARG E 370 -42.22 52.43 23.14
C ARG E 370 -43.10 51.53 22.25
N VAL E 371 -43.82 52.16 21.32
CA VAL E 371 -44.63 51.45 20.33
C VAL E 371 -44.41 52.05 18.94
N PRO E 372 -44.50 51.26 17.85
CA PRO E 372 -44.49 51.88 16.52
C PRO E 372 -45.84 52.60 16.34
N ASP E 373 -45.88 53.78 15.70
CA ASP E 373 -47.15 54.47 15.53
C ASP E 373 -47.15 55.39 14.31
N GLN E 374 -47.62 54.88 13.17
CA GLN E 374 -47.71 55.62 11.93
C GLN E 374 -48.79 56.72 11.99
N SER E 375 -49.70 56.71 13.00
CA SER E 375 -50.71 57.78 13.12
C SER E 375 -50.06 59.10 13.58
N VAL E 376 -48.80 59.06 14.06
CA VAL E 376 -48.00 60.25 14.41
C VAL E 376 -47.78 61.09 13.11
N ILE E 377 -47.70 60.38 11.94
CA ILE E 377 -47.53 60.99 10.62
CA ILE E 377 -47.52 61.05 10.66
C ILE E 377 -48.90 61.40 10.10
N ALA E 378 -49.17 62.71 10.01
CA ALA E 378 -50.43 63.25 9.49
C ALA E 378 -50.28 63.50 7.99
N GLY E 379 -51.37 63.88 7.32
CA GLY E 379 -51.39 64.15 5.89
C GLY E 379 -51.11 62.91 5.06
N THR E 380 -50.51 63.07 3.89
CA THR E 380 -50.18 61.93 3.04
C THR E 380 -48.69 61.63 3.15
N ASN E 381 -48.38 60.44 3.64
CA ASN E 381 -47.00 60.00 3.78
C ASN E 381 -46.47 59.62 2.40
N GLY E 382 -45.15 59.67 2.24
CA GLY E 382 -44.48 59.31 1.01
C GLY E 382 -44.41 57.81 0.81
N GLU E 383 -44.04 57.41 -0.41
CA GLU E 383 -43.88 55.99 -0.77
C GLU E 383 -42.40 55.66 -0.87
N ARG E 384 -42.05 54.37 -0.72
CA ARG E 384 -40.71 53.81 -0.80
C ARG E 384 -39.76 54.58 0.15
N TYR E 385 -38.72 55.26 -0.38
CA TYR E 385 -37.75 55.96 0.47
C TYR E 385 -38.31 57.21 1.13
N ASP E 386 -39.47 57.71 0.64
CA ASP E 386 -40.17 58.89 1.19
C ASP E 386 -41.14 58.53 2.30
N ARG E 387 -41.21 57.24 2.66
CA ARG E 387 -42.09 56.83 3.75
C ARG E 387 -41.44 57.16 5.10
N ALA E 388 -41.92 58.24 5.75
CA ALA E 388 -41.45 58.60 7.09
C ALA E 388 -41.94 57.50 8.03
N ILE E 389 -41.18 57.20 9.08
CA ILE E 389 -41.57 56.13 10.01
C ILE E 389 -41.49 56.68 11.43
N ALA E 390 -42.52 56.42 12.21
CA ALA E 390 -42.63 56.97 13.56
C ALA E 390 -42.78 55.91 14.64
N THR E 391 -42.20 56.21 15.80
CA THR E 391 -42.28 55.43 17.01
C THR E 391 -42.40 56.39 18.18
N ARG E 392 -43.05 55.96 19.26
CA ARG E 392 -43.29 56.87 20.38
C ARG E 392 -43.47 56.15 21.70
N GLY E 393 -43.33 56.92 22.77
CA GLY E 393 -43.65 56.51 24.14
C GLY E 393 -44.84 57.34 24.56
N ASN E 394 -45.02 57.57 25.86
CA ASN E 394 -46.16 58.40 26.31
C ASN E 394 -45.90 59.90 26.22
N ASP E 395 -44.64 60.30 26.35
CA ASP E 395 -44.21 61.70 26.43
C ASP E 395 -43.09 62.06 25.42
N TYR E 396 -42.83 61.19 24.44
CA TYR E 396 -41.84 61.46 23.39
C TYR E 396 -42.23 60.74 22.13
N LEU E 397 -41.81 61.27 20.98
CA LEU E 397 -41.99 60.60 19.70
C LEU E 397 -40.72 60.81 18.87
N LEU E 398 -40.43 59.84 18.01
CA LEU E 398 -39.28 59.87 17.12
C LEU E 398 -39.73 59.57 15.71
N VAL E 399 -39.36 60.43 14.75
CA VAL E 399 -39.76 60.24 13.36
C VAL E 399 -38.50 60.20 12.47
N TYR E 400 -38.21 59.02 11.87
CA TYR E 400 -37.07 58.89 10.97
C TYR E 400 -37.53 59.20 9.55
N ASN E 401 -36.92 60.21 8.94
CA ASN E 401 -37.24 60.64 7.59
C ASN E 401 -36.00 60.48 6.72
N TYR E 402 -35.95 59.36 5.95
CA TYR E 402 -34.79 59.07 5.12
C TYR E 402 -34.54 60.13 4.06
N SER E 403 -35.57 60.51 3.32
CA SER E 403 -35.42 61.39 2.16
C SER E 403 -35.33 62.88 2.45
N GLY E 404 -35.99 63.33 3.52
CA GLY E 404 -36.07 64.76 3.82
C GLY E 404 -37.35 65.39 3.26
N ARG E 405 -38.24 64.56 2.68
CA ARG E 405 -39.53 65.05 2.17
C ARG E 405 -40.28 65.79 3.32
N PRO E 406 -40.90 66.98 3.10
CA PRO E 406 -41.60 67.66 4.20
C PRO E 406 -42.65 66.77 4.86
N MSE E 407 -42.82 66.94 6.18
CA MSE E 407 -43.73 66.12 7.00
C MSE E 407 -44.70 66.93 7.80
O MSE E 407 -44.39 68.06 8.17
CB MSE E 407 -42.96 65.26 8.03
CG MSE E 407 -41.76 64.51 7.53
SE MSE E 407 -41.04 63.51 9.03
CE MSE E 407 -40.03 64.83 9.88
N GLN E 408 -45.85 66.33 8.12
CA GLN E 408 -46.87 66.89 9.00
C GLN E 408 -46.97 65.91 10.16
N ILE E 409 -46.61 66.37 11.38
CA ILE E 409 -46.52 65.51 12.56
C ILE E 409 -47.62 65.87 13.56
N ASP E 410 -48.34 64.85 14.01
CA ASP E 410 -49.42 65.03 14.98
C ASP E 410 -48.85 64.98 16.39
N LEU E 411 -48.57 66.16 16.95
CA LEU E 411 -47.97 66.27 18.27
C LEU E 411 -48.95 65.89 19.41
N SER E 412 -50.26 65.81 19.13
CA SER E 412 -51.24 65.42 20.14
C SER E 412 -51.17 63.92 20.52
N LYS E 413 -50.33 63.13 19.82
CA LYS E 413 -50.16 61.70 20.06
C LYS E 413 -49.32 61.42 21.33
N ILE E 414 -48.70 62.47 21.92
CA ILE E 414 -47.91 62.36 23.17
C ILE E 414 -48.37 63.50 24.13
N SER E 415 -48.05 63.36 25.43
CA SER E 415 -48.45 64.31 26.48
C SER E 415 -47.78 65.69 26.35
N GLY E 416 -48.35 66.68 27.05
CA GLY E 416 -47.82 68.04 27.09
C GLY E 416 -48.54 69.05 26.23
N ALA E 417 -48.98 70.18 26.85
CA ALA E 417 -49.59 71.31 26.14
C ALA E 417 -48.56 71.90 25.15
N LYS E 418 -47.26 71.87 25.55
CA LYS E 418 -46.16 72.33 24.70
C LYS E 418 -45.15 71.19 24.52
N LYS E 419 -44.43 71.19 23.37
CA LYS E 419 -43.41 70.19 23.02
C LYS E 419 -42.16 70.84 22.52
N ASN E 420 -41.01 70.28 22.88
CA ASN E 420 -39.70 70.70 22.35
C ASN E 420 -39.34 69.77 21.23
N ALA E 421 -38.73 70.30 20.16
CA ALA E 421 -38.30 69.49 19.02
C ALA E 421 -36.84 69.75 18.65
N TRP E 422 -36.15 68.69 18.22
CA TRP E 422 -34.77 68.64 17.76
C TRP E 422 -34.65 67.83 16.49
N TRP E 423 -33.64 68.14 15.66
CA TRP E 423 -33.24 67.29 14.54
C TRP E 423 -32.04 66.47 15.05
N TYR E 424 -32.01 65.18 14.72
CA TYR E 424 -30.94 64.27 15.07
C TYR E 424 -30.42 63.63 13.78
N SER E 425 -29.16 63.92 13.41
CA SER E 425 -28.58 63.41 12.16
CA SER E 425 -28.57 63.43 12.17
C SER E 425 -28.12 61.96 12.34
N ALA E 426 -28.69 61.03 11.57
CA ALA E 426 -28.34 59.60 11.66
C ALA E 426 -26.88 59.33 11.24
N LYS E 427 -26.29 60.17 10.37
CA LYS E 427 -24.94 59.89 9.89
C LYS E 427 -23.85 60.21 10.93
N ASP E 428 -24.12 61.12 11.88
CA ASP E 428 -23.03 61.54 12.79
C ASP E 428 -23.49 61.89 14.22
N GLY E 429 -24.77 61.69 14.54
CA GLY E 429 -25.32 61.95 15.87
C GLY E 429 -25.47 63.41 16.24
N LYS E 430 -25.31 64.32 15.27
CA LYS E 430 -25.44 65.77 15.49
C LYS E 430 -26.88 66.10 15.90
N LEU E 431 -27.02 66.89 16.95
CA LEU E 431 -28.30 67.29 17.48
C LEU E 431 -28.47 68.78 17.31
N GLU E 432 -29.65 69.20 16.83
CA GLU E 432 -29.95 70.62 16.63
C GLU E 432 -31.35 70.94 17.14
N TYR E 433 -31.41 71.80 18.15
CA TYR E 433 -32.70 72.22 18.70
C TYR E 433 -33.46 73.05 17.68
N ILE E 434 -34.77 72.78 17.50
CA ILE E 434 -35.63 73.52 16.56
C ILE E 434 -36.37 74.64 17.31
N GLY E 435 -37.07 74.30 18.38
CA GLY E 435 -37.86 75.23 19.18
C GLY E 435 -38.96 74.55 19.96
N GLU E 436 -39.82 75.36 20.54
CA GLU E 436 -40.98 74.92 21.33
C GLU E 436 -42.25 75.09 20.50
N PHE E 437 -43.12 74.07 20.53
CA PHE E 437 -44.35 74.08 19.73
C PHE E 437 -45.58 73.79 20.56
N ASP E 438 -46.72 74.40 20.21
CA ASP E 438 -48.01 74.07 20.82
C ASP E 438 -48.41 72.70 20.30
N SER E 439 -49.06 71.89 21.16
CA SER E 439 -49.46 70.55 20.75
C SER E 439 -50.63 70.61 19.76
N LYS E 440 -50.32 70.29 18.48
CA LYS E 440 -51.20 70.27 17.31
C LYS E 440 -50.44 69.67 16.11
N VAL E 441 -51.14 69.47 14.96
CA VAL E 441 -50.49 68.97 13.75
C VAL E 441 -49.53 70.08 13.26
N THR E 442 -48.23 69.74 13.17
CA THR E 442 -47.18 70.71 12.86
C THR E 442 -46.34 70.24 11.67
N SER E 443 -46.00 71.20 10.78
CA SER E 443 -45.17 70.94 9.60
C SER E 443 -43.71 71.01 9.99
N PHE E 444 -42.92 70.06 9.51
CA PHE E 444 -41.47 70.00 9.75
C PHE E 444 -40.73 69.65 8.47
N GLN E 445 -39.63 70.37 8.20
CA GLN E 445 -38.74 70.05 7.07
C GLN E 445 -37.34 70.50 7.42
N HIS E 446 -36.37 69.61 7.16
CA HIS E 446 -34.98 69.85 7.46
C HIS E 446 -34.29 70.58 6.29
N ASP E 447 -33.48 71.57 6.62
CA ASP E 447 -32.72 72.33 5.64
C ASP E 447 -31.47 71.54 5.19
N SER E 448 -31.66 70.67 4.19
CA SER E 448 -30.57 69.85 3.61
C SER E 448 -31.03 69.28 2.27
N GLY E 449 -30.09 68.84 1.45
CA GLY E 449 -30.40 68.24 0.15
C GLY E 449 -31.40 67.12 0.24
N TYR E 450 -32.37 67.07 -0.69
CA TYR E 450 -33.35 66.01 -0.74
C TYR E 450 -32.60 64.73 -1.21
N LEU E 451 -32.80 63.60 -0.52
CA LEU E 451 -32.16 62.32 -0.85
C LEU E 451 -30.62 62.48 -0.99
N SER E 452 -30.03 63.22 -0.05
CA SER E 452 -28.60 63.56 -0.08
C SER E 452 -27.80 62.80 0.99
N GLY E 453 -28.41 61.83 1.64
CA GLY E 453 -27.72 61.11 2.72
C GLY E 453 -27.68 61.93 4.00
N ASN E 454 -28.64 62.87 4.15
CA ASN E 454 -28.73 63.73 5.34
C ASN E 454 -30.01 63.39 6.12
N ASP E 455 -30.32 62.08 6.18
CA ASP E 455 -31.48 61.50 6.88
C ASP E 455 -31.44 61.92 8.36
N GLN E 456 -32.58 62.35 8.85
CA GLN E 456 -32.75 62.84 10.21
C GLN E 456 -33.79 62.08 10.97
N VAL E 457 -33.64 62.12 12.29
CA VAL E 457 -34.68 61.70 13.22
C VAL E 457 -35.21 62.99 13.81
N LEU E 458 -36.52 63.21 13.70
CA LEU E 458 -37.16 64.31 14.37
C LEU E 458 -37.47 63.82 15.79
N ILE E 459 -36.88 64.49 16.81
CA ILE E 459 -37.11 64.16 18.23
C ILE E 459 -38.10 65.16 18.77
N VAL E 460 -39.23 64.70 19.31
CA VAL E 460 -40.23 65.60 19.92
C VAL E 460 -40.51 65.09 21.34
N VAL E 461 -40.37 65.96 22.34
CA VAL E 461 -40.55 65.58 23.75
C VAL E 461 -41.49 66.57 24.44
N ASP E 462 -42.33 66.05 25.36
CA ASP E 462 -43.18 66.86 26.26
C ASP E 462 -42.24 67.90 26.92
N SER E 463 -42.59 69.21 26.89
CA SER E 463 -41.74 70.29 27.44
CA SER E 463 -41.72 70.28 27.42
C SER E 463 -41.39 70.10 28.92
N ALA E 464 -42.21 69.32 29.66
CA ALA E 464 -41.98 69.10 31.10
C ALA E 464 -40.88 68.04 31.36
N LYS E 465 -40.48 67.27 30.32
CA LYS E 465 -39.52 66.18 30.44
C LYS E 465 -38.10 66.63 30.06
N ASP E 466 -37.08 66.00 30.68
CA ASP E 466 -35.70 66.39 30.48
CA ASP E 466 -35.68 66.37 30.52
C ASP E 466 -34.82 65.32 29.81
N TYR E 467 -35.40 64.39 29.01
CA TYR E 467 -34.60 63.37 28.29
C TYR E 467 -33.56 64.04 27.36
N VAL E 468 -33.93 65.15 26.72
CA VAL E 468 -33.03 65.89 25.82
C VAL E 468 -33.00 67.36 26.26
N GLN E 469 -31.78 67.95 26.35
CA GLN E 469 -31.64 69.35 26.72
C GLN E 469 -31.53 70.23 25.46
N LYS E 470 -32.08 71.44 25.54
CA LYS E 470 -32.13 72.41 24.42
C LYS E 470 -30.73 72.80 23.88
N ALA E 471 -29.74 73.02 24.77
CA ALA E 471 -28.40 73.46 24.37
C ALA E 471 -27.50 72.31 23.86
N TRP E 472 -27.89 71.03 24.01
CA TRP E 472 -27.08 69.90 23.52
C TRP E 472 -26.91 69.92 22.00
N THR E 473 -25.70 69.55 21.52
CA THR E 473 -25.40 69.44 20.08
C THR E 473 -25.07 67.99 19.76
N ALA E 474 -25.17 67.14 20.82
CA ALA E 474 -24.95 65.70 20.75
C ALA E 474 -25.66 65.05 21.91
N LEU E 475 -25.97 63.76 21.80
CA LEU E 475 -26.60 63.04 22.89
C LEU E 475 -25.49 62.46 23.77
N PRO E 476 -25.54 62.58 25.11
CA PRO E 476 -24.53 61.91 25.96
C PRO E 476 -24.65 60.37 25.86
N ASP E 477 -23.60 59.66 26.31
CA ASP E 477 -23.54 58.20 26.32
C ASP E 477 -24.61 57.67 27.30
N ALA E 478 -25.77 57.27 26.73
CA ALA E 478 -26.94 56.81 27.50
C ALA E 478 -26.69 55.55 28.35
N ILE E 479 -25.67 54.72 28.00
CA ILE E 479 -25.30 53.50 28.74
C ILE E 479 -24.73 53.82 30.14
N GLN E 480 -24.09 55.00 30.33
CA GLN E 480 -23.45 55.38 31.59
C GLN E 480 -24.42 55.46 32.77
N LYS E 481 -25.73 55.64 32.49
CA LYS E 481 -26.79 55.64 33.53
C LYS E 481 -26.79 54.31 34.32
N TRP E 482 -26.43 53.20 33.64
CA TRP E 482 -26.40 51.84 34.19
C TRP E 482 -24.95 51.35 34.46
N ASN E 483 -23.96 52.25 34.33
CA ASN E 483 -22.54 51.96 34.57
C ASN E 483 -21.98 52.82 35.73
N LYS E 484 -22.77 53.83 36.17
CA LYS E 484 -22.43 54.75 37.27
C LYS E 484 -22.56 54.05 38.62
N HIS F 11 43.18 -25.55 -11.60
CA HIS F 11 44.29 -24.70 -11.16
C HIS F 11 44.54 -23.57 -12.16
N HIS F 12 44.68 -22.33 -11.66
CA HIS F 12 44.89 -21.14 -12.47
C HIS F 12 45.81 -20.12 -11.79
N GLU F 13 46.66 -19.47 -12.58
CA GLU F 13 47.59 -18.43 -12.15
C GLU F 13 47.48 -17.23 -13.11
N ASN F 14 47.83 -16.00 -12.66
CA ASN F 14 47.76 -14.78 -13.49
C ASN F 14 48.88 -14.72 -14.55
N LEU F 15 49.87 -15.65 -14.47
CA LEU F 15 51.00 -15.83 -15.40
C LEU F 15 50.51 -16.19 -16.80
N LYS F 21 58.92 -31.14 -20.86
CA LYS F 21 59.68 -29.94 -20.49
C LYS F 21 60.00 -29.94 -18.99
N THR F 22 59.06 -29.46 -18.13
CA THR F 22 59.26 -29.46 -16.67
C THR F 22 59.32 -30.91 -16.18
N TYR F 23 60.37 -31.22 -15.40
CA TYR F 23 60.52 -32.54 -14.79
C TYR F 23 59.55 -32.67 -13.62
N ILE F 24 58.71 -33.71 -13.67
CA ILE F 24 57.70 -34.01 -12.64
C ILE F 24 58.18 -35.29 -11.96
N PRO F 25 58.77 -35.20 -10.75
CA PRO F 25 59.37 -36.40 -10.13
C PRO F 25 58.41 -37.58 -9.94
N TRP F 26 57.17 -37.31 -9.50
CA TRP F 26 56.17 -38.36 -9.22
C TRP F 26 55.60 -39.03 -10.50
N LYS F 27 56.09 -38.67 -11.70
CA LYS F 27 55.71 -39.40 -12.92
C LYS F 27 56.37 -40.79 -12.83
N ASN F 28 57.41 -40.91 -11.97
CA ASN F 28 58.16 -42.14 -11.70
C ASN F 28 57.47 -42.97 -10.57
N GLY F 29 56.44 -42.41 -9.97
CA GLY F 29 55.68 -43.03 -8.89
C GLY F 29 55.92 -42.37 -7.55
N LYS F 30 55.34 -42.95 -6.48
CA LYS F 30 55.47 -42.49 -5.09
C LYS F 30 56.91 -42.56 -4.60
N LEU F 31 57.22 -41.76 -3.58
CA LEU F 31 58.51 -41.83 -2.90
C LEU F 31 58.49 -43.05 -2.00
N VAL F 32 59.61 -43.77 -1.98
CA VAL F 32 59.79 -44.96 -1.16
CA VAL F 32 59.83 -45.01 -1.24
C VAL F 32 61.24 -44.98 -0.66
N VAL F 33 61.45 -45.56 0.53
CA VAL F 33 62.78 -45.71 1.12
C VAL F 33 63.46 -46.85 0.35
N SER F 34 64.69 -46.59 -0.20
CA SER F 34 65.42 -47.59 -0.97
C SER F 34 65.81 -48.79 -0.06
N GLU F 35 66.04 -49.97 -0.65
CA GLU F 35 66.30 -51.24 0.06
C GLU F 35 67.47 -51.18 1.09
N GLU F 36 68.55 -50.46 0.79
CA GLU F 36 69.70 -50.34 1.71
C GLU F 36 69.39 -49.42 2.94
N GLY F 37 68.21 -48.78 2.96
CA GLY F 37 67.77 -47.92 4.06
C GLY F 37 68.48 -46.58 4.20
N ARG F 38 69.12 -46.10 3.13
CA ARG F 38 69.88 -44.83 3.19
C ARG F 38 69.28 -43.75 2.32
N TYR F 39 68.66 -44.12 1.18
CA TYR F 39 68.19 -43.12 0.23
C TYR F 39 66.71 -43.22 -0.11
N LEU F 40 66.21 -42.16 -0.76
CA LEU F 40 64.83 -42.13 -1.27
C LEU F 40 64.89 -42.36 -2.76
N LYS F 41 63.91 -43.10 -3.25
CA LYS F 41 63.72 -43.41 -4.64
C LYS F 41 62.24 -43.30 -4.96
N HIS F 42 61.92 -43.32 -6.25
CA HIS F 42 60.55 -43.41 -6.70
C HIS F 42 60.21 -44.91 -6.81
N GLU F 43 58.92 -45.27 -6.97
CA GLU F 43 58.50 -46.67 -7.08
C GLU F 43 59.22 -47.43 -8.22
N ASN F 44 59.49 -46.77 -9.36
CA ASN F 44 60.12 -47.41 -10.52
C ASN F 44 61.68 -47.51 -10.37
N GLY F 45 62.22 -47.10 -9.21
CA GLY F 45 63.65 -47.15 -8.93
C GLY F 45 64.47 -45.89 -9.20
N VAL F 46 63.89 -44.87 -9.85
CA VAL F 46 64.60 -43.61 -10.15
C VAL F 46 64.97 -42.87 -8.83
N PRO F 47 66.23 -42.40 -8.67
CA PRO F 47 66.60 -41.69 -7.43
C PRO F 47 65.83 -40.39 -7.20
N PHE F 48 65.67 -40.03 -5.91
CA PHE F 48 65.11 -38.75 -5.53
C PHE F 48 66.11 -38.08 -4.64
N PHE F 49 66.90 -37.16 -5.20
CA PHE F 49 67.83 -36.38 -4.41
C PHE F 49 67.06 -35.17 -3.92
N TRP F 50 66.65 -35.24 -2.66
CA TRP F 50 65.91 -34.15 -2.00
C TRP F 50 66.78 -32.91 -1.91
N LEU F 51 66.32 -31.84 -2.56
CA LEU F 51 66.97 -30.53 -2.43
C LEU F 51 65.90 -29.59 -1.95
N GLY F 52 65.91 -29.33 -0.65
CA GLY F 52 64.87 -28.57 0.03
C GLY F 52 65.12 -27.10 0.26
N GLU F 53 64.03 -26.32 0.17
CA GLU F 53 63.96 -24.89 0.46
C GLU F 53 63.01 -24.71 1.63
N THR F 54 63.24 -23.69 2.45
CA THR F 54 62.46 -23.47 3.66
C THR F 54 61.57 -22.23 3.50
N GLY F 55 60.30 -22.46 3.21
CA GLY F 55 59.35 -21.35 3.06
C GLY F 55 58.32 -21.38 4.17
N TRP F 56 58.78 -21.40 5.44
CA TRP F 56 57.92 -21.62 6.63
C TRP F 56 56.59 -20.84 6.62
N LEU F 57 56.66 -19.51 6.42
CA LEU F 57 55.46 -18.69 6.51
C LEU F 57 54.78 -18.40 5.19
N MSE F 58 55.06 -19.19 4.14
CA MSE F 58 54.35 -19.00 2.83
C MSE F 58 52.80 -19.13 3.00
O MSE F 58 52.10 -18.25 2.48
CB MSE F 58 54.86 -19.98 1.78
CG MSE F 58 53.90 -20.14 0.56
SE MSE F 58 54.68 -20.86 -1.04
CE MSE F 58 55.42 -22.48 -0.31
N PRO F 59 52.21 -20.13 3.72
CA PRO F 59 50.74 -20.20 3.79
C PRO F 59 50.10 -19.00 4.49
N GLN F 60 50.85 -18.36 5.38
CA GLN F 60 50.28 -17.22 6.14
C GLN F 60 50.58 -15.85 5.52
N ARG F 61 51.67 -15.74 4.74
CA ARG F 61 52.13 -14.43 4.26
C ARG F 61 52.08 -14.21 2.77
N LEU F 62 52.15 -15.25 1.94
CA LEU F 62 52.18 -15.00 0.50
C LEU F 62 50.81 -15.07 -0.14
N ASN F 63 50.55 -14.15 -1.09
CA ASN F 63 49.29 -14.18 -1.81
C ASN F 63 49.49 -15.08 -3.04
N ARG F 64 48.47 -15.26 -3.88
CA ARG F 64 48.53 -16.15 -5.04
C ARG F 64 49.65 -15.77 -6.06
N ASP F 65 49.82 -14.45 -6.32
CA ASP F 65 50.84 -13.95 -7.27
C ASP F 65 52.27 -14.17 -6.72
N GLU F 66 52.44 -14.06 -5.40
CA GLU F 66 53.75 -14.22 -4.72
C GLU F 66 54.15 -15.69 -4.62
N VAL F 67 53.16 -16.57 -4.38
CA VAL F 67 53.34 -18.03 -4.35
C VAL F 67 53.95 -18.46 -5.69
N SER F 68 53.38 -17.99 -6.81
CA SER F 68 53.84 -18.33 -8.16
C SER F 68 55.30 -17.91 -8.39
N TYR F 69 55.63 -16.65 -8.01
CA TYR F 69 56.98 -16.12 -8.16
C TYR F 69 58.01 -16.92 -7.35
N TYR F 70 57.74 -17.10 -6.03
CA TYR F 70 58.63 -17.82 -5.13
C TYR F 70 58.88 -19.26 -5.63
N LEU F 71 57.80 -19.98 -6.00
CA LEU F 71 57.95 -21.36 -6.46
C LEU F 71 58.65 -21.42 -7.83
N ASN F 72 58.50 -20.37 -8.69
CA ASN F 72 59.24 -20.32 -9.96
C ASN F 72 60.73 -20.20 -9.68
N LYS F 73 61.11 -19.33 -8.73
CA LYS F 73 62.52 -19.13 -8.34
C LYS F 73 63.10 -20.39 -7.72
N CYS F 74 62.31 -21.10 -6.86
CA CYS F 74 62.73 -22.36 -6.25
C CYS F 74 63.00 -23.41 -7.35
N LYS F 75 62.05 -23.55 -8.29
CA LYS F 75 62.19 -24.50 -9.40
C LYS F 75 63.47 -24.22 -10.22
N ASP F 76 63.69 -22.94 -10.59
CA ASP F 76 64.83 -22.52 -11.41
C ASP F 76 66.16 -22.73 -10.70
N ALA F 77 66.17 -22.71 -9.36
CA ALA F 77 67.37 -22.92 -8.54
C ALA F 77 67.58 -24.41 -8.17
N GLY F 78 66.78 -25.31 -8.75
CA GLY F 78 66.91 -26.76 -8.60
C GLY F 78 66.20 -27.42 -7.43
N TYR F 79 65.45 -26.66 -6.61
CA TYR F 79 64.75 -27.22 -5.45
C TYR F 79 63.55 -28.07 -5.89
N ASN F 80 63.37 -29.22 -5.23
CA ASN F 80 62.26 -30.11 -5.55
C ASN F 80 61.41 -30.37 -4.29
N MSE F 81 61.71 -29.67 -3.20
CA MSE F 81 60.99 -29.81 -1.93
C MSE F 81 60.96 -28.43 -1.29
O MSE F 81 62.01 -27.80 -1.10
CB MSE F 81 61.67 -30.86 -1.02
CG MSE F 81 60.77 -31.41 0.13
SE MSE F 81 60.29 -30.14 1.60
CE MSE F 81 62.09 -29.46 2.21
N VAL F 82 59.75 -27.92 -1.00
CA VAL F 82 59.60 -26.63 -0.29
C VAL F 82 58.79 -26.93 0.98
N GLN F 83 59.35 -26.65 2.16
CA GLN F 83 58.64 -26.97 3.39
C GLN F 83 57.97 -25.73 3.99
N VAL F 84 56.80 -25.94 4.58
CA VAL F 84 55.99 -24.87 5.14
C VAL F 84 55.47 -25.22 6.52
N GLN F 85 55.04 -24.20 7.25
CA GLN F 85 54.29 -24.39 8.47
C GLN F 85 52.82 -24.31 8.05
N VAL F 86 52.13 -25.45 8.03
CA VAL F 86 50.71 -25.52 7.62
C VAL F 86 49.92 -24.63 8.59
N LEU F 87 50.22 -24.77 9.91
CA LEU F 87 49.70 -23.95 10.99
C LEU F 87 50.86 -23.45 11.82
N ASN F 88 50.87 -22.15 12.14
CA ASN F 88 51.89 -21.60 13.03
C ASN F 88 51.20 -21.17 14.35
N GLY F 89 49.91 -21.43 14.45
CA GLY F 89 49.12 -21.07 15.62
C GLY F 89 47.72 -21.65 15.59
N VAL F 90 47.02 -21.53 16.72
CA VAL F 90 45.65 -22.02 16.83
C VAL F 90 44.73 -20.83 17.19
N PRO F 91 43.99 -20.24 16.22
CA PRO F 91 44.00 -20.53 14.78
C PRO F 91 45.15 -19.80 14.10
N SER F 92 45.36 -20.10 12.81
CA SER F 92 46.32 -19.38 11.99
C SER F 92 45.51 -18.43 11.12
N MSE F 93 46.16 -17.41 10.56
CA MSE F 93 45.58 -16.43 9.65
C MSE F 93 46.45 -16.30 8.40
O MSE F 93 47.68 -16.30 8.50
CB MSE F 93 45.49 -15.06 10.36
CG MSE F 93 44.87 -13.95 9.48
SE MSE F 93 42.93 -13.99 9.65
CE MSE F 93 42.96 -13.26 11.55
N ASN F 94 45.82 -16.12 7.22
CA ASN F 94 46.61 -15.94 6.00
C ASN F 94 46.52 -14.45 5.55
N ILE F 95 47.19 -14.12 4.44
CA ILE F 95 47.32 -12.75 3.94
C ILE F 95 45.97 -12.18 3.48
N TYR F 96 45.02 -13.07 3.09
CA TYR F 96 43.67 -12.64 2.68
C TYR F 96 42.73 -12.39 3.87
N GLY F 97 43.22 -12.57 5.09
CA GLY F 97 42.41 -12.35 6.30
C GLY F 97 41.45 -13.49 6.55
N GLN F 98 41.89 -14.72 6.20
CA GLN F 98 41.09 -15.94 6.40
C GLN F 98 41.64 -16.72 7.58
N TYR F 99 40.74 -17.17 8.47
CA TYR F 99 41.06 -18.04 9.62
C TYR F 99 41.26 -19.47 9.15
N SER F 100 42.23 -20.20 9.74
CA SER F 100 42.45 -21.62 9.45
C SER F 100 41.36 -22.50 10.08
N MSE F 101 40.77 -22.02 11.19
CA MSE F 101 39.70 -22.73 11.91
CA MSE F 101 39.73 -22.72 11.95
C MSE F 101 38.69 -21.75 12.45
O MSE F 101 39.06 -20.68 12.95
CB MSE F 101 40.25 -23.58 13.06
CB MSE F 101 40.34 -23.45 13.17
CG MSE F 101 40.81 -24.93 12.60
CG MSE F 101 41.18 -24.67 12.81
SE MSE F 101 42.75 -24.98 12.28
SE MSE F 101 42.13 -25.33 14.38
CE MSE F 101 43.39 -24.47 14.05
CE MSE F 101 43.77 -24.27 14.19
N THR F 102 37.43 -22.12 12.37
CA THR F 102 36.30 -21.33 12.84
C THR F 102 35.73 -21.97 14.12
N ASP F 103 35.81 -23.31 14.25
CA ASP F 103 35.26 -24.01 15.41
C ASP F 103 36.30 -24.99 15.98
N GLY F 104 37.46 -24.46 16.34
CA GLY F 104 38.57 -25.26 16.86
C GLY F 104 38.95 -26.38 15.91
N PHE F 105 39.17 -27.60 16.43
CA PHE F 105 39.56 -28.71 15.57
C PHE F 105 38.35 -29.53 15.05
N ASN F 106 37.20 -28.84 14.80
CA ASN F 106 36.03 -29.43 14.18
C ASN F 106 36.03 -28.90 12.74
N PHE F 107 36.33 -29.79 11.79
CA PHE F 107 36.49 -29.41 10.37
C PHE F 107 35.28 -29.74 9.47
N LYS F 108 34.14 -30.14 10.05
CA LYS F 108 32.93 -30.49 9.32
C LYS F 108 32.47 -29.39 8.34
N ASP F 109 32.49 -28.11 8.76
CA ASP F 109 32.03 -27.01 7.90
C ASP F 109 33.16 -26.07 7.46
N ILE F 110 34.39 -26.61 7.30
CA ILE F 110 35.55 -25.77 6.96
C ILE F 110 35.42 -25.21 5.53
N ASN F 111 34.87 -25.99 4.57
CA ASN F 111 34.68 -25.54 3.19
C ASN F 111 33.38 -24.77 3.07
N ARG F 112 33.46 -23.52 2.62
CA ARG F 112 32.29 -22.66 2.46
C ARG F 112 32.17 -22.27 1.00
N LYS F 113 30.99 -22.54 0.39
CA LYS F 113 30.68 -22.23 -1.00
C LYS F 113 30.88 -20.73 -1.28
N GLY F 114 31.57 -20.43 -2.36
CA GLY F 114 31.85 -19.05 -2.74
C GLY F 114 32.91 -18.34 -1.92
N ILE F 115 33.59 -19.05 -1.01
CA ILE F 115 34.66 -18.44 -0.21
C ILE F 115 36.00 -19.10 -0.55
N TYR F 116 37.03 -18.28 -0.78
CA TYR F 116 38.39 -18.75 -0.97
C TYR F 116 39.02 -18.76 0.41
N GLY F 117 38.88 -19.90 1.10
CA GLY F 117 39.29 -20.07 2.49
C GLY F 117 40.79 -20.26 2.69
N TYR F 118 41.21 -20.35 3.96
CA TYR F 118 42.61 -20.61 4.32
C TYR F 118 43.10 -21.92 3.67
N TRP F 119 42.27 -22.98 3.71
CA TRP F 119 42.63 -24.29 3.16
C TRP F 119 42.54 -24.34 1.64
N ASP F 120 41.75 -23.45 1.03
CA ASP F 120 41.73 -23.34 -0.44
C ASP F 120 43.03 -22.69 -0.91
N HIS F 121 43.61 -21.79 -0.11
CA HIS F 121 44.89 -21.17 -0.45
C HIS F 121 46.01 -22.20 -0.24
N MSE F 122 45.92 -23.03 0.83
CA MSE F 122 46.84 -24.15 1.06
C MSE F 122 46.79 -25.09 -0.18
O MSE F 122 47.83 -25.47 -0.69
CB MSE F 122 46.46 -24.92 2.36
CG MSE F 122 47.53 -25.92 2.84
SE MSE F 122 49.24 -25.09 3.34
CE MSE F 122 50.30 -25.66 1.78
N ASP F 123 45.57 -25.39 -0.70
CA ASP F 123 45.39 -26.25 -1.88
C ASP F 123 46.10 -25.66 -3.11
N TYR F 124 45.94 -24.32 -3.32
CA TYR F 124 46.56 -23.60 -4.43
C TYR F 124 48.09 -23.68 -4.35
N ILE F 125 48.65 -23.55 -3.14
CA ILE F 125 50.12 -23.65 -2.94
C ILE F 125 50.59 -25.03 -3.40
N ILE F 126 49.86 -26.08 -3.00
CA ILE F 126 50.24 -27.48 -3.35
C ILE F 126 50.14 -27.70 -4.87
N LYS F 127 49.06 -27.23 -5.50
CA LYS F 127 48.87 -27.36 -6.96
C LYS F 127 49.92 -26.55 -7.72
N SER F 128 50.25 -25.34 -7.20
CA SER F 128 51.29 -24.48 -7.80
C SER F 128 52.64 -25.18 -7.74
N ALA F 129 52.97 -25.82 -6.60
CA ALA F 129 54.22 -26.61 -6.48
C ALA F 129 54.19 -27.83 -7.41
N ALA F 130 53.01 -28.49 -7.54
CA ALA F 130 52.87 -29.67 -8.39
C ALA F 130 53.18 -29.36 -9.86
N SER F 131 52.71 -28.21 -10.39
CA SER F 131 52.97 -27.85 -11.80
C SER F 131 54.47 -27.54 -12.05
N ARG F 132 55.25 -27.33 -10.97
CA ARG F 132 56.68 -27.01 -11.03
C ARG F 132 57.57 -28.21 -10.59
N GLY F 133 56.95 -29.37 -10.35
CA GLY F 133 57.64 -30.59 -9.93
C GLY F 133 58.24 -30.51 -8.54
N ILE F 134 57.54 -29.81 -7.63
CA ILE F 134 58.01 -29.60 -6.26
C ILE F 134 57.09 -30.28 -5.24
N TYR F 135 57.69 -31.00 -4.28
CA TYR F 135 56.97 -31.58 -3.14
C TYR F 135 56.79 -30.53 -2.07
N ILE F 136 55.63 -30.52 -1.39
CA ILE F 136 55.46 -29.62 -0.26
C ILE F 136 55.71 -30.43 1.02
N GLY F 137 56.66 -29.97 1.84
CA GLY F 137 56.96 -30.55 3.15
C GLY F 137 55.95 -29.93 4.09
N MSE F 138 54.93 -30.71 4.48
CA MSE F 138 53.82 -30.21 5.30
C MSE F 138 54.10 -30.34 6.80
O MSE F 138 53.89 -31.41 7.35
CB MSE F 138 52.50 -30.96 4.96
CG MSE F 138 52.08 -30.85 3.49
SE MSE F 138 51.23 -29.18 3.06
CE MSE F 138 49.40 -29.59 3.76
N VAL F 139 54.58 -29.25 7.45
CA VAL F 139 54.72 -29.26 8.91
C VAL F 139 53.31 -28.97 9.42
N CYS F 140 52.56 -30.03 9.74
CA CYS F 140 51.13 -30.01 10.14
C CYS F 140 50.81 -28.87 11.09
N ILE F 141 51.60 -28.74 12.15
CA ILE F 141 51.43 -27.67 13.13
C ILE F 141 52.78 -27.45 13.83
N TRP F 142 53.24 -26.18 13.88
CA TRP F 142 54.53 -25.84 14.53
C TRP F 142 54.44 -26.21 16.03
N GLY F 143 55.59 -26.54 16.62
CA GLY F 143 55.62 -27.00 18.01
C GLY F 143 55.07 -26.05 19.06
N THR F 144 55.32 -24.72 18.90
CA THR F 144 54.90 -23.71 19.89
C THR F 144 53.41 -23.84 20.33
N PRO F 145 52.37 -23.80 19.45
CA PRO F 145 50.98 -23.93 19.97
C PRO F 145 50.73 -25.30 20.65
N VAL F 146 51.39 -26.36 20.17
CA VAL F 146 51.23 -27.71 20.75
C VAL F 146 51.84 -27.72 22.19
N GLU F 147 53.03 -27.12 22.35
CA GLU F 147 53.71 -27.00 23.65
C GLU F 147 52.83 -26.17 24.64
N GLN F 148 52.08 -25.20 24.10
CA GLN F 148 51.18 -24.34 24.88
C GLN F 148 49.83 -25.03 25.19
N GLY F 149 49.67 -26.30 24.77
CA GLY F 149 48.48 -27.09 25.04
C GLY F 149 47.27 -26.81 24.16
N LEU F 150 47.49 -26.15 23.00
CA LEU F 150 46.41 -25.73 22.10
C LEU F 150 45.92 -26.87 21.15
N MSE F 151 46.56 -28.04 21.20
CA MSE F 151 46.14 -29.20 20.43
C MSE F 151 46.39 -30.45 21.27
O MSE F 151 47.53 -30.87 21.42
CB MSE F 151 46.79 -29.30 19.05
CG MSE F 151 46.19 -30.45 18.21
SE MSE F 151 47.01 -30.67 16.49
CE MSE F 151 48.57 -31.58 17.02
N ASN F 152 45.32 -31.01 21.83
CA ASN F 152 45.44 -32.20 22.66
C ASN F 152 45.34 -33.45 21.76
N GLU F 153 45.35 -34.66 22.34
CA GLU F 153 45.32 -35.92 21.60
C GLU F 153 44.07 -36.07 20.73
N LYS F 154 42.88 -35.76 21.27
CA LYS F 154 41.61 -35.88 20.54
C LYS F 154 41.60 -34.89 19.35
N GLU F 155 42.07 -33.68 19.56
CA GLU F 155 42.14 -32.64 18.53
C GLU F 155 43.14 -33.06 17.43
N ALA F 156 44.28 -33.69 17.82
CA ALA F 156 45.33 -34.17 16.92
C ALA F 156 44.80 -35.27 15.99
N VAL F 157 43.94 -36.17 16.51
CA VAL F 157 43.31 -37.24 15.74
C VAL F 157 42.39 -36.61 14.67
N ALA F 158 41.53 -35.64 15.10
CA ALA F 158 40.62 -34.94 14.20
C ALA F 158 41.41 -34.17 13.13
N TYR F 159 42.51 -33.48 13.53
CA TYR F 159 43.32 -32.72 12.58
C TYR F 159 43.99 -33.66 11.56
N GLY F 160 44.50 -34.80 12.03
CA GLY F 160 45.12 -35.81 11.20
C GLY F 160 44.19 -36.39 10.16
N LYS F 161 42.92 -36.66 10.56
CA LYS F 161 41.91 -37.18 9.65
C LYS F 161 41.57 -36.14 8.59
N PHE F 162 41.46 -34.86 8.98
CA PHE F 162 41.15 -33.77 8.06
C PHE F 162 42.27 -33.62 7.00
N LEU F 163 43.53 -33.58 7.44
CA LEU F 163 44.69 -33.44 6.55
C LEU F 163 44.84 -34.60 5.59
N ALA F 164 44.77 -35.84 6.10
CA ALA F 164 44.91 -37.04 5.28
C ALA F 164 43.81 -37.14 4.24
N GLU F 165 42.54 -36.89 4.62
CA GLU F 165 41.42 -36.96 3.68
C GLU F 165 41.50 -35.87 2.61
N ARG F 166 41.98 -34.66 2.98
CA ARG F 166 42.05 -33.55 2.03
C ARG F 166 43.22 -33.73 1.06
N TYR F 167 44.38 -34.27 1.52
CA TYR F 167 45.57 -34.28 0.69
C TYR F 167 46.14 -35.64 0.28
N LYS F 168 45.52 -36.75 0.66
CA LYS F 168 46.00 -38.08 0.25
C LYS F 168 46.10 -38.25 -1.27
N ASP F 169 45.20 -37.60 -2.06
CA ASP F 169 45.21 -37.77 -3.52
C ASP F 169 46.09 -36.71 -4.23
N GLU F 170 46.71 -35.81 -3.47
CA GLU F 170 47.68 -34.83 -3.98
C GLU F 170 49.03 -35.57 -4.00
N PRO F 171 49.70 -35.75 -5.16
CA PRO F 171 50.93 -36.58 -5.14
C PRO F 171 52.16 -35.96 -4.44
N ASN F 172 52.28 -34.63 -4.49
CA ASN F 172 53.49 -33.92 -4.06
C ASN F 172 53.45 -33.48 -2.58
N ILE F 173 53.29 -34.44 -1.69
CA ILE F 173 53.21 -34.18 -0.24
C ILE F 173 54.20 -35.06 0.50
N ILE F 174 54.86 -34.47 1.52
CA ILE F 174 55.71 -35.13 2.52
C ILE F 174 55.20 -34.66 3.89
N TRP F 175 54.73 -35.60 4.75
CA TRP F 175 54.19 -35.24 6.06
C TRP F 175 55.32 -34.98 7.07
N MSE F 176 55.25 -33.83 7.74
CA MSE F 176 56.23 -33.50 8.78
C MSE F 176 55.53 -33.29 10.11
O MSE F 176 54.81 -32.32 10.30
CB MSE F 176 57.09 -32.29 8.39
CG MSE F 176 57.92 -32.53 7.14
SE MSE F 176 58.90 -30.94 6.66
CE MSE F 176 59.95 -31.79 5.27
N ILE F 177 55.74 -34.24 11.01
CA ILE F 177 55.22 -34.18 12.39
C ILE F 177 56.21 -33.29 13.16
N GLY F 178 55.77 -32.71 14.27
CA GLY F 178 56.63 -31.84 15.07
C GLY F 178 56.76 -30.46 14.49
N GLY F 179 57.94 -29.87 14.65
CA GLY F 179 58.25 -28.52 14.20
C GLY F 179 59.02 -27.78 15.27
N ASP F 180 60.37 -27.89 15.24
CA ASP F 180 61.31 -27.27 16.17
C ASP F 180 60.96 -27.63 17.64
N ILE F 181 60.68 -28.89 17.87
CA ILE F 181 60.30 -29.35 19.22
C ILE F 181 60.92 -30.73 19.48
N ARG F 182 61.28 -31.01 20.74
CA ARG F 182 61.81 -32.33 21.10
C ARG F 182 60.70 -33.36 21.00
N GLY F 183 61.05 -34.56 20.59
CA GLY F 183 60.10 -35.67 20.46
C GLY F 183 59.53 -36.14 21.78
N ASP F 184 60.19 -35.81 22.90
CA ASP F 184 59.70 -36.18 24.24
C ASP F 184 58.82 -35.04 24.83
N ASN F 185 58.51 -34.01 24.03
CA ASN F 185 57.65 -32.92 24.45
C ASN F 185 56.29 -33.10 23.75
N LYS F 186 55.23 -33.45 24.50
CA LYS F 186 53.86 -33.73 24.04
C LYS F 186 53.83 -34.94 23.05
N THR F 187 54.64 -35.98 23.34
CA THR F 187 54.79 -37.19 22.51
C THR F 187 53.45 -37.82 22.12
N GLU F 188 52.51 -37.96 23.10
CA GLU F 188 51.20 -38.56 22.90
C GLU F 188 50.42 -37.81 21.82
N VAL F 189 50.56 -36.49 21.79
CA VAL F 189 49.90 -35.62 20.79
C VAL F 189 50.50 -35.90 19.40
N TRP F 190 51.85 -35.88 19.29
CA TRP F 190 52.55 -36.13 18.03
C TRP F 190 52.26 -37.53 17.48
N ASP F 191 52.23 -38.56 18.36
CA ASP F 191 51.89 -39.93 17.97
C ASP F 191 50.40 -40.03 17.50
N ALA F 192 49.48 -39.32 18.20
CA ALA F 192 48.06 -39.30 17.82
C ALA F 192 47.88 -38.69 16.42
N LEU F 193 48.57 -37.57 16.14
CA LEU F 193 48.52 -36.89 14.85
C LEU F 193 49.09 -37.79 13.75
N ALA F 194 50.32 -38.33 13.97
CA ALA F 194 51.04 -39.18 13.03
C ALA F 194 50.25 -40.43 12.68
N ASN F 195 49.75 -41.15 13.70
CA ASN F 195 49.01 -42.39 13.45
C ASN F 195 47.66 -42.12 12.77
N SER F 196 47.03 -40.96 13.06
CA SER F 196 45.74 -40.62 12.46
C SER F 196 45.94 -40.40 10.94
N ILE F 197 46.98 -39.63 10.54
CA ILE F 197 47.26 -39.40 9.11
C ILE F 197 47.62 -40.74 8.42
N ARG F 198 48.56 -41.50 9.03
CA ARG F 198 49.10 -42.76 8.56
C ARG F 198 48.02 -43.82 8.34
N SER F 199 46.95 -43.82 9.17
CA SER F 199 45.86 -44.79 9.03
C SER F 199 45.09 -44.61 7.71
N ILE F 200 45.13 -43.38 7.13
CA ILE F 200 44.38 -43.01 5.91
C ILE F 200 45.32 -42.85 4.72
N ASP F 201 46.45 -42.17 4.92
CA ASP F 201 47.36 -41.86 3.83
C ASP F 201 48.51 -42.86 3.76
N LYS F 202 48.41 -43.77 2.79
CA LYS F 202 49.37 -44.84 2.51
C LYS F 202 50.28 -44.49 1.31
N GLY F 203 50.11 -43.28 0.77
CA GLY F 203 50.81 -42.84 -0.43
C GLY F 203 51.83 -41.74 -0.27
N HIS F 204 52.12 -41.32 0.97
CA HIS F 204 53.12 -40.28 1.23
C HIS F 204 54.04 -40.69 2.36
N LEU F 205 55.30 -40.23 2.30
CA LEU F 205 56.26 -40.51 3.37
C LEU F 205 56.03 -39.55 4.52
N MSE F 206 56.51 -39.93 5.72
CA MSE F 206 56.31 -39.17 6.95
C MSE F 206 57.60 -39.14 7.78
O MSE F 206 58.38 -40.11 7.79
CB MSE F 206 55.16 -39.78 7.77
CG MSE F 206 54.76 -38.95 9.00
SE MSE F 206 53.21 -39.74 9.90
CE MSE F 206 51.95 -39.39 8.55
N THR F 207 57.80 -38.03 8.47
CA THR F 207 58.98 -37.80 9.32
C THR F 207 58.62 -36.84 10.48
N PHE F 208 59.64 -36.40 11.23
CA PHE F 208 59.48 -35.51 12.38
C PHE F 208 60.53 -34.44 12.34
N HIS F 209 60.13 -33.15 12.52
CA HIS F 209 61.04 -32.00 12.52
C HIS F 209 61.38 -31.68 13.99
N PRO F 210 62.65 -31.89 14.39
CA PRO F 210 62.99 -31.72 15.80
C PRO F 210 63.62 -30.37 16.14
N ARG F 211 63.88 -30.18 17.42
CA ARG F 211 64.46 -29.01 18.04
C ARG F 211 65.94 -28.90 17.61
N GLY F 212 66.49 -27.70 17.72
CA GLY F 212 67.88 -27.44 17.37
C GLY F 212 68.84 -28.35 18.12
N ARG F 213 69.84 -28.90 17.41
CA ARG F 213 70.90 -29.77 17.96
C ARG F 213 70.33 -31.15 18.38
N THR F 214 69.20 -31.57 17.80
CA THR F 214 68.62 -32.89 18.06
C THR F 214 68.25 -33.54 16.73
N THR F 215 68.06 -34.86 16.77
CA THR F 215 67.66 -35.67 15.63
C THR F 215 66.38 -36.41 16.01
N SER F 216 65.43 -36.53 15.05
CA SER F 216 64.19 -37.30 15.31
C SER F 216 64.52 -38.78 15.67
N ALA F 217 65.72 -39.28 15.25
CA ALA F 217 66.18 -40.67 15.51
C ALA F 217 66.26 -40.97 17.00
N THR F 218 66.51 -39.93 17.85
CA THR F 218 66.61 -40.06 19.31
C THR F 218 65.32 -40.63 19.91
N TRP F 219 64.14 -40.25 19.37
CA TRP F 219 62.88 -40.70 19.93
C TRP F 219 62.06 -41.61 19.04
N PHE F 220 62.17 -41.44 17.71
CA PHE F 220 61.22 -42.11 16.79
C PHE F 220 61.80 -43.05 15.75
N ASN F 221 63.06 -43.45 15.86
CA ASN F 221 63.66 -44.38 14.89
C ASN F 221 62.85 -45.68 14.72
N ASP F 222 62.25 -46.20 15.81
CA ASP F 222 61.48 -47.43 15.78
C ASP F 222 59.98 -47.24 15.46
N ARG F 223 59.51 -45.98 15.28
CA ARG F 223 58.10 -45.72 14.97
C ARG F 223 57.77 -46.19 13.57
N GLU F 224 56.68 -46.96 13.42
CA GLU F 224 56.20 -47.46 12.13
C GLU F 224 55.79 -46.30 11.22
N TRP F 225 55.30 -45.18 11.81
CA TRP F 225 54.87 -44.02 11.04
C TRP F 225 56.05 -43.20 10.49
N LEU F 226 57.27 -43.36 11.02
CA LEU F 226 58.43 -42.60 10.56
C LEU F 226 59.19 -43.37 9.47
N ASP F 227 59.22 -42.83 8.24
CA ASP F 227 59.93 -43.46 7.12
C ASP F 227 61.41 -43.09 7.10
N PHE F 228 61.74 -41.87 7.54
CA PHE F 228 63.12 -41.39 7.56
C PHE F 228 63.26 -40.35 8.65
N ASN F 229 64.50 -40.15 9.10
CA ASN F 229 64.79 -39.18 10.15
C ASN F 229 65.24 -37.83 9.62
N MSE F 230 65.03 -36.77 10.43
CA MSE F 230 65.53 -35.43 10.13
C MSE F 230 66.16 -34.85 11.38
O MSE F 230 65.72 -35.14 12.48
CB MSE F 230 64.42 -34.47 9.64
CG MSE F 230 63.62 -35.02 8.45
SE MSE F 230 62.68 -33.64 7.46
CE MSE F 230 61.64 -32.87 8.93
N PHE F 231 67.18 -34.00 11.20
CA PHE F 231 67.78 -33.34 12.35
C PHE F 231 67.86 -31.86 12.04
N GLN F 232 68.08 -31.05 13.07
CA GLN F 232 68.26 -29.62 12.93
C GLN F 232 69.65 -29.29 13.47
N SER F 233 70.60 -28.99 12.58
CA SER F 233 71.96 -28.65 13.05
C SER F 233 72.11 -27.15 13.34
N GLY F 234 71.25 -26.31 12.76
CA GLY F 234 71.25 -24.86 12.99
C GLY F 234 70.95 -24.53 14.45
N HIS F 235 71.36 -23.35 14.96
CA HIS F 235 72.08 -22.27 14.25
C HIS F 235 73.23 -21.71 15.13
N ARG F 236 73.70 -22.50 16.11
CA ARG F 236 74.82 -22.09 16.97
C ARG F 236 76.16 -22.42 16.35
N ARG F 237 77.16 -21.58 16.67
CA ARG F 237 78.54 -21.77 16.26
C ARG F 237 79.27 -22.63 17.30
N TYR F 238 80.53 -23.02 16.99
CA TYR F 238 81.40 -23.72 17.93
C TYR F 238 81.49 -22.95 19.25
N GLY F 239 81.31 -23.66 20.37
CA GLY F 239 81.45 -23.10 21.72
C GLY F 239 80.41 -22.10 22.17
N GLN F 240 79.21 -22.18 21.60
CA GLN F 240 78.11 -21.28 21.96
C GLN F 240 77.06 -22.02 22.84
N ARG F 241 77.51 -22.77 23.87
CA ARG F 241 76.61 -23.47 24.80
C ARG F 241 75.87 -22.44 25.67
N ASN F 242 76.60 -21.37 26.05
CA ASN F 242 76.20 -20.19 26.81
C ASN F 242 75.41 -20.57 28.09
N GLY F 243 75.97 -21.51 28.87
CA GLY F 243 75.37 -22.01 30.11
C GLY F 243 74.36 -23.11 29.90
N TYR F 247 72.85 -29.92 27.53
CA TYR F 247 73.20 -29.78 26.12
C TYR F 247 73.09 -31.16 25.42
N PRO F 248 72.33 -31.28 24.30
CA PRO F 248 72.15 -32.61 23.68
C PRO F 248 73.35 -33.05 22.82
N ILE F 249 74.42 -32.22 22.74
CA ILE F 249 75.63 -32.49 21.97
C ILE F 249 76.88 -32.22 22.81
N GLU F 250 78.02 -32.83 22.42
CA GLU F 250 79.29 -32.63 23.13
CA GLU F 250 79.33 -32.66 23.06
C GLU F 250 79.81 -31.21 22.84
N GLU F 251 80.46 -30.59 23.84
CA GLU F 251 80.97 -29.22 23.78
C GLU F 251 81.93 -29.01 22.61
N ASN F 252 81.81 -27.83 21.95
CA ASN F 252 82.66 -27.37 20.85
C ASN F 252 82.54 -28.26 19.60
N THR F 253 81.36 -28.83 19.33
CA THR F 253 81.11 -29.63 18.11
C THR F 253 79.87 -29.13 17.33
N GLU F 254 79.35 -27.95 17.70
CA GLU F 254 78.11 -27.38 17.11
C GLU F 254 78.09 -27.38 15.61
N GLU F 255 79.23 -27.01 14.96
CA GLU F 255 79.28 -26.88 13.49
C GLU F 255 79.58 -28.20 12.76
N ASP F 256 79.83 -29.28 13.50
CA ASP F 256 80.08 -30.60 12.88
C ASP F 256 78.74 -31.31 12.64
N ASN F 257 77.97 -30.85 11.66
CA ASN F 257 76.63 -31.45 11.43
C ASN F 257 76.72 -32.90 10.92
N TRP F 258 77.91 -33.33 10.40
CA TRP F 258 78.18 -34.72 10.03
C TRP F 258 78.02 -35.63 11.24
N ARG F 259 78.21 -35.10 12.49
CA ARG F 259 78.06 -35.90 13.71
C ARG F 259 76.60 -36.35 13.92
N PHE F 260 75.60 -35.52 13.53
CA PHE F 260 74.18 -35.89 13.64
C PHE F 260 73.83 -37.04 12.71
N VAL F 261 74.45 -37.07 11.51
CA VAL F 261 74.22 -38.13 10.52
C VAL F 261 74.68 -39.47 11.14
N GLU F 262 75.90 -39.49 11.70
CA GLU F 262 76.48 -40.64 12.37
C GLU F 262 75.61 -41.13 13.53
N ALA F 263 75.20 -40.19 14.41
CA ALA F 263 74.39 -40.49 15.59
C ALA F 263 73.00 -41.07 15.17
N SER F 264 72.40 -40.52 14.10
CA SER F 264 71.10 -40.98 13.60
C SER F 264 71.18 -42.38 12.97
N GLN F 265 72.28 -42.66 12.23
CA GLN F 265 72.47 -43.93 11.49
C GLN F 265 73.11 -45.01 12.37
N ALA F 266 73.43 -44.69 13.64
CA ALA F 266 73.94 -45.67 14.61
C ALA F 266 72.74 -46.44 15.18
N LYS F 267 71.54 -45.87 14.97
CA LYS F 267 70.27 -46.45 15.41
C LYS F 267 69.82 -47.53 14.40
N THR F 268 69.61 -48.76 14.90
CA THR F 268 69.11 -49.92 14.15
C THR F 268 67.61 -50.03 14.46
N PRO F 269 66.71 -50.21 13.47
CA PRO F 269 66.94 -50.38 12.02
C PRO F 269 67.43 -49.10 11.33
N LEU F 270 68.25 -49.27 10.30
CA LEU F 270 68.78 -48.14 9.54
C LEU F 270 67.68 -47.50 8.68
N LYS F 271 67.53 -46.18 8.82
CA LYS F 271 66.60 -45.36 8.08
C LYS F 271 67.36 -44.15 7.50
N PRO F 272 66.88 -43.57 6.36
CA PRO F 272 67.57 -42.41 5.78
C PRO F 272 67.51 -41.23 6.74
N VAL F 273 68.44 -40.29 6.60
CA VAL F 273 68.51 -39.10 7.44
C VAL F 273 68.88 -37.90 6.57
N ILE F 274 68.44 -36.70 7.00
CA ILE F 274 68.72 -35.45 6.33
C ILE F 274 68.82 -34.33 7.36
N ASP F 275 69.66 -33.32 7.05
CA ASP F 275 69.71 -32.07 7.79
C ASP F 275 68.58 -31.23 7.21
N ASP F 276 67.46 -31.18 7.90
CA ASP F 276 66.30 -30.44 7.40
C ASP F 276 66.34 -28.98 7.81
N GLU F 277 67.28 -28.64 8.71
CA GLU F 277 67.41 -27.27 9.17
C GLU F 277 68.84 -26.98 9.61
N PRO F 278 69.72 -26.77 8.62
CA PRO F 278 71.09 -26.36 8.97
C PRO F 278 71.04 -24.88 9.31
N ILE F 279 72.20 -24.25 9.40
CA ILE F 279 72.27 -22.79 9.58
C ILE F 279 71.55 -22.11 8.40
N TYR F 280 70.94 -20.95 8.64
CA TYR F 280 70.26 -20.22 7.57
C TYR F 280 71.18 -19.15 7.05
N GLU F 281 71.16 -18.91 5.73
CA GLU F 281 71.98 -17.84 5.15
C GLU F 281 71.53 -16.49 5.75
N ASP F 282 72.50 -15.71 6.21
CA ASP F 282 72.38 -14.39 6.85
C ASP F 282 71.74 -14.39 8.24
N ILE F 283 71.48 -15.57 8.84
CA ILE F 283 70.95 -15.56 10.20
C ILE F 283 72.14 -15.35 11.19
N PRO F 284 71.95 -14.65 12.33
CA PRO F 284 73.05 -14.50 13.29
C PRO F 284 73.45 -15.83 13.92
N GLN F 285 74.76 -15.94 14.22
CA GLN F 285 75.29 -17.14 14.90
C GLN F 285 74.65 -17.15 16.30
N GLY F 286 73.84 -18.18 16.58
CA GLY F 286 73.12 -18.24 17.86
C GLY F 286 71.76 -17.56 17.87
N LEU F 287 71.30 -17.04 16.69
CA LEU F 287 69.98 -16.45 16.38
C LEU F 287 69.61 -15.11 17.01
N HIS F 288 69.73 -15.02 18.33
CA HIS F 288 69.12 -13.96 19.13
C HIS F 288 69.85 -12.62 19.20
N ASP F 289 71.15 -12.55 18.87
CA ASP F 289 71.83 -11.26 18.88
C ASP F 289 71.93 -10.74 17.42
N PRO F 290 71.18 -9.67 17.03
CA PRO F 290 71.24 -9.20 15.63
C PRO F 290 72.59 -8.60 15.23
N ASN F 291 73.45 -8.28 16.22
CA ASN F 291 74.77 -7.71 15.95
C ASN F 291 75.85 -8.78 15.90
N GLU F 292 75.49 -10.04 16.15
CA GLU F 292 76.48 -11.12 16.06
C GLU F 292 76.88 -11.39 14.59
N THR F 293 78.02 -12.08 14.41
CA THR F 293 78.48 -12.55 13.09
C THR F 293 77.32 -13.33 12.43
N ARG F 294 77.06 -13.08 11.15
CA ARG F 294 76.03 -13.82 10.42
C ARG F 294 76.63 -14.99 9.66
N TRP F 295 75.86 -16.08 9.55
CA TRP F 295 76.23 -17.22 8.72
C TRP F 295 76.21 -16.75 7.27
N ASN F 296 77.17 -17.22 6.47
CA ASN F 296 77.25 -16.74 5.10
C ASN F 296 77.17 -17.91 4.09
N GLN F 297 77.29 -17.62 2.78
CA GLN F 297 77.23 -18.62 1.70
C GLN F 297 78.25 -19.76 1.86
N HIS F 298 79.46 -19.44 2.36
CA HIS F 298 80.55 -20.45 2.51
C HIS F 298 80.17 -21.44 3.60
N ASP F 299 79.62 -20.93 4.74
CA ASP F 299 79.10 -21.77 5.82
C ASP F 299 77.94 -22.65 5.33
N VAL F 300 77.04 -22.07 4.55
CA VAL F 300 75.88 -22.76 3.99
C VAL F 300 76.33 -23.96 3.14
N ARG F 301 77.34 -23.76 2.28
CA ARG F 301 77.86 -24.86 1.43
C ARG F 301 78.53 -25.90 2.32
N ARG F 302 79.36 -25.46 3.31
CA ARG F 302 80.02 -26.40 4.22
C ARG F 302 79.00 -27.36 4.87
N TYR F 303 77.92 -26.82 5.50
CA TYR F 303 76.89 -27.67 6.12
C TYR F 303 76.25 -28.63 5.12
N ALA F 304 75.95 -28.15 3.90
CA ALA F 304 75.29 -28.95 2.86
C ALA F 304 76.14 -30.17 2.47
N TYR F 305 77.41 -29.92 2.09
CA TYR F 305 78.31 -31.00 1.66
C TYR F 305 78.70 -31.90 2.83
N TRP F 306 78.90 -31.33 4.04
CA TRP F 306 79.23 -32.14 5.22
C TRP F 306 78.12 -33.11 5.58
N SER F 307 76.85 -32.67 5.54
CA SER F 307 75.74 -33.57 5.84
C SER F 307 75.60 -34.68 4.77
N VAL F 308 75.56 -34.30 3.48
CA VAL F 308 75.39 -35.27 2.39
C VAL F 308 76.57 -36.28 2.34
N PHE F 309 77.82 -35.79 2.44
CA PHE F 309 78.99 -36.67 2.34
C PHE F 309 79.14 -37.57 3.56
N ALA F 310 78.47 -37.22 4.70
CA ALA F 310 78.44 -38.05 5.91
C ALA F 310 77.40 -39.16 5.76
N GLY F 311 76.49 -39.05 4.77
CA GLY F 311 75.51 -40.09 4.52
C GLY F 311 74.06 -39.65 4.35
N SER F 312 73.76 -38.34 4.49
CA SER F 312 72.38 -37.85 4.31
C SER F 312 71.90 -38.08 2.87
N PHE F 313 70.60 -38.35 2.66
CA PHE F 313 70.04 -38.69 1.34
C PHE F 313 69.78 -37.45 0.46
N GLY F 314 69.89 -36.27 1.06
CA GLY F 314 69.70 -34.98 0.41
C GLY F 314 70.03 -33.88 1.39
N HIS F 315 69.52 -32.67 1.14
CA HIS F 315 69.77 -31.53 2.03
C HIS F 315 68.69 -30.47 1.88
N SER F 316 68.35 -29.82 3.00
CA SER F 316 67.43 -28.68 2.99
C SER F 316 68.23 -27.42 3.32
N TYR F 317 67.97 -26.37 2.58
CA TYR F 317 68.57 -25.06 2.75
C TYR F 317 67.53 -24.11 3.36
N GLY F 318 68.00 -23.06 4.01
CA GLY F 318 67.19 -21.98 4.51
C GLY F 318 67.91 -20.65 4.45
N HIS F 319 67.16 -19.57 4.27
CA HIS F 319 67.66 -18.19 4.29
C HIS F 319 66.83 -17.45 5.33
N ASN F 320 67.47 -16.67 6.23
CA ASN F 320 66.78 -15.91 7.28
C ASN F 320 65.63 -15.04 6.71
N ASP F 321 65.90 -14.37 5.57
CA ASP F 321 64.91 -13.45 4.99
C ASP F 321 63.77 -14.15 4.29
N ILE F 322 64.04 -15.31 3.65
CA ILE F 322 63.00 -16.02 2.88
C ILE F 322 62.04 -16.79 3.78
N MSE F 323 62.56 -17.60 4.71
CA MSE F 323 61.72 -18.47 5.55
C MSE F 323 60.65 -17.69 6.30
O MSE F 323 59.58 -18.22 6.51
CB MSE F 323 62.59 -19.32 6.52
CG MSE F 323 63.38 -18.49 7.55
SE MSE F 323 62.44 -18.25 9.23
CE MSE F 323 63.87 -17.35 10.22
N GLN F 324 60.89 -16.39 6.64
CA GLN F 324 59.91 -15.54 7.31
C GLN F 324 59.22 -14.55 6.33
N PHE F 325 59.53 -14.64 5.02
CA PHE F 325 59.01 -13.77 3.94
C PHE F 325 58.98 -12.28 4.39
N ILE F 326 60.16 -11.81 4.84
CA ILE F 326 60.30 -10.44 5.32
C ILE F 326 60.15 -9.46 4.16
N ARG F 327 59.57 -8.30 4.47
CA ARG F 327 59.40 -7.22 3.50
C ARG F 327 59.28 -5.89 4.30
N PRO F 328 59.45 -4.71 3.67
CA PRO F 328 59.33 -3.45 4.44
C PRO F 328 58.00 -3.34 5.15
N GLY F 329 58.02 -2.85 6.39
CA GLY F 329 56.81 -2.69 7.19
C GLY F 329 56.41 -3.88 8.03
N TYR F 330 57.23 -4.97 8.00
CA TYR F 330 57.05 -6.20 8.81
C TYR F 330 58.13 -6.30 9.87
N GLY F 331 57.74 -6.72 11.06
CA GLY F 331 58.65 -6.93 12.17
C GLY F 331 59.48 -8.16 11.88
N ALA F 332 60.77 -8.08 12.16
CA ALA F 332 61.64 -9.18 11.80
C ALA F 332 62.02 -10.08 12.96
N SER F 333 62.28 -11.33 12.64
CA SER F 333 62.85 -12.28 13.60
C SER F 333 64.30 -12.44 13.25
N PHE F 334 65.12 -12.63 14.27
CA PHE F 334 66.54 -12.97 14.16
C PHE F 334 67.35 -11.99 13.29
N GLY F 335 67.11 -10.71 13.53
CA GLY F 335 67.88 -9.65 12.90
C GLY F 335 67.72 -9.46 11.42
N ALA F 336 66.59 -9.94 10.81
CA ALA F 336 66.30 -9.62 9.40
C ALA F 336 65.85 -8.13 9.38
N ASP F 337 65.70 -7.50 8.21
CA ASP F 337 65.30 -6.09 8.10
C ASP F 337 64.73 -5.88 6.71
N GLY F 338 63.39 -5.83 6.61
CA GLY F 338 62.66 -5.72 5.36
C GLY F 338 63.05 -4.55 4.48
N ARG F 339 63.47 -3.45 5.10
CA ARG F 339 63.94 -2.26 4.37
C ARG F 339 65.35 -2.45 3.78
N LYS F 340 66.17 -3.31 4.39
CA LYS F 340 67.53 -3.58 3.90
C LYS F 340 67.50 -4.69 2.83
N LYS F 341 66.75 -5.78 3.10
CA LYS F 341 66.66 -6.90 2.17
C LYS F 341 65.32 -7.61 2.39
N ALA F 342 64.49 -7.64 1.35
CA ALA F 342 63.21 -8.35 1.37
C ALA F 342 63.41 -9.79 0.87
N TRP F 343 62.42 -10.67 1.10
CA TRP F 343 62.54 -12.06 0.64
C TRP F 343 62.80 -12.14 -0.87
N TRP F 344 62.21 -11.23 -1.68
CA TRP F 344 62.41 -11.27 -3.13
C TRP F 344 63.86 -10.91 -3.52
N ASP F 345 64.56 -10.11 -2.70
CA ASP F 345 66.00 -9.81 -2.91
C ASP F 345 66.86 -10.99 -2.46
N ALA F 346 66.49 -11.64 -1.32
CA ALA F 346 67.25 -12.79 -0.76
C ALA F 346 67.29 -13.98 -1.74
N LEU F 347 66.29 -14.09 -2.65
CA LEU F 347 66.28 -15.14 -3.68
C LEU F 347 67.49 -15.03 -4.63
N GLU F 348 68.15 -13.86 -4.64
CA GLU F 348 69.32 -13.61 -5.49
C GLU F 348 70.63 -13.86 -4.73
N ASP F 349 70.55 -14.22 -3.43
CA ASP F 349 71.76 -14.42 -2.62
C ASP F 349 72.53 -15.68 -3.06
N PRO F 350 73.88 -15.67 -2.88
CA PRO F 350 74.70 -16.80 -3.42
C PRO F 350 74.35 -18.19 -2.89
N GLY F 351 74.19 -18.34 -1.57
CA GLY F 351 73.90 -19.67 -1.00
C GLY F 351 72.67 -20.35 -1.60
N PHE F 352 71.57 -19.59 -1.72
CA PHE F 352 70.32 -20.06 -2.32
C PHE F 352 70.57 -20.64 -3.73
N ASN F 353 71.45 -19.98 -4.49
CA ASN F 353 71.75 -20.30 -5.89
C ASN F 353 72.93 -21.25 -6.08
N GLN F 354 73.45 -21.83 -4.99
CA GLN F 354 74.58 -22.75 -5.07
C GLN F 354 74.19 -24.18 -4.73
N MSE F 355 73.02 -24.36 -4.07
CA MSE F 355 72.54 -25.69 -3.69
C MSE F 355 72.34 -26.62 -4.90
O MSE F 355 72.56 -27.84 -4.78
CB MSE F 355 71.23 -25.57 -2.88
CG MSE F 355 71.46 -24.82 -1.55
SE MSE F 355 72.67 -25.76 -0.33
CE MSE F 355 74.41 -24.87 -0.73
N LYS F 356 72.02 -26.06 -6.07
CA LYS F 356 71.85 -26.85 -7.30
C LYS F 356 73.13 -27.61 -7.69
N TYR F 357 74.30 -27.07 -7.35
CA TYR F 357 75.57 -27.75 -7.71
C TYR F 357 75.77 -29.02 -6.92
N LEU F 358 75.24 -29.08 -5.68
CA LEU F 358 75.29 -30.26 -4.82
C LEU F 358 74.36 -31.32 -5.39
N LYS F 359 73.10 -30.95 -5.69
CA LYS F 359 72.12 -31.87 -6.27
C LYS F 359 72.63 -32.48 -7.58
N ASN F 360 73.10 -31.61 -8.51
CA ASN F 360 73.53 -32.04 -9.82
C ASN F 360 74.73 -33.00 -9.74
N LEU F 361 75.62 -32.78 -8.77
CA LEU F 361 76.79 -33.61 -8.54
C LEU F 361 76.36 -35.00 -8.11
N MSE F 362 75.47 -35.11 -7.09
CA MSE F 362 75.07 -36.42 -6.55
C MSE F 362 74.34 -37.26 -7.57
O MSE F 362 74.55 -38.48 -7.61
CB MSE F 362 74.25 -36.28 -5.26
CG MSE F 362 74.96 -35.43 -4.15
SE MSE F 362 76.88 -35.76 -3.88
CE MSE F 362 76.80 -37.44 -3.14
N LEU F 363 73.54 -36.61 -8.44
CA LEU F 363 72.77 -37.31 -9.48
C LEU F 363 73.64 -37.76 -10.68
N THR F 364 74.90 -37.31 -10.77
CA THR F 364 75.82 -37.72 -11.86
C THR F 364 76.36 -39.14 -11.65
N PHE F 365 76.34 -39.65 -10.42
CA PHE F 365 76.97 -40.94 -10.12
C PHE F 365 76.01 -42.03 -9.63
N PRO F 366 76.38 -43.36 -9.72
CA PRO F 366 75.52 -44.44 -9.20
C PRO F 366 75.08 -44.08 -7.80
N PHE F 367 73.78 -44.01 -7.62
CA PHE F 367 73.16 -43.37 -6.46
C PHE F 367 73.02 -44.22 -5.20
N PHE F 368 72.46 -45.44 -5.35
CA PHE F 368 72.09 -46.26 -4.20
C PHE F 368 73.26 -46.98 -3.52
N GLU F 369 74.36 -47.21 -4.23
CA GLU F 369 75.50 -47.90 -3.62
C GLU F 369 76.44 -46.93 -2.89
N ARG F 370 76.13 -45.63 -2.89
CA ARG F 370 76.96 -44.64 -2.20
C ARG F 370 76.97 -44.87 -0.67
N VAL F 371 78.17 -44.82 -0.09
CA VAL F 371 78.35 -44.91 1.37
C VAL F 371 79.28 -43.78 1.83
N PRO F 372 79.15 -43.30 3.10
CA PRO F 372 80.18 -42.40 3.61
C PRO F 372 81.43 -43.25 3.91
N ASP F 373 82.63 -42.74 3.66
CA ASP F 373 83.81 -43.54 3.93
C ASP F 373 85.03 -42.67 4.18
N GLN F 374 85.30 -42.39 5.47
CA GLN F 374 86.46 -41.57 5.86
C GLN F 374 87.79 -42.27 5.58
N SER F 375 87.80 -43.62 5.43
CA SER F 375 89.02 -44.38 5.13
C SER F 375 89.57 -44.03 3.72
N VAL F 376 88.79 -43.36 2.86
CA VAL F 376 89.23 -42.83 1.55
C VAL F 376 90.33 -41.74 1.83
N ILE F 377 90.24 -41.06 2.98
CA ILE F 377 91.21 -40.03 3.39
C ILE F 377 92.36 -40.71 4.14
N ALA F 378 93.53 -40.77 3.51
CA ALA F 378 94.72 -41.35 4.12
C ALA F 378 95.50 -40.25 4.85
N GLY F 379 96.57 -40.63 5.52
CA GLY F 379 97.39 -39.71 6.30
C GLY F 379 96.62 -39.15 7.48
N THR F 380 96.91 -37.90 7.84
CA THR F 380 96.23 -37.22 8.94
C THR F 380 95.25 -36.22 8.40
N ASN F 381 93.97 -36.42 8.71
CA ASN F 381 92.93 -35.51 8.30
C ASN F 381 92.94 -34.28 9.22
N GLY F 382 92.46 -33.15 8.71
CA GLY F 382 92.39 -31.93 9.52
C GLY F 382 91.22 -31.95 10.48
N GLU F 383 91.19 -30.97 11.39
CA GLU F 383 90.12 -30.81 12.37
C GLU F 383 89.25 -29.62 12.00
N ARG F 384 87.99 -29.60 12.52
CA ARG F 384 87.01 -28.53 12.31
C ARG F 384 86.87 -28.26 10.81
N TYR F 385 87.17 -27.01 10.32
CA TYR F 385 86.95 -26.70 8.89
C TYR F 385 87.95 -27.42 7.96
N ASP F 386 89.07 -27.93 8.53
CA ASP F 386 90.09 -28.67 7.77
C ASP F 386 89.76 -30.16 7.65
N ARG F 387 88.63 -30.61 8.22
CA ARG F 387 88.24 -32.02 8.10
C ARG F 387 87.65 -32.30 6.72
N ALA F 388 88.47 -32.94 5.85
CA ALA F 388 87.99 -33.36 4.54
C ALA F 388 86.97 -34.47 4.76
N ILE F 389 85.93 -34.53 3.93
CA ILE F 389 84.90 -35.55 4.11
C ILE F 389 84.73 -36.31 2.81
N ALA F 390 84.66 -37.64 2.93
CA ALA F 390 84.61 -38.49 1.74
C ALA F 390 83.42 -39.42 1.71
N THR F 391 82.95 -39.67 0.49
CA THR F 391 81.86 -40.58 0.18
C THR F 391 82.22 -41.31 -1.12
N ARG F 392 81.73 -42.53 -1.31
CA ARG F 392 82.07 -43.28 -2.50
C ARG F 392 81.02 -44.29 -2.87
N GLY F 393 81.11 -44.76 -4.10
CA GLY F 393 80.34 -45.89 -4.61
C GLY F 393 81.35 -47.00 -4.77
N ASN F 394 81.15 -47.87 -5.76
CA ASN F 394 82.11 -48.94 -6.02
C ASN F 394 83.19 -48.51 -7.00
N ASP F 395 82.85 -47.56 -7.90
CA ASP F 395 83.74 -47.17 -9.00
C ASP F 395 83.96 -45.64 -9.06
N TYR F 396 83.58 -44.92 -8.01
CA TYR F 396 83.78 -43.49 -7.90
C TYR F 396 83.92 -43.08 -6.44
N LEU F 397 84.58 -41.97 -6.19
CA LEU F 397 84.69 -41.38 -4.86
C LEU F 397 84.62 -39.87 -4.98
N LEU F 398 84.12 -39.22 -3.94
CA LEU F 398 83.94 -37.77 -3.85
C LEU F 398 84.50 -37.30 -2.55
N VAL F 399 85.39 -36.31 -2.59
CA VAL F 399 86.01 -35.77 -1.38
C VAL F 399 85.78 -34.26 -1.33
N TYR F 400 84.97 -33.79 -0.36
CA TYR F 400 84.74 -32.37 -0.20
C TYR F 400 85.78 -31.80 0.76
N ASN F 401 86.52 -30.80 0.30
CA ASN F 401 87.56 -30.16 1.10
C ASN F 401 87.23 -28.67 1.23
N TYR F 402 86.63 -28.30 2.34
CA TYR F 402 86.22 -26.92 2.58
C TYR F 402 87.38 -25.93 2.59
N SER F 403 88.46 -26.26 3.30
CA SER F 403 89.56 -25.32 3.54
C SER F 403 90.58 -25.22 2.39
N GLY F 404 90.83 -26.31 1.69
CA GLY F 404 91.86 -26.36 0.67
C GLY F 404 93.15 -26.96 1.19
N ARG F 405 93.15 -27.40 2.47
CA ARG F 405 94.30 -28.08 3.08
C ARG F 405 94.74 -29.28 2.20
N PRO F 406 96.05 -29.46 1.91
CA PRO F 406 96.47 -30.62 1.08
C PRO F 406 95.96 -31.95 1.65
N MSE F 407 95.65 -32.89 0.76
CA MSE F 407 95.10 -34.21 1.11
C MSE F 407 95.87 -35.35 0.53
O MSE F 407 96.45 -35.23 -0.55
CB MSE F 407 93.65 -34.36 0.58
CG MSE F 407 92.74 -33.22 0.87
SE MSE F 407 91.02 -33.64 0.15
CE MSE F 407 91.26 -33.28 -1.69
N GLN F 408 95.75 -36.51 1.18
CA GLN F 408 96.26 -37.81 0.70
C GLN F 408 95.03 -38.71 0.57
N ILE F 409 94.74 -39.17 -0.65
CA ILE F 409 93.51 -39.92 -0.94
C ILE F 409 93.85 -41.35 -1.37
N ASP F 410 93.21 -42.34 -0.73
CA ASP F 410 93.43 -43.75 -1.04
C ASP F 410 92.55 -44.17 -2.20
N LEU F 411 93.11 -44.13 -3.43
CA LEU F 411 92.39 -44.47 -4.67
C LEU F 411 92.08 -45.98 -4.79
N SER F 412 92.71 -46.84 -3.98
CA SER F 412 92.45 -48.28 -3.99
C SER F 412 91.09 -48.63 -3.32
N LYS F 413 90.39 -47.63 -2.78
CA LYS F 413 89.08 -47.81 -2.14
C LYS F 413 87.96 -48.00 -3.18
N ILE F 414 88.26 -47.78 -4.48
CA ILE F 414 87.30 -47.97 -5.59
C ILE F 414 87.97 -48.78 -6.69
N SER F 415 87.16 -49.33 -7.62
CA SER F 415 87.65 -50.20 -8.71
C SER F 415 88.46 -49.43 -9.76
N GLY F 416 89.20 -50.20 -10.58
CA GLY F 416 90.02 -49.70 -11.68
C GLY F 416 91.50 -49.63 -11.42
N ALA F 417 92.31 -50.20 -12.34
CA ALA F 417 93.78 -50.13 -12.29
C ALA F 417 94.22 -48.66 -12.42
N LYS F 418 93.44 -47.88 -13.21
CA LYS F 418 93.64 -46.45 -13.43
C LYS F 418 92.37 -45.67 -13.06
N LYS F 419 92.57 -44.42 -12.60
CA LYS F 419 91.54 -43.51 -12.15
C LYS F 419 91.66 -42.15 -12.78
N ASN F 420 90.54 -41.54 -13.17
CA ASN F 420 90.54 -40.17 -13.66
C ASN F 420 90.08 -39.26 -12.52
N ALA F 421 90.72 -38.09 -12.37
CA ALA F 421 90.38 -37.13 -11.33
C ALA F 421 90.08 -35.73 -11.87
N TRP F 422 89.12 -35.05 -11.23
CA TRP F 422 88.65 -33.70 -11.54
C TRP F 422 88.47 -32.88 -10.27
N TRP F 423 88.60 -31.55 -10.39
CA TRP F 423 88.21 -30.62 -9.31
C TRP F 423 86.84 -30.10 -9.66
N TYR F 424 85.93 -30.04 -8.69
CA TYR F 424 84.59 -29.51 -8.86
C TYR F 424 84.38 -28.39 -7.87
N SER F 425 84.22 -27.14 -8.36
CA SER F 425 84.03 -25.98 -7.50
CA SER F 425 84.05 -25.97 -7.51
C SER F 425 82.61 -25.91 -6.97
N ALA F 426 82.45 -25.99 -5.64
CA ALA F 426 81.13 -25.95 -5.01
C ALA F 426 80.41 -24.60 -5.21
N LYS F 427 81.17 -23.49 -5.33
CA LYS F 427 80.55 -22.15 -5.45
C LYS F 427 79.91 -21.91 -6.83
N ASP F 428 80.37 -22.59 -7.90
CA ASP F 428 79.87 -22.26 -9.23
C ASP F 428 79.77 -23.44 -10.22
N GLY F 429 80.06 -24.66 -9.76
CA GLY F 429 79.95 -25.87 -10.56
C GLY F 429 81.04 -26.06 -11.59
N LYS F 430 82.09 -25.21 -11.56
CA LYS F 430 83.23 -25.29 -12.51
C LYS F 430 83.97 -26.62 -12.33
N LEU F 431 84.16 -27.33 -13.43
CA LEU F 431 84.84 -28.61 -13.44
C LEU F 431 86.20 -28.47 -14.13
N GLU F 432 87.25 -29.05 -13.53
CA GLU F 432 88.60 -29.00 -14.09
C GLU F 432 89.28 -30.35 -14.00
N TYR F 433 89.58 -30.95 -15.17
CA TYR F 433 90.25 -32.24 -15.22
C TYR F 433 91.68 -32.11 -14.69
N ILE F 434 92.10 -33.06 -13.83
CA ILE F 434 93.43 -33.08 -13.26
C ILE F 434 94.33 -34.00 -14.09
N GLY F 435 93.89 -35.25 -14.27
CA GLY F 435 94.66 -36.24 -15.02
C GLY F 435 94.27 -37.65 -14.65
N GLU F 436 95.07 -38.59 -15.13
CA GLU F 436 94.88 -40.02 -14.88
C GLU F 436 95.89 -40.48 -13.84
N PHE F 437 95.42 -41.29 -12.88
CA PHE F 437 96.25 -41.74 -11.78
C PHE F 437 96.23 -43.25 -11.60
N ASP F 438 97.32 -43.80 -11.11
CA ASP F 438 97.40 -45.22 -10.77
C ASP F 438 96.68 -45.40 -9.44
N SER F 439 96.11 -46.58 -9.22
CA SER F 439 95.38 -46.90 -8.00
C SER F 439 96.36 -47.07 -6.81
N LYS F 440 96.54 -45.99 -6.03
CA LYS F 440 97.41 -45.91 -4.85
C LYS F 440 97.06 -44.66 -4.05
N VAL F 441 97.63 -44.50 -2.84
CA VAL F 441 97.45 -43.30 -2.02
C VAL F 441 98.14 -42.16 -2.78
N THR F 442 97.35 -41.13 -3.15
CA THR F 442 97.78 -40.01 -3.98
C THR F 442 97.55 -38.67 -3.31
N SER F 443 98.53 -37.75 -3.46
CA SER F 443 98.46 -36.40 -2.92
C SER F 443 97.69 -35.48 -3.87
N PHE F 444 96.79 -34.68 -3.30
CA PHE F 444 95.99 -33.70 -4.03
C PHE F 444 95.93 -32.39 -3.28
N GLN F 445 96.14 -31.30 -4.01
CA GLN F 445 95.98 -29.95 -3.48
C GLN F 445 95.57 -29.01 -4.61
N HIS F 446 94.55 -28.20 -4.33
CA HIS F 446 93.98 -27.28 -5.30
C HIS F 446 94.68 -25.94 -5.22
N ASP F 447 94.98 -25.37 -6.39
CA ASP F 447 95.66 -24.09 -6.46
C ASP F 447 94.65 -22.93 -6.29
N SER F 448 94.41 -22.56 -5.02
CA SER F 448 93.51 -21.48 -4.62
C SER F 448 93.85 -21.04 -3.19
N GLY F 449 93.37 -19.87 -2.80
CA GLY F 449 93.58 -19.37 -1.44
C GLY F 449 93.04 -20.32 -0.38
N TYR F 450 93.82 -20.50 0.69
CA TYR F 450 93.43 -21.34 1.82
C TYR F 450 92.28 -20.67 2.55
N LEU F 451 91.19 -21.41 2.88
CA LEU F 451 90.02 -20.83 3.57
C LEU F 451 89.54 -19.53 2.85
N SER F 452 89.48 -19.56 1.51
CA SER F 452 89.12 -18.39 0.70
C SER F 452 87.71 -18.50 0.04
N GLY F 453 86.93 -19.51 0.41
CA GLY F 453 85.61 -19.73 -0.16
C GLY F 453 85.73 -20.41 -1.52
N ASN F 454 86.85 -21.11 -1.73
CA ASN F 454 87.12 -21.83 -2.98
C ASN F 454 87.13 -23.34 -2.69
N ASP F 455 86.14 -23.78 -1.86
CA ASP F 455 85.94 -25.18 -1.49
C ASP F 455 85.66 -26.02 -2.73
N GLN F 456 86.35 -27.16 -2.82
CA GLN F 456 86.25 -28.07 -3.95
C GLN F 456 85.82 -29.44 -3.54
N VAL F 457 85.21 -30.14 -4.50
CA VAL F 457 84.98 -31.57 -4.42
C VAL F 457 86.03 -32.19 -5.33
N LEU F 458 86.81 -33.13 -4.81
CA LEU F 458 87.68 -33.93 -5.64
C LEU F 458 86.83 -35.12 -6.16
N ILE F 459 86.68 -35.22 -7.49
CA ILE F 459 85.93 -36.30 -8.15
C ILE F 459 86.94 -37.31 -8.68
N VAL F 460 86.82 -38.57 -8.29
CA VAL F 460 87.71 -39.62 -8.79
C VAL F 460 86.83 -40.76 -9.30
N VAL F 461 87.06 -41.19 -10.57
CA VAL F 461 86.26 -42.23 -11.22
C VAL F 461 87.16 -43.26 -11.89
N ASP F 462 86.77 -44.55 -11.81
CA ASP F 462 87.40 -45.69 -12.51
C ASP F 462 87.52 -45.26 -13.99
N SER F 463 88.73 -45.35 -14.59
CA SER F 463 88.99 -44.93 -15.98
CA SER F 463 88.98 -44.91 -15.97
C SER F 463 88.08 -45.62 -17.02
N ALA F 464 87.52 -46.80 -16.67
CA ALA F 464 86.62 -47.57 -17.53
C ALA F 464 85.18 -47.03 -17.54
N LYS F 465 84.82 -46.12 -16.59
CA LYS F 465 83.46 -45.58 -16.48
C LYS F 465 83.40 -44.18 -17.10
N ASP F 466 82.21 -43.79 -17.62
CA ASP F 466 82.03 -42.53 -18.34
CA ASP F 466 82.00 -42.54 -18.35
C ASP F 466 81.08 -41.52 -17.64
N TYR F 467 80.96 -41.59 -16.29
CA TYR F 467 80.09 -40.65 -15.55
C TYR F 467 80.52 -39.19 -15.76
N VAL F 468 81.85 -38.96 -15.89
CA VAL F 468 82.42 -37.63 -16.13
C VAL F 468 83.40 -37.75 -17.31
N GLN F 469 83.35 -36.79 -18.24
CA GLN F 469 84.25 -36.74 -19.40
C GLN F 469 85.39 -35.78 -19.12
N LYS F 470 86.56 -36.07 -19.67
CA LYS F 470 87.79 -35.30 -19.46
C LYS F 470 87.71 -33.84 -19.95
N ALA F 471 87.07 -33.60 -21.11
CA ALA F 471 86.96 -32.29 -21.73
C ALA F 471 85.88 -31.38 -21.11
N TRP F 472 85.00 -31.91 -20.24
CA TRP F 472 83.94 -31.14 -19.59
C TRP F 472 84.50 -30.07 -18.64
N THR F 473 83.93 -28.86 -18.69
CA THR F 473 84.28 -27.75 -17.79
C THR F 473 83.06 -27.49 -16.87
N ALA F 474 82.00 -28.28 -17.07
CA ALA F 474 80.78 -28.24 -16.26
C ALA F 474 80.10 -29.59 -16.30
N LEU F 475 79.27 -29.89 -15.29
CA LEU F 475 78.51 -31.12 -15.31
C LEU F 475 77.20 -30.88 -16.05
N PRO F 476 76.78 -31.78 -16.97
CA PRO F 476 75.47 -31.60 -17.64
C PRO F 476 74.34 -31.78 -16.63
N ASP F 477 73.11 -31.38 -17.01
CA ASP F 477 71.93 -31.49 -16.15
C ASP F 477 71.59 -32.98 -15.99
N ALA F 478 71.96 -33.55 -14.83
CA ALA F 478 71.82 -34.99 -14.56
C ALA F 478 70.37 -35.49 -14.50
N ILE F 479 69.40 -34.59 -14.25
CA ILE F 479 67.98 -34.90 -14.18
C ILE F 479 67.42 -35.32 -15.57
N GLN F 480 68.00 -34.77 -16.67
CA GLN F 480 67.56 -35.01 -18.04
C GLN F 480 67.60 -36.49 -18.46
N LYS F 481 68.40 -37.34 -17.77
CA LYS F 481 68.46 -38.78 -18.00
C LYS F 481 67.09 -39.44 -17.75
N TRP F 482 66.32 -38.89 -16.80
CA TRP F 482 65.01 -39.40 -16.41
C TRP F 482 63.85 -38.50 -16.91
N ASN F 483 64.18 -37.51 -17.77
CA ASN F 483 63.21 -36.57 -18.32
C ASN F 483 63.13 -36.73 -19.83
N ALA G 20 -26.59 -54.63 -52.65
CA ALA G 20 -27.52 -53.89 -53.51
C ALA G 20 -27.33 -52.36 -53.36
N LYS G 21 -27.62 -51.60 -54.44
CA LYS G 21 -27.50 -50.14 -54.53
C LYS G 21 -28.26 -49.43 -53.40
N THR G 22 -27.72 -48.30 -52.89
CA THR G 22 -28.34 -47.49 -51.83
C THR G 22 -29.72 -47.03 -52.30
N TYR G 23 -30.74 -47.23 -51.45
CA TYR G 23 -32.10 -46.81 -51.80
C TYR G 23 -32.22 -45.30 -51.55
N ILE G 24 -32.60 -44.56 -52.59
CA ILE G 24 -32.75 -43.10 -52.51
C ILE G 24 -34.27 -42.82 -52.62
N PRO G 25 -34.95 -42.57 -51.49
CA PRO G 25 -36.42 -42.42 -51.53
C PRO G 25 -36.96 -41.38 -52.53
N TRP G 26 -36.34 -40.18 -52.59
CA TRP G 26 -36.79 -39.08 -53.44
C TRP G 26 -36.56 -39.32 -54.95
N LYS G 27 -36.00 -40.48 -55.35
CA LYS G 27 -35.93 -40.85 -56.77
C LYS G 27 -37.38 -41.07 -57.27
N ASN G 28 -38.32 -41.30 -56.31
CA ASN G 28 -39.74 -41.54 -56.53
C ASN G 28 -40.55 -40.23 -56.53
N GLY G 29 -39.86 -39.12 -56.26
CA GLY G 29 -40.45 -37.79 -56.19
C GLY G 29 -40.56 -37.25 -54.77
N LYS G 30 -41.19 -36.08 -54.65
CA LYS G 30 -41.42 -35.37 -53.37
C LYS G 30 -42.33 -36.17 -52.47
N LEU G 31 -42.24 -35.89 -51.16
CA LEU G 31 -43.14 -36.49 -50.19
C LEU G 31 -44.49 -35.79 -50.28
N VAL G 32 -45.56 -36.58 -50.24
CA VAL G 32 -46.94 -36.09 -50.36
C VAL G 32 -47.78 -36.83 -49.33
N VAL G 33 -48.81 -36.17 -48.79
CA VAL G 33 -49.78 -36.81 -47.90
C VAL G 33 -50.71 -37.62 -48.81
N SER G 34 -50.84 -38.93 -48.54
CA SER G 34 -51.69 -39.83 -49.34
C SER G 34 -53.18 -39.41 -49.21
N GLU G 35 -54.00 -39.77 -50.22
CA GLU G 35 -55.41 -39.43 -50.39
C GLU G 35 -56.29 -39.69 -49.14
N GLU G 36 -56.07 -40.82 -48.46
CA GLU G 36 -56.89 -41.21 -47.28
C GLU G 36 -56.52 -40.37 -46.02
N GLY G 37 -55.50 -39.52 -46.12
CA GLY G 37 -55.07 -38.63 -45.04
C GLY G 37 -54.36 -39.29 -43.87
N ARG G 38 -53.83 -40.52 -44.06
CA ARG G 38 -53.20 -41.24 -42.97
C ARG G 38 -51.71 -41.46 -43.17
N TYR G 39 -51.25 -41.61 -44.42
CA TYR G 39 -49.86 -41.98 -44.68
C TYR G 39 -49.13 -41.01 -45.62
N LEU G 40 -47.81 -41.16 -45.65
CA LEU G 40 -46.94 -40.42 -46.55
C LEU G 40 -46.58 -41.33 -47.71
N LYS G 41 -46.52 -40.74 -48.89
CA LYS G 41 -46.14 -41.41 -50.14
C LYS G 41 -45.21 -40.48 -50.91
N HIS G 42 -44.63 -41.00 -51.99
CA HIS G 42 -43.87 -40.19 -52.91
C HIS G 42 -44.84 -39.80 -54.02
N GLU G 43 -44.49 -38.81 -54.86
CA GLU G 43 -45.36 -38.35 -55.97
C GLU G 43 -45.82 -39.50 -56.89
N ASN G 44 -44.95 -40.51 -57.14
CA ASN G 44 -45.27 -41.64 -58.02
C ASN G 44 -46.14 -42.74 -57.32
N GLY G 45 -46.55 -42.49 -56.07
CA GLY G 45 -47.39 -43.42 -55.30
C GLY G 45 -46.68 -44.39 -54.37
N VAL G 46 -45.34 -44.52 -54.48
CA VAL G 46 -44.54 -45.42 -53.65
C VAL G 46 -44.66 -45.00 -52.14
N PRO G 47 -44.96 -45.96 -51.22
CA PRO G 47 -45.06 -45.61 -49.80
C PRO G 47 -43.77 -45.07 -49.20
N PHE G 48 -43.92 -44.24 -48.17
CA PHE G 48 -42.79 -43.78 -47.40
C PHE G 48 -43.06 -44.11 -45.95
N PHE G 49 -42.50 -45.23 -45.48
CA PHE G 49 -42.60 -45.58 -44.08
C PHE G 49 -41.47 -44.85 -43.36
N TRP G 50 -41.82 -43.77 -42.66
CA TRP G 50 -40.87 -42.96 -41.93
C TRP G 50 -40.32 -43.75 -40.75
N LEU G 51 -39.00 -43.95 -40.75
CA LEU G 51 -38.31 -44.60 -39.64
C LEU G 51 -37.24 -43.62 -39.22
N GLY G 52 -37.54 -42.88 -38.17
CA GLY G 52 -36.71 -41.78 -37.72
C GLY G 52 -35.76 -42.08 -36.58
N GLU G 53 -34.62 -41.41 -36.63
CA GLU G 53 -33.58 -41.44 -35.60
C GLU G 53 -33.45 -40.01 -35.08
N THR G 54 -33.04 -39.85 -33.82
CA THR G 54 -32.97 -38.54 -33.19
C THR G 54 -31.52 -38.13 -32.94
N GLY G 55 -31.01 -37.24 -33.78
CA GLY G 55 -29.64 -36.75 -33.63
C GLY G 55 -29.63 -35.27 -33.32
N TRP G 56 -30.43 -34.86 -32.29
CA TRP G 56 -30.63 -33.44 -31.94
C TRP G 56 -29.36 -32.59 -32.00
N LEU G 57 -28.28 -32.99 -31.30
CA LEU G 57 -27.09 -32.15 -31.22
C LEU G 57 -26.02 -32.46 -32.27
N MSE G 58 -26.40 -33.12 -33.38
CA MSE G 58 -25.41 -33.38 -34.44
C MSE G 58 -24.80 -32.07 -35.00
O MSE G 58 -23.57 -32.00 -35.10
CB MSE G 58 -26.03 -34.22 -35.59
CG MSE G 58 -25.14 -34.27 -36.83
SE MSE G 58 -25.46 -35.70 -38.07
CE MSE G 58 -27.35 -35.53 -38.27
N PRO G 59 -25.60 -31.00 -35.33
CA PRO G 59 -24.97 -29.77 -35.89
C PRO G 59 -24.01 -29.10 -34.92
N GLN G 60 -24.23 -29.30 -33.60
CA GLN G 60 -23.38 -28.65 -32.60
C GLN G 60 -22.24 -29.51 -32.08
N ARG G 61 -22.33 -30.85 -32.15
CA ARG G 61 -21.28 -31.66 -31.49
C ARG G 61 -20.46 -32.58 -32.42
N LEU G 62 -20.95 -32.91 -33.62
CA LEU G 62 -20.20 -33.84 -34.47
C LEU G 62 -19.33 -33.11 -35.52
N ASN G 63 -18.11 -33.62 -35.75
CA ASN G 63 -17.25 -33.09 -36.80
C ASN G 63 -17.61 -33.83 -38.12
N ARG G 64 -16.96 -33.50 -39.24
CA ARG G 64 -17.30 -34.08 -40.55
C ARG G 64 -17.18 -35.62 -40.60
N ASP G 65 -16.09 -36.18 -40.07
CA ASP G 65 -15.94 -37.65 -40.11
C ASP G 65 -16.94 -38.36 -39.17
N GLU G 66 -17.31 -37.73 -38.04
CA GLU G 66 -18.28 -38.31 -37.11
C GLU G 66 -19.68 -38.32 -37.72
N VAL G 67 -20.04 -37.26 -38.46
CA VAL G 67 -21.30 -37.14 -39.21
C VAL G 67 -21.40 -38.35 -40.17
N SER G 68 -20.31 -38.65 -40.93
CA SER G 68 -20.28 -39.77 -41.90
C SER G 68 -20.53 -41.10 -41.20
N TYR G 69 -19.84 -41.32 -40.08
CA TYR G 69 -19.91 -42.58 -39.34
C TYR G 69 -21.32 -42.80 -38.76
N TYR G 70 -21.85 -41.79 -38.07
CA TYR G 70 -23.18 -41.84 -37.48
C TYR G 70 -24.24 -42.10 -38.56
N LEU G 71 -24.18 -41.38 -39.69
CA LEU G 71 -25.18 -41.53 -40.75
C LEU G 71 -25.06 -42.88 -41.45
N ASN G 72 -23.82 -43.44 -41.57
CA ASN G 72 -23.63 -44.78 -42.12
C ASN G 72 -24.35 -45.82 -41.23
N LYS G 73 -24.22 -45.67 -39.89
CA LYS G 73 -24.85 -46.56 -38.91
C LYS G 73 -26.38 -46.44 -38.98
N CYS G 74 -26.90 -45.20 -39.15
CA CYS G 74 -28.35 -44.96 -39.29
C CYS G 74 -28.88 -45.65 -40.55
N LYS G 75 -28.18 -45.48 -41.70
CA LYS G 75 -28.54 -46.10 -42.95
C LYS G 75 -28.60 -47.63 -42.81
N ASP G 76 -27.55 -48.23 -42.26
CA ASP G 76 -27.46 -49.69 -42.09
C ASP G 76 -28.52 -50.27 -41.13
N ALA G 77 -29.06 -49.43 -40.22
CA ALA G 77 -30.08 -49.86 -39.26
C ALA G 77 -31.52 -49.57 -39.79
N GLY G 78 -31.62 -49.17 -41.06
CA GLY G 78 -32.89 -48.92 -41.74
C GLY G 78 -33.53 -47.55 -41.59
N TYR G 79 -32.87 -46.59 -40.90
CA TYR G 79 -33.45 -45.25 -40.73
C TYR G 79 -33.41 -44.45 -42.03
N ASN G 80 -34.48 -43.70 -42.33
CA ASN G 80 -34.57 -42.90 -43.54
C ASN G 80 -34.88 -41.43 -43.18
N MSE G 81 -34.88 -41.12 -41.89
CA MSE G 81 -35.14 -39.76 -41.38
C MSE G 81 -34.29 -39.56 -40.13
O MSE G 81 -34.38 -40.35 -39.22
CB MSE G 81 -36.67 -39.56 -41.11
CG MSE G 81 -37.13 -38.07 -40.98
SE MSE G 81 -36.47 -37.00 -39.43
CE MSE G 81 -37.04 -38.14 -37.95
N VAL G 82 -33.41 -38.55 -40.12
CA VAL G 82 -32.60 -38.21 -38.94
C VAL G 82 -32.97 -36.78 -38.60
N GLN G 83 -33.46 -36.51 -37.39
CA GLN G 83 -33.86 -35.14 -37.01
C GLN G 83 -32.79 -34.45 -36.15
N VAL G 84 -32.67 -33.14 -36.35
CA VAL G 84 -31.64 -32.33 -35.66
C VAL G 84 -32.22 -31.05 -35.16
N GLN G 85 -31.53 -30.44 -34.19
CA GLN G 85 -31.83 -29.08 -33.74
C GLN G 85 -30.91 -28.20 -34.58
N VAL G 86 -31.48 -27.51 -35.57
CA VAL G 86 -30.71 -26.64 -36.48
C VAL G 86 -30.04 -25.57 -35.63
N LEU G 87 -30.83 -24.99 -34.70
CA LEU G 87 -30.39 -24.02 -33.69
C LEU G 87 -30.88 -24.50 -32.34
N ASN G 88 -29.99 -24.51 -31.33
CA ASN G 88 -30.42 -24.87 -29.97
C ASN G 88 -30.31 -23.63 -29.06
N GLY G 89 -29.90 -22.53 -29.67
CA GLY G 89 -29.67 -21.27 -28.98
C GLY G 89 -29.46 -20.13 -29.94
N VAL G 90 -29.47 -18.90 -29.39
CA VAL G 90 -29.27 -17.70 -30.17
C VAL G 90 -28.04 -16.93 -29.58
N PRO G 91 -26.86 -17.05 -30.21
CA PRO G 91 -26.54 -17.92 -31.36
C PRO G 91 -26.25 -19.36 -30.92
N SER G 92 -26.09 -20.26 -31.89
CA SER G 92 -25.63 -21.62 -31.64
C SER G 92 -24.15 -21.68 -31.99
N MSE G 93 -23.47 -22.74 -31.54
CA MSE G 93 -22.04 -22.95 -31.76
C MSE G 93 -21.82 -24.39 -32.19
O MSE G 93 -22.47 -25.29 -31.65
CB MSE G 93 -21.27 -22.68 -30.44
CG MSE G 93 -19.74 -22.76 -30.58
SE MSE G 93 -19.06 -21.11 -31.27
CE MSE G 93 -19.39 -20.09 -29.61
N ASN G 94 -20.92 -24.63 -33.12
CA ASN G 94 -20.63 -25.99 -33.52
C ASN G 94 -19.25 -26.43 -32.96
N ILE G 95 -18.87 -27.66 -33.25
CA ILE G 95 -17.67 -28.29 -32.70
C ILE G 95 -16.40 -27.63 -33.19
N TYR G 96 -16.48 -26.92 -34.34
CA TYR G 96 -15.34 -26.21 -34.92
C TYR G 96 -15.18 -24.81 -34.32
N GLY G 97 -16.06 -24.43 -33.40
CA GLY G 97 -16.00 -23.11 -32.77
C GLY G 97 -16.55 -22.02 -33.69
N GLN G 98 -17.52 -22.37 -34.54
CA GLN G 98 -18.18 -21.42 -35.45
C GLN G 98 -19.54 -21.01 -34.89
N TYR G 99 -19.84 -19.72 -34.96
CA TYR G 99 -21.13 -19.15 -34.56
C TYR G 99 -22.15 -19.37 -35.68
N SER G 100 -23.41 -19.63 -35.33
CA SER G 100 -24.52 -19.75 -36.31
C SER G 100 -24.93 -18.38 -36.86
N MSE G 101 -24.68 -17.32 -36.06
CA MSE G 101 -25.04 -15.97 -36.43
C MSE G 101 -24.03 -15.00 -35.88
O MSE G 101 -23.61 -15.12 -34.72
CB MSE G 101 -26.44 -15.58 -35.95
CG MSE G 101 -27.56 -16.09 -36.87
SE MSE G 101 -28.42 -17.70 -36.21
CE MSE G 101 -29.32 -16.88 -34.66
N THR G 102 -23.66 -14.05 -36.74
CA THR G 102 -22.69 -12.99 -36.44
CA THR G 102 -22.69 -12.99 -36.48
C THR G 102 -23.41 -11.64 -36.25
N ASP G 103 -24.53 -11.42 -36.97
CA ASP G 103 -25.29 -10.18 -36.85
C ASP G 103 -26.80 -10.44 -36.61
N GLY G 104 -27.11 -11.13 -35.50
CA GLY G 104 -28.47 -11.50 -35.16
C GLY G 104 -29.13 -12.31 -36.26
N PHE G 105 -30.40 -12.02 -36.57
CA PHE G 105 -31.10 -12.72 -37.65
C PHE G 105 -30.96 -11.98 -39.01
N ASN G 106 -29.80 -11.34 -39.25
CA ASN G 106 -29.45 -10.71 -40.54
C ASN G 106 -28.45 -11.66 -41.18
N PHE G 107 -28.86 -12.36 -42.24
CA PHE G 107 -28.06 -13.40 -42.87
C PHE G 107 -27.41 -12.98 -44.19
N LYS G 108 -27.46 -11.69 -44.55
CA LYS G 108 -26.90 -11.16 -45.79
C LYS G 108 -25.43 -11.55 -45.99
N ASP G 109 -24.58 -11.41 -44.97
CA ASP G 109 -23.14 -11.72 -45.09
C ASP G 109 -22.74 -12.96 -44.28
N ILE G 110 -23.64 -13.95 -44.15
CA ILE G 110 -23.38 -15.16 -43.38
C ILE G 110 -22.29 -16.01 -44.05
N ASN G 111 -22.26 -16.05 -45.41
CA ASN G 111 -21.26 -16.82 -46.13
C ASN G 111 -19.98 -16.03 -46.29
N ARG G 112 -18.88 -16.58 -45.77
CA ARG G 112 -17.55 -15.98 -45.86
CA ARG G 112 -17.55 -15.98 -45.86
C ARG G 112 -16.67 -16.93 -46.65
N LYS G 113 -16.17 -16.51 -47.83
CA LYS G 113 -15.33 -17.40 -48.65
C LYS G 113 -14.04 -17.72 -47.90
N GLY G 114 -13.61 -18.96 -48.03
CA GLY G 114 -12.42 -19.44 -47.33
C GLY G 114 -12.66 -19.84 -45.89
N ILE G 115 -13.91 -19.72 -45.38
CA ILE G 115 -14.28 -20.11 -44.02
C ILE G 115 -15.31 -21.21 -44.09
N TYR G 116 -15.06 -22.29 -43.35
CA TYR G 116 -16.02 -23.37 -43.23
C TYR G 116 -16.91 -23.00 -42.04
N GLY G 117 -18.02 -22.34 -42.33
CA GLY G 117 -18.90 -21.80 -41.30
C GLY G 117 -19.88 -22.82 -40.74
N TYR G 118 -20.64 -22.36 -39.74
CA TYR G 118 -21.69 -23.14 -39.10
C TYR G 118 -22.67 -23.71 -40.15
N TRP G 119 -23.10 -22.87 -41.11
CA TRP G 119 -24.07 -23.25 -42.14
C TRP G 119 -23.45 -24.10 -43.24
N ASP G 120 -22.13 -23.98 -43.46
CA ASP G 120 -21.43 -24.87 -44.40
C ASP G 120 -21.38 -26.29 -43.82
N HIS G 121 -21.26 -26.40 -42.46
CA HIS G 121 -21.26 -27.70 -41.79
C HIS G 121 -22.69 -28.27 -41.83
N MSE G 122 -23.71 -27.40 -41.67
CA MSE G 122 -25.12 -27.78 -41.80
C MSE G 122 -25.37 -28.34 -43.22
O MSE G 122 -25.97 -29.42 -43.33
CB MSE G 122 -26.06 -26.60 -41.50
CG MSE G 122 -27.55 -27.02 -41.35
SE MSE G 122 -27.92 -28.15 -39.79
CE MSE G 122 -28.22 -29.87 -40.75
N ASP G 123 -24.86 -27.65 -44.29
CA ASP G 123 -24.95 -28.08 -45.69
C ASP G 123 -24.34 -29.48 -45.87
N TYR G 124 -23.15 -29.66 -45.27
CA TYR G 124 -22.43 -30.92 -45.33
C TYR G 124 -23.22 -32.08 -44.68
N ILE G 125 -23.86 -31.83 -43.53
CA ILE G 125 -24.70 -32.83 -42.85
C ILE G 125 -25.85 -33.26 -43.83
N ILE G 126 -26.51 -32.27 -44.45
CA ILE G 126 -27.63 -32.54 -45.37
C ILE G 126 -27.16 -33.34 -46.60
N LYS G 127 -26.00 -33.00 -47.18
CA LYS G 127 -25.45 -33.73 -48.36
C LYS G 127 -25.02 -35.15 -47.97
N SER G 128 -24.49 -35.30 -46.72
CA SER G 128 -24.06 -36.60 -46.21
C SER G 128 -25.27 -37.50 -46.00
N ALA G 129 -26.38 -36.96 -45.48
CA ALA G 129 -27.62 -37.74 -45.36
C ALA G 129 -28.17 -38.10 -46.75
N ALA G 130 -28.10 -37.15 -47.73
CA ALA G 130 -28.62 -37.37 -49.08
C ALA G 130 -27.98 -38.57 -49.77
N SER G 131 -26.64 -38.70 -49.68
CA SER G 131 -25.92 -39.81 -50.34
C SER G 131 -26.28 -41.18 -49.70
N ARG G 132 -26.91 -41.14 -48.51
CA ARG G 132 -27.31 -42.33 -47.76
C ARG G 132 -28.84 -42.57 -47.80
N GLY G 133 -29.56 -41.76 -48.57
CA GLY G 133 -31.01 -41.89 -48.71
C GLY G 133 -31.80 -41.51 -47.48
N ILE G 134 -31.28 -40.54 -46.72
CA ILE G 134 -31.88 -40.11 -45.46
C ILE G 134 -32.38 -38.66 -45.55
N TYR G 135 -33.60 -38.42 -45.05
CA TYR G 135 -34.17 -37.08 -44.92
C TYR G 135 -33.65 -36.45 -43.64
N ILE G 136 -33.36 -35.15 -43.64
CA ILE G 136 -33.03 -34.47 -42.39
C ILE G 136 -34.33 -33.77 -41.90
N GLY G 137 -34.76 -34.11 -40.68
CA GLY G 137 -35.86 -33.44 -39.98
C GLY G 137 -35.26 -32.18 -39.39
N MSE G 138 -35.56 -31.03 -40.00
CA MSE G 138 -34.94 -29.76 -39.63
C MSE G 138 -35.73 -29.03 -38.57
O MSE G 138 -36.65 -28.30 -38.92
CB MSE G 138 -34.78 -28.86 -40.89
CG MSE G 138 -33.89 -29.46 -41.98
SE MSE G 138 -31.99 -29.23 -41.59
CE MSE G 138 -31.78 -27.30 -42.13
N VAL G 139 -35.36 -29.18 -37.27
CA VAL G 139 -36.03 -28.38 -36.21
C VAL G 139 -35.36 -27.01 -36.26
N CYS G 140 -35.97 -26.08 -37.02
CA CYS G 140 -35.45 -24.72 -37.30
C CYS G 140 -34.79 -24.10 -36.09
N ILE G 141 -35.51 -24.07 -34.95
CA ILE G 141 -34.97 -23.52 -33.72
C ILE G 141 -35.73 -24.15 -32.56
N TRP G 142 -34.99 -24.72 -31.60
CA TRP G 142 -35.57 -25.33 -30.42
C TRP G 142 -36.39 -24.28 -29.63
N GLY G 143 -37.44 -24.74 -28.97
CA GLY G 143 -38.37 -23.87 -28.25
C GLY G 143 -37.77 -22.96 -27.20
N THR G 144 -36.79 -23.46 -26.41
CA THR G 144 -36.18 -22.69 -25.31
C THR G 144 -35.78 -21.23 -25.71
N PRO G 145 -34.89 -20.94 -26.71
CA PRO G 145 -34.56 -19.53 -27.02
C PRO G 145 -35.77 -18.71 -27.48
N VAL G 146 -36.74 -19.34 -28.16
CA VAL G 146 -37.96 -18.66 -28.64
C VAL G 146 -38.84 -18.26 -27.43
N GLU G 147 -39.01 -19.17 -26.45
CA GLU G 147 -39.74 -18.92 -25.20
C GLU G 147 -39.08 -17.77 -24.40
N GLN G 148 -37.73 -17.66 -24.48
CA GLN G 148 -36.94 -16.62 -23.83
C GLN G 148 -36.94 -15.28 -24.60
N GLY G 149 -37.68 -15.20 -25.71
CA GLY G 149 -37.84 -13.99 -26.52
C GLY G 149 -36.66 -13.66 -27.43
N LEU G 150 -35.82 -14.66 -27.76
CA LEU G 150 -34.61 -14.43 -28.56
C LEU G 150 -34.88 -14.48 -30.07
N MSE G 151 -36.14 -14.75 -30.46
CA MSE G 151 -36.56 -14.68 -31.86
C MSE G 151 -37.96 -14.16 -31.93
O MSE G 151 -38.92 -14.90 -31.68
CB MSE G 151 -36.45 -16.04 -32.59
CG MSE G 151 -36.66 -15.88 -34.12
SE MSE G 151 -36.53 -17.53 -35.13
CE MSE G 151 -38.17 -18.28 -34.61
N ASN G 152 -38.11 -12.87 -32.30
CA ASN G 152 -39.42 -12.25 -32.43
C ASN G 152 -40.01 -12.56 -33.81
N GLU G 153 -41.20 -12.02 -34.11
CA GLU G 153 -41.90 -12.28 -35.38
C GLU G 153 -41.09 -11.84 -36.60
N LYS G 154 -40.50 -10.62 -36.57
CA LYS G 154 -39.70 -10.08 -37.67
C LYS G 154 -38.48 -10.96 -37.92
N GLU G 155 -37.78 -11.33 -36.84
CA GLU G 155 -36.60 -12.20 -36.92
C GLU G 155 -36.95 -13.58 -37.49
N ALA G 156 -38.14 -14.14 -37.12
CA ALA G 156 -38.62 -15.44 -37.59
C ALA G 156 -38.89 -15.41 -39.11
N VAL G 157 -39.43 -14.26 -39.62
CA VAL G 157 -39.68 -14.10 -41.06
C VAL G 157 -38.31 -14.13 -41.82
N ALA G 158 -37.33 -13.35 -41.33
CA ALA G 158 -35.97 -13.33 -41.89
C ALA G 158 -35.29 -14.71 -41.83
N TYR G 159 -35.44 -15.43 -40.69
CA TYR G 159 -34.84 -16.77 -40.52
C TYR G 159 -35.46 -17.76 -41.53
N GLY G 160 -36.78 -17.69 -41.68
CA GLY G 160 -37.54 -18.52 -42.61
C GLY G 160 -37.11 -18.32 -44.04
N LYS G 161 -36.90 -17.05 -44.45
CA LYS G 161 -36.44 -16.72 -45.80
C LYS G 161 -35.02 -17.27 -46.03
N PHE G 162 -34.12 -17.12 -45.04
CA PHE G 162 -32.76 -17.65 -45.10
C PHE G 162 -32.77 -19.16 -45.30
N LEU G 163 -33.52 -19.88 -44.46
CA LEU G 163 -33.60 -21.35 -44.51
C LEU G 163 -34.19 -21.86 -45.81
N ALA G 164 -35.32 -21.27 -46.25
CA ALA G 164 -36.01 -21.69 -47.47
C ALA G 164 -35.13 -21.45 -48.70
N GLU G 165 -34.48 -20.26 -48.83
CA GLU G 165 -33.62 -20.00 -49.98
C GLU G 165 -32.40 -20.92 -49.97
N ARG G 166 -31.85 -21.23 -48.79
CA ARG G 166 -30.65 -22.06 -48.73
C ARG G 166 -30.96 -23.54 -49.00
N TYR G 167 -32.12 -24.03 -48.52
CA TYR G 167 -32.38 -25.48 -48.57
C TYR G 167 -33.57 -25.96 -49.42
N LYS G 168 -34.33 -25.06 -50.08
CA LYS G 168 -35.47 -25.55 -50.88
C LYS G 168 -35.05 -26.55 -51.99
N ASP G 169 -33.82 -26.45 -52.53
CA ASP G 169 -33.38 -27.32 -53.64
C ASP G 169 -32.62 -28.56 -53.15
N GLU G 170 -32.54 -28.74 -51.83
CA GLU G 170 -32.00 -29.97 -51.23
C GLU G 170 -33.17 -30.89 -51.12
N PRO G 171 -33.22 -32.06 -51.82
CA PRO G 171 -34.45 -32.87 -51.78
C PRO G 171 -34.81 -33.49 -50.42
N ASN G 172 -33.80 -33.84 -49.61
CA ASN G 172 -33.98 -34.61 -48.39
C ASN G 172 -34.20 -33.76 -47.12
N ILE G 173 -35.25 -32.94 -47.14
CA ILE G 173 -35.62 -32.05 -46.04
C ILE G 173 -37.08 -32.22 -45.63
N ILE G 174 -37.30 -32.19 -44.29
CA ILE G 174 -38.62 -32.13 -43.67
CA ILE G 174 -38.60 -32.17 -43.61
C ILE G 174 -38.55 -30.98 -42.66
N TRP G 175 -39.41 -29.96 -42.83
CA TRP G 175 -39.38 -28.80 -41.93
C TRP G 175 -40.11 -29.06 -40.62
N MSE G 176 -39.46 -28.78 -39.50
CA MSE G 176 -40.06 -28.98 -38.18
C MSE G 176 -40.09 -27.66 -37.43
O MSE G 176 -39.06 -27.16 -37.00
CB MSE G 176 -39.30 -30.04 -37.40
CG MSE G 176 -39.45 -31.43 -38.01
SE MSE G 176 -38.47 -32.72 -37.02
CE MSE G 176 -39.13 -34.26 -37.98
N ILE G 177 -41.30 -27.11 -37.29
CA ILE G 177 -41.56 -25.87 -36.54
C ILE G 177 -41.67 -26.31 -35.07
N GLY G 178 -41.46 -25.39 -34.15
CA GLY G 178 -41.51 -25.70 -32.73
C GLY G 178 -40.25 -26.38 -32.23
N GLY G 179 -40.41 -27.29 -31.28
CA GLY G 179 -39.29 -27.99 -30.65
C GLY G 179 -39.49 -28.03 -29.15
N ASP G 180 -40.19 -29.09 -28.68
CA ASP G 180 -40.53 -29.36 -27.28
C ASP G 180 -41.22 -28.13 -26.65
N ILE G 181 -42.22 -27.59 -27.35
CA ILE G 181 -42.93 -26.40 -26.87
C ILE G 181 -44.41 -26.52 -27.23
N ARG G 182 -45.29 -25.94 -26.39
CA ARG G 182 -46.71 -25.93 -26.68
C ARG G 182 -46.98 -24.98 -27.83
N GLY G 183 -47.95 -25.33 -28.68
CA GLY G 183 -48.33 -24.52 -29.83
C GLY G 183 -49.00 -23.21 -29.45
N ASP G 184 -49.47 -23.08 -28.20
CA ASP G 184 -50.07 -21.84 -27.71
C ASP G 184 -49.00 -20.94 -27.03
N ASN G 185 -47.72 -21.31 -27.13
CA ASN G 185 -46.59 -20.57 -26.58
C ASN G 185 -45.79 -19.94 -27.74
N LYS G 186 -45.85 -18.60 -27.87
CA LYS G 186 -45.22 -17.79 -28.94
C LYS G 186 -45.76 -18.21 -30.33
N THR G 187 -47.09 -18.48 -30.40
CA THR G 187 -47.78 -18.93 -31.63
C THR G 187 -47.50 -18.02 -32.83
N GLU G 188 -47.51 -16.68 -32.63
CA GLU G 188 -47.28 -15.69 -33.68
C GLU G 188 -45.89 -15.85 -34.30
N VAL G 189 -44.90 -16.18 -33.48
CA VAL G 189 -43.51 -16.39 -33.90
C VAL G 189 -43.46 -17.66 -34.77
N TRP G 190 -44.08 -18.76 -34.30
CA TRP G 190 -44.08 -20.04 -35.01
C TRP G 190 -44.82 -19.93 -36.34
N ASP G 191 -45.97 -19.23 -36.36
CA ASP G 191 -46.74 -19.00 -37.59
C ASP G 191 -45.95 -18.13 -38.58
N ALA G 192 -45.22 -17.10 -38.08
CA ALA G 192 -44.40 -16.23 -38.94
C ALA G 192 -43.26 -17.04 -39.58
N LEU G 193 -42.61 -17.94 -38.80
CA LEU G 193 -41.53 -18.76 -39.32
C LEU G 193 -42.07 -19.73 -40.40
N ALA G 194 -43.15 -20.42 -40.06
CA ALA G 194 -43.78 -21.43 -40.91
C ALA G 194 -44.24 -20.85 -42.25
N ASN G 195 -44.97 -19.73 -42.21
CA ASN G 195 -45.48 -19.08 -43.42
C ASN G 195 -44.35 -18.48 -44.26
N SER G 196 -43.29 -17.96 -43.62
CA SER G 196 -42.12 -17.44 -44.34
C SER G 196 -41.45 -18.55 -45.17
N ILE G 197 -41.22 -19.74 -44.60
CA ILE G 197 -40.60 -20.87 -45.32
C ILE G 197 -41.54 -21.33 -46.44
N ARG G 198 -42.80 -21.51 -46.10
CA ARG G 198 -43.84 -21.98 -47.00
C ARG G 198 -44.01 -21.08 -48.23
N SER G 199 -43.81 -19.75 -48.08
CA SER G 199 -43.91 -18.80 -49.20
C SER G 199 -42.83 -19.03 -50.27
N ILE G 200 -41.68 -19.64 -49.90
CA ILE G 200 -40.56 -19.87 -50.82
C ILE G 200 -40.40 -21.35 -51.15
N ASP G 201 -40.42 -22.22 -50.11
CA ASP G 201 -40.21 -23.67 -50.28
C ASP G 201 -41.53 -24.39 -50.51
N LYS G 202 -41.77 -24.78 -51.78
CA LYS G 202 -42.96 -25.49 -52.24
C LYS G 202 -42.68 -26.98 -52.45
N GLY G 203 -41.48 -27.42 -52.12
CA GLY G 203 -41.05 -28.80 -52.35
C GLY G 203 -40.80 -29.68 -51.16
N HIS G 204 -41.12 -29.23 -49.93
CA HIS G 204 -40.92 -30.03 -48.72
C HIS G 204 -42.14 -30.02 -47.83
N LEU G 205 -42.36 -31.11 -47.08
CA LEU G 205 -43.45 -31.17 -46.10
C LEU G 205 -43.01 -30.45 -44.82
N MSE G 206 -44.00 -30.03 -44.02
CA MSE G 206 -43.78 -29.28 -42.80
C MSE G 206 -44.69 -29.79 -41.68
O MSE G 206 -45.82 -30.19 -41.93
CB MSE G 206 -44.06 -27.78 -43.05
CG MSE G 206 -43.73 -26.87 -41.87
SE MSE G 206 -43.98 -25.01 -42.36
CE MSE G 206 -42.48 -24.88 -43.57
N THR G 207 -44.19 -29.69 -40.43
CA THR G 207 -44.93 -30.12 -39.25
C THR G 207 -44.49 -29.28 -38.01
N PHE G 208 -44.92 -29.69 -36.82
CA PHE G 208 -44.61 -29.01 -35.56
C PHE G 208 -44.24 -30.03 -34.51
N HIS G 209 -43.11 -29.80 -33.81
CA HIS G 209 -42.62 -30.66 -32.72
C HIS G 209 -43.13 -30.09 -31.40
N PRO G 210 -44.06 -30.77 -30.71
CA PRO G 210 -44.66 -30.19 -29.50
C PRO G 210 -44.04 -30.68 -28.19
N ARG G 211 -44.52 -30.08 -27.10
CA ARG G 211 -44.14 -30.36 -25.72
CA ARG G 211 -44.13 -30.36 -25.72
C ARG G 211 -44.52 -31.81 -25.34
N GLY G 212 -43.82 -32.40 -24.36
CA GLY G 212 -44.12 -33.74 -23.89
C GLY G 212 -45.56 -33.85 -23.44
N ARG G 213 -46.22 -34.98 -23.78
CA ARG G 213 -47.61 -35.32 -23.45
C ARG G 213 -48.61 -34.46 -24.23
N THR G 214 -48.19 -33.88 -25.37
CA THR G 214 -49.06 -33.06 -26.22
C THR G 214 -48.88 -33.47 -27.69
N THR G 215 -49.86 -33.09 -28.54
CA THR G 215 -49.84 -33.35 -29.98
C THR G 215 -49.98 -32.01 -30.68
N SER G 216 -49.30 -31.84 -31.84
CA SER G 216 -49.42 -30.62 -32.63
C SER G 216 -50.89 -30.43 -33.13
N ALA G 217 -51.67 -31.54 -33.21
CA ALA G 217 -53.08 -31.53 -33.65
C ALA G 217 -53.95 -30.65 -32.76
N THR G 218 -53.57 -30.47 -31.48
CA THR G 218 -54.31 -29.64 -30.52
C THR G 218 -54.39 -28.18 -30.99
N TRP G 219 -53.32 -27.67 -31.61
CA TRP G 219 -53.31 -26.26 -32.01
C TRP G 219 -53.29 -26.02 -33.51
N PHE G 220 -52.68 -26.93 -34.30
CA PHE G 220 -52.41 -26.64 -35.70
C PHE G 220 -52.98 -27.62 -36.73
N ASN G 221 -53.96 -28.44 -36.38
CA ASN G 221 -54.54 -29.38 -37.34
C ASN G 221 -55.12 -28.67 -38.59
N ASP G 222 -55.62 -27.44 -38.42
CA ASP G 222 -56.24 -26.65 -39.47
C ASP G 222 -55.25 -25.72 -40.19
N ARG G 223 -53.97 -25.68 -39.76
CA ARG G 223 -52.98 -24.82 -40.42
C ARG G 223 -52.64 -25.36 -41.80
N GLU G 224 -52.70 -24.48 -42.82
CA GLU G 224 -52.34 -24.84 -44.20
C GLU G 224 -50.85 -25.17 -44.30
N TRP G 225 -50.00 -24.62 -43.40
CA TRP G 225 -48.56 -24.92 -43.43
C TRP G 225 -48.24 -26.30 -42.83
N LEU G 226 -49.16 -26.88 -42.04
CA LEU G 226 -48.95 -28.17 -41.40
C LEU G 226 -49.46 -29.30 -42.28
N ASP G 227 -48.54 -30.13 -42.81
CA ASP G 227 -48.94 -31.26 -43.67
C ASP G 227 -49.38 -32.46 -42.86
N PHE G 228 -48.72 -32.70 -41.72
CA PHE G 228 -49.03 -33.83 -40.85
C PHE G 228 -48.73 -33.44 -39.41
N ASN G 229 -49.30 -34.20 -38.46
CA ASN G 229 -49.09 -33.95 -37.05
C ASN G 229 -48.02 -34.81 -36.42
N MSE G 230 -47.47 -34.31 -35.30
CA MSE G 230 -46.52 -35.06 -34.51
C MSE G 230 -46.84 -34.89 -33.05
O MSE G 230 -47.30 -33.81 -32.64
CB MSE G 230 -45.03 -34.65 -34.77
CG MSE G 230 -44.60 -34.74 -36.25
SE MSE G 230 -42.68 -34.73 -36.45
CE MSE G 230 -42.19 -33.14 -35.42
N PHE G 231 -46.55 -35.92 -32.25
CA PHE G 231 -46.73 -35.81 -30.80
C PHE G 231 -45.46 -36.28 -30.11
N GLN G 232 -45.36 -35.99 -28.81
CA GLN G 232 -44.24 -36.43 -27.98
C GLN G 232 -44.82 -37.21 -26.81
N SER G 233 -44.66 -38.54 -26.81
CA SER G 233 -45.21 -39.35 -25.71
C SER G 233 -44.20 -39.52 -24.57
N GLY G 234 -42.90 -39.34 -24.86
CA GLY G 234 -41.85 -39.45 -23.85
C GLY G 234 -42.03 -38.39 -22.77
N HIS G 235 -41.46 -38.58 -21.57
CA HIS G 235 -40.64 -39.72 -21.13
C HIS G 235 -41.07 -40.18 -19.73
N ARG G 236 -42.29 -39.76 -19.32
CA ARG G 236 -42.81 -40.13 -18.01
C ARG G 236 -43.44 -41.51 -18.02
N ARG G 237 -43.32 -42.22 -16.89
CA ARG G 237 -43.94 -43.54 -16.69
C ARG G 237 -45.36 -43.37 -16.13
N TYR G 238 -46.15 -44.47 -16.06
CA TYR G 238 -47.47 -44.46 -15.45
C TYR G 238 -47.40 -43.85 -14.01
N GLY G 239 -48.33 -42.95 -13.73
CA GLY G 239 -48.48 -42.34 -12.41
C GLY G 239 -47.41 -41.35 -12.00
N GLN G 240 -46.69 -40.76 -12.96
CA GLN G 240 -45.63 -39.80 -12.66
C GLN G 240 -46.08 -38.32 -12.89
N ARG G 241 -47.29 -37.93 -12.44
CA ARG G 241 -47.78 -36.54 -12.58
C ARG G 241 -46.95 -35.62 -11.67
N ASN G 242 -46.57 -36.13 -10.48
CA ASN G 242 -45.72 -35.53 -9.44
C ASN G 242 -46.16 -34.09 -9.06
N GLY G 243 -47.46 -33.93 -8.85
CA GLY G 243 -48.08 -32.68 -8.42
C GLY G 243 -48.10 -31.55 -9.43
N ASP G 244 -48.09 -31.87 -10.74
CA ASP G 244 -48.16 -30.86 -11.81
C ASP G 244 -49.56 -30.24 -11.88
N GLY G 245 -49.61 -28.92 -12.03
CA GLY G 245 -50.82 -28.11 -12.08
C GLY G 245 -51.85 -28.45 -13.15
N ASP G 246 -51.49 -28.31 -14.44
CA ASP G 246 -52.42 -28.55 -15.55
C ASP G 246 -51.93 -29.67 -16.50
N TYR G 247 -52.12 -30.94 -16.10
CA TYR G 247 -51.70 -32.12 -16.86
C TYR G 247 -52.51 -32.24 -18.17
N PRO G 248 -51.85 -32.34 -19.35
CA PRO G 248 -52.62 -32.40 -20.62
C PRO G 248 -53.21 -33.78 -20.92
N ILE G 249 -52.97 -34.76 -20.03
CA ILE G 249 -53.48 -36.12 -20.22
C ILE G 249 -54.12 -36.64 -18.93
N GLU G 250 -54.97 -37.66 -19.07
CA GLU G 250 -55.64 -38.37 -17.97
C GLU G 250 -54.59 -39.06 -17.08
N GLU G 251 -54.79 -39.06 -15.75
CA GLU G 251 -53.87 -39.69 -14.81
C GLU G 251 -53.73 -41.20 -15.07
N ASN G 252 -52.50 -41.71 -14.89
CA ASN G 252 -52.12 -43.12 -15.04
C ASN G 252 -52.28 -43.64 -16.48
N THR G 253 -52.08 -42.77 -17.49
CA THR G 253 -52.15 -43.17 -18.91
C THR G 253 -50.88 -42.79 -19.68
N GLU G 254 -49.82 -42.33 -18.98
CA GLU G 254 -48.57 -41.84 -19.56
C GLU G 254 -47.98 -42.73 -20.63
N GLU G 255 -47.94 -44.05 -20.40
CA GLU G 255 -47.32 -44.99 -21.32
C GLU G 255 -48.23 -45.46 -22.46
N ASP G 256 -49.48 -45.03 -22.48
CA ASP G 256 -50.42 -45.40 -23.55
C ASP G 256 -50.30 -44.40 -24.69
N ASN G 257 -49.16 -44.44 -25.43
CA ASN G 257 -48.91 -43.49 -26.52
C ASN G 257 -49.90 -43.67 -27.69
N TRP G 258 -50.62 -44.82 -27.76
CA TRP G 258 -51.70 -45.07 -28.72
C TRP G 258 -52.85 -44.05 -28.50
N ARG G 259 -52.99 -43.51 -27.26
CA ARG G 259 -54.05 -42.50 -26.95
C ARG G 259 -53.80 -41.19 -27.72
N PHE G 260 -52.52 -40.82 -27.97
CA PHE G 260 -52.20 -39.60 -28.71
C PHE G 260 -52.55 -39.72 -30.17
N VAL G 261 -52.45 -40.95 -30.72
CA VAL G 261 -52.81 -41.23 -32.12
C VAL G 261 -54.33 -40.98 -32.27
N GLU G 262 -55.14 -41.56 -31.36
CA GLU G 262 -56.60 -41.42 -31.31
C GLU G 262 -57.00 -39.95 -31.22
N ALA G 263 -56.40 -39.22 -30.26
CA ALA G 263 -56.70 -37.80 -30.00
C ALA G 263 -56.40 -36.94 -31.23
N SER G 264 -55.29 -37.21 -31.93
CA SER G 264 -54.85 -36.47 -33.11
C SER G 264 -55.78 -36.73 -34.31
N GLN G 265 -56.17 -38.01 -34.52
CA GLN G 265 -57.00 -38.45 -35.64
C GLN G 265 -58.49 -38.17 -35.43
N ALA G 266 -58.90 -37.75 -34.20
CA ALA G 266 -60.30 -37.37 -33.95
C ALA G 266 -60.59 -36.01 -34.59
N LYS G 267 -59.53 -35.23 -34.84
CA LYS G 267 -59.57 -33.89 -35.43
C LYS G 267 -59.77 -33.96 -36.95
N THR G 268 -60.83 -33.29 -37.43
CA THR G 268 -61.22 -33.18 -38.84
C THR G 268 -60.77 -31.78 -39.35
N PRO G 269 -60.13 -31.64 -40.54
CA PRO G 269 -59.76 -32.67 -41.53
C PRO G 269 -58.69 -33.64 -41.04
N LEU G 270 -58.77 -34.91 -41.47
CA LEU G 270 -57.83 -35.95 -41.06
C LEU G 270 -56.48 -35.72 -41.71
N LYS G 271 -55.43 -35.76 -40.87
CA LYS G 271 -54.03 -35.61 -41.29
C LYS G 271 -53.21 -36.73 -40.67
N PRO G 272 -52.10 -37.15 -41.35
CA PRO G 272 -51.24 -38.21 -40.77
C PRO G 272 -50.66 -37.78 -39.43
N VAL G 273 -50.33 -38.75 -38.59
CA VAL G 273 -49.74 -38.48 -37.27
C VAL G 273 -48.58 -39.48 -37.00
N ILE G 274 -47.62 -39.07 -36.16
CA ILE G 274 -46.47 -39.89 -35.78
C ILE G 274 -45.98 -39.52 -34.38
N ASP G 275 -45.48 -40.53 -33.64
CA ASP G 275 -44.82 -40.30 -32.36
C ASP G 275 -43.39 -39.91 -32.74
N ASP G 276 -43.11 -38.59 -32.73
CA ASP G 276 -41.78 -38.11 -33.11
C ASP G 276 -40.82 -38.10 -31.93
N GLU G 277 -41.35 -38.30 -30.72
CA GLU G 277 -40.49 -38.37 -29.55
C GLU G 277 -41.09 -39.27 -28.47
N PRO G 278 -40.95 -40.60 -28.64
CA PRO G 278 -41.38 -41.51 -27.57
C PRO G 278 -40.28 -41.49 -26.49
N ILE G 279 -40.37 -42.40 -25.52
CA ILE G 279 -39.29 -42.62 -24.55
C ILE G 279 -37.97 -42.88 -25.30
N TYR G 280 -36.86 -42.45 -24.71
CA TYR G 280 -35.56 -42.71 -25.31
C TYR G 280 -34.92 -43.91 -24.61
N GLU G 281 -34.26 -44.77 -25.39
CA GLU G 281 -33.54 -45.91 -24.84
C GLU G 281 -32.47 -45.35 -23.84
N ASP G 282 -32.47 -45.93 -22.62
CA ASP G 282 -31.55 -45.63 -21.49
CA ASP G 282 -31.59 -45.65 -21.46
C ASP G 282 -31.87 -44.28 -20.79
N ILE G 283 -32.93 -43.55 -21.19
CA ILE G 283 -33.21 -42.28 -20.49
C ILE G 283 -33.97 -42.60 -19.16
N PRO G 284 -33.73 -41.90 -18.04
CA PRO G 284 -34.50 -42.20 -16.82
C PRO G 284 -36.00 -41.94 -17.01
N GLN G 285 -36.82 -42.76 -16.36
CA GLN G 285 -38.28 -42.56 -16.36
C GLN G 285 -38.56 -41.21 -15.66
N GLY G 286 -39.12 -40.26 -16.41
CA GLY G 286 -39.35 -38.92 -15.88
C GLY G 286 -38.17 -37.97 -16.01
N LEU G 287 -37.10 -38.38 -16.73
CA LEU G 287 -35.89 -37.64 -17.14
C LEU G 287 -34.90 -37.14 -16.07
N HIS G 288 -35.40 -36.45 -15.04
CA HIS G 288 -34.60 -35.66 -14.12
C HIS G 288 -33.89 -36.42 -12.97
N ASP G 289 -34.35 -37.60 -12.58
CA ASP G 289 -33.64 -38.35 -11.53
C ASP G 289 -32.70 -39.38 -12.21
N PRO G 290 -31.36 -39.18 -12.15
CA PRO G 290 -30.45 -40.13 -12.84
C PRO G 290 -30.39 -41.52 -12.21
N ASN G 291 -30.92 -41.66 -10.98
CA ASN G 291 -30.94 -42.94 -10.27
C ASN G 291 -32.27 -43.67 -10.50
N GLU G 292 -33.16 -43.09 -11.31
CA GLU G 292 -34.44 -43.73 -11.57
C GLU G 292 -34.28 -44.92 -12.52
N THR G 293 -35.29 -45.79 -12.59
CA THR G 293 -35.35 -46.88 -13.56
C THR G 293 -35.19 -46.25 -14.95
N ARG G 294 -34.38 -46.88 -15.82
CA ARG G 294 -34.21 -46.37 -17.18
C ARG G 294 -35.11 -47.14 -18.15
N TRP G 295 -35.62 -46.45 -19.17
CA TRP G 295 -36.36 -47.08 -20.25
C TRP G 295 -35.40 -48.01 -21.00
N ASN G 296 -35.89 -49.19 -21.42
CA ASN G 296 -35.02 -50.17 -22.06
C ASN G 296 -35.53 -50.55 -23.45
N GLN G 297 -34.83 -51.50 -24.12
CA GLN G 297 -35.19 -51.97 -25.47
C GLN G 297 -36.64 -52.46 -25.58
N HIS G 298 -37.16 -53.17 -24.54
CA HIS G 298 -38.52 -53.74 -24.55
C HIS G 298 -39.55 -52.62 -24.54
N ASP G 299 -39.31 -51.60 -23.71
CA ASP G 299 -40.16 -50.41 -23.67
C ASP G 299 -40.15 -49.66 -25.01
N VAL G 300 -38.96 -49.54 -25.62
CA VAL G 300 -38.76 -48.84 -26.91
C VAL G 300 -39.59 -49.52 -28.02
N ARG G 301 -39.56 -50.87 -28.09
CA ARG G 301 -40.36 -51.61 -29.06
C ARG G 301 -41.84 -51.43 -28.77
N ARG G 302 -42.25 -51.49 -27.49
CA ARG G 302 -43.67 -51.34 -27.11
C ARG G 302 -44.23 -49.99 -27.63
N TYR G 303 -43.51 -48.86 -27.38
CA TYR G 303 -43.96 -47.55 -27.87
C TYR G 303 -44.05 -47.51 -29.38
N ALA G 304 -43.07 -48.10 -30.08
CA ALA G 304 -42.99 -48.13 -31.54
C ALA G 304 -44.21 -48.84 -32.14
N TYR G 305 -44.48 -50.08 -31.72
CA TYR G 305 -45.60 -50.86 -32.26
C TYR G 305 -46.95 -50.29 -31.81
N TRP G 306 -47.04 -49.80 -30.57
CA TRP G 306 -48.30 -49.22 -30.09
C TRP G 306 -48.67 -47.96 -30.90
N SER G 307 -47.70 -47.09 -31.20
CA SER G 307 -48.00 -45.91 -31.99
C SER G 307 -48.41 -46.28 -33.44
N VAL G 308 -47.61 -47.12 -34.12
CA VAL G 308 -47.90 -47.48 -35.51
C VAL G 308 -49.23 -48.27 -35.64
N PHE G 309 -49.47 -49.25 -34.76
CA PHE G 309 -50.67 -50.09 -34.84
C PHE G 309 -51.92 -49.32 -34.43
N ALA G 310 -51.75 -48.17 -33.75
CA ALA G 310 -52.87 -47.27 -33.42
C ALA G 310 -53.22 -46.38 -34.63
N GLY G 311 -52.33 -46.30 -35.61
CA GLY G 311 -52.59 -45.53 -36.81
C GLY G 311 -51.51 -44.59 -37.30
N SER G 312 -50.38 -44.48 -36.58
CA SER G 312 -49.28 -43.60 -37.00
C SER G 312 -48.69 -44.08 -38.34
N PHE G 313 -48.21 -43.14 -39.18
CA PHE G 313 -47.69 -43.46 -40.53
C PHE G 313 -46.22 -43.98 -40.52
N GLY G 314 -45.57 -43.86 -39.38
CA GLY G 314 -44.21 -44.31 -39.17
C GLY G 314 -43.87 -44.17 -37.71
N HIS G 315 -42.56 -44.14 -37.38
CA HIS G 315 -42.12 -43.97 -35.99
C HIS G 315 -40.72 -43.40 -35.93
N SER G 316 -40.49 -42.54 -34.93
CA SER G 316 -39.18 -41.98 -34.65
C SER G 316 -38.68 -42.59 -33.36
N TYR G 317 -37.44 -43.05 -33.37
CA TYR G 317 -36.76 -43.62 -32.22
C TYR G 317 -35.79 -42.56 -31.67
N GLY G 318 -35.43 -42.69 -30.41
CA GLY G 318 -34.39 -41.89 -29.76
C GLY G 318 -33.64 -42.70 -28.72
N HIS G 319 -32.36 -42.39 -28.51
CA HIS G 319 -31.47 -42.97 -27.49
C HIS G 319 -30.91 -41.80 -26.67
N ASN G 320 -30.93 -41.90 -25.34
CA ASN G 320 -30.40 -40.83 -24.46
C ASN G 320 -28.95 -40.38 -24.83
N ASP G 321 -28.07 -41.36 -25.12
CA ASP G 321 -26.65 -41.09 -25.41
C ASP G 321 -26.40 -40.59 -26.82
N ILE G 322 -27.25 -41.01 -27.78
CA ILE G 322 -27.07 -40.58 -29.17
C ILE G 322 -27.60 -39.16 -29.39
N MSE G 323 -28.85 -38.88 -28.95
CA MSE G 323 -29.50 -37.58 -29.24
C MSE G 323 -28.66 -36.39 -28.75
O MSE G 323 -28.74 -35.31 -29.34
CB MSE G 323 -30.95 -37.52 -28.71
CG MSE G 323 -31.09 -37.65 -27.18
SE MSE G 323 -31.06 -35.90 -26.31
CE MSE G 323 -31.59 -36.46 -24.54
N GLN G 324 -27.84 -36.60 -27.72
CA GLN G 324 -26.98 -35.54 -27.20
C GLN G 324 -25.49 -35.79 -27.58
N PHE G 325 -25.21 -36.89 -28.35
CA PHE G 325 -23.83 -37.26 -28.77
C PHE G 325 -22.86 -37.19 -27.59
N ILE G 326 -23.20 -37.91 -26.51
CA ILE G 326 -22.38 -37.93 -25.30
C ILE G 326 -21.09 -38.71 -25.55
N ARG G 327 -20.03 -38.29 -24.84
CA ARG G 327 -18.71 -38.92 -24.89
CA ARG G 327 -18.72 -38.92 -24.88
C ARG G 327 -18.00 -38.60 -23.57
N PRO G 328 -16.93 -39.36 -23.19
CA PRO G 328 -16.26 -39.04 -21.92
C PRO G 328 -15.85 -37.56 -21.83
N GLY G 329 -16.22 -36.93 -20.73
CA GLY G 329 -15.83 -35.55 -20.46
C GLY G 329 -16.76 -34.48 -20.99
N TYR G 330 -17.92 -34.88 -21.59
CA TYR G 330 -18.86 -33.89 -22.12
C TYR G 330 -20.00 -33.67 -21.17
N GLY G 331 -20.49 -32.43 -21.12
CA GLY G 331 -21.64 -32.04 -20.31
C GLY G 331 -22.85 -32.86 -20.70
N ALA G 332 -23.50 -33.46 -19.70
CA ALA G 332 -24.58 -34.39 -19.94
C ALA G 332 -25.95 -33.90 -19.46
N SER G 333 -27.00 -34.42 -20.12
CA SER G 333 -28.38 -34.21 -19.73
C SER G 333 -28.98 -35.55 -19.38
N PHE G 334 -29.89 -35.55 -18.42
CA PHE G 334 -30.73 -36.72 -18.07
C PHE G 334 -29.95 -38.02 -17.78
N GLY G 335 -28.94 -37.92 -16.92
CA GLY G 335 -28.21 -39.08 -16.45
C GLY G 335 -27.34 -39.82 -17.44
N ALA G 336 -26.99 -39.18 -18.58
CA ALA G 336 -26.05 -39.81 -19.53
C ALA G 336 -24.64 -39.66 -18.94
N ASP G 337 -23.73 -40.58 -19.28
CA ASP G 337 -22.37 -40.56 -18.74
C ASP G 337 -21.47 -41.14 -19.78
N GLY G 338 -20.78 -40.24 -20.50
CA GLY G 338 -19.91 -40.60 -21.61
C GLY G 338 -18.88 -41.69 -21.32
N ARG G 339 -18.42 -41.75 -20.04
CA ARG G 339 -17.43 -42.73 -19.54
CA ARG G 339 -17.42 -42.73 -19.59
C ARG G 339 -18.03 -44.13 -19.54
N LYS G 340 -19.33 -44.23 -19.21
CA LYS G 340 -20.04 -45.53 -19.13
CA LYS G 340 -20.05 -45.52 -19.14
C LYS G 340 -20.51 -45.97 -20.53
N LYS G 341 -21.02 -45.01 -21.34
CA LYS G 341 -21.50 -45.30 -22.69
C LYS G 341 -21.45 -44.02 -23.50
N ALA G 342 -20.68 -44.03 -24.60
CA ALA G 342 -20.57 -42.89 -25.51
C ALA G 342 -21.59 -43.08 -26.65
N TRP G 343 -21.85 -42.06 -27.47
CA TRP G 343 -22.80 -42.21 -28.59
C TRP G 343 -22.38 -43.34 -29.55
N TRP G 344 -21.06 -43.53 -29.77
CA TRP G 344 -20.58 -44.57 -30.69
C TRP G 344 -20.88 -45.99 -30.14
N ASP G 345 -20.99 -46.14 -28.80
CA ASP G 345 -21.36 -47.42 -28.19
C ASP G 345 -22.85 -47.64 -28.29
N ALA G 346 -23.64 -46.56 -28.08
CA ALA G 346 -25.12 -46.62 -28.09
C ALA G 346 -25.67 -47.04 -29.46
N LEU G 347 -24.88 -46.81 -30.54
CA LEU G 347 -25.29 -47.23 -31.89
C LEU G 347 -25.36 -48.76 -32.00
N GLU G 348 -24.78 -49.47 -31.00
CA GLU G 348 -24.75 -50.94 -30.97
C GLU G 348 -25.83 -51.50 -30.04
N ASP G 349 -26.59 -50.61 -29.39
CA ASP G 349 -27.62 -51.03 -28.43
C ASP G 349 -28.83 -51.71 -29.13
N PRO G 350 -29.54 -52.61 -28.40
CA PRO G 350 -30.63 -53.39 -29.03
C PRO G 350 -31.77 -52.59 -29.63
N GLY G 351 -32.35 -51.63 -28.90
CA GLY G 351 -33.50 -50.87 -29.42
C GLY G 351 -33.21 -50.17 -30.74
N PHE G 352 -32.02 -49.49 -30.83
CA PHE G 352 -31.61 -48.78 -32.05
C PHE G 352 -31.64 -49.74 -33.26
N ASN G 353 -31.20 -50.98 -33.02
CA ASN G 353 -31.05 -52.00 -34.05
C ASN G 353 -32.30 -52.89 -34.23
N GLN G 354 -33.41 -52.56 -33.60
CA GLN G 354 -34.66 -53.35 -33.70
C GLN G 354 -35.74 -52.62 -34.48
N MSE G 355 -35.60 -51.29 -34.64
CA MSE G 355 -36.61 -50.46 -35.34
C MSE G 355 -36.80 -50.94 -36.80
O MSE G 355 -37.92 -50.89 -37.30
CB MSE G 355 -36.23 -48.99 -35.28
CG MSE G 355 -36.21 -48.43 -33.83
SE MSE G 355 -38.00 -48.53 -32.98
CE MSE G 355 -37.89 -50.24 -31.99
N LYS G 356 -35.73 -51.48 -37.42
CA LYS G 356 -35.80 -52.00 -38.80
C LYS G 356 -36.85 -53.12 -38.97
N TYR G 357 -37.09 -53.92 -37.91
CA TYR G 357 -38.08 -55.01 -37.97
C TYR G 357 -39.49 -54.45 -38.05
N LEU G 358 -39.74 -53.25 -37.48
CA LEU G 358 -41.05 -52.60 -37.55
C LEU G 358 -41.29 -52.07 -38.96
N LYS G 359 -40.30 -51.31 -39.50
CA LYS G 359 -40.37 -50.77 -40.87
C LYS G 359 -40.57 -51.91 -41.90
N ASN G 360 -39.72 -52.95 -41.85
CA ASN G 360 -39.79 -54.06 -42.79
C ASN G 360 -41.16 -54.77 -42.77
N LEU G 361 -41.73 -54.95 -41.55
CA LEU G 361 -43.03 -55.59 -41.41
C LEU G 361 -44.13 -54.77 -42.13
N MSE G 362 -44.19 -53.45 -41.87
CA MSE G 362 -45.23 -52.59 -42.43
C MSE G 362 -45.16 -52.52 -43.97
O MSE G 362 -46.21 -52.52 -44.63
CB MSE G 362 -45.17 -51.18 -41.80
CG MSE G 362 -45.27 -51.20 -40.27
SE MSE G 362 -46.54 -52.46 -39.48
CE MSE G 362 -48.15 -51.59 -39.99
N LEU G 363 -43.94 -52.52 -44.52
CA LEU G 363 -43.74 -52.45 -45.98
C LEU G 363 -44.01 -53.79 -46.70
N THR G 364 -44.27 -54.88 -45.95
CA THR G 364 -44.56 -56.21 -46.55
C THR G 364 -46.03 -56.31 -47.00
N PHE G 365 -46.91 -55.45 -46.46
CA PHE G 365 -48.35 -55.54 -46.74
C PHE G 365 -48.94 -54.32 -47.46
N PRO G 366 -50.13 -54.47 -48.14
CA PRO G 366 -50.78 -53.30 -48.78
C PRO G 366 -50.81 -52.13 -47.80
N PHE G 367 -50.14 -51.06 -48.18
CA PHE G 367 -49.81 -49.95 -47.30
C PHE G 367 -50.92 -48.94 -47.01
N PHE G 368 -51.56 -48.39 -48.05
CA PHE G 368 -52.49 -47.25 -47.87
C PHE G 368 -53.88 -47.61 -47.37
N GLU G 369 -54.32 -48.87 -47.53
CA GLU G 369 -55.65 -49.25 -47.02
C GLU G 369 -55.61 -49.66 -45.54
N ARG G 370 -54.42 -49.64 -44.91
CA ARG G 370 -54.28 -50.03 -43.51
C ARG G 370 -55.05 -49.07 -42.59
N VAL G 371 -55.75 -49.65 -41.60
CA VAL G 371 -56.49 -48.92 -40.60
C VAL G 371 -56.24 -49.53 -39.22
N PRO G 372 -56.26 -48.73 -38.12
CA PRO G 372 -56.25 -49.36 -36.80
C PRO G 372 -57.62 -50.00 -36.58
N ASP G 373 -57.70 -51.16 -35.91
CA ASP G 373 -59.02 -51.77 -35.68
C ASP G 373 -58.99 -52.69 -34.46
N GLN G 374 -59.40 -52.16 -33.30
CA GLN G 374 -59.42 -52.92 -32.05
C GLN G 374 -60.51 -54.00 -32.02
N SER G 375 -61.50 -53.95 -32.95
CA SER G 375 -62.56 -54.96 -33.04
C SER G 375 -62.02 -56.30 -33.55
N VAL G 376 -60.78 -56.32 -34.09
CA VAL G 376 -60.06 -57.54 -34.49
C VAL G 376 -59.81 -58.39 -33.21
N ILE G 377 -59.69 -57.70 -32.06
CA ILE G 377 -59.46 -58.36 -30.78
C ILE G 377 -60.83 -58.67 -30.16
N ALA G 378 -61.18 -59.95 -30.09
CA ALA G 378 -62.45 -60.40 -29.51
C ALA G 378 -62.28 -60.66 -28.01
N GLY G 379 -63.37 -60.95 -27.31
CA GLY G 379 -63.38 -61.21 -25.87
C GLY G 379 -62.99 -59.96 -25.08
N THR G 380 -62.27 -60.17 -23.97
CA THR G 380 -61.86 -59.06 -23.11
C THR G 380 -60.37 -58.84 -23.31
N ASN G 381 -60.01 -57.65 -23.81
CA ASN G 381 -58.61 -57.29 -24.02
C ASN G 381 -57.97 -56.97 -22.67
N GLY G 382 -56.65 -57.09 -22.58
CA GLY G 382 -55.94 -56.80 -21.35
C GLY G 382 -55.74 -55.31 -21.14
N GLU G 383 -55.30 -54.94 -19.94
CA GLU G 383 -55.03 -53.54 -19.58
C GLU G 383 -53.54 -53.29 -19.54
N ARG G 384 -53.15 -52.00 -19.69
CA ARG G 384 -51.76 -51.54 -19.67
C ARG G 384 -50.89 -52.36 -20.65
N TYR G 385 -49.85 -53.07 -20.18
CA TYR G 385 -48.95 -53.82 -21.08
C TYR G 385 -49.64 -55.04 -21.71
N ASP G 386 -50.78 -55.49 -21.16
CA ASP G 386 -51.57 -56.62 -21.69
C ASP G 386 -52.57 -56.18 -22.77
N ARG G 387 -52.62 -54.87 -23.08
CA ARG G 387 -53.51 -54.39 -24.13
C ARG G 387 -52.92 -54.73 -25.51
N ALA G 388 -53.47 -55.78 -26.14
CA ALA G 388 -53.08 -56.19 -27.49
C ALA G 388 -53.59 -55.11 -28.42
N ILE G 389 -52.86 -54.84 -29.49
CA ILE G 389 -53.23 -53.75 -30.39
C ILE G 389 -53.26 -54.29 -31.81
N ALA G 390 -54.33 -53.97 -32.54
CA ALA G 390 -54.53 -54.52 -33.89
C ALA G 390 -54.69 -53.47 -34.97
N THR G 391 -54.18 -53.81 -36.15
CA THR G 391 -54.27 -53.01 -37.37
C THR G 391 -54.49 -53.98 -38.52
N ARG G 392 -55.18 -53.54 -39.58
CA ARG G 392 -55.51 -54.42 -40.70
C ARG G 392 -55.72 -53.65 -42.01
N GLY G 393 -55.64 -54.40 -43.10
CA GLY G 393 -56.01 -53.94 -44.43
C GLY G 393 -57.30 -54.69 -44.75
N ASN G 394 -57.52 -55.01 -46.02
CA ASN G 394 -58.71 -55.75 -46.40
C ASN G 394 -58.49 -57.26 -46.36
N ASP G 395 -57.24 -57.72 -46.54
CA ASP G 395 -56.92 -59.15 -46.64
C ASP G 395 -55.79 -59.60 -45.68
N TYR G 396 -55.43 -58.73 -44.72
CA TYR G 396 -54.41 -59.04 -43.73
C TYR G 396 -54.69 -58.30 -42.43
N LEU G 397 -54.24 -58.87 -41.31
CA LEU G 397 -54.34 -58.20 -40.01
C LEU G 397 -53.05 -58.48 -39.23
N LEU G 398 -52.66 -57.52 -38.38
CA LEU G 398 -51.46 -57.57 -37.56
C LEU G 398 -51.85 -57.26 -36.12
N VAL G 399 -51.50 -58.15 -35.19
CA VAL G 399 -51.81 -57.94 -33.78
C VAL G 399 -50.51 -57.98 -32.96
N TYR G 400 -50.10 -56.82 -32.41
CA TYR G 400 -48.93 -56.75 -31.56
C TYR G 400 -49.35 -57.04 -30.12
N ASN G 401 -48.73 -58.05 -29.52
CA ASN G 401 -49.03 -58.46 -28.15
C ASN G 401 -47.72 -58.36 -27.34
N TYR G 402 -47.54 -57.24 -26.64
CA TYR G 402 -46.34 -57.00 -25.85
C TYR G 402 -46.12 -58.07 -24.76
N SER G 403 -47.17 -58.38 -24.00
CA SER G 403 -47.03 -59.25 -22.84
C SER G 403 -47.00 -60.76 -23.15
N GLY G 404 -47.77 -61.20 -24.14
CA GLY G 404 -47.91 -62.62 -24.44
C GLY G 404 -49.18 -63.20 -23.86
N ARG G 405 -50.01 -62.34 -23.20
CA ARG G 405 -51.31 -62.78 -22.66
C ARG G 405 -52.14 -63.47 -23.77
N PRO G 406 -52.80 -64.66 -23.53
CA PRO G 406 -53.59 -65.29 -24.59
C PRO G 406 -54.62 -64.34 -25.18
N MSE G 407 -54.86 -64.47 -26.52
CA MSE G 407 -55.77 -63.60 -27.25
C MSE G 407 -56.83 -64.37 -27.98
O MSE G 407 -56.57 -65.48 -28.41
CB MSE G 407 -55.02 -62.79 -28.33
CG MSE G 407 -53.84 -62.02 -27.85
SE MSE G 407 -53.05 -61.15 -29.36
CE MSE G 407 -52.24 -62.59 -30.30
N GLN G 408 -57.97 -63.72 -28.21
CA GLN G 408 -59.06 -64.23 -29.05
C GLN G 408 -59.15 -63.26 -30.21
N ILE G 409 -58.90 -63.74 -31.45
CA ILE G 409 -58.84 -62.86 -32.63
C ILE G 409 -59.98 -63.18 -33.59
N ASP G 410 -60.69 -62.13 -34.02
CA ASP G 410 -61.81 -62.27 -34.96
C ASP G 410 -61.27 -62.25 -36.39
N LEU G 411 -61.03 -63.45 -36.94
CA LEU G 411 -60.47 -63.62 -38.28
C LEU G 411 -61.43 -63.17 -39.40
N SER G 412 -62.74 -63.02 -39.09
CA SER G 412 -63.74 -62.60 -40.08
C SER G 412 -63.63 -61.09 -40.41
N LYS G 413 -62.73 -60.35 -39.73
CA LYS G 413 -62.53 -58.93 -39.97
C LYS G 413 -61.75 -58.66 -41.28
N ILE G 414 -61.22 -59.71 -41.94
CA ILE G 414 -60.51 -59.62 -43.21
C ILE G 414 -61.07 -60.70 -44.15
N SER G 415 -60.77 -60.58 -45.45
CA SER G 415 -61.29 -61.50 -46.48
C SER G 415 -60.66 -62.91 -46.40
N GLY G 416 -61.35 -63.86 -47.06
CA GLY G 416 -60.94 -65.25 -47.18
C GLY G 416 -61.64 -66.23 -46.26
N ALA G 417 -62.18 -67.31 -46.84
CA ALA G 417 -62.81 -68.41 -46.11
C ALA G 417 -61.78 -69.09 -45.20
N LYS G 418 -60.49 -69.10 -45.65
CA LYS G 418 -59.35 -69.65 -44.91
C LYS G 418 -58.27 -68.58 -44.78
N LYS G 419 -57.52 -68.64 -43.66
CA LYS G 419 -56.47 -67.71 -43.30
C LYS G 419 -55.19 -68.40 -42.88
N ASN G 420 -54.05 -67.85 -43.27
CA ASN G 420 -52.75 -68.35 -42.80
C ASN G 420 -52.27 -67.44 -41.67
N ALA G 421 -51.64 -68.02 -40.63
CA ALA G 421 -51.14 -67.23 -39.51
C ALA G 421 -49.68 -67.56 -39.20
N TRP G 422 -48.91 -66.51 -38.80
CA TRP G 422 -47.50 -66.54 -38.40
C TRP G 422 -47.25 -65.74 -37.14
N TRP G 423 -46.24 -66.13 -36.38
CA TRP G 423 -45.72 -65.30 -35.28
C TRP G 423 -44.52 -64.54 -35.83
N TYR G 424 -44.41 -63.24 -35.53
CA TYR G 424 -43.29 -62.39 -35.95
C TYR G 424 -42.68 -61.79 -34.71
N SER G 425 -41.41 -62.18 -34.37
CA SER G 425 -40.73 -61.69 -33.18
CA SER G 425 -40.72 -61.71 -33.17
C SER G 425 -40.19 -60.28 -33.39
N ALA G 426 -40.67 -59.32 -32.57
CA ALA G 426 -40.28 -57.93 -32.69
C ALA G 426 -38.81 -57.70 -32.33
N LYS G 427 -38.21 -58.55 -31.48
CA LYS G 427 -36.83 -58.33 -31.04
C LYS G 427 -35.81 -58.71 -32.12
N ASP G 428 -36.14 -59.64 -33.03
CA ASP G 428 -35.13 -60.14 -33.97
C ASP G 428 -35.67 -60.48 -35.39
N GLY G 429 -36.94 -60.19 -35.67
CA GLY G 429 -37.56 -60.47 -36.97
C GLY G 429 -37.82 -61.92 -37.31
N LYS G 430 -37.70 -62.85 -36.33
CA LYS G 430 -37.93 -64.29 -36.51
C LYS G 430 -39.39 -64.53 -36.82
N LEU G 431 -39.64 -65.25 -37.91
CA LEU G 431 -40.95 -65.59 -38.39
C LEU G 431 -41.20 -67.08 -38.20
N GLU G 432 -42.39 -67.45 -37.70
CA GLU G 432 -42.75 -68.84 -37.47
C GLU G 432 -44.20 -69.08 -37.88
N TYR G 433 -44.40 -69.97 -38.87
CA TYR G 433 -45.72 -70.32 -39.37
C TYR G 433 -46.47 -71.10 -38.31
N ILE G 434 -47.74 -70.74 -38.08
CA ILE G 434 -48.60 -71.39 -37.10
C ILE G 434 -49.44 -72.46 -37.81
N GLY G 435 -50.17 -72.05 -38.84
CA GLY G 435 -51.03 -72.94 -39.61
C GLY G 435 -52.12 -72.21 -40.36
N GLU G 436 -53.06 -72.99 -40.91
CA GLU G 436 -54.22 -72.50 -41.67
C GLU G 436 -55.47 -72.59 -40.82
N PHE G 437 -56.27 -71.52 -40.83
CA PHE G 437 -57.46 -71.44 -39.97
C PHE G 437 -58.72 -71.08 -40.74
N ASP G 438 -59.87 -71.54 -40.23
CA ASP G 438 -61.18 -71.17 -40.76
C ASP G 438 -61.49 -69.76 -40.26
N SER G 439 -62.20 -68.97 -41.07
CA SER G 439 -62.52 -67.59 -40.70
C SER G 439 -63.61 -67.53 -39.61
N LYS G 440 -63.19 -67.32 -38.35
CA LYS G 440 -64.02 -67.25 -37.13
C LYS G 440 -63.15 -66.74 -35.96
N VAL G 441 -63.76 -66.49 -34.78
CA VAL G 441 -63.02 -66.06 -33.59
C VAL G 441 -62.13 -67.24 -33.18
N THR G 442 -60.80 -67.00 -33.13
CA THR G 442 -59.80 -68.03 -32.86
C THR G 442 -58.85 -67.60 -31.73
N SER G 443 -58.51 -68.56 -30.85
CA SER G 443 -57.59 -68.33 -29.73
C SER G 443 -56.15 -68.49 -30.19
N PHE G 444 -55.30 -67.55 -29.78
CA PHE G 444 -53.87 -67.58 -30.07
C PHE G 444 -53.05 -67.27 -28.85
N GLN G 445 -52.01 -68.08 -28.61
CA GLN G 445 -51.03 -67.81 -27.53
C GLN G 445 -49.68 -68.34 -27.96
N HIS G 446 -48.67 -67.52 -27.77
CA HIS G 446 -47.29 -67.81 -28.16
C HIS G 446 -46.55 -68.51 -27.01
N ASP G 447 -45.80 -69.55 -27.36
CA ASP G 447 -45.02 -70.32 -26.40
C ASP G 447 -43.70 -69.59 -26.07
N SER G 448 -43.77 -68.70 -25.08
CA SER G 448 -42.62 -67.92 -24.58
C SER G 448 -42.99 -67.30 -23.23
N GLY G 449 -41.97 -66.90 -22.47
CA GLY G 449 -42.15 -66.29 -21.17
C GLY G 449 -43.11 -65.10 -21.20
N TYR G 450 -44.02 -65.03 -20.22
CA TYR G 450 -44.96 -63.93 -20.08
C TYR G 450 -44.16 -62.70 -19.66
N LEU G 451 -44.38 -61.54 -20.32
CA LEU G 451 -43.64 -60.30 -20.01
C LEU G 451 -42.11 -60.56 -19.92
N SER G 452 -41.58 -61.31 -20.91
CA SER G 452 -40.16 -61.72 -20.94
C SER G 452 -39.35 -61.00 -22.05
N GLY G 453 -39.95 -60.02 -22.72
CA GLY G 453 -39.28 -59.35 -23.83
C GLY G 453 -39.34 -60.21 -25.09
N ASN G 454 -40.37 -61.06 -25.20
CA ASN G 454 -40.56 -61.92 -26.36
C ASN G 454 -41.88 -61.52 -27.06
N ASP G 455 -42.10 -60.20 -27.13
CA ASP G 455 -43.27 -59.60 -27.77
C ASP G 455 -43.32 -60.02 -29.24
N GLN G 456 -44.52 -60.45 -29.66
CA GLN G 456 -44.76 -60.92 -31.00
C GLN G 456 -45.83 -60.11 -31.70
N VAL G 457 -45.76 -60.13 -33.02
CA VAL G 457 -46.81 -59.67 -33.90
C VAL G 457 -47.47 -60.94 -34.44
N LEU G 458 -48.78 -61.07 -34.27
CA LEU G 458 -49.53 -62.13 -34.91
C LEU G 458 -49.87 -61.64 -36.33
N ILE G 459 -49.35 -62.30 -37.36
CA ILE G 459 -49.63 -61.96 -38.76
C ILE G 459 -50.69 -62.91 -39.27
N VAL G 460 -51.82 -62.40 -39.77
CA VAL G 460 -52.87 -63.24 -40.36
C VAL G 460 -53.16 -62.72 -41.77
N VAL G 461 -53.08 -63.59 -42.79
CA VAL G 461 -53.33 -63.23 -44.18
C VAL G 461 -54.35 -64.17 -44.83
N ASP G 462 -55.21 -63.63 -45.70
CA ASP G 462 -56.14 -64.38 -46.55
C ASP G 462 -55.32 -65.43 -47.29
N SER G 463 -55.75 -66.71 -47.27
CA SER G 463 -55.03 -67.85 -47.89
C SER G 463 -54.70 -67.64 -49.38
N ALA G 464 -55.48 -66.81 -50.09
CA ALA G 464 -55.30 -66.54 -51.52
C ALA G 464 -54.18 -65.51 -51.80
N LYS G 465 -53.67 -64.84 -50.76
CA LYS G 465 -52.63 -63.82 -50.91
C LYS G 465 -51.27 -64.35 -50.46
N ASP G 466 -50.18 -63.87 -51.09
CA ASP G 466 -48.85 -64.38 -50.79
C ASP G 466 -47.88 -63.31 -50.28
N TYR G 467 -48.36 -62.35 -49.45
CA TYR G 467 -47.47 -61.32 -48.86
C TYR G 467 -46.41 -61.98 -47.99
N VAL G 468 -46.77 -63.09 -47.33
CA VAL G 468 -45.90 -63.93 -46.49
C VAL G 468 -46.03 -65.39 -46.95
N GLN G 469 -44.90 -66.08 -47.09
CA GLN G 469 -44.87 -67.50 -47.47
C GLN G 469 -44.77 -68.37 -46.22
N LYS G 470 -45.38 -69.57 -46.29
CA LYS G 470 -45.45 -70.52 -45.16
C LYS G 470 -44.07 -70.98 -44.64
N ALA G 471 -43.13 -71.25 -45.55
CA ALA G 471 -41.82 -71.77 -45.18
C ALA G 471 -40.81 -70.70 -44.74
N TRP G 472 -41.13 -69.38 -44.86
CA TRP G 472 -40.23 -68.31 -44.44
C TRP G 472 -39.96 -68.33 -42.95
N THR G 473 -38.71 -68.05 -42.55
CA THR G 473 -38.30 -67.95 -41.13
C THR G 473 -37.89 -66.49 -40.84
N ALA G 474 -37.95 -65.65 -41.89
CA ALA G 474 -37.65 -64.20 -41.85
C ALA G 474 -38.38 -63.52 -43.00
N LEU G 475 -38.60 -62.21 -42.88
CA LEU G 475 -39.21 -61.44 -43.97
C LEU G 475 -38.12 -60.93 -44.89
N PRO G 476 -38.26 -61.03 -46.23
CA PRO G 476 -37.23 -60.46 -47.12
C PRO G 476 -37.25 -58.94 -47.04
N ASP G 477 -36.19 -58.27 -47.57
CA ASP G 477 -36.09 -56.81 -47.53
C ASP G 477 -37.18 -56.19 -48.42
N ALA G 478 -38.29 -55.77 -47.81
CA ALA G 478 -39.48 -55.21 -48.49
C ALA G 478 -39.18 -53.94 -49.34
N ILE G 479 -38.14 -53.14 -49.00
CA ILE G 479 -37.76 -51.92 -49.74
C ILE G 479 -37.25 -52.25 -51.17
N GLN G 480 -36.62 -53.42 -51.37
CA GLN G 480 -36.04 -53.85 -52.64
C GLN G 480 -37.06 -53.93 -53.78
N LYS G 481 -38.38 -54.02 -53.46
CA LYS G 481 -39.47 -54.00 -54.47
C LYS G 481 -39.45 -52.69 -55.27
N TRP G 482 -39.03 -51.59 -54.63
CA TRP G 482 -38.98 -50.23 -55.20
C TRP G 482 -37.54 -49.77 -55.48
N ASN G 483 -36.57 -50.68 -55.39
CA ASN G 483 -35.15 -50.40 -55.59
C ASN G 483 -34.60 -51.19 -56.77
N LYS G 484 -35.40 -51.28 -57.85
CA LYS G 484 -35.04 -51.99 -59.09
C LYS G 484 -34.69 -50.98 -60.19
N LYS H 21 38.59 21.99 -15.02
CA LYS H 21 37.57 20.97 -14.74
C LYS H 21 37.84 19.71 -15.54
N THR H 22 37.55 18.53 -14.96
CA THR H 22 37.76 17.25 -15.64
C THR H 22 36.85 17.16 -16.85
N TYR H 23 37.40 16.82 -18.03
CA TYR H 23 36.61 16.64 -19.24
C TYR H 23 35.89 15.30 -19.17
N ILE H 24 34.57 15.33 -19.31
CA ILE H 24 33.75 14.11 -19.29
C ILE H 24 33.23 13.91 -20.73
N PRO H 25 33.86 12.98 -21.50
CA PRO H 25 33.48 12.85 -22.92
C PRO H 25 31.99 12.60 -23.18
N TRP H 26 31.33 11.73 -22.38
CA TRP H 26 29.94 11.34 -22.57
C TRP H 26 28.93 12.45 -22.22
N LYS H 27 29.40 13.65 -21.77
CA LYS H 27 28.50 14.79 -21.61
C LYS H 27 27.97 15.19 -22.99
N ASN H 28 28.73 14.81 -24.04
CA ASN H 28 28.41 15.06 -25.46
C ASN H 28 27.47 13.98 -26.03
N GLY H 29 27.20 12.95 -25.25
CA GLY H 29 26.32 11.85 -25.63
C GLY H 29 27.07 10.55 -25.87
N LYS H 30 26.37 9.55 -26.37
CA LYS H 30 26.92 8.22 -26.67
C LYS H 30 27.97 8.27 -27.77
N LEU H 31 28.87 7.28 -27.81
CA LEU H 31 29.83 7.14 -28.89
C LEU H 31 29.09 6.56 -30.08
N VAL H 32 29.35 7.12 -31.26
CA VAL H 32 28.73 6.67 -32.52
CA VAL H 32 28.71 6.75 -32.54
C VAL H 32 29.78 6.71 -33.62
N VAL H 33 29.63 5.85 -34.65
CA VAL H 33 30.53 5.81 -35.80
C VAL H 33 30.14 6.97 -36.70
N SER H 34 31.09 7.85 -37.04
CA SER H 34 30.82 9.02 -37.90
C SER H 34 30.39 8.56 -39.33
N GLU H 35 29.64 9.43 -40.04
CA GLU H 35 29.04 9.19 -41.36
C GLU H 35 30.02 8.58 -42.41
N GLU H 36 31.27 9.09 -42.48
CA GLU H 36 32.27 8.64 -43.47
C GLU H 36 32.84 7.23 -43.13
N GLY H 37 32.46 6.67 -41.98
CA GLY H 37 32.87 5.34 -41.51
C GLY H 37 34.33 5.19 -41.11
N ARG H 38 35.00 6.29 -40.74
CA ARG H 38 36.42 6.24 -40.36
C ARG H 38 36.67 6.59 -38.90
N TYR H 39 35.83 7.47 -38.30
CA TYR H 39 36.08 7.99 -36.97
C TYR H 39 34.92 7.82 -36.03
N LEU H 40 35.24 7.98 -34.73
CA LEU H 40 34.26 7.97 -33.67
C LEU H 40 33.94 9.40 -33.28
N LYS H 41 32.67 9.62 -32.99
CA LYS H 41 32.15 10.90 -32.54
C LYS H 41 31.14 10.65 -31.42
N HIS H 42 30.73 11.70 -30.73
CA HIS H 42 29.65 11.65 -29.77
C HIS H 42 28.35 12.00 -30.54
N GLU H 43 27.16 11.72 -29.98
CA GLU H 43 25.87 12.02 -30.62
C GLU H 43 25.73 13.48 -31.06
N ASN H 44 26.32 14.43 -30.31
CA ASN H 44 26.21 15.85 -30.66
C ASN H 44 27.24 16.30 -31.76
N GLY H 45 28.01 15.36 -32.32
CA GLY H 45 28.99 15.61 -33.39
C GLY H 45 30.42 15.87 -32.96
N VAL H 46 30.68 15.97 -31.63
CA VAL H 46 32.03 16.24 -31.10
C VAL H 46 32.94 15.00 -31.37
N PRO H 47 34.18 15.21 -31.91
CA PRO H 47 35.07 14.07 -32.13
C PRO H 47 35.46 13.33 -30.86
N PHE H 48 35.74 12.03 -30.99
CA PHE H 48 36.31 11.25 -29.91
C PHE H 48 37.63 10.66 -30.40
N PHE H 49 38.74 11.27 -30.01
CA PHE H 49 40.04 10.70 -30.35
C PHE H 49 40.38 9.73 -29.25
N TRP H 50 40.18 8.45 -29.53
CA TRP H 50 40.49 7.37 -28.59
C TRP H 50 41.99 7.34 -28.32
N LEU H 51 42.37 7.54 -27.05
CA LEU H 51 43.74 7.39 -26.62
C LEU H 51 43.71 6.36 -25.50
N GLY H 52 44.05 5.13 -25.85
CA GLY H 52 43.94 4.01 -24.93
C GLY H 52 45.17 3.59 -24.17
N GLU H 53 44.94 3.13 -22.95
CA GLU H 53 45.97 2.55 -22.06
C GLU H 53 45.56 1.09 -21.79
N THR H 54 46.55 0.22 -21.53
CA THR H 54 46.28 -1.19 -21.36
C THR H 54 46.51 -1.61 -19.91
N GLY H 55 45.42 -1.79 -19.17
CA GLY H 55 45.49 -2.19 -17.76
C GLY H 55 44.89 -3.57 -17.60
N TRP H 56 45.33 -4.54 -18.45
CA TRP H 56 44.73 -5.90 -18.50
C TRP H 56 44.42 -6.52 -17.14
N LEU H 57 45.41 -6.62 -16.24
CA LEU H 57 45.18 -7.30 -14.95
C LEU H 57 44.74 -6.37 -13.79
N MSE H 58 44.21 -5.19 -14.11
CA MSE H 58 43.74 -4.30 -13.05
C MSE H 58 42.64 -5.00 -12.20
O MSE H 58 42.75 -4.95 -10.97
CB MSE H 58 43.24 -2.95 -13.59
CG MSE H 58 42.30 -2.19 -12.62
SE MSE H 58 42.17 -0.29 -13.00
CE MSE H 58 41.66 -0.31 -14.79
N PRO H 59 41.57 -5.61 -12.78
CA PRO H 59 40.53 -6.21 -11.92
C PRO H 59 41.05 -7.31 -11.00
N GLN H 60 42.13 -8.02 -11.39
CA GLN H 60 42.66 -9.14 -10.61
C GLN H 60 43.79 -8.76 -9.66
N ARG H 61 44.55 -7.67 -9.96
CA ARG H 61 45.72 -7.36 -9.16
C ARG H 61 45.69 -6.06 -8.38
N LEU H 62 44.85 -5.07 -8.75
CA LEU H 62 44.86 -3.79 -8.02
C LEU H 62 43.78 -3.70 -6.96
N ASN H 63 44.13 -3.11 -5.81
CA ASN H 63 43.18 -2.84 -4.74
C ASN H 63 42.54 -1.46 -5.03
N ARG H 64 41.56 -1.03 -4.22
CA ARG H 64 40.81 0.22 -4.47
C ARG H 64 41.69 1.48 -4.55
N ASP H 65 42.64 1.63 -3.65
CA ASP H 65 43.50 2.82 -3.68
C ASP H 65 44.47 2.78 -4.87
N GLU H 66 44.92 1.58 -5.31
CA GLU H 66 45.81 1.48 -6.47
C GLU H 66 45.04 1.79 -7.77
N VAL H 67 43.78 1.36 -7.86
CA VAL H 67 42.88 1.68 -8.99
C VAL H 67 42.81 3.22 -9.16
N SER H 68 42.55 3.94 -8.05
CA SER H 68 42.43 5.39 -8.07
C SER H 68 43.72 6.03 -8.58
N TYR H 69 44.87 5.57 -8.06
CA TYR H 69 46.17 6.12 -8.42
C TYR H 69 46.48 5.90 -9.90
N TYR H 70 46.34 4.65 -10.36
CA TYR H 70 46.59 4.30 -11.75
C TYR H 70 45.69 5.12 -12.71
N LEU H 71 44.37 5.21 -12.42
CA LEU H 71 43.44 5.95 -13.28
C LEU H 71 43.70 7.47 -13.23
N ASN H 72 44.16 8.00 -12.08
CA ASN H 72 44.59 9.40 -11.96
C ASN H 72 45.76 9.68 -12.91
N LYS H 73 46.76 8.78 -12.92
CA LYS H 73 47.94 8.89 -13.79
C LYS H 73 47.54 8.81 -15.27
N CYS H 74 46.61 7.89 -15.61
CA CYS H 74 46.08 7.74 -16.98
C CYS H 74 45.41 9.07 -17.43
N LYS H 75 44.54 9.62 -16.58
CA LYS H 75 43.82 10.86 -16.84
C LYS H 75 44.79 11.99 -17.12
N ASP H 76 45.81 12.16 -16.23
CA ASP H 76 46.80 13.21 -16.33
C ASP H 76 47.69 13.07 -17.56
N ALA H 77 47.84 11.85 -18.10
CA ALA H 77 48.65 11.62 -19.29
C ALA H 77 47.80 11.65 -20.58
N GLY H 78 46.55 12.09 -20.47
CA GLY H 78 45.63 12.29 -21.60
C GLY H 78 44.85 11.09 -22.10
N TYR H 79 44.93 9.92 -21.42
CA TYR H 79 44.19 8.72 -21.85
C TYR H 79 42.70 8.88 -21.52
N ASN H 80 41.84 8.38 -22.41
CA ASN H 80 40.38 8.45 -22.19
C ASN H 80 39.76 7.06 -22.33
N MSE H 81 40.60 6.04 -22.44
CA MSE H 81 40.16 4.65 -22.58
C MSE H 81 41.18 3.75 -21.88
O MSE H 81 42.37 3.82 -22.17
CB MSE H 81 40.00 4.28 -24.09
CG MSE H 81 39.09 3.03 -24.37
SE MSE H 81 39.80 1.25 -23.80
CE MSE H 81 41.55 1.25 -24.72
N VAL H 82 40.74 2.98 -20.90
CA VAL H 82 41.60 2.01 -20.21
C VAL H 82 40.95 0.67 -20.40
N GLN H 83 41.68 -0.29 -21.00
CA GLN H 83 41.11 -1.59 -21.26
C GLN H 83 41.60 -2.61 -20.24
N VAL H 84 40.71 -3.56 -19.89
CA VAL H 84 40.94 -4.59 -18.89
C VAL H 84 40.47 -5.94 -19.36
N GLN H 85 40.98 -6.98 -18.71
CA GLN H 85 40.47 -8.34 -18.86
C GLN H 85 39.45 -8.50 -17.73
N VAL H 86 38.15 -8.46 -18.06
CA VAL H 86 37.06 -8.58 -17.04
C VAL H 86 37.23 -9.94 -16.34
N LEU H 87 37.50 -10.97 -17.15
CA LEU H 87 37.85 -12.33 -16.71
C LEU H 87 39.08 -12.77 -17.45
N ASN H 88 40.07 -13.32 -16.74
CA ASN H 88 41.27 -13.87 -17.35
C ASN H 88 41.26 -15.40 -17.18
N GLY H 89 40.23 -15.93 -16.52
CA GLY H 89 40.08 -17.35 -16.24
C GLY H 89 38.68 -17.70 -15.77
N VAL H 90 38.38 -19.01 -15.67
CA VAL H 90 37.07 -19.48 -15.22
C VAL H 90 37.28 -20.38 -14.00
N PRO H 91 37.09 -19.88 -12.77
CA PRO H 91 36.79 -18.48 -12.40
C PRO H 91 38.05 -17.59 -12.36
N SER H 92 37.85 -16.30 -12.18
CA SER H 92 38.94 -15.35 -11.97
C SER H 92 38.98 -15.01 -10.48
N MSE H 93 40.10 -14.48 -10.00
CA MSE H 93 40.30 -14.10 -8.60
C MSE H 93 40.85 -12.70 -8.55
O MSE H 93 41.73 -12.37 -9.35
CB MSE H 93 41.31 -15.07 -7.97
CG MSE H 93 41.55 -14.82 -6.48
SE MSE H 93 40.18 -15.70 -5.48
CE MSE H 93 40.87 -17.50 -5.79
N ASN H 94 40.40 -11.90 -7.56
CA ASN H 94 40.98 -10.57 -7.43
C ASN H 94 41.93 -10.51 -6.21
N ILE H 95 42.54 -9.33 -5.98
CA ILE H 95 43.55 -9.14 -4.94
C ILE H 95 42.98 -9.33 -3.54
N TYR H 96 41.65 -9.18 -3.37
CA TYR H 96 41.02 -9.36 -2.07
C TYR H 96 40.68 -10.85 -1.82
N GLY H 97 40.99 -11.72 -2.76
CA GLY H 97 40.71 -13.15 -2.62
C GLY H 97 39.24 -13.50 -2.84
N GLN H 98 38.61 -12.76 -3.75
CA GLN H 98 37.20 -12.94 -4.15
C GLN H 98 37.14 -13.61 -5.49
N TYR H 99 36.29 -14.66 -5.61
CA TYR H 99 36.03 -15.38 -6.87
C TYR H 99 35.08 -14.58 -7.74
N SER H 100 35.27 -14.62 -9.06
CA SER H 100 34.37 -13.97 -10.01
C SER H 100 33.06 -14.75 -10.12
N MSE H 101 33.12 -16.07 -9.90
CA MSE H 101 31.96 -16.96 -9.99
C MSE H 101 32.06 -18.08 -8.99
O MSE H 101 33.15 -18.63 -8.78
CB MSE H 101 31.82 -17.57 -11.39
CG MSE H 101 31.17 -16.63 -12.40
SE MSE H 101 32.49 -15.76 -13.50
CE MSE H 101 33.02 -17.37 -14.54
N THR H 102 30.90 -18.42 -8.39
CA THR H 102 30.77 -19.49 -7.40
CA THR H 102 30.74 -19.47 -7.39
C THR H 102 30.01 -20.68 -8.01
N ASP H 103 29.02 -20.39 -8.90
CA ASP H 103 28.22 -21.42 -9.54
C ASP H 103 28.29 -21.31 -11.08
N GLY H 104 29.50 -21.40 -11.62
CA GLY H 104 29.75 -21.29 -13.06
C GLY H 104 29.17 -20.02 -13.63
N PHE H 105 28.50 -20.12 -14.80
CA PHE H 105 27.91 -18.95 -15.42
C PHE H 105 26.42 -18.71 -14.99
N ASN H 106 26.10 -19.03 -13.72
CA ASN H 106 24.79 -18.75 -13.10
C ASN H 106 25.04 -17.57 -12.17
N PHE H 107 24.50 -16.40 -12.52
CA PHE H 107 24.74 -15.15 -11.84
C PHE H 107 23.59 -14.63 -10.95
N LYS H 108 22.54 -15.45 -10.76
CA LYS H 108 21.35 -15.11 -9.97
C LYS H 108 21.69 -14.61 -8.54
N ASP H 109 22.60 -15.29 -7.83
CA ASP H 109 22.94 -14.90 -6.46
C ASP H 109 24.38 -14.40 -6.32
N ILE H 110 24.93 -13.73 -7.36
CA ILE H 110 26.32 -13.24 -7.34
C ILE H 110 26.49 -12.13 -6.27
N ASN H 111 25.50 -11.26 -6.11
CA ASN H 111 25.55 -10.17 -5.14
C ASN H 111 25.20 -10.69 -3.75
N ARG H 112 26.14 -10.54 -2.82
CA ARG H 112 25.96 -10.97 -1.42
C ARG H 112 26.03 -9.74 -0.52
N LYS H 113 24.95 -9.48 0.23
CA LYS H 113 24.87 -8.34 1.17
C LYS H 113 26.01 -8.41 2.19
N GLY H 114 26.64 -7.27 2.42
CA GLY H 114 27.75 -7.12 3.36
C GLY H 114 29.07 -7.71 2.88
N ILE H 115 29.16 -8.15 1.61
CA ILE H 115 30.40 -8.70 1.01
C ILE H 115 30.83 -7.81 -0.15
N TYR H 116 32.10 -7.42 -0.18
CA TYR H 116 32.68 -6.68 -1.30
C TYR H 116 33.19 -7.71 -2.27
N GLY H 117 32.34 -8.11 -3.20
CA GLY H 117 32.67 -9.17 -4.15
C GLY H 117 33.52 -8.74 -5.32
N TYR H 118 33.91 -9.71 -6.14
CA TYR H 118 34.68 -9.51 -7.37
C TYR H 118 34.00 -8.45 -8.28
N TRP H 119 32.64 -8.56 -8.45
CA TRP H 119 31.90 -7.68 -9.34
C TRP H 119 31.68 -6.31 -8.69
N ASP H 120 31.69 -6.22 -7.35
CA ASP H 120 31.59 -4.92 -6.66
C ASP H 120 32.88 -4.14 -6.89
N HIS H 121 34.03 -4.86 -6.99
CA HIS H 121 35.30 -4.24 -7.28
C HIS H 121 35.34 -3.83 -8.76
N MSE H 122 34.74 -4.65 -9.67
CA MSE H 122 34.59 -4.31 -11.10
C MSE H 122 33.75 -3.01 -11.22
O MSE H 122 34.14 -2.08 -11.94
CB MSE H 122 33.92 -5.46 -11.87
CG MSE H 122 34.04 -5.34 -13.40
SE MSE H 122 35.90 -5.34 -14.12
CE MSE H 122 36.05 -3.42 -14.57
N ASP H 123 32.62 -2.92 -10.47
CA ASP H 123 31.75 -1.73 -10.43
C ASP H 123 32.55 -0.49 -10.03
N TYR H 124 33.40 -0.63 -9.00
CA TYR H 124 34.23 0.45 -8.46
C TYR H 124 35.25 0.94 -9.51
N ILE H 125 35.85 0.03 -10.28
CA ILE H 125 36.82 0.41 -11.32
C ILE H 125 36.12 1.26 -12.39
N ILE H 126 34.91 0.88 -12.78
CA ILE H 126 34.14 1.60 -13.81
C ILE H 126 33.73 2.99 -13.26
N LYS H 127 33.29 3.07 -11.99
CA LYS H 127 32.91 4.36 -11.38
C LYS H 127 34.14 5.28 -11.21
N SER H 128 35.28 4.70 -10.79
CA SER H 128 36.54 5.45 -10.62
C SER H 128 37.01 6.00 -11.97
N ALA H 129 36.82 5.22 -13.05
CA ALA H 129 37.15 5.69 -14.40
C ALA H 129 36.20 6.81 -14.83
N ALA H 130 34.89 6.66 -14.51
CA ALA H 130 33.86 7.64 -14.89
C ALA H 130 34.15 9.03 -14.31
N SER H 131 34.62 9.09 -13.04
CA SER H 131 34.89 10.40 -12.43
C SER H 131 36.11 11.07 -13.06
N ARG H 132 36.88 10.31 -13.84
CA ARG H 132 38.09 10.80 -14.50
C ARG H 132 37.93 10.96 -16.00
N GLY H 133 36.70 10.76 -16.51
CA GLY H 133 36.39 10.92 -17.93
C GLY H 133 36.99 9.82 -18.77
N ILE H 134 37.10 8.60 -18.20
CA ILE H 134 37.74 7.47 -18.89
C ILE H 134 36.72 6.38 -19.18
N TYR H 135 36.73 5.88 -20.43
CA TYR H 135 35.93 4.72 -20.82
C TYR H 135 36.65 3.46 -20.40
N ILE H 136 35.95 2.43 -19.96
CA ILE H 136 36.60 1.15 -19.70
C ILE H 136 36.34 0.27 -20.91
N GLY H 137 37.43 -0.24 -21.52
CA GLY H 137 37.37 -1.22 -22.60
C GLY H 137 37.23 -2.55 -21.91
N MSE H 138 36.03 -3.16 -21.98
CA MSE H 138 35.66 -4.37 -21.26
C MSE H 138 35.92 -5.63 -22.08
O MSE H 138 35.05 -6.01 -22.87
CB MSE H 138 34.15 -4.32 -20.88
CG MSE H 138 33.77 -3.14 -19.90
SE MSE H 138 34.30 -3.49 -18.04
CE MSE H 138 32.83 -4.71 -17.47
N VAL H 139 37.10 -6.26 -21.90
CA VAL H 139 37.34 -7.55 -22.59
C VAL H 139 36.62 -8.57 -21.72
N CYS H 140 35.35 -8.87 -22.07
CA CYS H 140 34.42 -9.73 -21.32
C CYS H 140 35.14 -10.95 -20.74
N ILE H 141 35.87 -11.67 -21.59
CA ILE H 141 36.61 -12.85 -21.18
C ILE H 141 37.77 -13.08 -22.16
N TRP H 142 39.00 -13.23 -21.62
CA TRP H 142 40.21 -13.43 -22.44
C TRP H 142 40.06 -14.76 -23.22
N GLY H 143 40.67 -14.83 -24.40
CA GLY H 143 40.54 -15.99 -25.26
C GLY H 143 40.94 -17.33 -24.67
N THR H 144 42.04 -17.38 -23.87
CA THR H 144 42.58 -18.63 -23.30
C THR H 144 41.49 -19.53 -22.63
N PRO H 145 40.70 -19.11 -21.59
CA PRO H 145 39.68 -20.04 -21.05
C PRO H 145 38.64 -20.48 -22.08
N VAL H 146 38.27 -19.58 -23.03
CA VAL H 146 37.27 -19.90 -24.07
C VAL H 146 37.84 -20.99 -25.02
N GLU H 147 39.12 -20.82 -25.44
CA GLU H 147 39.83 -21.81 -26.28
C GLU H 147 39.92 -23.18 -25.55
N GLN H 148 40.03 -23.17 -24.22
CA GLN H 148 40.09 -24.38 -23.37
C GLN H 148 38.68 -25.01 -23.12
N GLY H 149 37.63 -24.43 -23.71
CA GLY H 149 36.25 -24.90 -23.60
C GLY H 149 35.52 -24.58 -22.30
N LEU H 150 36.01 -23.58 -21.55
CA LEU H 150 35.45 -23.22 -20.24
C LEU H 150 34.21 -22.27 -20.31
N MSE H 151 33.82 -21.87 -21.51
CA MSE H 151 32.60 -21.08 -21.72
C MSE H 151 31.99 -21.47 -23.06
O MSE H 151 32.48 -21.06 -24.11
CB MSE H 151 32.87 -19.56 -21.64
CG MSE H 151 31.56 -18.76 -21.73
SE MSE H 151 31.76 -16.85 -21.73
CE MSE H 151 32.33 -16.61 -23.52
N ASN H 152 30.94 -22.29 -23.02
CA ASN H 152 30.23 -22.73 -24.21
C ASN H 152 29.19 -21.67 -24.63
N GLU H 153 28.42 -21.95 -25.70
CA GLU H 153 27.41 -21.02 -26.23
C GLU H 153 26.33 -20.62 -25.21
N LYS H 154 25.78 -21.59 -24.47
CA LYS H 154 24.73 -21.38 -23.47
C LYS H 154 25.26 -20.48 -22.33
N GLU H 155 26.48 -20.77 -21.84
CA GLU H 155 27.15 -20.00 -20.80
C GLU H 155 27.46 -18.57 -21.30
N ALA H 156 27.79 -18.41 -22.61
CA ALA H 156 28.11 -17.11 -23.21
C ALA H 156 26.85 -16.23 -23.26
N VAL H 157 25.69 -16.83 -23.58
CA VAL H 157 24.40 -16.10 -23.59
C VAL H 157 24.11 -15.58 -22.15
N ALA H 158 24.27 -16.45 -21.14
CA ALA H 158 24.05 -16.11 -19.74
C ALA H 158 25.03 -15.02 -19.28
N TYR H 159 26.32 -15.14 -19.68
CA TYR H 159 27.33 -14.14 -19.31
C TYR H 159 27.01 -12.78 -19.94
N GLY H 160 26.60 -12.80 -21.22
CA GLY H 160 26.22 -11.58 -21.93
C GLY H 160 25.06 -10.85 -21.26
N LYS H 161 24.02 -11.62 -20.83
CA LYS H 161 22.84 -11.09 -20.15
CA LYS H 161 22.84 -11.10 -20.15
C LYS H 161 23.23 -10.43 -18.84
N PHE H 162 24.09 -11.11 -18.05
CA PHE H 162 24.59 -10.61 -16.77
C PHE H 162 25.34 -9.28 -16.97
N LEU H 163 26.29 -9.24 -17.91
CA LEU H 163 27.13 -8.05 -18.17
C LEU H 163 26.30 -6.88 -18.65
N ALA H 164 25.43 -7.08 -19.65
CA ALA H 164 24.58 -6.03 -20.20
C ALA H 164 23.62 -5.45 -19.17
N GLU H 165 22.95 -6.31 -18.36
CA GLU H 165 22.00 -5.83 -17.34
C GLU H 165 22.73 -5.08 -16.21
N ARG H 166 23.95 -5.53 -15.85
CA ARG H 166 24.71 -4.86 -14.78
C ARG H 166 25.30 -3.52 -15.24
N TYR H 167 25.74 -3.43 -16.52
CA TYR H 167 26.49 -2.24 -16.96
C TYR H 167 25.85 -1.36 -18.07
N LYS H 168 24.61 -1.66 -18.52
CA LYS H 168 23.99 -0.82 -19.58
C LYS H 168 23.79 0.64 -19.14
N ASP H 169 23.59 0.90 -17.84
CA ASP H 169 23.34 2.27 -17.38
C ASP H 169 24.63 3.01 -16.97
N GLU H 170 25.79 2.35 -17.12
CA GLU H 170 27.10 2.96 -16.87
C GLU H 170 27.52 3.60 -18.19
N PRO H 171 27.72 4.93 -18.27
CA PRO H 171 28.01 5.52 -19.59
C PRO H 171 29.36 5.17 -20.22
N ASN H 172 30.40 4.99 -19.41
CA ASN H 172 31.79 4.86 -19.84
C ASN H 172 32.23 3.43 -20.12
N ILE H 173 31.53 2.75 -21.03
CA ILE H 173 31.81 1.34 -21.39
C ILE H 173 31.97 1.18 -22.88
N ILE H 174 32.96 0.36 -23.29
CA ILE H 174 33.16 -0.12 -24.66
C ILE H 174 33.28 -1.65 -24.55
N TRP H 175 32.37 -2.42 -25.19
CA TRP H 175 32.40 -3.89 -25.14
C TRP H 175 33.45 -4.47 -26.07
N MSE H 176 34.33 -5.36 -25.53
CA MSE H 176 35.37 -6.01 -26.33
C MSE H 176 35.21 -7.53 -26.31
O MSE H 176 35.44 -8.18 -25.29
CB MSE H 176 36.77 -5.60 -25.88
CG MSE H 176 37.07 -4.14 -26.15
SE MSE H 176 38.83 -3.67 -25.48
CE MSE H 176 38.86 -1.86 -26.16
N ILE H 177 34.77 -8.08 -27.43
CA ILE H 177 34.61 -9.51 -27.64
C ILE H 177 36.01 -10.05 -27.98
N GLY H 178 36.24 -11.34 -27.72
CA GLY H 178 37.52 -11.96 -28.01
C GLY H 178 38.56 -11.65 -26.95
N GLY H 179 39.80 -11.51 -27.37
CA GLY H 179 40.91 -11.25 -26.45
C GLY H 179 42.08 -12.14 -26.83
N ASP H 180 42.95 -11.60 -27.71
CA ASP H 180 44.14 -12.26 -28.26
C ASP H 180 43.77 -13.63 -28.86
N ILE H 181 42.71 -13.66 -29.66
CA ILE H 181 42.25 -14.90 -30.27
C ILE H 181 41.78 -14.67 -31.72
N ARG H 182 41.95 -15.66 -32.60
CA ARG H 182 41.47 -15.56 -33.98
C ARG H 182 39.94 -15.62 -33.97
N GLY H 183 39.30 -14.87 -34.86
CA GLY H 183 37.84 -14.84 -34.97
C GLY H 183 37.24 -16.15 -35.47
N ASP H 184 38.07 -17.03 -36.07
CA ASP H 184 37.63 -18.33 -36.53
C ASP H 184 37.87 -19.42 -35.43
N ASN H 185 38.23 -18.99 -34.21
CA ASN H 185 38.45 -19.89 -33.08
C ASN H 185 37.32 -19.68 -32.08
N LYS H 186 36.40 -20.68 -31.96
CA LYS H 186 35.21 -20.66 -31.07
C LYS H 186 34.24 -19.52 -31.48
N THR H 187 34.10 -19.30 -32.80
CA THR H 187 33.26 -18.25 -33.40
C THR H 187 31.83 -18.24 -32.83
N GLU H 188 31.22 -19.43 -32.70
CA GLU H 188 29.84 -19.62 -32.22
C GLU H 188 29.68 -19.04 -30.81
N VAL H 189 30.70 -19.25 -29.96
CA VAL H 189 30.73 -18.74 -28.58
C VAL H 189 30.84 -17.21 -28.59
N TRP H 190 31.72 -16.66 -29.43
CA TRP H 190 31.90 -15.20 -29.51
C TRP H 190 30.67 -14.51 -30.02
N ASP H 191 30.02 -15.09 -31.06
CA ASP H 191 28.78 -14.54 -31.62
C ASP H 191 27.65 -14.59 -30.58
N ALA H 192 27.56 -15.69 -29.79
CA ALA H 192 26.53 -15.86 -28.76
C ALA H 192 26.71 -14.80 -27.67
N LEU H 193 27.96 -14.55 -27.23
CA LEU H 193 28.26 -13.53 -26.24
C LEU H 193 27.88 -12.12 -26.76
N ALA H 194 28.37 -11.77 -27.97
CA ALA H 194 28.16 -10.49 -28.62
C ALA H 194 26.67 -10.19 -28.85
N ASN H 195 25.90 -11.14 -29.41
CA ASN H 195 24.48 -10.94 -29.67
C ASN H 195 23.67 -10.86 -28.37
N SER H 196 24.09 -11.57 -27.30
CA SER H 196 23.39 -11.53 -26.02
C SER H 196 23.52 -10.14 -25.39
N ILE H 197 24.74 -9.56 -25.41
CA ILE H 197 24.96 -8.21 -24.84
C ILE H 197 24.19 -7.19 -25.68
N ARG H 198 24.32 -7.27 -27.02
CA ARG H 198 23.72 -6.39 -28.02
C ARG H 198 22.19 -6.36 -27.95
N SER H 199 21.56 -7.49 -27.58
CA SER H 199 20.10 -7.58 -27.45
C SER H 199 19.58 -6.71 -26.29
N ILE H 200 20.43 -6.42 -25.28
CA ILE H 200 20.04 -5.64 -24.10
C ILE H 200 20.67 -4.24 -24.11
N ASP H 201 21.95 -4.15 -24.43
CA ASP H 201 22.68 -2.90 -24.38
C ASP H 201 22.85 -2.29 -25.78
N LYS H 202 22.05 -1.26 -26.06
CA LYS H 202 22.10 -0.56 -27.34
C LYS H 202 22.67 0.85 -27.15
N GLY H 203 23.33 1.07 -26.02
CA GLY H 203 23.93 2.36 -25.66
C GLY H 203 25.45 2.40 -25.63
N HIS H 204 26.13 1.28 -25.99
CA HIS H 204 27.59 1.20 -26.01
C HIS H 204 28.09 0.59 -27.30
N LEU H 205 29.29 0.99 -27.74
CA LEU H 205 29.88 0.43 -28.95
C LEU H 205 30.52 -0.92 -28.63
N MSE H 206 30.67 -1.76 -29.67
CA MSE H 206 31.23 -3.11 -29.50
C MSE H 206 32.25 -3.42 -30.56
O MSE H 206 32.13 -3.00 -31.70
CB MSE H 206 30.09 -4.15 -29.53
CG MSE H 206 30.53 -5.59 -29.19
SE MSE H 206 29.00 -6.78 -29.07
CE MSE H 206 28.17 -6.02 -27.53
N THR H 207 33.27 -4.21 -30.18
CA THR H 207 34.32 -4.59 -31.12
C THR H 207 34.87 -5.98 -30.76
N PHE H 208 35.96 -6.40 -31.41
CA PHE H 208 36.61 -7.70 -31.20
C PHE H 208 38.12 -7.51 -31.11
N HIS H 209 38.77 -8.06 -30.05
CA HIS H 209 40.22 -8.01 -29.83
C HIS H 209 40.84 -9.28 -30.42
N PRO H 210 41.59 -9.17 -31.53
CA PRO H 210 42.09 -10.38 -32.19
C PRO H 210 43.52 -10.78 -31.80
N ARG H 211 43.96 -11.92 -32.33
CA ARG H 211 45.27 -12.51 -32.15
C ARG H 211 46.35 -11.62 -32.81
N GLY H 212 47.60 -11.71 -32.32
CA GLY H 212 48.73 -10.97 -32.86
C GLY H 212 48.87 -11.17 -34.35
N ARG H 213 49.17 -10.08 -35.07
CA ARG H 213 49.34 -10.02 -36.54
C ARG H 213 48.03 -10.31 -37.29
N THR H 214 46.87 -10.07 -36.66
CA THR H 214 45.56 -10.23 -37.32
C THR H 214 44.68 -9.02 -37.01
N THR H 215 43.64 -8.82 -37.85
CA THR H 215 42.65 -7.78 -37.67
C THR H 215 41.29 -8.43 -37.53
N SER H 216 40.42 -7.87 -36.66
CA SER H 216 39.04 -8.36 -36.51
C SER H 216 38.26 -8.27 -37.85
N ALA H 217 38.69 -7.34 -38.74
CA ALA H 217 38.06 -7.12 -40.07
C ALA H 217 38.07 -8.37 -40.94
N THR H 218 39.05 -9.28 -40.72
CA THR H 218 39.19 -10.53 -41.48
C THR H 218 37.93 -11.42 -41.30
N TRP H 219 37.35 -11.44 -40.08
CA TRP H 219 36.20 -12.31 -39.81
C TRP H 219 34.89 -11.59 -39.53
N PHE H 220 34.93 -10.37 -38.97
CA PHE H 220 33.71 -9.75 -38.47
C PHE H 220 33.37 -8.37 -39.04
N ASN H 221 33.95 -7.99 -40.20
CA ASN H 221 33.62 -6.69 -40.78
C ASN H 221 32.12 -6.53 -41.08
N ASP H 222 31.42 -7.63 -41.43
CA ASP H 222 30.00 -7.59 -41.77
C ASP H 222 29.06 -7.87 -40.58
N ARG H 223 29.61 -8.11 -39.38
CA ARG H 223 28.77 -8.37 -38.20
C ARG H 223 28.01 -7.10 -37.78
N GLU H 224 26.69 -7.23 -37.53
CA GLU H 224 25.86 -6.11 -37.05
C GLU H 224 26.33 -5.66 -35.67
N TRP H 225 26.81 -6.59 -34.84
CA TRP H 225 27.27 -6.29 -33.48
C TRP H 225 28.62 -5.56 -33.45
N LEU H 226 29.40 -5.61 -34.54
CA LEU H 226 30.72 -4.96 -34.57
C LEU H 226 30.61 -3.54 -35.13
N ASP H 227 30.88 -2.54 -34.29
CA ASP H 227 30.79 -1.14 -34.72
C ASP H 227 32.08 -0.69 -35.42
N PHE H 228 33.22 -1.17 -34.94
CA PHE H 228 34.52 -0.80 -35.50
C PHE H 228 35.47 -1.95 -35.32
N ASN H 229 36.56 -1.95 -36.08
CA ASN H 229 37.55 -3.01 -36.03
C ASN H 229 38.75 -2.66 -35.18
N MSE H 230 39.44 -3.70 -34.70
CA MSE H 230 40.69 -3.54 -33.98
C MSE H 230 41.68 -4.56 -34.52
O MSE H 230 41.28 -5.66 -34.90
CB MSE H 230 40.53 -3.72 -32.48
CG MSE H 230 39.46 -2.80 -31.84
SE MSE H 230 39.66 -2.53 -29.93
CE MSE H 230 39.60 -4.36 -29.37
N PHE H 231 42.97 -4.24 -34.48
CA PHE H 231 44.01 -5.20 -34.84
C PHE H 231 45.08 -5.19 -33.76
N GLN H 232 45.89 -6.24 -33.74
CA GLN H 232 47.02 -6.35 -32.81
C GLN H 232 48.31 -6.43 -33.64
N SER H 233 49.09 -5.34 -33.69
CA SER H 233 50.35 -5.36 -34.46
C SER H 233 51.54 -5.88 -33.65
N GLY H 234 51.45 -5.83 -32.32
CA GLY H 234 52.50 -6.32 -31.42
C GLY H 234 52.70 -7.82 -31.60
N HIS H 235 53.87 -8.41 -31.26
CA HIS H 235 55.05 -7.77 -30.62
C HIS H 235 56.35 -8.26 -31.28
N ARG H 236 56.23 -8.85 -32.48
CA ARG H 236 57.38 -9.35 -33.23
C ARG H 236 58.06 -8.25 -34.04
N ARG H 237 59.40 -8.35 -34.17
CA ARG H 237 60.22 -7.43 -34.96
C ARG H 237 60.28 -7.93 -36.40
N TYR H 238 60.84 -7.12 -37.31
CA TYR H 238 61.10 -7.54 -38.68
C TYR H 238 61.88 -8.86 -38.72
N GLY H 239 61.41 -9.79 -39.55
CA GLY H 239 62.05 -11.08 -39.78
C GLY H 239 61.94 -12.10 -38.67
N GLN H 240 60.94 -11.97 -37.79
CA GLN H 240 60.80 -12.89 -36.65
C GLN H 240 59.65 -13.92 -36.86
N ARG H 241 59.60 -14.59 -38.02
CA ARG H 241 58.58 -15.63 -38.28
C ARG H 241 58.89 -16.87 -37.41
N ASN H 242 60.21 -17.21 -37.29
CA ASN H 242 60.78 -18.28 -36.46
C ASN H 242 60.02 -19.61 -36.61
N ASP H 246 51.60 -21.18 -40.68
CA ASP H 246 50.73 -20.33 -41.48
C ASP H 246 50.74 -18.88 -40.95
N TYR H 247 51.78 -18.11 -41.35
CA TYR H 247 51.97 -16.70 -40.99
C TYR H 247 50.87 -15.83 -41.65
N PRO H 248 50.11 -15.03 -40.86
CA PRO H 248 49.01 -14.25 -41.46
C PRO H 248 49.46 -12.99 -42.21
N ILE H 249 50.79 -12.69 -42.20
CA ILE H 249 51.37 -11.51 -42.85
C ILE H 249 52.60 -11.89 -43.71
N GLU H 250 52.93 -11.01 -44.66
CA GLU H 250 54.08 -11.10 -45.58
C GLU H 250 55.38 -11.07 -44.76
N GLU H 251 56.40 -11.87 -45.17
CA GLU H 251 57.71 -11.92 -44.49
C GLU H 251 58.37 -10.53 -44.44
N ASN H 252 59.05 -10.22 -43.33
CA ASN H 252 59.83 -8.98 -43.11
C ASN H 252 58.97 -7.69 -43.18
N THR H 253 57.69 -7.77 -42.78
CA THR H 253 56.80 -6.59 -42.71
C THR H 253 56.19 -6.42 -41.31
N GLU H 254 56.70 -7.19 -40.31
CA GLU H 254 56.14 -7.20 -38.94
C GLU H 254 55.90 -5.82 -38.33
N GLU H 255 56.86 -4.91 -38.48
CA GLU H 255 56.80 -3.59 -37.85
C GLU H 255 56.00 -2.55 -38.67
N ASP H 256 55.50 -2.94 -39.85
CA ASP H 256 54.72 -2.01 -40.68
C ASP H 256 53.25 -2.10 -40.28
N ASN H 257 52.88 -1.56 -39.10
CA ASN H 257 51.51 -1.67 -38.60
C ASN H 257 50.50 -0.87 -39.46
N TRP H 258 51.00 0.07 -40.30
CA TRP H 258 50.17 0.81 -41.26
C TRP H 258 49.53 -0.17 -42.28
N ARG H 259 50.17 -1.36 -42.51
CA ARG H 259 49.64 -2.39 -43.42
C ARG H 259 48.32 -2.99 -42.90
N PHE H 260 48.16 -3.08 -41.56
CA PHE H 260 46.93 -3.61 -40.98
C PHE H 260 45.77 -2.65 -41.17
N VAL H 261 46.05 -1.33 -41.19
CA VAL H 261 45.05 -0.29 -41.39
C VAL H 261 44.51 -0.44 -42.81
N GLU H 262 45.41 -0.57 -43.81
CA GLU H 262 45.11 -0.79 -45.22
C GLU H 262 44.24 -2.04 -45.42
N ALA H 263 44.67 -3.17 -44.83
CA ALA H 263 43.99 -4.47 -44.93
C ALA H 263 42.57 -4.38 -44.35
N SER H 264 42.41 -3.70 -43.20
CA SER H 264 41.10 -3.55 -42.54
C SER H 264 40.16 -2.63 -43.33
N GLN H 265 40.70 -1.53 -43.92
CA GLN H 265 39.92 -0.52 -44.65
C GLN H 265 39.62 -0.94 -46.10
N ALA H 266 40.25 -2.03 -46.59
CA ALA H 266 40.00 -2.56 -47.94
C ALA H 266 38.63 -3.30 -47.95
N LYS H 267 38.14 -3.64 -46.74
CA LYS H 267 36.89 -4.33 -46.45
C LYS H 267 35.68 -3.38 -46.51
N THR H 268 34.75 -3.65 -47.45
CA THR H 268 33.50 -2.90 -47.65
C THR H 268 32.35 -3.66 -46.95
N PRO H 269 31.44 -3.03 -46.17
CA PRO H 269 31.34 -1.59 -45.84
C PRO H 269 32.49 -1.10 -44.95
N LEU H 270 32.91 0.15 -45.15
CA LEU H 270 33.99 0.76 -44.42
C LEU H 270 33.59 1.00 -42.96
N LYS H 271 34.42 0.51 -42.04
CA LYS H 271 34.24 0.71 -40.60
C LYS H 271 35.55 1.25 -40.01
N PRO H 272 35.48 2.04 -38.91
CA PRO H 272 36.72 2.56 -38.31
C PRO H 272 37.63 1.45 -37.84
N VAL H 273 38.93 1.73 -37.70
CA VAL H 273 39.91 0.73 -37.27
C VAL H 273 40.91 1.38 -36.32
N ILE H 274 41.50 0.58 -35.43
CA ILE H 274 42.51 1.04 -34.48
C ILE H 274 43.50 -0.09 -34.17
N ASP H 275 44.75 0.28 -33.90
CA ASP H 275 45.74 -0.63 -33.35
C ASP H 275 45.46 -0.68 -31.84
N ASP H 276 44.81 -1.75 -31.38
CA ASP H 276 44.47 -1.81 -29.97
C ASP H 276 45.57 -2.53 -29.16
N GLU H 277 46.57 -3.06 -29.87
CA GLU H 277 47.67 -3.73 -29.21
C GLU H 277 48.91 -3.68 -30.10
N PRO H 278 49.58 -2.51 -30.10
CA PRO H 278 50.88 -2.44 -30.76
C PRO H 278 51.94 -3.08 -29.85
N ILE H 279 53.22 -2.89 -30.17
CA ILE H 279 54.30 -3.32 -29.28
C ILE H 279 54.12 -2.64 -27.92
N TYR H 280 54.51 -3.31 -26.84
CA TYR H 280 54.42 -2.71 -25.51
C TYR H 280 55.78 -2.14 -25.15
N GLU H 281 55.79 -0.96 -24.52
CA GLU H 281 57.04 -0.37 -24.04
C GLU H 281 57.70 -1.37 -23.06
N ASP H 282 59.02 -1.62 -23.28
CA ASP H 282 59.89 -2.51 -22.49
C ASP H 282 59.61 -4.01 -22.66
N ILE H 283 58.66 -4.43 -23.54
CA ILE H 283 58.43 -5.86 -23.74
C ILE H 283 59.54 -6.41 -24.69
N PRO H 284 60.06 -7.65 -24.51
CA PRO H 284 61.07 -8.15 -25.47
C PRO H 284 60.49 -8.30 -26.87
N GLN H 285 61.34 -8.07 -27.88
CA GLN H 285 60.95 -8.26 -29.29
C GLN H 285 60.66 -9.76 -29.46
N GLY H 286 59.41 -10.12 -29.77
CA GLY H 286 59.02 -11.51 -29.92
C GLY H 286 58.56 -12.16 -28.62
N LEU H 287 58.45 -11.35 -27.54
CA LEU H 287 57.88 -11.68 -26.21
C LEU H 287 58.63 -12.67 -25.31
N HIS H 288 58.96 -13.87 -25.84
CA HIS H 288 59.36 -15.03 -25.06
C HIS H 288 60.83 -15.14 -24.64
N ASP H 289 61.74 -14.39 -25.24
CA ASP H 289 63.13 -14.44 -24.78
C ASP H 289 63.38 -13.20 -23.89
N PRO H 290 63.53 -13.35 -22.55
CA PRO H 290 63.70 -12.15 -21.69
C PRO H 290 65.03 -11.40 -21.90
N ASN H 291 65.99 -12.04 -22.59
CA ASN H 291 67.28 -11.40 -22.88
C ASN H 291 67.29 -10.74 -24.27
N GLU H 292 66.16 -10.78 -24.98
CA GLU H 292 66.09 -10.13 -26.28
C GLU H 292 66.07 -8.59 -26.13
N THR H 293 66.39 -7.88 -27.23
CA THR H 293 66.24 -6.41 -27.31
C THR H 293 64.79 -6.06 -26.90
N ARG H 294 64.61 -5.00 -26.13
CA ARG H 294 63.27 -4.59 -25.70
C ARG H 294 62.77 -3.45 -26.57
N TRP H 295 61.46 -3.42 -26.85
CA TRP H 295 60.85 -2.29 -27.56
C TRP H 295 60.99 -1.05 -26.65
N ASN H 296 61.28 0.13 -27.23
CA ASN H 296 61.52 1.33 -26.41
C ASN H 296 60.53 2.46 -26.78
N GLN H 297 60.65 3.62 -26.12
CA GLN H 297 59.82 4.81 -26.35
C GLN H 297 59.77 5.26 -27.84
N HIS H 298 60.90 5.16 -28.56
CA HIS H 298 60.98 5.60 -29.97
C HIS H 298 60.14 4.68 -30.82
N ASP H 299 60.21 3.35 -30.56
CA ASP H 299 59.41 2.34 -31.25
C ASP H 299 57.92 2.56 -30.96
N VAL H 300 57.58 2.85 -29.70
CA VAL H 300 56.21 3.07 -29.25
C VAL H 300 55.59 4.27 -30.02
N ARG H 301 56.34 5.38 -30.16
CA ARG H 301 55.87 6.55 -30.94
C ARG H 301 55.71 6.18 -32.39
N ARG H 302 56.71 5.45 -32.97
CA ARG H 302 56.62 5.03 -34.38
C ARG H 302 55.32 4.27 -34.65
N TYR H 303 55.00 3.25 -33.84
CA TYR H 303 53.75 2.47 -34.05
C TYR H 303 52.50 3.35 -33.92
N ALA H 304 52.51 4.31 -32.97
CA ALA H 304 51.37 5.19 -32.71
C ALA H 304 51.06 6.07 -33.93
N TYR H 305 52.07 6.84 -34.40
CA TYR H 305 51.89 7.75 -35.53
C TYR H 305 51.67 6.97 -36.84
N TRP H 306 52.35 5.84 -37.04
CA TRP H 306 52.15 5.05 -38.26
C TRP H 306 50.71 4.55 -38.36
N SER H 307 50.15 4.03 -37.27
CA SER H 307 48.75 3.54 -37.32
C SER H 307 47.75 4.70 -37.57
N VAL H 308 47.85 5.80 -36.83
CA VAL H 308 46.92 6.93 -36.96
C VAL H 308 47.05 7.60 -38.35
N PHE H 309 48.29 7.85 -38.81
CA PHE H 309 48.49 8.53 -40.11
C PHE H 309 48.08 7.61 -41.28
N ALA H 310 48.02 6.28 -41.05
CA ALA H 310 47.54 5.34 -42.08
C ALA H 310 45.99 5.35 -42.14
N GLY H 311 45.34 5.93 -41.14
CA GLY H 311 43.87 6.02 -41.12
C GLY H 311 43.14 5.58 -39.87
N SER H 312 43.86 5.10 -38.83
CA SER H 312 43.23 4.69 -37.57
C SER H 312 42.56 5.88 -36.88
N PHE H 313 41.43 5.65 -36.19
CA PHE H 313 40.63 6.71 -35.54
C PHE H 313 41.22 7.17 -34.17
N GLY H 314 42.22 6.44 -33.70
CA GLY H 314 42.88 6.69 -32.44
C GLY H 314 43.99 5.69 -32.27
N HIS H 315 44.46 5.51 -31.03
CA HIS H 315 45.53 4.53 -30.76
C HIS H 315 45.48 4.06 -29.31
N SER H 316 45.85 2.80 -29.08
CA SER H 316 46.00 2.25 -27.75
C SER H 316 47.46 1.96 -27.52
N TYR H 317 47.97 2.37 -26.37
CA TYR H 317 49.32 2.14 -25.91
C TYR H 317 49.30 1.00 -24.87
N GLY H 318 50.46 0.36 -24.69
CA GLY H 318 50.68 -0.62 -23.64
C GLY H 318 52.11 -0.59 -23.13
N HIS H 319 52.32 -0.95 -21.86
CA HIS H 319 53.65 -1.06 -21.24
C HIS H 319 53.71 -2.47 -20.64
N ASN H 320 54.80 -3.19 -20.85
CA ASN H 320 54.95 -4.56 -20.31
C ASN H 320 54.67 -4.64 -18.78
N ASP H 321 55.18 -3.65 -18.01
CA ASP H 321 55.06 -3.67 -16.55
C ASP H 321 53.68 -3.21 -16.08
N ILE H 322 53.03 -2.32 -16.82
CA ILE H 322 51.71 -1.80 -16.40
C ILE H 322 50.63 -2.81 -16.70
N MSE H 323 50.59 -3.35 -17.92
CA MSE H 323 49.50 -4.23 -18.33
C MSE H 323 49.32 -5.45 -17.40
O MSE H 323 48.20 -5.91 -17.24
CB MSE H 323 49.64 -4.66 -19.81
CG MSE H 323 50.91 -5.52 -20.11
SE MSE H 323 50.50 -7.39 -20.03
CE MSE H 323 52.16 -8.07 -20.64
N GLN H 324 50.41 -5.92 -16.77
CA GLN H 324 50.37 -7.05 -15.85
C GLN H 324 50.50 -6.58 -14.37
N PHE H 325 50.59 -5.25 -14.13
CA PHE H 325 50.72 -4.62 -12.80
C PHE H 325 51.77 -5.35 -11.95
N ILE H 326 52.96 -5.48 -12.53
CA ILE H 326 54.07 -6.15 -11.86
C ILE H 326 54.56 -5.29 -10.68
N ARG H 327 55.08 -5.97 -9.65
CA ARG H 327 55.69 -5.36 -8.48
C ARG H 327 56.67 -6.39 -7.88
N PRO H 328 57.57 -6.03 -6.94
CA PRO H 328 58.50 -7.00 -6.39
C PRO H 328 57.82 -8.24 -5.82
N GLY H 329 58.31 -9.41 -6.21
CA GLY H 329 57.79 -10.67 -5.68
C GLY H 329 56.56 -11.22 -6.36
N TYR H 330 56.14 -10.66 -7.49
CA TYR H 330 54.97 -11.14 -8.24
C TYR H 330 55.40 -11.89 -9.47
N GLY H 331 54.68 -12.98 -9.78
CA GLY H 331 54.93 -13.79 -10.96
C GLY H 331 54.84 -12.93 -12.19
N ALA H 332 55.85 -12.97 -13.05
CA ALA H 332 55.94 -12.12 -14.24
C ALA H 332 55.77 -12.87 -15.53
N SER H 333 55.33 -12.16 -16.56
CA SER H 333 55.32 -12.68 -17.92
C SER H 333 56.23 -11.80 -18.76
N PHE H 334 56.83 -12.37 -19.82
CA PHE H 334 57.59 -11.67 -20.85
C PHE H 334 58.72 -10.77 -20.29
N GLY H 335 59.51 -11.34 -19.39
CA GLY H 335 60.71 -10.70 -18.86
C GLY H 335 60.50 -9.50 -17.98
N ALA H 336 59.29 -9.34 -17.39
CA ALA H 336 59.09 -8.24 -16.45
C ALA H 336 59.77 -8.63 -15.13
N ASP H 337 60.17 -7.64 -14.33
CA ASP H 337 60.84 -7.92 -13.06
C ASP H 337 60.52 -6.80 -12.11
N GLY H 338 59.58 -7.08 -11.20
CA GLY H 338 59.10 -6.12 -10.21
C GLY H 338 60.15 -5.40 -9.39
N ARG H 339 61.29 -6.07 -9.10
CA ARG H 339 62.42 -5.50 -8.36
CA ARG H 339 62.37 -5.48 -8.34
C ARG H 339 63.13 -4.43 -9.16
N LYS H 340 63.16 -4.59 -10.51
CA LYS H 340 63.85 -3.66 -11.39
CA LYS H 340 63.85 -3.67 -11.41
C LYS H 340 62.94 -2.48 -11.76
N LYS H 341 61.66 -2.78 -12.09
CA LYS H 341 60.69 -1.75 -12.42
C LYS H 341 59.31 -2.26 -12.10
N ALA H 342 58.59 -1.55 -11.23
CA ALA H 342 57.21 -1.91 -10.90
C ALA H 342 56.24 -1.10 -11.75
N TRP H 343 54.94 -1.47 -11.80
CA TRP H 343 53.94 -0.73 -12.58
C TRP H 343 53.89 0.76 -12.16
N TRP H 344 54.11 1.07 -10.85
CA TRP H 344 54.06 2.47 -10.42
C TRP H 344 55.28 3.28 -10.99
N ASP H 345 56.41 2.59 -11.29
CA ASP H 345 57.58 3.23 -11.91
C ASP H 345 57.37 3.39 -13.39
N ALA H 346 56.75 2.37 -14.04
CA ALA H 346 56.49 2.39 -15.48
C ALA H 346 55.54 3.54 -15.88
N LEU H 347 54.70 4.05 -14.94
CA LEU H 347 53.82 5.18 -15.23
C LEU H 347 54.63 6.46 -15.48
N GLU H 348 55.92 6.47 -15.11
CA GLU H 348 56.81 7.61 -15.30
C GLU H 348 57.67 7.44 -16.57
N ASP H 349 57.49 6.31 -17.30
CA ASP H 349 58.31 6.05 -18.47
C ASP H 349 57.97 6.98 -19.65
N PRO H 350 58.96 7.25 -20.54
CA PRO H 350 58.70 8.23 -21.62
C PRO H 350 57.54 7.91 -22.57
N GLY H 351 57.46 6.67 -23.09
CA GLY H 351 56.40 6.31 -24.03
C GLY H 351 55.01 6.57 -23.51
N PHE H 352 54.75 6.14 -22.25
CA PHE H 352 53.45 6.35 -21.59
C PHE H 352 53.06 7.84 -21.60
N ASN H 353 54.06 8.70 -21.34
CA ASN H 353 53.90 10.15 -21.21
C ASN H 353 54.02 10.92 -22.55
N GLN H 354 54.14 10.23 -23.69
CA GLN H 354 54.27 10.87 -25.02
C GLN H 354 53.04 10.69 -25.89
N MSE H 355 52.15 9.76 -25.53
CA MSE H 355 50.92 9.51 -26.28
C MSE H 355 50.00 10.75 -26.33
O MSE H 355 49.35 10.97 -27.34
CB MSE H 355 50.18 8.31 -25.68
CG MSE H 355 50.98 7.00 -25.82
SE MSE H 355 51.35 6.49 -27.69
CE MSE H 355 53.15 7.22 -27.98
N LYS H 356 50.01 11.58 -25.27
CA LYS H 356 49.21 12.81 -25.24
C LYS H 356 49.55 13.76 -26.42
N TYR H 357 50.82 13.74 -26.91
CA TYR H 357 51.22 14.64 -27.99
C TYR H 357 50.57 14.25 -29.30
N LEU H 358 50.27 12.97 -29.48
CA LEU H 358 49.58 12.46 -30.66
C LEU H 358 48.10 12.89 -30.62
N LYS H 359 47.43 12.62 -29.49
CA LYS H 359 46.01 13.00 -29.30
C LYS H 359 45.82 14.51 -29.50
N ASN H 360 46.69 15.33 -28.86
CA ASN H 360 46.55 16.78 -28.91
C ASN H 360 46.76 17.33 -30.34
N LEU H 361 47.69 16.71 -31.09
CA LEU H 361 47.93 17.07 -32.49
C LEU H 361 46.68 16.82 -33.34
N MSE H 362 46.10 15.60 -33.25
CA MSE H 362 44.96 15.24 -34.13
C MSE H 362 43.72 16.10 -33.83
O MSE H 362 42.99 16.44 -34.77
CB MSE H 362 44.63 13.73 -33.99
CG MSE H 362 45.84 12.80 -34.27
SE MSE H 362 46.99 13.30 -35.77
CE MSE H 362 45.78 12.95 -37.20
N LEU H 363 43.51 16.48 -32.56
CA LEU H 363 42.35 17.29 -32.18
C LEU H 363 42.51 18.79 -32.56
N THR H 364 43.71 19.21 -33.03
CA THR H 364 43.98 20.62 -33.41
C THR H 364 43.40 20.92 -34.81
N PHE H 365 43.13 19.90 -35.61
CA PHE H 365 42.70 20.09 -37.00
C PHE H 365 41.31 19.53 -37.33
N PRO H 366 40.64 20.02 -38.43
CA PRO H 366 39.34 19.44 -38.85
C PRO H 366 39.45 17.93 -38.85
N PHE H 367 38.59 17.31 -38.05
CA PHE H 367 38.71 15.92 -37.68
C PHE H 367 38.16 14.89 -38.67
N PHE H 368 36.89 15.05 -39.10
CA PHE H 368 36.20 14.02 -39.87
C PHE H 368 36.60 13.91 -41.33
N GLU H 369 37.13 14.99 -41.93
CA GLU H 369 37.51 14.97 -43.33
C GLU H 369 38.92 14.44 -43.54
N ARG H 370 39.62 14.09 -42.44
CA ARG H 370 40.98 13.56 -42.53
C ARG H 370 41.01 12.23 -43.27
N VAL H 371 41.99 12.09 -44.17
CA VAL H 371 42.19 10.85 -44.91
C VAL H 371 43.67 10.50 -44.90
N PRO H 372 44.07 9.21 -44.97
CA PRO H 372 45.49 8.95 -45.21
C PRO H 372 45.79 9.30 -46.68
N ASP H 373 47.00 9.80 -47.01
CA ASP H 373 47.28 10.13 -48.42
C ASP H 373 48.79 10.15 -48.68
N GLN H 374 49.33 9.03 -49.16
CA GLN H 374 50.76 8.89 -49.45
C GLN H 374 51.20 9.73 -50.69
N SER H 375 50.25 10.17 -51.55
CA SER H 375 50.58 11.01 -52.70
C SER H 375 51.07 12.42 -52.24
N VAL H 376 50.89 12.77 -50.94
CA VAL H 376 51.42 14.01 -50.34
C VAL H 376 52.98 13.93 -50.38
N ILE H 377 53.54 12.72 -50.32
CA ILE H 377 54.98 12.50 -50.39
C ILE H 377 55.38 12.28 -51.83
N ALA H 378 56.09 13.26 -52.39
CA ALA H 378 56.59 13.22 -53.76
C ALA H 378 57.95 12.53 -53.78
N GLY H 379 58.49 12.30 -54.98
CA GLY H 379 59.78 11.66 -55.14
C GLY H 379 59.77 10.21 -54.73
N THR H 380 60.87 9.74 -54.16
CA THR H 380 60.99 8.35 -53.72
C THR H 380 60.94 8.32 -52.18
N ASN H 381 59.92 7.66 -51.65
CA ASN H 381 59.80 7.53 -50.20
C ASN H 381 60.79 6.47 -49.71
N GLY H 382 61.19 6.57 -48.45
CA GLY H 382 62.11 5.61 -47.85
C GLY H 382 61.43 4.30 -47.52
N GLU H 383 62.24 3.31 -47.20
CA GLU H 383 61.82 1.96 -46.81
C GLU H 383 61.93 1.81 -45.28
N ARG H 384 61.13 0.88 -44.71
CA ARG H 384 61.09 0.53 -43.29
C ARG H 384 60.93 1.78 -42.41
N TYR H 385 61.93 2.10 -41.54
CA TYR H 385 61.82 3.26 -40.63
C TYR H 385 61.91 4.60 -41.37
N ASP H 386 62.42 4.59 -42.63
CA ASP H 386 62.52 5.77 -43.49
C ASP H 386 61.22 6.03 -44.28
N ARG H 387 60.19 5.20 -44.08
CA ARG H 387 58.94 5.44 -44.78
C ARG H 387 58.16 6.57 -44.09
N ALA H 388 58.20 7.79 -44.68
CA ALA H 388 57.42 8.94 -44.21
C ALA H 388 55.95 8.59 -44.44
N ILE H 389 55.07 9.04 -43.53
CA ILE H 389 53.65 8.70 -43.66
C ILE H 389 52.84 9.99 -43.59
N ALA H 390 51.90 10.15 -44.52
CA ALA H 390 51.13 11.38 -44.59
C ALA H 390 49.64 11.18 -44.48
N THR H 391 49.00 12.16 -43.85
CA THR H 391 47.55 12.25 -43.69
C THR H 391 47.17 13.71 -43.92
N ARG H 392 45.97 13.96 -44.39
CA ARG H 392 45.54 15.33 -44.68
C ARG H 392 44.03 15.52 -44.60
N GLY H 393 43.64 16.78 -44.48
CA GLY H 393 42.26 17.23 -44.61
C GLY H 393 42.18 17.94 -45.95
N ASN H 394 41.35 18.97 -46.06
CA ASN H 394 41.26 19.74 -47.30
C ASN H 394 42.23 20.93 -47.29
N ASP H 395 42.57 21.43 -46.07
CA ASP H 395 43.38 22.64 -45.92
C ASP H 395 44.59 22.45 -44.99
N TYR H 396 44.92 21.19 -44.67
CA TYR H 396 46.07 20.88 -43.83
C TYR H 396 46.60 19.51 -44.17
N LEU H 397 47.90 19.30 -43.97
CA LEU H 397 48.52 17.99 -44.13
C LEU H 397 49.51 17.80 -43.00
N LEU H 398 49.68 16.54 -42.60
CA LEU H 398 50.57 16.12 -41.53
C LEU H 398 51.43 15.01 -42.04
N VAL H 399 52.76 15.15 -41.88
CA VAL H 399 53.70 14.13 -42.35
C VAL H 399 54.59 13.69 -41.18
N TYR H 400 54.47 12.43 -40.77
CA TYR H 400 55.32 11.93 -39.70
C TYR H 400 56.56 11.27 -40.31
N ASN H 401 57.72 11.76 -39.93
CA ASN H 401 59.00 11.30 -40.41
C ASN H 401 59.81 10.78 -39.24
N TYR H 402 59.74 9.46 -39.01
CA TYR H 402 60.43 8.82 -37.89
C TYR H 402 61.96 9.01 -37.94
N SER H 403 62.56 8.77 -39.11
CA SER H 403 64.01 8.77 -39.20
C SER H 403 64.67 10.16 -39.34
N GLY H 404 63.98 11.08 -40.00
CA GLY H 404 64.58 12.38 -40.30
C GLY H 404 65.12 12.43 -41.71
N ARG H 405 64.97 11.33 -42.50
CA ARG H 405 65.39 11.29 -43.92
C ARG H 405 64.76 12.48 -44.70
N PRO H 406 65.55 13.27 -45.49
CA PRO H 406 64.96 14.39 -46.26
C PRO H 406 63.75 13.98 -47.10
N MSE H 407 62.77 14.88 -47.21
CA MSE H 407 61.50 14.62 -47.90
C MSE H 407 61.18 15.65 -48.95
O MSE H 407 61.52 16.82 -48.78
CB MSE H 407 60.31 14.66 -46.90
CG MSE H 407 60.44 13.79 -45.68
SE MSE H 407 58.88 14.04 -44.57
CE MSE H 407 59.14 15.80 -43.83
N GLN H 408 60.39 15.24 -49.93
CA GLN H 408 59.81 16.11 -50.96
C GLN H 408 58.30 16.02 -50.76
N ILE H 409 57.65 17.14 -50.41
CA ILE H 409 56.23 17.17 -50.08
C ILE H 409 55.45 17.95 -51.11
N ASP H 410 54.38 17.35 -51.64
CA ASP H 410 53.51 17.99 -52.63
C ASP H 410 52.48 18.86 -51.91
N LEU H 411 52.79 20.15 -51.77
CA LEU H 411 51.91 21.11 -51.07
C LEU H 411 50.62 21.39 -51.84
N SER H 412 50.54 21.03 -53.13
CA SER H 412 49.34 21.25 -53.93
C SER H 412 48.20 20.25 -53.59
N LYS H 413 48.46 19.30 -52.70
CA LYS H 413 47.46 18.30 -52.27
C LYS H 413 46.43 18.91 -51.31
N ILE H 414 46.68 20.14 -50.81
CA ILE H 414 45.73 20.88 -49.94
C ILE H 414 45.50 22.29 -50.54
N SER H 415 44.43 22.98 -50.09
CA SER H 415 44.07 24.31 -50.58
C SER H 415 45.08 25.41 -50.20
N GLY H 416 45.00 26.53 -50.89
CA GLY H 416 45.83 27.71 -50.62
C GLY H 416 46.97 27.96 -51.58
N ALA H 417 47.07 29.20 -52.07
CA ALA H 417 48.17 29.65 -52.95
C ALA H 417 49.47 29.61 -52.15
N LYS H 418 49.37 29.92 -50.85
CA LYS H 418 50.48 29.89 -49.91
C LYS H 418 50.14 28.97 -48.75
N LYS H 419 51.18 28.35 -48.17
CA LYS H 419 51.11 27.40 -47.05
C LYS H 419 52.06 27.79 -45.92
N ASN H 420 51.62 27.66 -44.67
CA ASN H 420 52.53 27.83 -43.53
C ASN H 420 52.96 26.46 -43.08
N ALA H 421 54.23 26.31 -42.67
CA ALA H 421 54.77 25.04 -42.22
C ALA H 421 55.46 25.16 -40.87
N TRP H 422 55.30 24.11 -40.01
CA TRP H 422 55.89 23.94 -38.69
C TRP H 422 56.46 22.54 -38.52
N TRP H 423 57.48 22.41 -37.65
CA TRP H 423 57.97 21.12 -37.19
C TRP H 423 57.33 20.88 -35.82
N TYR H 424 56.84 19.65 -35.57
CA TYR H 424 56.22 19.26 -34.31
C TYR H 424 56.95 18.04 -33.79
N SER H 425 57.67 18.18 -32.65
CA SER H 425 58.46 17.10 -32.08
CA SER H 425 58.46 17.10 -32.06
C SER H 425 57.57 16.10 -31.34
N ALA H 426 57.57 14.83 -31.81
CA ALA H 426 56.75 13.76 -31.21
C ALA H 426 57.18 13.44 -29.77
N LYS H 427 58.47 13.60 -29.42
CA LYS H 427 58.93 13.21 -28.08
C LYS H 427 58.48 14.21 -27.00
N ASP H 428 58.22 15.49 -27.34
CA ASP H 428 57.92 16.47 -26.27
C ASP H 428 56.90 17.55 -26.68
N GLY H 429 56.29 17.44 -27.86
CA GLY H 429 55.27 18.40 -28.30
C GLY H 429 55.79 19.78 -28.71
N LYS H 430 57.13 19.96 -28.79
CA LYS H 430 57.74 21.22 -29.19
C LYS H 430 57.34 21.59 -30.63
N LEU H 431 56.94 22.84 -30.83
CA LEU H 431 56.51 23.34 -32.12
C LEU H 431 57.47 24.42 -32.59
N GLU H 432 57.91 24.33 -33.85
CA GLU H 432 58.81 25.32 -34.42
C GLU H 432 58.34 25.74 -35.81
N TYR H 433 58.01 27.02 -35.97
CA TYR H 433 57.58 27.56 -37.26
C TYR H 433 58.75 27.57 -38.24
N ILE H 434 58.50 27.12 -39.47
CA ILE H 434 59.51 27.05 -40.54
C ILE H 434 59.41 28.31 -41.42
N GLY H 435 58.20 28.57 -41.92
CA GLY H 435 57.95 29.70 -42.80
C GLY H 435 56.76 29.49 -43.72
N GLU H 436 56.60 30.43 -44.68
CA GLU H 436 55.53 30.44 -45.67
C GLU H 436 56.08 29.97 -47.01
N PHE H 437 55.33 29.07 -47.67
CA PHE H 437 55.74 28.45 -48.93
C PHE H 437 54.69 28.56 -50.01
N ASP H 438 55.14 28.66 -51.28
CA ASP H 438 54.24 28.63 -52.42
C ASP H 438 53.79 27.18 -52.61
N SER H 439 52.58 27.00 -53.12
CA SER H 439 51.99 25.68 -53.33
C SER H 439 52.67 24.97 -54.51
N LYS H 440 53.62 24.06 -54.19
CA LYS H 440 54.41 23.26 -55.14
C LYS H 440 55.14 22.16 -54.37
N VAL H 441 55.79 21.22 -55.10
CA VAL H 441 56.62 20.17 -54.48
C VAL H 441 57.81 20.88 -53.81
N THR H 442 57.95 20.71 -52.49
CA THR H 442 58.94 21.40 -51.67
C THR H 442 59.75 20.42 -50.83
N SER H 443 61.06 20.68 -50.73
CA SER H 443 61.98 19.87 -49.93
C SER H 443 61.96 20.34 -48.49
N PHE H 444 61.92 19.36 -47.57
CA PHE H 444 61.94 19.58 -46.14
C PHE H 444 62.88 18.61 -45.47
N GLN H 445 63.69 19.12 -44.53
CA GLN H 445 64.56 18.31 -43.69
C GLN H 445 64.77 19.02 -42.37
N HIS H 446 64.66 18.25 -41.29
CA HIS H 446 64.81 18.76 -39.94
C HIS H 446 66.24 18.63 -39.48
N ASP H 447 66.74 19.69 -38.83
CA ASP H 447 68.10 19.78 -38.30
C ASP H 447 68.23 19.01 -36.98
N SER H 448 68.45 17.70 -37.08
CA SER H 448 68.61 16.81 -35.92
C SER H 448 69.26 15.52 -36.36
N GLY H 449 69.84 14.79 -35.41
CA GLY H 449 70.47 13.50 -35.69
C GLY H 449 69.53 12.57 -36.43
N TYR H 450 70.07 11.90 -37.45
CA TYR H 450 69.35 10.90 -38.22
C TYR H 450 69.14 9.67 -37.33
N LEU H 451 67.89 9.16 -37.25
CA LEU H 451 67.51 8.02 -36.41
C LEU H 451 67.99 8.23 -34.94
N SER H 452 67.78 9.44 -34.43
CA SER H 452 68.24 9.82 -33.10
C SER H 452 67.11 9.94 -32.05
N GLY H 453 65.90 9.52 -32.42
CA GLY H 453 64.73 9.65 -31.56
C GLY H 453 64.21 11.09 -31.55
N ASN H 454 64.48 11.83 -32.65
CA ASN H 454 64.02 13.20 -32.83
C ASN H 454 62.98 13.26 -33.97
N ASP H 455 62.12 12.24 -34.03
CA ASP H 455 61.02 12.10 -35.00
C ASP H 455 60.08 13.29 -34.92
N GLN H 456 59.75 13.83 -36.10
CA GLN H 456 58.92 15.02 -36.23
C GLN H 456 57.71 14.78 -37.08
N VAL H 457 56.69 15.59 -36.82
CA VAL H 457 55.55 15.74 -37.69
C VAL H 457 55.76 17.06 -38.41
N LEU H 458 55.75 17.05 -39.74
CA LEU H 458 55.71 18.27 -40.52
C LEU H 458 54.23 18.68 -40.61
N ILE H 459 53.90 19.85 -40.10
CA ILE H 459 52.56 20.43 -40.15
C ILE H 459 52.53 21.47 -41.25
N VAL H 460 51.61 21.34 -42.20
CA VAL H 460 51.45 22.31 -43.29
C VAL H 460 49.97 22.70 -43.32
N VAL H 461 49.70 24.03 -43.29
CA VAL H 461 48.32 24.54 -43.27
C VAL H 461 48.17 25.67 -44.30
N ASP H 462 47.04 25.69 -45.00
CA ASP H 462 46.63 26.77 -45.91
C ASP H 462 46.82 28.08 -45.11
N SER H 463 47.57 29.06 -45.67
CA SER H 463 47.89 30.35 -45.04
CA SER H 463 47.89 30.35 -45.02
C SER H 463 46.65 31.14 -44.58
N ALA H 464 45.45 30.86 -45.16
CA ALA H 464 44.21 31.54 -44.80
C ALA H 464 43.55 30.93 -43.55
N LYS H 465 44.04 29.76 -43.05
CA LYS H 465 43.45 29.10 -41.87
C LYS H 465 44.31 29.37 -40.61
N ASP H 466 43.66 29.36 -39.40
CA ASP H 466 44.33 29.71 -38.14
CA ASP H 466 44.30 29.71 -38.14
C ASP H 466 44.41 28.54 -37.13
N TYR H 467 44.42 27.25 -37.61
CA TYR H 467 44.54 26.08 -36.69
C TYR H 467 45.82 26.14 -35.85
N VAL H 468 46.90 26.60 -36.46
CA VAL H 468 48.20 26.76 -35.80
C VAL H 468 48.67 28.22 -36.03
N GLN H 469 49.18 28.87 -34.97
CA GLN H 469 49.72 30.23 -35.07
C GLN H 469 51.23 30.17 -35.25
N LYS H 470 51.79 31.14 -35.98
CA LYS H 470 53.22 31.23 -36.29
C LYS H 470 54.12 31.38 -35.05
N ALA H 471 53.70 32.14 -34.03
CA ALA H 471 54.49 32.40 -32.81
C ALA H 471 54.47 31.25 -31.79
N TRP H 472 53.51 30.30 -31.89
CA TRP H 472 53.41 29.17 -30.96
C TRP H 472 54.65 28.27 -30.92
N THR H 473 55.08 27.88 -29.69
CA THR H 473 56.21 26.95 -29.47
C THR H 473 55.67 25.63 -28.90
N ALA H 474 54.34 25.55 -28.74
CA ALA H 474 53.59 24.40 -28.29
C ALA H 474 52.16 24.50 -28.78
N LEU H 475 51.46 23.35 -28.86
CA LEU H 475 50.05 23.37 -29.20
C LEU H 475 49.23 23.52 -27.94
N PRO H 476 48.22 24.42 -27.91
CA PRO H 476 47.37 24.50 -26.71
C PRO H 476 46.54 23.22 -26.57
N ASP H 477 45.99 23.00 -25.37
CA ASP H 477 45.16 21.85 -25.05
C ASP H 477 43.87 21.92 -25.92
N ALA H 478 43.85 21.17 -27.04
CA ALA H 478 42.78 21.15 -28.03
C ALA H 478 41.42 20.67 -27.46
N ILE H 479 41.44 19.87 -26.37
CA ILE H 479 40.23 19.35 -25.71
C ILE H 479 39.39 20.49 -25.07
N GLN H 480 40.05 21.56 -24.57
CA GLN H 480 39.39 22.69 -23.91
C GLN H 480 38.34 23.38 -24.79
N LYS H 481 38.37 23.19 -26.13
CA LYS H 481 37.38 23.75 -27.08
C LYS H 481 35.99 23.19 -26.77
N TRP H 482 35.93 21.93 -26.31
CA TRP H 482 34.70 21.20 -25.99
C TRP H 482 34.49 21.03 -24.47
N ASN H 483 35.34 21.70 -23.65
CA ASN H 483 35.26 21.65 -22.19
C ASN H 483 34.82 23.02 -21.68
N LYS H 484 34.14 23.76 -22.57
CA LYS H 484 33.55 25.07 -22.34
C LYS H 484 32.13 24.90 -21.84
N ALA I 20 21.19 -37.90 -22.51
CA ALA I 20 21.79 -37.59 -23.80
C ALA I 20 20.84 -36.74 -24.66
N LYS I 21 21.36 -35.60 -25.16
CA LYS I 21 20.68 -34.62 -26.01
C LYS I 21 20.11 -35.27 -27.27
N THR I 22 19.03 -34.67 -27.81
CA THR I 22 18.37 -35.14 -29.03
C THR I 22 19.34 -35.10 -30.21
N TYR I 23 19.41 -36.18 -30.96
CA TYR I 23 20.21 -36.25 -32.18
C TYR I 23 19.45 -35.50 -33.31
N ILE I 24 20.09 -34.52 -33.92
CA ILE I 24 19.55 -33.71 -35.03
C ILE I 24 20.34 -34.10 -36.28
N PRO I 25 19.81 -34.99 -37.14
CA PRO I 25 20.60 -35.48 -38.30
C PRO I 25 21.19 -34.38 -39.21
N TRP I 26 20.42 -33.32 -39.53
CA TRP I 26 20.86 -32.26 -40.46
C TRP I 26 21.93 -31.34 -39.85
N LYS I 27 22.37 -31.55 -38.59
CA LYS I 27 23.51 -30.79 -38.04
C LYS I 27 24.77 -31.21 -38.83
N ASN I 28 24.69 -32.40 -39.48
CA ASN I 28 25.75 -32.98 -40.31
C ASN I 28 25.68 -32.47 -41.76
N GLY I 29 24.63 -31.69 -42.06
CA GLY I 29 24.40 -31.12 -43.38
C GLY I 29 23.24 -31.75 -44.11
N LYS I 30 23.02 -31.34 -45.36
CA LYS I 30 21.94 -31.86 -46.21
C LYS I 30 22.08 -33.35 -46.52
N LEU I 31 20.96 -33.98 -46.91
CA LEU I 31 20.99 -35.37 -47.35
C LEU I 31 21.53 -35.41 -48.77
N VAL I 32 22.39 -36.38 -49.05
CA VAL I 32 22.98 -36.53 -50.37
C VAL I 32 23.11 -38.02 -50.66
N VAL I 33 22.99 -38.40 -51.93
CA VAL I 33 23.18 -39.78 -52.35
C VAL I 33 24.69 -40.06 -52.30
N SER I 34 25.12 -41.11 -51.59
CA SER I 34 26.53 -41.49 -51.45
C SER I 34 27.11 -41.91 -52.82
N GLU I 35 28.46 -41.81 -52.96
CA GLU I 35 29.28 -42.07 -54.16
C GLU I 35 28.89 -43.37 -54.91
N GLU I 36 28.73 -44.48 -54.19
CA GLU I 36 28.43 -45.79 -54.77
C GLU I 36 26.96 -45.93 -55.29
N GLY I 37 26.13 -44.91 -55.06
CA GLY I 37 24.74 -44.85 -55.51
C GLY I 37 23.76 -45.79 -54.84
N ARG I 38 24.09 -46.25 -53.62
CA ARG I 38 23.22 -47.18 -52.88
C ARG I 38 22.63 -46.58 -51.62
N TYR I 39 23.36 -45.67 -50.95
CA TYR I 39 22.94 -45.17 -49.64
C TYR I 39 22.84 -43.66 -49.56
N LEU I 40 22.17 -43.19 -48.49
CA LEU I 40 22.05 -41.78 -48.18
C LEU I 40 23.05 -41.43 -47.09
N LYS I 41 23.62 -40.25 -47.21
CA LYS I 41 24.57 -39.70 -46.26
C LYS I 41 24.26 -38.22 -46.06
N HIS I 42 24.89 -37.63 -45.06
CA HIS I 42 24.86 -36.18 -44.86
C HIS I 42 26.05 -35.63 -45.64
N GLU I 43 26.09 -34.30 -45.86
CA GLU I 43 27.19 -33.66 -46.59
C GLU I 43 28.57 -33.99 -45.98
N ASN I 44 28.67 -34.07 -44.63
CA ASN I 44 29.95 -34.33 -43.95
C ASN I 44 30.35 -35.83 -43.96
N GLY I 45 29.56 -36.66 -44.64
CA GLY I 45 29.81 -38.09 -44.79
C GLY I 45 29.14 -39.02 -43.81
N VAL I 46 28.45 -38.48 -42.78
CA VAL I 46 27.79 -39.27 -41.75
C VAL I 46 26.62 -40.06 -42.40
N PRO I 47 26.51 -41.39 -42.16
CA PRO I 47 25.38 -42.14 -42.75
C PRO I 47 24.01 -41.64 -42.31
N PHE I 48 23.00 -41.84 -43.17
CA PHE I 48 21.62 -41.60 -42.80
C PHE I 48 20.85 -42.89 -43.04
N PHE I 49 20.62 -43.67 -41.96
CA PHE I 49 19.82 -44.87 -42.09
C PHE I 49 18.37 -44.45 -41.88
N TRP I 50 17.64 -44.36 -42.98
CA TRP I 50 16.23 -43.97 -43.00
C TRP I 50 15.40 -45.02 -42.30
N LEU I 51 14.73 -44.61 -41.23
CA LEU I 51 13.77 -45.46 -40.52
C LEU I 51 12.49 -44.68 -40.49
N GLY I 52 11.59 -45.05 -41.40
CA GLY I 52 10.35 -44.33 -41.63
C GLY I 52 9.10 -44.85 -40.96
N GLU I 53 8.24 -43.91 -40.57
CA GLU I 53 6.94 -44.16 -39.99
C GLU I 53 5.90 -43.55 -40.93
N THR I 54 4.69 -44.08 -40.93
CA THR I 54 3.69 -43.62 -41.88
C THR I 54 2.53 -42.92 -41.15
N GLY I 55 2.53 -41.59 -41.18
CA GLY I 55 1.47 -40.83 -40.55
C GLY I 55 0.67 -40.11 -41.61
N TRP I 56 0.12 -40.86 -42.59
CA TRP I 56 -0.55 -40.29 -43.76
C TRP I 56 -1.53 -39.16 -43.43
N LEU I 57 -2.51 -39.42 -42.52
CA LEU I 57 -3.57 -38.43 -42.26
C LEU I 57 -3.30 -37.49 -41.09
N MSE I 58 -2.02 -37.37 -40.67
CA MSE I 58 -1.69 -36.48 -39.55
C MSE I 58 -2.09 -35.00 -39.86
O MSE I 58 -2.72 -34.37 -38.98
CB MSE I 58 -0.20 -36.59 -39.15
CG MSE I 58 0.31 -35.35 -38.38
SE MSE I 58 1.96 -35.62 -37.38
CE MSE I 58 3.12 -36.15 -38.79
N PRO I 59 -1.76 -34.41 -41.05
CA PRO I 59 -2.15 -33.01 -41.32
C PRO I 59 -3.66 -32.75 -41.25
N GLN I 60 -4.48 -33.76 -41.56
CA GLN I 60 -5.94 -33.60 -41.61
C GLN I 60 -6.66 -33.95 -40.32
N ARG I 61 -6.07 -34.86 -39.50
CA ARG I 61 -6.77 -35.41 -38.33
C ARG I 61 -6.18 -35.07 -36.98
N LEU I 62 -4.87 -34.77 -36.90
CA LEU I 62 -4.30 -34.54 -35.56
C LEU I 62 -4.25 -33.07 -35.19
N ASN I 63 -4.56 -32.76 -33.92
CA ASN I 63 -4.46 -31.39 -33.40
C ASN I 63 -3.01 -31.18 -32.93
N ARG I 64 -2.66 -29.99 -32.43
CA ARG I 64 -1.28 -29.65 -32.04
C ARG I 64 -0.72 -30.57 -30.97
N ASP I 65 -1.50 -30.87 -29.91
CA ASP I 65 -1.01 -31.73 -28.82
C ASP I 65 -0.81 -33.18 -29.29
N GLU I 66 -1.71 -33.68 -30.16
CA GLU I 66 -1.61 -35.04 -30.70
C GLU I 66 -0.38 -35.19 -31.59
N VAL I 67 -0.09 -34.15 -32.40
CA VAL I 67 1.08 -34.12 -33.28
C VAL I 67 2.35 -34.32 -32.42
N SER I 68 2.47 -33.56 -31.31
CA SER I 68 3.61 -33.62 -30.39
C SER I 68 3.77 -35.01 -29.79
N TYR I 69 2.67 -35.62 -29.33
CA TYR I 69 2.66 -36.94 -28.73
C TYR I 69 3.09 -38.00 -29.73
N TYR I 70 2.47 -37.99 -30.93
CA TYR I 70 2.77 -38.98 -31.96
C TYR I 70 4.25 -38.88 -32.38
N LEU I 71 4.75 -37.65 -32.62
CA LEU I 71 6.16 -37.45 -32.99
C LEU I 71 7.10 -37.80 -31.86
N ASN I 72 6.72 -37.57 -30.57
CA ASN I 72 7.54 -38.02 -29.42
C ASN I 72 7.69 -39.54 -29.42
N LYS I 73 6.56 -40.26 -29.64
CA LYS I 73 6.56 -41.72 -29.70
C LYS I 73 7.42 -42.22 -30.88
N CYS I 74 7.33 -41.54 -32.04
CA CYS I 74 8.15 -41.87 -33.22
C CYS I 74 9.63 -41.71 -32.90
N LYS I 75 10.01 -40.57 -32.29
CA LYS I 75 11.39 -40.27 -31.90
C LYS I 75 11.93 -41.35 -30.93
N ASP I 76 11.17 -41.67 -29.86
CA ASP I 76 11.58 -42.64 -28.86
C ASP I 76 11.67 -44.06 -29.45
N ALA I 77 10.93 -44.36 -30.54
CA ALA I 77 10.98 -45.69 -31.19
C ALA I 77 12.06 -45.74 -32.32
N GLY I 78 12.89 -44.69 -32.42
CA GLY I 78 14.01 -44.63 -33.35
C GLY I 78 13.74 -44.14 -34.76
N TYR I 79 12.50 -43.71 -35.06
CA TYR I 79 12.14 -43.22 -36.38
C TYR I 79 12.75 -41.83 -36.63
N ASN I 80 13.27 -41.61 -37.85
CA ASN I 80 13.88 -40.31 -38.22
C ASN I 80 13.21 -39.73 -39.48
N MSE I 81 12.13 -40.40 -39.94
CA MSE I 81 11.36 -39.97 -41.11
C MSE I 81 9.90 -40.29 -40.87
O MSE I 81 9.56 -41.44 -40.58
CB MSE I 81 11.89 -40.69 -42.39
CG MSE I 81 11.53 -39.96 -43.72
SE MSE I 81 9.62 -40.00 -44.28
CE MSE I 81 9.28 -41.98 -44.27
N VAL I 82 9.02 -39.27 -40.91
CA VAL I 82 7.58 -39.50 -40.75
C VAL I 82 6.94 -39.00 -42.01
N GLN I 83 6.25 -39.87 -42.78
CA GLN I 83 5.66 -39.39 -44.03
C GLN I 83 4.17 -39.07 -43.87
N VAL I 84 3.71 -38.05 -44.60
CA VAL I 84 2.33 -37.56 -44.55
C VAL I 84 1.76 -37.30 -45.95
N GLN I 85 0.43 -37.25 -46.06
CA GLN I 85 -0.26 -36.79 -47.24
C GLN I 85 -0.51 -35.30 -46.98
N VAL I 86 0.25 -34.43 -47.65
CA VAL I 86 0.12 -32.97 -47.49
C VAL I 86 -1.31 -32.55 -47.85
N LEU I 87 -1.80 -33.09 -48.98
CA LEU I 87 -3.17 -33.00 -49.46
C LEU I 87 -3.68 -34.41 -49.76
N ASN I 88 -4.90 -34.73 -49.30
CA ASN I 88 -5.54 -36.02 -49.58
C ASN I 88 -6.77 -35.76 -50.50
N GLY I 89 -7.00 -34.48 -50.81
CA GLY I 89 -8.11 -34.05 -51.66
C GLY I 89 -7.96 -32.62 -52.10
N VAL I 90 -8.81 -32.20 -53.06
CA VAL I 90 -8.80 -30.81 -53.57
C VAL I 90 -10.19 -30.19 -53.29
N PRO I 91 -10.37 -29.39 -52.22
CA PRO I 91 -9.37 -29.03 -51.20
C PRO I 91 -9.31 -30.10 -50.12
N SER I 92 -8.34 -29.99 -49.20
CA SER I 92 -8.26 -30.83 -48.00
C SER I 92 -8.78 -29.99 -46.83
N MSE I 93 -9.14 -30.65 -45.74
CA MSE I 93 -9.66 -30.03 -44.52
C MSE I 93 -8.89 -30.58 -43.31
O MSE I 93 -8.64 -31.77 -43.26
CB MSE I 93 -11.16 -30.37 -44.39
CG MSE I 93 -11.79 -29.93 -43.07
SE MSE I 93 -12.64 -28.22 -43.25
CE MSE I 93 -13.87 -28.69 -44.78
N ASN I 94 -8.57 -29.74 -42.32
CA ASN I 94 -7.89 -30.27 -41.13
C ASN I 94 -8.89 -30.35 -39.95
N ILE I 95 -8.42 -30.81 -38.78
CA ILE I 95 -9.25 -31.05 -37.60
C ILE I 95 -9.81 -29.73 -37.00
N TYR I 96 -9.17 -28.61 -37.30
CA TYR I 96 -9.60 -27.30 -36.82
C TYR I 96 -10.68 -26.67 -37.73
N GLY I 97 -11.03 -27.36 -38.81
CA GLY I 97 -12.03 -26.89 -39.76
C GLY I 97 -11.49 -25.85 -40.70
N GLN I 98 -10.19 -25.99 -41.03
CA GLN I 98 -9.52 -25.08 -41.96
C GLN I 98 -9.37 -25.76 -43.31
N TYR I 99 -9.69 -25.02 -44.38
CA TYR I 99 -9.49 -25.44 -45.77
C TYR I 99 -8.02 -25.26 -46.19
N SER I 100 -7.49 -26.20 -47.00
CA SER I 100 -6.12 -26.09 -47.55
C SER I 100 -6.05 -25.02 -48.66
N MSE I 101 -7.18 -24.81 -49.34
CA MSE I 101 -7.31 -23.88 -50.46
C MSE I 101 -8.69 -23.31 -50.52
O MSE I 101 -9.67 -24.03 -50.31
CB MSE I 101 -7.02 -24.59 -51.79
CG MSE I 101 -5.53 -24.74 -52.10
SE MSE I 101 -4.90 -26.54 -51.80
CE MSE I 101 -5.86 -27.41 -53.28
N THR I 102 -8.79 -22.03 -50.83
CA THR I 102 -10.04 -21.29 -50.96
C THR I 102 -10.36 -20.98 -52.44
N ASP I 103 -9.29 -20.80 -53.27
CA ASP I 103 -9.39 -20.42 -54.67
C ASP I 103 -8.54 -21.35 -55.54
N GLY I 104 -8.83 -22.65 -55.49
CA GLY I 104 -8.12 -23.67 -56.24
C GLY I 104 -6.63 -23.66 -55.93
N PHE I 105 -5.78 -23.74 -56.97
CA PHE I 105 -4.34 -23.75 -56.78
C PHE I 105 -3.74 -22.32 -56.87
N ASN I 106 -4.53 -21.30 -56.48
CA ASN I 106 -4.07 -19.91 -56.40
C ASN I 106 -3.85 -19.63 -54.91
N PHE I 107 -2.59 -19.53 -54.50
CA PHE I 107 -2.15 -19.42 -53.10
C PHE I 107 -1.86 -17.97 -52.66
N LYS I 108 -2.23 -16.97 -53.48
CA LYS I 108 -1.98 -15.53 -53.23
C LYS I 108 -2.41 -15.06 -51.82
N ASP I 109 -3.60 -15.45 -51.38
CA ASP I 109 -4.11 -14.96 -50.09
C ASP I 109 -4.25 -16.08 -49.08
N ILE I 110 -3.37 -17.11 -49.16
CA ILE I 110 -3.46 -18.25 -48.27
C ILE I 110 -3.09 -17.87 -46.81
N ASN I 111 -2.12 -16.94 -46.61
CA ASN I 111 -1.73 -16.51 -45.28
C ASN I 111 -2.59 -15.34 -44.84
N ARG I 112 -3.34 -15.52 -43.74
CA ARG I 112 -4.24 -14.52 -43.17
C ARG I 112 -3.76 -14.21 -41.76
N LYS I 113 -3.48 -12.93 -41.47
CA LYS I 113 -2.99 -12.49 -40.16
C LYS I 113 -3.98 -12.84 -39.03
N GLY I 114 -3.46 -13.41 -37.96
CA GLY I 114 -4.25 -13.81 -36.81
C GLY I 114 -5.06 -15.07 -36.98
N ILE I 115 -4.91 -15.77 -38.12
CA ILE I 115 -5.61 -17.04 -38.37
C ILE I 115 -4.61 -18.16 -38.42
N TYR I 116 -4.88 -19.23 -37.67
CA TYR I 116 -4.05 -20.44 -37.68
C TYR I 116 -4.64 -21.33 -38.75
N GLY I 117 -4.13 -21.17 -39.97
CA GLY I 117 -4.67 -21.87 -41.13
C GLY I 117 -4.16 -23.28 -41.30
N TYR I 118 -4.66 -23.95 -42.36
CA TYR I 118 -4.26 -25.31 -42.73
C TYR I 118 -2.72 -25.40 -42.86
N TRP I 119 -2.11 -24.44 -43.56
CA TRP I 119 -0.65 -24.44 -43.82
C TRP I 119 0.14 -24.00 -42.60
N ASP I 120 -0.46 -23.21 -41.68
CA ASP I 120 0.21 -22.87 -40.44
C ASP I 120 0.31 -24.13 -39.57
N HIS I 121 -0.69 -25.02 -39.64
CA HIS I 121 -0.65 -26.29 -38.88
C HIS I 121 0.35 -27.23 -39.56
N MSE I 122 0.45 -27.18 -40.92
CA MSE I 122 1.46 -27.95 -41.67
C MSE I 122 2.86 -27.48 -41.22
O MSE I 122 3.73 -28.33 -40.95
CB MSE I 122 1.25 -27.77 -43.20
CG MSE I 122 2.12 -28.74 -44.08
SE MSE I 122 1.70 -30.64 -43.82
CE MSE I 122 3.30 -31.22 -42.82
N ASP I 123 3.05 -26.14 -41.08
CA ASP I 123 4.33 -25.56 -40.63
C ASP I 123 4.70 -26.09 -39.23
N TYR I 124 3.71 -26.12 -38.32
CA TYR I 124 3.85 -26.60 -36.94
C TYR I 124 4.28 -28.08 -36.91
N ILE I 125 3.68 -28.93 -37.76
CA ILE I 125 4.03 -30.36 -37.84
C ILE I 125 5.51 -30.48 -38.22
N ILE I 126 5.97 -29.70 -39.21
CA ILE I 126 7.38 -29.71 -39.66
C ILE I 126 8.32 -29.23 -38.53
N LYS I 127 7.99 -28.11 -37.86
CA LYS I 127 8.80 -27.59 -36.73
C LYS I 127 8.82 -28.59 -35.56
N SER I 128 7.68 -29.27 -35.31
CA SER I 128 7.57 -30.26 -34.23
C SER I 128 8.48 -31.44 -34.52
N ALA I 129 8.52 -31.86 -35.79
CA ALA I 129 9.40 -32.94 -36.25
C ALA I 129 10.84 -32.51 -36.13
N ALA I 130 11.16 -31.24 -36.52
CA ALA I 130 12.53 -30.70 -36.49
C ALA I 130 13.14 -30.74 -35.09
N SER I 131 12.37 -30.38 -34.04
CA SER I 131 12.89 -30.38 -32.67
C SER I 131 13.16 -31.80 -32.17
N ARG I 132 12.64 -32.81 -32.88
CA ARG I 132 12.80 -34.22 -32.51
C ARG I 132 13.76 -34.96 -33.45
N GLY I 133 14.39 -34.23 -34.37
CA GLY I 133 15.35 -34.80 -35.31
C GLY I 133 14.71 -35.68 -36.35
N ILE I 134 13.48 -35.33 -36.77
CA ILE I 134 12.73 -36.14 -37.74
C ILE I 134 12.48 -35.36 -39.03
N TYR I 135 12.70 -36.02 -40.18
CA TYR I 135 12.39 -35.49 -41.50
C TYR I 135 10.94 -35.74 -41.79
N ILE I 136 10.25 -34.80 -42.44
CA ILE I 136 8.88 -35.06 -42.87
C ILE I 136 8.96 -35.44 -44.35
N GLY I 137 8.41 -36.60 -44.67
CA GLY I 137 8.24 -37.09 -46.03
C GLY I 137 6.97 -36.45 -46.53
N MSE I 138 7.11 -35.47 -47.42
CA MSE I 138 6.00 -34.66 -47.92
C MSE I 138 5.39 -35.22 -49.19
O MSE I 138 5.89 -34.93 -50.28
CB MSE I 138 6.47 -33.19 -48.17
CG MSE I 138 7.04 -32.47 -46.95
SE MSE I 138 5.63 -31.81 -45.77
CE MSE I 138 5.16 -30.19 -46.77
N VAL I 139 4.29 -35.99 -49.06
CA VAL I 139 3.60 -36.45 -50.27
C VAL I 139 2.73 -35.26 -50.66
N CYS I 140 3.23 -34.44 -51.60
CA CYS I 140 2.61 -33.18 -52.05
C CYS I 140 1.10 -33.32 -52.20
N ILE I 141 0.66 -34.34 -52.95
CA ILE I 141 -0.78 -34.58 -53.15
C ILE I 141 -0.97 -36.05 -53.53
N TRP I 142 -1.86 -36.73 -52.79
CA TRP I 142 -2.18 -38.15 -53.03
C TRP I 142 -2.67 -38.34 -54.47
N GLY I 143 -2.37 -39.49 -55.05
CA GLY I 143 -2.74 -39.76 -56.43
C GLY I 143 -4.22 -39.65 -56.79
N THR I 144 -5.13 -40.03 -55.89
CA THR I 144 -6.59 -40.05 -56.18
C THR I 144 -7.12 -38.72 -56.77
N PRO I 145 -6.96 -37.52 -56.14
CA PRO I 145 -7.50 -36.29 -56.77
C PRO I 145 -6.84 -35.97 -58.12
N VAL I 146 -5.55 -36.32 -58.26
CA VAL I 146 -4.78 -36.09 -59.51
C VAL I 146 -5.35 -37.01 -60.61
N GLU I 147 -5.63 -38.29 -60.28
CA GLU I 147 -6.22 -39.25 -61.23
C GLU I 147 -7.63 -38.77 -61.67
N GLN I 148 -8.34 -38.07 -60.77
CA GLN I 148 -9.68 -37.54 -61.02
C GLN I 148 -9.68 -36.18 -61.79
N GLY I 149 -8.49 -35.72 -62.19
CA GLY I 149 -8.29 -34.48 -62.94
C GLY I 149 -8.39 -33.20 -62.12
N LEU I 150 -8.27 -33.28 -60.78
CA LEU I 150 -8.39 -32.09 -59.89
C LEU I 150 -7.09 -31.28 -59.77
N MSE I 151 -6.01 -31.74 -60.39
CA MSE I 151 -4.76 -30.95 -60.48
C MSE I 151 -4.14 -31.12 -61.87
O MSE I 151 -3.55 -32.17 -62.13
CB MSE I 151 -3.75 -31.26 -59.36
CG MSE I 151 -2.57 -30.26 -59.34
SE MSE I 151 -1.23 -30.63 -58.00
CE MSE I 151 -0.30 -32.08 -58.80
N ASN I 152 -4.31 -30.13 -62.74
CA ASN I 152 -3.74 -30.18 -64.09
C ASN I 152 -2.27 -29.68 -64.07
N GLU I 153 -1.60 -29.66 -65.25
CA GLU I 153 -0.19 -29.24 -65.39
C GLU I 153 0.08 -27.80 -64.88
N LYS I 154 -0.79 -26.83 -65.21
CA LYS I 154 -0.63 -25.43 -64.79
C LYS I 154 -0.76 -25.34 -63.27
N GLU I 155 -1.76 -26.01 -62.71
CA GLU I 155 -2.00 -26.06 -61.26
C GLU I 155 -0.81 -26.73 -60.52
N ALA I 156 -0.22 -27.79 -61.12
CA ALA I 156 0.93 -28.51 -60.54
C ALA I 156 2.16 -27.59 -60.43
N VAL I 157 2.39 -26.74 -61.47
CA VAL I 157 3.51 -25.78 -61.50
C VAL I 157 3.30 -24.80 -60.34
N ALA I 158 2.09 -24.24 -60.22
CA ALA I 158 1.71 -23.27 -59.17
C ALA I 158 1.86 -23.90 -57.76
N TYR I 159 1.40 -25.16 -57.60
CA TYR I 159 1.49 -25.85 -56.32
C TYR I 159 2.96 -26.08 -55.94
N GLY I 160 3.78 -26.49 -56.91
CA GLY I 160 5.21 -26.71 -56.72
C GLY I 160 5.93 -25.45 -56.27
N LYS I 161 5.57 -24.30 -56.87
CA LYS I 161 6.15 -23.01 -56.51
C LYS I 161 5.78 -22.62 -55.07
N PHE I 162 4.49 -22.79 -54.70
CA PHE I 162 3.99 -22.50 -53.36
C PHE I 162 4.74 -23.37 -52.31
N LEU I 163 4.85 -24.69 -52.55
CA LEU I 163 5.50 -25.60 -51.62
C LEU I 163 6.98 -25.30 -51.45
N ALA I 164 7.71 -25.13 -52.57
CA ALA I 164 9.15 -24.89 -52.55
C ALA I 164 9.48 -23.58 -51.86
N GLU I 165 8.73 -22.50 -52.12
CA GLU I 165 9.01 -21.21 -51.49
CA GLU I 165 9.02 -21.22 -51.48
C GLU I 165 8.69 -21.26 -50.00
N ARG I 166 7.64 -21.99 -49.63
CA ARG I 166 7.27 -22.07 -48.22
C ARG I 166 8.23 -22.96 -47.41
N TYR I 167 8.75 -24.06 -47.99
CA TYR I 167 9.52 -25.01 -47.20
C TYR I 167 11.00 -25.23 -47.59
N LYS I 168 11.55 -24.48 -48.56
CA LYS I 168 12.97 -24.65 -48.94
C LYS I 168 13.94 -24.38 -47.77
N ASP I 169 13.58 -23.50 -46.83
CA ASP I 169 14.47 -23.13 -45.73
C ASP I 169 14.23 -23.98 -44.47
N GLU I 170 13.28 -24.93 -44.53
CA GLU I 170 13.04 -25.91 -43.46
C GLU I 170 13.98 -27.07 -43.74
N PRO I 171 14.97 -27.39 -42.87
CA PRO I 171 15.93 -28.45 -43.23
C PRO I 171 15.35 -29.87 -43.32
N ASN I 172 14.34 -30.20 -42.50
CA ASN I 172 13.83 -31.56 -42.34
C ASN I 172 12.70 -31.95 -43.31
N ILE I 173 12.98 -31.85 -44.61
CA ILE I 173 12.00 -32.13 -45.67
C ILE I 173 12.56 -33.11 -46.70
N ILE I 174 11.70 -34.05 -47.15
CA ILE I 174 11.95 -34.98 -48.24
C ILE I 174 10.72 -34.88 -49.13
N TRP I 175 10.91 -34.49 -50.39
CA TRP I 175 9.77 -34.33 -51.31
C TRP I 175 9.34 -35.65 -51.90
N MSE I 176 8.03 -35.91 -51.88
CA MSE I 176 7.49 -37.15 -52.41
C MSE I 176 6.42 -36.86 -53.47
O MSE I 176 5.32 -36.43 -53.16
CB MSE I 176 6.92 -38.01 -51.27
CG MSE I 176 8.00 -38.58 -50.38
SE MSE I 176 7.25 -39.69 -48.98
CE MSE I 176 8.92 -40.43 -48.33
N ILE I 177 6.78 -37.10 -54.73
CA ILE I 177 5.89 -36.93 -55.88
C ILE I 177 5.05 -38.20 -55.95
N GLY I 178 3.88 -38.13 -56.55
CA GLY I 178 3.01 -39.30 -56.66
C GLY I 178 2.21 -39.53 -55.39
N GLY I 179 1.95 -40.80 -55.09
CA GLY I 179 1.16 -41.17 -53.91
C GLY I 179 0.20 -42.26 -54.30
N ASP I 180 0.68 -43.51 -54.20
CA ASP I 180 -0.04 -44.75 -54.54
C ASP I 180 -0.60 -44.68 -55.98
N ILE I 181 0.26 -44.27 -56.92
CA ILE I 181 -0.15 -44.14 -58.33
C ILE I 181 1.00 -44.59 -59.24
N ARG I 182 0.66 -45.15 -60.43
CA ARG I 182 1.67 -45.55 -61.40
C ARG I 182 2.29 -44.31 -62.00
N GLY I 183 3.58 -44.39 -62.32
CA GLY I 183 4.30 -43.31 -62.96
C GLY I 183 3.83 -42.98 -64.37
N ASP I 184 3.11 -43.92 -65.03
CA ASP I 184 2.58 -43.70 -66.39
C ASP I 184 1.12 -43.15 -66.31
N ASN I 185 0.67 -42.80 -65.09
CA ASN I 185 -0.66 -42.23 -64.87
C ASN I 185 -0.50 -40.75 -64.52
N LYS I 186 -0.93 -39.86 -65.44
CA LYS I 186 -0.84 -38.39 -65.31
C LYS I 186 0.65 -37.94 -65.18
N THR I 187 1.55 -38.59 -65.94
CA THR I 187 3.01 -38.36 -65.93
C THR I 187 3.37 -36.88 -66.08
N GLU I 188 2.70 -36.19 -67.02
CA GLU I 188 2.92 -34.78 -67.36
C GLU I 188 2.66 -33.90 -66.14
N VAL I 189 1.63 -34.24 -65.35
CA VAL I 189 1.26 -33.51 -64.13
C VAL I 189 2.37 -33.70 -63.07
N TRP I 190 2.79 -34.96 -62.84
CA TRP I 190 3.83 -35.29 -61.87
C TRP I 190 5.17 -34.63 -62.23
N ASP I 191 5.56 -34.66 -63.53
CA ASP I 191 6.80 -34.04 -64.00
C ASP I 191 6.73 -32.52 -63.82
N ALA I 192 5.55 -31.89 -64.05
CA ALA I 192 5.35 -30.44 -63.87
C ALA I 192 5.52 -30.06 -62.39
N LEU I 193 4.94 -30.86 -61.48
CA LEU I 193 5.06 -30.63 -60.03
C LEU I 193 6.52 -30.75 -59.59
N ALA I 194 7.16 -31.86 -59.95
CA ALA I 194 8.55 -32.18 -59.61
C ALA I 194 9.53 -31.12 -60.10
N ASN I 195 9.45 -30.75 -61.39
CA ASN I 195 10.36 -29.76 -61.97
C ASN I 195 10.13 -28.36 -61.39
N SER I 196 8.87 -28.03 -61.00
CA SER I 196 8.56 -26.72 -60.41
C SER I 196 9.24 -26.60 -59.02
N ILE I 197 9.14 -27.65 -58.18
CA ILE I 197 9.75 -27.64 -56.85
C ILE I 197 11.26 -27.56 -56.99
N ARG I 198 11.82 -28.41 -57.86
CA ARG I 198 13.24 -28.58 -58.13
C ARG I 198 13.91 -27.29 -58.63
N SER I 199 13.19 -26.47 -59.42
CA SER I 199 13.69 -25.20 -59.93
C SER I 199 13.97 -24.19 -58.80
N ILE I 200 13.33 -24.36 -57.63
CA ILE I 200 13.44 -23.45 -56.48
C ILE I 200 14.18 -24.11 -55.31
N ASP I 201 13.83 -25.35 -54.98
CA ASP I 201 14.42 -26.04 -53.84
C ASP I 201 15.58 -26.95 -54.27
N LYS I 202 16.80 -26.51 -54.00
CA LYS I 202 18.06 -27.17 -54.32
C LYS I 202 18.68 -27.81 -53.07
N GLY I 203 17.95 -27.77 -51.95
CA GLY I 203 18.42 -28.23 -50.65
C GLY I 203 17.78 -29.46 -50.06
N HIS I 204 16.87 -30.12 -50.80
CA HIS I 204 16.18 -31.33 -50.32
C HIS I 204 16.15 -32.40 -51.41
N LEU I 205 16.13 -33.67 -50.98
CA LEU I 205 16.03 -34.79 -51.89
C LEU I 205 14.57 -34.98 -52.33
N MSE I 206 14.37 -35.67 -53.47
CA MSE I 206 13.04 -35.89 -54.05
C MSE I 206 12.93 -37.27 -54.60
O MSE I 206 13.90 -37.80 -55.11
CB MSE I 206 12.79 -34.85 -55.16
CG MSE I 206 11.37 -34.92 -55.76
SE MSE I 206 11.16 -33.51 -57.08
CE MSE I 206 11.12 -32.03 -55.89
N THR I 207 11.72 -37.86 -54.51
CA THR I 207 11.44 -39.20 -54.97
C THR I 207 9.96 -39.30 -55.45
N PHE I 208 9.50 -40.51 -55.76
CA PHE I 208 8.15 -40.79 -56.22
C PHE I 208 7.57 -41.98 -55.45
N HIS I 209 6.34 -41.82 -54.91
CA HIS I 209 5.63 -42.89 -54.19
C HIS I 209 4.72 -43.62 -55.18
N PRO I 210 5.01 -44.89 -55.51
CA PRO I 210 4.24 -45.55 -56.56
C PRO I 210 3.13 -46.47 -56.04
N ARG I 211 2.37 -47.00 -56.99
CA ARG I 211 1.26 -47.93 -56.79
C ARG I 211 1.78 -49.26 -56.19
N GLY I 212 0.88 -49.98 -55.51
CA GLY I 212 1.18 -51.28 -54.93
C GLY I 212 1.74 -52.21 -55.98
N ARG I 213 2.80 -52.97 -55.62
CA ARG I 213 3.51 -53.94 -56.47
C ARG I 213 4.26 -53.26 -57.63
N THR I 214 4.65 -51.98 -57.47
CA THR I 214 5.44 -51.29 -58.48
C THR I 214 6.57 -50.53 -57.80
N THR I 215 7.60 -50.18 -58.59
CA THR I 215 8.74 -49.38 -58.14
C THR I 215 8.80 -48.11 -59.00
N SER I 216 9.21 -46.99 -58.40
CA SER I 216 9.37 -45.72 -59.14
C SER I 216 10.46 -45.87 -60.25
N ALA I 217 11.41 -46.80 -60.08
CA ALA I 217 12.52 -47.11 -61.03
C ALA I 217 12.01 -47.58 -62.40
N THR I 218 10.75 -48.10 -62.47
CA THR I 218 10.15 -48.56 -63.73
C THR I 218 9.98 -47.37 -64.69
N TRP I 219 9.64 -46.18 -64.17
CA TRP I 219 9.39 -45.01 -65.02
C TRP I 219 10.38 -43.87 -64.87
N PHE I 220 10.93 -43.65 -63.66
CA PHE I 220 11.69 -42.44 -63.36
C PHE I 220 13.15 -42.63 -62.93
N ASN I 221 13.77 -43.79 -63.23
CA ASN I 221 15.20 -43.96 -62.88
C ASN I 221 16.11 -42.91 -63.55
N ASP I 222 15.78 -42.48 -64.78
CA ASP I 222 16.58 -41.51 -65.51
C ASP I 222 16.14 -40.06 -65.25
N ARG I 223 15.14 -39.79 -64.39
CA ARG I 223 14.72 -38.41 -64.13
C ARG I 223 15.73 -37.66 -63.27
N GLU I 224 16.09 -36.42 -63.70
CA GLU I 224 17.05 -35.58 -62.97
CA GLU I 224 17.06 -35.60 -62.95
C GLU I 224 16.48 -35.16 -61.61
N TRP I 225 15.13 -35.03 -61.51
CA TRP I 225 14.48 -34.64 -60.27
C TRP I 225 14.41 -35.79 -59.23
N LEU I 226 14.59 -37.04 -59.66
CA LEU I 226 14.51 -38.20 -58.76
C LEU I 226 15.90 -38.55 -58.20
N ASP I 227 16.08 -38.41 -56.88
CA ASP I 227 17.38 -38.71 -56.24
C ASP I 227 17.51 -40.18 -55.88
N PHE I 228 16.40 -40.79 -55.50
CA PHE I 228 16.39 -42.20 -55.12
C PHE I 228 15.02 -42.78 -55.41
N ASN I 229 14.97 -44.11 -55.49
CA ASN I 229 13.75 -44.82 -55.81
C ASN I 229 13.02 -45.32 -54.59
N MSE I 230 11.71 -45.51 -54.74
CA MSE I 230 10.87 -46.10 -53.71
C MSE I 230 9.93 -47.08 -54.35
O MSE I 230 9.50 -46.88 -55.49
CB MSE I 230 10.05 -45.07 -52.92
CG MSE I 230 10.88 -43.95 -52.29
SE MSE I 230 10.01 -43.06 -50.81
CE MSE I 230 8.36 -42.54 -51.68
N PHE I 231 9.60 -48.16 -53.62
CA PHE I 231 8.59 -49.10 -54.10
C PHE I 231 7.56 -49.34 -53.00
N GLN I 232 6.43 -49.92 -53.37
CA GLN I 232 5.36 -50.30 -52.44
C GLN I 232 5.15 -51.79 -52.57
N SER I 233 5.61 -52.56 -51.58
CA SER I 233 5.44 -54.01 -51.65
C SER I 233 4.10 -54.45 -51.04
N GLY I 234 3.50 -53.61 -50.17
CA GLY I 234 2.21 -53.91 -49.55
C GLY I 234 1.10 -54.01 -50.58
N HIS I 235 -0.03 -54.71 -50.31
CA HIS I 235 -0.37 -55.39 -49.05
C HIS I 235 -0.98 -56.77 -49.34
N ARG I 236 -0.73 -57.30 -50.54
CA ARG I 236 -1.22 -58.60 -50.94
C ARG I 236 -0.29 -59.72 -50.47
N ARG I 237 -0.88 -60.88 -50.16
CA ARG I 237 -0.15 -62.09 -49.78
C ARG I 237 0.20 -62.90 -51.05
N TYR I 238 1.03 -63.94 -50.91
CA TYR I 238 1.32 -64.88 -51.98
C TYR I 238 0.04 -65.38 -52.62
N GLY I 239 -0.02 -65.37 -53.96
CA GLY I 239 -1.15 -65.88 -54.73
C GLY I 239 -2.45 -65.12 -54.63
N GLN I 240 -2.40 -63.81 -54.36
CA GLN I 240 -3.62 -63.02 -54.25
C GLN I 240 -3.83 -62.10 -55.49
N ARG I 241 -3.65 -62.65 -56.72
CA ARG I 241 -3.85 -61.90 -57.97
C ARG I 241 -5.34 -61.55 -58.16
N ASN I 242 -6.25 -62.45 -57.71
CA ASN I 242 -7.71 -62.33 -57.69
C ASN I 242 -8.31 -61.90 -59.06
N GLY I 243 -7.81 -62.53 -60.13
CA GLY I 243 -8.26 -62.29 -61.50
C GLY I 243 -7.96 -60.94 -62.11
N ASP I 244 -6.87 -60.28 -61.67
CA ASP I 244 -6.44 -58.96 -62.18
C ASP I 244 -5.83 -59.11 -63.59
N GLY I 245 -6.21 -58.19 -64.49
CA GLY I 245 -5.83 -58.16 -65.90
C GLY I 245 -4.34 -58.17 -66.22
N ASP I 246 -3.63 -57.09 -65.84
CA ASP I 246 -2.19 -56.93 -66.10
C ASP I 246 -1.42 -56.76 -64.77
N TYR I 247 -0.99 -57.90 -64.19
CA TYR I 247 -0.25 -57.95 -62.93
C TYR I 247 1.19 -57.47 -63.16
N PRO I 248 1.70 -56.48 -62.37
CA PRO I 248 3.06 -55.96 -62.64
C PRO I 248 4.19 -56.85 -62.10
N ILE I 249 3.84 -57.98 -61.45
CA ILE I 249 4.79 -58.93 -60.87
C ILE I 249 4.43 -60.38 -61.23
N GLU I 250 5.43 -61.29 -61.13
CA GLU I 250 5.31 -62.73 -61.36
C GLU I 250 4.31 -63.31 -60.35
N GLU I 251 3.45 -64.26 -60.77
CA GLU I 251 2.49 -64.85 -59.85
C GLU I 251 3.20 -65.62 -58.72
N ASN I 252 2.61 -65.56 -57.52
CA ASN I 252 3.07 -66.22 -56.29
C ASN I 252 4.42 -65.67 -55.79
N THR I 253 4.69 -64.36 -55.99
CA THR I 253 5.92 -63.72 -55.49
C THR I 253 5.62 -62.44 -54.69
N GLU I 254 4.33 -62.19 -54.36
CA GLU I 254 3.87 -60.97 -53.66
C GLU I 254 4.66 -60.61 -52.40
N GLU I 255 4.99 -61.63 -51.58
CA GLU I 255 5.67 -61.35 -50.30
C GLU I 255 7.20 -61.26 -50.43
N ASP I 256 7.75 -61.48 -51.63
CA ASP I 256 9.20 -61.41 -51.84
C ASP I 256 9.58 -59.98 -52.18
N ASN I 257 9.51 -59.07 -51.20
CA ASN I 257 9.80 -57.65 -51.44
C ASN I 257 11.27 -57.42 -51.84
N TRP I 258 12.17 -58.37 -51.56
CA TRP I 258 13.58 -58.36 -52.02
C TRP I 258 13.65 -58.34 -53.56
N ARG I 259 12.59 -58.87 -54.26
CA ARG I 259 12.52 -58.87 -55.74
C ARG I 259 12.41 -57.43 -56.30
N PHE I 260 11.72 -56.52 -55.57
CA PHE I 260 11.59 -55.12 -56.00
C PHE I 260 12.92 -54.39 -55.89
N VAL I 261 13.75 -54.74 -54.90
CA VAL I 261 15.08 -54.15 -54.71
C VAL I 261 15.95 -54.53 -55.93
N GLU I 262 15.95 -55.83 -56.31
CA GLU I 262 16.68 -56.38 -57.47
C GLU I 262 16.27 -55.68 -58.75
N ALA I 263 14.94 -55.59 -58.99
CA ALA I 263 14.37 -54.97 -60.19
C ALA I 263 14.77 -53.50 -60.30
N SER I 264 14.73 -52.76 -59.16
CA SER I 264 15.07 -51.34 -59.12
C SER I 264 16.57 -51.10 -59.34
N GLN I 265 17.43 -51.94 -58.73
CA GLN I 265 18.89 -51.83 -58.79
CA GLN I 265 18.88 -51.77 -58.81
C GLN I 265 19.47 -52.37 -60.11
N ALA I 266 18.63 -53.00 -60.95
CA ALA I 266 19.05 -53.52 -62.25
C ALA I 266 19.05 -52.35 -63.26
N LYS I 267 18.36 -51.26 -62.90
CA LYS I 267 18.24 -50.05 -63.71
C LYS I 267 19.49 -49.18 -63.52
N THR I 268 20.16 -48.86 -64.65
CA THR I 268 21.39 -48.05 -64.73
C THR I 268 21.03 -46.67 -65.28
N PRO I 269 21.51 -45.54 -64.70
CA PRO I 269 22.41 -45.39 -63.53
C PRO I 269 21.81 -45.90 -62.23
N LEU I 270 22.68 -46.46 -61.37
CA LEU I 270 22.29 -46.99 -60.07
C LEU I 270 21.92 -45.85 -59.11
N LYS I 271 20.75 -45.98 -58.50
CA LYS I 271 20.23 -45.03 -57.51
C LYS I 271 19.77 -45.81 -56.28
N PRO I 272 19.81 -45.21 -55.06
CA PRO I 272 19.33 -45.92 -53.88
C PRO I 272 17.85 -46.29 -54.01
N VAL I 273 17.41 -47.33 -53.28
CA VAL I 273 16.03 -47.77 -53.29
C VAL I 273 15.59 -48.10 -51.85
N ILE I 274 14.27 -48.01 -51.60
CA ILE I 274 13.69 -48.30 -50.28
C ILE I 274 12.26 -48.81 -50.45
N ASP I 275 11.82 -49.69 -49.54
CA ASP I 275 10.42 -50.11 -49.45
C ASP I 275 9.74 -49.04 -48.64
N ASP I 276 9.03 -48.12 -49.31
CA ASP I 276 8.39 -47.03 -48.58
C ASP I 276 6.98 -47.36 -48.12
N GLU I 277 6.48 -48.52 -48.55
CA GLU I 277 5.17 -48.97 -48.14
C GLU I 277 5.11 -50.49 -48.20
N PRO I 278 5.70 -51.17 -47.19
CA PRO I 278 5.51 -52.61 -47.09
C PRO I 278 4.11 -52.88 -46.53
N ILE I 279 3.82 -54.12 -46.17
CA ILE I 279 2.58 -54.45 -45.49
C ILE I 279 2.47 -53.62 -44.20
N TYR I 280 1.25 -53.23 -43.82
CA TYR I 280 1.04 -52.46 -42.59
C TYR I 280 0.67 -53.43 -41.47
N GLU I 281 1.18 -53.19 -40.25
CA GLU I 281 0.82 -54.01 -39.09
C GLU I 281 -0.69 -53.91 -38.85
N ASP I 282 -1.35 -55.09 -38.69
CA ASP I 282 -2.76 -55.37 -38.46
CA ASP I 282 -2.77 -55.28 -38.42
C ASP I 282 -3.67 -55.02 -39.66
N ILE I 283 -3.11 -54.72 -40.84
CA ILE I 283 -3.96 -54.49 -42.02
C ILE I 283 -4.34 -55.88 -42.61
N PRO I 284 -5.56 -56.07 -43.17
CA PRO I 284 -5.87 -57.38 -43.77
C PRO I 284 -5.02 -57.67 -45.00
N GLN I 285 -4.71 -58.94 -45.20
CA GLN I 285 -3.97 -59.40 -46.38
C GLN I 285 -4.87 -59.11 -47.59
N GLY I 286 -4.40 -58.24 -48.50
CA GLY I 286 -5.18 -57.83 -49.65
C GLY I 286 -6.12 -56.67 -49.41
N LEU I 287 -6.08 -56.07 -48.19
CA LEU I 287 -6.75 -54.84 -47.73
C LEU I 287 -8.26 -54.86 -47.53
N HIS I 288 -9.01 -55.26 -48.56
CA HIS I 288 -10.45 -55.04 -48.67
C HIS I 288 -11.40 -55.99 -47.91
N ASP I 289 -10.92 -57.13 -47.44
CA ASP I 289 -11.79 -58.03 -46.67
C ASP I 289 -11.42 -57.89 -45.18
N PRO I 290 -12.30 -57.27 -44.34
CA PRO I 290 -11.92 -57.07 -42.93
C PRO I 290 -11.83 -58.36 -42.12
N ASN I 291 -12.42 -59.47 -42.63
CA ASN I 291 -12.38 -60.76 -41.95
C ASN I 291 -11.20 -61.60 -42.40
N GLU I 292 -10.35 -61.06 -43.29
CA GLU I 292 -9.17 -61.80 -43.76
C GLU I 292 -8.11 -61.86 -42.68
N THR I 293 -7.12 -62.77 -42.84
CA THR I 293 -5.97 -62.83 -41.96
C THR I 293 -5.28 -61.45 -41.97
N ARG I 294 -4.84 -60.95 -40.81
CA ARG I 294 -4.14 -59.68 -40.71
C ARG I 294 -2.64 -59.90 -40.71
N TRP I 295 -1.89 -58.95 -41.29
CA TRP I 295 -0.44 -58.94 -41.24
C TRP I 295 -0.05 -58.69 -39.77
N ASN I 296 0.97 -59.39 -39.27
CA ASN I 296 1.35 -59.25 -37.86
C ASN I 296 2.81 -58.76 -37.72
N GLN I 297 3.29 -58.61 -36.47
CA GLN I 297 4.64 -58.14 -36.14
C GLN I 297 5.73 -58.97 -36.81
N HIS I 298 5.53 -60.29 -36.94
CA HIS I 298 6.51 -61.21 -37.51
C HIS I 298 6.66 -60.92 -39.01
N ASP I 299 5.54 -60.69 -39.71
CA ASP I 299 5.55 -60.34 -41.13
C ASP I 299 6.21 -58.97 -41.34
N VAL I 300 5.92 -58.02 -40.44
CA VAL I 300 6.45 -56.65 -40.49
C VAL I 300 8.00 -56.70 -40.41
N ARG I 301 8.55 -57.51 -39.49
CA ARG I 301 9.99 -57.67 -39.38
C ARG I 301 10.56 -58.33 -40.64
N ARG I 302 9.87 -59.36 -41.16
CA ARG I 302 10.35 -60.09 -42.35
C ARG I 302 10.51 -59.12 -43.54
N TYR I 303 9.48 -58.30 -43.82
CA TYR I 303 9.54 -57.32 -44.91
C TYR I 303 10.70 -56.32 -44.71
N ALA I 304 10.89 -55.83 -43.47
CA ALA I 304 11.93 -54.87 -43.11
C ALA I 304 13.33 -55.41 -43.41
N TYR I 305 13.65 -56.60 -42.86
CA TYR I 305 14.98 -57.20 -43.04
C TYR I 305 15.20 -57.68 -44.47
N TRP I 306 14.15 -58.24 -45.12
CA TRP I 306 14.27 -58.71 -46.50
C TRP I 306 14.57 -57.55 -47.45
N SER I 307 13.93 -56.40 -47.25
CA SER I 307 14.20 -55.25 -48.12
C SER I 307 15.61 -54.71 -47.89
N VAL I 308 16.00 -54.46 -46.63
CA VAL I 308 17.32 -53.89 -46.29
C VAL I 308 18.47 -54.83 -46.71
N PHE I 309 18.37 -56.14 -46.40
CA PHE I 309 19.42 -57.11 -46.72
C PHE I 309 19.50 -57.39 -48.24
N ALA I 310 18.45 -57.05 -49.01
CA ALA I 310 18.49 -57.16 -50.48
C ALA I 310 19.23 -55.94 -51.09
N GLY I 311 19.44 -54.88 -50.29
CA GLY I 311 20.15 -53.70 -50.75
C GLY I 311 19.52 -52.35 -50.50
N SER I 312 18.30 -52.29 -49.88
CA SER I 312 17.65 -51.00 -49.58
C SER I 312 18.47 -50.18 -48.57
N PHE I 313 18.42 -48.85 -48.68
CA PHE I 313 19.24 -47.94 -47.86
C PHE I 313 18.64 -47.68 -46.46
N GLY I 314 17.41 -48.13 -46.28
CA GLY I 314 16.63 -47.97 -45.05
C GLY I 314 15.33 -48.71 -45.19
N HIS I 315 14.33 -48.37 -44.34
CA HIS I 315 13.02 -48.98 -44.42
C HIS I 315 11.93 -48.09 -43.80
N SER I 316 10.74 -48.11 -44.39
CA SER I 316 9.58 -47.41 -43.85
C SER I 316 8.58 -48.44 -43.34
N TYR I 317 8.06 -48.22 -42.14
CA TYR I 317 7.05 -49.03 -41.48
C TYR I 317 5.70 -48.31 -41.56
N GLY I 318 4.64 -49.10 -41.51
CA GLY I 318 3.28 -48.57 -41.39
C GLY I 318 2.42 -49.49 -40.52
N HIS I 319 1.40 -48.92 -39.86
CA HIS I 319 0.39 -49.59 -39.04
C HIS I 319 -0.97 -49.16 -39.55
N ASN I 320 -1.90 -50.12 -39.74
CA ASN I 320 -3.25 -49.81 -40.22
C ASN I 320 -3.95 -48.71 -39.40
N ASP I 321 -3.85 -48.79 -38.06
CA ASP I 321 -4.53 -47.86 -37.16
C ASP I 321 -3.87 -46.49 -37.09
N ILE I 322 -2.53 -46.45 -37.18
CA ILE I 322 -1.79 -45.19 -37.06
C ILE I 322 -1.92 -44.35 -38.31
N MSE I 323 -1.62 -44.95 -39.47
CA MSE I 323 -1.62 -44.41 -40.81
C MSE I 323 -2.92 -43.52 -41.05
O MSE I 323 -2.83 -42.43 -41.63
CB MSE I 323 -1.50 -45.67 -41.71
CG MSE I 323 -1.73 -45.54 -43.14
SE MSE I 323 -3.57 -45.69 -43.60
CE MSE I 323 -3.97 -47.56 -43.98
N GLN I 324 -4.08 -43.96 -40.57
CA GLN I 324 -5.37 -43.26 -40.70
C GLN I 324 -5.83 -42.55 -39.40
N PHE I 325 -5.01 -42.64 -38.33
CA PHE I 325 -5.30 -42.04 -37.02
C PHE I 325 -6.74 -42.32 -36.58
N ILE I 326 -7.06 -43.63 -36.57
CA ILE I 326 -8.40 -44.09 -36.22
C ILE I 326 -8.66 -43.86 -34.73
N ARG I 327 -9.91 -43.54 -34.41
CA ARG I 327 -10.36 -43.34 -33.04
C ARG I 327 -11.86 -43.62 -33.02
N PRO I 328 -12.50 -43.83 -31.85
CA PRO I 328 -13.93 -44.17 -31.86
C PRO I 328 -14.77 -43.09 -32.57
N GLY I 329 -15.79 -43.51 -33.30
CA GLY I 329 -16.64 -42.54 -33.97
C GLY I 329 -16.21 -42.15 -35.38
N TYR I 330 -15.09 -42.73 -35.88
CA TYR I 330 -14.62 -42.50 -37.24
C TYR I 330 -14.82 -43.74 -38.09
N GLY I 331 -15.23 -43.54 -39.34
CA GLY I 331 -15.33 -44.63 -40.29
C GLY I 331 -13.93 -45.14 -40.56
N ALA I 332 -13.76 -46.45 -40.62
CA ALA I 332 -12.46 -47.06 -40.80
C ALA I 332 -12.20 -47.51 -42.22
N SER I 333 -10.96 -47.43 -42.62
CA SER I 333 -10.47 -48.02 -43.86
C SER I 333 -9.82 -49.33 -43.51
N PHE I 334 -10.00 -50.33 -44.38
CA PHE I 334 -9.33 -51.63 -44.33
C PHE I 334 -9.46 -52.35 -42.97
N GLY I 335 -10.68 -52.42 -42.48
CA GLY I 335 -10.96 -53.20 -41.28
C GLY I 335 -10.42 -52.72 -39.96
N ALA I 336 -10.02 -51.44 -39.84
CA ALA I 336 -9.64 -50.85 -38.54
C ALA I 336 -10.95 -50.68 -37.71
N ASP I 337 -10.87 -50.46 -36.39
CA ASP I 337 -12.08 -50.26 -35.57
C ASP I 337 -11.68 -49.40 -34.38
N GLY I 338 -11.99 -48.11 -34.44
CA GLY I 338 -11.64 -47.13 -33.40
C GLY I 338 -12.01 -47.51 -31.99
N ARG I 339 -13.12 -48.23 -31.82
CA ARG I 339 -13.61 -48.69 -30.52
C ARG I 339 -12.79 -49.86 -30.00
N LYS I 340 -12.15 -50.61 -30.89
CA LYS I 340 -11.34 -51.77 -30.51
C LYS I 340 -9.89 -51.35 -30.28
N LYS I 341 -9.32 -50.54 -31.20
CA LYS I 341 -7.94 -50.05 -31.07
C LYS I 341 -7.82 -48.70 -31.74
N ALA I 342 -7.42 -47.67 -30.97
CA ALA I 342 -7.22 -46.35 -31.52
C ALA I 342 -5.72 -46.19 -31.88
N TRP I 343 -5.37 -45.15 -32.64
CA TRP I 343 -3.99 -44.92 -33.07
C TRP I 343 -3.05 -44.81 -31.85
N TRP I 344 -3.53 -44.19 -30.72
CA TRP I 344 -2.71 -44.05 -29.52
C TRP I 344 -2.39 -45.44 -28.90
N ASP I 345 -3.27 -46.44 -29.07
CA ASP I 345 -3.01 -47.82 -28.58
C ASP I 345 -2.03 -48.54 -29.51
N ALA I 346 -2.18 -48.32 -30.85
CA ALA I 346 -1.34 -48.97 -31.87
C ALA I 346 0.14 -48.58 -31.75
N LEU I 347 0.45 -47.41 -31.15
CA LEU I 347 1.82 -46.96 -30.92
C LEU I 347 2.56 -47.89 -29.93
N GLU I 348 1.80 -48.71 -29.19
CA GLU I 348 2.32 -49.68 -28.22
C GLU I 348 2.41 -51.09 -28.84
N ASP I 349 2.06 -51.25 -30.12
CA ASP I 349 2.08 -52.58 -30.76
C ASP I 349 3.52 -53.04 -31.03
N PRO I 350 3.75 -54.38 -31.07
CA PRO I 350 5.14 -54.87 -31.19
C PRO I 350 5.91 -54.41 -32.42
N GLY I 351 5.35 -54.55 -33.63
CA GLY I 351 6.03 -54.18 -34.87
C GLY I 351 6.57 -52.76 -34.88
N PHE I 352 5.73 -51.80 -34.45
CA PHE I 352 6.12 -50.39 -34.36
C PHE I 352 7.39 -50.22 -33.53
N ASN I 353 7.49 -50.97 -32.43
CA ASN I 353 8.57 -50.88 -31.45
C ASN I 353 9.74 -51.83 -31.74
N GLN I 354 9.75 -52.49 -32.90
CA GLN I 354 10.82 -53.44 -33.24
C GLN I 354 11.71 -52.92 -34.35
N MSE I 355 11.23 -51.91 -35.10
CA MSE I 355 11.98 -51.33 -36.22
C MSE I 355 13.33 -50.74 -35.78
O MSE I 355 14.29 -50.78 -36.56
CB MSE I 355 11.12 -50.26 -36.92
CG MSE I 355 9.88 -50.87 -37.62
SE MSE I 355 10.29 -52.18 -39.01
CE MSE I 355 10.21 -53.85 -38.00
N LYS I 356 13.43 -50.26 -34.52
CA LYS I 356 14.68 -49.69 -33.98
C LYS I 356 15.83 -50.71 -33.97
N TYR I 357 15.50 -52.02 -33.79
CA TYR I 357 16.54 -53.05 -33.76
C TYR I 357 17.19 -53.23 -35.13
N LEU I 358 16.46 -52.93 -36.22
CA LEU I 358 16.99 -52.98 -37.58
C LEU I 358 17.93 -51.83 -37.82
N LYS I 359 17.47 -50.59 -37.49
CA LYS I 359 18.30 -49.39 -37.65
C LYS I 359 19.60 -49.49 -36.84
N ASN I 360 19.50 -49.91 -35.56
CA ASN I 360 20.67 -49.95 -34.68
C ASN I 360 21.69 -50.96 -35.17
N LEU I 361 21.22 -52.10 -35.72
CA LEU I 361 22.08 -53.14 -36.27
C LEU I 361 22.90 -52.58 -37.47
N MSE I 362 22.24 -51.93 -38.44
CA MSE I 362 22.92 -51.44 -39.65
C MSE I 362 23.94 -50.34 -39.37
O MSE I 362 25.02 -50.32 -39.98
CB MSE I 362 21.88 -50.96 -40.70
CG MSE I 362 20.78 -52.03 -40.99
SE MSE I 362 21.37 -53.87 -41.30
CE MSE I 362 22.30 -53.58 -42.87
N LEU I 363 23.66 -49.49 -38.36
CA LEU I 363 24.58 -48.41 -37.99
C LEU I 363 25.79 -48.90 -37.14
N THR I 364 25.81 -50.18 -36.72
CA THR I 364 26.90 -50.75 -35.93
C THR I 364 28.10 -51.12 -36.84
N PHE I 365 27.87 -51.27 -38.15
CA PHE I 365 28.92 -51.73 -39.06
C PHE I 365 29.31 -50.74 -40.17
N PRO I 366 30.53 -50.89 -40.79
CA PRO I 366 30.91 -50.02 -41.93
C PRO I 366 29.75 -49.94 -42.91
N PHE I 367 29.23 -48.74 -43.11
CA PHE I 367 27.95 -48.49 -43.77
C PHE I 367 27.94 -48.51 -45.31
N PHE I 368 28.83 -47.74 -45.95
CA PHE I 368 28.78 -47.50 -47.40
C PHE I 368 29.34 -48.63 -48.26
N GLU I 369 30.22 -49.46 -47.72
CA GLU I 369 30.77 -50.57 -48.50
C GLU I 369 29.83 -51.80 -48.48
N ARG I 370 28.68 -51.72 -47.77
CA ARG I 370 27.74 -52.83 -47.68
C ARG I 370 27.12 -53.15 -49.04
N VAL I 371 27.00 -54.44 -49.34
CA VAL I 371 26.40 -54.94 -50.56
C VAL I 371 25.50 -56.14 -50.24
N PRO I 372 24.41 -56.37 -51.01
CA PRO I 372 23.67 -57.63 -50.82
C PRO I 372 24.52 -58.76 -51.43
N ASP I 373 24.56 -59.97 -50.82
CA ASP I 373 25.37 -61.04 -51.40
C ASP I 373 24.83 -62.41 -51.02
N GLN I 374 23.99 -62.99 -51.89
CA GLN I 374 23.42 -64.32 -51.64
C GLN I 374 24.45 -65.44 -51.72
N SER I 375 25.65 -65.19 -52.31
CA SER I 375 26.71 -66.20 -52.38
C SER I 375 27.30 -66.50 -50.98
N VAL I 376 26.99 -65.64 -49.97
CA VAL I 376 27.36 -65.87 -48.56
C VAL I 376 26.63 -67.15 -48.07
N ILE I 377 25.43 -67.44 -48.66
CA ILE I 377 24.62 -68.62 -48.36
CA ILE I 377 24.66 -68.62 -48.32
C ILE I 377 25.11 -69.77 -49.22
N ALA I 378 25.71 -70.79 -48.60
CA ALA I 378 26.20 -71.97 -49.32
C ALA I 378 25.11 -73.04 -49.31
N GLY I 379 25.33 -74.13 -50.03
CA GLY I 379 24.38 -75.24 -50.12
C GLY I 379 23.11 -74.83 -50.83
N THR I 380 21.97 -75.37 -50.39
CA THR I 380 20.67 -75.05 -50.97
C THR I 380 19.89 -74.17 -50.01
N ASN I 381 19.59 -72.95 -50.46
CA ASN I 381 18.83 -72.01 -49.67
C ASN I 381 17.34 -72.41 -49.73
N GLY I 382 16.58 -72.06 -48.70
CA GLY I 382 15.16 -72.39 -48.69
C GLY I 382 14.34 -71.47 -49.58
N GLU I 383 13.05 -71.80 -49.73
CA GLU I 383 12.11 -71.03 -50.55
C GLU I 383 11.16 -70.25 -49.66
N ARG I 384 10.56 -69.18 -50.21
CA ARG I 384 9.57 -68.32 -49.53
C ARG I 384 10.11 -67.86 -48.17
N TYR I 385 9.47 -68.24 -47.02
CA TYR I 385 9.91 -67.78 -45.69
C TYR I 385 11.24 -68.41 -45.23
N ASP I 386 11.64 -69.52 -45.88
CA ASP I 386 12.88 -70.24 -45.58
C ASP I 386 14.07 -69.66 -46.37
N ARG I 387 13.85 -68.63 -47.18
CA ARG I 387 14.95 -68.03 -47.94
C ARG I 387 15.77 -67.13 -47.01
N ALA I 388 16.93 -67.63 -46.56
CA ALA I 388 17.86 -66.78 -45.78
C ALA I 388 18.36 -65.66 -46.70
N ILE I 389 18.60 -64.48 -46.15
CA ILE I 389 19.03 -63.35 -46.95
C ILE I 389 20.30 -62.78 -46.33
N ALA I 390 21.31 -62.53 -47.17
CA ALA I 390 22.61 -62.09 -46.69
C ALA I 390 23.07 -60.79 -47.30
N THR I 391 23.79 -60.01 -46.49
CA THR I 391 24.40 -58.75 -46.85
C THR I 391 25.76 -58.69 -46.15
N ARG I 392 26.73 -58.00 -46.75
CA ARG I 392 28.08 -57.94 -46.18
C ARG I 392 28.85 -56.68 -46.56
N GLY I 393 29.88 -56.41 -45.78
CA GLY I 393 30.88 -55.40 -46.06
C GLY I 393 32.11 -56.18 -46.46
N ASN I 394 33.30 -55.67 -46.12
CA ASN I 394 34.54 -56.40 -46.44
C ASN I 394 34.98 -57.29 -45.28
N ASP I 395 34.61 -56.93 -44.04
CA ASP I 395 35.05 -57.62 -42.83
C ASP I 395 33.90 -58.05 -41.91
N TYR I 396 32.66 -57.99 -42.42
CA TYR I 396 31.46 -58.41 -41.68
C TYR I 396 30.41 -58.89 -42.64
N LEU I 397 29.55 -59.81 -42.17
CA LEU I 397 28.41 -60.28 -42.91
C LEU I 397 27.23 -60.45 -41.95
N LEU I 398 26.02 -60.25 -42.48
CA LEU I 398 24.77 -60.35 -41.74
C LEU I 398 23.82 -61.25 -42.50
N VAL I 399 23.26 -62.26 -41.82
CA VAL I 399 22.33 -63.19 -42.46
C VAL I 399 21.02 -63.24 -41.67
N TYR I 400 19.94 -62.73 -42.27
CA TYR I 400 18.63 -62.76 -41.64
C TYR I 400 17.94 -64.05 -42.01
N ASN I 401 17.58 -64.84 -40.99
CA ASN I 401 16.91 -66.11 -41.19
C ASN I 401 15.55 -66.05 -40.48
N TYR I 402 14.50 -65.78 -41.26
CA TYR I 402 13.13 -65.65 -40.73
C TYR I 402 12.60 -66.92 -40.09
N SER I 403 12.77 -68.07 -40.76
CA SER I 403 12.17 -69.32 -40.30
C SER I 403 12.98 -70.08 -39.24
N GLY I 404 14.31 -69.97 -39.30
CA GLY I 404 15.19 -70.73 -38.41
C GLY I 404 15.67 -72.04 -39.04
N ARG I 405 15.38 -72.24 -40.34
CA ARG I 405 15.85 -73.40 -41.10
C ARG I 405 17.39 -73.46 -41.02
N PRO I 406 18.03 -74.62 -40.73
CA PRO I 406 19.51 -74.65 -40.67
C PRO I 406 20.14 -74.07 -41.92
N MSE I 407 21.29 -73.41 -41.75
CA MSE I 407 22.00 -72.74 -42.85
C MSE I 407 23.43 -73.16 -42.92
O MSE I 407 24.03 -73.49 -41.92
CB MSE I 407 22.04 -71.20 -42.64
CG MSE I 407 20.74 -70.54 -42.41
SE MSE I 407 21.11 -68.65 -42.07
CE MSE I 407 21.81 -68.68 -40.31
N GLN I 408 24.01 -73.01 -44.12
CA GLN I 408 25.43 -73.21 -44.41
C GLN I 408 25.92 -71.86 -44.89
N ILE I 409 26.89 -71.26 -44.17
CA ILE I 409 27.38 -69.92 -44.46
C ILE I 409 28.85 -69.96 -44.89
N ASP I 410 29.16 -69.31 -46.02
CA ASP I 410 30.52 -69.23 -46.54
C ASP I 410 31.25 -68.07 -45.88
N LEU I 411 31.96 -68.36 -44.78
CA LEU I 411 32.70 -67.35 -44.01
C LEU I 411 33.90 -66.78 -44.78
N SER I 412 34.35 -67.42 -45.88
CA SER I 412 35.48 -66.93 -46.69
C SER I 412 35.09 -65.70 -47.56
N LYS I 413 33.80 -65.32 -47.55
CA LYS I 413 33.29 -64.17 -48.30
C LYS I 413 33.70 -62.83 -47.66
N ILE I 414 34.25 -62.87 -46.41
CA ILE I 414 34.74 -61.67 -45.71
C ILE I 414 36.17 -61.96 -45.20
N SER I 415 36.91 -60.90 -44.83
CA SER I 415 38.31 -61.02 -44.39
C SER I 415 38.46 -61.71 -43.03
N GLY I 416 39.68 -62.15 -42.74
CA GLY I 416 40.06 -62.79 -41.48
C GLY I 416 40.22 -64.29 -41.53
N ALA I 417 41.35 -64.78 -40.98
CA ALA I 417 41.61 -66.22 -40.86
C ALA I 417 40.60 -66.82 -39.86
N LYS I 418 40.23 -66.01 -38.85
CA LYS I 418 39.23 -66.37 -37.83
C LYS I 418 38.13 -65.33 -37.83
N LYS I 419 36.92 -65.78 -37.47
CA LYS I 419 35.69 -64.99 -37.42
C LYS I 419 34.92 -65.22 -36.14
N ASN I 420 34.35 -64.14 -35.58
CA ASN I 420 33.49 -64.22 -34.41
C ASN I 420 32.06 -64.17 -34.87
N ALA I 421 31.18 -65.00 -34.25
CA ALA I 421 29.78 -65.05 -34.62
C ALA I 421 28.85 -64.84 -33.43
N TRP I 422 27.73 -64.13 -33.66
CA TRP I 422 26.65 -63.84 -32.71
C TRP I 422 25.28 -64.07 -33.33
N TRP I 423 24.29 -64.40 -32.49
CA TRP I 423 22.89 -64.42 -32.87
C TRP I 423 22.32 -63.10 -32.40
N TYR I 424 21.49 -62.45 -33.23
CA TYR I 424 20.85 -61.17 -32.92
C TYR I 424 19.37 -61.35 -33.14
N SER I 425 18.60 -61.27 -32.05
CA SER I 425 17.14 -61.45 -32.09
CA SER I 425 17.15 -61.46 -32.06
C SER I 425 16.42 -60.21 -32.63
N ALA I 426 15.78 -60.35 -33.80
CA ALA I 426 15.06 -59.24 -34.43
C ALA I 426 13.89 -58.74 -33.57
N LYS I 427 13.26 -59.63 -32.74
CA LYS I 427 12.11 -59.19 -31.96
C LYS I 427 12.46 -58.27 -30.78
N ASP I 428 13.68 -58.37 -30.22
CA ASP I 428 13.98 -57.64 -28.99
C ASP I 428 15.42 -57.16 -28.86
N GLY I 429 16.22 -57.34 -29.92
CA GLY I 429 17.62 -56.91 -29.95
C GLY I 429 18.57 -57.72 -29.09
N LYS I 430 18.11 -58.88 -28.56
CA LYS I 430 18.96 -59.75 -27.72
C LYS I 430 20.16 -60.25 -28.53
N LEU I 431 21.35 -60.12 -27.96
CA LEU I 431 22.57 -60.58 -28.61
C LEU I 431 23.16 -61.75 -27.83
N GLU I 432 23.56 -62.81 -28.56
CA GLU I 432 24.16 -63.99 -27.96
C GLU I 432 25.38 -64.42 -28.75
N TYR I 433 26.55 -64.38 -28.11
CA TYR I 433 27.80 -64.81 -28.71
C TYR I 433 27.78 -66.32 -28.91
N ILE I 434 28.20 -66.77 -30.12
CA ILE I 434 28.25 -68.18 -30.48
C ILE I 434 29.64 -68.74 -30.23
N GLY I 435 30.65 -68.08 -30.81
CA GLY I 435 32.04 -68.49 -30.70
C GLY I 435 32.91 -67.97 -31.83
N GLU I 436 34.13 -68.50 -31.89
CA GLU I 436 35.13 -68.16 -32.90
C GLU I 436 35.25 -69.33 -33.89
N PHE I 437 35.27 -68.99 -35.19
CA PHE I 437 35.29 -69.97 -36.27
C PHE I 437 36.41 -69.75 -37.28
N ASP I 438 36.90 -70.86 -37.87
CA ASP I 438 37.88 -70.79 -38.95
C ASP I 438 37.15 -70.41 -40.22
N SER I 439 37.82 -69.67 -41.12
CA SER I 439 37.21 -69.18 -42.34
C SER I 439 36.98 -70.32 -43.36
N LYS I 440 35.73 -70.82 -43.40
CA LYS I 440 35.27 -71.92 -44.27
C LYS I 440 33.74 -71.98 -44.26
N VAL I 441 33.14 -72.82 -45.12
CA VAL I 441 31.69 -73.03 -45.12
C VAL I 441 31.34 -73.68 -43.77
N THR I 442 30.44 -73.03 -43.00
CA THR I 442 30.07 -73.44 -41.65
C THR I 442 28.55 -73.55 -41.48
N SER I 443 28.09 -74.61 -40.79
CA SER I 443 26.69 -74.81 -40.49
C SER I 443 26.30 -74.00 -39.26
N PHE I 444 25.12 -73.36 -39.31
CA PHE I 444 24.54 -72.58 -38.22
C PHE I 444 23.06 -72.87 -38.08
N GLN I 445 22.59 -73.07 -36.84
CA GLN I 445 21.17 -73.21 -36.53
C GLN I 445 20.92 -72.69 -35.12
N HIS I 446 19.85 -71.92 -34.98
CA HIS I 446 19.49 -71.30 -33.72
C HIS I 446 18.56 -72.22 -32.93
N ASP I 447 18.77 -72.30 -31.62
CA ASP I 447 17.96 -73.14 -30.74
C ASP I 447 16.66 -72.39 -30.36
N SER I 448 15.67 -72.48 -31.24
CA SER I 448 14.34 -71.90 -31.07
C SER I 448 13.33 -72.60 -31.99
N GLY I 449 12.04 -72.48 -31.66
CA GLY I 449 10.94 -73.01 -32.45
C GLY I 449 11.00 -72.57 -33.90
N TYR I 450 10.80 -73.53 -34.83
CA TYR I 450 10.80 -73.28 -36.26
C TYR I 450 9.55 -72.47 -36.59
N LEU I 451 9.70 -71.37 -37.34
CA LEU I 451 8.60 -70.47 -37.71
C LEU I 451 7.79 -70.05 -36.45
N SER I 452 8.52 -69.67 -35.39
CA SER I 452 7.92 -69.35 -34.08
C SER I 452 8.01 -67.86 -33.73
N GLY I 453 8.39 -67.02 -34.70
CA GLY I 453 8.57 -65.59 -34.45
C GLY I 453 9.87 -65.32 -33.71
N ASN I 454 10.84 -66.23 -33.83
CA ASN I 454 12.15 -66.06 -33.17
C ASN I 454 13.23 -65.89 -34.24
N ASP I 455 12.89 -65.11 -35.30
CA ASP I 455 13.78 -64.77 -36.41
C ASP I 455 15.05 -64.10 -35.90
N GLN I 456 16.18 -64.57 -36.40
CA GLN I 456 17.49 -64.10 -35.99
C GLN I 456 18.29 -63.54 -37.13
N VAL I 457 19.22 -62.65 -36.79
CA VAL I 457 20.26 -62.21 -37.68
C VAL I 457 21.52 -62.93 -37.19
N LEU I 458 22.20 -63.63 -38.10
CA LEU I 458 23.51 -64.18 -37.78
C LEU I 458 24.53 -63.07 -38.10
N ILE I 459 25.27 -62.62 -37.07
CA ILE I 459 26.32 -61.60 -37.20
C ILE I 459 27.67 -62.30 -37.24
N VAL I 460 28.47 -62.07 -38.29
CA VAL I 460 29.81 -62.66 -38.40
C VAL I 460 30.79 -61.52 -38.70
N VAL I 461 31.85 -61.41 -37.88
CA VAL I 461 32.84 -60.35 -38.02
C VAL I 461 34.25 -60.92 -37.96
N ASP I 462 35.15 -60.37 -38.79
CA ASP I 462 36.60 -60.67 -38.79
C ASP I 462 37.07 -60.50 -37.33
N SER I 463 37.76 -61.53 -36.75
CA SER I 463 38.23 -61.54 -35.36
CA SER I 463 38.21 -61.54 -35.36
C SER I 463 39.12 -60.34 -35.00
N ALA I 464 39.74 -59.69 -36.00
CA ALA I 464 40.60 -58.52 -35.78
C ALA I 464 39.79 -57.21 -35.59
N LYS I 465 38.47 -57.23 -35.89
CA LYS I 465 37.62 -56.02 -35.79
C LYS I 465 36.77 -56.04 -34.52
N ASP I 466 36.44 -54.86 -33.98
CA ASP I 466 35.72 -54.73 -32.70
C ASP I 466 34.32 -54.10 -32.81
N TYR I 467 33.62 -54.26 -33.96
CA TYR I 467 32.27 -53.70 -34.15
C TYR I 467 31.29 -54.24 -33.12
N VAL I 468 31.46 -55.52 -32.75
CA VAL I 468 30.66 -56.21 -31.75
C VAL I 468 31.61 -56.86 -30.74
N GLN I 469 31.31 -56.75 -29.43
CA GLN I 469 32.11 -57.37 -28.37
C GLN I 469 31.46 -58.70 -27.97
N LYS I 470 32.29 -59.66 -27.58
CA LYS I 470 31.91 -61.02 -27.19
C LYS I 470 30.96 -61.06 -25.97
N ALA I 471 31.21 -60.21 -24.94
CA ALA I 471 30.43 -60.19 -23.69
C ALA I 471 29.09 -59.43 -23.80
N TRP I 472 28.86 -58.69 -24.91
CA TRP I 472 27.61 -57.94 -25.09
C TRP I 472 26.39 -58.86 -25.19
N THR I 473 25.26 -58.43 -24.56
CA THR I 473 23.98 -59.15 -24.61
C THR I 473 22.97 -58.25 -25.34
N ALA I 474 23.44 -57.06 -25.75
CA ALA I 474 22.69 -56.07 -26.52
C ALA I 474 23.68 -55.20 -27.29
N LEU I 475 23.21 -54.57 -28.36
CA LEU I 475 24.03 -53.64 -29.12
C LEU I 475 23.88 -52.26 -28.49
N PRO I 476 24.96 -51.50 -28.23
CA PRO I 476 24.79 -50.14 -27.70
C PRO I 476 24.13 -49.24 -28.74
N ASP I 477 23.68 -48.05 -28.31
CA ASP I 477 23.04 -47.07 -29.19
C ASP I 477 24.09 -46.56 -30.21
N ALA I 478 24.08 -47.13 -31.44
CA ALA I 478 25.05 -46.82 -32.50
C ALA I 478 25.03 -45.35 -33.00
N ILE I 479 23.91 -44.63 -32.81
CA ILE I 479 23.80 -43.23 -33.26
C ILE I 479 24.61 -42.26 -32.34
N GLN I 480 24.94 -42.68 -31.11
CA GLN I 480 25.71 -41.84 -30.17
C GLN I 480 27.13 -41.54 -30.66
N LYS I 481 27.66 -42.33 -31.62
CA LYS I 481 28.98 -42.13 -32.23
C LYS I 481 29.04 -40.76 -32.93
N TRP I 482 27.89 -40.30 -33.47
CA TRP I 482 27.76 -39.05 -34.21
C TRP I 482 26.98 -37.98 -33.39
N ASN I 483 26.75 -38.23 -32.07
CA ASN I 483 26.04 -37.30 -31.19
C ASN I 483 26.91 -36.78 -30.03
N LYS I 484 28.25 -36.93 -30.15
CA LYS I 484 29.20 -36.49 -29.12
C LYS I 484 29.31 -34.95 -29.11
N LYS J 21 -65.02 10.25 27.14
CA LYS J 21 -63.72 10.61 26.56
C LYS J 21 -63.15 9.44 25.75
N THR J 22 -62.60 9.73 24.57
CA THR J 22 -62.00 8.71 23.71
C THR J 22 -60.82 8.02 24.40
N TYR J 23 -60.85 6.69 24.44
CA TYR J 23 -59.76 5.90 25.00
C TYR J 23 -58.61 5.84 23.97
N ILE J 24 -57.42 6.23 24.39
CA ILE J 24 -56.21 6.24 23.56
C ILE J 24 -55.30 5.15 24.13
N PRO J 25 -55.26 3.95 23.50
CA PRO J 25 -54.51 2.83 24.09
C PRO J 25 -53.02 3.12 24.39
N TRP J 26 -52.32 3.81 23.45
CA TRP J 26 -50.89 4.11 23.60
C TRP J 26 -50.57 5.15 24.68
N LYS J 27 -51.59 5.69 25.40
CA LYS J 27 -51.30 6.57 26.55
C LYS J 27 -50.65 5.70 27.66
N ASN J 28 -50.83 4.38 27.57
CA ASN J 28 -50.29 3.36 28.47
C ASN J 28 -48.87 2.93 28.03
N GLY J 29 -48.42 3.42 26.89
CA GLY J 29 -47.10 3.13 26.32
C GLY J 29 -47.18 2.25 25.09
N LYS J 30 -46.01 1.85 24.56
CA LYS J 30 -45.89 0.96 23.39
C LYS J 30 -46.53 -0.40 23.63
N LEU J 31 -46.90 -1.12 22.54
CA LEU J 31 -47.37 -2.50 22.63
C LEU J 31 -46.15 -3.39 22.85
N VAL J 32 -46.30 -4.39 23.72
CA VAL J 32 -45.23 -5.33 24.02
CA VAL J 32 -45.24 -5.32 24.12
C VAL J 32 -45.86 -6.72 24.25
N VAL J 33 -45.11 -7.78 23.92
CA VAL J 33 -45.55 -9.15 24.11
C VAL J 33 -45.42 -9.44 25.63
N SER J 34 -46.52 -9.88 26.28
CA SER J 34 -46.54 -10.19 27.71
C SER J 34 -45.57 -11.35 28.02
N GLU J 35 -45.08 -11.41 29.29
CA GLU J 35 -44.11 -12.37 29.83
CA GLU J 35 -44.08 -12.38 29.78
C GLU J 35 -44.43 -13.85 29.47
N GLU J 36 -45.71 -14.25 29.56
CA GLU J 36 -46.10 -15.65 29.31
C GLU J 36 -46.12 -16.03 27.80
N GLY J 37 -45.88 -15.05 26.93
CA GLY J 37 -45.83 -15.22 25.48
C GLY J 37 -47.15 -15.50 24.79
N ARG J 38 -48.29 -15.13 25.41
CA ARG J 38 -49.61 -15.40 24.82
C ARG J 38 -50.38 -14.15 24.45
N TYR J 39 -50.16 -13.05 25.20
CA TYR J 39 -50.95 -11.85 25.00
C TYR J 39 -50.13 -10.58 24.76
N LEU J 40 -50.84 -9.54 24.29
CA LEU J 40 -50.26 -8.23 24.09
C LEU J 40 -50.68 -7.36 25.24
N LYS J 41 -49.75 -6.54 25.69
CA LYS J 41 -49.96 -5.57 26.75
C LYS J 41 -49.30 -4.25 26.32
N HIS J 42 -49.56 -3.17 27.07
CA HIS J 42 -48.86 -1.91 26.90
C HIS J 42 -47.65 -1.97 27.87
N GLU J 43 -46.68 -1.04 27.74
CA GLU J 43 -45.48 -0.99 28.59
C GLU J 43 -45.80 -0.94 30.09
N ASN J 44 -46.88 -0.23 30.48
CA ASN J 44 -47.26 -0.07 31.88
C ASN J 44 -48.05 -1.31 32.43
N GLY J 45 -48.19 -2.37 31.62
CA GLY J 45 -48.88 -3.60 32.01
C GLY J 45 -50.35 -3.71 31.66
N VAL J 46 -50.96 -2.63 31.15
CA VAL J 46 -52.39 -2.63 30.80
C VAL J 46 -52.64 -3.59 29.59
N PRO J 47 -53.64 -4.50 29.69
CA PRO J 47 -53.92 -5.41 28.56
C PRO J 47 -54.31 -4.70 27.29
N PHE J 48 -53.96 -5.30 26.14
CA PHE J 48 -54.43 -4.82 24.86
C PHE J 48 -55.19 -5.95 24.19
N PHE J 49 -56.53 -5.90 24.26
CA PHE J 49 -57.32 -6.91 23.57
C PHE J 49 -57.54 -6.38 22.18
N TRP J 50 -56.83 -6.94 21.22
CA TRP J 50 -56.89 -6.56 19.81
C TRP J 50 -58.24 -6.93 19.25
N LEU J 51 -58.99 -5.92 18.80
CA LEU J 51 -60.28 -6.14 18.11
C LEU J 51 -60.12 -5.44 16.79
N GLY J 52 -59.84 -6.25 15.76
CA GLY J 52 -59.53 -5.74 14.44
C GLY J 52 -60.66 -5.70 13.42
N GLU J 53 -60.62 -4.66 12.58
CA GLU J 53 -61.51 -4.46 11.44
C GLU J 53 -60.64 -4.51 10.17
N THR J 54 -61.21 -4.97 9.05
CA THR J 54 -60.45 -5.13 7.82
C THR J 54 -60.88 -4.07 6.78
N GLY J 55 -60.04 -3.07 6.60
CA GLY J 55 -60.29 -1.99 5.65
C GLY J 55 -59.25 -2.00 4.56
N TRP J 56 -59.02 -3.17 3.94
CA TRP J 56 -57.94 -3.36 2.95
C TRP J 56 -57.80 -2.20 1.95
N LEU J 57 -58.88 -1.85 1.25
CA LEU J 57 -58.80 -0.83 0.18
C LEU J 57 -59.10 0.62 0.60
N MSE J 58 -59.13 0.92 1.93
CA MSE J 58 -59.31 2.31 2.38
C MSE J 58 -58.28 3.28 1.73
O MSE J 58 -58.72 4.31 1.18
CB MSE J 58 -59.24 2.42 3.91
CG MSE J 58 -58.94 3.84 4.44
SE MSE J 58 -59.50 4.09 6.25
CE MSE J 58 -58.41 2.84 7.12
N PRO J 59 -56.94 3.01 1.73
CA PRO J 59 -56.01 3.99 1.12
C PRO J 59 -56.25 4.26 -0.36
N GLN J 60 -56.81 3.29 -1.09
CA GLN J 60 -57.03 3.43 -2.53
C GLN J 60 -58.45 3.92 -2.89
N ARG J 61 -59.45 3.67 -2.04
CA ARG J 61 -60.83 3.99 -2.41
C ARG J 61 -61.51 5.09 -1.58
N LEU J 62 -61.11 5.34 -0.33
CA LEU J 62 -61.83 6.36 0.45
C LEU J 62 -61.21 7.74 0.39
N ASN J 63 -62.07 8.78 0.29
CA ASN J 63 -61.61 10.16 0.32
C ASN J 63 -61.52 10.59 1.81
N ARG J 64 -61.07 11.82 2.11
CA ARG J 64 -60.86 12.27 3.50
C ARG J 64 -62.10 12.17 4.38
N ASP J 65 -63.24 12.64 3.91
CA ASP J 65 -64.47 12.61 4.72
C ASP J 65 -64.99 11.17 4.92
N GLU J 66 -64.78 10.27 3.92
CA GLU J 66 -65.20 8.87 4.05
C GLU J 66 -64.33 8.15 5.09
N VAL J 67 -63.03 8.48 5.11
CA VAL J 67 -62.07 7.92 6.07
C VAL J 67 -62.58 8.23 7.50
N SER J 68 -62.97 9.50 7.75
CA SER J 68 -63.48 9.96 9.06
C SER J 68 -64.76 9.22 9.45
N TYR J 69 -65.68 9.07 8.52
CA TYR J 69 -66.95 8.36 8.77
C TYR J 69 -66.70 6.88 9.11
N TYR J 70 -65.92 6.18 8.27
CA TYR J 70 -65.61 4.76 8.49
C TYR J 70 -64.90 4.55 9.84
N LEU J 71 -63.86 5.36 10.14
CA LEU J 71 -63.13 5.20 11.40
C LEU J 71 -63.98 5.55 12.61
N ASN J 72 -64.95 6.49 12.46
CA ASN J 72 -65.90 6.83 13.55
C ASN J 72 -66.76 5.62 13.89
N LYS J 73 -67.25 4.93 12.85
CA LYS J 73 -68.08 3.72 12.98
C LYS J 73 -67.27 2.60 13.62
N CYS J 74 -65.98 2.46 13.24
CA CYS J 74 -65.08 1.45 13.80
C CYS J 74 -64.88 1.69 15.28
N LYS J 75 -64.62 2.96 15.64
CA LYS J 75 -64.42 3.36 17.03
C LYS J 75 -65.67 3.05 17.87
N ASP J 76 -66.85 3.47 17.39
CA ASP J 76 -68.12 3.25 18.11
C ASP J 76 -68.47 1.78 18.24
N ALA J 77 -67.99 0.92 17.34
CA ALA J 77 -68.27 -0.52 17.38
C ALA J 77 -67.19 -1.30 18.20
N GLY J 78 -66.29 -0.55 18.86
CA GLY J 78 -65.25 -1.09 19.74
C GLY J 78 -63.95 -1.55 19.10
N TYR J 79 -63.77 -1.35 17.78
CA TYR J 79 -62.51 -1.77 17.14
C TYR J 79 -61.36 -0.87 17.54
N ASN J 80 -60.16 -1.42 17.75
CA ASN J 80 -58.95 -0.65 18.12
C ASN J 80 -57.80 -0.93 17.18
N MSE J 81 -58.09 -1.69 16.10
CA MSE J 81 -57.10 -2.03 15.06
C MSE J 81 -57.84 -2.07 13.72
O MSE J 81 -58.83 -2.77 13.61
CB MSE J 81 -56.41 -3.37 15.41
CG MSE J 81 -55.04 -3.61 14.67
SE MSE J 81 -55.12 -3.88 12.72
CE MSE J 81 -56.38 -5.39 12.56
N VAL J 82 -57.39 -1.29 12.74
CA VAL J 82 -57.97 -1.30 11.39
C VAL J 82 -56.82 -1.61 10.45
N GLN J 83 -56.92 -2.71 9.69
CA GLN J 83 -55.81 -3.06 8.82
C GLN J 83 -56.08 -2.66 7.38
N VAL J 84 -55.03 -2.24 6.69
CA VAL J 84 -55.11 -1.74 5.31
C VAL J 84 -54.03 -2.36 4.44
N GLN J 85 -54.25 -2.30 3.13
CA GLN J 85 -53.21 -2.62 2.16
C GLN J 85 -52.59 -1.28 1.82
N VAL J 86 -51.37 -1.03 2.33
CA VAL J 86 -50.63 0.23 2.11
C VAL J 86 -50.42 0.38 0.59
N LEU J 87 -49.97 -0.72 -0.06
CA LEU J 87 -49.85 -0.85 -1.50
C LEU J 87 -50.58 -2.11 -1.93
N ASN J 88 -51.39 -2.04 -2.99
CA ASN J 88 -52.08 -3.23 -3.52
C ASN J 88 -51.53 -3.53 -4.93
N GLY J 89 -50.58 -2.71 -5.36
CA GLY J 89 -49.94 -2.82 -6.66
C GLY J 89 -48.71 -1.93 -6.77
N VAL J 90 -47.94 -2.10 -7.85
CA VAL J 90 -46.73 -1.32 -8.10
C VAL J 90 -46.87 -0.60 -9.44
N PRO J 91 -47.30 0.67 -9.46
CA PRO J 91 -47.67 1.52 -8.31
C PRO J 91 -49.13 1.32 -7.91
N SER J 92 -49.53 1.93 -6.80
CA SER J 92 -50.92 1.95 -6.37
C SER J 92 -51.48 3.33 -6.70
N MSE J 93 -52.80 3.46 -6.73
CA MSE J 93 -53.52 4.70 -7.03
C MSE J 93 -54.57 4.94 -5.99
O MSE J 93 -55.26 4.00 -5.60
CB MSE J 93 -54.21 4.54 -8.41
CG MSE J 93 -54.86 5.84 -8.92
SE MSE J 93 -53.51 6.97 -9.71
CE MSE J 93 -53.32 5.86 -11.30
N ASN J 94 -54.74 6.20 -5.55
CA ASN J 94 -55.80 6.48 -4.59
C ASN J 94 -57.02 7.13 -5.33
N ILE J 95 -58.09 7.44 -4.57
CA ILE J 95 -59.34 7.99 -5.12
C ILE J 95 -59.14 9.36 -5.73
N TYR J 96 -58.10 10.10 -5.30
CA TYR J 96 -57.82 11.42 -5.82
C TYR J 96 -57.01 11.38 -7.14
N GLY J 97 -56.66 10.17 -7.59
CA GLY J 97 -55.90 9.98 -8.82
C GLY J 97 -54.42 10.28 -8.62
N GLN J 98 -53.91 10.00 -7.41
CA GLN J 98 -52.51 10.17 -7.03
C GLN J 98 -51.80 8.83 -7.06
N TYR J 99 -50.61 8.79 -7.67
CA TYR J 99 -49.75 7.61 -7.71
C TYR J 99 -48.99 7.46 -6.39
N SER J 100 -48.82 6.20 -5.94
CA SER J 100 -48.02 5.90 -4.75
C SER J 100 -46.51 6.10 -5.02
N MSE J 101 -46.09 5.89 -6.28
CA MSE J 101 -44.70 6.02 -6.68
C MSE J 101 -44.59 6.62 -8.06
O MSE J 101 -45.35 6.24 -8.96
CB MSE J 101 -43.98 4.65 -6.67
CG MSE J 101 -43.51 4.24 -5.30
SE MSE J 101 -44.68 2.97 -4.42
CE MSE J 101 -44.24 1.43 -5.49
N THR J 102 -43.65 7.55 -8.21
CA THR J 102 -43.35 8.26 -9.47
C THR J 102 -42.04 7.72 -10.10
N ASP J 103 -41.09 7.26 -9.28
CA ASP J 103 -39.80 6.76 -9.77
C ASP J 103 -39.45 5.41 -9.11
N GLY J 104 -40.32 4.42 -9.30
CA GLY J 104 -40.14 3.08 -8.73
C GLY J 104 -40.01 3.13 -7.22
N PHE J 105 -39.06 2.36 -6.66
CA PHE J 105 -38.85 2.36 -5.21
C PHE J 105 -37.78 3.39 -4.76
N ASN J 106 -37.71 4.55 -5.48
CA ASN J 106 -36.89 5.70 -5.12
C ASN J 106 -37.84 6.74 -4.55
N PHE J 107 -37.75 6.97 -3.24
CA PHE J 107 -38.68 7.85 -2.52
C PHE J 107 -38.10 9.23 -2.15
N LYS J 108 -36.91 9.58 -2.70
CA LYS J 108 -36.23 10.85 -2.43
C LYS J 108 -37.14 12.08 -2.69
N ASP J 109 -37.86 12.11 -3.82
CA ASP J 109 -38.71 13.26 -4.17
C ASP J 109 -40.20 12.92 -4.11
N ILE J 110 -40.61 12.05 -3.17
CA ILE J 110 -42.00 11.63 -3.04
C ILE J 110 -42.87 12.79 -2.52
N ASN J 111 -42.33 13.66 -1.64
CA ASN J 111 -43.10 14.77 -1.11
C ASN J 111 -42.96 15.98 -2.03
N ARG J 112 -44.09 16.47 -2.54
CA ARG J 112 -44.15 17.64 -3.42
C ARG J 112 -44.97 18.71 -2.73
N LYS J 113 -44.37 19.88 -2.45
CA LYS J 113 -45.07 20.97 -1.75
C LYS J 113 -46.31 21.44 -2.56
N GLY J 114 -47.40 21.65 -1.83
CA GLY J 114 -48.66 22.07 -2.41
C GLY J 114 -49.43 20.98 -3.12
N ILE J 115 -48.94 19.72 -3.05
CA ILE J 115 -49.62 18.56 -3.63
C ILE J 115 -50.05 17.62 -2.50
N TYR J 116 -51.32 17.25 -2.49
CA TYR J 116 -51.82 16.28 -1.52
C TYR J 116 -51.62 14.91 -2.17
N GLY J 117 -50.45 14.32 -1.93
CA GLY J 117 -50.04 13.06 -2.53
C GLY J 117 -50.65 11.83 -1.89
N TYR J 118 -50.37 10.67 -2.48
CA TYR J 118 -50.81 9.35 -2.02
C TYR J 118 -50.42 9.12 -0.56
N TRP J 119 -49.15 9.45 -0.21
CA TRP J 119 -48.61 9.25 1.14
C TRP J 119 -49.10 10.32 2.10
N ASP J 120 -49.53 11.50 1.59
CA ASP J 120 -50.13 12.51 2.47
C ASP J 120 -51.51 12.03 2.91
N HIS J 121 -52.18 11.28 2.04
CA HIS J 121 -53.50 10.71 2.34
C HIS J 121 -53.30 9.53 3.28
N MSE J 122 -52.21 8.76 3.10
CA MSE J 122 -51.82 7.67 4.03
C MSE J 122 -51.58 8.28 5.43
O MSE J 122 -52.11 7.75 6.41
CB MSE J 122 -50.55 6.93 3.54
CG MSE J 122 -50.29 5.59 4.27
SE MSE J 122 -51.68 4.22 4.04
CE MSE J 122 -52.48 4.31 5.86
N ASP J 123 -50.81 9.41 5.51
CA ASP J 123 -50.54 10.13 6.77
C ASP J 123 -51.85 10.53 7.47
N TYR J 124 -52.80 11.09 6.70
CA TYR J 124 -54.11 11.53 7.18
C TYR J 124 -54.92 10.35 7.77
N ILE J 125 -54.90 9.18 7.10
CA ILE J 125 -55.59 7.97 7.57
C ILE J 125 -55.02 7.55 8.94
N ILE J 126 -53.68 7.59 9.12
CA ILE J 126 -53.04 7.21 10.38
C ILE J 126 -53.39 8.23 11.50
N LYS J 127 -53.38 9.55 11.17
CA LYS J 127 -53.72 10.60 12.14
C LYS J 127 -55.22 10.52 12.48
N SER J 128 -56.07 10.19 11.50
CA SER J 128 -57.51 10.03 11.73
C SER J 128 -57.77 8.87 12.69
N ALA J 129 -57.05 7.75 12.50
CA ALA J 129 -57.18 6.58 13.38
C ALA J 129 -56.65 6.93 14.78
N ALA J 130 -55.54 7.69 14.86
CA ALA J 130 -54.89 8.08 16.12
C ALA J 130 -55.84 8.87 17.02
N SER J 131 -56.62 9.83 16.45
CA SER J 131 -57.55 10.62 17.26
C SER J 131 -58.74 9.78 17.78
N ARG J 132 -58.92 8.57 17.22
CA ARG J 132 -60.01 7.66 17.57
C ARG J 132 -59.51 6.46 18.38
N GLY J 133 -58.23 6.45 18.73
CA GLY J 133 -57.60 5.41 19.54
C GLY J 133 -57.47 4.08 18.81
N ILE J 134 -57.27 4.15 17.49
CA ILE J 134 -57.15 2.98 16.63
C ILE J 134 -55.74 2.83 16.07
N TYR J 135 -55.20 1.62 16.15
CA TYR J 135 -53.93 1.24 15.51
C TYR J 135 -54.17 0.92 14.05
N ILE J 136 -53.27 1.34 13.15
CA ILE J 136 -53.39 0.95 11.76
C ILE J 136 -52.47 -0.25 11.55
N GLY J 137 -53.04 -1.37 11.08
CA GLY J 137 -52.31 -2.57 10.70
C GLY J 137 -51.83 -2.30 9.30
N MSE J 138 -50.53 -2.03 9.16
CA MSE J 138 -49.91 -1.61 7.90
C MSE J 138 -49.41 -2.80 7.09
O MSE J 138 -48.27 -3.23 7.29
CB MSE J 138 -48.73 -0.64 8.16
CG MSE J 138 -49.13 0.68 8.86
SE MSE J 138 -50.01 1.92 7.65
CE MSE J 138 -48.34 2.66 6.77
N VAL J 139 -50.23 -3.33 6.15
CA VAL J 139 -49.76 -4.38 5.24
C VAL J 139 -48.96 -3.62 4.18
N CYS J 140 -47.63 -3.49 4.42
CA CYS J 140 -46.67 -2.74 3.58
C CYS J 140 -46.97 -2.87 2.08
N ILE J 141 -47.11 -4.11 1.60
CA ILE J 141 -47.41 -4.38 0.18
C ILE J 141 -48.04 -5.77 0.08
N TRP J 142 -49.20 -5.86 -0.57
CA TRP J 142 -49.94 -7.12 -0.74
C TRP J 142 -49.07 -8.12 -1.51
N GLY J 143 -49.28 -9.41 -1.27
CA GLY J 143 -48.47 -10.46 -1.88
C GLY J 143 -48.43 -10.51 -3.39
N THR J 144 -49.57 -10.22 -4.08
CA THR J 144 -49.68 -10.30 -5.55
C THR J 144 -48.53 -9.56 -6.29
N PRO J 145 -48.28 -8.22 -6.14
CA PRO J 145 -47.18 -7.61 -6.90
C PRO J 145 -45.81 -8.21 -6.57
N VAL J 146 -45.60 -8.64 -5.31
CA VAL J 146 -44.32 -9.24 -4.88
C VAL J 146 -44.14 -10.60 -5.57
N GLU J 147 -45.21 -11.43 -5.62
CA GLU J 147 -45.20 -12.73 -6.30
C GLU J 147 -44.91 -12.56 -7.81
N GLN J 148 -45.34 -11.43 -8.40
CA GLN J 148 -45.14 -11.07 -9.81
C GLN J 148 -43.74 -10.46 -10.06
N GLY J 149 -42.92 -10.37 -9.01
CA GLY J 149 -41.55 -9.84 -9.07
C GLY J 149 -41.41 -8.34 -9.19
N LEU J 150 -42.44 -7.58 -8.79
CA LEU J 150 -42.44 -6.11 -8.90
C LEU J 150 -41.75 -5.42 -7.70
N MSE J 151 -41.24 -6.21 -6.75
CA MSE J 151 -40.45 -5.69 -5.63
C MSE J 151 -39.37 -6.70 -5.29
O MSE J 151 -39.65 -7.72 -4.66
CB MSE J 151 -41.30 -5.32 -4.40
CG MSE J 151 -40.49 -4.48 -3.39
SE MSE J 151 -41.41 -4.04 -1.76
CE MSE J 151 -41.48 -5.79 -0.97
N ASN J 152 -38.13 -6.42 -5.71
CA ASN J 152 -37.00 -7.31 -5.44
C ASN J 152 -36.42 -6.96 -4.06
N GLU J 153 -35.33 -7.63 -3.64
CA GLU J 153 -34.67 -7.43 -2.35
C GLU J 153 -34.16 -6.01 -2.13
N LYS J 154 -33.51 -5.43 -3.16
CA LYS J 154 -32.96 -4.07 -3.08
C LYS J 154 -34.10 -3.06 -2.88
N GLU J 155 -35.17 -3.21 -3.66
CA GLU J 155 -36.36 -2.36 -3.61
C GLU J 155 -37.06 -2.47 -2.24
N ALA J 156 -37.11 -3.70 -1.66
CA ALA J 156 -37.73 -3.99 -0.34
C ALA J 156 -36.98 -3.25 0.77
N VAL J 157 -35.63 -3.22 0.70
CA VAL J 157 -34.79 -2.51 1.68
C VAL J 157 -35.11 -1.01 1.62
N ALA J 158 -35.15 -0.42 0.39
CA ALA J 158 -35.48 0.99 0.15
C ALA J 158 -36.91 1.30 0.61
N TYR J 159 -37.89 0.40 0.34
CA TYR J 159 -39.28 0.60 0.75
C TYR J 159 -39.39 0.56 2.30
N GLY J 160 -38.68 -0.38 2.92
CA GLY J 160 -38.65 -0.51 4.38
C GLY J 160 -38.08 0.72 5.06
N LYS J 161 -37.00 1.30 4.48
CA LYS J 161 -36.37 2.52 5.00
C LYS J 161 -37.33 3.70 4.90
N PHE J 162 -38.02 3.85 3.74
CA PHE J 162 -39.02 4.91 3.52
C PHE J 162 -40.14 4.81 4.57
N LEU J 163 -40.74 3.62 4.73
CA LEU J 163 -41.85 3.40 5.67
C LEU J 163 -41.45 3.67 7.10
N ALA J 164 -40.33 3.10 7.55
CA ALA J 164 -39.86 3.25 8.93
C ALA J 164 -39.54 4.70 9.25
N GLU J 165 -38.84 5.43 8.36
CA GLU J 165 -38.50 6.84 8.61
C GLU J 165 -39.75 7.72 8.64
N ARG J 166 -40.73 7.44 7.78
CA ARG J 166 -41.97 8.22 7.72
C ARG J 166 -42.90 7.95 8.91
N TYR J 167 -42.96 6.69 9.41
CA TYR J 167 -43.96 6.36 10.42
C TYR J 167 -43.47 5.88 11.79
N LYS J 168 -42.16 5.83 12.04
CA LYS J 168 -41.65 5.41 13.36
C LYS J 168 -42.18 6.26 14.53
N ASP J 169 -42.42 7.57 14.29
CA ASP J 169 -42.87 8.47 15.36
C ASP J 169 -44.40 8.55 15.43
N GLU J 170 -45.13 7.82 14.56
CA GLU J 170 -46.59 7.70 14.67
C GLU J 170 -46.87 6.58 15.66
N PRO J 171 -47.48 6.81 16.85
CA PRO J 171 -47.60 5.72 17.82
C PRO J 171 -48.49 4.54 17.42
N ASN J 172 -49.56 4.79 16.65
CA ASN J 172 -50.61 3.81 16.34
C ASN J 172 -50.34 2.96 15.08
N ILE J 173 -49.21 2.24 15.07
CA ILE J 173 -48.81 1.41 13.92
C ILE J 173 -48.46 0.00 14.35
N ILE J 174 -48.91 -0.98 13.56
CA ILE J 174 -48.52 -2.38 13.68
C ILE J 174 -48.05 -2.77 12.26
N TRP J 175 -46.79 -3.21 12.12
CA TRP J 175 -46.25 -3.59 10.81
C TRP J 175 -46.68 -4.99 10.41
N MSE J 176 -47.20 -5.11 9.18
CA MSE J 176 -47.62 -6.41 8.66
C MSE J 176 -46.88 -6.74 7.37
O MSE J 176 -47.16 -6.15 6.33
CB MSE J 176 -49.14 -6.44 8.44
CG MSE J 176 -49.92 -6.34 9.74
SE MSE J 176 -51.81 -6.37 9.38
CE MSE J 176 -52.34 -6.47 11.25
N ILE J 177 -45.95 -7.67 7.46
CA ILE J 177 -45.16 -8.21 6.33
C ILE J 177 -46.08 -9.24 5.62
N GLY J 178 -45.83 -9.51 4.34
CA GLY J 178 -46.65 -10.45 3.60
C GLY J 178 -47.95 -9.83 3.12
N GLY J 179 -49.00 -10.64 3.09
CA GLY J 179 -50.32 -10.25 2.60
C GLY J 179 -50.90 -11.31 1.69
N ASP J 180 -51.61 -12.30 2.30
CA ASP J 180 -52.25 -13.45 1.63
C ASP J 180 -51.23 -14.23 0.78
N ILE J 181 -50.07 -14.51 1.36
CA ILE J 181 -48.99 -15.20 0.66
C ILE J 181 -48.28 -16.15 1.63
N ARG J 182 -47.83 -17.31 1.12
CA ARG J 182 -47.06 -18.26 1.91
C ARG J 182 -45.70 -17.66 2.26
N GLY J 183 -45.20 -17.96 3.44
CA GLY J 183 -43.90 -17.48 3.89
C GLY J 183 -42.70 -18.03 3.12
N ASP J 184 -42.89 -19.13 2.38
CA ASP J 184 -41.84 -19.73 1.57
C ASP J 184 -41.91 -19.20 0.11
N ASN J 185 -42.74 -18.17 -0.12
CA ASN J 185 -42.90 -17.53 -1.43
C ASN J 185 -42.27 -16.15 -1.34
N LYS J 186 -41.13 -15.94 -2.06
CA LYS J 186 -40.31 -14.71 -2.10
C LYS J 186 -39.81 -14.35 -0.68
N THR J 187 -39.40 -15.39 0.09
CA THR J 187 -38.92 -15.26 1.48
C THR J 187 -37.86 -14.18 1.64
N GLU J 188 -36.85 -14.16 0.71
CA GLU J 188 -35.73 -13.21 0.71
CA GLU J 188 -35.73 -13.22 0.71
C GLU J 188 -36.24 -11.76 0.67
N VAL J 189 -37.27 -11.50 -0.13
CA VAL J 189 -37.88 -10.18 -0.27
C VAL J 189 -38.58 -9.78 1.04
N TRP J 190 -39.35 -10.70 1.65
CA TRP J 190 -40.07 -10.44 2.90
C TRP J 190 -39.11 -10.20 4.04
N ASP J 191 -38.03 -11.01 4.15
CA ASP J 191 -37.00 -10.85 5.17
C ASP J 191 -36.25 -9.51 5.00
N ALA J 192 -35.94 -9.11 3.74
CA ALA J 192 -35.24 -7.84 3.45
C ALA J 192 -36.14 -6.64 3.86
N LEU J 193 -37.46 -6.71 3.55
CA LEU J 193 -38.40 -5.65 3.95
C LEU J 193 -38.48 -5.55 5.48
N ALA J 194 -38.70 -6.69 6.14
CA ALA J 194 -38.89 -6.81 7.58
C ALA J 194 -37.66 -6.31 8.36
N ASN J 195 -36.45 -6.78 7.99
CA ASN J 195 -35.22 -6.38 8.65
C ASN J 195 -34.88 -4.89 8.41
N SER J 196 -35.28 -4.33 7.24
CA SER J 196 -35.04 -2.91 6.93
C SER J 196 -35.88 -2.02 7.85
N ILE J 197 -37.18 -2.32 8.02
CA ILE J 197 -38.05 -1.53 8.88
C ILE J 197 -37.55 -1.65 10.33
N ARG J 198 -37.29 -2.90 10.75
CA ARG J 198 -36.86 -3.28 12.10
C ARG J 198 -35.57 -2.60 12.52
N SER J 199 -34.66 -2.34 11.57
CA SER J 199 -33.37 -1.67 11.83
C SER J 199 -33.55 -0.21 12.28
N ILE J 200 -34.66 0.45 11.88
CA ILE J 200 -34.97 1.86 12.17
C ILE J 200 -36.11 1.98 13.21
N ASP J 201 -37.18 1.20 13.05
CA ASP J 201 -38.33 1.30 13.94
C ASP J 201 -38.31 0.23 15.05
N LYS J 202 -37.98 0.68 16.27
CA LYS J 202 -37.88 -0.14 17.48
C LYS J 202 -39.05 0.14 18.42
N GLY J 203 -40.07 0.87 17.93
CA GLY J 203 -41.24 1.28 18.72
C GLY J 203 -42.56 0.64 18.35
N HIS J 204 -42.56 -0.26 17.33
CA HIS J 204 -43.79 -0.92 16.88
C HIS J 204 -43.62 -2.42 16.75
N LEU J 205 -44.69 -3.17 16.96
CA LEU J 205 -44.68 -4.62 16.79
C LEU J 205 -44.81 -4.98 15.31
N MSE J 206 -44.29 -6.17 14.95
CA MSE J 206 -44.30 -6.64 13.57
C MSE J 206 -44.77 -8.10 13.49
O MSE J 206 -44.52 -8.90 14.40
CB MSE J 206 -42.88 -6.49 12.99
CG MSE J 206 -42.78 -6.84 11.49
SE MSE J 206 -41.03 -6.46 10.82
CE MSE J 206 -41.05 -4.58 10.95
N THR J 207 -45.44 -8.43 12.38
CA THR J 207 -45.96 -9.77 12.13
C THR J 207 -45.98 -10.04 10.60
N PHE J 208 -46.59 -11.16 10.20
CA PHE J 208 -46.70 -11.61 8.81
C PHE J 208 -48.13 -12.09 8.53
N HIS J 209 -48.74 -11.60 7.43
CA HIS J 209 -50.09 -11.98 6.99
C HIS J 209 -49.95 -13.11 5.98
N PRO J 210 -50.39 -14.36 6.34
CA PRO J 210 -50.17 -15.48 5.43
C PRO J 210 -51.37 -15.83 4.55
N ARG J 211 -51.12 -16.79 3.65
CA ARG J 211 -52.09 -17.36 2.71
CA ARG J 211 -52.10 -17.38 2.71
C ARG J 211 -53.21 -18.08 3.48
N GLY J 212 -54.40 -18.20 2.87
CA GLY J 212 -55.54 -18.91 3.47
C GLY J 212 -55.15 -20.31 3.88
N ARG J 213 -55.62 -20.74 5.07
CA ARG J 213 -55.40 -22.08 5.67
C ARG J 213 -53.94 -22.28 6.08
N THR J 214 -53.22 -21.19 6.37
CA THR J 214 -51.82 -21.27 6.82
C THR J 214 -51.61 -20.31 7.98
N THR J 215 -50.55 -20.53 8.75
CA THR J 215 -50.18 -19.69 9.87
C THR J 215 -48.74 -19.19 9.61
N SER J 216 -48.44 -17.94 10.01
CA SER J 216 -47.08 -17.39 9.87
C SER J 216 -46.08 -18.21 10.71
N ALA J 217 -46.58 -18.91 11.76
CA ALA J 217 -45.77 -19.75 12.66
C ALA J 217 -45.05 -20.88 11.93
N THR J 218 -45.60 -21.34 10.80
CA THR J 218 -45.01 -22.39 9.97
C THR J 218 -43.60 -21.98 9.46
N TRP J 219 -43.40 -20.71 9.11
CA TRP J 219 -42.12 -20.26 8.55
C TRP J 219 -41.34 -19.28 9.41
N PHE J 220 -42.03 -18.43 10.20
CA PHE J 220 -41.36 -17.33 10.87
C PHE J 220 -41.44 -17.29 12.40
N ASN J 221 -41.78 -18.41 13.07
CA ASN J 221 -41.87 -18.40 14.53
C ASN J 221 -40.53 -18.01 15.21
N ASP J 222 -39.40 -18.38 14.60
CA ASP J 222 -38.07 -18.10 15.13
C ASP J 222 -37.46 -16.79 14.60
N ARG J 223 -38.18 -16.03 13.75
CA ARG J 223 -37.66 -14.75 13.26
C ARG J 223 -37.64 -13.72 14.38
N GLU J 224 -36.50 -13.02 14.54
CA GLU J 224 -36.32 -11.96 15.53
C GLU J 224 -37.24 -10.76 15.21
N TRP J 225 -37.53 -10.51 13.91
CA TRP J 225 -38.43 -9.42 13.49
C TRP J 225 -39.92 -9.73 13.76
N LEU J 226 -40.30 -11.01 13.98
CA LEU J 226 -41.71 -11.37 14.22
C LEU J 226 -42.02 -11.41 15.73
N ASP J 227 -42.88 -10.49 16.19
CA ASP J 227 -43.26 -10.42 17.61
C ASP J 227 -44.40 -11.38 17.95
N PHE J 228 -45.32 -11.58 17.03
CA PHE J 228 -46.46 -12.47 17.21
C PHE J 228 -46.87 -13.06 15.86
N ASN J 229 -47.61 -14.17 15.91
CA ASN J 229 -48.07 -14.86 14.72
C ASN J 229 -49.49 -14.51 14.34
N MSE J 230 -49.81 -14.66 13.05
CA MSE J 230 -51.17 -14.48 12.51
C MSE J 230 -51.47 -15.62 11.56
O MSE J 230 -50.58 -16.10 10.87
CB MSE J 230 -51.35 -13.13 11.79
CG MSE J 230 -50.99 -11.90 12.64
SE MSE J 230 -51.77 -10.24 12.04
CE MSE J 230 -51.16 -10.30 10.16
N PHE J 231 -52.74 -16.02 11.50
CA PHE J 231 -53.18 -17.02 10.54
C PHE J 231 -54.41 -16.50 9.80
N GLN J 232 -54.73 -17.15 8.68
CA GLN J 232 -55.91 -16.83 7.88
C GLN J 232 -56.75 -18.10 7.83
N SER J 233 -57.87 -18.15 8.58
CA SER J 233 -58.72 -19.34 8.55
C SER J 233 -59.75 -19.27 7.43
N GLY J 234 -60.08 -18.05 6.97
CA GLY J 234 -61.03 -17.84 5.87
C GLY J 234 -60.57 -18.52 4.59
N HIS J 235 -61.47 -18.83 3.62
CA HIS J 235 -62.91 -18.57 3.62
C HIS J 235 -63.67 -19.83 3.14
N ARG J 236 -63.00 -20.98 3.13
CA ARG J 236 -63.63 -22.24 2.70
C ARG J 236 -64.43 -22.89 3.82
N ARG J 237 -65.49 -23.62 3.43
CA ARG J 237 -66.32 -24.39 4.33
C ARG J 237 -65.76 -25.80 4.46
N TYR J 238 -66.31 -26.60 5.40
CA TYR J 238 -65.98 -28.01 5.54
C TYR J 238 -66.12 -28.73 4.21
N GLY J 239 -65.08 -29.50 3.85
CA GLY J 239 -65.07 -30.34 2.65
C GLY J 239 -64.94 -29.62 1.32
N GLN J 240 -64.34 -28.43 1.32
CA GLN J 240 -64.21 -27.65 0.10
C GLN J 240 -62.73 -27.63 -0.42
N ARG J 241 -62.06 -28.80 -0.45
CA ARG J 241 -60.68 -28.93 -0.95
C ARG J 241 -60.68 -28.68 -2.47
N ASN J 242 -61.75 -29.14 -3.16
CA ASN J 242 -62.05 -28.99 -4.59
C ASN J 242 -60.84 -29.33 -5.51
N GLY J 243 -60.26 -30.51 -5.25
CA GLY J 243 -59.15 -31.07 -6.01
C GLY J 243 -57.84 -30.32 -5.97
N ASP J 244 -57.52 -29.72 -4.80
CA ASP J 244 -56.25 -28.99 -4.60
C ASP J 244 -55.12 -29.99 -4.31
N GLY J 245 -53.96 -29.75 -4.94
CA GLY J 245 -52.77 -30.58 -4.85
C GLY J 245 -52.18 -30.84 -3.48
N ASP J 246 -51.67 -29.79 -2.80
CA ASP J 246 -51.05 -29.93 -1.47
C ASP J 246 -51.78 -29.08 -0.43
N TYR J 247 -52.87 -29.64 0.13
CA TYR J 247 -53.71 -28.99 1.14
C TYR J 247 -52.93 -28.84 2.46
N PRO J 248 -52.80 -27.60 3.01
CA PRO J 248 -52.00 -27.41 4.24
C PRO J 248 -52.71 -27.84 5.53
N ILE J 249 -53.96 -28.31 5.41
CA ILE J 249 -54.76 -28.77 6.54
C ILE J 249 -55.40 -30.14 6.24
N GLU J 250 -55.80 -30.84 7.31
CA GLU J 250 -56.50 -32.12 7.30
C GLU J 250 -57.88 -31.94 6.61
N GLU J 251 -58.30 -32.94 5.83
CA GLU J 251 -59.59 -32.94 5.13
C GLU J 251 -60.77 -32.75 6.11
N ASN J 252 -61.79 -31.96 5.69
CA ASN J 252 -63.04 -31.70 6.44
C ASN J 252 -62.81 -31.02 7.81
N THR J 253 -61.79 -30.16 7.93
CA THR J 253 -61.52 -29.40 9.17
C THR J 253 -61.43 -27.89 8.91
N GLU J 254 -61.86 -27.44 7.70
CA GLU J 254 -61.75 -26.02 7.28
C GLU J 254 -62.31 -25.03 8.28
N GLU J 255 -63.46 -25.34 8.89
CA GLU J 255 -64.11 -24.39 9.77
C GLU J 255 -63.62 -24.46 11.23
N ASP J 256 -62.72 -25.39 11.54
CA ASP J 256 -62.18 -25.51 12.90
C ASP J 256 -60.96 -24.59 13.04
N ASN J 257 -61.19 -23.26 13.06
CA ASN J 257 -60.08 -22.30 13.13
C ASN J 257 -59.29 -22.40 14.44
N TRP J 258 -59.87 -23.03 15.50
CA TRP J 258 -59.19 -23.32 16.77
C TRP J 258 -57.97 -24.24 16.53
N ARG J 259 -58.00 -25.04 15.41
CA ARG J 259 -56.86 -25.93 15.08
C ARG J 259 -55.60 -25.11 14.72
N PHE J 260 -55.77 -23.91 14.09
CA PHE J 260 -54.63 -23.06 13.74
C PHE J 260 -53.98 -22.45 14.99
N VAL J 261 -54.77 -22.24 16.07
CA VAL J 261 -54.25 -21.69 17.32
C VAL J 261 -53.32 -22.74 17.93
N GLU J 262 -53.80 -23.99 18.02
CA GLU J 262 -53.05 -25.15 18.51
C GLU J 262 -51.74 -25.33 17.75
N ALA J 263 -51.82 -25.34 16.40
CA ALA J 263 -50.69 -25.52 15.49
C ALA J 263 -49.62 -24.44 15.67
N SER J 264 -50.07 -23.18 15.84
CA SER J 264 -49.15 -22.05 16.02
C SER J 264 -48.47 -22.08 17.40
N GLN J 265 -49.22 -22.46 18.46
CA GLN J 265 -48.72 -22.47 19.83
C GLN J 265 -47.88 -23.73 20.15
N ALA J 266 -47.90 -24.73 19.26
CA ALA J 266 -47.10 -25.96 19.41
C ALA J 266 -45.62 -25.64 19.14
N LYS J 267 -45.37 -24.53 18.42
CA LYS J 267 -44.06 -24.02 18.04
C LYS J 267 -43.40 -23.26 19.22
N THR J 268 -42.21 -23.71 19.62
CA THR J 268 -41.37 -23.16 20.69
C THR J 268 -40.27 -22.30 20.04
N PRO J 269 -39.98 -21.05 20.50
CA PRO J 269 -40.57 -20.33 21.65
C PRO J 269 -42.01 -19.91 21.43
N LEU J 270 -42.80 -19.92 22.51
CA LEU J 270 -44.20 -19.55 22.46
C LEU J 270 -44.34 -18.05 22.17
N LYS J 271 -45.15 -17.73 21.13
CA LYS J 271 -45.45 -16.36 20.74
C LYS J 271 -46.96 -16.22 20.61
N PRO J 272 -47.53 -15.01 20.85
CA PRO J 272 -48.98 -14.84 20.71
C PRO J 272 -49.42 -15.13 19.28
N VAL J 273 -50.69 -15.49 19.12
CA VAL J 273 -51.27 -15.78 17.82
C VAL J 273 -52.68 -15.16 17.72
N ILE J 274 -53.13 -14.83 16.51
CA ILE J 274 -54.44 -14.29 16.24
C ILE J 274 -54.96 -14.74 14.87
N ASP J 275 -56.28 -14.94 14.73
CA ASP J 275 -56.92 -15.14 13.43
C ASP J 275 -57.08 -13.74 12.84
N ASP J 276 -56.18 -13.36 11.92
CA ASP J 276 -56.24 -12.01 11.35
C ASP J 276 -57.13 -11.96 10.12
N GLU J 277 -57.59 -13.14 9.66
CA GLU J 277 -58.46 -13.21 8.51
C GLU J 277 -59.34 -14.45 8.57
N PRO J 278 -60.40 -14.38 9.40
CA PRO J 278 -61.38 -15.46 9.39
C PRO J 278 -62.29 -15.26 8.18
N ILE J 279 -63.40 -15.99 8.13
CA ILE J 279 -64.42 -15.80 7.11
C ILE J 279 -64.92 -14.35 7.19
N TYR J 280 -65.27 -13.79 6.06
CA TYR J 280 -65.82 -12.43 6.04
C TYR J 280 -67.34 -12.51 6.01
N GLU J 281 -67.99 -11.63 6.75
CA GLU J 281 -69.45 -11.54 6.74
C GLU J 281 -69.89 -11.24 5.28
N ASP J 282 -70.85 -12.06 4.77
CA ASP J 282 -71.49 -11.96 3.45
C ASP J 282 -70.58 -12.44 2.29
N ILE J 283 -69.35 -12.95 2.56
CA ILE J 283 -68.52 -13.45 1.46
C ILE J 283 -68.99 -14.90 1.11
N PRO J 284 -68.97 -15.32 -0.18
CA PRO J 284 -69.38 -16.70 -0.48
C PRO J 284 -68.43 -17.73 0.11
N GLN J 285 -68.97 -18.86 0.55
CA GLN J 285 -68.17 -20.00 1.05
C GLN J 285 -67.26 -20.45 -0.12
N GLY J 286 -65.95 -20.30 0.05
CA GLY J 286 -65.00 -20.65 -1.01
C GLY J 286 -64.68 -19.51 -1.96
N LEU J 287 -65.24 -18.29 -1.69
CA LEU J 287 -64.97 -17.02 -2.38
C LEU J 287 -65.48 -16.84 -3.81
N HIS J 288 -65.10 -17.76 -4.72
CA HIS J 288 -65.18 -17.62 -6.16
C HIS J 288 -66.53 -17.87 -6.83
N ASP J 289 -67.49 -18.54 -6.17
CA ASP J 289 -68.81 -18.74 -6.76
C ASP J 289 -69.79 -17.74 -6.11
N PRO J 290 -70.24 -16.68 -6.84
CA PRO J 290 -71.11 -15.67 -6.21
C PRO J 290 -72.51 -16.18 -5.84
N ASN J 291 -72.90 -17.35 -6.36
CA ASN J 291 -74.20 -17.96 -6.06
C ASN J 291 -74.10 -18.97 -4.91
N GLU J 292 -72.90 -19.19 -4.35
CA GLU J 292 -72.75 -20.09 -3.22
C GLU J 292 -73.36 -19.51 -1.94
N THR J 293 -73.57 -20.37 -0.92
CA THR J 293 -74.03 -19.96 0.41
C THR J 293 -73.04 -18.90 0.93
N ARG J 294 -73.56 -17.82 1.51
CA ARG J 294 -72.71 -16.77 2.06
C ARG J 294 -72.51 -16.99 3.55
N TRP J 295 -71.31 -16.66 4.05
CA TRP J 295 -71.04 -16.69 5.49
C TRP J 295 -71.91 -15.61 6.15
N ASN J 296 -72.45 -15.89 7.33
CA ASN J 296 -73.38 -14.95 7.99
C ASN J 296 -72.87 -14.54 9.37
N GLN J 297 -73.66 -13.69 10.08
CA GLN J 297 -73.32 -13.21 11.42
C GLN J 297 -73.01 -14.36 12.41
N HIS J 298 -73.77 -15.48 12.35
CA HIS J 298 -73.64 -16.60 13.28
C HIS J 298 -72.28 -17.27 13.08
N ASP J 299 -71.88 -17.45 11.81
CA ASP J 299 -70.58 -18.01 11.44
C ASP J 299 -69.45 -17.09 11.92
N VAL J 300 -69.64 -15.76 11.73
CA VAL J 300 -68.66 -14.74 12.11
C VAL J 300 -68.38 -14.83 13.64
N ARG J 301 -69.45 -14.92 14.46
CA ARG J 301 -69.29 -15.05 15.91
C ARG J 301 -68.60 -16.37 16.26
N ARG J 302 -68.98 -17.48 15.61
CA ARG J 302 -68.37 -18.79 15.89
C ARG J 302 -66.84 -18.74 15.70
N TYR J 303 -66.38 -18.21 14.55
CA TYR J 303 -64.94 -18.09 14.28
C TYR J 303 -64.24 -17.21 15.34
N ALA J 304 -64.89 -16.10 15.75
CA ALA J 304 -64.34 -15.17 16.72
C ALA J 304 -64.10 -15.83 18.09
N TYR J 305 -65.15 -16.45 18.65
CA TYR J 305 -65.05 -17.08 19.97
C TYR J 305 -64.20 -18.34 19.92
N TRP J 306 -64.29 -19.12 18.83
CA TRP J 306 -63.45 -20.33 18.70
C TRP J 306 -61.97 -20.00 18.68
N SER J 307 -61.56 -18.93 17.97
CA SER J 307 -60.15 -18.57 17.92
C SER J 307 -59.68 -18.04 19.31
N VAL J 308 -60.43 -17.11 19.90
CA VAL J 308 -60.04 -16.52 21.18
C VAL J 308 -60.01 -17.58 22.32
N PHE J 309 -61.06 -18.41 22.43
CA PHE J 309 -61.14 -19.43 23.50
C PHE J 309 -60.12 -20.55 23.29
N ALA J 310 -59.56 -20.70 22.07
CA ALA J 310 -58.49 -21.67 21.80
C ALA J 310 -57.13 -21.11 22.23
N GLY J 311 -57.06 -19.79 22.49
CA GLY J 311 -55.82 -19.19 22.95
C GLY J 311 -55.36 -17.92 22.25
N SER J 312 -56.07 -17.47 21.16
CA SER J 312 -55.68 -16.23 20.47
C SER J 312 -55.79 -15.02 21.39
N PHE J 313 -54.89 -14.02 21.22
CA PHE J 313 -54.83 -12.84 22.09
C PHE J 313 -55.91 -11.76 21.78
N GLY J 314 -56.61 -11.95 20.67
CA GLY J 314 -57.66 -11.06 20.19
C GLY J 314 -58.27 -11.64 18.95
N HIS J 315 -58.94 -10.80 18.13
CA HIS J 315 -59.54 -11.28 16.90
C HIS J 315 -59.72 -10.14 15.89
N SER J 316 -59.56 -10.46 14.61
CA SER J 316 -59.84 -9.53 13.53
C SER J 316 -61.09 -10.02 12.81
N TYR J 317 -61.98 -9.08 12.53
CA TYR J 317 -63.20 -9.30 11.78
C TYR J 317 -63.02 -8.73 10.37
N GLY J 318 -63.81 -9.26 9.44
CA GLY J 318 -63.91 -8.72 8.09
C GLY J 318 -65.31 -8.87 7.54
N HIS J 319 -65.70 -7.95 6.66
CA HIS J 319 -66.98 -7.97 5.92
C HIS J 319 -66.62 -7.86 4.45
N ASN J 320 -67.25 -8.66 3.59
CA ASN J 320 -66.98 -8.65 2.14
C ASN J 320 -67.10 -7.23 1.51
N ASP J 321 -68.17 -6.48 1.87
CA ASP J 321 -68.48 -5.17 1.30
C ASP J 321 -67.61 -4.05 1.91
N ILE J 322 -67.15 -4.21 3.16
CA ILE J 322 -66.32 -3.16 3.77
C ILE J 322 -64.88 -3.25 3.31
N MSE J 323 -64.30 -4.47 3.33
CA MSE J 323 -62.87 -4.64 3.03
C MSE J 323 -62.50 -4.14 1.61
O MSE J 323 -61.35 -3.74 1.38
CB MSE J 323 -62.38 -6.09 3.28
CG MSE J 323 -63.05 -7.13 2.40
SE MSE J 323 -62.01 -7.42 0.77
CE MSE J 323 -62.97 -8.98 0.10
N GLN J 324 -63.48 -4.09 0.70
CA GLN J 324 -63.21 -3.60 -0.65
C GLN J 324 -63.91 -2.26 -0.88
N PHE J 325 -64.60 -1.72 0.17
CA PHE J 325 -65.32 -0.44 0.12
C PHE J 325 -66.17 -0.35 -1.16
N ILE J 326 -67.00 -1.38 -1.37
CA ILE J 326 -67.89 -1.47 -2.52
C ILE J 326 -68.97 -0.40 -2.45
N ARG J 327 -69.38 0.09 -3.61
CA ARG J 327 -70.47 1.05 -3.74
C ARG J 327 -71.10 0.89 -5.14
N PRO J 328 -72.30 1.46 -5.44
CA PRO J 328 -72.88 1.24 -6.78
C PRO J 328 -71.94 1.68 -7.90
N GLY J 329 -71.80 0.80 -8.90
CA GLY J 329 -70.99 1.08 -10.08
C GLY J 329 -69.50 0.82 -9.93
N TYR J 330 -69.06 0.17 -8.82
CA TYR J 330 -67.64 -0.13 -8.60
C TYR J 330 -67.34 -1.58 -8.86
N GLY J 331 -66.16 -1.85 -9.46
CA GLY J 331 -65.69 -3.21 -9.73
C GLY J 331 -65.62 -4.00 -8.45
N ALA J 332 -66.23 -5.19 -8.42
CA ALA J 332 -66.33 -6.01 -7.22
C ALA J 332 -65.52 -7.27 -7.27
N SER J 333 -65.22 -7.78 -6.09
CA SER J 333 -64.58 -9.06 -5.86
C SER J 333 -65.52 -9.90 -5.01
N PHE J 334 -65.51 -11.20 -5.26
CA PHE J 334 -66.20 -12.23 -4.48
C PHE J 334 -67.72 -11.98 -4.27
N GLY J 335 -68.41 -11.69 -5.37
CA GLY J 335 -69.86 -11.54 -5.36
C GLY J 335 -70.43 -10.36 -4.62
N ALA J 336 -69.63 -9.32 -4.35
CA ALA J 336 -70.16 -8.07 -3.75
C ALA J 336 -70.89 -7.33 -4.88
N ASP J 337 -71.88 -6.52 -4.51
CA ASP J 337 -72.69 -5.76 -5.46
C ASP J 337 -73.13 -4.52 -4.74
N GLY J 338 -72.45 -3.44 -5.08
CA GLY J 338 -72.66 -2.10 -4.52
C GLY J 338 -74.09 -1.61 -4.58
N ARG J 339 -74.86 -2.03 -5.59
CA ARG J 339 -76.29 -1.66 -5.75
C ARG J 339 -77.15 -2.32 -4.68
N LYS J 340 -76.77 -3.56 -4.28
CA LYS J 340 -77.48 -4.36 -3.29
C LYS J 340 -77.08 -3.94 -1.86
N LYS J 341 -75.77 -3.78 -1.62
CA LYS J 341 -75.27 -3.36 -0.32
C LYS J 341 -73.92 -2.68 -0.49
N ALA J 342 -73.83 -1.40 -0.07
CA ALA J 342 -72.59 -0.62 -0.12
C ALA J 342 -71.84 -0.74 1.22
N TRP J 343 -70.54 -0.38 1.26
CA TRP J 343 -69.78 -0.44 2.51
C TRP J 343 -70.45 0.37 3.64
N TRP J 344 -71.11 1.52 3.30
CA TRP J 344 -71.76 2.33 4.34
C TRP J 344 -72.98 1.58 4.93
N ASP J 345 -73.63 0.69 4.15
CA ASP J 345 -74.74 -0.13 4.68
C ASP J 345 -74.20 -1.29 5.52
N ALA J 346 -73.09 -1.90 5.08
CA ALA J 346 -72.48 -3.05 5.75
C ALA J 346 -71.99 -2.71 7.18
N LEU J 347 -71.70 -1.42 7.45
CA LEU J 347 -71.31 -0.95 8.80
C LEU J 347 -72.46 -1.12 9.80
N GLU J 348 -73.68 -1.34 9.29
CA GLU J 348 -74.87 -1.54 10.11
C GLU J 348 -75.20 -3.04 10.26
N ASP J 349 -74.41 -3.93 9.64
CA ASP J 349 -74.68 -5.37 9.66
C ASP J 349 -74.43 -6.00 11.04
N PRO J 350 -75.14 -7.12 11.37
CA PRO J 350 -75.03 -7.67 12.74
C PRO J 350 -73.62 -8.08 13.18
N GLY J 351 -72.92 -8.88 12.39
CA GLY J 351 -71.57 -9.35 12.75
C GLY J 351 -70.61 -8.23 13.09
N PHE J 352 -70.57 -7.18 12.24
CA PHE J 352 -69.71 -6.01 12.49
C PHE J 352 -69.98 -5.41 13.89
N ASN J 353 -71.26 -5.38 14.28
CA ASN J 353 -71.73 -4.78 15.53
C ASN J 353 -71.81 -5.76 16.72
N GLN J 354 -71.30 -6.99 16.56
CA GLN J 354 -71.32 -7.98 17.64
C GLN J 354 -69.93 -8.27 18.20
N MSE J 355 -68.88 -7.89 17.47
CA MSE J 355 -67.49 -8.13 17.89
C MSE J 355 -67.16 -7.49 19.23
O MSE J 355 -66.41 -8.07 20.02
CB MSE J 355 -66.51 -7.64 16.79
CG MSE J 355 -66.63 -8.50 15.49
SE MSE J 355 -66.24 -10.42 15.74
CE MSE J 355 -67.99 -11.14 16.02
N LYS J 356 -67.77 -6.32 19.51
CA LYS J 356 -67.58 -5.60 20.78
C LYS J 356 -67.95 -6.46 22.03
N TYR J 357 -68.92 -7.39 21.89
CA TYR J 357 -69.32 -8.23 23.02
C TYR J 357 -68.25 -9.22 23.39
N LEU J 358 -67.44 -9.65 22.41
CA LEU J 358 -66.31 -10.55 22.65
C LEU J 358 -65.19 -9.77 23.38
N LYS J 359 -64.81 -8.58 22.85
CA LYS J 359 -63.78 -7.74 23.47
C LYS J 359 -64.14 -7.38 24.92
N ASN J 360 -65.39 -6.92 25.14
CA ASN J 360 -65.84 -6.51 26.47
C ASN J 360 -65.84 -7.68 27.46
N LEU J 361 -66.21 -8.88 27.01
CA LEU J 361 -66.19 -10.09 27.84
C LEU J 361 -64.77 -10.41 28.31
N MSE J 362 -63.79 -10.44 27.36
CA MSE J 362 -62.43 -10.82 27.70
C MSE J 362 -61.75 -9.83 28.66
O MSE J 362 -61.00 -10.26 29.56
CB MSE J 362 -61.59 -11.03 26.44
CG MSE J 362 -62.23 -12.03 25.44
SE MSE J 362 -62.99 -13.65 26.21
CE MSE J 362 -61.40 -14.50 26.75
N LEU J 363 -62.07 -8.55 28.54
CA LEU J 363 -61.49 -7.50 29.38
C LEU J 363 -62.12 -7.43 30.78
N THR J 364 -63.21 -8.20 31.02
CA THR J 364 -63.89 -8.22 32.33
C THR J 364 -63.11 -9.11 33.33
N PHE J 365 -62.24 -10.02 32.85
CA PHE J 365 -61.59 -11.00 33.71
C PHE J 365 -60.05 -10.87 33.77
N PRO J 366 -59.37 -11.40 34.84
CA PRO J 366 -57.89 -11.38 34.88
C PRO J 366 -57.36 -11.89 33.55
N PHE J 367 -56.63 -11.02 32.86
CA PHE J 367 -56.28 -11.17 31.46
C PHE J 367 -55.11 -12.10 31.14
N PHE J 368 -53.97 -11.91 31.81
CA PHE J 368 -52.73 -12.58 31.45
C PHE J 368 -52.62 -14.03 31.88
N GLU J 369 -53.32 -14.45 32.92
CA GLU J 369 -53.25 -15.85 33.38
C GLU J 369 -54.22 -16.74 32.60
N ARG J 370 -54.98 -16.18 31.64
CA ARG J 370 -55.92 -16.97 30.86
C ARG J 370 -55.19 -18.04 30.02
N VAL J 371 -55.73 -19.26 30.00
CA VAL J 371 -55.23 -20.36 29.19
C VAL J 371 -56.40 -21.06 28.49
N PRO J 372 -56.20 -21.69 27.30
CA PRO J 372 -57.27 -22.55 26.78
C PRO J 372 -57.29 -23.83 27.62
N ASP J 373 -58.47 -24.43 27.89
CA ASP J 373 -58.46 -25.67 28.67
C ASP J 373 -59.71 -26.48 28.39
N GLN J 374 -59.60 -27.45 27.45
CA GLN J 374 -60.70 -28.32 27.07
C GLN J 374 -61.08 -29.31 28.17
N SER J 375 -60.19 -29.57 29.18
CA SER J 375 -60.50 -30.46 30.31
C SER J 375 -61.62 -29.84 31.22
N VAL J 376 -61.93 -28.54 31.05
CA VAL J 376 -63.06 -27.88 31.75
C VAL J 376 -64.38 -28.54 31.27
N ILE J 377 -64.36 -29.06 30.04
CA ILE J 377 -65.53 -29.75 29.47
C ILE J 377 -65.40 -31.22 29.85
N ALA J 378 -66.21 -31.66 30.83
CA ALA J 378 -66.25 -33.05 31.30
C ALA J 378 -67.29 -33.80 30.48
N GLY J 379 -67.28 -35.11 30.50
CA GLY J 379 -68.27 -35.80 29.66
C GLY J 379 -67.77 -35.91 28.23
N THR J 380 -68.69 -36.01 27.28
CA THR J 380 -68.32 -36.16 25.88
CA THR J 380 -68.34 -36.17 25.88
C THR J 380 -68.67 -34.89 25.12
N ASN J 381 -67.68 -34.30 24.50
CA ASN J 381 -67.90 -33.05 23.77
C ASN J 381 -68.44 -33.36 22.38
N GLY J 382 -69.18 -32.41 21.81
CA GLY J 382 -69.71 -32.58 20.48
C GLY J 382 -68.67 -32.37 19.40
N GLU J 383 -69.05 -32.69 18.14
CA GLU J 383 -68.19 -32.54 16.97
C GLU J 383 -68.66 -31.35 16.13
N ARG J 384 -67.73 -30.79 15.33
CA ARG J 384 -67.99 -29.67 14.42
C ARG J 384 -68.64 -28.48 15.20
N TYR J 385 -69.87 -28.04 14.83
CA TYR J 385 -70.48 -26.87 15.52
C TYR J 385 -70.89 -27.18 16.98
N ASP J 386 -70.97 -28.48 17.34
CA ASP J 386 -71.34 -28.92 18.70
C ASP J 386 -70.11 -28.99 19.62
N ARG J 387 -68.92 -28.63 19.11
CA ARG J 387 -67.73 -28.65 19.95
C ARG J 387 -67.71 -27.41 20.84
N ALA J 388 -68.04 -27.59 22.14
CA ALA J 388 -67.96 -26.49 23.11
C ALA J 388 -66.48 -26.19 23.31
N ILE J 389 -66.14 -24.94 23.61
CA ILE J 389 -64.74 -24.57 23.74
C ILE J 389 -64.58 -23.79 25.04
N ALA J 390 -63.56 -24.15 25.83
CA ALA J 390 -63.38 -23.57 27.15
C ALA J 390 -62.03 -22.93 27.34
N THR J 391 -62.04 -21.84 28.12
CA THR J 391 -60.85 -21.08 28.49
C THR J 391 -61.03 -20.70 29.94
N ARG J 392 -59.92 -20.52 30.66
CA ARG J 392 -60.02 -20.18 32.08
C ARG J 392 -58.79 -19.44 32.61
N GLY J 393 -58.98 -18.83 33.77
CA GLY J 393 -57.93 -18.23 34.58
C GLY J 393 -57.82 -19.16 35.77
N ASN J 394 -57.43 -18.62 36.93
CA ASN J 394 -57.35 -19.43 38.14
C ASN J 394 -58.67 -19.47 38.91
N ASP J 395 -59.49 -18.42 38.75
CA ASP J 395 -60.74 -18.25 39.53
C ASP J 395 -61.96 -17.99 38.66
N TYR J 396 -61.83 -18.18 37.34
CA TYR J 396 -62.94 -18.01 36.41
C TYR J 396 -62.76 -18.94 35.23
N LEU J 397 -63.87 -19.30 34.61
CA LEU J 397 -63.84 -20.10 33.39
C LEU J 397 -64.95 -19.62 32.45
N LEU J 398 -64.71 -19.73 31.15
CA LEU J 398 -65.63 -19.31 30.11
C LEU J 398 -65.80 -20.44 29.13
N VAL J 399 -67.06 -20.81 28.83
CA VAL J 399 -67.34 -21.88 27.88
C VAL J 399 -68.27 -21.35 26.78
N TYR J 400 -67.75 -21.27 25.54
CA TYR J 400 -68.56 -20.84 24.42
C TYR J 400 -69.23 -22.06 23.79
N ASN J 401 -70.58 -22.04 23.74
CA ASN J 401 -71.33 -23.15 23.17
C ASN J 401 -72.14 -22.63 21.99
N TYR J 402 -71.61 -22.81 20.78
CA TYR J 402 -72.27 -22.31 19.57
C TYR J 402 -73.66 -22.94 19.34
N SER J 403 -73.76 -24.26 19.47
CA SER J 403 -75.01 -24.97 19.12
C SER J 403 -76.08 -24.95 20.21
N GLY J 404 -75.68 -24.98 21.47
CA GLY J 404 -76.62 -25.06 22.59
C GLY J 404 -76.75 -26.48 23.12
N ARG J 405 -76.03 -27.44 22.53
CA ARG J 405 -76.00 -28.84 23.00
C ARG J 405 -75.70 -28.89 24.52
N PRO J 406 -76.49 -29.64 25.35
CA PRO J 406 -76.18 -29.71 26.80
C PRO J 406 -74.71 -30.06 27.07
N MSE J 407 -74.16 -29.47 28.15
CA MSE J 407 -72.76 -29.65 28.57
C MSE J 407 -72.64 -30.10 30.00
O MSE J 407 -73.47 -29.73 30.83
CB MSE J 407 -71.99 -28.31 28.50
CG MSE J 407 -72.08 -27.60 27.17
SE MSE J 407 -71.17 -25.90 27.37
CE MSE J 407 -72.33 -24.89 28.49
N GLN J 408 -71.53 -30.76 30.31
CA GLN J 408 -71.11 -31.15 31.66
C GLN J 408 -69.79 -30.44 31.89
N ILE J 409 -69.76 -29.54 32.88
CA ILE J 409 -68.61 -28.68 33.12
C ILE J 409 -67.96 -29.01 34.45
N ASP J 410 -66.64 -29.19 34.43
CA ASP J 410 -65.90 -29.50 35.64
C ASP J 410 -65.53 -28.20 36.36
N LEU J 411 -66.40 -27.79 37.31
CA LEU J 411 -66.20 -26.56 38.08
C LEU J 411 -64.97 -26.62 39.00
N SER J 412 -64.43 -27.81 39.28
CA SER J 412 -63.25 -27.95 40.17
C SER J 412 -61.94 -27.52 39.48
N LYS J 413 -61.99 -27.18 38.18
CA LYS J 413 -60.83 -26.73 37.40
C LYS J 413 -60.40 -25.29 37.78
N ILE J 414 -61.24 -24.57 38.55
CA ILE J 414 -60.97 -23.21 39.06
C ILE J 414 -61.22 -23.20 40.59
N SER J 415 -60.68 -22.18 41.32
CA SER J 415 -60.78 -22.07 42.77
C SER J 415 -62.22 -21.80 43.24
N GLY J 416 -62.43 -22.01 44.55
CA GLY J 416 -63.68 -21.75 45.25
C GLY J 416 -64.52 -22.97 45.57
N ALA J 417 -64.95 -23.09 46.85
CA ALA J 417 -65.86 -24.14 47.32
C ALA J 417 -67.19 -24.00 46.58
N LYS J 418 -67.60 -22.74 46.37
CA LYS J 418 -68.81 -22.38 45.63
C LYS J 418 -68.45 -21.47 44.46
N LYS J 419 -69.25 -21.54 43.41
CA LYS J 419 -69.11 -20.80 42.16
C LYS J 419 -70.44 -20.17 41.76
N ASN J 420 -70.36 -19.01 41.12
CA ASN J 420 -71.52 -18.32 40.54
C ASN J 420 -71.48 -18.50 39.03
N ALA J 421 -72.65 -18.69 38.41
CA ALA J 421 -72.72 -18.91 36.98
C ALA J 421 -73.74 -17.99 36.32
N TRP J 422 -73.40 -17.53 35.11
CA TRP J 422 -74.21 -16.68 34.24
C TRP J 422 -74.18 -17.16 32.80
N TRP J 423 -75.25 -16.88 32.04
CA TRP J 423 -75.29 -17.04 30.60
C TRP J 423 -75.00 -15.67 29.99
N TYR J 424 -74.14 -15.63 28.97
CA TYR J 424 -73.80 -14.41 28.24
C TYR J 424 -74.11 -14.63 26.76
N SER J 425 -75.10 -13.89 26.24
CA SER J 425 -75.51 -14.04 24.84
CA SER J 425 -75.52 -14.03 24.84
C SER J 425 -74.52 -13.33 23.91
N ALA J 426 -73.88 -14.11 23.02
CA ALA J 426 -72.89 -13.53 22.08
C ALA J 426 -73.53 -12.57 21.06
N LYS J 427 -74.83 -12.74 20.71
CA LYS J 427 -75.44 -11.87 19.70
C LYS J 427 -75.76 -10.45 20.21
N ASP J 428 -75.93 -10.26 21.54
CA ASP J 428 -76.36 -8.94 22.03
C ASP J 428 -75.78 -8.55 23.42
N GLY J 429 -74.88 -9.36 23.98
CA GLY J 429 -74.29 -9.07 25.29
C GLY J 429 -75.20 -9.24 26.50
N LYS J 430 -76.43 -9.79 26.30
CA LYS J 430 -77.41 -10.04 27.35
C LYS J 430 -76.82 -10.99 28.42
N LEU J 431 -76.83 -10.56 29.68
CA LEU J 431 -76.31 -11.37 30.79
C LEU J 431 -77.44 -11.89 31.66
N GLU J 432 -77.41 -13.19 32.01
CA GLU J 432 -78.45 -13.77 32.83
C GLU J 432 -77.85 -14.67 33.91
N TYR J 433 -78.04 -14.29 35.19
CA TYR J 433 -77.57 -15.07 36.34
C TYR J 433 -78.31 -16.40 36.42
N ILE J 434 -77.56 -17.51 36.60
CA ILE J 434 -78.12 -18.85 36.71
C ILE J 434 -78.31 -19.20 38.20
N GLY J 435 -77.24 -19.04 38.99
CA GLY J 435 -77.26 -19.38 40.41
C GLY J 435 -75.89 -19.71 40.94
N GLU J 436 -75.86 -20.22 42.19
CA GLU J 436 -74.66 -20.61 42.92
C GLU J 436 -74.55 -22.12 42.94
N PHE J 437 -73.36 -22.64 42.64
CA PHE J 437 -73.11 -24.08 42.53
C PHE J 437 -71.96 -24.55 43.37
N ASP J 438 -72.04 -25.78 43.88
CA ASP J 438 -70.93 -26.41 44.57
C ASP J 438 -69.88 -26.80 43.53
N SER J 439 -68.61 -26.81 43.90
CA SER J 439 -67.52 -27.14 43.00
C SER J 439 -67.49 -28.66 42.73
N LYS J 440 -68.02 -29.07 41.58
CA LYS J 440 -68.09 -30.45 41.07
C LYS J 440 -68.50 -30.41 39.58
N VAL J 441 -68.50 -31.59 38.91
CA VAL J 441 -68.95 -31.71 37.52
C VAL J 441 -70.45 -31.40 37.54
N THR J 442 -70.86 -30.38 36.78
CA THR J 442 -72.24 -29.88 36.77
C THR J 442 -72.78 -29.76 35.34
N SER J 443 -74.04 -30.16 35.16
CA SER J 443 -74.76 -30.05 33.89
C SER J 443 -75.30 -28.65 33.67
N PHE J 444 -75.15 -28.15 32.44
CA PHE J 444 -75.64 -26.84 32.02
C PHE J 444 -76.26 -26.96 30.63
N GLN J 445 -77.45 -26.35 30.47
CA GLN J 445 -78.13 -26.25 29.19
C GLN J 445 -78.98 -24.99 29.18
N HIS J 446 -78.88 -24.25 28.08
CA HIS J 446 -79.55 -22.97 27.88
C HIS J 446 -80.89 -23.17 27.20
N ASP J 447 -81.94 -22.52 27.71
CA ASP J 447 -83.28 -22.66 27.15
C ASP J 447 -83.43 -21.74 25.93
N SER J 448 -83.05 -22.26 24.75
CA SER J 448 -83.16 -21.56 23.48
C SER J 448 -83.10 -22.58 22.35
N GLY J 449 -83.52 -22.20 21.16
CA GLY J 449 -83.48 -23.07 19.99
C GLY J 449 -82.09 -23.61 19.72
N TYR J 450 -82.02 -24.90 19.42
CA TYR J 450 -80.77 -25.55 19.08
C TYR J 450 -80.32 -25.04 17.71
N LEU J 451 -79.04 -24.62 17.60
CA LEU J 451 -78.46 -24.11 16.33
C LEU J 451 -79.37 -22.99 15.76
N SER J 452 -79.82 -22.07 16.64
CA SER J 452 -80.79 -21.00 16.28
C SER J 452 -80.14 -19.62 16.25
N GLY J 453 -78.83 -19.56 16.41
CA GLY J 453 -78.12 -18.28 16.46
C GLY J 453 -78.22 -17.66 17.84
N ASN J 454 -78.45 -18.50 18.87
CA ASN J 454 -78.54 -18.04 20.27
C ASN J 454 -77.35 -18.60 21.08
N ASP J 455 -76.16 -18.62 20.44
CA ASP J 455 -74.91 -19.07 21.02
C ASP J 455 -74.60 -18.29 22.29
N GLN J 456 -74.23 -19.01 23.35
CA GLN J 456 -73.96 -18.44 24.66
C GLN J 456 -72.56 -18.71 25.12
N VAL J 457 -72.08 -17.82 26.01
CA VAL J 457 -70.90 -18.08 26.79
C VAL J 457 -71.41 -18.44 28.20
N LEU J 458 -70.97 -19.58 28.75
CA LEU J 458 -71.24 -19.89 30.15
C LEU J 458 -70.09 -19.23 30.95
N ILE J 459 -70.43 -18.31 31.85
CA ILE J 459 -69.48 -17.62 32.72
C ILE J 459 -69.57 -18.24 34.10
N VAL J 460 -68.44 -18.73 34.63
CA VAL J 460 -68.41 -19.31 35.95
C VAL J 460 -67.26 -18.64 36.73
N VAL J 461 -67.56 -18.09 37.92
CA VAL J 461 -66.57 -17.40 38.73
C VAL J 461 -66.63 -17.90 40.17
N ASP J 462 -65.46 -18.04 40.80
CA ASP J 462 -65.30 -18.34 42.23
C ASP J 462 -66.19 -17.34 43.00
N SER J 463 -67.08 -17.81 43.90
CA SER J 463 -68.01 -16.99 44.70
C SER J 463 -67.35 -15.82 45.45
N ALA J 464 -66.03 -15.92 45.76
CA ALA J 464 -65.29 -14.90 46.50
C ALA J 464 -64.84 -13.72 45.59
N LYS J 465 -64.95 -13.88 44.26
CA LYS J 465 -64.53 -12.85 43.32
C LYS J 465 -65.76 -12.10 42.75
N ASP J 466 -65.56 -10.83 42.39
CA ASP J 466 -66.63 -9.94 41.93
C ASP J 466 -66.48 -9.41 40.50
N TYR J 467 -65.85 -10.18 39.59
CA TYR J 467 -65.69 -9.75 38.20
C TYR J 467 -67.06 -9.53 37.52
N VAL J 468 -68.04 -10.34 37.90
CA VAL J 468 -69.42 -10.23 37.44
C VAL J 468 -70.33 -10.21 38.68
N GLN J 469 -71.32 -9.27 38.71
CA GLN J 469 -72.27 -9.16 39.82
CA GLN J 469 -72.26 -9.17 39.82
C GLN J 469 -73.55 -9.93 39.46
N LYS J 470 -74.21 -10.52 40.46
CA LYS J 470 -75.41 -11.34 40.28
C LYS J 470 -76.59 -10.59 39.62
N ALA J 471 -76.83 -9.32 39.98
CA ALA J 471 -77.97 -8.55 39.47
C ALA J 471 -77.76 -7.92 38.09
N TRP J 472 -76.53 -8.00 37.51
CA TRP J 472 -76.25 -7.42 36.19
C TRP J 472 -77.00 -8.16 35.08
N THR J 473 -77.54 -7.40 34.11
CA THR J 473 -78.20 -7.94 32.90
C THR J 473 -77.34 -7.58 31.67
N ALA J 474 -76.21 -6.89 31.91
CA ALA J 474 -75.23 -6.51 30.91
C ALA J 474 -73.89 -6.33 31.60
N LEU J 475 -72.81 -6.46 30.85
CA LEU J 475 -71.48 -6.20 31.37
C LEU J 475 -71.17 -4.72 31.19
N PRO J 476 -70.67 -4.02 32.22
CA PRO J 476 -70.28 -2.62 32.02
C PRO J 476 -69.08 -2.53 31.08
N ASP J 477 -68.79 -1.32 30.56
CA ASP J 477 -67.70 -1.08 29.63
C ASP J 477 -66.37 -1.32 30.38
N ALA J 478 -65.75 -2.50 30.15
CA ALA J 478 -64.52 -2.91 30.85
C ALA J 478 -63.30 -2.01 30.56
N ILE J 479 -63.29 -1.28 29.41
CA ILE J 479 -62.19 -0.39 29.02
C ILE J 479 -62.10 0.84 29.98
N GLN J 480 -63.24 1.29 30.54
CA GLN J 480 -63.32 2.47 31.42
C GLN J 480 -62.46 2.36 32.68
N LYS J 481 -62.07 1.13 33.09
CA LYS J 481 -61.16 0.89 34.24
C LYS J 481 -59.80 1.54 33.96
N TRP J 482 -59.38 1.60 32.68
CA TRP J 482 -58.09 2.16 32.29
C TRP J 482 -58.24 3.50 31.55
N ASN J 483 -59.45 4.06 31.55
CA ASN J 483 -59.75 5.33 30.88
C ASN J 483 -60.09 6.38 31.94
N LYS K 21 31.09 -33.79 62.11
CA LYS K 21 32.07 -32.75 61.81
C LYS K 21 31.42 -31.57 61.10
N THR K 22 31.87 -30.33 61.42
CA THR K 22 31.33 -29.12 60.78
C THR K 22 31.73 -29.14 59.31
N TYR K 23 30.76 -28.96 58.42
CA TYR K 23 31.00 -28.90 56.98
C TYR K 23 31.60 -27.55 56.65
N ILE K 24 32.77 -27.56 56.00
CA ILE K 24 33.49 -26.35 55.59
C ILE K 24 33.39 -26.30 54.06
N PRO K 25 32.49 -25.48 53.48
CA PRO K 25 32.30 -25.50 52.03
C PRO K 25 33.58 -25.30 51.21
N TRP K 26 34.45 -24.34 51.60
CA TRP K 26 35.66 -24.01 50.86
C TRP K 26 36.78 -25.07 50.97
N LYS K 27 36.54 -26.20 51.68
CA LYS K 27 37.49 -27.31 51.67
C LYS K 27 37.50 -27.89 50.25
N ASN K 28 36.39 -27.67 49.51
CA ASN K 28 36.16 -28.10 48.12
C ASN K 28 36.81 -27.13 47.11
N GLY K 29 37.31 -26.00 47.61
CA GLY K 29 37.98 -24.97 46.84
C GLY K 29 37.14 -23.71 46.75
N LYS K 30 37.62 -22.73 45.97
CA LYS K 30 36.97 -21.45 45.74
C LYS K 30 35.58 -21.61 45.10
N LEU K 31 34.70 -20.60 45.28
CA LEU K 31 33.43 -20.55 44.58
C LEU K 31 33.68 -20.15 43.14
N VAL K 32 33.01 -20.81 42.21
CA VAL K 32 33.12 -20.55 40.78
C VAL K 32 31.72 -20.68 40.15
N VAL K 33 31.46 -19.90 39.08
CA VAL K 33 30.20 -20.00 38.35
C VAL K 33 30.27 -21.28 37.50
N SER K 34 29.28 -22.18 37.62
CA SER K 34 29.24 -23.43 36.84
C SER K 34 29.13 -23.16 35.32
N GLU K 35 29.56 -24.12 34.47
CA GLU K 35 29.67 -23.98 33.01
C GLU K 35 28.35 -23.56 32.31
N GLU K 36 27.17 -24.03 32.79
CA GLU K 36 25.88 -23.69 32.19
C GLU K 36 25.45 -22.24 32.54
N GLY K 37 26.21 -21.54 33.39
CA GLY K 37 25.96 -20.17 33.80
C GLY K 37 24.73 -19.95 34.67
N ARG K 38 24.25 -20.99 35.38
CA ARG K 38 23.07 -20.88 36.24
C ARG K 38 23.38 -21.05 37.72
N TYR K 39 24.39 -21.88 38.07
CA TYR K 39 24.65 -22.21 39.46
C TYR K 39 26.05 -21.94 39.92
N LEU K 40 26.24 -21.96 41.25
CA LEU K 40 27.54 -21.81 41.87
C LEU K 40 28.04 -23.19 42.29
N LYS K 41 29.34 -23.42 42.11
CA LYS K 41 29.99 -24.65 42.49
C LYS K 41 31.33 -24.31 43.14
N HIS K 42 31.94 -25.31 43.78
CA HIS K 42 33.32 -25.21 44.28
C HIS K 42 34.22 -25.67 43.13
N GLU K 43 35.52 -25.33 43.18
CA GLU K 43 36.48 -25.67 42.12
C GLU K 43 36.48 -27.17 41.75
N ASN K 44 36.24 -28.06 42.72
CA ASN K 44 36.24 -29.51 42.49
C ASN K 44 34.89 -30.04 41.93
N GLY K 45 33.94 -29.15 41.66
CA GLY K 45 32.64 -29.53 41.09
C GLY K 45 31.50 -29.72 42.06
N VAL K 46 31.77 -29.65 43.38
CA VAL K 46 30.73 -29.81 44.39
C VAL K 46 29.78 -28.60 44.34
N PRO K 47 28.44 -28.83 44.31
CA PRO K 47 27.50 -27.70 44.29
C PRO K 47 27.60 -26.81 45.51
N PHE K 48 27.22 -25.55 45.35
CA PHE K 48 27.08 -24.63 46.47
C PHE K 48 25.68 -24.05 46.40
N PHE K 49 24.75 -24.62 47.20
CA PHE K 49 23.40 -24.08 47.28
C PHE K 49 23.45 -22.98 48.34
N TRP K 50 23.47 -21.76 47.87
CA TRP K 50 23.52 -20.57 48.72
C TRP K 50 22.24 -20.45 49.53
N LEU K 51 22.35 -20.54 50.86
CA LEU K 51 21.21 -20.30 51.75
C LEU K 51 21.65 -19.18 52.67
N GLY K 52 21.17 -17.98 52.34
CA GLY K 52 21.59 -16.76 53.02
C GLY K 52 20.70 -16.24 54.12
N GLU K 53 21.35 -15.64 55.13
CA GLU K 53 20.74 -14.94 56.26
C GLU K 53 21.19 -13.48 56.17
N THR K 54 20.35 -12.55 56.65
CA THR K 54 20.61 -11.11 56.55
C THR K 54 20.94 -10.53 57.93
N GLY K 55 22.23 -10.26 58.18
CA GLY K 55 22.68 -9.70 59.43
C GLY K 55 23.28 -8.33 59.21
N TRP K 56 22.54 -7.45 58.51
CA TRP K 56 23.03 -6.14 58.08
C TRP K 56 23.85 -5.38 59.13
N LEU K 57 23.30 -5.21 60.34
CA LEU K 57 23.94 -4.36 61.34
C LEU K 57 24.83 -5.12 62.34
N MSE K 58 25.22 -6.37 62.00
CA MSE K 58 26.09 -7.15 62.86
C MSE K 58 27.43 -6.43 63.14
O MSE K 58 27.82 -6.41 64.31
CB MSE K 58 26.36 -8.56 62.29
CG MSE K 58 27.56 -9.26 62.95
SE MSE K 58 27.59 -11.21 62.89
CE MSE K 58 27.43 -11.46 61.04
N PRO K 59 28.17 -5.84 62.16
CA PRO K 59 29.45 -5.21 62.50
C PRO K 59 29.35 -4.00 63.44
N GLN K 60 28.22 -3.27 63.42
CA GLN K 60 28.00 -2.06 64.23
C GLN K 60 27.37 -2.34 65.58
N ARG K 61 26.50 -3.36 65.66
CA ARG K 61 25.72 -3.59 66.87
C ARG K 61 26.08 -4.82 67.71
N LEU K 62 26.58 -5.92 67.10
CA LEU K 62 26.87 -7.11 67.91
C LEU K 62 28.29 -7.09 68.47
N ASN K 63 28.44 -7.51 69.77
CA ASN K 63 29.75 -7.65 70.43
C ASN K 63 30.27 -9.07 70.14
N ARG K 64 31.47 -9.44 70.63
CA ARG K 64 32.09 -10.74 70.32
C ARG K 64 31.23 -11.94 70.76
N ASP K 65 30.64 -11.86 71.95
CA ASP K 65 29.81 -12.93 72.52
C ASP K 65 28.52 -13.11 71.72
N GLU K 66 27.94 -12.01 71.20
CA GLU K 66 26.68 -12.04 70.44
C GLU K 66 26.91 -12.56 69.04
N VAL K 67 28.05 -12.19 68.41
CA VAL K 67 28.45 -12.65 67.08
C VAL K 67 28.46 -14.21 67.10
N SER K 68 29.08 -14.80 68.14
CA SER K 68 29.19 -16.26 68.32
C SER K 68 27.81 -16.93 68.37
N TYR K 69 26.90 -16.38 69.19
CA TYR K 69 25.55 -16.88 69.36
C TYR K 69 24.75 -16.81 68.04
N TYR K 70 24.71 -15.64 67.42
CA TYR K 70 23.98 -15.44 66.16
C TYR K 70 24.50 -16.40 65.06
N LEU K 71 25.83 -16.50 64.90
CA LEU K 71 26.41 -17.37 63.87
C LEU K 71 26.17 -18.86 64.18
N ASN K 72 26.14 -19.25 65.48
CA ASN K 72 25.80 -20.61 65.90
C ASN K 72 24.38 -20.96 65.45
N LYS K 73 23.43 -20.02 65.65
CA LYS K 73 22.01 -20.17 65.29
C LYS K 73 21.85 -20.26 63.78
N CYS K 74 22.62 -19.44 63.03
CA CYS K 74 22.62 -19.47 61.56
C CYS K 74 23.11 -20.82 61.06
N LYS K 75 24.26 -21.29 61.58
CA LYS K 75 24.82 -22.59 61.20
C LYS K 75 23.80 -23.72 61.47
N ASP K 76 23.21 -23.75 62.68
CA ASP K 76 22.24 -24.78 63.08
C ASP K 76 20.96 -24.75 62.25
N ALA K 77 20.62 -23.62 61.64
CA ALA K 77 19.44 -23.52 60.81
C ALA K 77 19.76 -23.74 59.32
N GLY K 78 21.00 -24.15 59.01
CA GLY K 78 21.44 -24.50 57.67
C GLY K 78 21.99 -23.40 56.78
N TYR K 79 22.06 -22.15 57.30
CA TYR K 79 22.60 -21.03 56.51
C TYR K 79 24.11 -21.17 56.28
N ASN K 80 24.59 -20.83 55.06
CA ASN K 80 26.02 -20.93 54.73
C ASN K 80 26.53 -19.58 54.23
N MSE K 81 25.66 -18.55 54.27
CA MSE K 81 26.01 -17.20 53.83
C MSE K 81 25.28 -16.22 54.75
O MSE K 81 24.06 -16.30 54.89
CB MSE K 81 25.62 -17.00 52.32
CG MSE K 81 26.29 -15.79 51.62
SE MSE K 81 25.83 -13.95 52.22
CE MSE K 81 23.84 -13.98 52.08
N VAL K 82 26.05 -15.35 55.44
CA VAL K 82 25.48 -14.30 56.27
C VAL K 82 25.97 -12.97 55.71
N GLN K 83 25.04 -12.11 55.28
CA GLN K 83 25.44 -10.84 54.69
C GLN K 83 25.35 -9.70 55.69
N VAL K 84 26.31 -8.76 55.60
CA VAL K 84 26.45 -7.61 56.51
C VAL K 84 26.67 -6.32 55.74
N GLN K 85 26.38 -5.18 56.39
CA GLN K 85 26.75 -3.86 55.90
C GLN K 85 28.09 -3.56 56.57
N VAL K 86 29.20 -3.68 55.80
CA VAL K 86 30.57 -3.45 56.30
C VAL K 86 30.66 -2.05 56.89
N LEU K 87 30.09 -1.08 56.16
CA LEU K 87 29.93 0.32 56.54
C LEU K 87 28.47 0.71 56.28
N ASN K 88 27.84 1.39 57.24
CA ASN K 88 26.47 1.88 57.08
C ASN K 88 26.48 3.42 57.11
N GLY K 89 27.68 3.99 57.24
CA GLY K 89 27.93 5.42 57.29
C GLY K 89 29.40 5.78 57.14
N VAL K 90 29.69 7.08 56.97
CA VAL K 90 31.07 7.56 56.81
C VAL K 90 31.34 8.62 57.91
N PRO K 91 32.01 8.24 59.02
CA PRO K 91 32.47 6.88 59.38
C PRO K 91 31.34 6.05 60.00
N SER K 92 31.62 4.77 60.22
CA SER K 92 30.73 3.89 60.95
C SER K 92 31.30 3.76 62.37
N MSE K 93 30.46 3.33 63.31
CA MSE K 93 30.81 3.10 64.71
C MSE K 93 30.33 1.72 65.12
O MSE K 93 29.25 1.31 64.71
CB MSE K 93 30.14 4.18 65.57
CG MSE K 93 30.42 4.05 67.07
SE MSE K 93 32.10 4.93 67.46
CE MSE K 93 31.37 6.76 67.30
N ASN K 94 31.12 1.00 65.93
CA ASN K 94 30.68 -0.32 66.40
C ASN K 94 30.28 -0.22 67.89
N ILE K 95 29.81 -1.35 68.46
CA ILE K 95 29.32 -1.43 69.84
C ILE K 95 30.42 -1.14 70.89
N TYR K 96 31.70 -1.28 70.51
CA TYR K 96 32.84 -1.01 71.42
C TYR K 96 33.24 0.47 71.41
N GLY K 97 32.57 1.28 70.60
CA GLY K 97 32.86 2.70 70.50
C GLY K 97 34.10 2.98 69.69
N GLN K 98 34.33 2.16 68.65
CA GLN K 98 35.45 2.28 67.72
C GLN K 98 34.96 2.81 66.40
N TYR K 99 35.65 3.83 65.87
CA TYR K 99 35.39 4.40 64.55
C TYR K 99 35.96 3.48 63.47
N SER K 100 35.26 3.38 62.31
CA SER K 100 35.72 2.61 61.16
C SER K 100 36.88 3.34 60.45
N MSE K 101 36.90 4.67 60.55
CA MSE K 101 37.90 5.52 59.93
C MSE K 101 38.22 6.70 60.82
O MSE K 101 37.32 7.30 61.41
CB MSE K 101 37.44 6.01 58.55
CG MSE K 101 37.66 4.99 57.45
SE MSE K 101 36.09 3.96 56.99
CE MSE K 101 35.05 5.44 56.13
N THR K 102 39.51 7.03 60.92
CA THR K 102 40.03 8.15 61.71
C THR K 102 40.41 9.33 60.81
N ASP K 103 40.89 9.03 59.59
CA ASP K 103 41.37 10.03 58.65
C ASP K 103 40.72 9.81 57.27
N GLY K 104 39.40 9.84 57.22
CA GLY K 104 38.63 9.62 55.99
C GLY K 104 38.97 8.28 55.36
N PHE K 105 39.15 8.26 54.02
CA PHE K 105 39.47 7.00 53.34
C PHE K 105 41.01 6.80 53.20
N ASN K 106 41.77 7.25 54.21
CA ASN K 106 43.22 7.03 54.30
C ASN K 106 43.40 5.94 55.34
N PHE K 107 43.77 4.73 54.90
CA PHE K 107 43.86 3.56 55.76
C PHE K 107 45.31 3.17 56.16
N LYS K 108 46.30 4.05 55.87
CA LYS K 108 47.72 3.83 56.17
C LYS K 108 47.94 3.43 57.65
N ASP K 109 47.34 4.18 58.59
CA ASP K 109 47.53 3.94 60.03
C ASP K 109 46.26 3.47 60.73
N ILE K 110 45.41 2.70 60.02
CA ILE K 110 44.15 2.19 60.58
C ILE K 110 44.41 1.18 61.73
N ASN K 111 45.46 0.34 61.60
CA ASN K 111 45.82 -0.65 62.61
C ASN K 111 46.70 -0.01 63.66
N ARG K 112 46.22 -0.03 64.91
CA ARG K 112 46.95 0.50 66.07
C ARG K 112 47.24 -0.67 66.99
N LYS K 113 48.54 -0.89 67.30
CA LYS K 113 48.98 -1.99 68.18
CA LYS K 113 48.96 -1.98 68.17
C LYS K 113 48.35 -1.84 69.56
N GLY K 114 47.87 -2.95 70.09
CA GLY K 114 47.23 -2.98 71.39
C GLY K 114 45.81 -2.46 71.42
N ILE K 115 45.22 -2.09 70.26
CA ILE K 115 43.85 -1.61 70.19
C ILE K 115 42.99 -2.58 69.37
N TYR K 116 41.83 -2.98 69.92
CA TYR K 116 40.87 -3.80 69.21
C TYR K 116 39.96 -2.86 68.42
N GLY K 117 40.36 -2.58 67.19
CA GLY K 117 39.66 -1.62 66.33
C GLY K 117 38.42 -2.16 65.66
N TYR K 118 37.72 -1.25 64.95
CA TYR K 118 36.53 -1.57 64.16
C TYR K 118 36.81 -2.71 63.18
N TRP K 119 37.97 -2.66 62.49
CA TRP K 119 38.35 -3.66 61.49
C TRP K 119 38.87 -4.94 62.14
N ASP K 120 39.37 -4.87 63.37
CA ASP K 120 39.76 -6.10 64.09
C ASP K 120 38.48 -6.88 64.49
N HIS K 121 37.38 -6.15 64.78
CA HIS K 121 36.10 -6.77 65.09
C HIS K 121 35.51 -7.36 63.82
N MSE K 122 35.65 -6.65 62.68
CA MSE K 122 35.21 -7.14 61.37
C MSE K 122 35.96 -8.48 61.03
O MSE K 122 35.30 -9.43 60.58
CB MSE K 122 35.46 -6.08 60.29
CG MSE K 122 34.87 -6.44 58.93
SE MSE K 122 32.92 -6.43 58.90
CE MSE K 122 32.62 -8.30 58.86
N ASP K 123 37.30 -8.54 61.30
CA ASP K 123 38.16 -9.72 61.14
C ASP K 123 37.61 -10.90 61.96
N TYR K 124 37.24 -10.62 63.24
CA TYR K 124 36.70 -11.61 64.18
C TYR K 124 35.38 -12.21 63.67
N ILE K 125 34.48 -11.37 63.13
CA ILE K 125 33.20 -11.81 62.56
C ILE K 125 33.47 -12.82 61.42
N ILE K 126 34.43 -12.52 60.54
CA ILE K 126 34.78 -13.35 59.39
C ILE K 126 35.37 -14.68 59.86
N LYS K 127 36.30 -14.65 60.82
CA LYS K 127 36.92 -15.85 61.40
C LYS K 127 35.87 -16.68 62.15
N SER K 128 34.92 -16.00 62.84
CA SER K 128 33.86 -16.72 63.57
C SER K 128 32.95 -17.44 62.59
N ALA K 129 32.64 -16.80 61.43
CA ALA K 129 31.83 -17.43 60.40
C ALA K 129 32.61 -18.60 59.77
N ALA K 130 33.92 -18.41 59.53
CA ALA K 130 34.79 -19.43 58.92
C ALA K 130 34.81 -20.74 59.71
N SER K 131 34.87 -20.68 61.05
CA SER K 131 34.87 -21.89 61.88
C SER K 131 33.51 -22.62 61.84
N ARG K 132 32.45 -21.93 61.37
CA ARG K 132 31.08 -22.45 61.26
C ARG K 132 30.69 -22.79 59.81
N GLY K 133 31.64 -22.70 58.87
CA GLY K 133 31.45 -22.98 57.45
C GLY K 133 30.51 -22.00 56.76
N ILE K 134 30.56 -20.72 57.19
CA ILE K 134 29.69 -19.66 56.66
C ILE K 134 30.52 -18.60 55.91
N TYR K 135 30.03 -18.21 54.72
CA TYR K 135 30.59 -17.11 53.95
C TYR K 135 30.02 -15.81 54.48
N ILE K 136 30.82 -14.75 54.52
CA ILE K 136 30.31 -13.44 54.85
C ILE K 136 30.10 -12.69 53.52
N GLY K 137 28.86 -12.25 53.31
CA GLY K 137 28.48 -11.42 52.17
C GLY K 137 28.83 -10.00 52.58
N MSE K 138 29.91 -9.48 52.03
CA MSE K 138 30.45 -8.17 52.41
C MSE K 138 29.88 -7.00 51.59
O MSE K 138 30.40 -6.71 50.53
CB MSE K 138 31.99 -8.19 52.24
CG MSE K 138 32.71 -9.24 53.13
SE MSE K 138 32.90 -8.68 54.98
CE MSE K 138 34.47 -7.49 54.79
N VAL K 139 28.84 -6.31 52.13
CA VAL K 139 28.32 -5.11 51.47
C VAL K 139 29.29 -4.01 51.88
N CYS K 140 30.31 -3.74 51.02
CA CYS K 140 31.41 -2.80 51.27
C CYS K 140 30.95 -1.52 51.95
N ILE K 141 29.90 -0.89 51.40
CA ILE K 141 29.33 0.34 51.95
C ILE K 141 27.90 0.46 51.45
N TRP K 142 26.95 0.68 52.37
CA TRP K 142 25.55 0.84 52.01
C TRP K 142 25.38 2.07 51.09
N GLY K 143 24.37 2.02 50.22
CA GLY K 143 24.12 3.08 49.24
C GLY K 143 23.95 4.49 49.77
N THR K 144 23.25 4.65 50.92
CA THR K 144 22.93 5.94 51.52
C THR K 144 24.15 6.89 51.64
N PRO K 145 25.27 6.58 52.34
CA PRO K 145 26.40 7.55 52.39
C PRO K 145 27.01 7.85 51.01
N VAL K 146 27.02 6.85 50.10
CA VAL K 146 27.54 7.03 48.74
C VAL K 146 26.64 8.01 47.96
N GLU K 147 25.31 7.85 48.05
CA GLU K 147 24.33 8.73 47.41
C GLU K 147 24.47 10.17 47.95
N GLN K 148 24.88 10.32 49.24
CA GLN K 148 25.09 11.61 49.91
C GLN K 148 26.47 12.24 49.57
N GLY K 149 27.25 11.58 48.71
CA GLY K 149 28.56 12.05 48.26
C GLY K 149 29.69 11.88 49.25
N LEU K 150 29.51 10.97 50.26
CA LEU K 150 30.51 10.75 51.30
C LEU K 150 31.65 9.79 50.87
N MSE K 151 31.55 9.22 49.67
CA MSE K 151 32.61 8.38 49.10
C MSE K 151 32.69 8.64 47.61
O MSE K 151 31.83 8.18 46.85
CB MSE K 151 32.44 6.88 49.41
CG MSE K 151 33.70 6.09 49.00
SE MSE K 151 33.59 4.16 49.24
CE MSE K 151 32.45 3.72 47.77
N ASN K 152 33.71 9.39 47.20
CA ASN K 152 33.91 9.73 45.78
C ASN K 152 34.74 8.64 45.11
N GLU K 153 35.07 8.83 43.81
CA GLU K 153 35.83 7.85 43.02
C GLU K 153 37.22 7.55 43.58
N LYS K 154 37.98 8.59 43.99
CA LYS K 154 39.33 8.43 44.54
C LYS K 154 39.25 7.67 45.88
N GLU K 155 38.30 8.04 46.74
CA GLU K 155 38.09 7.40 48.03
C GLU K 155 37.70 5.92 47.84
N ALA K 156 36.86 5.61 46.81
CA ALA K 156 36.39 4.27 46.47
C ALA K 156 37.55 3.36 46.06
N VAL K 157 38.54 3.90 45.30
CA VAL K 157 39.75 3.17 44.89
C VAL K 157 40.57 2.81 46.15
N ALA K 158 40.80 3.79 47.03
CA ALA K 158 41.54 3.60 48.28
C ALA K 158 40.83 2.58 49.20
N TYR K 159 39.46 2.66 49.29
CA TYR K 159 38.68 1.72 50.11
C TYR K 159 38.80 0.30 49.54
N GLY K 160 38.66 0.15 48.22
CA GLY K 160 38.81 -1.11 47.53
C GLY K 160 40.13 -1.80 47.76
N LYS K 161 41.25 -1.00 47.70
CA LYS K 161 42.60 -1.51 47.91
CA LYS K 161 42.62 -1.47 47.93
C LYS K 161 42.76 -2.00 49.35
N PHE K 162 42.22 -1.24 50.31
CA PHE K 162 42.27 -1.59 51.73
C PHE K 162 41.52 -2.92 51.98
N LEU K 163 40.27 -3.03 51.46
CA LEU K 163 39.44 -4.24 51.66
C LEU K 163 40.07 -5.49 51.03
N ALA K 164 40.51 -5.38 49.77
CA ALA K 164 41.11 -6.50 49.06
C ALA K 164 42.41 -6.98 49.71
N GLU K 165 43.29 -6.06 50.15
CA GLU K 165 44.56 -6.44 50.77
C GLU K 165 44.31 -7.07 52.14
N ARG K 166 43.31 -6.56 52.87
CA ARG K 166 43.02 -7.11 54.19
C ARG K 166 42.33 -8.47 54.13
N TYR K 167 41.45 -8.70 53.13
CA TYR K 167 40.63 -9.92 53.14
C TYR K 167 40.83 -10.92 52.01
N LYS K 168 41.78 -10.69 51.10
CA LYS K 168 41.98 -11.63 49.99
C LYS K 168 42.34 -13.05 50.45
N ASP K 169 43.06 -13.19 51.58
CA ASP K 169 43.48 -14.50 52.06
C ASP K 169 42.48 -15.13 53.05
N GLU K 170 41.32 -14.47 53.29
CA GLU K 170 40.23 -15.03 54.08
C GLU K 170 39.36 -15.80 53.08
N PRO K 171 39.18 -17.13 53.21
CA PRO K 171 38.44 -17.86 52.17
C PRO K 171 36.93 -17.59 52.07
N ASN K 172 36.28 -17.30 53.19
CA ASN K 172 34.82 -17.17 53.29
C ASN K 172 34.27 -15.74 53.05
N ILE K 173 34.55 -15.19 51.87
CA ILE K 173 34.14 -13.84 51.47
C ILE K 173 33.41 -13.84 50.12
N ILE K 174 32.31 -13.08 50.05
CA ILE K 174 31.58 -12.79 48.81
C ILE K 174 31.47 -11.25 48.76
N TRP K 175 32.03 -10.60 47.73
CA TRP K 175 32.02 -9.13 47.67
C TRP K 175 30.69 -8.61 47.16
N MSE K 176 30.12 -7.63 47.85
CA MSE K 176 28.83 -7.07 47.44
C MSE K 176 28.93 -5.57 47.25
O MSE K 176 29.02 -4.82 48.22
CB MSE K 176 27.71 -7.41 48.41
CG MSE K 176 27.39 -8.92 48.45
SE MSE K 176 26.01 -9.28 49.76
CE MSE K 176 25.76 -11.12 49.34
N ILE K 177 28.95 -5.13 45.98
CA ILE K 177 28.99 -3.72 45.58
C ILE K 177 27.55 -3.19 45.71
N GLY K 178 27.39 -1.89 45.90
CA GLY K 178 26.07 -1.29 46.06
C GLY K 178 25.50 -1.46 47.45
N GLY K 179 24.19 -1.64 47.53
CA GLY K 179 23.48 -1.77 48.80
C GLY K 179 22.24 -0.92 48.79
N ASP K 180 21.12 -1.53 48.30
CA ASP K 180 19.79 -0.93 48.16
C ASP K 180 19.85 0.38 47.36
N ILE K 181 20.54 0.33 46.22
CA ILE K 181 20.73 1.48 45.36
C ILE K 181 20.65 1.05 43.88
N ARG K 182 20.13 1.92 43.02
CA ARG K 182 20.09 1.63 41.58
C ARG K 182 21.51 1.69 41.03
N GLY K 183 21.81 0.83 40.06
CA GLY K 183 23.13 0.79 39.44
C GLY K 183 23.47 2.03 38.63
N ASP K 184 22.44 2.86 38.26
CA ASP K 184 22.65 4.11 37.52
C ASP K 184 22.80 5.31 38.49
N ASN K 185 22.89 5.03 39.80
CA ASN K 185 23.09 6.03 40.84
C ASN K 185 24.52 5.89 41.38
N LYS K 186 25.39 6.89 41.06
CA LYS K 186 26.81 6.96 41.44
C LYS K 186 27.60 5.76 40.83
N THR K 187 27.26 5.39 39.58
CA THR K 187 27.84 4.27 38.82
C THR K 187 29.38 4.30 38.83
N GLU K 188 29.99 5.48 38.60
CA GLU K 188 31.44 5.68 38.53
C GLU K 188 32.09 5.33 39.87
N VAL K 189 31.41 5.65 40.98
CA VAL K 189 31.92 5.32 42.32
C VAL K 189 31.90 3.79 42.52
N TRP K 190 30.78 3.13 42.15
CA TRP K 190 30.61 1.68 42.29
C TRP K 190 31.62 0.93 41.41
N ASP K 191 31.81 1.39 40.16
CA ASP K 191 32.77 0.77 39.25
C ASP K 191 34.21 0.92 39.76
N ALA K 192 34.56 2.13 40.32
CA ALA K 192 35.89 2.38 40.89
C ALA K 192 36.16 1.44 42.07
N LEU K 193 35.17 1.26 42.96
CA LEU K 193 35.27 0.37 44.11
C LEU K 193 35.46 -1.09 43.64
N ALA K 194 34.58 -1.56 42.73
CA ALA K 194 34.56 -2.92 42.19
C ALA K 194 35.86 -3.27 41.49
N ASN K 195 36.33 -2.40 40.56
CA ASN K 195 37.57 -2.66 39.83
C ASN K 195 38.80 -2.60 40.74
N SER K 196 38.78 -1.74 41.79
CA SER K 196 39.92 -1.65 42.72
C SER K 196 40.06 -2.97 43.51
N ILE K 197 38.94 -3.53 44.03
CA ILE K 197 38.96 -4.80 44.77
C ILE K 197 39.42 -5.93 43.82
N ARG K 198 38.77 -5.99 42.64
CA ARG K 198 38.98 -6.99 41.60
C ARG K 198 40.42 -7.07 41.10
N SER K 199 41.15 -5.92 41.07
CA SER K 199 42.54 -5.84 40.60
C SER K 199 43.51 -6.59 41.54
N ILE K 200 43.12 -6.77 42.81
CA ILE K 200 43.92 -7.42 43.86
C ILE K 200 43.33 -8.79 44.23
N ASP K 201 42.00 -8.86 44.47
CA ASP K 201 41.32 -10.08 44.89
C ASP K 201 40.78 -10.87 43.70
N LYS K 202 41.49 -11.96 43.38
CA LYS K 202 41.16 -12.86 42.28
C LYS K 202 40.58 -14.18 42.80
N GLY K 203 40.33 -14.26 44.11
CA GLY K 203 39.88 -15.50 44.73
C GLY K 203 38.49 -15.51 45.33
N HIS K 204 37.73 -14.41 45.14
CA HIS K 204 36.35 -14.30 45.65
C HIS K 204 35.42 -13.81 44.56
N LEU K 205 34.15 -14.23 44.63
CA LEU K 205 33.14 -13.82 43.68
C LEU K 205 32.61 -12.44 44.08
N MSE K 206 32.07 -11.69 43.11
CA MSE K 206 31.56 -10.35 43.33
C MSE K 206 30.19 -10.16 42.67
O MSE K 206 29.92 -10.74 41.61
CB MSE K 206 32.56 -9.34 42.77
CG MSE K 206 32.24 -7.87 43.07
SE MSE K 206 33.68 -6.70 42.49
CE MSE K 206 35.07 -7.30 43.66
N THR K 207 29.37 -9.28 43.26
CA THR K 207 28.03 -8.99 42.77
C THR K 207 27.63 -7.55 43.18
N PHE K 208 26.36 -7.20 42.94
CA PHE K 208 25.82 -5.88 43.25
C PHE K 208 24.46 -6.04 43.91
N HIS K 209 24.26 -5.34 45.05
CA HIS K 209 22.99 -5.38 45.78
C HIS K 209 22.15 -4.17 45.31
N PRO K 210 21.02 -4.40 44.61
CA PRO K 210 20.26 -3.26 44.06
C PRO K 210 19.07 -2.81 44.92
N ARG K 211 18.45 -1.70 44.51
CA ARG K 211 17.26 -1.08 45.10
C ARG K 211 16.08 -2.02 44.94
N GLY K 212 15.06 -1.86 45.79
CA GLY K 212 13.83 -2.65 45.76
C GLY K 212 13.19 -2.63 44.39
N ARG K 213 12.65 -3.79 43.96
CA ARG K 213 11.99 -4.01 42.67
C ARG K 213 12.93 -3.84 41.47
N THR K 214 14.25 -3.99 41.68
CA THR K 214 15.22 -3.94 40.55
C THR K 214 16.16 -5.14 40.65
N THR K 215 16.86 -5.42 39.55
CA THR K 215 17.87 -6.47 39.48
C THR K 215 19.19 -5.84 39.04
N SER K 216 20.31 -6.34 39.56
CA SER K 216 21.64 -5.85 39.13
C SER K 216 21.86 -6.09 37.61
N ALA K 217 21.16 -7.10 37.03
CA ALA K 217 21.24 -7.48 35.61
C ALA K 217 20.89 -6.30 34.67
N THR K 218 20.01 -5.39 35.11
CA THR K 218 19.62 -4.20 34.36
C THR K 218 20.83 -3.33 33.99
N TRP K 219 21.82 -3.17 34.90
CA TRP K 219 22.97 -2.29 34.63
C TRP K 219 24.32 -2.99 34.49
N PHE K 220 24.50 -4.12 35.19
CA PHE K 220 25.82 -4.72 35.27
C PHE K 220 25.93 -6.15 34.77
N ASN K 221 24.95 -6.65 34.00
CA ASN K 221 25.05 -8.03 33.53
C ASN K 221 26.37 -8.28 32.75
N ASP K 222 26.80 -7.28 31.94
CA ASP K 222 27.99 -7.34 31.10
C ASP K 222 29.28 -6.95 31.82
N ARG K 223 29.20 -6.54 33.09
CA ARG K 223 30.40 -6.16 33.85
C ARG K 223 31.27 -7.38 34.11
N GLU K 224 32.58 -7.24 33.85
CA GLU K 224 33.57 -8.29 34.07
C GLU K 224 33.75 -8.58 35.57
N TRP K 225 33.54 -7.54 36.41
CA TRP K 225 33.69 -7.67 37.85
C TRP K 225 32.48 -8.39 38.49
N LEU K 226 31.33 -8.47 37.79
CA LEU K 226 30.12 -9.11 38.30
C LEU K 226 30.07 -10.61 37.88
N ASP K 227 30.14 -11.51 38.87
CA ASP K 227 30.13 -12.95 38.59
C ASP K 227 28.70 -13.49 38.49
N PHE K 228 27.78 -12.91 39.27
CA PHE K 228 26.39 -13.32 39.29
C PHE K 228 25.50 -12.13 39.67
N ASN K 229 24.22 -12.20 39.32
CA ASN K 229 23.28 -11.12 39.60
C ASN K 229 22.49 -11.33 40.86
N MSE K 230 22.02 -10.23 41.43
CA MSE K 230 21.13 -10.29 42.59
C MSE K 230 19.99 -9.31 42.38
O MSE K 230 20.18 -8.27 41.76
CB MSE K 230 21.83 -9.98 43.93
CG MSE K 230 23.07 -10.83 44.21
SE MSE K 230 23.61 -10.85 46.07
CE MSE K 230 23.80 -8.95 46.37
N PHE K 231 18.81 -9.63 42.93
CA PHE K 231 17.71 -8.70 42.87
C PHE K 231 17.11 -8.54 44.25
N GLN K 232 16.29 -7.51 44.43
CA GLN K 232 15.58 -7.27 45.68
C GLN K 232 14.10 -7.27 45.36
N SER K 233 13.38 -8.35 45.74
CA SER K 233 11.94 -8.39 45.46
C SER K 233 11.12 -7.74 46.61
N GLY K 234 11.69 -7.65 47.81
CA GLY K 234 11.03 -7.01 48.95
C GLY K 234 10.72 -5.54 48.67
N HIS K 235 9.73 -4.93 49.36
CA HIS K 235 8.89 -5.47 50.44
C HIS K 235 7.43 -5.04 50.23
N ARG K 236 7.10 -4.58 49.02
CA ARG K 236 5.74 -4.17 48.67
C ARG K 236 4.87 -5.36 48.30
N ARG K 237 3.57 -5.22 48.58
CA ARG K 237 2.55 -6.21 48.23
C ARG K 237 1.99 -5.87 46.86
N TYR K 238 1.16 -6.77 46.29
CA TYR K 238 0.44 -6.50 45.04
C TYR K 238 -0.32 -5.17 45.12
N GLY K 239 -0.15 -4.32 44.09
CA GLY K 239 -0.85 -3.05 43.95
C GLY K 239 -0.46 -1.94 44.91
N GLN K 240 0.79 -1.96 45.39
CA GLN K 240 1.29 -0.94 46.33
C GLN K 240 2.21 0.09 45.61
N ARG K 241 1.84 0.53 44.39
CA ARG K 241 2.63 1.53 43.66
C ARG K 241 2.60 2.89 44.42
N ASN K 242 1.42 3.22 45.01
CA ASN K 242 1.13 4.40 45.83
C ASN K 242 1.54 5.73 45.13
N GLY K 243 1.23 5.84 43.85
CA GLY K 243 1.49 7.02 43.02
C GLY K 243 2.94 7.34 42.73
N ASP K 244 3.81 6.32 42.68
CA ASP K 244 5.24 6.47 42.39
C ASP K 244 5.47 6.82 40.91
N GLY K 245 6.36 7.79 40.68
CA GLY K 245 6.73 8.35 39.38
C GLY K 245 7.10 7.38 38.28
N ASP K 246 8.25 6.68 38.42
CA ASP K 246 8.72 5.73 37.40
C ASP K 246 8.95 4.34 38.03
N TYR K 247 7.87 3.53 38.06
CA TYR K 247 7.88 2.18 38.63
C TYR K 247 8.72 1.24 37.74
N PRO K 248 9.72 0.52 38.30
CA PRO K 248 10.58 -0.33 37.45
C PRO K 248 9.95 -1.67 37.06
N ILE K 249 8.71 -1.95 37.55
CA ILE K 249 7.98 -3.20 37.27
C ILE K 249 6.53 -2.88 36.84
N GLU K 250 5.88 -3.87 36.20
CA GLU K 250 4.48 -3.84 35.75
C GLU K 250 3.56 -3.76 36.99
N GLU K 251 2.47 -2.98 36.90
CA GLU K 251 1.51 -2.83 38.00
C GLU K 251 0.90 -4.21 38.41
N ASN K 252 0.68 -4.39 39.71
CA ASN K 252 0.06 -5.57 40.33
C ASN K 252 0.88 -6.88 40.14
N THR K 253 2.24 -6.78 40.08
CA THR K 253 3.10 -7.97 39.96
C THR K 253 4.18 -8.00 41.05
N GLU K 254 4.05 -7.13 42.09
CA GLU K 254 5.03 -6.97 43.17
C GLU K 254 5.48 -8.27 43.82
N GLU K 255 4.52 -9.19 44.08
CA GLU K 255 4.82 -10.42 44.81
C GLU K 255 5.28 -11.56 43.89
N ASP K 256 5.30 -11.33 42.56
CA ASP K 256 5.74 -12.36 41.62
C ASP K 256 7.26 -12.27 41.47
N ASN K 257 8.02 -12.67 42.51
CA ASN K 257 9.49 -12.52 42.45
C ASN K 257 10.13 -13.43 41.38
N TRP K 258 9.41 -14.46 40.92
CA TRP K 258 9.84 -15.30 39.78
C TRP K 258 10.03 -14.45 38.51
N ARG K 259 9.33 -13.29 38.40
CA ARG K 259 9.47 -12.39 37.23
C ARG K 259 10.87 -11.78 37.16
N PHE K 260 11.52 -11.52 38.34
CA PHE K 260 12.87 -10.95 38.36
C PHE K 260 13.90 -11.96 37.90
N VAL K 261 13.68 -13.26 38.16
CA VAL K 261 14.56 -14.35 37.72
C VAL K 261 14.57 -14.39 36.18
N GLU K 262 13.37 -14.32 35.58
CA GLU K 262 13.13 -14.31 34.13
C GLU K 262 13.81 -13.12 33.48
N ALA K 263 13.57 -11.92 34.04
CA ALA K 263 14.12 -10.64 33.54
C ALA K 263 15.64 -10.62 33.57
N SER K 264 16.23 -11.18 34.64
CA SER K 264 17.68 -11.23 34.81
C SER K 264 18.33 -12.26 33.85
N GLN K 265 17.66 -13.40 33.60
CA GLN K 265 18.20 -14.47 32.77
C GLN K 265 17.87 -14.31 31.29
N ALA K 266 17.10 -13.26 30.95
CA ALA K 266 16.79 -12.91 29.56
C ALA K 266 18.03 -12.25 28.94
N LYS K 267 18.89 -11.70 29.82
CA LYS K 267 20.12 -11.00 29.50
C LYS K 267 21.26 -11.98 29.18
N THR K 268 21.85 -11.83 27.99
CA THR K 268 22.96 -12.64 27.49
C THR K 268 24.24 -11.79 27.63
N PRO K 269 25.39 -12.31 28.15
CA PRO K 269 25.67 -13.69 28.60
C PRO K 269 24.88 -14.07 29.86
N LEU K 270 24.49 -15.35 29.92
CA LEU K 270 23.73 -15.90 31.04
C LEU K 270 24.63 -16.02 32.25
N LYS K 271 24.16 -15.44 33.36
CA LYS K 271 24.86 -15.45 34.64
C LYS K 271 23.88 -15.89 35.72
N PRO K 272 24.35 -16.54 36.79
CA PRO K 272 23.42 -16.94 37.86
C PRO K 272 22.72 -15.73 38.48
N VAL K 273 21.54 -15.96 39.06
CA VAL K 273 20.77 -14.92 39.75
C VAL K 273 20.22 -15.46 41.06
N ILE K 274 19.98 -14.57 42.03
CA ILE K 274 19.40 -14.91 43.32
C ILE K 274 18.55 -13.74 43.85
N ASP K 275 17.49 -14.06 44.61
CA ASP K 275 16.74 -13.04 45.35
C ASP K 275 17.51 -12.84 46.64
N ASP K 276 18.32 -11.78 46.69
CA ASP K 276 19.14 -11.55 47.87
C ASP K 276 18.39 -10.75 48.94
N GLU K 277 17.21 -10.21 48.58
CA GLU K 277 16.43 -9.45 49.53
C GLU K 277 14.94 -9.59 49.21
N PRO K 278 14.33 -10.73 49.56
CA PRO K 278 12.87 -10.84 49.41
C PRO K 278 12.22 -10.09 50.57
N ILE K 279 10.92 -10.27 50.76
CA ILE K 279 10.21 -9.75 51.92
C ILE K 279 10.89 -10.31 53.20
N TYR K 280 10.92 -9.51 54.25
CA TYR K 280 11.49 -9.95 55.52
C TYR K 280 10.37 -10.44 56.41
N GLU K 281 10.60 -11.51 57.18
CA GLU K 281 9.63 -12.02 58.13
C GLU K 281 9.30 -10.92 59.16
N ASP K 282 7.99 -10.70 59.36
CA ASP K 282 7.37 -9.68 60.24
C ASP K 282 7.56 -8.21 59.80
N ILE K 283 8.14 -7.94 58.61
CA ILE K 283 8.24 -6.55 58.18
C ILE K 283 6.86 -6.09 57.63
N PRO K 284 6.40 -4.83 57.81
CA PRO K 284 5.11 -4.45 57.24
C PRO K 284 5.14 -4.44 55.72
N GLN K 285 4.01 -4.78 55.10
CA GLN K 285 3.86 -4.73 53.65
C GLN K 285 4.01 -3.27 53.24
N GLY K 286 5.05 -2.98 52.47
CA GLY K 286 5.35 -1.60 52.05
C GLY K 286 6.22 -0.84 53.00
N LEU K 287 6.73 -1.51 54.06
CA LEU K 287 7.72 -1.06 55.06
C LEU K 287 7.31 0.03 56.05
N HIS K 288 6.84 1.17 55.54
CA HIS K 288 6.70 2.42 56.28
C HIS K 288 5.46 2.59 57.17
N ASP K 289 4.41 1.78 57.03
CA ASP K 289 3.28 1.90 57.95
C ASP K 289 3.36 0.75 58.97
N PRO K 290 3.73 1.04 60.25
CA PRO K 290 3.87 -0.05 61.24
C PRO K 290 2.56 -0.75 61.60
N ASN K 291 1.41 -0.17 61.24
CA ASN K 291 0.09 -0.76 61.51
C ASN K 291 -0.41 -1.58 60.31
N GLU K 292 0.38 -1.63 59.22
CA GLU K 292 0.00 -2.43 58.04
C GLU K 292 0.14 -3.92 58.32
N THR K 293 -0.53 -4.75 57.50
CA THR K 293 -0.38 -6.21 57.52
C THR K 293 1.13 -6.54 57.42
N ARG K 294 1.61 -7.49 58.22
CA ARG K 294 3.01 -7.90 58.21
C ARG K 294 3.20 -9.13 57.36
N TRP K 295 4.37 -9.24 56.69
CA TRP K 295 4.74 -10.46 55.95
C TRP K 295 4.95 -11.58 56.99
N ASN K 296 4.52 -12.80 56.68
CA ASN K 296 4.61 -13.90 57.64
C ASN K 296 5.39 -15.07 57.04
N GLN K 297 5.55 -16.15 57.81
CA GLN K 297 6.28 -17.37 57.45
C GLN K 297 5.82 -17.98 56.13
N HIS K 298 4.47 -17.96 55.85
CA HIS K 298 3.90 -18.56 54.63
C HIS K 298 4.36 -17.76 53.42
N ASP K 299 4.38 -16.41 53.53
CA ASP K 299 4.86 -15.50 52.51
C ASP K 299 6.36 -15.70 52.29
N VAL K 300 7.11 -15.86 53.39
CA VAL K 300 8.56 -16.07 53.33
C VAL K 300 8.91 -17.34 52.51
N ARG K 301 8.20 -18.46 52.81
CA ARG K 301 8.39 -19.71 52.05
C ARG K 301 7.97 -19.50 50.58
N ARG K 302 6.82 -18.83 50.33
CA ARG K 302 6.38 -18.61 48.96
C ARG K 302 7.46 -17.89 48.12
N TYR K 303 8.06 -16.79 48.64
CA TYR K 303 9.12 -16.07 47.91
C TYR K 303 10.37 -16.97 47.68
N ALA K 304 10.71 -17.80 48.69
CA ALA K 304 11.89 -18.70 48.64
C ALA K 304 11.75 -19.73 47.51
N TYR K 305 10.65 -20.48 47.50
CA TYR K 305 10.43 -21.50 46.48
C TYR K 305 10.14 -20.90 45.11
N TRP K 306 9.40 -19.78 45.04
CA TRP K 306 9.13 -19.13 43.74
C TRP K 306 10.44 -18.68 43.08
N SER K 307 11.36 -18.06 43.84
CA SER K 307 12.62 -17.61 43.26
C SER K 307 13.49 -18.80 42.81
N VAL K 308 13.69 -19.82 43.69
CA VAL K 308 14.54 -20.98 43.35
C VAL K 308 13.95 -21.80 42.18
N PHE K 309 12.63 -22.10 42.21
CA PHE K 309 11.99 -22.90 41.14
C PHE K 309 11.88 -22.11 39.81
N ALA K 310 12.01 -20.77 39.85
CA ALA K 310 12.08 -19.93 38.63
C ALA K 310 13.47 -19.99 38.01
N GLY K 311 14.46 -20.47 38.78
CA GLY K 311 15.83 -20.62 38.27
C GLY K 311 16.94 -20.02 39.10
N SER K 312 16.63 -19.42 40.28
CA SER K 312 17.69 -18.87 41.13
C SER K 312 18.58 -19.99 41.68
N PHE K 313 19.89 -19.71 41.85
CA PHE K 313 20.87 -20.70 42.31
C PHE K 313 20.84 -20.97 43.83
N GLY K 314 20.06 -20.17 44.55
CA GLY K 314 19.89 -20.30 45.99
C GLY K 314 18.89 -19.26 46.46
N HIS K 315 18.89 -18.95 47.76
CA HIS K 315 17.98 -17.92 48.27
C HIS K 315 18.53 -17.27 49.53
N SER K 316 18.26 -15.97 49.72
CA SER K 316 18.60 -15.27 50.95
C SER K 316 17.31 -14.94 51.70
N TYR K 317 17.31 -15.19 52.98
CA TYR K 317 16.21 -14.89 53.88
C TYR K 317 16.58 -13.68 54.72
N GLY K 318 15.55 -12.96 55.18
CA GLY K 318 15.69 -11.87 56.12
C GLY K 318 14.52 -11.81 57.10
N HIS K 319 14.79 -11.32 58.32
CA HIS K 319 13.78 -11.10 59.38
C HIS K 319 13.89 -9.64 59.80
N ASN K 320 12.77 -8.92 59.90
CA ASN K 320 12.79 -7.50 60.30
C ASN K 320 13.60 -7.24 61.60
N ASP K 321 13.42 -8.10 62.61
CA ASP K 321 14.04 -7.96 63.92
C ASP K 321 15.52 -8.34 63.95
N ILE K 322 15.91 -9.34 63.15
CA ILE K 322 17.31 -9.80 63.10
C ILE K 322 18.19 -8.85 62.30
N MSE K 323 17.76 -8.47 61.08
CA MSE K 323 18.62 -7.68 60.18
C MSE K 323 19.08 -6.34 60.82
O MSE K 323 20.17 -5.84 60.48
CB MSE K 323 17.97 -7.48 58.80
CG MSE K 323 16.67 -6.65 58.81
SE MSE K 323 17.00 -4.74 58.61
CE MSE K 323 15.13 -4.18 58.42
N GLN K 324 18.31 -5.80 61.78
CA GLN K 324 18.68 -4.55 62.46
C GLN K 324 19.12 -4.82 63.91
N PHE K 325 19.16 -6.12 64.32
CA PHE K 325 19.55 -6.59 65.66
C PHE K 325 18.85 -5.75 66.75
N ILE K 326 17.51 -5.68 66.64
CA ILE K 326 16.69 -4.93 67.57
C ILE K 326 16.73 -5.59 68.95
N ARG K 327 16.68 -4.75 69.98
CA ARG K 327 16.69 -5.16 71.38
CA ARG K 327 16.68 -5.17 71.38
C ARG K 327 16.02 -4.06 72.22
N PRO K 328 15.57 -4.32 73.46
CA PRO K 328 14.92 -3.22 74.22
C PRO K 328 15.83 -2.01 74.39
N GLY K 329 15.27 -0.82 74.20
CA GLY K 329 16.03 0.42 74.35
C GLY K 329 16.69 0.95 73.09
N TYR K 330 16.43 0.30 71.94
CA TYR K 330 16.91 0.73 70.62
C TYR K 330 15.76 1.19 69.76
N GLY K 331 15.97 2.29 69.02
CA GLY K 331 14.97 2.80 68.08
C GLY K 331 14.84 1.82 66.94
N ALA K 332 13.61 1.53 66.54
CA ALA K 332 13.37 0.53 65.52
C ALA K 332 13.09 1.11 64.15
N SER K 333 13.47 0.34 63.11
CA SER K 333 13.10 0.64 61.73
C SER K 333 11.95 -0.27 61.36
N PHE K 334 11.04 0.23 60.53
CA PHE K 334 9.93 -0.52 59.91
C PHE K 334 9.07 -1.30 60.93
N GLY K 335 8.64 -0.62 61.97
CA GLY K 335 7.71 -1.21 62.94
C GLY K 335 8.21 -2.35 63.82
N ALA K 336 9.53 -2.53 63.96
CA ALA K 336 10.06 -3.52 64.91
C ALA K 336 9.86 -2.92 66.31
N ASP K 337 10.02 -3.70 67.39
CA ASP K 337 9.87 -3.20 68.76
C ASP K 337 10.65 -4.14 69.67
N GLY K 338 11.82 -3.68 70.13
CA GLY K 338 12.73 -4.44 70.98
C GLY K 338 12.13 -5.03 72.24
N ARG K 339 11.13 -4.34 72.82
CA ARG K 339 10.42 -4.80 74.03
C ARG K 339 9.42 -5.91 73.72
N LYS K 340 8.93 -5.95 72.49
CA LYS K 340 7.95 -6.97 72.07
C LYS K 340 8.70 -8.24 71.60
N LYS K 341 9.77 -8.07 70.80
CA LYS K 341 10.56 -9.17 70.26
C LYS K 341 11.94 -8.66 69.92
N ALA K 342 12.95 -9.27 70.53
CA ALA K 342 14.36 -8.91 70.27
C ALA K 342 14.93 -9.86 69.21
N TRP K 343 16.08 -9.50 68.58
CA TRP K 343 16.68 -10.37 67.55
C TRP K 343 16.91 -11.81 68.05
N TRP K 344 17.29 -11.99 69.33
CA TRP K 344 17.52 -13.32 69.89
C TRP K 344 16.21 -14.13 69.95
N ASP K 345 15.02 -13.48 70.09
CA ASP K 345 13.74 -14.18 70.05
C ASP K 345 13.35 -14.51 68.62
N ALA K 346 13.61 -13.58 67.69
CA ALA K 346 13.28 -13.74 66.25
C ALA K 346 13.98 -14.95 65.62
N LEU K 347 15.14 -15.38 66.19
CA LEU K 347 15.86 -16.57 65.73
C LEU K 347 15.03 -17.85 65.93
N GLU K 348 13.95 -17.78 66.74
CA GLU K 348 13.07 -18.90 67.00
C GLU K 348 11.83 -18.87 66.10
N ASP K 349 11.67 -17.81 65.28
CA ASP K 349 10.49 -17.66 64.41
C ASP K 349 10.44 -18.74 63.30
N PRO K 350 9.22 -19.09 62.82
CA PRO K 350 9.10 -20.23 61.88
C PRO K 350 9.87 -20.06 60.56
N GLY K 351 9.73 -18.93 59.87
CA GLY K 351 10.38 -18.69 58.58
C GLY K 351 11.88 -18.90 58.63
N PHE K 352 12.56 -18.31 59.64
CA PHE K 352 14.01 -18.47 59.84
C PHE K 352 14.41 -19.96 59.86
N ASN K 353 13.57 -20.78 60.51
CA ASN K 353 13.80 -22.21 60.74
C ASN K 353 13.21 -23.12 59.66
N GLN K 354 12.67 -22.55 58.57
CA GLN K 354 12.08 -23.37 57.49
C GLN K 354 12.93 -23.32 56.21
N MSE K 355 13.85 -22.37 56.11
CA MSE K 355 14.74 -22.23 54.95
C MSE K 355 15.60 -23.48 54.71
O MSE K 355 15.88 -23.80 53.54
CB MSE K 355 15.62 -20.97 55.07
CG MSE K 355 14.77 -19.69 55.07
SE MSE K 355 13.74 -19.39 53.42
CE MSE K 355 11.98 -20.17 53.87
N LYS K 356 15.95 -24.22 55.77
CA LYS K 356 16.75 -25.45 55.65
C LYS K 356 16.06 -26.51 54.80
N TYR K 357 14.70 -26.53 54.79
CA TYR K 357 13.96 -27.53 54.02
C TYR K 357 14.08 -27.29 52.53
N LEU K 358 14.27 -26.02 52.13
CA LEU K 358 14.47 -25.68 50.72
C LEU K 358 15.87 -26.13 50.29
N LYS K 359 16.90 -25.76 51.07
CA LYS K 359 18.29 -26.14 50.78
C LYS K 359 18.44 -27.66 50.70
N ASN K 360 17.90 -28.40 51.68
CA ASN K 360 18.04 -29.85 51.75
C ASN K 360 17.37 -30.52 50.57
N LEU K 361 16.21 -30.00 50.15
CA LEU K 361 15.49 -30.51 48.98
C LEU K 361 16.34 -30.37 47.71
N MSE K 362 16.87 -29.16 47.43
CA MSE K 362 17.62 -28.92 46.17
C MSE K 362 18.92 -29.75 46.10
O MSE K 362 19.28 -30.21 45.02
CB MSE K 362 17.92 -27.43 45.97
CG MSE K 362 16.66 -26.51 46.13
SE MSE K 362 15.08 -27.16 45.16
CE MSE K 362 15.73 -26.95 43.42
N LEU K 363 19.58 -29.98 47.23
CA LEU K 363 20.82 -30.76 47.27
C LEU K 363 20.57 -32.29 47.17
N THR K 364 19.30 -32.75 47.22
CA THR K 364 18.96 -34.18 47.13
C THR K 364 19.00 -34.66 45.64
N PHE K 365 18.92 -33.74 44.68
CA PHE K 365 18.81 -34.12 43.27
C PHE K 365 19.96 -33.63 42.40
N PRO K 366 20.20 -34.26 41.20
CA PRO K 366 21.24 -33.75 40.27
C PRO K 366 21.09 -32.24 40.14
N PHE K 367 22.17 -31.56 40.50
CA PHE K 367 22.16 -30.12 40.72
C PHE K 367 22.30 -29.23 39.48
N PHE K 368 23.33 -29.45 38.66
CA PHE K 368 23.66 -28.55 37.56
C PHE K 368 22.77 -28.66 36.30
N GLU K 369 22.10 -29.81 36.06
CA GLU K 369 21.23 -29.94 34.89
C GLU K 369 19.82 -29.39 35.17
N ARG K 370 19.57 -28.86 36.37
CA ARG K 370 18.27 -28.32 36.73
C ARG K 370 17.96 -27.08 35.90
N VAL K 371 16.70 -26.99 35.45
CA VAL K 371 16.19 -25.87 34.69
C VAL K 371 14.80 -25.51 35.17
N PRO K 372 14.38 -24.22 35.13
CA PRO K 372 12.97 -23.92 35.39
C PRO K 372 12.16 -24.42 34.20
N ASP K 373 10.95 -24.96 34.39
CA ASP K 373 10.18 -25.47 33.25
C ASP K 373 8.70 -25.49 33.56
N GLN K 374 8.01 -24.41 33.19
CA GLN K 374 6.56 -24.28 33.40
C GLN K 374 5.74 -25.24 32.52
N SER K 375 6.35 -25.82 31.46
CA SER K 375 5.63 -26.77 30.60
C SER K 375 5.38 -28.13 31.33
N VAL K 376 6.03 -28.35 32.50
CA VAL K 376 5.77 -29.50 33.38
C VAL K 376 4.31 -29.40 33.89
N ILE K 377 3.81 -28.15 34.02
CA ILE K 377 2.44 -27.82 34.45
CA ILE K 377 2.44 -27.90 34.47
C ILE K 377 1.52 -27.92 33.24
N ALA K 378 0.57 -28.85 33.25
CA ALA K 378 -0.37 -28.98 32.13
C ALA K 378 -1.68 -28.26 32.46
N GLY K 379 -2.53 -28.10 31.47
CA GLY K 379 -3.80 -27.42 31.60
C GLY K 379 -3.61 -25.94 31.87
N THR K 380 -4.56 -25.32 32.56
CA THR K 380 -4.48 -23.90 32.90
C THR K 380 -3.92 -23.74 34.31
N ASN K 381 -2.77 -23.08 34.41
CA ASN K 381 -2.17 -22.83 35.72
C ASN K 381 -2.94 -21.71 36.42
N GLY K 382 -2.87 -21.67 37.74
CA GLY K 382 -3.54 -20.62 38.49
C GLY K 382 -2.79 -19.31 38.40
N GLU K 383 -3.44 -18.25 38.83
CA GLU K 383 -2.90 -16.89 38.87
C GLU K 383 -2.49 -16.52 40.30
N ARG K 384 -1.54 -15.56 40.42
CA ARG K 384 -1.04 -15.05 41.69
C ARG K 384 -0.61 -16.19 42.63
N TYR K 385 -1.24 -16.37 43.82
CA TYR K 385 -0.80 -17.44 44.75
C TYR K 385 -1.13 -18.85 44.28
N ASP K 386 -2.02 -18.97 43.30
CA ASP K 386 -2.41 -20.26 42.68
C ASP K 386 -1.47 -20.64 41.54
N ARG K 387 -0.46 -19.81 41.21
CA ARG K 387 0.48 -20.17 40.17
C ARG K 387 1.48 -21.24 40.67
N ALA K 388 1.24 -22.51 40.29
CA ALA K 388 2.19 -23.58 40.62
C ALA K 388 3.49 -23.30 39.86
N ILE K 389 4.63 -23.65 40.45
CA ILE K 389 5.90 -23.38 39.78
C ILE K 389 6.73 -24.66 39.72
N ALA K 390 7.29 -24.95 38.53
CA ALA K 390 8.01 -26.20 38.31
C ALA K 390 9.44 -26.03 37.85
N THR K 391 10.28 -26.94 38.30
CA THR K 391 11.68 -27.04 37.94
C THR K 391 11.99 -28.52 37.75
N ARG K 392 12.98 -28.83 36.91
CA ARG K 392 13.29 -30.25 36.63
C ARG K 392 14.71 -30.45 36.17
N GLY K 393 15.16 -31.69 36.30
CA GLY K 393 16.41 -32.19 35.74
C GLY K 393 15.97 -33.05 34.57
N ASN K 394 16.74 -34.08 34.25
CA ASN K 394 16.36 -34.99 33.17
C ASN K 394 15.52 -36.17 33.70
N ASP K 395 15.64 -36.51 34.99
CA ASP K 395 15.01 -37.70 35.57
C ASP K 395 14.23 -37.39 36.85
N TYR K 396 14.02 -36.10 37.13
CA TYR K 396 13.24 -35.68 38.28
C TYR K 396 12.57 -34.35 37.99
N LEU K 397 11.45 -34.09 38.65
CA LEU K 397 10.79 -32.80 38.57
C LEU K 397 10.27 -32.44 39.95
N LEU K 398 10.20 -31.13 40.22
CA LEU K 398 9.74 -30.56 41.48
C LEU K 398 8.71 -29.50 41.17
N VAL K 399 7.53 -29.59 41.79
CA VAL K 399 6.46 -28.61 41.58
C VAL K 399 6.01 -28.04 42.93
N TYR K 400 6.30 -26.77 43.16
CA TYR K 400 5.87 -26.08 44.39
C TYR K 400 4.47 -25.49 44.17
N ASN K 401 3.53 -25.89 45.01
CA ASN K 401 2.16 -25.42 44.92
C ASN K 401 1.80 -24.72 46.23
N TYR K 402 1.88 -23.39 46.24
CA TYR K 402 1.63 -22.62 47.47
C TYR K 402 0.21 -22.79 48.02
N SER K 403 -0.76 -22.68 47.14
CA SER K 403 -2.18 -22.66 47.53
C SER K 403 -2.80 -24.02 47.78
N GLY K 404 -2.37 -25.03 47.05
CA GLY K 404 -2.98 -26.35 47.16
C GLY K 404 -4.03 -26.58 46.08
N ARG K 405 -4.20 -25.61 45.16
CA ARG K 405 -5.13 -25.76 44.02
C ARG K 405 -4.77 -27.05 43.23
N PRO K 406 -5.75 -27.94 42.90
CA PRO K 406 -5.42 -29.15 42.12
C PRO K 406 -4.59 -28.84 40.88
N MSE K 407 -3.66 -29.75 40.58
CA MSE K 407 -2.72 -29.59 39.47
C MSE K 407 -2.79 -30.72 38.49
O MSE K 407 -3.09 -31.84 38.89
CB MSE K 407 -1.25 -29.57 39.96
CG MSE K 407 -0.94 -28.51 40.94
SE MSE K 407 0.94 -28.69 41.45
CE MSE K 407 0.94 -30.31 42.49
N GLN K 408 -2.40 -30.44 37.23
CA GLN K 408 -2.25 -31.43 36.18
C GLN K 408 -0.78 -31.35 35.76
N ILE K 409 -0.03 -32.45 35.95
CA ILE K 409 1.41 -32.48 35.72
C ILE K 409 1.76 -33.40 34.56
N ASP K 410 2.59 -32.92 33.63
CA ASP K 410 3.01 -33.67 32.45
C ASP K 410 4.23 -34.50 32.80
N LEU K 411 3.98 -35.77 33.16
CA LEU K 411 5.05 -36.68 33.59
C LEU K 411 6.00 -37.12 32.43
N SER K 412 5.64 -36.81 31.17
CA SER K 412 6.51 -37.14 30.03
C SER K 412 7.70 -36.18 29.92
N LYS K 413 7.76 -35.13 30.76
CA LYS K 413 8.81 -34.11 30.73
C LYS K 413 10.13 -34.60 31.32
N ILE K 414 10.11 -35.78 31.96
CA ILE K 414 11.32 -36.42 32.50
C ILE K 414 11.35 -37.91 32.04
N SER K 415 12.52 -38.56 32.17
CA SER K 415 12.74 -39.95 31.73
C SER K 415 12.01 -40.96 32.62
N GLY K 416 11.86 -42.18 32.09
CA GLY K 416 11.26 -43.30 32.80
C GLY K 416 9.88 -43.69 32.34
N ALA K 417 9.69 -45.00 32.00
CA ALA K 417 8.37 -45.54 31.63
C ALA K 417 7.44 -45.45 32.85
N LYS K 418 8.02 -45.56 34.06
CA LYS K 418 7.30 -45.40 35.32
C LYS K 418 8.01 -44.35 36.17
N LYS K 419 7.22 -43.64 36.98
CA LYS K 419 7.64 -42.56 37.87
C LYS K 419 7.11 -42.76 39.27
N ASN K 420 7.91 -42.42 40.28
CA ASN K 420 7.47 -42.43 41.68
C ASN K 420 7.19 -41.00 42.10
N ALA K 421 6.15 -40.78 42.92
CA ALA K 421 5.78 -39.43 43.38
C ALA K 421 5.63 -39.39 44.90
N TRP K 422 6.03 -38.25 45.49
CA TRP K 422 5.97 -37.91 46.91
C TRP K 422 5.47 -36.48 47.12
N TRP K 423 4.84 -36.22 48.26
CA TRP K 423 4.53 -34.88 48.75
C TRP K 423 5.64 -34.50 49.72
N TYR K 424 6.15 -33.26 49.62
CA TYR K 424 7.16 -32.72 50.50
C TYR K 424 6.61 -31.42 51.12
N SER K 425 6.40 -31.42 52.44
CA SER K 425 5.84 -30.26 53.13
CA SER K 425 5.84 -30.26 53.15
C SER K 425 6.89 -29.19 53.37
N ALA K 426 6.69 -27.99 52.77
CA ALA K 426 7.67 -26.90 52.91
C ALA K 426 7.78 -26.37 54.36
N LYS K 427 6.70 -26.46 55.17
CA LYS K 427 6.74 -25.94 56.54
C LYS K 427 7.58 -26.82 57.50
N ASP K 428 7.73 -28.14 57.22
CA ASP K 428 8.44 -28.98 58.22
C ASP K 428 9.27 -30.14 57.62
N GLY K 429 9.44 -30.18 56.28
CA GLY K 429 10.20 -31.23 55.62
C GLY K 429 9.58 -32.62 55.61
N LYS K 430 8.30 -32.74 56.01
CA LYS K 430 7.60 -34.03 56.03
C LYS K 430 7.45 -34.59 54.62
N LEU K 431 7.84 -35.84 54.45
CA LEU K 431 7.79 -36.52 53.17
C LEU K 431 6.73 -37.63 53.21
N GLU K 432 5.89 -37.71 52.17
CA GLU K 432 4.86 -38.73 52.10
C GLU K 432 4.77 -39.29 50.69
N TYR K 433 5.03 -40.60 50.56
CA TYR K 433 4.97 -41.28 49.28
C TYR K 433 3.52 -41.35 48.78
N ILE K 434 3.32 -41.10 47.48
CA ILE K 434 2.00 -41.11 46.84
C ILE K 434 1.79 -42.45 46.15
N GLY K 435 2.71 -42.80 45.26
CA GLY K 435 2.65 -44.03 44.49
C GLY K 435 3.44 -43.97 43.21
N GLU K 436 3.23 -44.98 42.37
CA GLU K 436 3.88 -45.15 41.07
C GLU K 436 2.90 -44.80 39.95
N PHE K 437 3.39 -44.08 38.93
CA PHE K 437 2.59 -43.56 37.81
C PHE K 437 3.31 -43.77 36.47
N ASP K 438 2.57 -43.71 35.36
CA ASP K 438 3.12 -43.79 34.00
C ASP K 438 3.55 -42.34 33.54
N SER K 439 3.68 -42.07 32.23
CA SER K 439 4.13 -40.75 31.74
C SER K 439 3.02 -39.85 31.19
N LYS K 440 1.78 -40.17 31.52
CA LYS K 440 0.63 -39.38 31.09
C LYS K 440 0.52 -38.10 31.90
N VAL K 441 -0.25 -37.12 31.38
CA VAL K 441 -0.58 -35.94 32.16
C VAL K 441 -1.42 -36.50 33.33
N THR K 442 -1.01 -36.20 34.57
CA THR K 442 -1.64 -36.76 35.76
C THR K 442 -2.07 -35.69 36.73
N SER K 443 -3.29 -35.86 37.29
CA SER K 443 -3.85 -34.97 38.30
C SER K 443 -3.30 -35.29 39.69
N PHE K 444 -2.89 -34.24 40.41
CA PHE K 444 -2.39 -34.31 41.77
C PHE K 444 -3.04 -33.22 42.61
N GLN K 445 -3.49 -33.61 43.80
CA GLN K 445 -4.05 -32.69 44.80
C GLN K 445 -3.77 -33.24 46.18
N HIS K 446 -3.28 -32.37 47.04
CA HIS K 446 -2.91 -32.72 48.40
C HIS K 446 -4.10 -32.56 49.35
N ASP K 447 -4.26 -33.54 50.25
CA ASP K 447 -5.34 -33.54 51.23
C ASP K 447 -5.00 -32.60 52.42
N SER K 448 -5.26 -31.32 52.24
CA SER K 448 -5.05 -30.28 53.26
C SER K 448 -5.89 -29.06 52.89
N GLY K 449 -6.07 -28.15 53.85
CA GLY K 449 -6.83 -26.92 53.62
C GLY K 449 -6.25 -26.08 52.50
N TYR K 450 -7.12 -25.54 51.66
CA TYR K 450 -6.75 -24.64 50.58
C TYR K 450 -6.25 -23.31 51.19
N LEU K 451 -5.08 -22.82 50.74
CA LEU K 451 -4.48 -21.59 51.26
C LEU K 451 -4.42 -21.62 52.80
N SER K 452 -3.97 -22.75 53.36
CA SER K 452 -3.95 -22.94 54.81
C SER K 452 -2.52 -22.94 55.37
N GLY K 453 -1.52 -22.62 54.56
CA GLY K 453 -0.13 -22.68 55.03
C GLY K 453 0.42 -24.09 54.95
N ASN K 454 -0.22 -24.95 54.14
CA ASN K 454 0.24 -26.34 53.98
C ASN K 454 0.78 -26.58 52.56
N ASP K 455 1.55 -25.60 52.07
CA ASP K 455 2.21 -25.60 50.76
C ASP K 455 3.14 -26.81 50.64
N GLN K 456 3.00 -27.51 49.52
CA GLN K 456 3.76 -28.70 49.24
C GLN K 456 4.60 -28.56 47.99
N VAL K 457 5.65 -29.37 47.96
CA VAL K 457 6.43 -29.64 46.77
C VAL K 457 6.02 -31.02 46.34
N LEU K 458 5.55 -31.15 45.10
CA LEU K 458 5.35 -32.46 44.50
C LEU K 458 6.71 -32.91 43.92
N ILE K 459 7.23 -34.08 44.38
CA ILE K 459 8.49 -34.68 43.94
C ILE K 459 8.14 -35.83 43.04
N VAL K 460 8.65 -35.83 41.79
CA VAL K 460 8.43 -36.93 40.87
C VAL K 460 9.79 -37.36 40.33
N VAL K 461 10.10 -38.66 40.44
CA VAL K 461 11.39 -39.19 40.02
C VAL K 461 11.18 -40.43 39.14
N ASP K 462 12.02 -40.58 38.11
CA ASP K 462 12.13 -41.77 37.26
C ASP K 462 12.27 -42.96 38.23
N SER K 463 11.39 -43.98 38.10
CA SER K 463 11.36 -45.15 39.00
C SER K 463 12.70 -45.92 39.09
N ALA K 464 13.60 -45.76 38.10
CA ALA K 464 14.92 -46.40 38.09
C ALA K 464 15.96 -45.66 38.97
N LYS K 465 15.67 -44.43 39.41
CA LYS K 465 16.59 -43.63 40.22
C LYS K 465 16.23 -43.71 41.71
N ASP K 466 17.25 -43.58 42.57
CA ASP K 466 17.07 -43.74 44.02
C ASP K 466 17.35 -42.46 44.85
N TYR K 467 17.15 -41.25 44.27
CA TYR K 467 17.35 -39.98 44.99
C TYR K 467 16.44 -39.91 46.22
N VAL K 468 15.22 -40.48 46.11
CA VAL K 468 14.22 -40.53 47.18
C VAL K 468 13.73 -41.97 47.32
N GLN K 469 13.66 -42.48 48.57
CA GLN K 469 13.17 -43.83 48.85
C GLN K 469 11.70 -43.77 49.23
N LYS K 470 10.94 -44.80 48.81
CA LYS K 470 9.49 -44.87 49.06
C LYS K 470 9.11 -44.84 50.55
N ALA K 471 9.86 -45.55 51.42
CA ALA K 471 9.56 -45.65 52.85
C ALA K 471 9.95 -44.39 53.67
N TRP K 472 10.73 -43.44 53.11
CA TRP K 472 11.17 -42.24 53.83
C TRP K 472 10.00 -41.32 54.22
N THR K 473 10.05 -40.74 55.41
CA THR K 473 9.05 -39.78 55.91
C THR K 473 9.73 -38.43 56.09
N ALA K 474 11.02 -38.38 55.78
CA ALA K 474 11.90 -37.21 55.82
C ALA K 474 13.05 -37.40 54.85
N LEU K 475 13.65 -36.30 54.39
CA LEU K 475 14.84 -36.37 53.54
C LEU K 475 16.07 -36.38 54.44
N PRO K 476 17.05 -37.28 54.19
CA PRO K 476 18.30 -37.26 55.00
C PRO K 476 19.12 -36.00 54.71
N ASP K 477 20.11 -35.70 55.55
CA ASP K 477 20.98 -34.52 55.39
C ASP K 477 21.80 -34.68 54.11
N ALA K 478 21.38 -33.99 53.03
CA ALA K 478 22.00 -34.10 51.70
C ALA K 478 23.46 -33.62 51.65
N ILE K 479 23.87 -32.72 52.56
CA ILE K 479 25.23 -32.17 52.62
C ILE K 479 26.27 -33.27 52.98
N GLN K 480 25.86 -34.29 53.77
CA GLN K 480 26.74 -35.34 54.27
C GLN K 480 27.42 -36.16 53.17
N LYS K 481 26.89 -36.18 51.93
CA LYS K 481 27.56 -36.94 50.87
C LYS K 481 28.89 -36.24 50.46
N TRP K 482 29.04 -34.93 50.73
CA TRP K 482 30.28 -34.18 50.46
C TRP K 482 31.07 -33.89 51.75
N ASN K 483 30.60 -34.42 52.89
CA ASN K 483 31.22 -34.25 54.20
C ASN K 483 31.78 -35.61 54.64
N LYS L 21 -86.23 32.74 -21.71
CA LYS L 21 -84.87 33.27 -21.70
C LYS L 21 -84.42 33.54 -20.27
N THR L 22 -83.20 33.09 -19.92
CA THR L 22 -82.65 33.25 -18.57
C THR L 22 -82.56 34.73 -18.18
N TYR L 23 -83.14 35.08 -17.03
CA TYR L 23 -83.05 36.44 -16.52
C TYR L 23 -81.69 36.64 -15.86
N ILE L 24 -80.96 37.68 -16.32
CA ILE L 24 -79.64 38.02 -15.80
C ILE L 24 -79.80 39.34 -15.05
N PRO L 25 -79.88 39.33 -13.70
CA PRO L 25 -80.16 40.57 -12.95
C PRO L 25 -79.18 41.73 -13.23
N TRP L 26 -77.86 41.45 -13.32
CA TRP L 26 -76.84 42.49 -13.51
C TRP L 26 -76.86 43.13 -14.92
N LYS L 27 -77.79 42.71 -15.83
CA LYS L 27 -77.94 43.37 -17.13
CA LYS L 27 -77.95 43.37 -17.13
C LYS L 27 -78.48 44.78 -16.85
N ASN L 28 -79.10 44.95 -15.68
CA ASN L 28 -79.69 46.18 -15.17
C ASN L 28 -78.65 47.04 -14.43
N GLY L 29 -77.44 46.52 -14.29
CA GLY L 29 -76.32 47.20 -13.64
C GLY L 29 -76.00 46.64 -12.27
N LYS L 30 -75.03 47.26 -11.58
CA LYS L 30 -74.59 46.89 -10.23
C LYS L 30 -75.71 46.95 -9.19
N LEU L 31 -75.56 46.19 -8.09
CA LEU L 31 -76.48 46.27 -6.96
C LEU L 31 -76.17 47.53 -6.18
N VAL L 32 -77.21 48.24 -5.75
CA VAL L 32 -77.07 49.49 -5.01
C VAL L 32 -78.20 49.57 -3.97
N VAL L 33 -77.91 50.20 -2.83
CA VAL L 33 -78.90 50.38 -1.77
C VAL L 33 -79.84 51.48 -2.25
N SER L 34 -81.17 51.20 -2.27
CA SER L 34 -82.17 52.18 -2.70
C SER L 34 -82.18 53.42 -1.75
N GLU L 35 -82.64 54.57 -2.28
CA GLU L 35 -82.67 55.90 -1.62
CA GLU L 35 -82.70 55.90 -1.65
C GLU L 35 -83.27 55.86 -0.21
N GLU L 36 -84.39 55.12 0.00
CA GLU L 36 -85.06 55.05 1.30
C GLU L 36 -84.31 54.20 2.36
N GLY L 37 -83.21 53.55 1.96
CA GLY L 37 -82.36 52.74 2.83
C GLY L 37 -82.96 51.43 3.32
N ARG L 38 -83.96 50.89 2.60
CA ARG L 38 -84.62 49.64 3.01
C ARG L 38 -84.41 48.49 2.02
N TYR L 39 -84.28 48.81 0.72
CA TYR L 39 -84.21 47.77 -0.31
C TYR L 39 -82.99 47.85 -1.21
N LEU L 40 -82.75 46.76 -1.94
CA LEU L 40 -81.70 46.68 -2.95
C LEU L 40 -82.31 46.87 -4.33
N LYS L 41 -81.58 47.57 -5.19
CA LYS L 41 -81.99 47.83 -6.57
C LYS L 41 -80.76 47.68 -7.47
N HIS L 42 -80.97 47.71 -8.79
CA HIS L 42 -79.89 47.77 -9.75
C HIS L 42 -79.67 49.25 -10.06
N GLU L 43 -78.55 49.61 -10.72
CA GLU L 43 -78.24 51.01 -11.08
C GLU L 43 -79.38 51.71 -11.86
N ASN L 44 -80.06 50.97 -12.76
CA ASN L 44 -81.13 51.51 -13.59
C ASN L 44 -82.50 51.62 -12.84
N GLY L 45 -82.53 51.25 -11.56
CA GLY L 45 -83.71 51.35 -10.72
C GLY L 45 -84.56 50.10 -10.57
N VAL L 46 -84.24 49.04 -11.34
CA VAL L 46 -85.00 47.78 -11.29
C VAL L 46 -84.79 47.12 -9.91
N PRO L 47 -85.89 46.69 -9.22
CA PRO L 47 -85.72 46.03 -7.91
C PRO L 47 -84.90 44.76 -7.93
N PHE L 48 -84.24 44.45 -6.83
CA PHE L 48 -83.58 43.17 -6.62
C PHE L 48 -84.14 42.53 -5.36
N PHE L 49 -85.09 41.60 -5.54
CA PHE L 49 -85.63 40.87 -4.40
C PHE L 49 -84.72 39.67 -4.21
N TRP L 50 -83.85 39.77 -3.20
CA TRP L 50 -82.90 38.74 -2.83
C TRP L 50 -83.63 37.49 -2.35
N LEU L 51 -83.47 36.39 -3.06
CA LEU L 51 -84.01 35.11 -2.62
C LEU L 51 -82.81 34.16 -2.57
N GLY L 52 -82.31 33.95 -1.36
CA GLY L 52 -81.09 33.19 -1.13
C GLY L 52 -81.22 31.72 -0.79
N GLU L 53 -80.27 30.94 -1.28
CA GLU L 53 -80.09 29.50 -0.97
C GLU L 53 -78.74 29.34 -0.27
N THR L 54 -78.62 28.37 0.64
CA THR L 54 -77.41 28.19 1.43
C THR L 54 -76.65 26.92 0.98
N GLY L 55 -75.59 27.12 0.22
CA GLY L 55 -74.74 26.03 -0.26
C GLY L 55 -73.37 26.13 0.36
N TRP L 56 -73.31 26.22 1.71
CA TRP L 56 -72.06 26.46 2.44
C TRP L 56 -70.86 25.64 1.95
N LEU L 57 -70.99 24.31 1.85
CA LEU L 57 -69.85 23.45 1.53
C LEU L 57 -69.70 23.08 0.04
N MSE L 58 -70.37 23.83 -0.86
CA MSE L 58 -70.23 23.59 -2.30
C MSE L 58 -68.76 23.70 -2.79
O MSE L 58 -68.34 22.78 -3.50
CB MSE L 58 -71.12 24.55 -3.11
CG MSE L 58 -70.73 24.63 -4.58
SE MSE L 58 -72.12 25.30 -5.76
CE MSE L 58 -72.56 26.96 -4.91
N PRO L 59 -67.95 24.75 -2.45
CA PRO L 59 -66.57 24.80 -2.96
C PRO L 59 -65.70 23.62 -2.52
N GLN L 60 -65.98 23.03 -1.36
CA GLN L 60 -65.18 21.92 -0.82
C GLN L 60 -65.72 20.55 -1.20
N ARG L 61 -67.04 20.42 -1.44
CA ARG L 61 -67.60 19.08 -1.63
C ARG L 61 -68.14 18.72 -3.00
N LEU L 62 -68.55 19.71 -3.79
CA LEU L 62 -69.17 19.41 -5.07
C LEU L 62 -68.18 19.41 -6.23
N ASN L 63 -68.34 18.43 -7.14
CA ASN L 63 -67.51 18.42 -8.35
C ASN L 63 -68.21 19.31 -9.38
N ARG L 64 -67.62 19.46 -10.58
CA ARG L 64 -68.14 20.36 -11.62
C ARG L 64 -69.58 20.03 -12.08
N ASP L 65 -69.91 18.76 -12.27
CA ASP L 65 -71.25 18.40 -12.74
C ASP L 65 -72.29 18.58 -11.62
N GLU L 66 -71.89 18.38 -10.35
CA GLU L 66 -72.79 18.57 -9.20
C GLU L 66 -73.09 20.06 -8.99
N VAL L 67 -72.09 20.92 -9.21
CA VAL L 67 -72.24 22.38 -9.13
C VAL L 67 -73.32 22.80 -10.14
N SER L 68 -73.23 22.29 -11.40
CA SER L 68 -74.21 22.63 -12.46
C SER L 68 -75.62 22.20 -12.11
N TYR L 69 -75.78 20.96 -11.59
CA TYR L 69 -77.07 20.42 -11.21
C TYR L 69 -77.69 21.22 -10.05
N TYR L 70 -76.93 21.46 -8.98
CA TYR L 70 -77.40 22.20 -7.81
C TYR L 70 -77.83 23.62 -8.23
N LEU L 71 -76.97 24.35 -8.99
CA LEU L 71 -77.29 25.69 -9.42
C LEU L 71 -78.47 25.71 -10.39
N ASN L 72 -78.65 24.67 -11.23
CA ASN L 72 -79.82 24.57 -12.13
C ASN L 72 -81.10 24.48 -11.30
N LYS L 73 -81.09 23.63 -10.25
CA LYS L 73 -82.22 23.44 -9.33
C LYS L 73 -82.53 24.74 -8.59
N CYS L 74 -81.47 25.47 -8.15
CA CYS L 74 -81.62 26.77 -7.48
C CYS L 74 -82.31 27.75 -8.39
N LYS L 75 -81.82 27.86 -9.66
CA LYS L 75 -82.38 28.77 -10.68
C LYS L 75 -83.86 28.48 -10.90
N ASP L 76 -84.22 27.20 -11.14
CA ASP L 76 -85.60 26.78 -11.39
C ASP L 76 -86.52 27.01 -10.18
N ALA L 77 -85.98 27.06 -8.96
CA ALA L 77 -86.76 27.29 -7.76
C ALA L 77 -86.82 28.78 -7.39
N GLY L 78 -86.36 29.65 -8.31
CA GLY L 78 -86.40 31.10 -8.16
C GLY L 78 -85.30 31.79 -7.37
N TYR L 79 -84.29 31.03 -6.87
CA TYR L 79 -83.18 31.63 -6.12
C TYR L 79 -82.26 32.44 -7.03
N ASN L 80 -81.83 33.62 -6.56
CA ASN L 80 -80.94 34.49 -7.32
C ASN L 80 -79.65 34.81 -6.53
N MSE L 81 -79.49 34.15 -5.37
CA MSE L 81 -78.31 34.31 -4.50
C MSE L 81 -78.01 32.98 -3.86
O MSE L 81 -78.88 32.38 -3.23
CB MSE L 81 -78.57 35.40 -3.43
CG MSE L 81 -77.29 35.99 -2.77
SE MSE L 81 -76.25 34.77 -1.59
CE MSE L 81 -77.64 34.19 -0.30
N VAL L 82 -76.80 32.45 -4.07
CA VAL L 82 -76.38 31.18 -3.46
C VAL L 82 -75.13 31.52 -2.64
N GLN L 83 -75.20 31.32 -1.31
CA GLN L 83 -74.06 31.66 -0.47
C GLN L 83 -73.22 30.44 -0.17
N VAL L 84 -71.89 30.65 -0.11
CA VAL L 84 -70.91 29.59 0.12
C VAL L 84 -69.87 30.02 1.16
N GLN L 85 -69.19 29.05 1.74
CA GLN L 85 -68.02 29.26 2.57
C GLN L 85 -66.84 29.14 1.61
N VAL L 86 -66.24 30.26 1.24
CA VAL L 86 -65.08 30.29 0.32
C VAL L 86 -63.96 29.45 0.95
N LEU L 87 -63.73 29.66 2.27
CA LEU L 87 -62.81 28.90 3.10
C LEU L 87 -63.53 28.45 4.35
N ASN L 88 -63.41 27.17 4.70
CA ASN L 88 -64.01 26.64 5.93
C ASN L 88 -62.86 26.25 6.91
N GLY L 89 -61.61 26.46 6.48
CA GLY L 89 -60.42 26.15 7.24
C GLY L 89 -59.17 26.74 6.61
N VAL L 90 -58.04 26.68 7.33
CA VAL L 90 -56.76 27.21 6.87
C VAL L 90 -55.72 26.05 6.92
N PRO L 91 -55.44 25.38 5.77
CA PRO L 91 -56.07 25.59 4.44
C PRO L 91 -57.39 24.82 4.32
N SER L 92 -58.11 25.08 3.22
CA SER L 92 -59.32 24.32 2.88
C SER L 92 -58.92 23.30 1.80
N MSE L 93 -59.76 22.31 1.57
CA MSE L 93 -59.51 21.25 0.59
C MSE L 93 -60.79 21.02 -0.20
O MSE L 93 -61.87 21.08 0.39
CB MSE L 93 -59.07 19.97 1.33
CG MSE L 93 -58.93 18.73 0.44
SE MSE L 93 -57.09 18.34 0.02
CE MSE L 93 -56.38 18.18 1.81
N ASN L 94 -60.70 20.78 -1.50
CA ASN L 94 -61.90 20.52 -2.26
C ASN L 94 -62.00 19.00 -2.60
N ILE L 95 -63.06 18.61 -3.32
CA ILE L 95 -63.35 17.22 -3.67
C ILE L 95 -62.29 16.62 -4.61
N TYR L 96 -61.56 17.48 -5.35
CA TYR L 96 -60.52 17.04 -6.26
C TYR L 96 -59.18 16.80 -5.54
N GLY L 97 -59.13 17.08 -4.24
CA GLY L 97 -57.92 16.93 -3.45
C GLY L 97 -56.94 18.06 -3.67
N GLN L 98 -57.50 19.27 -3.91
CA GLN L 98 -56.70 20.49 -4.11
C GLN L 98 -56.73 21.35 -2.85
N TYR L 99 -55.57 21.88 -2.45
CA TYR L 99 -55.45 22.80 -1.32
C TYR L 99 -55.81 24.22 -1.76
N SER L 100 -56.45 24.99 -0.85
CA SER L 100 -56.77 26.41 -1.10
C SER L 100 -55.53 27.27 -1.01
N MSE L 101 -54.57 26.83 -0.20
CA MSE L 101 -53.30 27.54 0.04
C MSE L 101 -52.16 26.57 0.22
O MSE L 101 -52.30 25.56 0.91
CB MSE L 101 -53.42 28.46 1.27
CG MSE L 101 -54.07 29.80 0.96
SE MSE L 101 -55.95 29.86 1.51
CE MSE L 101 -55.57 29.91 3.47
N THR L 102 -51.03 26.90 -0.40
CA THR L 102 -49.80 26.10 -0.35
C THR L 102 -48.76 26.81 0.51
N ASP L 103 -48.73 28.16 0.44
CA ASP L 103 -47.75 28.97 1.17
C ASP L 103 -48.45 30.04 2.02
N GLY L 104 -49.31 29.59 2.95
CA GLY L 104 -50.06 30.47 3.84
C GLY L 104 -50.90 31.47 3.07
N PHE L 105 -50.88 32.74 3.52
CA PHE L 105 -51.65 33.78 2.85
C PHE L 105 -50.80 34.53 1.78
N ASN L 106 -49.85 33.82 1.13
CA ASN L 106 -49.07 34.30 -0.01
C ASN L 106 -49.72 33.67 -1.26
N PHE L 107 -50.39 34.50 -2.08
CA PHE L 107 -51.13 34.02 -3.25
C PHE L 107 -50.47 34.32 -4.60
N LYS L 108 -49.21 34.80 -4.59
CA LYS L 108 -48.46 35.15 -5.79
C LYS L 108 -48.41 34.00 -6.84
N ASP L 109 -48.13 32.77 -6.39
CA ASP L 109 -48.01 31.61 -7.28
C ASP L 109 -49.14 30.57 -7.07
N ILE L 110 -50.36 31.05 -6.73
CA ILE L 110 -51.51 30.18 -6.50
C ILE L 110 -51.97 29.52 -7.83
N ASN L 111 -51.88 30.23 -8.96
CA ASN L 111 -52.24 29.69 -10.26
C ASN L 111 -51.07 28.92 -10.85
N ARG L 112 -51.29 27.63 -11.17
CA ARG L 112 -50.27 26.77 -11.77
C ARG L 112 -50.80 26.31 -13.11
N LYS L 113 -50.04 26.57 -14.20
CA LYS L 113 -50.47 26.23 -15.55
C LYS L 113 -50.72 24.71 -15.69
N GLY L 114 -51.80 24.37 -16.35
CA GLY L 114 -52.18 22.98 -16.55
C GLY L 114 -52.79 22.26 -15.34
N ILE L 115 -52.98 22.98 -14.21
CA ILE L 115 -53.57 22.43 -12.98
C ILE L 115 -54.91 23.12 -12.73
N TYR L 116 -55.95 22.31 -12.45
CA TYR L 116 -57.25 22.82 -12.09
C TYR L 116 -57.25 22.93 -10.56
N GLY L 117 -56.86 24.09 -10.07
CA GLY L 117 -56.74 24.31 -8.63
C GLY L 117 -58.02 24.58 -7.88
N TYR L 118 -57.90 24.74 -6.56
CA TYR L 118 -59.01 25.06 -5.67
C TYR L 118 -59.74 26.35 -6.14
N TRP L 119 -58.95 27.40 -6.50
CA TRP L 119 -59.49 28.70 -6.93
C TRP L 119 -60.00 28.65 -8.35
N ASP L 120 -59.53 27.69 -9.18
CA ASP L 120 -60.06 27.54 -10.53
C ASP L 120 -61.45 26.91 -10.43
N HIS L 121 -61.67 26.05 -9.43
CA HIS L 121 -62.97 25.45 -9.18
C HIS L 121 -63.90 26.54 -8.61
N MSE L 122 -63.34 27.45 -7.76
CA MSE L 122 -64.09 28.60 -7.21
C MSE L 122 -64.55 29.51 -8.38
O MSE L 122 -65.72 29.90 -8.43
CB MSE L 122 -63.25 29.39 -6.18
CG MSE L 122 -64.03 30.41 -5.35
SE MSE L 122 -65.40 29.65 -4.15
CE MSE L 122 -67.00 30.18 -5.16
N ASP L 123 -63.65 29.76 -9.35
CA ASP L 123 -63.95 30.55 -10.57
C ASP L 123 -65.09 29.91 -11.36
N TYR L 124 -65.05 28.57 -11.53
CA TYR L 124 -66.06 27.80 -12.26
C TYR L 124 -67.44 27.90 -11.56
N ILE L 125 -67.47 27.84 -10.20
CA ILE L 125 -68.71 27.95 -9.44
C ILE L 125 -69.38 29.33 -9.74
N ILE L 126 -68.57 30.41 -9.72
CA ILE L 126 -69.05 31.77 -9.99
C ILE L 126 -69.56 31.89 -11.45
N LYS L 127 -68.81 31.34 -12.43
CA LYS L 127 -69.20 31.37 -13.85
C LYS L 127 -70.47 30.54 -14.09
N SER L 128 -70.60 29.41 -13.37
CA SER L 128 -71.79 28.55 -13.47
C SER L 128 -73.01 29.29 -12.92
N ALA L 129 -72.85 30.01 -11.80
CA ALA L 129 -73.94 30.81 -11.24
C ALA L 129 -74.29 31.97 -12.18
N ALA L 130 -73.27 32.62 -12.78
CA ALA L 130 -73.45 33.76 -13.70
C ALA L 130 -74.33 33.40 -14.90
N SER L 131 -74.13 32.22 -15.53
CA SER L 131 -74.93 31.81 -16.69
C SER L 131 -76.38 31.50 -16.29
N ARG L 132 -76.65 31.40 -14.98
CA ARG L 132 -77.98 31.10 -14.45
C ARG L 132 -78.64 32.32 -13.77
N GLY L 133 -77.98 33.48 -13.82
CA GLY L 133 -78.48 34.71 -13.23
C GLY L 133 -78.47 34.69 -11.71
N ILE L 134 -77.46 34.03 -11.13
CA ILE L 134 -77.33 33.88 -9.68
C ILE L 134 -76.08 34.57 -9.15
N TYR L 135 -76.23 35.35 -8.06
CA TYR L 135 -75.13 35.97 -7.33
C TYR L 135 -74.53 34.98 -6.37
N ILE L 136 -73.21 34.98 -6.22
CA ILE L 136 -72.60 34.14 -5.20
C ILE L 136 -72.33 35.03 -3.98
N GLY L 137 -72.87 34.62 -2.83
CA GLY L 137 -72.63 35.26 -1.53
C GLY L 137 -71.34 34.65 -1.03
N MSE L 138 -70.24 35.40 -1.12
CA MSE L 138 -68.90 34.93 -0.81
C MSE L 138 -68.56 35.13 0.66
O MSE L 138 -68.12 36.23 1.04
CB MSE L 138 -67.85 35.69 -1.68
CG MSE L 138 -68.03 35.51 -3.19
SE MSE L 138 -67.38 33.80 -3.79
CE MSE L 138 -65.43 34.25 -3.91
N VAL L 139 -68.72 34.08 1.49
CA VAL L 139 -68.26 34.17 2.89
C VAL L 139 -66.75 33.90 2.79
N CYS L 140 -65.95 34.98 2.71
CA CYS L 140 -64.48 34.96 2.53
C CYS L 140 -63.82 33.83 3.34
N ILE L 141 -64.12 33.77 4.64
CA ILE L 141 -63.59 32.76 5.53
C ILE L 141 -64.54 32.62 6.72
N TRP L 142 -64.98 31.39 7.01
CA TRP L 142 -65.85 31.08 8.14
C TRP L 142 -65.18 31.50 9.45
N GLY L 143 -65.98 31.90 10.42
CA GLY L 143 -65.46 32.41 11.70
C GLY L 143 -64.57 31.47 12.49
N THR L 144 -64.85 30.15 12.49
CA THR L 144 -64.08 29.14 13.26
C THR L 144 -62.55 29.27 13.07
N PRO L 145 -61.93 29.17 11.85
CA PRO L 145 -60.46 29.30 11.77
C PRO L 145 -59.94 30.66 12.23
N VAL L 146 -60.73 31.75 12.02
CA VAL L 146 -60.35 33.11 12.44
C VAL L 146 -60.34 33.17 13.98
N GLU L 147 -61.38 32.61 14.64
CA GLU L 147 -61.46 32.54 16.12
C GLU L 147 -60.27 31.74 16.69
N GLN L 148 -59.81 30.71 15.94
CA GLN L 148 -58.66 29.85 16.31
C GLN L 148 -57.30 30.51 16.02
N GLY L 149 -57.31 31.76 15.55
CA GLY L 149 -56.10 32.54 15.26
C GLY L 149 -55.36 32.18 14.00
N LEU L 150 -56.04 31.55 13.04
CA LEU L 150 -55.42 31.08 11.79
C LEU L 150 -55.38 32.17 10.69
N MSE L 151 -55.94 33.36 10.96
CA MSE L 151 -55.86 34.49 10.04
C MSE L 151 -55.73 35.77 10.84
O MSE L 151 -56.73 36.26 11.36
CB MSE L 151 -57.04 34.55 9.06
CG MSE L 151 -56.84 35.66 8.00
SE MSE L 151 -58.20 35.82 6.64
CE MSE L 151 -59.54 36.83 7.63
N ASN L 152 -54.50 36.33 10.93
CA ASN L 152 -54.26 37.56 11.66
C ASN L 152 -54.57 38.79 10.76
N GLU L 153 -54.39 40.01 11.28
CA GLU L 153 -54.67 41.27 10.56
C GLU L 153 -53.89 41.44 9.25
N LYS L 154 -52.59 41.08 9.25
CA LYS L 154 -51.74 41.22 8.07
C LYS L 154 -52.12 40.19 7.00
N GLU L 155 -52.43 38.96 7.43
CA GLU L 155 -52.90 37.90 6.53
C GLU L 155 -54.25 38.27 5.91
N ALA L 156 -55.15 38.93 6.71
CA ALA L 156 -56.49 39.38 6.28
C ALA L 156 -56.38 40.41 5.15
N VAL L 157 -55.39 41.32 5.25
CA VAL L 157 -55.12 42.35 4.21
C VAL L 157 -54.71 41.63 2.90
N ALA L 158 -53.77 40.68 2.99
CA ALA L 158 -53.28 39.90 1.84
C ALA L 158 -54.40 39.05 1.20
N TYR L 159 -55.26 38.43 2.04
CA TYR L 159 -56.37 37.63 1.55
C TYR L 159 -57.40 38.52 0.83
N GLY L 160 -57.68 39.69 1.41
CA GLY L 160 -58.59 40.68 0.84
C GLY L 160 -58.14 41.19 -0.52
N LYS L 161 -56.84 41.45 -0.67
CA LYS L 161 -56.23 41.91 -1.93
C LYS L 161 -56.34 40.81 -3.01
N PHE L 162 -56.08 39.55 -2.64
CA PHE L 162 -56.20 38.40 -3.53
C PHE L 162 -57.66 38.25 -4.04
N LEU L 163 -58.64 38.25 -3.13
CA LEU L 163 -60.05 38.07 -3.48
C LEU L 163 -60.57 39.20 -4.36
N ALA L 164 -60.29 40.46 -3.97
CA ALA L 164 -60.76 41.62 -4.69
C ALA L 164 -60.19 41.67 -6.10
N GLU L 165 -58.89 41.42 -6.28
CA GLU L 165 -58.26 41.44 -7.60
C GLU L 165 -58.79 40.30 -8.49
N ARG L 166 -58.98 39.10 -7.91
CA ARG L 166 -59.45 37.95 -8.68
C ARG L 166 -60.93 38.09 -9.10
N TYR L 167 -61.79 38.69 -8.24
CA TYR L 167 -63.23 38.68 -8.51
C TYR L 167 -63.93 40.03 -8.72
N LYS L 168 -63.24 41.17 -8.69
CA LYS L 168 -63.90 42.48 -8.88
C LYS L 168 -64.60 42.60 -10.26
N ASP L 169 -64.06 41.92 -11.31
CA ASP L 169 -64.62 41.99 -12.66
C ASP L 169 -65.70 40.91 -12.92
N GLU L 170 -65.98 40.05 -11.92
CA GLU L 170 -67.07 39.07 -11.98
C GLU L 170 -68.31 39.80 -11.49
N PRO L 171 -69.38 39.96 -12.29
CA PRO L 171 -70.50 40.80 -11.84
C PRO L 171 -71.34 40.23 -10.68
N ASN L 172 -71.47 38.90 -10.61
CA ASN L 172 -72.37 38.22 -9.69
C ASN L 172 -71.73 37.85 -8.33
N ILE L 173 -71.24 38.87 -7.60
CA ILE L 173 -70.59 38.70 -6.30
C ILE L 173 -71.20 39.60 -5.25
N ILE L 174 -71.39 39.07 -4.03
CA ILE L 174 -71.79 39.78 -2.83
C ILE L 174 -70.78 39.36 -1.76
N TRP L 175 -70.03 40.32 -1.19
CA TRP L 175 -69.00 40.00 -0.20
C TRP L 175 -69.58 39.80 1.17
N MSE L 176 -69.23 38.69 1.83
CA MSE L 176 -69.73 38.43 3.17
C MSE L 176 -68.58 38.26 4.15
O MSE L 176 -67.86 37.26 4.12
CB MSE L 176 -70.64 37.20 3.18
CG MSE L 176 -71.93 37.44 2.45
SE MSE L 176 -73.00 35.83 2.46
CE MSE L 176 -74.53 36.61 1.53
N ILE L 177 -68.42 39.27 5.00
CA ILE L 177 -67.41 39.27 6.06
C ILE L 177 -68.00 38.43 7.23
N GLY L 178 -67.14 37.90 8.09
CA GLY L 178 -67.60 37.08 9.21
C GLY L 178 -67.97 35.68 8.78
N GLY L 179 -69.00 35.13 9.43
CA GLY L 179 -69.45 33.76 9.18
C GLY L 179 -69.68 33.05 10.49
N ASP L 180 -70.92 33.19 11.01
CA ASP L 180 -71.40 32.63 12.28
C ASP L 180 -70.49 33.04 13.45
N ILE L 181 -70.16 34.31 13.52
CA ILE L 181 -69.29 34.86 14.56
C ILE L 181 -69.79 36.25 15.00
N ARG L 182 -69.63 36.57 16.29
CA ARG L 182 -69.96 37.89 16.82
C ARG L 182 -69.00 38.93 16.24
N GLY L 183 -69.52 40.11 15.95
CA GLY L 183 -68.72 41.21 15.43
C GLY L 183 -67.66 41.73 16.38
N ASP L 184 -67.79 41.45 17.70
CA ASP L 184 -66.82 41.88 18.72
C ASP L 184 -65.77 40.75 18.96
N ASN L 185 -65.78 39.74 18.11
CA ASN L 185 -64.83 38.63 18.15
C ASN L 185 -63.90 38.76 16.95
N LYS L 186 -62.61 39.09 17.21
CA LYS L 186 -61.57 39.31 16.19
C LYS L 186 -61.93 40.49 15.24
N THR L 187 -62.56 41.55 15.80
CA THR L 187 -63.04 42.73 15.07
C THR L 187 -61.98 43.34 14.14
N GLU L 188 -60.74 43.47 14.63
CA GLU L 188 -59.61 44.06 13.90
C GLU L 188 -59.30 43.24 12.64
N VAL L 189 -59.46 41.91 12.72
CA VAL L 189 -59.20 41.02 11.59
C VAL L 189 -60.31 41.22 10.53
N TRP L 190 -61.59 41.23 10.97
CA TRP L 190 -62.74 41.41 10.07
C TRP L 190 -62.67 42.78 9.39
N ASP L 191 -62.32 43.86 10.15
CA ASP L 191 -62.19 45.21 9.59
C ASP L 191 -61.04 45.27 8.56
N ALA L 192 -59.89 44.61 8.85
CA ALA L 192 -58.74 44.56 7.95
C ALA L 192 -59.10 43.83 6.65
N LEU L 193 -59.82 42.70 6.73
CA LEU L 193 -60.26 41.98 5.54
C LEU L 193 -61.23 42.85 4.70
N ALA L 194 -62.27 43.42 5.35
CA ALA L 194 -63.31 44.24 4.74
C ALA L 194 -62.74 45.47 4.03
N ASN L 195 -61.87 46.23 4.72
CA ASN L 195 -61.27 47.43 4.14
C ASN L 195 -60.29 47.09 3.01
N SER L 196 -59.62 45.92 3.08
CA SER L 196 -58.69 45.51 2.01
C SER L 196 -59.45 45.24 0.70
N ILE L 197 -60.56 44.47 0.78
CA ILE L 197 -61.39 44.20 -0.39
C ILE L 197 -62.00 45.52 -0.92
N ARG L 198 -62.59 46.32 -0.01
CA ARG L 198 -63.24 47.60 -0.30
C ARG L 198 -62.31 48.60 -1.00
N SER L 199 -61.01 48.58 -0.69
CA SER L 199 -60.04 49.50 -1.31
C SER L 199 -59.87 49.24 -2.82
N ILE L 200 -60.15 47.99 -3.27
CA ILE L 200 -59.99 47.57 -4.66
C ILE L 200 -61.33 47.38 -5.36
N ASP L 201 -62.29 46.73 -4.70
CA ASP L 201 -63.59 46.42 -5.28
C ASP L 201 -64.66 47.44 -4.89
N LYS L 202 -64.98 48.32 -5.84
CA LYS L 202 -65.99 49.36 -5.68
C LYS L 202 -67.27 49.04 -6.48
N GLY L 203 -67.38 47.80 -6.98
CA GLY L 203 -68.51 47.36 -7.79
C GLY L 203 -69.42 46.28 -7.21
N HIS L 204 -69.15 45.88 -5.95
CA HIS L 204 -69.94 44.86 -5.26
C HIS L 204 -70.33 45.30 -3.87
N LEU L 205 -71.50 44.85 -3.42
CA LEU L 205 -71.97 45.16 -2.08
C LEU L 205 -71.28 44.26 -1.06
N MSE L 206 -71.19 44.73 0.19
CA MSE L 206 -70.55 43.99 1.27
C MSE L 206 -71.40 44.02 2.52
O MSE L 206 -72.09 45.01 2.80
CB MSE L 206 -69.18 44.61 1.54
CG MSE L 206 -68.33 43.82 2.53
SE MSE L 206 -66.60 44.66 2.75
CE MSE L 206 -65.91 44.21 1.05
N THR L 207 -71.31 42.94 3.31
CA THR L 207 -72.06 42.78 4.55
C THR L 207 -71.27 41.87 5.53
N PHE L 208 -71.90 41.50 6.66
CA PHE L 208 -71.30 40.68 7.69
C PHE L 208 -72.29 39.61 8.13
N HIS L 209 -71.84 38.33 8.18
CA HIS L 209 -72.65 37.18 8.61
C HIS L 209 -72.39 36.94 10.08
N PRO L 210 -73.39 37.18 10.96
CA PRO L 210 -73.14 37.10 12.40
C PRO L 210 -73.54 35.77 13.04
N ARG L 211 -73.25 35.66 14.34
CA ARG L 211 -73.57 34.52 15.21
C ARG L 211 -75.10 34.40 15.36
N GLY L 212 -75.56 33.20 15.70
CA GLY L 212 -76.97 32.93 15.95
C GLY L 212 -77.53 33.86 17.01
N ARG L 213 -78.74 34.37 16.79
CA ARG L 213 -79.50 35.28 17.66
C ARG L 213 -78.86 36.67 17.73
N THR L 214 -78.02 37.02 16.73
CA THR L 214 -77.41 38.36 16.68
C THR L 214 -77.62 38.96 15.29
N THR L 215 -77.43 40.27 15.19
CA THR L 215 -77.51 41.02 13.95
C THR L 215 -76.21 41.75 13.76
N SER L 216 -75.73 41.85 12.51
CA SER L 216 -74.51 42.63 12.19
C SER L 216 -74.68 44.11 12.58
N ALA L 217 -75.95 44.59 12.65
CA ALA L 217 -76.27 45.99 13.01
C ALA L 217 -75.76 46.37 14.40
N THR L 218 -75.62 45.38 15.32
CA THR L 218 -75.14 45.57 16.69
C THR L 218 -73.72 46.15 16.71
N TRP L 219 -72.84 45.74 15.77
CA TRP L 219 -71.45 46.20 15.75
C TRP L 219 -71.05 47.03 14.53
N PHE L 220 -71.66 46.78 13.36
CA PHE L 220 -71.18 47.39 12.14
C PHE L 220 -72.19 48.27 11.36
N ASN L 221 -73.27 48.74 12.00
CA ASN L 221 -74.24 49.59 11.29
C ASN L 221 -73.58 50.86 10.75
N ASP L 222 -72.56 51.41 11.46
CA ASP L 222 -71.87 52.64 11.08
C ASP L 222 -70.64 52.41 10.21
N ARG L 223 -70.24 51.15 9.90
CA ARG L 223 -69.07 50.90 9.06
CA ARG L 223 -69.07 50.89 9.06
C ARG L 223 -69.34 51.31 7.62
N GLU L 224 -68.39 52.03 7.00
CA GLU L 224 -68.50 52.48 5.61
C GLU L 224 -68.46 51.27 4.64
N TRP L 225 -67.78 50.19 5.04
CA TRP L 225 -67.67 48.99 4.21
C TRP L 225 -68.96 48.15 4.21
N LEU L 226 -69.86 48.34 5.20
CA LEU L 226 -71.11 47.59 5.28
C LEU L 226 -72.25 48.34 4.56
N ASP L 227 -72.77 47.73 3.47
CA ASP L 227 -73.84 48.32 2.69
C ASP L 227 -75.22 47.99 3.27
N PHE L 228 -75.34 46.78 3.83
CA PHE L 228 -76.60 46.31 4.42
C PHE L 228 -76.31 45.34 5.53
N ASN L 229 -77.30 45.12 6.40
CA ASN L 229 -77.16 44.23 7.54
C ASN L 229 -77.76 42.88 7.33
N MSE L 230 -77.26 41.88 8.07
CA MSE L 230 -77.78 40.52 8.05
C MSE L 230 -77.86 40.00 9.47
O MSE L 230 -77.03 40.35 10.30
CB MSE L 230 -76.90 39.56 7.21
CG MSE L 230 -76.68 40.04 5.77
SE MSE L 230 -76.18 38.59 4.57
CE MSE L 230 -74.65 37.86 5.53
N PHE L 231 -78.86 39.17 9.75
CA PHE L 231 -78.97 38.54 11.06
C PHE L 231 -79.15 37.06 10.87
N GLN L 232 -78.93 36.31 11.94
CA GLN L 232 -79.12 34.87 11.96
C GLN L 232 -80.14 34.55 13.05
N SER L 233 -81.37 34.21 12.66
CA SER L 233 -82.42 33.89 13.61
C SER L 233 -82.44 32.41 14.00
N GLY L 234 -81.84 31.55 13.18
CA GLY L 234 -81.77 30.12 13.44
C GLY L 234 -80.92 29.84 14.68
N HIS L 235 -81.08 28.69 15.36
CA HIS L 235 -81.97 27.56 15.02
C HIS L 235 -82.68 27.06 16.28
N ARG L 236 -82.72 27.89 17.33
CA ARG L 236 -83.39 27.55 18.60
C ARG L 236 -84.89 27.85 18.53
N ARG L 237 -85.67 27.04 19.25
CA ARG L 237 -87.13 27.21 19.40
C ARG L 237 -87.40 28.10 20.63
N TYR L 238 -88.68 28.50 20.84
CA TYR L 238 -89.11 29.24 22.02
C TYR L 238 -88.68 28.51 23.31
N GLY L 239 -88.08 29.27 24.23
CA GLY L 239 -87.65 28.78 25.54
C GLY L 239 -86.46 27.84 25.56
N GLN L 240 -85.57 27.90 24.57
CA GLN L 240 -84.39 27.04 24.51
C GLN L 240 -83.07 27.77 24.91
N ARG L 241 -83.10 28.60 25.97
CA ARG L 241 -81.89 29.30 26.46
C ARG L 241 -80.86 28.28 26.99
N ASN L 242 -81.36 27.23 27.67
CA ASN L 242 -80.64 26.09 28.24
C ASN L 242 -79.44 26.52 29.13
N GLY L 243 -79.69 27.51 29.99
CA GLY L 243 -78.73 28.02 30.95
C GLY L 243 -77.71 29.05 30.51
N ASP L 244 -77.53 29.26 29.19
CA ASP L 244 -76.55 30.19 28.57
C ASP L 244 -76.42 31.53 29.33
N GLY L 245 -75.17 31.89 29.65
CA GLY L 245 -74.80 33.08 30.40
C GLY L 245 -75.19 34.43 29.84
N ASP L 246 -74.77 34.73 28.59
CA ASP L 246 -75.04 36.01 27.93
C ASP L 246 -75.99 35.83 26.72
N TYR L 247 -77.32 35.78 26.98
CA TYR L 247 -78.32 35.63 25.93
C TYR L 247 -78.53 36.98 25.24
N PRO L 248 -78.32 37.07 23.91
CA PRO L 248 -78.44 38.38 23.23
C PRO L 248 -79.88 38.79 22.93
N ILE L 249 -80.86 37.93 23.30
CA ILE L 249 -82.30 38.19 23.08
C ILE L 249 -83.11 37.94 24.36
N GLU L 250 -84.31 38.53 24.44
CA GLU L 250 -85.29 38.35 25.51
C GLU L 250 -85.75 36.87 25.57
N GLU L 251 -85.96 36.34 26.78
CA GLU L 251 -86.43 34.96 27.02
C GLU L 251 -87.78 34.71 26.31
N ASN L 252 -87.94 33.49 25.72
CA ASN L 252 -89.16 33.00 25.05
C ASN L 252 -89.56 33.84 23.80
N THR L 253 -88.58 34.39 23.07
CA THR L 253 -88.83 35.16 21.84
C THR L 253 -87.98 34.63 20.66
N GLU L 254 -87.36 33.44 20.82
CA GLU L 254 -86.46 32.85 19.81
C GLU L 254 -87.03 32.81 18.39
N GLU L 255 -88.30 32.42 18.25
CA GLU L 255 -88.93 32.22 16.95
C GLU L 255 -89.52 33.50 16.34
N ASP L 256 -89.45 34.63 17.08
CA ASP L 256 -89.95 35.92 16.58
C ASP L 256 -88.85 36.62 15.81
N ASN L 257 -88.50 36.10 14.61
CA ASN L 257 -87.39 36.67 13.82
C ASN L 257 -87.69 38.10 13.33
N TRP L 258 -88.99 38.51 13.36
CA TRP L 258 -89.41 39.87 13.05
C TRP L 258 -88.79 40.87 14.06
N ARG L 259 -88.44 40.40 15.28
CA ARG L 259 -87.79 41.22 16.33
C ARG L 259 -86.39 41.68 15.91
N PHE L 260 -85.65 40.84 15.15
CA PHE L 260 -84.31 41.22 14.68
C PHE L 260 -84.36 42.30 13.60
N VAL L 261 -85.44 42.31 12.80
CA VAL L 261 -85.64 43.31 11.75
C VAL L 261 -85.82 44.67 12.43
N GLU L 262 -86.71 44.72 13.47
CA GLU L 262 -86.99 45.91 14.28
C GLU L 262 -85.71 46.45 14.93
N ALA L 263 -84.95 45.56 15.59
CA ALA L 263 -83.70 45.87 16.28
C ALA L 263 -82.64 46.42 15.32
N SER L 264 -82.48 45.80 14.14
CA SER L 264 -81.50 46.25 13.14
C SER L 264 -81.85 47.58 12.48
N GLN L 265 -83.17 47.87 12.28
CA GLN L 265 -83.67 49.08 11.62
CA GLN L 265 -83.60 49.10 11.60
C GLN L 265 -83.86 50.25 12.60
N ALA L 266 -83.74 49.97 13.92
CA ALA L 266 -83.86 51.00 14.96
C ALA L 266 -82.57 51.83 14.99
N LYS L 267 -81.50 51.26 14.40
CA LYS L 267 -80.18 51.87 14.32
C LYS L 267 -80.12 52.89 13.16
N THR L 268 -79.67 54.12 13.48
CA THR L 268 -79.51 55.22 12.51
CA THR L 268 -79.50 55.21 12.50
C THR L 268 -78.01 55.32 12.17
N PRO L 269 -77.59 55.43 10.88
CA PRO L 269 -78.36 55.53 9.61
C PRO L 269 -79.07 54.22 9.25
N LEU L 270 -80.25 54.35 8.64
CA LEU L 270 -81.06 53.23 8.19
C LEU L 270 -80.38 52.52 7.02
N LYS L 271 -80.22 51.20 7.16
CA LYS L 271 -79.63 50.34 6.14
C LYS L 271 -80.54 49.11 5.94
N PRO L 272 -80.56 48.51 4.73
CA PRO L 272 -81.40 47.32 4.52
C PRO L 272 -80.96 46.18 5.42
N VAL L 273 -81.89 45.28 5.75
CA VAL L 273 -81.60 44.13 6.60
C VAL L 273 -82.26 42.88 6.00
N ILE L 274 -81.69 41.70 6.31
CA ILE L 274 -82.20 40.41 5.83
C ILE L 274 -81.89 39.32 6.84
N ASP L 275 -82.78 38.32 6.92
CA ASP L 275 -82.52 37.12 7.70
C ASP L 275 -81.71 36.23 6.76
N ASP L 276 -80.37 36.20 6.93
CA ASP L 276 -79.51 35.40 6.06
C ASP L 276 -79.34 33.98 6.57
N GLU L 277 -79.84 33.71 7.77
CA GLU L 277 -79.76 32.36 8.30
C GLU L 277 -80.90 32.12 9.26
N PRO L 278 -82.11 31.86 8.73
CA PRO L 278 -83.21 31.45 9.59
C PRO L 278 -83.01 29.98 9.94
N ILE L 279 -84.01 29.35 10.55
CA ILE L 279 -84.00 27.91 10.79
C ILE L 279 -83.80 27.17 9.44
N TYR L 280 -83.14 26.02 9.48
CA TYR L 280 -82.94 25.24 8.27
C TYR L 280 -83.99 24.14 8.19
N GLU L 281 -84.54 23.89 7.00
CA GLU L 281 -85.48 22.79 6.80
C GLU L 281 -84.79 21.46 7.22
N ASP L 282 -85.49 20.69 8.09
CA ASP L 282 -85.12 19.40 8.68
C ASP L 282 -83.96 19.44 9.68
N ILE L 283 -83.50 20.64 10.11
CA ILE L 283 -82.45 20.71 11.13
C ILE L 283 -83.15 20.54 12.50
N PRO L 284 -82.53 19.87 13.51
CA PRO L 284 -83.19 19.77 14.83
C PRO L 284 -83.31 21.13 15.50
N GLN L 285 -84.40 21.31 16.28
CA GLN L 285 -84.62 22.54 17.06
C GLN L 285 -83.50 22.61 18.11
N GLY L 286 -82.65 23.63 18.00
CA GLY L 286 -81.51 23.76 18.90
C GLY L 286 -80.26 23.07 18.39
N LEU L 287 -80.32 22.49 17.16
CA LEU L 287 -79.20 21.87 16.40
C LEU L 287 -78.61 20.55 16.90
N HIS L 288 -78.17 20.51 18.15
CA HIS L 288 -77.29 19.50 18.70
C HIS L 288 -77.92 18.17 19.13
N ASP L 289 -79.24 18.09 19.33
CA ASP L 289 -79.83 16.79 19.67
C ASP L 289 -80.48 16.20 18.40
N PRO L 290 -79.91 15.12 17.79
CA PRO L 290 -80.51 14.56 16.56
C PRO L 290 -81.89 13.95 16.76
N ASN L 291 -82.29 13.65 18.01
CA ASN L 291 -83.62 13.09 18.28
C ASN L 291 -84.66 14.19 18.56
N GLU L 292 -84.25 15.46 18.55
CA GLU L 292 -85.19 16.55 18.78
C GLU L 292 -86.16 16.76 17.62
N THR L 293 -87.27 17.50 17.88
CA THR L 293 -88.22 17.88 16.83
C THR L 293 -87.43 18.63 15.73
N ARG L 294 -87.72 18.33 14.47
CA ARG L 294 -87.06 19.01 13.38
C ARG L 294 -87.91 20.16 12.86
N TRP L 295 -87.25 21.24 12.42
CA TRP L 295 -87.92 22.35 11.76
C TRP L 295 -88.48 21.83 10.44
N ASN L 296 -89.70 22.22 10.05
CA ASN L 296 -90.33 21.69 8.84
C ASN L 296 -90.67 22.84 7.87
N GLN L 297 -91.27 22.51 6.71
CA GLN L 297 -91.68 23.47 5.66
C GLN L 297 -92.57 24.61 6.17
N HIS L 298 -93.48 24.31 7.13
CA HIS L 298 -94.41 25.30 7.68
C HIS L 298 -93.64 26.35 8.47
N ASP L 299 -92.66 25.89 9.30
CA ASP L 299 -91.78 26.78 10.06
C ASP L 299 -90.93 27.64 9.13
N VAL L 300 -90.42 27.03 8.05
CA VAL L 300 -89.55 27.69 7.07
C VAL L 300 -90.32 28.84 6.40
N ARG L 301 -91.59 28.59 6.02
CA ARG L 301 -92.40 29.67 5.42
C ARG L 301 -92.67 30.77 6.44
N ARG L 302 -92.95 30.41 7.71
CA ARG L 302 -93.24 31.38 8.78
C ARG L 302 -92.09 32.34 8.94
N TYR L 303 -90.85 31.83 9.07
CA TYR L 303 -89.65 32.68 9.22
C TYR L 303 -89.48 33.60 8.01
N ALA L 304 -89.70 33.05 6.79
CA ALA L 304 -89.55 33.80 5.53
C ALA L 304 -90.49 35.01 5.46
N TYR L 305 -91.81 34.79 5.64
CA TYR L 305 -92.79 35.88 5.57
C TYR L 305 -92.69 36.81 6.77
N TRP L 306 -92.39 36.28 7.98
CA TRP L 306 -92.25 37.12 9.16
C TRP L 306 -91.10 38.11 8.99
N SER L 307 -89.97 37.67 8.43
CA SER L 307 -88.81 38.56 8.24
C SER L 307 -89.10 39.61 7.16
N VAL L 308 -89.58 39.19 5.96
CA VAL L 308 -89.86 40.13 4.86
C VAL L 308 -90.96 41.14 5.25
N PHE L 309 -92.09 40.67 5.84
CA PHE L 309 -93.21 41.57 6.21
C PHE L 309 -92.85 42.50 7.39
N ALA L 310 -91.78 42.19 8.14
CA ALA L 310 -91.25 43.06 9.21
C ALA L 310 -90.36 44.16 8.59
N GLY L 311 -89.97 43.99 7.33
CA GLY L 311 -89.18 45.00 6.63
C GLY L 311 -87.92 44.52 5.92
N SER L 312 -87.58 43.21 5.99
CA SER L 312 -86.39 42.70 5.31
C SER L 312 -86.53 42.86 3.78
N PHE L 313 -85.42 43.17 3.08
CA PHE L 313 -85.42 43.42 1.63
C PHE L 313 -85.52 42.13 0.78
N GLY L 314 -85.36 40.99 1.44
CA GLY L 314 -85.42 39.67 0.82
C GLY L 314 -85.32 38.62 1.89
N HIS L 315 -84.98 37.38 1.51
CA HIS L 315 -84.85 36.29 2.46
C HIS L 315 -83.89 35.21 1.96
N SER L 316 -83.13 34.61 2.88
CA SER L 316 -82.28 33.47 2.57
C SER L 316 -82.87 32.22 3.23
N TYR L 317 -82.88 31.12 2.49
CA TYR L 317 -83.36 29.83 2.94
C TYR L 317 -82.15 28.91 3.14
N GLY L 318 -82.33 27.91 3.99
CA GLY L 318 -81.37 26.83 4.19
C GLY L 318 -82.04 25.51 4.50
N HIS L 319 -81.39 24.40 4.09
CA HIS L 319 -81.82 23.02 4.34
C HIS L 319 -80.64 22.32 5.01
N ASN L 320 -80.88 21.58 6.08
CA ASN L 320 -79.82 20.87 6.80
C ASN L 320 -78.96 19.97 5.88
N ASP L 321 -79.62 19.21 4.98
CA ASP L 321 -78.96 18.28 4.08
C ASP L 321 -78.22 18.96 2.91
N ILE L 322 -78.74 20.09 2.41
CA ILE L 322 -78.13 20.76 1.27
C ILE L 322 -76.89 21.51 1.69
N MSE L 323 -77.05 22.29 2.76
CA MSE L 323 -76.09 23.20 3.40
C MSE L 323 -74.68 22.50 3.50
O MSE L 323 -73.64 23.12 3.18
CB MSE L 323 -76.79 23.51 4.76
CG MSE L 323 -76.09 24.34 5.68
SE MSE L 323 -75.06 23.22 6.82
CE MSE L 323 -76.24 22.59 8.19
N GLN L 324 -74.66 21.22 3.92
CA GLN L 324 -73.44 20.42 4.13
C GLN L 324 -73.22 19.39 2.99
N PHE L 325 -74.07 19.40 1.96
CA PHE L 325 -74.02 18.48 0.81
C PHE L 325 -73.82 17.03 1.29
N ILE L 326 -74.72 16.59 2.19
CA ILE L 326 -74.63 15.26 2.78
C ILE L 326 -74.94 14.19 1.72
N ARG L 327 -74.25 13.06 1.85
CA ARG L 327 -74.46 11.92 0.96
C ARG L 327 -74.00 10.68 1.75
N PRO L 328 -74.36 9.46 1.32
CA PRO L 328 -73.94 8.26 2.08
C PRO L 328 -72.42 8.19 2.24
N GLY L 329 -71.99 7.83 3.43
CA GLY L 329 -70.57 7.64 3.72
C GLY L 329 -69.87 8.85 4.28
N TYR L 330 -70.62 9.95 4.49
CA TYR L 330 -70.11 11.18 5.10
C TYR L 330 -70.69 11.36 6.48
N GLY L 331 -69.86 11.80 7.40
CA GLY L 331 -70.26 12.12 8.76
C GLY L 331 -71.17 13.32 8.68
N ALA L 332 -72.26 13.29 9.43
CA ALA L 332 -73.22 14.38 9.35
C ALA L 332 -73.12 15.34 10.49
N SER L 333 -73.44 16.59 10.19
CA SER L 333 -73.62 17.62 11.20
C SER L 333 -75.11 17.71 11.49
N PHE L 334 -75.47 17.95 12.75
CA PHE L 334 -76.82 18.25 13.22
C PHE L 334 -77.88 17.24 12.78
N GLY L 335 -77.60 15.97 12.99
CA GLY L 335 -78.57 14.92 12.73
C GLY L 335 -78.96 14.63 11.30
N ALA L 336 -78.18 15.07 10.31
CA ALA L 336 -78.44 14.67 8.92
C ALA L 336 -78.02 13.17 8.79
N ASP L 337 -78.41 12.49 7.72
CA ASP L 337 -78.06 11.07 7.51
C ASP L 337 -78.08 10.83 6.02
N GLY L 338 -76.89 10.73 5.42
CA GLY L 338 -76.71 10.56 3.98
C GLY L 338 -77.41 9.38 3.37
N ARG L 339 -77.53 8.27 4.14
CA ARG L 339 -78.22 7.04 3.74
C ARG L 339 -79.74 7.22 3.72
N LYS L 340 -80.26 8.13 4.56
CA LYS L 340 -81.70 8.39 4.66
C LYS L 340 -82.11 9.45 3.62
N LYS L 341 -81.36 10.55 3.52
CA LYS L 341 -81.67 11.63 2.58
C LYS L 341 -80.38 12.35 2.21
N ALA L 342 -80.06 12.36 0.92
CA ALA L 342 -78.87 13.02 0.42
C ALA L 342 -79.25 14.44 -0.06
N TRP L 343 -78.25 15.35 -0.24
CA TRP L 343 -78.53 16.72 -0.70
C TRP L 343 -79.38 16.75 -1.99
N TRP L 344 -79.14 15.79 -2.93
CA TRP L 344 -79.90 15.73 -4.19
C TRP L 344 -81.39 15.41 -3.94
N ASP L 345 -81.71 14.68 -2.86
CA ASP L 345 -83.12 14.39 -2.51
C ASP L 345 -83.74 15.61 -1.83
N ALA L 346 -82.96 16.32 -1.00
CA ALA L 346 -83.45 17.49 -0.25
C ALA L 346 -83.86 18.63 -1.18
N LEU L 347 -83.30 18.69 -2.42
CA LEU L 347 -83.70 19.71 -3.41
C LEU L 347 -85.16 19.54 -3.83
N GLU L 348 -85.76 18.38 -3.53
CA GLU L 348 -87.16 18.07 -3.85
C GLU L 348 -88.09 18.35 -2.66
N ASP L 349 -87.54 18.82 -1.52
CA ASP L 349 -88.32 19.05 -0.31
C ASP L 349 -89.24 20.26 -0.45
N PRO L 350 -90.40 20.26 0.26
CA PRO L 350 -91.38 21.37 0.08
C PRO L 350 -90.86 22.78 0.34
N GLY L 351 -90.20 23.02 1.47
CA GLY L 351 -89.71 24.35 1.84
C GLY L 351 -88.83 24.99 0.78
N PHE L 352 -87.85 24.23 0.27
CA PHE L 352 -86.94 24.67 -0.79
C PHE L 352 -87.73 25.20 -2.00
N ASN L 353 -88.83 24.49 -2.35
CA ASN L 353 -89.65 24.76 -3.53
C ASN L 353 -90.82 25.72 -3.25
N GLN L 354 -90.85 26.35 -2.07
CA GLN L 354 -91.96 27.27 -1.72
C GLN L 354 -91.50 28.73 -1.60
N MSE L 355 -90.18 28.94 -1.49
CA MSE L 355 -89.60 30.29 -1.36
C MSE L 355 -89.92 31.18 -2.57
O MSE L 355 -90.08 32.38 -2.41
CB MSE L 355 -88.08 30.20 -1.12
CG MSE L 355 -87.71 29.50 0.20
SE MSE L 355 -88.35 30.46 1.76
CE MSE L 355 -90.03 29.50 2.10
N LYS L 356 -90.08 30.56 -3.77
CA LYS L 356 -90.41 31.29 -5.02
C LYS L 356 -91.75 32.04 -4.91
N TYR L 357 -92.71 31.51 -4.12
CA TYR L 357 -94.02 32.16 -3.95
C TYR L 357 -93.89 33.45 -3.18
N LEU L 358 -92.90 33.57 -2.29
CA LEU L 358 -92.66 34.79 -1.53
C LEU L 358 -92.05 35.84 -2.46
N LYS L 359 -90.98 35.47 -3.20
CA LYS L 359 -90.31 36.38 -4.15
C LYS L 359 -91.29 36.90 -5.19
N ASN L 360 -92.09 36.00 -5.79
CA ASN L 360 -93.04 36.38 -6.84
C ASN L 360 -94.12 37.34 -6.32
N LEU L 361 -94.57 37.15 -5.07
CA LEU L 361 -95.54 38.01 -4.42
C LEU L 361 -95.00 39.45 -4.25
N MSE L 362 -93.78 39.62 -3.67
CA MSE L 362 -93.18 40.94 -3.41
C MSE L 362 -92.88 41.74 -4.71
O MSE L 362 -93.05 42.98 -4.75
CB MSE L 362 -91.90 40.81 -2.54
CG MSE L 362 -92.12 40.00 -1.23
SE MSE L 362 -93.82 40.31 -0.28
CE MSE L 362 -93.48 42.03 0.38
N LEU L 363 -92.53 41.02 -5.79
CA LEU L 363 -92.24 41.65 -7.07
C LEU L 363 -93.53 42.03 -7.86
N THR L 364 -94.73 41.63 -7.40
CA THR L 364 -96.01 41.95 -8.05
C THR L 364 -96.46 43.40 -7.70
N PHE L 365 -95.93 43.98 -6.61
CA PHE L 365 -96.40 45.28 -6.14
C PHE L 365 -95.33 46.38 -6.14
N PRO L 366 -95.73 47.70 -6.15
CA PRO L 366 -94.72 48.78 -6.04
C PRO L 366 -93.75 48.46 -4.93
N PHE L 367 -92.49 48.28 -5.30
CA PHE L 367 -91.44 47.74 -4.46
C PHE L 367 -90.83 48.67 -3.40
N PHE L 368 -90.34 49.85 -3.79
CA PHE L 368 -89.55 50.71 -2.91
C PHE L 368 -90.33 51.50 -1.85
N GLU L 369 -91.62 51.74 -2.06
CA GLU L 369 -92.42 52.49 -1.08
C GLU L 369 -93.00 51.58 0.01
N ARG L 370 -92.70 50.26 -0.06
CA ARG L 370 -93.18 49.31 0.93
C ARG L 370 -92.59 49.59 2.31
N VAL L 371 -93.45 49.56 3.34
CA VAL L 371 -93.05 49.72 4.73
C VAL L 371 -93.72 48.63 5.60
N PRO L 372 -93.10 48.18 6.70
CA PRO L 372 -93.85 47.31 7.63
C PRO L 372 -94.89 48.19 8.36
N ASP L 373 -96.09 47.67 8.65
CA ASP L 373 -97.06 48.53 9.35
C ASP L 373 -98.06 47.68 10.13
N GLN L 374 -97.76 47.44 11.43
CA GLN L 374 -98.63 46.64 12.30
C GLN L 374 -99.98 47.33 12.57
N SER L 375 -100.10 48.68 12.34
CA SER L 375 -101.35 49.42 12.55
C SER L 375 -102.42 49.02 11.51
N VAL L 376 -102.03 48.29 10.44
CA VAL L 376 -102.95 47.72 9.43
C VAL L 376 -103.85 46.69 10.15
N ILE L 377 -103.29 46.04 11.20
CA ILE L 377 -104.01 45.07 12.02
C ILE L 377 -104.76 45.83 13.12
N ALA L 378 -106.09 45.80 13.06
CA ALA L 378 -106.93 46.43 14.07
C ALA L 378 -107.29 45.41 15.16
N GLY L 379 -107.98 45.86 16.21
CA GLY L 379 -108.40 45.00 17.32
C GLY L 379 -107.21 44.45 18.08
N THR L 380 -107.35 43.23 18.61
CA THR L 380 -106.28 42.58 19.36
C THR L 380 -105.63 41.51 18.49
N ASN L 381 -104.32 41.68 18.22
CA ASN L 381 -103.56 40.73 17.44
C ASN L 381 -103.21 39.54 18.33
N GLY L 382 -102.95 38.40 17.71
CA GLY L 382 -102.58 37.19 18.42
C GLY L 382 -101.12 37.20 18.86
N GLU L 383 -100.76 36.24 19.71
CA GLU L 383 -99.40 36.10 20.20
C GLU L 383 -98.72 34.92 19.51
N ARG L 384 -97.37 34.93 19.49
CA ARG L 384 -96.52 33.87 18.91
C ARG L 384 -96.96 33.55 17.47
N TYR L 385 -97.39 32.31 17.17
CA TYR L 385 -97.79 31.93 15.79
C TYR L 385 -99.08 32.61 15.32
N ASP L 386 -99.89 33.15 16.26
CA ASP L 386 -101.14 33.87 15.96
C ASP L 386 -100.89 35.36 15.67
N ARG L 387 -99.62 35.80 15.73
CA ARG L 387 -99.33 37.20 15.43
C ARG L 387 -99.35 37.43 13.93
N ALA L 388 -100.44 38.02 13.42
CA ALA L 388 -100.54 38.42 12.02
C ALA L 388 -99.52 39.53 11.79
N ILE L 389 -98.89 39.54 10.62
CA ILE L 389 -97.86 40.53 10.31
C ILE L 389 -98.26 41.24 9.01
N ALA L 390 -98.18 42.57 9.02
CA ALA L 390 -98.60 43.38 7.89
C ALA L 390 -97.52 44.30 7.35
N THR L 391 -97.58 44.49 6.03
CA THR L 391 -96.71 45.36 5.26
C THR L 391 -97.58 46.02 4.19
N ARG L 392 -97.23 47.24 3.78
CA ARG L 392 -98.02 47.98 2.80
C ARG L 392 -97.20 48.96 2.01
N GLY L 393 -97.78 49.39 0.90
CA GLY L 393 -97.31 50.48 0.07
C GLY L 393 -98.31 51.60 0.29
N ASN L 394 -98.53 52.44 -0.71
CA ASN L 394 -99.53 53.51 -0.60
C ASN L 394 -100.92 53.04 -1.04
N ASP L 395 -100.97 52.06 -1.95
CA ASP L 395 -102.23 51.60 -2.57
C ASP L 395 -102.44 50.08 -2.46
N TYR L 396 -101.64 49.41 -1.63
CA TYR L 396 -101.77 47.97 -1.41
C TYR L 396 -101.28 47.61 -0.01
N LEU L 397 -101.81 46.51 0.54
CA LEU L 397 -101.37 46.00 1.82
C LEU L 397 -101.37 44.48 1.74
N LEU L 398 -100.44 43.86 2.46
CA LEU L 398 -100.24 42.43 2.53
C LEU L 398 -100.21 42.02 3.98
N VAL L 399 -101.02 41.03 4.36
CA VAL L 399 -101.08 40.53 5.73
C VAL L 399 -100.87 39.02 5.76
N TYR L 400 -99.74 38.60 6.34
CA TYR L 400 -99.43 37.18 6.45
C TYR L 400 -99.99 36.66 7.78
N ASN L 401 -100.89 35.67 7.69
CA ASN L 401 -101.51 35.05 8.84
C ASN L 401 -101.11 33.55 8.87
N TYR L 402 -100.10 33.23 9.69
CA TYR L 402 -99.61 31.86 9.77
C TYR L 402 -100.66 30.88 10.30
N SER L 403 -101.34 31.24 11.39
CA SER L 403 -102.28 30.33 12.07
C SER L 403 -103.67 30.23 11.42
N GLY L 404 -104.18 31.34 10.88
CA GLY L 404 -105.54 31.36 10.34
C GLY L 404 -106.52 31.97 11.34
N ARG L 405 -106.02 32.45 12.51
CA ARG L 405 -106.83 33.13 13.52
C ARG L 405 -107.58 34.30 12.87
N PRO L 406 -108.92 34.45 13.05
CA PRO L 406 -109.63 35.60 12.43
C PRO L 406 -108.92 36.93 12.70
N MSE L 407 -108.97 37.82 11.70
CA MSE L 407 -108.33 39.15 11.75
C MSE L 407 -109.28 40.27 11.50
O MSE L 407 -110.24 40.11 10.76
CB MSE L 407 -107.25 39.27 10.68
CG MSE L 407 -106.25 38.16 10.61
SE MSE L 407 -105.00 38.56 9.21
CE MSE L 407 -106.01 38.11 7.66
N GLN L 408 -108.93 41.45 12.03
CA GLN L 408 -109.62 42.72 11.77
C GLN L 408 -108.58 43.60 11.10
N ILE L 409 -108.84 44.01 9.84
CA ILE L 409 -107.88 44.78 9.05
C ILE L 409 -108.41 46.17 8.75
N ASP L 410 -107.57 47.19 9.02
CA ASP L 410 -107.92 48.58 8.77
C ASP L 410 -107.58 48.93 7.31
N LEU L 411 -108.59 48.81 6.44
CA LEU L 411 -108.44 49.07 5.00
C LEU L 411 -108.18 50.56 4.69
N SER L 412 -108.44 51.49 5.65
CA SER L 412 -108.20 52.92 5.44
C SER L 412 -106.69 53.29 5.48
N LYS L 413 -105.82 52.31 5.78
CA LYS L 413 -104.36 52.52 5.85
C LYS L 413 -103.74 52.67 4.44
N ILE L 414 -104.51 52.36 3.37
CA ILE L 414 -104.09 52.52 1.97
C ILE L 414 -105.17 53.33 1.22
N SER L 415 -104.81 53.86 0.04
CA SER L 415 -105.71 54.69 -0.80
C SER L 415 -106.89 53.89 -1.38
N GLY L 416 -107.92 54.63 -1.82
CA GLY L 416 -109.11 54.10 -2.46
C GLY L 416 -110.36 54.03 -1.62
N ALA L 417 -111.48 54.51 -2.18
CA ALA L 417 -112.79 54.45 -1.52
C ALA L 417 -113.23 52.98 -1.43
N LYS L 418 -112.86 52.19 -2.45
CA LYS L 418 -113.11 50.75 -2.52
C LYS L 418 -111.79 50.01 -2.69
N LYS L 419 -111.75 48.75 -2.19
CA LYS L 419 -110.59 47.87 -2.23
C LYS L 419 -110.95 46.48 -2.69
N ASN L 420 -110.05 45.84 -3.44
CA ASN L 420 -110.21 44.45 -3.85
C ASN L 420 -109.36 43.59 -2.96
N ALA L 421 -109.87 42.42 -2.54
CA ALA L 421 -109.13 41.52 -1.67
C ALA L 421 -109.05 40.11 -2.24
N TRP L 422 -107.90 39.46 -2.03
CA TRP L 422 -107.58 38.08 -2.42
C TRP L 422 -106.89 37.34 -1.28
N TRP L 423 -107.01 36.00 -1.29
CA TRP L 423 -106.24 35.11 -0.43
C TRP L 423 -105.11 34.57 -1.29
N TYR L 424 -103.88 34.55 -0.76
CA TYR L 424 -102.71 34.01 -1.44
C TYR L 424 -102.12 32.92 -0.58
N SER L 425 -102.16 31.66 -1.06
CA SER L 425 -101.64 30.50 -0.33
CA SER L 425 -101.64 30.50 -0.33
C SER L 425 -100.10 30.44 -0.37
N ALA L 426 -99.44 30.54 0.79
CA ALA L 426 -97.97 30.51 0.86
C ALA L 426 -97.38 29.14 0.46
N LYS L 427 -98.13 28.05 0.63
CA LYS L 427 -97.58 26.70 0.34
C LYS L 427 -97.55 26.39 -1.16
N ASP L 428 -98.42 27.02 -1.99
CA ASP L 428 -98.47 26.63 -3.41
C ASP L 428 -98.78 27.79 -4.40
N GLY L 429 -98.86 29.03 -3.90
CA GLY L 429 -99.12 30.21 -4.73
C GLY L 429 -100.55 30.37 -5.23
N LYS L 430 -101.50 29.55 -4.75
CA LYS L 430 -102.91 29.61 -5.16
C LYS L 430 -103.53 30.94 -4.74
N LEU L 431 -104.19 31.59 -5.71
CA LEU L 431 -104.83 32.88 -5.51
C LEU L 431 -106.34 32.73 -5.59
N GLU L 432 -107.04 33.34 -4.63
CA GLU L 432 -108.50 33.27 -4.60
C GLU L 432 -109.09 34.64 -4.28
N TYR L 433 -109.84 35.21 -5.23
CA TYR L 433 -110.51 36.49 -5.06
C TYR L 433 -111.60 36.39 -3.99
N ILE L 434 -111.65 37.38 -3.10
CA ILE L 434 -112.65 37.44 -2.02
C ILE L 434 -113.82 38.34 -2.46
N GLY L 435 -113.50 39.57 -2.84
CA GLY L 435 -114.49 40.55 -3.26
C GLY L 435 -114.01 41.97 -3.14
N GLU L 436 -114.93 42.91 -3.30
CA GLU L 436 -114.70 44.35 -3.20
C GLU L 436 -115.28 44.86 -1.89
N PHE L 437 -114.50 45.68 -1.17
CA PHE L 437 -114.86 46.18 0.15
C PHE L 437 -114.76 47.69 0.26
N ASP L 438 -115.62 48.30 1.11
CA ASP L 438 -115.55 49.73 1.41
C ASP L 438 -114.39 49.94 2.36
N SER L 439 -113.75 51.11 2.29
CA SER L 439 -112.59 51.44 3.10
C SER L 439 -112.97 51.69 4.56
N LYS L 440 -112.80 50.65 5.40
CA LYS L 440 -113.11 50.63 6.84
C LYS L 440 -112.46 49.40 7.49
N VAL L 441 -112.52 49.30 8.84
CA VAL L 441 -112.03 48.12 9.57
C VAL L 441 -112.94 46.95 9.17
N THR L 442 -112.34 45.91 8.58
CA THR L 442 -113.05 44.75 8.04
C THR L 442 -112.50 43.44 8.62
N SER L 443 -113.42 42.52 8.96
CA SER L 443 -113.08 41.19 9.47
C SER L 443 -112.79 40.26 8.31
N PHE L 444 -111.71 39.46 8.43
CA PHE L 444 -111.29 38.47 7.45
C PHE L 444 -110.90 37.17 8.13
N GLN L 445 -111.36 36.04 7.57
CA GLN L 445 -110.99 34.71 8.03
C GLN L 445 -111.03 33.76 6.84
N HIS L 446 -109.98 32.95 6.73
CA HIS L 446 -109.82 31.99 5.65
C HIS L 446 -110.46 30.65 6.03
N ASP L 447 -111.18 30.05 5.08
CA ASP L 447 -111.82 28.75 5.31
C ASP L 447 -110.80 27.62 5.14
N SER L 448 -110.07 27.31 6.21
CA SER L 448 -109.11 26.21 6.26
C SER L 448 -108.83 25.85 7.73
N GLY L 449 -108.24 24.68 7.95
CA GLY L 449 -107.84 24.20 9.27
C GLY L 449 -106.95 25.18 10.01
N TYR L 450 -107.23 25.39 11.30
CA TYR L 450 -106.45 26.28 12.17
C TYR L 450 -105.11 25.61 12.42
N LEU L 451 -103.99 26.36 12.23
CA LEU L 451 -102.63 25.83 12.40
C LEU L 451 -102.47 24.50 11.62
N SER L 452 -102.92 24.50 10.36
CA SER L 452 -102.90 23.29 9.52
C SER L 452 -101.89 23.33 8.37
N GLY L 453 -101.04 24.36 8.36
CA GLY L 453 -100.09 24.54 7.26
C GLY L 453 -100.77 25.15 6.05
N ASN L 454 -101.89 25.85 6.27
CA ASN L 454 -102.63 26.54 5.21
C ASN L 454 -102.54 28.05 5.40
N ASP L 455 -101.33 28.52 5.79
CA ASP L 455 -101.02 29.94 6.00
C ASP L 455 -101.27 30.74 4.73
N GLN L 456 -101.94 31.89 4.88
CA GLN L 456 -102.30 32.75 3.76
C GLN L 456 -101.75 34.16 3.90
N VAL L 457 -101.61 34.82 2.77
CA VAL L 457 -101.35 36.24 2.70
C VAL L 457 -102.66 36.85 2.23
N LEU L 458 -103.19 37.81 3.00
CA LEU L 458 -104.35 38.57 2.57
C LEU L 458 -103.79 39.73 1.73
N ILE L 459 -104.17 39.76 0.44
CA ILE L 459 -103.78 40.81 -0.50
C ILE L 459 -104.93 41.79 -0.63
N VAL L 460 -104.70 43.07 -0.35
CA VAL L 460 -105.74 44.09 -0.49
C VAL L 460 -105.15 45.21 -1.35
N VAL L 461 -105.85 45.59 -2.43
CA VAL L 461 -105.40 46.63 -3.36
C VAL L 461 -106.51 47.63 -3.62
N ASP L 462 -106.14 48.92 -3.75
CA ASP L 462 -107.00 50.02 -4.17
C ASP L 462 -107.68 49.55 -5.46
N SER L 463 -109.03 49.63 -5.53
CA SER L 463 -109.83 49.15 -6.67
CA SER L 463 -109.82 49.15 -6.68
C SER L 463 -109.44 49.83 -8.00
N ALA L 464 -108.77 51.00 -7.94
CA ALA L 464 -108.35 51.72 -9.15
C ALA L 464 -107.04 51.15 -9.75
N LYS L 465 -106.32 50.28 -8.99
CA LYS L 465 -105.05 49.70 -9.43
C LYS L 465 -105.21 48.26 -9.94
N ASP L 466 -104.32 47.85 -10.88
CA ASP L 466 -104.43 46.54 -11.54
C ASP L 466 -103.24 45.60 -11.30
N TYR L 467 -102.59 45.69 -10.12
CA TYR L 467 -101.46 44.81 -9.79
C TYR L 467 -101.89 43.35 -9.80
N VAL L 468 -103.14 43.09 -9.37
CA VAL L 468 -103.74 41.75 -9.31
C VAL L 468 -105.10 41.81 -9.99
N GLN L 469 -105.40 40.83 -10.86
CA GLN L 469 -106.68 40.74 -11.55
C GLN L 469 -107.63 39.82 -10.77
N LYS L 470 -108.94 40.11 -10.79
CA LYS L 470 -109.98 39.36 -10.08
C LYS L 470 -110.09 37.89 -10.50
N ALA L 471 -109.97 37.62 -11.81
CA ALA L 471 -110.12 36.28 -12.40
C ALA L 471 -108.84 35.40 -12.26
N TRP L 472 -107.70 35.94 -11.78
CA TRP L 472 -106.46 35.16 -11.60
C TRP L 472 -106.59 34.14 -10.47
N THR L 473 -106.04 32.93 -10.70
CA THR L 473 -106.02 31.84 -9.71
C THR L 473 -104.56 31.57 -9.31
N ALA L 474 -103.65 32.33 -9.92
CA ALA L 474 -102.20 32.32 -9.68
C ALA L 474 -101.61 33.68 -10.07
N LEU L 475 -100.46 34.02 -9.49
CA LEU L 475 -99.76 35.23 -9.87
C LEU L 475 -98.85 34.94 -11.06
N PRO L 476 -98.87 35.76 -12.14
CA PRO L 476 -97.93 35.52 -13.25
C PRO L 476 -96.50 35.78 -12.79
N ASP L 477 -95.53 35.30 -13.57
CA ASP L 477 -94.10 35.46 -13.28
C ASP L 477 -93.75 36.95 -13.34
N ALA L 478 -93.67 37.60 -12.17
CA ALA L 478 -93.43 39.03 -11.99
C ALA L 478 -92.08 39.51 -12.54
N ILE L 479 -91.08 38.61 -12.63
CA ILE L 479 -89.73 38.92 -13.15
C ILE L 479 -89.78 39.27 -14.67
N GLN L 480 -90.72 38.68 -15.42
CA GLN L 480 -90.85 38.85 -16.87
C GLN L 480 -91.08 40.30 -17.30
N LYS L 481 -91.57 41.18 -16.40
CA LYS L 481 -91.74 42.62 -16.65
C LYS L 481 -90.40 43.28 -17.02
N TRP L 482 -89.29 42.79 -16.42
CA TRP L 482 -87.93 43.30 -16.62
C TRP L 482 -87.06 42.34 -17.47
N ASN L 483 -87.71 41.35 -18.13
CA ASN L 483 -87.04 40.34 -18.95
C ASN L 483 -87.59 40.33 -20.36
C1 MRD M . 14.55 28.15 -7.58
C2 MRD M . 15.87 28.38 -8.33
O2 MRD M . 15.99 27.32 -9.29
CM MRD M . 15.84 29.74 -9.04
C3 MRD M . 17.04 28.28 -7.31
C4 MRD M . 18.45 28.65 -7.86
O4 MRD M . 18.83 27.80 -8.94
C5 MRD M . 19.48 28.57 -6.75
C1 MRD N . 16.79 27.30 -3.69
C2 MRD N . 16.09 28.37 -2.84
O2 MRD N . 15.90 27.82 -1.52
CM MRD N . 16.98 29.58 -2.68
C3 MRD N . 14.73 28.82 -3.47
C4 MRD N . 13.57 27.81 -3.32
O4 MRD N . 13.85 26.65 -4.14
C5 MRD N . 12.21 28.37 -3.68
CL CL O . 24.53 19.92 -8.82
C1 MRD P . 2.32 -27.40 -12.23
C2 MRD P . 3.55 -27.60 -11.34
O2 MRD P . 3.53 -26.57 -10.33
CM MRD P . 3.52 -28.97 -10.62
C3 MRD P . 4.81 -27.43 -12.28
C4 MRD P . 6.17 -27.66 -11.60
O4 MRD P . 6.26 -26.87 -10.41
C5 MRD P . 7.31 -27.33 -12.54
C1 MRD Q . 5.04 -26.78 -15.98
C2 MRD Q . 4.33 -27.64 -17.02
O2 MRD Q . 4.34 -26.93 -18.27
CM MRD Q . 5.08 -28.93 -17.25
C3 MRD Q . 2.86 -28.01 -16.58
C4 MRD Q . 1.80 -26.88 -16.59
O4 MRD Q . 2.10 -25.85 -15.63
C5 MRD Q . 0.41 -27.41 -16.34
N NO3 R . -22.25 -33.79 -16.21
O1 NO3 R . -22.25 -34.98 -16.43
O2 NO3 R . -22.56 -32.95 -17.02
O3 NO3 R . -21.89 -33.40 -15.02
CL CL S . 11.96 -18.84 -9.79
C1 MRD T . 6.07 46.63 27.54
C2 MRD T . 5.89 47.84 28.49
O2 MRD T . 7.01 47.82 29.38
CM MRD T . 5.92 49.16 27.68
C3 MRD T . 4.53 47.68 29.26
C4 MRD T . 4.14 48.86 30.22
O4 MRD T . 5.19 49.13 31.15
C5 MRD T . 2.89 48.47 30.97
N SAR U . 4.40 55.07 31.58
CA SAR U . 3.49 54.99 32.72
C SAR U . 3.37 53.65 33.49
O SAR U . 2.22 53.24 33.79
CN SAR U . 5.77 54.59 31.60
OXT SAR U . 4.41 53.10 33.89
CL CL V . 5.31 46.23 40.65
C1 MRD W . 44.81 15.27 8.15
C2 MRD W . 44.69 16.78 7.99
O2 MRD W . 44.18 17.30 9.23
CM MRD W . 46.07 17.40 7.73
C3 MRD W . 43.65 17.08 6.87
C4 MRD W . 43.44 18.56 6.50
O4 MRD W . 43.13 19.38 7.63
C5 MRD W . 42.38 18.70 5.44
C1 MRD X . 41.59 14.80 4.78
C2 MRD X . 42.40 13.75 4.01
O2 MRD X . 41.46 12.76 3.52
CM MRD X . 43.05 14.35 2.79
C3 MRD X . 43.51 13.09 4.93
C4 MRD X . 43.04 12.06 6.00
O4 MRD X . 42.35 12.71 7.07
C5 MRD X . 44.19 11.24 6.54
CL CL Y . 34.11 22.76 9.81
C1 MRD Z . 1.91 44.75 28.82
C2 MRD Z . 1.59 44.49 27.33
O2 MRD Z . 0.84 43.27 27.21
CM MRD Z . 0.73 45.58 26.77
C3 MRD Z . 2.82 44.60 26.42
C4 MRD Z . 3.61 43.34 26.36
O4 MRD Z . 4.40 43.32 27.55
C5 MRD Z . 4.47 43.35 25.11
C1 MRD AA . -24.17 35.23 4.32
C2 MRD AA . -25.32 35.36 3.31
O2 MRD AA . -26.53 35.33 4.09
CM MRD AA . -25.22 36.69 2.56
C3 MRD AA . -25.30 34.11 2.35
C4 MRD AA . -26.33 34.05 1.20
O4 MRD AA . -27.69 34.17 1.65
C5 MRD AA . -26.15 32.80 0.37
C1 MRD BA . -21.11 30.24 2.25
C2 MRD BA . -20.51 31.63 2.09
O2 MRD BA . -19.10 31.53 2.37
CM MRD BA . -20.66 32.11 0.65
C3 MRD BA . -21.17 32.69 3.03
C4 MRD BA . -21.04 32.37 4.53
O4 MRD BA . -22.32 32.03 5.07
C5 MRD BA . -20.41 33.49 5.35
N NO3 CA . -6.93 47.26 18.80
O1 NO3 CA . -5.98 47.73 18.25
O2 NO3 CA . -8.07 47.70 18.69
O3 NO3 CA . -6.74 46.22 19.57
CL CL DA . -34.53 26.68 2.78
C1 MRD EA . 62.64 -21.12 12.53
C2 MRD EA . 63.70 -21.36 13.59
O2 MRD EA . 63.93 -22.78 13.63
CM MRD EA . 65.01 -20.63 13.22
C3 MRD EA . 63.11 -20.92 14.97
C4 MRD EA . 64.02 -21.00 16.23
O4 MRD EA . 64.68 -22.26 16.38
C5 MRD EA . 63.21 -20.68 17.47
C1 MRD FA . 60.62 -18.33 15.74
C2 MRD FA . 59.66 -17.54 14.87
O2 MRD FA . 58.32 -17.82 15.33
CM MRD FA . 59.85 -16.07 15.11
C3 MRD FA . 59.97 -17.91 13.38
C4 MRD FA . 58.92 -18.78 12.63
O4 MRD FA . 58.83 -20.12 13.13
C5 MRD FA . 59.15 -18.78 11.13
N NO3 GA . 58.69 -14.96 -12.16
O1 NO3 GA . 59.43 -15.76 -11.61
O2 NO3 GA . 59.03 -13.89 -12.60
O3 NO3 GA . 57.47 -15.27 -12.28
CL CL HA . 61.14 -28.94 23.09
C1 MRD IA . -34.71 -33.62 -25.64
C2 MRD IA . -35.85 -33.68 -24.61
O2 MRD IA . -37.09 -33.61 -25.34
CM MRD IA . -35.81 -35.02 -23.85
C3 MRD IA . -35.74 -32.42 -23.66
C4 MRD IA . -36.76 -32.39 -22.48
O4 MRD IA . -38.11 -32.51 -22.93
C5 MRD IA . -36.60 -31.19 -21.58
C1 MRD JA . -33.02 -29.43 -23.34
C2 MRD JA . -31.63 -30.02 -23.15
O2 MRD JA . -30.66 -28.98 -23.41
CM MRD JA . -31.42 -30.44 -21.71
C3 MRD JA . -31.40 -31.26 -24.11
C4 MRD JA . -31.32 -30.96 -25.63
O4 MRD JA . -32.63 -30.64 -26.16
C5 MRD JA . -30.71 -32.10 -26.41
N SAR KA . -40.76 -36.01 -18.60
CA SAR KA . -41.06 -34.85 -17.70
C SAR KA . -40.93 -33.40 -18.24
O SAR KA . -41.40 -33.11 -19.37
CN SAR KA . -41.14 -36.08 -20.00
OXT SAR KA . -40.41 -32.54 -17.49
CL CL LA . -44.46 -24.79 -23.61
C1 MRD MA . 49.07 -9.82 -23.31
C2 MRD MA . 49.67 -10.31 -24.62
O2 MRD MA . 48.74 -9.96 -25.65
CM MRD MA . 51.02 -9.61 -24.88
C3 MRD MA . 49.79 -11.87 -24.52
C4 MRD MA . 50.44 -12.67 -25.69
O4 MRD MA . 49.87 -12.37 -26.97
C5 MRD MA . 50.31 -14.15 -25.40
C1 MRD NA . 48.70 -14.12 -21.69
C2 MRD NA . 49.32 -13.86 -20.31
O2 MRD NA . 48.56 -14.62 -19.35
CM MRD NA . 50.74 -14.41 -20.25
C3 MRD NA . 49.35 -12.32 -19.98
C4 MRD NA . 47.97 -11.67 -19.62
O4 MRD NA . 47.11 -11.65 -20.77
C5 MRD NA . 48.13 -10.28 -19.07
CL CL OA . 43.56 -18.22 -31.99
C1 MRD PA . -2.89 -46.10 -48.06
C2 MRD PA . -2.97 -47.35 -48.93
O2 MRD PA . -1.73 -47.41 -49.67
CM MRD PA . -3.06 -48.62 -48.07
C3 MRD PA . -4.19 -47.19 -49.91
C4 MRD PA . -4.50 -48.35 -50.89
O4 MRD PA . -3.34 -48.69 -51.69
C5 MRD PA . -5.67 -48.03 -51.79
C1 MRD QA . -7.00 -44.55 -49.76
C2 MRD QA . -7.67 -44.24 -48.41
O2 MRD QA . -8.32 -42.96 -48.52
CM MRD QA . -8.77 -45.25 -48.13
C3 MRD QA . -6.63 -44.30 -47.23
C4 MRD QA . -5.73 -43.06 -47.07
O4 MRD QA . -4.75 -43.00 -48.10
C5 MRD QA . -5.08 -43.00 -45.70
CL CL RA . -2.24 -45.94 -61.09
C1 MRD SA . -58.78 -10.40 0.58
C2 MRD SA . -58.83 -11.91 0.34
O2 MRD SA . -57.92 -12.52 1.27
CM MRD SA . -60.24 -12.45 0.63
C3 MRD SA . -58.35 -12.20 -1.13
C4 MRD SA . -58.37 -13.70 -1.53
O4 MRD SA . -57.63 -14.51 -0.59
C5 MRD SA . -57.84 -13.92 -2.93
C1 MRD TA . -57.34 -10.04 -4.15
C2 MRD TA . -58.42 -9.09 -4.69
O2 MRD TA . -57.77 -8.09 -5.48
CM MRD TA . -59.37 -9.83 -5.62
C3 MRD TA . -59.22 -8.45 -3.48
C4 MRD TA . -58.46 -7.35 -2.69
O4 MRD TA . -57.54 -7.91 -1.74
C5 MRD TA . -59.42 -6.42 -1.98
CL CL UA . -48.35 -18.17 -1.94
C1 MRD VA . 17.18 -2.64 54.75
C2 MRD VA . 16.14 -2.30 53.70
O2 MRD VA . 16.62 -2.82 52.46
CM MRD VA . 14.80 -2.97 54.02
C3 MRD VA . 16.05 -0.72 53.66
C4 MRD VA . 14.93 -0.14 52.77
O4 MRD VA . 14.98 -0.65 51.44
C5 MRD VA . 15.00 1.37 52.77
C1 MRD WA . 17.85 2.05 55.90
C2 MRD WA . 17.69 1.74 57.38
O2 MRD WA . 18.63 2.53 58.12
CM MRD WA . 16.31 2.17 57.85
C3 MRD WA . 17.86 0.19 57.63
C4 MRD WA . 19.30 -0.39 57.54
O4 MRD WA . 19.73 -0.53 56.18
C5 MRD WA . 19.42 -1.71 58.27
N SAR XA . 9.03 -0.63 49.95
CA SAR XA . 9.03 0.68 49.30
C SAR XA . 10.40 1.41 49.24
O SAR XA . 11.26 1.00 48.42
CN SAR XA . 9.77 -1.77 49.43
OXT SAR XA . 10.58 2.41 49.96
CL CL YA . 18.85 4.63 43.89
C1 MRD ZA . -73.94 26.49 9.78
C2 MRD ZA . -74.55 26.67 11.17
O2 MRD ZA . -74.86 28.07 11.29
CM MRD ZA . -75.86 25.88 11.30
C3 MRD ZA . -73.45 26.27 12.24
C4 MRD ZA . -73.87 26.38 13.73
O4 MRD ZA . -74.37 27.69 14.05
C5 MRD ZA . -72.72 26.03 14.64
C1 MRD AB . -69.65 24.25 11.66
C2 MRD AB . -69.99 22.91 11.03
O2 MRD AB . -68.77 22.30 10.55
CM MRD AB . -70.54 21.96 12.08
C3 MRD AB . -71.06 23.09 9.89
C4 MRD AB . -70.59 23.85 8.62
O4 MRD AB . -70.65 25.27 8.82
C5 MRD AB . -71.41 23.46 7.42
CL CL BB . -68.53 34.47 18.65
#